data_8ZGG
#
_entry.id   8ZGG
#
_cell.length_a   1.00
_cell.length_b   1.00
_cell.length_c   1.00
_cell.angle_alpha   90.00
_cell.angle_beta   90.00
_cell.angle_gamma   90.00
#
_symmetry.space_group_name_H-M   'P 1'
#
loop_
_entity.id
_entity.type
_entity.pdbx_description
1 polymer 'Multifunctional procollagen lysine hydroxylase and glycosyltransferase LH3'
2 polymer 'Procollagen galactosyltransferase 1'
3 branched 2-acetamido-2-deoxy-beta-D-glucopyranose-(1-4)-2-acetamido-2-deoxy-beta-D-glucopyranose
4 non-polymer 2-acetamido-2-deoxy-beta-D-glucopyranose
5 non-polymer '2-OXOGLUTARIC ACID'
6 non-polymer 'FE (II) ION'
7 non-polymer "URIDINE-5'-DIPHOSPHATE"
8 non-polymer 'MANGANESE (II) ION'
9 non-polymer '[[(2~{R},3~{S},4~{R},5~{R})-5-[2,4-bis(oxidanylidene)pyrimidin-1-yl]-3,4-bis(oxidanyl)oxolan-2-yl]methoxy-oxidanyl-phosphoryl]oxy-[[(2~{S},3~{R},4~{S},5~{S},6~{R})-6-(hydroxymethyl)-3,4,5-tris(oxidanyl)oxan-2-yl]methyl]phosphinic acid'
#
loop_
_entity_poly.entity_id
_entity_poly.type
_entity_poly.pdbx_seq_one_letter_code
_entity_poly.pdbx_strand_id
1 'polypeptide(L)'
;MTSSGPGPRFLLLLPLLLPPAASASDRPRGRDPVNPEKLLVITVATAETEGYLRFLRSAEFFNYTVRTLGLGEEWRGGDV
ARTVGGGQKVRWLKKEMEKYADREDMIIMFVDSYDVILAGSPTELLKKFVQSGSRLLFSAESFCWPEWGLAEQYPEVGTG
KRFLNSGGFIGFATTIHQIVRQWKYKDDDDDQLFYTRLYLDPGLREKLSLNLDHKSRIFQNLNGALDEVVLKFDRNRVRI
RNVAYDTLPIVVHGNGPTKLQLNYLGNYVPNGWTPEGGCGFCNQDRRTLPGGQPPPRVFLAVFVEQPTPFLPRFLQRLLL
LDYPPDRVTLFLHNNEVFHEPHIADSWPQLQDHFSAVKLVGPEEALSPGEARDMAMDLCRQDPECEFYFSLDADAVLTNL
QTLRILIEENRKVIAPMLSRHGKLWSNFWGALSPDEYYARSEDYVELVQRKRVGVWNVPYISQAYVIRGDTLRMELPQRD
VFSGSDTDPDMAFCKSFRDKGIFLHLSNQHEFGRLLATSRYDTEHLHPDLWQIFDNPVDWKEQYIHENYSRALEGEGIVE
QPCPDVYWFPLLSEQMCDELVAEMEHYGQWSGGRHEDSRLAGGYENVPTVDIHMKQVGYEDQWLQLLRTYVGPMTESLFP
GYHTKARAVMNFVVRYRPDEQPSLRPHHDSSTFTLNVALNHKGLDYEGGGCRFLRYDCVISSPRKGWALLHPGRLTHYHE
GLPTTWGTRYIMVSFVDPAAAENLYFQGDYKDHDGDYKDHDIDYKDDDDKHHHHHHHH
;
A,B,C,D
2 'polypeptide(L)'
;MKTIIALSYIFCLVFAWSHPQFEKGGGSGGGSGGSAWSHPQFEKSALEVLFQGPGRAAPPGADAYFPEERWSPESPLQAP
RVLIALLARNAAHALPTTLGALERLRHPRERTALWVATDHNMDNTSTVLREWLVAVKSLYHSVEWRPAEEPRSYPDEEGP
KHWSDSRYEHVMKLRQAALKSARDMWADYILFVDADNLILNPDTLSLLIAENKTVVAPMLDSRAAYSNFWCGMTSQGYYK
RTPAYIPIRKRDRRGCFAVPMVHSTFLIDLRKAASRNLAFYPPHPDYTWSFDDIIVFAFSCKQAEVQMYVCNKEEYGFLP
VPLRAHSTLQDEAESFMHVQLEVMVKHPPAEPSRFISAPTKTPDKMGFDEVFMINLRRRQDRRERMLRALQAQEIECRLV
EAVDGKAMNTSQVEALGIQMLPGYRDPYHGRPLTKGELGCFLSHYNIWKEVVDRGLQKSLVFEDDLRFEIFFKRRLMNLM
RDVEREGLDWDLIYVGRKRMQVEHPEKAVPRVRNLVEADYSYWTLAYVISLQGARKLLAAEPLSKMLPVDEFLPVMFDKH
PVSEYKAHFSLRNLHAFSVEPLLIYPTHYTGDDGYVSDTETSVVWNNEHVKTDWDRAKSQKMREQQALSREAKNSDVLQS
PLDSAARDELAAA
;
U,V,W,X
#
loop_
_chem_comp.id
_chem_comp.type
_chem_comp.name
_chem_comp.formula
660 non-polymer '[[(2~{R},3~{S},4~{R},5~{R})-5-[2,4-bis(oxidanylidene)pyrimidin-1-yl]-3,4-bis(oxidanyl)oxolan-2-yl]methoxy-oxidanyl-phosphoryl]oxy-[[(2~{S},3~{R},4~{S},5~{S},6~{R})-6-(hydroxymethyl)-3,4,5-tris(oxidanyl)oxan-2-yl]methyl]phosphinic acid' 'C16 H26 N2 O16 P2'
AKG non-polymer '2-OXOGLUTARIC ACID' 'C5 H6 O5'
FE2 non-polymer 'FE (II) ION' 'Fe 2'
MN non-polymer 'MANGANESE (II) ION' 'Mn 2'
NAG D-saccharide, beta linking 2-acetamido-2-deoxy-beta-D-glucopyranose 'C8 H15 N O6'
UDP RNA linking URIDINE-5'-DIPHOSPHATE 'C9 H14 N2 O12 P2'
#
# COMPACT_ATOMS: atom_id res chain seq x y z
N PRO A 33 9.47 -100.25 10.94
CA PRO A 33 8.54 -100.25 9.82
C PRO A 33 7.09 -100.34 10.26
N VAL A 34 6.71 -99.51 11.24
CA VAL A 34 5.35 -99.54 11.77
C VAL A 34 4.39 -98.98 10.72
N ASN A 35 3.36 -99.76 10.40
CA ASN A 35 2.40 -99.33 9.40
C ASN A 35 1.57 -98.15 9.93
N PRO A 36 1.29 -97.15 9.08
CA PRO A 36 0.52 -96.00 9.55
C PRO A 36 -0.93 -96.31 9.86
N GLU A 37 -1.48 -97.43 9.39
CA GLU A 37 -2.88 -97.75 9.59
C GLU A 37 -3.22 -98.16 11.01
N LYS A 38 -2.21 -98.49 11.83
CA LYS A 38 -2.47 -98.91 13.20
C LYS A 38 -2.60 -97.75 14.18
N LEU A 39 -2.43 -96.51 13.73
CA LEU A 39 -2.54 -95.35 14.61
C LEU A 39 -3.91 -94.71 14.49
N LEU A 40 -4.54 -94.46 15.64
CA LEU A 40 -5.81 -93.77 15.71
C LEU A 40 -5.67 -92.61 16.69
N VAL A 41 -6.16 -91.44 16.30
CA VAL A 41 -6.11 -90.24 17.12
C VAL A 41 -7.45 -90.06 17.81
N ILE A 42 -7.43 -89.85 19.12
CA ILE A 42 -8.64 -89.69 19.91
C ILE A 42 -8.61 -88.33 20.58
N THR A 43 -9.66 -87.54 20.35
CA THR A 43 -9.76 -86.18 20.88
C THR A 43 -11.18 -85.95 21.37
N VAL A 44 -11.35 -84.92 22.19
CA VAL A 44 -12.62 -84.59 22.80
C VAL A 44 -12.95 -83.13 22.51
N ALA A 45 -14.22 -82.87 22.18
CA ALA A 45 -14.70 -81.50 21.96
C ALA A 45 -16.21 -81.50 22.14
N THR A 46 -16.69 -80.90 23.23
CA THR A 46 -18.13 -80.87 23.48
C THR A 46 -18.85 -80.07 22.41
N ALA A 47 -18.40 -78.85 22.15
CA ALA A 47 -18.94 -78.02 21.10
C ALA A 47 -17.98 -78.02 19.92
N GLU A 48 -18.28 -77.21 18.90
CA GLU A 48 -17.41 -77.02 17.75
C GLU A 48 -17.02 -75.54 17.71
N THR A 49 -15.78 -75.25 18.03
CA THR A 49 -15.23 -73.90 17.95
C THR A 49 -14.15 -73.84 16.89
N GLU A 50 -13.62 -72.64 16.66
CA GLU A 50 -12.63 -72.45 15.62
C GLU A 50 -11.36 -73.24 15.89
N GLY A 51 -11.00 -73.42 17.16
CA GLY A 51 -9.82 -74.20 17.49
C GLY A 51 -9.93 -75.65 17.05
N TYR A 52 -11.12 -76.25 17.24
CA TYR A 52 -11.31 -77.63 16.82
C TYR A 52 -11.24 -77.74 15.30
N LEU A 53 -11.79 -76.74 14.59
CA LEU A 53 -11.65 -76.72 13.14
C LEU A 53 -10.19 -76.63 12.72
N ARG A 54 -9.42 -75.79 13.42
CA ARG A 54 -8.00 -75.66 13.11
C ARG A 54 -7.27 -76.98 13.30
N PHE A 55 -7.55 -77.67 14.41
CA PHE A 55 -6.94 -78.98 14.62
C PHE A 55 -7.39 -79.97 13.56
N LEU A 56 -8.64 -79.87 13.11
CA LEU A 56 -9.13 -80.73 12.04
C LEU A 56 -8.33 -80.51 10.76
N ARG A 57 -8.10 -79.24 10.39
CA ARG A 57 -7.29 -78.94 9.21
C ARG A 57 -5.87 -79.47 9.37
N SER A 58 -5.28 -79.26 10.55
CA SER A 58 -3.93 -79.75 10.78
C SER A 58 -3.84 -81.27 10.66
N ALA A 59 -4.82 -81.98 11.23
CA ALA A 59 -4.83 -83.44 11.15
C ALA A 59 -5.03 -83.92 9.72
N GLU A 60 -5.93 -83.29 8.97
CA GLU A 60 -6.21 -83.75 7.61
C GLU A 60 -5.12 -83.36 6.63
N PHE A 61 -4.27 -82.40 7.00
CA PHE A 61 -3.16 -82.03 6.11
C PHE A 61 -2.21 -83.21 5.91
N PHE A 62 -1.91 -83.95 6.98
CA PHE A 62 -1.04 -85.10 6.92
C PHE A 62 -1.81 -86.42 6.76
N ASN A 63 -3.12 -86.35 6.53
CA ASN A 63 -3.95 -87.53 6.31
C ASN A 63 -3.91 -88.46 7.53
N TYR A 64 -4.38 -87.95 8.66
CA TYR A 64 -4.42 -88.71 9.89
C TYR A 64 -5.74 -89.47 10.00
N THR A 65 -5.87 -90.27 11.06
CA THR A 65 -7.08 -91.01 11.38
C THR A 65 -7.51 -90.59 12.79
N VAL A 66 -8.38 -89.59 12.87
CA VAL A 66 -8.77 -88.98 14.14
C VAL A 66 -10.20 -89.43 14.48
N ARG A 67 -10.40 -89.81 15.74
CA ARG A 67 -11.71 -90.14 16.28
C ARG A 67 -12.06 -89.13 17.36
N THR A 68 -13.26 -88.57 17.28
CA THR A 68 -13.71 -87.57 18.25
C THR A 68 -14.70 -88.21 19.22
N LEU A 69 -14.59 -87.82 20.49
CA LEU A 69 -15.44 -88.34 21.54
C LEU A 69 -16.04 -87.17 22.32
N GLY A 70 -17.25 -87.36 22.82
CA GLY A 70 -17.95 -86.29 23.51
C GLY A 70 -18.35 -85.14 22.63
N LEU A 71 -18.84 -85.44 21.42
CA LEU A 71 -19.29 -84.41 20.49
C LEU A 71 -20.77 -84.13 20.74
N GLY A 72 -21.06 -82.95 21.30
CA GLY A 72 -22.41 -82.54 21.60
C GLY A 72 -22.85 -82.80 23.02
N GLU A 73 -22.12 -83.63 23.76
CA GLU A 73 -22.47 -83.88 25.16
C GLU A 73 -22.22 -82.63 25.99
N GLU A 74 -22.97 -82.50 27.08
CA GLU A 74 -22.80 -81.36 27.98
C GLU A 74 -21.54 -81.55 28.80
N TRP A 75 -20.78 -80.46 28.95
CA TRP A 75 -19.53 -80.49 29.71
C TRP A 75 -19.87 -80.58 31.20
N ARG A 76 -19.86 -81.81 31.72
CA ARG A 76 -20.13 -82.07 33.14
C ARG A 76 -18.98 -81.66 34.05
N GLY A 77 -17.97 -80.98 33.54
CA GLY A 77 -16.87 -80.54 34.37
C GLY A 77 -17.09 -79.15 34.91
N GLY A 78 -16.30 -78.19 34.45
CA GLY A 78 -16.44 -76.82 34.91
C GLY A 78 -15.40 -75.92 34.30
N ASP A 79 -14.73 -75.15 35.14
CA ASP A 79 -13.64 -74.29 34.68
C ASP A 79 -12.55 -75.14 34.04
N VAL A 80 -12.15 -74.77 32.83
CA VAL A 80 -11.24 -75.61 32.07
C VAL A 80 -9.84 -75.61 32.69
N ALA A 81 -9.32 -74.43 33.02
CA ALA A 81 -7.98 -74.35 33.59
C ALA A 81 -7.87 -73.36 34.74
N ARG A 82 -8.97 -72.83 35.26
CA ARG A 82 -8.86 -71.90 36.38
C ARG A 82 -8.29 -72.59 37.62
N THR A 83 -9.01 -73.55 38.19
CA THR A 83 -8.46 -74.31 39.32
C THR A 83 -8.30 -75.79 39.02
N VAL A 84 -9.38 -76.49 38.68
CA VAL A 84 -9.34 -77.94 38.47
C VAL A 84 -10.38 -78.33 37.41
N GLY A 85 -10.43 -79.60 37.07
CA GLY A 85 -11.44 -80.11 36.16
C GLY A 85 -10.89 -81.27 35.36
N GLY A 86 -11.57 -81.54 34.25
CA GLY A 86 -11.15 -82.60 33.35
C GLY A 86 -11.53 -84.00 33.76
N GLY A 87 -12.45 -84.16 34.71
CA GLY A 87 -12.86 -85.47 35.15
C GLY A 87 -13.87 -86.16 34.26
N GLN A 88 -14.41 -85.47 33.26
CA GLN A 88 -15.28 -86.08 32.28
C GLN A 88 -14.53 -86.75 31.14
N LYS A 89 -13.35 -86.22 30.80
CA LYS A 89 -12.54 -86.83 29.75
C LYS A 89 -12.14 -88.26 30.12
N VAL A 90 -11.75 -88.47 31.38
CA VAL A 90 -11.28 -89.79 31.79
C VAL A 90 -12.44 -90.79 31.80
N ARG A 91 -13.61 -90.37 32.26
CA ARG A 91 -14.77 -91.26 32.21
C ARG A 91 -15.16 -91.57 30.77
N TRP A 92 -15.09 -90.57 29.90
CA TRP A 92 -15.39 -90.79 28.49
C TRP A 92 -14.43 -91.80 27.87
N LEU A 93 -13.13 -91.65 28.12
CA LEU A 93 -12.16 -92.59 27.56
C LEU A 93 -12.28 -93.96 28.21
N LYS A 94 -12.68 -94.02 29.49
CA LYS A 94 -12.91 -95.31 30.13
C LYS A 94 -14.06 -96.05 29.47
N LYS A 95 -15.14 -95.33 29.15
CA LYS A 95 -16.19 -95.92 28.33
C LYS A 95 -15.67 -96.32 26.96
N GLU A 96 -14.73 -95.53 26.42
CA GLU A 96 -14.31 -95.71 25.02
C GLU A 96 -13.46 -96.96 24.82
N MET A 97 -12.46 -97.21 25.69
CA MET A 97 -11.47 -98.22 25.36
C MET A 97 -12.05 -99.64 25.35
N GLU A 98 -13.25 -99.82 25.90
CA GLU A 98 -13.79 -101.17 26.08
C GLU A 98 -13.91 -101.93 24.77
N LYS A 99 -13.98 -101.22 23.63
CA LYS A 99 -13.96 -101.91 22.35
C LYS A 99 -12.56 -102.37 21.97
N TYR A 100 -11.52 -101.74 22.53
CA TYR A 100 -10.13 -102.11 22.26
C TYR A 100 -9.43 -102.59 23.52
N ALA A 101 -10.15 -103.33 24.38
CA ALA A 101 -9.59 -103.79 25.64
C ALA A 101 -8.50 -104.83 25.46
N ASP A 102 -8.51 -105.58 24.35
CA ASP A 102 -7.53 -106.63 24.13
C ASP A 102 -6.67 -106.40 22.88
N ARG A 103 -6.85 -105.27 22.20
CA ARG A 103 -6.22 -105.05 20.89
C ARG A 103 -4.80 -104.53 21.10
N GLU A 104 -3.85 -105.47 21.08
CA GLU A 104 -2.46 -105.14 21.34
C GLU A 104 -1.79 -104.45 20.15
N ASP A 105 -2.12 -104.89 18.93
CA ASP A 105 -1.29 -104.58 17.77
C ASP A 105 -1.26 -103.09 17.41
N MET A 106 -2.37 -102.37 17.56
CA MET A 106 -2.39 -100.96 17.19
C MET A 106 -1.99 -100.09 18.37
N ILE A 107 -1.75 -98.81 18.07
CA ILE A 107 -1.17 -97.85 19.01
C ILE A 107 -2.05 -96.61 19.06
N ILE A 108 -2.39 -96.17 20.26
CA ILE A 108 -3.37 -95.12 20.49
C ILE A 108 -2.70 -93.93 21.18
N MET A 109 -3.07 -92.72 20.77
CA MET A 109 -2.47 -91.49 21.27
C MET A 109 -3.57 -90.47 21.53
N PHE A 110 -3.60 -89.93 22.75
CA PHE A 110 -4.65 -89.03 23.20
C PHE A 110 -4.09 -87.63 23.42
N VAL A 111 -4.90 -86.62 23.10
CA VAL A 111 -4.45 -85.24 23.12
C VAL A 111 -5.67 -84.35 23.22
N ASP A 112 -5.47 -83.12 23.68
CA ASP A 112 -6.50 -82.10 23.61
C ASP A 112 -6.88 -81.83 22.15
N SER A 113 -7.97 -81.08 21.98
CA SER A 113 -8.45 -80.70 20.66
C SER A 113 -8.73 -79.21 20.54
N TYR A 114 -8.46 -78.43 21.60
CA TYR A 114 -8.69 -77.00 21.59
C TYR A 114 -7.42 -76.19 21.44
N ASP A 115 -6.30 -76.66 21.99
CA ASP A 115 -5.06 -75.89 21.99
C ASP A 115 -3.89 -76.76 21.60
N VAL A 116 -4.06 -77.57 20.55
CA VAL A 116 -2.99 -78.40 20.02
C VAL A 116 -3.08 -78.38 18.51
N ILE A 117 -1.94 -78.17 17.84
CA ILE A 117 -1.86 -78.23 16.39
C ILE A 117 -0.67 -79.10 16.02
N LEU A 118 -0.94 -80.17 15.27
CA LEU A 118 0.12 -81.08 14.86
C LEU A 118 1.05 -80.40 13.87
N ALA A 119 2.28 -80.92 13.79
CA ALA A 119 3.28 -80.41 12.87
C ALA A 119 3.98 -81.45 12.03
N GLY A 120 4.07 -82.70 12.49
CA GLY A 120 4.81 -83.72 11.78
C GLY A 120 3.96 -84.81 11.15
N SER A 121 4.56 -85.55 10.21
CA SER A 121 3.89 -86.67 9.59
C SER A 121 3.80 -87.84 10.57
N PRO A 122 2.80 -88.72 10.40
CA PRO A 122 2.69 -89.87 11.32
C PRO A 122 3.92 -90.78 11.31
N THR A 123 4.61 -90.89 10.17
CA THR A 123 5.78 -91.77 10.09
C THR A 123 6.86 -91.32 11.06
N GLU A 124 7.14 -90.01 11.12
CA GLU A 124 8.12 -89.51 12.07
C GLU A 124 7.70 -89.77 13.51
N LEU A 125 6.43 -89.58 13.82
CA LEU A 125 5.94 -89.82 15.18
C LEU A 125 6.13 -91.28 15.58
N LEU A 126 5.74 -92.21 14.71
CA LEU A 126 5.90 -93.63 15.05
C LEU A 126 7.37 -94.03 15.10
N LYS A 127 8.21 -93.46 14.25
CA LYS A 127 9.64 -93.77 14.31
C LYS A 127 10.23 -93.28 15.63
N LYS A 128 9.85 -92.08 16.06
CA LYS A 128 10.33 -91.59 17.35
C LYS A 128 9.83 -92.45 18.50
N PHE A 129 8.57 -92.88 18.44
CA PHE A 129 8.04 -93.74 19.50
C PHE A 129 8.77 -95.07 19.56
N VAL A 130 9.09 -95.64 18.39
CA VAL A 130 9.88 -96.87 18.35
C VAL A 130 11.27 -96.62 18.93
N GLN A 131 11.87 -95.48 18.59
CA GLN A 131 13.20 -95.15 19.09
C GLN A 131 13.21 -95.06 20.61
N SER A 132 12.20 -94.43 21.20
CA SER A 132 12.14 -94.31 22.65
C SER A 132 12.04 -95.68 23.31
N GLY A 133 11.18 -96.55 22.78
CA GLY A 133 11.13 -97.93 23.22
C GLY A 133 10.35 -98.20 24.48
N SER A 134 9.68 -97.20 25.05
CA SER A 134 8.90 -97.41 26.26
C SER A 134 7.45 -97.72 25.91
N ARG A 135 6.68 -98.12 26.93
CA ARG A 135 5.28 -98.48 26.74
C ARG A 135 4.34 -97.29 26.84
N LEU A 136 4.78 -96.18 27.43
CA LEU A 136 3.90 -95.02 27.63
C LEU A 136 4.75 -93.78 27.85
N LEU A 137 4.49 -92.73 27.09
CA LEU A 137 5.25 -91.49 27.15
C LEU A 137 4.30 -90.34 27.45
N PHE A 138 4.66 -89.51 28.42
CA PHE A 138 3.87 -88.35 28.81
C PHE A 138 4.61 -87.06 28.49
N SER A 139 3.84 -85.98 28.33
CA SER A 139 4.42 -84.67 28.08
C SER A 139 5.00 -84.12 29.37
N ALA A 140 6.25 -83.65 29.31
CA ALA A 140 6.91 -83.06 30.45
C ALA A 140 6.55 -81.59 30.58
N GLU A 141 6.40 -81.13 31.82
CA GLU A 141 5.98 -79.76 32.10
C GLU A 141 7.01 -79.09 33.01
N SER A 142 6.96 -77.75 33.04
CA SER A 142 7.89 -76.96 33.81
C SER A 142 7.66 -77.02 35.31
N PHE A 143 6.40 -76.99 35.75
CA PHE A 143 6.08 -76.88 37.17
C PHE A 143 5.21 -78.05 37.62
N CYS A 144 4.80 -77.98 38.88
CA CYS A 144 3.85 -78.93 39.46
C CYS A 144 2.54 -78.17 39.69
N TRP A 145 1.61 -78.29 38.75
CA TRP A 145 0.39 -77.49 38.81
C TRP A 145 -0.52 -77.91 39.97
N PRO A 146 -1.01 -79.17 40.04
CA PRO A 146 -2.05 -79.47 41.04
C PRO A 146 -1.57 -79.37 42.48
N GLU A 147 -0.45 -80.02 42.78
CA GLU A 147 0.10 -80.01 44.13
C GLU A 147 1.59 -79.76 44.08
N TRP A 148 2.13 -79.19 45.16
CA TRP A 148 3.54 -78.87 45.27
C TRP A 148 4.31 -79.81 46.17
N GLY A 149 3.61 -80.57 47.01
CA GLY A 149 4.29 -81.42 47.99
C GLY A 149 5.09 -82.55 47.35
N LEU A 150 4.51 -83.19 46.34
CA LEU A 150 5.09 -84.39 45.75
C LEU A 150 6.24 -84.09 44.78
N ALA A 151 6.76 -82.87 44.76
CA ALA A 151 7.79 -82.51 43.80
C ALA A 151 9.05 -83.34 44.00
N GLU A 152 9.48 -83.53 45.26
CA GLU A 152 10.70 -84.29 45.53
C GLU A 152 10.57 -85.76 45.18
N GLN A 153 9.34 -86.29 45.08
CA GLN A 153 9.15 -87.71 44.79
C GLN A 153 9.50 -88.05 43.34
N TYR A 154 9.67 -87.05 42.49
CA TYR A 154 9.97 -87.32 41.09
C TYR A 154 11.40 -87.83 40.94
N PRO A 155 11.63 -88.80 40.07
CA PRO A 155 13.01 -89.19 39.75
C PRO A 155 13.75 -88.04 39.08
N GLU A 156 15.06 -87.98 39.33
CA GLU A 156 15.86 -86.86 38.87
C GLU A 156 16.12 -86.94 37.37
N VAL A 157 16.07 -85.78 36.72
CA VAL A 157 16.32 -85.64 35.29
C VAL A 157 17.45 -84.64 35.10
N GLY A 158 18.41 -85.00 34.24
CA GLY A 158 19.60 -84.18 34.04
C GLY A 158 19.34 -82.76 33.58
N THR A 159 18.84 -82.60 32.36
CA THR A 159 18.56 -81.28 31.81
C THR A 159 17.10 -81.08 31.46
N GLY A 160 16.42 -82.12 30.98
CA GLY A 160 15.03 -82.03 30.59
C GLY A 160 14.13 -81.75 31.78
N LYS A 161 12.84 -81.65 31.48
CA LYS A 161 11.88 -81.41 32.55
C LYS A 161 11.69 -82.68 33.37
N ARG A 162 11.15 -82.51 34.57
CA ARG A 162 11.07 -83.58 35.54
C ARG A 162 9.65 -84.06 35.83
N PHE A 163 8.68 -83.15 35.86
CA PHE A 163 7.33 -83.50 36.26
C PHE A 163 6.54 -84.06 35.08
N LEU A 164 5.33 -84.53 35.37
CA LEU A 164 4.46 -85.15 34.38
C LEU A 164 3.25 -84.24 34.13
N ASN A 165 2.86 -84.14 32.86
CA ASN A 165 1.69 -83.37 32.47
C ASN A 165 0.71 -84.27 31.73
N SER A 166 -0.56 -84.17 32.09
CA SER A 166 -1.62 -84.99 31.50
C SER A 166 -2.13 -84.43 30.19
N GLY A 167 -1.38 -83.51 29.56
CA GLY A 167 -1.80 -82.95 28.28
C GLY A 167 -1.92 -83.96 27.17
N GLY A 168 -1.10 -85.00 27.20
CA GLY A 168 -1.17 -86.04 26.19
C GLY A 168 -0.26 -87.20 26.55
N PHE A 169 -0.57 -88.34 25.96
CA PHE A 169 0.19 -89.56 26.23
C PHE A 169 0.06 -90.51 25.05
N ILE A 170 1.12 -91.28 24.83
CA ILE A 170 1.19 -92.24 23.74
C ILE A 170 1.55 -93.61 24.32
N GLY A 171 0.80 -94.63 23.94
CA GLY A 171 1.06 -95.96 24.46
C GLY A 171 0.16 -96.99 23.83
N PHE A 172 0.40 -98.24 24.21
CA PHE A 172 -0.37 -99.36 23.68
C PHE A 172 -1.78 -99.37 24.30
N ALA A 173 -2.71 -99.99 23.57
CA ALA A 173 -4.08 -100.07 24.06
C ALA A 173 -4.17 -100.86 25.35
N THR A 174 -3.44 -101.97 25.44
CA THR A 174 -3.44 -102.75 26.67
C THR A 174 -2.87 -101.93 27.83
N THR A 175 -1.80 -101.18 27.58
CA THR A 175 -1.19 -100.39 28.65
C THR A 175 -2.12 -99.30 29.15
N ILE A 176 -2.78 -98.57 28.23
CA ILE A 176 -3.68 -97.52 28.67
C ILE A 176 -4.90 -98.09 29.36
N HIS A 177 -5.42 -99.21 28.86
CA HIS A 177 -6.51 -99.90 29.54
C HIS A 177 -6.12 -100.25 30.97
N GLN A 178 -4.95 -100.86 31.14
CA GLN A 178 -4.50 -101.26 32.47
C GLN A 178 -4.28 -100.07 33.38
N ILE A 179 -3.74 -98.97 32.84
CA ILE A 179 -3.39 -97.84 33.69
C ILE A 179 -4.64 -97.06 34.11
N VAL A 180 -5.64 -96.94 33.23
CA VAL A 180 -6.76 -96.06 33.51
C VAL A 180 -8.05 -96.81 33.81
N ARG A 181 -8.00 -98.15 33.91
CA ARG A 181 -9.18 -98.89 34.35
C ARG A 181 -9.51 -98.60 35.81
N GLN A 182 -8.53 -98.18 36.60
CA GLN A 182 -8.71 -97.95 38.02
C GLN A 182 -9.46 -96.66 38.35
N TRP A 183 -9.75 -95.81 37.36
CA TRP A 183 -10.43 -94.55 37.63
C TRP A 183 -11.83 -94.80 38.16
N LYS A 184 -12.10 -94.33 39.37
CA LYS A 184 -13.46 -94.36 39.92
C LYS A 184 -13.60 -93.14 40.84
N TYR A 185 -14.05 -92.03 40.26
CA TYR A 185 -14.16 -90.78 40.97
C TYR A 185 -15.26 -89.95 40.33
N LYS A 186 -15.53 -88.77 40.91
CA LYS A 186 -16.56 -87.89 40.41
C LYS A 186 -16.12 -87.26 39.08
N ASP A 187 -17.12 -86.86 38.29
CA ASP A 187 -16.85 -86.27 36.98
C ASP A 187 -16.22 -84.88 37.09
N ASP A 188 -16.32 -84.24 38.25
CA ASP A 188 -15.71 -82.94 38.47
C ASP A 188 -14.33 -83.04 39.10
N ASP A 189 -13.82 -84.25 39.33
CA ASP A 189 -12.51 -84.43 39.92
C ASP A 189 -11.42 -84.05 38.91
N ASP A 190 -10.25 -83.70 39.44
CA ASP A 190 -9.13 -83.35 38.58
C ASP A 190 -8.45 -84.62 38.06
N ASP A 191 -7.58 -84.44 37.06
CA ASP A 191 -6.99 -85.56 36.34
C ASP A 191 -5.47 -85.62 36.50
N GLN A 192 -4.79 -84.47 36.42
CA GLN A 192 -3.33 -84.48 36.47
C GLN A 192 -2.81 -85.00 37.80
N LEU A 193 -3.49 -84.67 38.91
CA LEU A 193 -3.06 -85.21 40.20
C LEU A 193 -3.27 -86.72 40.26
N PHE A 194 -4.33 -87.22 39.63
CA PHE A 194 -4.54 -88.67 39.56
C PHE A 194 -3.41 -89.35 38.79
N TYR A 195 -3.06 -88.79 37.62
CA TYR A 195 -1.98 -89.38 36.84
C TYR A 195 -0.65 -89.29 37.58
N THR A 196 -0.43 -88.18 38.31
CA THR A 196 0.79 -88.03 39.08
C THR A 196 0.87 -89.06 40.19
N ARG A 197 -0.24 -89.27 40.92
CA ARG A 197 -0.26 -90.27 41.98
C ARG A 197 -0.02 -91.66 41.42
N LEU A 198 -0.61 -91.96 40.26
CA LEU A 198 -0.38 -93.26 39.64
C LEU A 198 1.08 -93.43 39.24
N TYR A 199 1.66 -92.43 38.58
CA TYR A 199 3.02 -92.55 38.08
C TYR A 199 4.03 -92.61 39.21
N LEU A 200 3.78 -91.89 40.30
CA LEU A 200 4.75 -91.79 41.39
C LEU A 200 5.02 -93.12 42.07
N ASP A 201 4.16 -94.11 41.90
CA ASP A 201 4.42 -95.43 42.45
C ASP A 201 5.53 -96.10 41.64
N PRO A 202 6.66 -96.45 42.26
CA PRO A 202 7.81 -96.96 41.48
C PRO A 202 7.59 -98.37 40.95
N GLY A 203 6.92 -99.22 41.73
CA GLY A 203 6.75 -100.60 41.32
C GLY A 203 5.96 -100.74 40.03
N LEU A 204 4.81 -100.06 39.95
CA LEU A 204 4.03 -100.11 38.72
C LEU A 204 4.73 -99.37 37.59
N ARG A 205 5.50 -98.33 37.93
CA ARG A 205 6.26 -97.62 36.91
C ARG A 205 7.27 -98.52 36.23
N GLU A 206 7.97 -99.34 37.01
CA GLU A 206 8.83 -100.36 36.43
C GLU A 206 8.01 -101.41 35.69
N LYS A 207 6.86 -101.79 36.25
CA LYS A 207 6.03 -102.82 35.63
C LYS A 207 5.45 -102.34 34.30
N LEU A 208 4.91 -101.13 34.27
CA LEU A 208 4.24 -100.60 33.08
C LEU A 208 5.15 -99.73 32.21
N SER A 209 6.43 -99.57 32.60
CA SER A 209 7.42 -98.86 31.79
C SER A 209 6.98 -97.42 31.49
N LEU A 210 6.53 -96.71 32.52
CA LEU A 210 6.20 -95.31 32.37
C LEU A 210 7.47 -94.48 32.14
N ASN A 211 7.44 -93.65 31.12
CA ASN A 211 8.57 -92.81 30.76
C ASN A 211 8.07 -91.43 30.36
N LEU A 212 8.92 -90.43 30.57
CA LEU A 212 8.58 -89.04 30.26
C LEU A 212 9.55 -88.51 29.22
N ASP A 213 9.02 -87.81 28.22
CA ASP A 213 9.83 -87.18 27.18
C ASP A 213 10.41 -85.91 27.78
N HIS A 214 11.54 -86.05 28.48
CA HIS A 214 12.16 -84.90 29.13
C HIS A 214 12.82 -83.96 28.12
N LYS A 215 13.27 -84.48 26.99
CA LYS A 215 14.04 -83.71 26.02
C LYS A 215 13.16 -83.20 24.88
N SER A 216 11.84 -83.23 25.04
CA SER A 216 10.89 -82.60 24.13
C SER A 216 11.05 -83.10 22.70
N ARG A 217 11.19 -84.42 22.56
CA ARG A 217 11.31 -85.03 21.24
C ARG A 217 9.97 -85.15 20.52
N ILE A 218 8.87 -85.28 21.25
CA ILE A 218 7.56 -85.49 20.65
C ILE A 218 6.60 -84.39 21.09
N PHE A 219 6.51 -84.17 22.39
CA PHE A 219 5.62 -83.16 22.96
C PHE A 219 6.43 -81.96 23.42
N GLN A 220 5.94 -80.77 23.07
CA GLN A 220 6.56 -79.50 23.46
C GLN A 220 5.48 -78.59 24.02
N ASN A 221 5.54 -78.31 25.31
CA ASN A 221 4.57 -77.43 25.96
C ASN A 221 5.11 -76.01 26.00
N LEU A 222 4.35 -75.07 25.44
CA LEU A 222 4.79 -73.68 25.39
C LEU A 222 4.80 -73.00 26.75
N ASN A 223 4.02 -73.49 27.71
CA ASN A 223 3.92 -72.84 29.00
C ASN A 223 5.23 -72.99 29.76
N GLY A 224 5.94 -71.87 29.94
CA GLY A 224 7.21 -71.85 30.64
C GLY A 224 8.42 -72.05 29.77
N ALA A 225 8.25 -72.49 28.52
CA ALA A 225 9.35 -72.66 27.57
C ALA A 225 9.12 -71.77 26.36
N LEU A 226 8.75 -70.51 26.60
CA LEU A 226 8.35 -69.62 25.52
C LEU A 226 9.54 -69.14 24.69
N ASP A 227 10.73 -69.06 25.29
CA ASP A 227 11.88 -68.45 24.62
C ASP A 227 12.77 -69.45 23.90
N GLU A 228 12.47 -70.74 23.97
CA GLU A 228 13.32 -71.76 23.38
C GLU A 228 12.73 -72.34 22.10
N VAL A 229 11.82 -71.61 21.44
CA VAL A 229 11.21 -72.07 20.20
C VAL A 229 11.44 -71.02 19.12
N VAL A 230 11.83 -71.47 17.93
CA VAL A 230 11.98 -70.62 16.76
C VAL A 230 11.43 -71.36 15.55
N LEU A 231 10.66 -70.64 14.73
CA LEU A 231 10.14 -71.21 13.49
C LEU A 231 11.30 -71.49 12.56
N LYS A 232 11.30 -72.66 11.94
CA LYS A 232 12.29 -73.01 10.91
C LYS A 232 11.52 -73.17 9.61
N PHE A 233 11.71 -72.22 8.69
CA PHE A 233 10.96 -72.24 7.45
C PHE A 233 11.44 -73.36 6.53
N ASP A 234 10.74 -73.51 5.42
CA ASP A 234 11.08 -74.44 4.36
C ASP A 234 10.45 -73.92 3.08
N ARG A 235 10.43 -74.76 2.05
CA ARG A 235 9.87 -74.33 0.76
C ARG A 235 8.35 -74.35 0.80
N ASN A 236 7.76 -75.49 1.13
CA ASN A 236 6.31 -75.66 1.05
C ASN A 236 5.65 -75.99 2.39
N ARG A 237 6.42 -76.05 3.48
CA ARG A 237 5.84 -76.27 4.79
C ARG A 237 6.67 -75.52 5.83
N VAL A 238 6.15 -75.48 7.06
CA VAL A 238 6.83 -74.82 8.17
C VAL A 238 6.91 -75.82 9.31
N ARG A 239 7.84 -75.56 10.23
CA ARG A 239 8.02 -76.39 11.40
C ARG A 239 8.64 -75.55 12.51
N ILE A 240 8.63 -76.07 13.73
CA ILE A 240 9.22 -75.37 14.87
C ILE A 240 10.46 -76.12 15.30
N ARG A 241 11.37 -75.40 15.95
CA ARG A 241 12.63 -75.96 16.42
C ARG A 241 12.91 -75.45 17.83
N ASN A 242 13.40 -76.34 18.69
CA ASN A 242 13.79 -75.98 20.04
C ASN A 242 15.30 -75.78 20.07
N VAL A 243 15.74 -74.52 20.04
CA VAL A 243 17.16 -74.21 19.94
C VAL A 243 17.91 -74.71 21.17
N ALA A 244 17.20 -74.89 22.29
CA ALA A 244 17.84 -75.40 23.50
C ALA A 244 18.32 -76.83 23.30
N TYR A 245 17.51 -77.66 22.64
CA TYR A 245 17.81 -79.09 22.51
C TYR A 245 18.04 -79.54 21.08
N ASP A 246 17.82 -78.67 20.09
CA ASP A 246 18.06 -78.97 18.67
C ASP A 246 17.26 -80.20 18.22
N THR A 247 15.93 -80.06 18.29
CA THR A 247 15.03 -81.15 17.90
C THR A 247 13.81 -80.53 17.24
N LEU A 248 13.11 -81.35 16.45
CA LEU A 248 11.88 -80.91 15.80
C LEU A 248 10.70 -81.70 16.34
N PRO A 249 9.79 -81.08 17.08
CA PRO A 249 8.69 -81.84 17.69
C PRO A 249 7.62 -82.20 16.67
N ILE A 250 6.68 -83.02 17.12
CA ILE A 250 5.51 -83.39 16.34
C ILE A 250 4.24 -82.78 16.88
N VAL A 251 4.09 -82.73 18.20
CA VAL A 251 2.89 -82.23 18.85
C VAL A 251 3.28 -81.08 19.78
N VAL A 252 2.55 -79.97 19.67
CA VAL A 252 2.71 -78.84 20.57
C VAL A 252 1.42 -78.63 21.33
N HIS A 253 1.52 -78.45 22.64
CA HIS A 253 0.36 -78.27 23.51
C HIS A 253 0.57 -76.95 24.27
N GLY A 254 0.11 -75.86 23.67
CA GLY A 254 0.25 -74.53 24.25
C GLY A 254 -0.70 -74.28 25.39
N ASN A 255 -0.57 -75.06 26.46
CA ASN A 255 -1.48 -74.95 27.60
C ASN A 255 -1.11 -73.74 28.45
N GLY A 256 -1.78 -73.62 29.60
CA GLY A 256 -1.58 -72.51 30.49
C GLY A 256 -2.05 -71.20 29.91
N PRO A 257 -1.48 -70.08 30.36
CA PRO A 257 -1.80 -68.76 29.81
C PRO A 257 -1.03 -68.44 28.53
N THR A 258 -0.98 -69.43 27.62
CA THR A 258 -0.24 -69.31 26.37
C THR A 258 -1.14 -69.57 25.17
N LYS A 259 -2.45 -69.35 25.33
CA LYS A 259 -3.36 -69.49 24.21
C LYS A 259 -3.00 -68.52 23.10
N LEU A 260 -2.57 -67.31 23.47
CA LEU A 260 -2.25 -66.27 22.50
C LEU A 260 -1.09 -66.69 21.60
N GLN A 261 -0.05 -67.26 22.19
CA GLN A 261 1.15 -67.57 21.41
C GLN A 261 0.90 -68.73 20.47
N LEU A 262 0.09 -69.70 20.86
CA LEU A 262 -0.28 -70.76 19.93
C LEU A 262 -1.23 -70.24 18.85
N ASN A 263 -2.10 -69.28 19.20
CA ASN A 263 -2.89 -68.62 18.17
C ASN A 263 -2.01 -67.92 17.16
N TYR A 264 -0.91 -67.32 17.61
CA TYR A 264 0.05 -66.71 16.71
C TYR A 264 0.75 -67.77 15.86
N LEU A 265 1.22 -68.84 16.48
CA LEU A 265 1.96 -69.87 15.75
C LEU A 265 1.09 -70.57 14.73
N GLY A 266 -0.23 -70.62 14.96
CA GLY A 266 -1.12 -71.28 14.03
C GLY A 266 -1.22 -70.61 12.68
N ASN A 267 -0.71 -69.39 12.55
CA ASN A 267 -0.74 -68.68 11.27
C ASN A 267 0.11 -69.35 10.21
N TYR A 268 1.21 -70.01 10.58
CA TYR A 268 2.10 -70.62 9.60
C TYR A 268 2.10 -72.13 9.65
N VAL A 269 2.42 -72.74 10.79
CA VAL A 269 2.55 -74.19 10.84
C VAL A 269 1.19 -74.84 10.67
N PRO A 270 1.05 -75.88 9.84
CA PRO A 270 2.05 -76.41 8.92
C PRO A 270 1.73 -76.06 7.47
N ASN A 271 0.67 -75.31 7.22
CA ASN A 271 0.28 -74.97 5.85
C ASN A 271 -0.19 -73.52 5.74
N GLY A 272 0.06 -72.72 6.77
CA GLY A 272 -0.48 -71.38 6.84
C GLY A 272 -0.04 -70.43 5.74
N TRP A 273 1.27 -70.23 5.60
CA TRP A 273 1.80 -69.35 4.56
C TRP A 273 3.23 -69.79 4.28
N THR A 274 3.45 -70.30 3.12
CA THR A 274 4.82 -70.63 2.80
C THR A 274 5.35 -69.72 1.70
N PRO A 275 6.67 -69.52 1.61
CA PRO A 275 7.20 -68.60 0.59
C PRO A 275 6.88 -69.01 -0.83
N GLU A 276 6.62 -70.30 -1.08
CA GLU A 276 6.25 -70.79 -2.41
C GLU A 276 4.80 -71.28 -2.35
N GLY A 277 3.89 -70.47 -2.87
CA GLY A 277 2.50 -70.85 -2.96
C GLY A 277 1.55 -69.91 -2.24
N GLY A 278 2.05 -68.75 -1.83
CA GLY A 278 1.21 -67.82 -1.10
C GLY A 278 0.77 -68.39 0.23
N CYS A 279 -0.38 -67.91 0.71
CA CYS A 279 -0.96 -68.42 1.95
C CYS A 279 -1.69 -69.74 1.69
N GLY A 280 -2.30 -70.26 2.75
CA GLY A 280 -2.99 -71.53 2.68
C GLY A 280 -4.50 -71.41 2.75
N PHE A 281 -5.04 -71.57 3.96
CA PHE A 281 -6.49 -71.55 4.15
C PHE A 281 -7.01 -70.13 4.11
N CYS A 282 -7.05 -69.54 2.90
CA CYS A 282 -7.58 -68.19 2.74
C CYS A 282 -8.65 -68.06 1.67
N ASN A 283 -8.55 -68.76 0.54
CA ASN A 283 -9.39 -68.51 -0.62
C ASN A 283 -10.60 -69.42 -0.70
N GLN A 284 -10.54 -70.62 -0.14
CA GLN A 284 -11.72 -71.47 -0.06
C GLN A 284 -12.66 -70.93 1.00
N ASP A 285 -13.78 -71.63 1.21
CA ASP A 285 -14.78 -71.27 2.21
C ASP A 285 -15.30 -69.84 1.96
N ARG A 286 -15.97 -69.69 0.83
CA ARG A 286 -16.57 -68.42 0.42
C ARG A 286 -18.03 -68.63 0.04
N ARG A 287 -18.88 -67.69 0.46
CA ARG A 287 -20.29 -67.74 0.10
C ARG A 287 -20.51 -67.42 -1.36
N THR A 288 -19.85 -66.36 -1.86
CA THR A 288 -19.98 -65.86 -3.23
C THR A 288 -21.40 -65.41 -3.57
N LEU A 289 -22.24 -65.14 -2.56
CA LEU A 289 -23.58 -64.60 -2.73
C LEU A 289 -24.36 -65.19 -3.92
N PRO A 290 -24.65 -66.48 -3.91
CA PRO A 290 -25.36 -67.11 -5.02
C PRO A 290 -26.87 -66.97 -4.86
N GLY A 291 -27.59 -67.43 -5.88
CA GLY A 291 -29.03 -67.54 -5.84
C GLY A 291 -29.80 -66.33 -6.31
N GLY A 292 -29.16 -65.17 -6.43
CA GLY A 292 -29.87 -63.97 -6.80
C GLY A 292 -30.78 -63.40 -5.75
N GLN A 293 -30.73 -63.95 -4.54
CA GLN A 293 -31.58 -63.48 -3.46
C GLN A 293 -31.10 -62.10 -2.98
N PRO A 294 -31.98 -61.33 -2.33
CA PRO A 294 -31.54 -60.08 -1.72
C PRO A 294 -30.42 -60.31 -0.74
N PRO A 295 -29.37 -59.48 -0.77
CA PRO A 295 -28.19 -59.77 0.05
C PRO A 295 -28.55 -59.74 1.52
N PRO A 296 -27.82 -60.48 2.35
CA PRO A 296 -28.17 -60.56 3.77
C PRO A 296 -28.22 -59.19 4.41
N ARG A 297 -29.22 -58.98 5.27
CA ARG A 297 -29.44 -57.68 5.87
C ARG A 297 -28.21 -57.27 6.69
N VAL A 298 -27.79 -56.02 6.52
CA VAL A 298 -26.59 -55.51 7.17
C VAL A 298 -26.97 -54.31 8.01
N PHE A 299 -26.41 -54.22 9.19
CA PHE A 299 -26.66 -53.13 10.13
C PHE A 299 -25.40 -52.26 10.16
N LEU A 300 -25.33 -51.30 9.24
CA LEU A 300 -24.23 -50.35 9.24
C LEU A 300 -24.27 -49.50 10.50
N ALA A 301 -23.12 -48.95 10.88
CA ALA A 301 -23.05 -48.10 12.05
C ALA A 301 -21.91 -47.12 11.89
N VAL A 302 -22.03 -45.99 12.58
CA VAL A 302 -21.03 -44.92 12.56
C VAL A 302 -21.01 -44.29 13.95
N PHE A 303 -19.83 -43.94 14.43
CA PHE A 303 -19.66 -43.48 15.81
C PHE A 303 -18.77 -42.23 15.83
N VAL A 304 -19.11 -41.24 15.00
CA VAL A 304 -18.34 -40.01 14.89
C VAL A 304 -18.04 -39.48 16.28
N GLU A 305 -16.77 -39.21 16.55
CA GLU A 305 -16.32 -38.70 17.84
C GLU A 305 -14.90 -38.18 17.62
N GLN A 306 -14.38 -37.41 18.60
CA GLN A 306 -13.11 -36.70 18.53
C GLN A 306 -13.01 -35.98 17.18
N PRO A 307 -13.71 -34.84 17.03
CA PRO A 307 -14.11 -34.35 15.69
C PRO A 307 -13.09 -34.55 14.58
N THR A 308 -13.49 -35.31 13.57
CA THR A 308 -12.64 -35.71 12.46
C THR A 308 -12.76 -34.71 11.31
N PRO A 309 -11.66 -34.23 10.76
CA PRO A 309 -11.74 -33.41 9.55
C PRO A 309 -12.25 -34.22 8.37
N PHE A 310 -12.70 -33.49 7.34
CA PHE A 310 -13.22 -34.08 6.11
C PHE A 310 -14.46 -34.93 6.38
N LEU A 311 -15.23 -34.57 7.41
CA LEU A 311 -16.43 -35.34 7.73
C LEU A 311 -17.47 -35.29 6.62
N PRO A 312 -17.87 -34.13 6.08
CA PRO A 312 -18.91 -34.14 5.04
C PRO A 312 -18.56 -35.00 3.85
N ARG A 313 -17.27 -35.04 3.47
CA ARG A 313 -16.85 -35.96 2.42
C ARG A 313 -17.17 -37.40 2.80
N PHE A 314 -16.94 -37.76 4.06
CA PHE A 314 -17.22 -39.12 4.51
C PHE A 314 -18.72 -39.41 4.45
N LEU A 315 -19.56 -38.46 4.90
CA LEU A 315 -21.00 -38.69 4.80
C LEU A 315 -21.44 -38.85 3.34
N GLN A 316 -20.95 -38.00 2.45
CA GLN A 316 -21.36 -38.14 1.05
C GLN A 316 -20.84 -39.43 0.43
N ARG A 317 -19.67 -39.92 0.89
CA ARG A 317 -19.20 -41.22 0.46
C ARG A 317 -20.06 -42.36 0.98
N LEU A 318 -20.73 -42.16 2.12
CA LEU A 318 -21.61 -43.20 2.65
C LEU A 318 -22.76 -43.56 1.71
N LEU A 319 -22.90 -42.88 0.58
CA LEU A 319 -23.99 -43.19 -0.35
C LEU A 319 -23.57 -44.07 -1.52
N LEU A 320 -22.28 -44.17 -1.83
CA LEU A 320 -21.84 -44.82 -3.05
C LEU A 320 -21.33 -46.25 -2.85
N LEU A 321 -21.54 -46.86 -1.68
CA LEU A 321 -21.10 -48.24 -1.51
C LEU A 321 -21.91 -49.17 -2.40
N ASP A 322 -21.28 -50.28 -2.79
CA ASP A 322 -21.89 -51.26 -3.69
C ASP A 322 -22.76 -52.23 -2.88
N TYR A 323 -23.96 -51.76 -2.55
CA TYR A 323 -24.89 -52.56 -1.78
C TYR A 323 -26.29 -51.98 -1.96
N PRO A 324 -27.32 -52.81 -2.07
CA PRO A 324 -28.68 -52.30 -2.24
C PRO A 324 -29.12 -51.49 -1.03
N PRO A 325 -29.59 -50.25 -1.25
CA PRO A 325 -29.95 -49.39 -0.11
C PRO A 325 -31.10 -49.91 0.72
N ASP A 326 -31.91 -50.85 0.20
CA ASP A 326 -33.03 -51.36 0.98
C ASP A 326 -32.58 -52.37 2.02
N ARG A 327 -31.34 -52.87 1.94
CA ARG A 327 -30.85 -53.87 2.86
C ARG A 327 -29.82 -53.32 3.85
N VAL A 328 -29.66 -52.01 3.90
CA VAL A 328 -28.74 -51.36 4.82
C VAL A 328 -29.55 -50.57 5.83
N THR A 329 -29.16 -50.65 7.10
CA THR A 329 -29.88 -50.02 8.20
C THR A 329 -28.88 -49.19 9.00
N LEU A 330 -28.76 -47.92 8.64
CA LEU A 330 -27.81 -47.02 9.27
C LEU A 330 -28.17 -46.77 10.73
N PHE A 331 -27.15 -46.41 11.51
CA PHE A 331 -27.35 -45.93 12.88
C PHE A 331 -26.18 -44.98 13.17
N LEU A 332 -26.45 -43.69 13.08
CA LEU A 332 -25.41 -42.66 13.20
C LEU A 332 -25.51 -42.02 14.59
N HIS A 333 -24.54 -42.32 15.44
CA HIS A 333 -24.47 -41.73 16.78
C HIS A 333 -23.39 -40.66 16.78
N ASN A 334 -23.79 -39.40 16.71
CA ASN A 334 -22.88 -38.27 16.84
C ASN A 334 -22.60 -38.00 18.31
N ASN A 335 -21.48 -37.31 18.57
CA ASN A 335 -21.15 -36.93 19.93
C ASN A 335 -20.58 -35.52 20.02
N GLU A 336 -20.65 -34.71 18.97
CA GLU A 336 -20.18 -33.33 19.00
C GLU A 336 -21.22 -32.40 18.40
N VAL A 337 -21.50 -31.31 19.11
CA VAL A 337 -22.39 -30.27 18.59
C VAL A 337 -21.77 -29.57 17.39
N PHE A 338 -20.43 -29.53 17.32
CA PHE A 338 -19.76 -28.85 16.21
C PHE A 338 -20.12 -29.49 14.87
N HIS A 339 -20.33 -30.79 14.85
CA HIS A 339 -20.68 -31.50 13.62
C HIS A 339 -22.18 -31.52 13.36
N GLU A 340 -22.99 -30.92 14.24
CA GLU A 340 -24.44 -30.94 14.04
C GLU A 340 -24.88 -30.30 12.73
N PRO A 341 -24.41 -29.11 12.34
CA PRO A 341 -24.85 -28.55 11.05
C PRO A 341 -24.51 -29.44 9.85
N HIS A 342 -23.36 -30.11 9.89
CA HIS A 342 -22.96 -30.95 8.76
C HIS A 342 -23.90 -32.14 8.61
N ILE A 343 -24.22 -32.81 9.71
CA ILE A 343 -25.19 -33.91 9.66
C ILE A 343 -26.56 -33.39 9.27
N ALA A 344 -26.92 -32.18 9.72
CA ALA A 344 -28.20 -31.60 9.34
C ALA A 344 -28.28 -31.40 7.83
N ASP A 345 -27.23 -30.86 7.22
CA ASP A 345 -27.20 -30.71 5.77
C ASP A 345 -27.22 -32.06 5.06
N SER A 346 -26.51 -33.05 5.61
CA SER A 346 -26.45 -34.36 4.97
C SER A 346 -27.74 -35.15 5.08
N TRP A 347 -28.56 -34.87 6.10
CA TRP A 347 -29.61 -35.81 6.51
C TRP A 347 -30.62 -36.19 5.44
N PRO A 348 -31.22 -35.27 4.68
CA PRO A 348 -32.36 -35.69 3.84
C PRO A 348 -31.98 -36.56 2.66
N GLN A 349 -30.72 -36.51 2.21
CA GLN A 349 -30.26 -37.48 1.22
C GLN A 349 -30.17 -38.87 1.83
N LEU A 350 -29.71 -38.95 3.09
CA LEU A 350 -29.68 -40.25 3.77
C LEU A 350 -31.07 -40.81 4.01
N GLN A 351 -31.99 -39.98 4.49
CA GLN A 351 -33.34 -40.46 4.75
C GLN A 351 -34.03 -40.89 3.46
N ASP A 352 -33.74 -40.22 2.35
CA ASP A 352 -34.25 -40.61 1.04
C ASP A 352 -33.63 -41.91 0.54
N HIS A 353 -32.50 -42.34 1.09
CA HIS A 353 -31.74 -43.41 0.45
C HIS A 353 -31.93 -44.77 1.12
N PHE A 354 -31.52 -44.90 2.38
CA PHE A 354 -31.52 -46.21 3.03
C PHE A 354 -32.89 -46.54 3.58
N SER A 355 -33.10 -47.85 3.80
CA SER A 355 -34.41 -48.35 4.23
C SER A 355 -34.79 -47.82 5.60
N ALA A 356 -33.84 -47.79 6.54
CA ALA A 356 -34.08 -47.26 7.88
C ALA A 356 -32.91 -46.38 8.28
N VAL A 357 -33.22 -45.25 8.92
CA VAL A 357 -32.21 -44.28 9.33
C VAL A 357 -32.58 -43.78 10.73
N LYS A 358 -31.57 -43.62 11.59
CA LYS A 358 -31.78 -43.11 12.93
C LYS A 358 -30.68 -42.12 13.29
N LEU A 359 -30.86 -41.44 14.42
CA LEU A 359 -29.91 -40.47 14.92
C LEU A 359 -29.95 -40.44 16.45
N VAL A 360 -28.81 -40.13 17.04
CA VAL A 360 -28.69 -39.88 18.48
C VAL A 360 -27.79 -38.66 18.61
N GLY A 361 -28.38 -37.51 18.89
CA GLY A 361 -27.68 -36.25 18.86
C GLY A 361 -26.79 -36.00 20.06
N PRO A 362 -26.16 -34.82 20.09
CA PRO A 362 -25.30 -34.48 21.24
C PRO A 362 -26.06 -34.23 22.53
N GLU A 363 -27.38 -34.01 22.46
CA GLU A 363 -28.13 -33.63 23.64
C GLU A 363 -28.46 -34.80 24.56
N GLU A 364 -28.30 -36.04 24.09
CA GLU A 364 -28.68 -37.18 24.90
C GLU A 364 -27.63 -37.53 25.96
N ALA A 365 -26.41 -36.98 25.84
CA ALA A 365 -25.35 -37.17 26.83
C ALA A 365 -25.06 -38.66 27.05
N LEU A 366 -24.61 -39.31 25.98
CA LEU A 366 -24.32 -40.74 26.00
C LEU A 366 -22.82 -40.95 25.81
N SER A 367 -22.24 -41.82 26.63
CA SER A 367 -20.84 -42.17 26.46
C SER A 367 -20.68 -43.15 25.30
N PRO A 368 -19.51 -43.16 24.65
CA PRO A 368 -19.32 -44.07 23.51
C PRO A 368 -19.57 -45.53 23.85
N GLY A 369 -19.19 -45.95 25.07
CA GLY A 369 -19.51 -47.30 25.50
C GLY A 369 -21.00 -47.58 25.47
N GLU A 370 -21.81 -46.65 25.97
CA GLU A 370 -23.25 -46.82 25.92
C GLU A 370 -23.73 -46.92 24.47
N ALA A 371 -23.19 -46.09 23.58
CA ALA A 371 -23.64 -46.09 22.19
C ALA A 371 -23.36 -47.42 21.52
N ARG A 372 -22.11 -47.90 21.62
CA ARG A 372 -21.79 -49.20 21.03
C ARG A 372 -22.61 -50.32 21.65
N ASP A 373 -22.82 -50.25 22.97
CA ASP A 373 -23.57 -51.28 23.66
C ASP A 373 -25.03 -51.32 23.18
N MET A 374 -25.66 -50.15 23.05
CA MET A 374 -27.06 -50.16 22.64
C MET A 374 -27.20 -50.51 21.16
N ALA A 375 -26.22 -50.17 20.32
CA ALA A 375 -26.26 -50.64 18.93
C ALA A 375 -26.16 -52.15 18.87
N MET A 376 -25.25 -52.74 19.65
CA MET A 376 -25.11 -54.18 19.69
C MET A 376 -26.39 -54.84 20.20
N ASP A 377 -27.03 -54.23 21.20
CA ASP A 377 -28.32 -54.74 21.67
C ASP A 377 -29.41 -54.59 20.61
N LEU A 378 -29.43 -53.46 19.90
CA LEU A 378 -30.46 -53.21 18.91
C LEU A 378 -30.43 -54.26 17.80
N CYS A 379 -29.23 -54.56 17.28
CA CYS A 379 -29.17 -55.60 16.26
C CYS A 379 -29.34 -56.98 16.89
N ARG A 380 -28.70 -57.23 18.03
CA ARG A 380 -28.80 -58.53 18.68
C ARG A 380 -30.25 -58.91 18.96
N GLN A 381 -31.10 -57.96 19.29
CA GLN A 381 -32.49 -58.24 19.59
C GLN A 381 -33.40 -58.17 18.37
N ASP A 382 -32.84 -57.93 17.18
CA ASP A 382 -33.60 -57.98 15.94
C ASP A 382 -33.15 -59.19 15.14
N PRO A 383 -33.98 -60.22 14.98
CA PRO A 383 -33.54 -61.43 14.26
C PRO A 383 -33.32 -61.22 12.78
N GLU A 384 -33.46 -59.98 12.30
CA GLU A 384 -33.35 -59.69 10.88
C GLU A 384 -31.94 -59.30 10.44
N CYS A 385 -31.15 -58.69 11.32
CA CYS A 385 -29.78 -58.33 10.98
C CYS A 385 -28.85 -59.52 11.16
N GLU A 386 -28.27 -60.00 10.07
CA GLU A 386 -27.34 -61.11 10.10
C GLU A 386 -25.89 -60.69 10.28
N PHE A 387 -25.56 -59.43 10.01
CA PHE A 387 -24.16 -58.99 10.03
C PHE A 387 -24.08 -57.55 10.54
N TYR A 388 -23.71 -57.39 11.80
CA TYR A 388 -23.45 -56.08 12.38
C TYR A 388 -22.05 -55.64 11.96
N PHE A 389 -21.97 -54.60 11.14
CA PHE A 389 -20.70 -54.09 10.62
C PHE A 389 -20.48 -52.68 11.16
N SER A 390 -19.60 -52.56 12.16
CA SER A 390 -19.23 -51.26 12.68
C SER A 390 -18.33 -50.53 11.69
N LEU A 391 -18.31 -49.20 11.81
CA LEU A 391 -17.46 -48.37 10.95
C LEU A 391 -17.20 -47.07 11.70
N ASP A 392 -16.01 -46.94 12.27
CA ASP A 392 -15.69 -45.76 13.05
C ASP A 392 -15.60 -44.54 12.13
N ALA A 393 -15.37 -43.37 12.73
CA ALA A 393 -15.45 -42.12 11.97
C ALA A 393 -14.33 -42.02 10.94
N ASP A 394 -13.08 -42.14 11.37
CA ASP A 394 -11.94 -41.90 10.49
C ASP A 394 -11.37 -43.23 9.97
N ALA A 395 -12.09 -43.78 8.98
CA ALA A 395 -11.59 -44.91 8.21
C ALA A 395 -12.15 -44.78 6.80
N VAL A 396 -11.38 -44.14 5.92
CA VAL A 396 -11.83 -43.92 4.55
C VAL A 396 -11.64 -45.20 3.76
N LEU A 397 -12.74 -45.77 3.28
CA LEU A 397 -12.71 -47.00 2.49
C LEU A 397 -12.65 -46.59 1.02
N THR A 398 -11.44 -46.26 0.55
CA THR A 398 -11.28 -45.84 -0.84
C THR A 398 -11.71 -46.94 -1.80
N ASN A 399 -11.59 -48.20 -1.40
CA ASN A 399 -12.16 -49.31 -2.15
C ASN A 399 -13.64 -49.43 -1.80
N LEU A 400 -14.47 -49.59 -2.82
CA LEU A 400 -15.91 -49.61 -2.63
C LEU A 400 -16.50 -51.02 -2.63
N GLN A 401 -15.66 -52.05 -2.73
CA GLN A 401 -16.12 -53.44 -2.70
C GLN A 401 -15.85 -54.12 -1.37
N THR A 402 -15.56 -53.34 -0.32
CA THR A 402 -15.09 -53.92 0.94
C THR A 402 -16.15 -54.83 1.56
N LEU A 403 -17.41 -54.37 1.60
CA LEU A 403 -18.45 -55.17 2.22
C LEU A 403 -18.67 -56.48 1.47
N ARG A 404 -18.61 -56.43 0.14
CA ARG A 404 -18.79 -57.64 -0.66
C ARG A 404 -17.72 -58.68 -0.33
N ILE A 405 -16.45 -58.28 -0.36
CA ILE A 405 -15.37 -59.22 -0.13
C ILE A 405 -15.38 -59.70 1.32
N LEU A 406 -15.74 -58.82 2.26
CA LEU A 406 -15.77 -59.22 3.67
C LEU A 406 -16.88 -60.24 3.94
N ILE A 407 -18.10 -59.98 3.45
CA ILE A 407 -19.18 -60.93 3.64
C ILE A 407 -18.88 -62.23 2.90
N GLU A 408 -18.22 -62.13 1.74
CA GLU A 408 -17.82 -63.33 1.01
C GLU A 408 -16.82 -64.18 1.79
N GLU A 409 -16.12 -63.59 2.77
CA GLU A 409 -15.11 -64.33 3.52
C GLU A 409 -15.73 -65.30 4.51
N ASN A 410 -16.92 -64.98 5.03
CA ASN A 410 -17.61 -65.74 6.08
C ASN A 410 -16.65 -66.20 7.18
N ARG A 411 -16.02 -65.22 7.82
CA ARG A 411 -15.24 -65.49 9.01
C ARG A 411 -16.01 -65.03 10.24
N LYS A 412 -15.82 -65.72 11.36
CA LYS A 412 -16.62 -65.47 12.54
C LYS A 412 -16.49 -64.00 12.97
N VAL A 413 -15.28 -63.48 12.95
CA VAL A 413 -15.02 -62.05 12.98
C VAL A 413 -13.99 -61.77 11.89
N ILE A 414 -13.97 -60.53 11.40
CA ILE A 414 -13.00 -60.12 10.39
C ILE A 414 -12.91 -58.61 10.42
N ALA A 415 -11.78 -58.09 9.94
CA ALA A 415 -11.51 -56.67 9.91
C ALA A 415 -10.60 -56.34 8.74
N PRO A 416 -10.90 -55.29 7.99
CA PRO A 416 -10.01 -54.88 6.91
C PRO A 416 -8.72 -54.27 7.44
N MET A 417 -7.66 -54.44 6.65
CA MET A 417 -6.34 -53.93 7.00
C MET A 417 -6.22 -52.51 6.49
N LEU A 418 -5.89 -51.58 7.39
CA LEU A 418 -5.68 -50.19 7.02
C LEU A 418 -4.42 -49.70 7.71
N SER A 419 -3.94 -48.52 7.31
CA SER A 419 -2.71 -47.99 7.84
C SER A 419 -2.68 -46.48 7.66
N ARG A 420 -2.06 -45.79 8.62
CA ARG A 420 -1.81 -44.36 8.44
C ARG A 420 -0.85 -44.15 7.28
N HIS A 421 -1.07 -43.07 6.53
CA HIS A 421 -0.27 -42.81 5.34
C HIS A 421 1.16 -42.45 5.74
N GLY A 422 2.12 -43.16 5.17
CA GLY A 422 3.53 -42.89 5.41
C GLY A 422 3.99 -43.14 6.83
N LYS A 423 3.52 -44.20 7.45
CA LYS A 423 3.97 -44.60 8.79
C LYS A 423 3.68 -46.09 8.97
N LEU A 424 3.80 -46.56 10.22
CA LEU A 424 3.52 -47.94 10.56
C LEU A 424 2.26 -48.10 11.39
N TRP A 425 1.66 -47.00 11.85
CA TRP A 425 0.45 -47.08 12.67
C TRP A 425 -0.68 -47.71 11.86
N SER A 426 -1.07 -48.92 12.24
CA SER A 426 -2.19 -49.62 11.63
C SER A 426 -3.33 -49.72 12.64
N ASN A 427 -4.37 -50.46 12.28
CA ASN A 427 -5.56 -50.61 13.10
C ASN A 427 -5.62 -51.95 13.83
N PHE A 428 -4.48 -52.55 14.12
CA PHE A 428 -4.43 -53.83 14.81
C PHE A 428 -3.09 -53.98 15.50
N TRP A 429 -2.92 -55.10 16.20
CA TRP A 429 -1.73 -55.37 16.99
C TRP A 429 -1.23 -56.77 16.65
N GLY A 430 0.01 -57.05 17.03
CA GLY A 430 0.61 -58.32 16.70
C GLY A 430 0.63 -59.30 17.85
N ALA A 431 0.96 -58.81 19.03
CA ALA A 431 0.95 -59.62 20.24
C ALA A 431 0.79 -58.68 21.43
N LEU A 432 0.41 -59.26 22.56
CA LEU A 432 -0.01 -58.47 23.71
C LEU A 432 1.01 -58.55 24.84
N SER A 433 1.28 -57.40 25.46
CA SER A 433 2.13 -57.36 26.64
C SER A 433 1.36 -57.93 27.84
N PRO A 434 2.08 -58.33 28.89
CA PRO A 434 1.39 -58.82 30.09
C PRO A 434 0.42 -57.81 30.69
N ASP A 435 0.66 -56.52 30.50
CA ASP A 435 -0.25 -55.47 30.93
C ASP A 435 -1.49 -55.36 30.03
N GLU A 436 -1.67 -56.32 29.12
CA GLU A 436 -2.73 -56.27 28.12
C GLU A 436 -2.65 -54.98 27.30
N TYR A 437 -1.42 -54.57 26.99
CA TYR A 437 -1.15 -53.36 26.23
C TYR A 437 -0.30 -53.72 25.02
N TYR A 438 -0.09 -52.72 24.16
CA TYR A 438 0.52 -52.94 22.85
C TYR A 438 1.96 -53.39 22.99
N ALA A 439 2.25 -54.60 22.52
CA ALA A 439 3.61 -55.07 22.32
C ALA A 439 3.94 -54.92 20.83
N ARG A 440 5.12 -55.39 20.42
CA ARG A 440 5.51 -55.38 19.02
C ARG A 440 5.99 -56.78 18.64
N SER A 441 5.32 -57.39 17.67
CA SER A 441 5.64 -58.73 17.22
C SER A 441 6.80 -58.67 16.23
N GLU A 442 7.09 -59.79 15.58
CA GLU A 442 8.18 -59.90 14.63
C GLU A 442 7.74 -59.78 13.19
N ASP A 443 6.46 -60.00 12.92
CA ASP A 443 5.92 -59.88 11.57
C ASP A 443 5.09 -58.61 11.37
N TYR A 444 4.94 -57.79 12.40
CA TYR A 444 4.07 -56.62 12.29
C TYR A 444 4.54 -55.67 11.20
N VAL A 445 5.85 -55.42 11.12
CA VAL A 445 6.37 -54.52 10.09
C VAL A 445 6.23 -55.15 8.72
N GLU A 446 6.16 -56.47 8.65
CA GLU A 446 5.92 -57.14 7.37
C GLU A 446 4.46 -57.04 6.97
N LEU A 447 3.55 -57.18 7.94
CA LEU A 447 2.13 -57.14 7.62
C LEU A 447 1.67 -55.73 7.27
N VAL A 448 2.25 -54.70 7.88
CA VAL A 448 1.76 -53.35 7.61
C VAL A 448 2.08 -52.94 6.18
N GLN A 449 3.25 -53.31 5.66
CA GLN A 449 3.69 -52.91 4.33
C GLN A 449 3.38 -53.96 3.27
N ARG A 450 2.62 -55.00 3.62
CA ARG A 450 2.07 -55.96 2.67
C ARG A 450 3.16 -56.77 1.98
N LYS A 451 4.12 -57.30 2.74
CA LYS A 451 5.08 -58.23 2.17
C LYS A 451 4.55 -59.66 2.17
N ARG A 452 3.58 -59.97 3.03
CA ARG A 452 2.88 -61.24 3.04
C ARG A 452 1.39 -60.97 2.94
N VAL A 453 0.65 -61.90 2.33
CA VAL A 453 -0.77 -61.70 2.05
C VAL A 453 -1.55 -62.94 2.48
N GLY A 454 -2.70 -62.70 3.10
CA GLY A 454 -3.57 -63.79 3.52
C GLY A 454 -4.59 -63.29 4.51
N VAL A 455 -4.90 -64.14 5.49
CA VAL A 455 -5.77 -63.81 6.60
C VAL A 455 -5.04 -64.21 7.88
N TRP A 456 -4.88 -63.27 8.79
CA TRP A 456 -3.96 -63.41 9.92
C TRP A 456 -4.71 -63.39 11.25
N ASN A 457 -4.45 -64.39 12.08
CA ASN A 457 -4.94 -64.43 13.44
C ASN A 457 -4.33 -63.26 14.22
N VAL A 458 -5.18 -62.49 14.89
CA VAL A 458 -4.75 -61.24 15.52
C VAL A 458 -5.45 -61.07 16.86
N PRO A 459 -4.75 -60.64 17.91
CA PRO A 459 -5.38 -60.47 19.22
C PRO A 459 -6.03 -59.13 19.47
N TYR A 460 -6.16 -58.25 18.47
CA TYR A 460 -6.92 -57.03 18.67
C TYR A 460 -7.18 -56.34 17.33
N ILE A 461 -8.42 -55.94 17.09
CA ILE A 461 -8.81 -55.22 15.89
C ILE A 461 -9.70 -54.06 16.31
N SER A 462 -9.80 -53.07 15.43
CA SER A 462 -10.58 -51.88 15.78
C SER A 462 -10.90 -51.09 14.53
N GLN A 463 -11.87 -50.18 14.69
CA GLN A 463 -12.22 -49.14 13.73
C GLN A 463 -12.84 -49.68 12.44
N ALA A 464 -12.91 -51.01 12.30
CA ALA A 464 -13.77 -51.65 11.31
C ALA A 464 -13.80 -53.15 11.55
N TYR A 465 -15.00 -53.75 11.55
CA TYR A 465 -15.10 -55.20 11.65
C TYR A 465 -16.51 -55.64 11.29
N VAL A 466 -16.61 -56.90 10.86
CA VAL A 466 -17.85 -57.52 10.43
C VAL A 466 -18.08 -58.73 11.32
N ILE A 467 -19.08 -58.66 12.19
CA ILE A 467 -19.40 -59.74 13.12
C ILE A 467 -20.54 -60.57 12.56
N ARG A 468 -20.36 -61.89 12.55
CA ARG A 468 -21.45 -62.78 12.19
C ARG A 468 -22.53 -62.73 13.27
N GLY A 469 -23.78 -62.58 12.83
CA GLY A 469 -24.87 -62.30 13.77
C GLY A 469 -25.08 -63.43 14.77
N ASP A 470 -24.87 -64.67 14.35
CA ASP A 470 -25.04 -65.80 15.26
C ASP A 470 -24.11 -65.69 16.46
N THR A 471 -22.86 -65.29 16.22
CA THR A 471 -21.93 -65.09 17.34
C THR A 471 -22.46 -64.02 18.29
N LEU A 472 -23.21 -63.04 17.77
CA LEU A 472 -23.92 -62.13 18.66
C LEU A 472 -25.01 -62.85 19.43
N ARG A 473 -25.74 -63.73 18.76
CA ARG A 473 -26.97 -64.28 19.36
C ARG A 473 -26.68 -65.32 20.43
N MET A 474 -26.08 -66.45 20.07
CA MET A 474 -25.82 -67.47 21.08
C MET A 474 -24.33 -67.68 21.37
N GLU A 475 -23.52 -66.64 21.20
CA GLU A 475 -22.15 -66.69 21.69
C GLU A 475 -21.83 -65.49 22.55
N LEU A 476 -22.55 -64.38 22.34
CA LEU A 476 -22.40 -63.16 23.13
C LEU A 476 -23.78 -62.73 23.64
N PRO A 477 -24.34 -63.46 24.61
CA PRO A 477 -25.68 -63.13 25.10
C PRO A 477 -25.67 -61.95 26.07
N GLN A 478 -24.61 -61.81 26.86
CA GLN A 478 -24.54 -60.72 27.82
C GLN A 478 -24.34 -59.39 27.10
N ARG A 479 -24.88 -58.33 27.70
CA ARG A 479 -24.88 -57.02 27.08
C ARG A 479 -23.59 -56.25 27.33
N ASP A 480 -23.14 -56.18 28.58
CA ASP A 480 -22.04 -55.31 28.97
C ASP A 480 -20.70 -55.82 28.49
N VAL A 481 -20.29 -55.42 27.29
CA VAL A 481 -18.98 -55.76 26.75
C VAL A 481 -18.07 -54.54 26.65
N PHE A 482 -18.61 -53.40 26.20
CA PHE A 482 -17.79 -52.19 26.07
C PHE A 482 -17.63 -51.43 27.37
N SER A 483 -18.61 -51.53 28.28
CA SER A 483 -18.57 -50.84 29.55
C SER A 483 -18.39 -51.87 30.68
N GLY A 484 -18.44 -51.39 31.91
CA GLY A 484 -18.30 -52.23 33.09
C GLY A 484 -16.92 -52.23 33.70
N SER A 485 -16.00 -51.42 33.19
CA SER A 485 -14.64 -51.37 33.71
C SER A 485 -14.03 -50.01 33.37
N ASP A 486 -12.88 -49.73 33.97
CA ASP A 486 -12.16 -48.50 33.70
C ASP A 486 -11.40 -48.51 32.38
N THR A 487 -11.23 -49.69 31.77
CA THR A 487 -10.50 -49.80 30.52
C THR A 487 -11.30 -49.16 29.37
N ASP A 488 -10.58 -48.85 28.29
CA ASP A 488 -11.22 -48.28 27.12
C ASP A 488 -12.15 -49.31 26.47
N PRO A 489 -13.24 -48.87 25.85
CA PRO A 489 -14.23 -49.83 25.34
C PRO A 489 -13.69 -50.81 24.31
N ASP A 490 -12.78 -50.39 23.45
CA ASP A 490 -12.30 -51.28 22.39
C ASP A 490 -11.46 -52.42 22.96
N MET A 491 -10.49 -52.08 23.81
CA MET A 491 -9.65 -53.10 24.43
C MET A 491 -10.47 -54.04 25.30
N ALA A 492 -11.44 -53.49 26.03
CA ALA A 492 -12.31 -54.33 26.85
C ALA A 492 -13.15 -55.27 25.97
N PHE A 493 -13.65 -54.77 24.85
CA PHE A 493 -14.42 -55.60 23.93
C PHE A 493 -13.57 -56.75 23.42
N CYS A 494 -12.33 -56.46 23.04
CA CYS A 494 -11.43 -57.52 22.57
C CYS A 494 -11.12 -58.51 23.69
N LYS A 495 -10.90 -58.02 24.91
CA LYS A 495 -10.63 -58.90 26.03
C LYS A 495 -11.80 -59.84 26.27
N SER A 496 -13.02 -59.31 26.26
CA SER A 496 -14.20 -60.16 26.45
C SER A 496 -14.34 -61.17 25.32
N PHE A 497 -14.12 -60.74 24.09
CA PHE A 497 -14.28 -61.65 22.97
C PHE A 497 -13.17 -62.70 22.92
N ARG A 498 -12.05 -62.44 23.60
CA ARG A 498 -10.93 -63.36 23.54
C ARG A 498 -11.16 -64.59 24.42
N ASP A 499 -11.49 -64.38 25.69
CA ASP A 499 -11.59 -65.50 26.63
C ASP A 499 -12.71 -66.46 26.22
N LYS A 500 -13.75 -65.95 25.56
CA LYS A 500 -14.81 -66.83 25.06
C LYS A 500 -14.32 -67.79 24.00
N GLY A 501 -13.15 -67.55 23.41
CA GLY A 501 -12.56 -68.48 22.47
C GLY A 501 -13.09 -68.35 21.06
N ILE A 502 -13.07 -67.13 20.52
CA ILE A 502 -13.48 -66.88 19.14
C ILE A 502 -12.36 -66.10 18.48
N PHE A 503 -11.89 -66.58 17.33
CA PHE A 503 -10.72 -66.00 16.70
C PHE A 503 -11.07 -64.67 16.02
N LEU A 504 -10.06 -63.81 15.89
CA LEU A 504 -10.23 -62.47 15.35
C LEU A 504 -9.32 -62.31 14.14
N HIS A 505 -9.86 -62.60 12.95
CA HIS A 505 -9.07 -62.58 11.74
C HIS A 505 -8.79 -61.14 11.28
N LEU A 506 -7.78 -61.03 10.41
CA LEU A 506 -7.47 -59.78 9.73
C LEU A 506 -6.96 -60.11 8.34
N SER A 507 -7.55 -59.46 7.33
CA SER A 507 -7.23 -59.75 5.93
C SER A 507 -6.57 -58.54 5.29
N ASN A 508 -5.61 -58.80 4.41
CA ASN A 508 -4.88 -57.76 3.71
C ASN A 508 -4.65 -58.10 2.23
N GLN A 509 -5.57 -58.85 1.62
CA GLN A 509 -5.37 -59.29 0.24
C GLN A 509 -5.38 -58.12 -0.72
N HIS A 510 -6.34 -57.21 -0.57
CA HIS A 510 -6.44 -56.05 -1.44
C HIS A 510 -6.22 -54.77 -0.62
N GLU A 511 -6.30 -53.63 -1.30
CA GLU A 511 -6.20 -52.33 -0.66
C GLU A 511 -7.59 -51.86 -0.25
N PHE A 512 -7.75 -51.53 1.02
CA PHE A 512 -9.06 -51.19 1.56
C PHE A 512 -9.18 -49.71 1.92
N GLY A 513 -8.10 -49.08 2.39
CA GLY A 513 -8.18 -47.68 2.72
C GLY A 513 -6.99 -47.24 3.56
N ARG A 514 -7.22 -46.21 4.34
CA ARG A 514 -6.19 -45.59 5.16
C ARG A 514 -6.84 -44.82 6.30
N LEU A 515 -6.19 -44.83 7.45
CA LEU A 515 -6.69 -44.16 8.64
C LEU A 515 -6.24 -42.70 8.64
N LEU A 516 -7.19 -41.80 8.87
CA LEU A 516 -6.85 -40.40 9.05
C LEU A 516 -6.18 -40.20 10.42
N ALA A 517 -5.75 -38.97 10.67
CA ALA A 517 -5.07 -38.62 11.91
C ALA A 517 -5.81 -37.45 12.56
N THR A 518 -6.25 -37.65 13.81
CA THR A 518 -6.88 -36.62 14.60
C THR A 518 -6.11 -36.33 15.87
N SER A 519 -4.77 -36.32 15.77
CA SER A 519 -3.95 -35.97 16.93
C SER A 519 -4.23 -34.54 17.38
N ARG A 520 -4.38 -33.62 16.43
CA ARG A 520 -4.77 -32.25 16.74
C ARG A 520 -5.70 -31.78 15.63
N TYR A 521 -6.75 -31.05 15.99
CA TYR A 521 -7.69 -30.48 15.02
C TYR A 521 -8.32 -29.25 15.66
N ASP A 522 -7.79 -28.07 15.32
CA ASP A 522 -8.42 -26.84 15.78
C ASP A 522 -9.70 -26.56 15.00
N THR A 523 -10.57 -25.75 15.58
CA THR A 523 -11.87 -25.47 14.99
C THR A 523 -12.26 -23.99 15.09
N GLU A 524 -11.31 -23.13 15.43
CA GLU A 524 -11.59 -21.70 15.55
C GLU A 524 -11.44 -20.98 14.21
N HIS A 525 -12.07 -21.54 13.18
CA HIS A 525 -12.06 -20.96 11.84
C HIS A 525 -13.39 -21.29 11.18
N LEU A 526 -13.71 -20.52 10.13
CA LEU A 526 -14.91 -20.81 9.36
C LEU A 526 -14.78 -22.14 8.63
N HIS A 527 -13.59 -22.43 8.10
CA HIS A 527 -13.29 -23.71 7.48
C HIS A 527 -11.96 -24.21 8.02
N PRO A 528 -11.95 -24.83 9.20
CA PRO A 528 -10.68 -25.33 9.77
C PRO A 528 -10.07 -26.47 8.98
N ASP A 529 -10.71 -26.92 7.90
CA ASP A 529 -10.13 -27.98 7.08
C ASP A 529 -8.99 -27.46 6.21
N LEU A 530 -8.93 -26.14 6.00
CA LEU A 530 -7.88 -25.55 5.17
C LEU A 530 -6.50 -25.69 5.78
N TRP A 531 -6.41 -25.82 7.10
CA TRP A 531 -5.12 -25.96 7.78
C TRP A 531 -4.62 -27.39 7.82
N GLN A 532 -5.36 -28.34 7.25
CA GLN A 532 -5.03 -29.75 7.30
C GLN A 532 -4.07 -30.18 6.19
N ILE A 533 -3.34 -29.24 5.59
CA ILE A 533 -2.46 -29.59 4.49
C ILE A 533 -1.29 -30.44 4.98
N PHE A 534 -0.80 -30.18 6.19
CA PHE A 534 0.31 -30.96 6.71
C PHE A 534 -0.14 -32.34 7.17
N ASP A 535 -1.26 -32.41 7.89
CA ASP A 535 -1.60 -33.62 8.62
C ASP A 535 -1.99 -34.76 7.68
N ASN A 536 -2.89 -34.49 6.75
CA ASN A 536 -3.42 -35.52 5.83
C ASN A 536 -3.27 -35.01 4.40
N PRO A 537 -2.12 -35.28 3.78
CA PRO A 537 -1.86 -34.68 2.46
C PRO A 537 -2.73 -35.22 1.34
N VAL A 538 -2.94 -36.54 1.29
CA VAL A 538 -3.64 -37.13 0.14
C VAL A 538 -5.07 -36.63 0.06
N ASP A 539 -5.79 -36.64 1.18
CA ASP A 539 -7.17 -36.20 1.15
C ASP A 539 -7.28 -34.69 0.93
N TRP A 540 -6.35 -33.91 1.47
CA TRP A 540 -6.32 -32.48 1.20
C TRP A 540 -6.16 -32.21 -0.29
N LYS A 541 -5.21 -32.90 -0.93
CA LYS A 541 -5.01 -32.74 -2.36
C LYS A 541 -6.24 -33.20 -3.13
N GLU A 542 -6.88 -34.27 -2.67
CA GLU A 542 -8.08 -34.78 -3.33
C GLU A 542 -9.21 -33.76 -3.30
N GLN A 543 -9.39 -33.08 -2.16
CA GLN A 543 -10.53 -32.17 -2.03
C GLN A 543 -10.25 -30.82 -2.67
N TYR A 544 -9.11 -30.21 -2.37
CA TYR A 544 -8.86 -28.82 -2.76
C TYR A 544 -8.21 -28.67 -4.13
N ILE A 545 -7.13 -29.42 -4.40
CA ILE A 545 -6.42 -29.27 -5.65
C ILE A 545 -7.33 -29.63 -6.83
N HIS A 546 -7.24 -28.85 -7.90
CA HIS A 546 -8.03 -29.10 -9.09
C HIS A 546 -7.84 -30.53 -9.57
N GLU A 547 -8.94 -31.14 -10.02
CA GLU A 547 -8.91 -32.54 -10.42
C GLU A 547 -7.99 -32.79 -11.61
N ASN A 548 -7.96 -31.88 -12.58
CA ASN A 548 -7.22 -32.06 -13.82
C ASN A 548 -5.71 -31.89 -13.65
N TYR A 549 -5.25 -31.45 -12.47
CA TYR A 549 -3.86 -30.99 -12.33
C TYR A 549 -2.86 -32.09 -12.62
N SER A 550 -3.11 -33.30 -12.13
CA SER A 550 -2.15 -34.38 -12.34
C SER A 550 -1.96 -34.69 -13.82
N ARG A 551 -3.06 -34.72 -14.58
CA ARG A 551 -2.97 -35.01 -16.00
C ARG A 551 -2.19 -33.92 -16.73
N ALA A 552 -2.33 -32.66 -16.31
CA ALA A 552 -1.51 -31.60 -16.86
C ALA A 552 -0.04 -31.81 -16.50
N LEU A 553 0.23 -32.27 -15.28
CA LEU A 553 1.61 -32.49 -14.87
C LEU A 553 2.28 -33.57 -15.71
N GLU A 554 1.57 -34.67 -15.98
CA GLU A 554 2.21 -35.77 -16.70
C GLU A 554 2.34 -35.51 -18.19
N GLY A 555 1.73 -34.43 -18.71
CA GLY A 555 2.03 -33.99 -20.06
C GLY A 555 1.17 -34.53 -21.18
N GLU A 556 -0.14 -34.36 -21.09
CA GLU A 556 -1.06 -34.73 -22.15
C GLU A 556 -1.88 -33.53 -22.63
N GLY A 557 -1.20 -32.41 -22.86
CA GLY A 557 -1.86 -31.21 -23.34
C GLY A 557 -2.30 -30.34 -22.17
N ILE A 558 -3.58 -29.96 -22.17
CA ILE A 558 -4.18 -29.16 -21.11
C ILE A 558 -3.51 -27.79 -21.01
N VAL A 559 -2.19 -27.77 -20.75
CA VAL A 559 -1.50 -26.51 -20.58
C VAL A 559 -1.53 -25.72 -21.88
N GLU A 560 -1.95 -24.46 -21.79
CA GLU A 560 -2.06 -23.58 -22.93
C GLU A 560 -0.97 -22.53 -22.89
N GLN A 561 -0.60 -22.04 -24.08
CA GLN A 561 0.43 -21.02 -24.23
C GLN A 561 -0.14 -19.92 -25.11
N PRO A 562 -1.03 -19.09 -24.55
CA PRO A 562 -1.62 -18.02 -25.37
C PRO A 562 -0.60 -17.06 -25.95
N CYS A 563 0.48 -16.80 -25.23
CA CYS A 563 1.57 -15.94 -25.67
C CYS A 563 2.88 -16.59 -25.29
N PRO A 564 3.96 -16.28 -26.02
CA PRO A 564 5.25 -16.92 -25.72
C PRO A 564 5.69 -16.67 -24.29
N ASP A 565 6.24 -17.71 -23.68
CA ASP A 565 6.77 -17.67 -22.31
C ASP A 565 5.65 -17.38 -21.30
N VAL A 566 4.41 -17.52 -21.73
CA VAL A 566 3.24 -17.38 -20.87
C VAL A 566 2.47 -18.70 -20.89
N TYR A 567 2.16 -19.23 -19.71
CA TYR A 567 1.58 -20.56 -19.62
C TYR A 567 0.27 -20.51 -18.83
N TRP A 568 -0.62 -21.43 -19.18
CA TRP A 568 -1.95 -21.55 -18.57
C TRP A 568 -2.18 -23.01 -18.20
N PHE A 569 -2.18 -23.30 -16.91
CA PHE A 569 -2.43 -24.65 -16.43
C PHE A 569 -3.33 -24.60 -15.21
N PRO A 570 -4.18 -25.61 -15.02
CA PRO A 570 -5.14 -25.57 -13.91
C PRO A 570 -4.52 -26.07 -12.61
N LEU A 571 -4.73 -25.30 -11.54
CA LEU A 571 -4.14 -25.61 -10.24
C LEU A 571 -5.18 -25.84 -9.15
N LEU A 572 -6.18 -24.97 -9.05
CA LEU A 572 -7.11 -24.99 -7.93
C LEU A 572 -8.52 -25.37 -8.38
N SER A 573 -9.25 -25.99 -7.47
CA SER A 573 -10.65 -26.34 -7.69
C SER A 573 -11.56 -25.31 -7.02
N GLU A 574 -12.85 -25.37 -7.39
CA GLU A 574 -13.79 -24.33 -6.97
C GLU A 574 -13.96 -24.28 -5.45
N GLN A 575 -13.89 -25.43 -4.78
CA GLN A 575 -14.00 -25.46 -3.33
C GLN A 575 -12.95 -24.57 -2.68
N MET A 576 -11.70 -24.70 -3.12
CA MET A 576 -10.62 -23.90 -2.55
C MET A 576 -10.88 -22.42 -2.75
N CYS A 577 -11.29 -22.02 -3.95
CA CYS A 577 -11.52 -20.61 -4.22
C CYS A 577 -12.64 -20.05 -3.36
N ASP A 578 -13.78 -20.75 -3.29
CA ASP A 578 -14.91 -20.22 -2.53
C ASP A 578 -14.59 -20.18 -1.04
N GLU A 579 -13.94 -21.20 -0.51
CA GLU A 579 -13.58 -21.16 0.90
C GLU A 579 -12.54 -20.08 1.19
N LEU A 580 -11.62 -19.84 0.25
CA LEU A 580 -10.62 -18.81 0.45
C LEU A 580 -11.25 -17.43 0.48
N VAL A 581 -12.14 -17.14 -0.48
CA VAL A 581 -12.79 -15.83 -0.47
C VAL A 581 -13.69 -15.70 0.76
N ALA A 582 -14.33 -16.78 1.19
CA ALA A 582 -15.15 -16.73 2.40
C ALA A 582 -14.29 -16.38 3.62
N GLU A 583 -13.12 -17.02 3.74
CA GLU A 583 -12.22 -16.71 4.85
C GLU A 583 -11.75 -15.26 4.79
N MET A 584 -11.40 -14.79 3.60
CA MET A 584 -10.89 -13.42 3.47
C MET A 584 -11.97 -12.40 3.84
N GLU A 585 -13.20 -12.63 3.38
CA GLU A 585 -14.29 -11.72 3.75
C GLU A 585 -14.65 -11.86 5.23
N HIS A 586 -14.38 -13.03 5.83
CA HIS A 586 -14.50 -13.16 7.27
C HIS A 586 -13.51 -12.25 7.98
N TYR A 587 -12.27 -12.20 7.49
CA TYR A 587 -11.32 -11.21 8.01
C TYR A 587 -11.77 -9.79 7.65
N GLY A 588 -12.06 -9.57 6.38
CA GLY A 588 -12.71 -8.33 5.96
C GLY A 588 -11.83 -7.11 5.86
N GLN A 589 -10.78 -7.05 6.68
CA GLN A 589 -9.94 -5.85 6.78
C GLN A 589 -9.16 -5.69 5.49
N TRP A 590 -9.60 -4.77 4.63
CA TRP A 590 -9.04 -4.59 3.30
C TRP A 590 -8.01 -3.46 3.34
N SER A 591 -6.88 -3.76 3.99
CA SER A 591 -5.80 -2.80 4.09
C SER A 591 -5.12 -2.60 2.74
N GLY A 592 -4.24 -1.61 2.68
CA GLY A 592 -3.50 -1.31 1.48
C GLY A 592 -4.24 -0.34 0.57
N GLY A 593 -3.46 0.35 -0.28
CA GLY A 593 -3.98 1.35 -1.20
C GLY A 593 -3.18 2.63 -1.20
N ARG A 594 -2.54 2.95 -0.09
CA ARG A 594 -1.70 4.14 -0.01
C ARG A 594 -0.29 3.82 -0.49
N HIS A 595 0.37 4.84 -1.06
CA HIS A 595 1.66 4.61 -1.71
C HIS A 595 2.72 4.17 -0.71
N GLU A 596 2.53 4.45 0.57
CA GLU A 596 3.47 4.04 1.61
C GLU A 596 3.01 2.74 2.24
N ASP A 597 3.83 2.17 3.10
CA ASP A 597 3.52 0.89 3.71
C ASP A 597 4.26 0.75 5.04
N SER A 598 3.64 0.01 5.96
CA SER A 598 4.29 -0.40 7.19
C SER A 598 4.68 -1.87 7.19
N ARG A 599 3.99 -2.70 6.42
CA ARG A 599 4.38 -4.09 6.27
C ARG A 599 5.70 -4.23 5.54
N LEU A 600 5.95 -3.36 4.55
CA LEU A 600 7.18 -3.39 3.79
C LEU A 600 8.34 -2.89 4.64
N ALA A 601 9.49 -3.56 4.54
CA ALA A 601 10.66 -3.15 5.31
C ALA A 601 11.13 -1.77 4.90
N GLY A 602 11.17 -1.50 3.59
CA GLY A 602 11.55 -0.18 3.12
C GLY A 602 10.53 0.89 3.46
N GLY A 603 9.23 0.55 3.41
CA GLY A 603 8.20 1.52 3.66
C GLY A 603 7.78 2.33 2.47
N TYR A 604 8.06 1.85 1.26
CA TYR A 604 7.71 2.58 0.03
C TYR A 604 7.38 1.54 -1.04
N GLU A 605 6.09 1.27 -1.22
CA GLU A 605 5.66 0.36 -2.27
C GLU A 605 5.90 0.99 -3.64
N ASN A 606 6.27 0.15 -4.61
CA ASN A 606 6.35 0.62 -5.98
C ASN A 606 4.98 1.04 -6.50
N VAL A 607 3.95 0.28 -6.16
CA VAL A 607 2.57 0.59 -6.54
C VAL A 607 1.64 -0.03 -5.50
N PRO A 608 0.69 0.73 -4.95
CA PRO A 608 -0.19 0.18 -3.92
C PRO A 608 -1.45 -0.46 -4.49
N THR A 609 -1.94 -1.45 -3.73
CA THR A 609 -3.17 -2.16 -4.08
C THR A 609 -3.98 -2.40 -2.83
N VAL A 610 -5.29 -2.57 -3.00
CA VAL A 610 -6.15 -3.02 -1.90
C VAL A 610 -5.97 -4.54 -1.77
N ASP A 611 -5.20 -4.96 -0.78
CA ASP A 611 -4.73 -6.33 -0.71
C ASP A 611 -4.79 -6.83 0.72
N ILE A 612 -4.83 -8.15 0.87
CA ILE A 612 -4.72 -8.80 2.17
C ILE A 612 -3.60 -9.81 2.07
N HIS A 613 -2.51 -9.56 2.79
CA HIS A 613 -1.37 -10.45 2.76
C HIS A 613 -1.64 -11.68 3.62
N MET A 614 -0.86 -12.74 3.38
CA MET A 614 -1.09 -13.99 4.09
C MET A 614 -0.37 -14.06 5.43
N LYS A 615 0.52 -13.13 5.72
CA LYS A 615 1.21 -13.15 7.02
C LYS A 615 0.25 -12.80 8.16
N GLN A 616 -0.68 -11.87 7.91
CA GLN A 616 -1.62 -11.46 8.94
C GLN A 616 -2.70 -12.50 9.18
N VAL A 617 -3.01 -13.32 8.18
CA VAL A 617 -4.05 -14.33 8.33
C VAL A 617 -3.55 -15.56 9.08
N GLY A 618 -2.23 -15.73 9.19
CA GLY A 618 -1.67 -16.96 9.71
C GLY A 618 -1.63 -18.10 8.71
N TYR A 619 -2.01 -17.85 7.47
CA TYR A 619 -2.07 -18.87 6.43
C TYR A 619 -0.88 -18.81 5.49
N GLU A 620 0.22 -18.17 5.89
CA GLU A 620 1.36 -18.02 5.00
C GLU A 620 2.13 -19.32 4.85
N ASP A 621 2.34 -20.04 5.96
CA ASP A 621 3.16 -21.25 5.91
C ASP A 621 2.52 -22.34 5.05
N GLN A 622 1.20 -22.51 5.18
CA GLN A 622 0.50 -23.49 4.33
C GLN A 622 0.56 -23.09 2.87
N TRP A 623 0.48 -21.79 2.59
CA TRP A 623 0.65 -21.31 1.22
C TRP A 623 2.04 -21.65 0.68
N LEU A 624 3.08 -21.46 1.50
CA LEU A 624 4.42 -21.80 1.07
C LEU A 624 4.55 -23.30 0.83
N GLN A 625 3.91 -24.12 1.67
CA GLN A 625 3.93 -25.56 1.47
C GLN A 625 3.28 -25.95 0.15
N LEU A 626 2.13 -25.33 -0.15
CA LEU A 626 1.47 -25.58 -1.43
C LEU A 626 2.35 -25.17 -2.60
N LEU A 627 3.01 -24.01 -2.49
CA LEU A 627 3.91 -23.55 -3.54
C LEU A 627 5.06 -24.54 -3.73
N ARG A 628 5.64 -25.03 -2.64
CA ARG A 628 6.75 -25.97 -2.74
C ARG A 628 6.32 -27.27 -3.40
N THR A 629 5.19 -27.83 -2.98
CA THR A 629 4.87 -29.19 -3.40
C THR A 629 4.15 -29.26 -4.75
N TYR A 630 3.22 -28.34 -5.02
CA TYR A 630 2.33 -28.50 -6.17
C TYR A 630 2.65 -27.55 -7.31
N VAL A 631 3.55 -26.60 -7.13
CA VAL A 631 3.95 -25.70 -8.20
C VAL A 631 5.31 -26.08 -8.77
N GLY A 632 6.26 -26.45 -7.93
CA GLY A 632 7.63 -26.70 -8.33
C GLY A 632 7.82 -27.74 -9.41
N PRO A 633 7.21 -28.92 -9.26
CA PRO A 633 7.30 -29.91 -10.34
C PRO A 633 6.77 -29.38 -11.67
N MET A 634 5.68 -28.61 -11.64
CA MET A 634 5.11 -28.07 -12.86
C MET A 634 6.10 -27.13 -13.55
N THR A 635 6.73 -26.23 -12.80
CA THR A 635 7.64 -25.27 -13.42
C THR A 635 8.94 -25.94 -13.84
N GLU A 636 9.35 -27.01 -13.15
CA GLU A 636 10.56 -27.71 -13.55
C GLU A 636 10.32 -28.54 -14.80
N SER A 637 9.07 -28.98 -15.01
CA SER A 637 8.74 -29.65 -16.26
C SER A 637 8.53 -28.65 -17.40
N LEU A 638 7.96 -27.49 -17.11
CA LEU A 638 7.61 -26.53 -18.15
C LEU A 638 8.85 -25.83 -18.71
N PHE A 639 9.76 -25.42 -17.82
CA PHE A 639 10.99 -24.73 -18.19
C PHE A 639 12.16 -25.65 -17.90
N PRO A 640 12.46 -26.60 -18.79
CA PRO A 640 13.45 -27.64 -18.47
C PRO A 640 14.82 -27.06 -18.19
N GLY A 641 15.55 -27.73 -17.30
CA GLY A 641 16.87 -27.29 -16.88
C GLY A 641 16.88 -26.39 -15.67
N TYR A 642 15.72 -25.97 -15.16
CA TYR A 642 15.62 -25.09 -14.02
C TYR A 642 15.34 -25.90 -12.76
N HIS A 643 16.02 -25.56 -11.68
CA HIS A 643 15.80 -26.20 -10.38
C HIS A 643 15.40 -25.12 -9.38
N THR A 644 14.31 -25.36 -8.66
CA THR A 644 13.69 -24.34 -7.82
C THR A 644 13.33 -24.92 -6.46
N LYS A 645 13.73 -24.21 -5.41
CA LYS A 645 13.36 -24.55 -4.05
C LYS A 645 12.08 -23.87 -3.60
N ALA A 646 11.47 -23.04 -4.45
CA ALA A 646 10.17 -22.43 -4.21
C ALA A 646 10.16 -21.59 -2.93
N ARG A 647 10.97 -20.53 -2.93
CA ARG A 647 11.01 -19.59 -1.83
C ARG A 647 10.20 -18.35 -2.21
N ALA A 648 9.34 -17.91 -1.29
CA ALA A 648 8.51 -16.73 -1.50
C ALA A 648 8.52 -15.87 -0.25
N VAL A 649 8.48 -14.57 -0.43
CA VAL A 649 8.42 -13.60 0.66
C VAL A 649 7.15 -12.77 0.61
N MET A 650 6.75 -12.34 -0.59
CA MET A 650 5.57 -11.52 -0.78
C MET A 650 4.50 -12.34 -1.49
N ASN A 651 3.29 -12.33 -0.94
CA ASN A 651 2.16 -13.06 -1.52
C ASN A 651 0.89 -12.53 -0.88
N PHE A 652 -0.14 -12.32 -1.69
CA PHE A 652 -1.36 -11.69 -1.20
C PHE A 652 -2.51 -11.98 -2.17
N VAL A 653 -3.68 -11.46 -1.82
CA VAL A 653 -4.87 -11.54 -2.65
C VAL A 653 -5.36 -10.11 -2.88
N VAL A 654 -5.78 -9.82 -4.11
CA VAL A 654 -6.18 -8.48 -4.53
C VAL A 654 -7.61 -8.51 -5.03
N ARG A 655 -8.40 -7.52 -4.61
CA ARG A 655 -9.76 -7.33 -5.08
C ARG A 655 -9.79 -6.13 -6.02
N TYR A 656 -10.44 -6.29 -7.16
CA TYR A 656 -10.62 -5.21 -8.11
C TYR A 656 -12.09 -4.80 -8.11
N ARG A 657 -12.36 -3.55 -7.77
CA ARG A 657 -13.70 -3.01 -7.79
C ARG A 657 -13.72 -1.70 -8.56
N PRO A 658 -14.74 -1.46 -9.39
CA PRO A 658 -14.75 -0.26 -10.24
C PRO A 658 -14.68 1.05 -9.47
N ASP A 659 -14.99 1.04 -8.17
CA ASP A 659 -14.98 2.26 -7.36
C ASP A 659 -13.77 2.38 -6.45
N GLU A 660 -13.26 1.27 -5.91
CA GLU A 660 -12.17 1.36 -4.94
C GLU A 660 -10.85 1.67 -5.62
N GLN A 661 -10.38 0.77 -6.49
CA GLN A 661 -9.11 0.92 -7.17
C GLN A 661 -9.20 0.35 -8.58
N PRO A 662 -8.58 1.00 -9.56
CA PRO A 662 -8.56 0.44 -10.92
C PRO A 662 -7.40 -0.51 -11.12
N SER A 663 -7.24 -1.02 -12.34
CA SER A 663 -6.15 -1.94 -12.62
C SER A 663 -4.81 -1.20 -12.59
N LEU A 664 -3.74 -1.98 -12.45
CA LEU A 664 -2.43 -1.41 -12.23
C LEU A 664 -1.86 -0.77 -13.50
N ARG A 665 -1.02 0.23 -13.28
CA ARG A 665 -0.23 0.83 -14.34
C ARG A 665 0.82 -0.16 -14.84
N PRO A 666 1.38 0.05 -16.03
CA PRO A 666 2.49 -0.79 -16.48
C PRO A 666 3.64 -0.75 -15.48
N HIS A 667 4.16 -1.92 -15.17
CA HIS A 667 5.18 -2.05 -14.13
C HIS A 667 5.96 -3.34 -14.35
N HIS A 668 6.83 -3.66 -13.41
CA HIS A 668 7.58 -4.91 -13.43
C HIS A 668 7.62 -5.49 -12.03
N ASP A 669 7.83 -6.81 -11.96
CA ASP A 669 7.78 -7.54 -10.71
C ASP A 669 9.19 -7.81 -10.20
N SER A 670 9.34 -7.84 -8.87
CA SER A 670 10.63 -8.09 -8.25
C SER A 670 10.81 -9.56 -7.94
N SER A 671 10.64 -10.38 -8.98
CA SER A 671 10.81 -11.82 -8.83
C SER A 671 11.09 -12.43 -10.21
N THR A 672 11.56 -13.67 -10.20
CA THR A 672 11.86 -14.36 -11.45
C THR A 672 10.59 -14.60 -12.27
N PHE A 673 9.57 -15.19 -11.65
CA PHE A 673 8.28 -15.38 -12.31
C PHE A 673 7.19 -15.34 -11.24
N THR A 674 5.96 -15.10 -11.69
CA THR A 674 4.86 -14.76 -10.79
C THR A 674 3.70 -15.72 -11.00
N LEU A 675 2.87 -15.87 -9.97
CA LEU A 675 1.68 -16.71 -10.02
C LEU A 675 0.45 -15.81 -10.01
N ASN A 676 -0.46 -16.05 -10.96
CA ASN A 676 -1.71 -15.29 -11.06
C ASN A 676 -2.86 -16.27 -11.17
N VAL A 677 -3.57 -16.48 -10.06
CA VAL A 677 -4.69 -17.40 -10.00
C VAL A 677 -5.95 -16.61 -9.66
N ALA A 678 -6.99 -16.79 -10.47
CA ALA A 678 -8.26 -16.12 -10.22
C ALA A 678 -9.03 -16.85 -9.11
N LEU A 679 -10.07 -16.19 -8.61
CA LEU A 679 -10.84 -16.71 -7.50
C LEU A 679 -12.35 -16.62 -7.68
N ASN A 680 -12.83 -15.99 -8.75
CA ASN A 680 -14.26 -15.97 -9.04
C ASN A 680 -14.46 -15.89 -10.54
N HIS A 681 -15.65 -16.30 -10.98
CA HIS A 681 -15.91 -16.51 -12.39
C HIS A 681 -16.32 -15.21 -13.06
N LYS A 682 -15.67 -14.89 -14.18
CA LYS A 682 -16.00 -13.69 -14.94
C LYS A 682 -17.39 -13.79 -15.54
N GLY A 683 -18.11 -12.68 -15.57
CA GLY A 683 -19.44 -12.64 -16.13
C GLY A 683 -20.52 -12.89 -15.09
N LEU A 684 -20.43 -14.02 -14.39
CA LEU A 684 -21.44 -14.35 -13.39
C LEU A 684 -21.28 -13.53 -12.12
N ASP A 685 -20.11 -12.96 -11.87
CA ASP A 685 -19.91 -12.16 -10.67
C ASP A 685 -19.25 -10.83 -10.99
N TYR A 686 -18.50 -10.77 -12.08
CA TYR A 686 -17.84 -9.52 -12.47
C TYR A 686 -17.64 -9.52 -13.98
N GLU A 687 -17.42 -8.32 -14.52
CA GLU A 687 -17.04 -8.15 -15.90
C GLU A 687 -15.82 -7.23 -15.98
N GLY A 688 -14.82 -7.66 -16.73
CA GLY A 688 -13.60 -6.88 -16.87
C GLY A 688 -12.64 -7.48 -17.87
N GLY A 689 -11.35 -7.50 -17.52
CA GLY A 689 -10.34 -8.08 -18.40
C GLY A 689 -9.17 -8.59 -17.60
N GLY A 690 -8.29 -9.31 -18.28
CA GLY A 690 -7.11 -9.87 -17.64
C GLY A 690 -5.89 -8.98 -17.75
N CYS A 691 -4.77 -9.55 -18.15
CA CYS A 691 -3.52 -8.80 -18.25
C CYS A 691 -3.26 -8.37 -19.69
N ARG A 692 -2.27 -7.49 -19.84
CA ARG A 692 -1.93 -6.89 -21.13
C ARG A 692 -0.42 -6.69 -21.17
N PHE A 693 0.24 -7.41 -22.08
CA PHE A 693 1.70 -7.31 -22.23
C PHE A 693 2.03 -6.35 -23.37
N LEU A 694 2.89 -5.37 -23.08
CA LEU A 694 3.17 -4.34 -24.07
C LEU A 694 4.10 -4.86 -25.18
N ARG A 695 5.12 -5.62 -24.82
CA ARG A 695 6.14 -5.97 -25.81
C ARG A 695 5.66 -6.99 -26.83
N TYR A 696 4.59 -7.73 -26.54
CA TYR A 696 4.09 -8.74 -27.45
C TYR A 696 2.71 -8.44 -28.01
N ASP A 697 2.12 -7.28 -27.68
CA ASP A 697 0.76 -6.95 -28.10
C ASP A 697 -0.21 -8.05 -27.71
N CYS A 698 -0.07 -8.53 -26.47
CA CYS A 698 -0.83 -9.67 -25.97
C CYS A 698 -1.91 -9.20 -25.01
N VAL A 699 -3.11 -9.75 -25.16
CA VAL A 699 -4.25 -9.44 -24.29
C VAL A 699 -4.82 -10.74 -23.75
N ILE A 700 -4.97 -10.82 -22.44
CA ILE A 700 -5.72 -11.89 -21.80
C ILE A 700 -7.09 -11.31 -21.43
N SER A 701 -8.15 -11.95 -21.92
CA SER A 701 -9.50 -11.44 -21.73
C SER A 701 -10.42 -12.35 -20.95
N SER A 702 -10.09 -13.63 -20.82
CA SER A 702 -10.98 -14.62 -20.21
C SER A 702 -10.22 -15.41 -19.13
N PRO A 703 -9.91 -14.78 -18.00
CA PRO A 703 -9.29 -15.53 -16.90
C PRO A 703 -10.24 -16.60 -16.39
N ARG A 704 -9.70 -17.80 -16.18
CA ARG A 704 -10.49 -18.91 -15.67
C ARG A 704 -10.45 -18.92 -14.14
N LYS A 705 -11.53 -19.45 -13.55
CA LYS A 705 -11.68 -19.37 -12.09
C LYS A 705 -10.61 -20.17 -11.36
N GLY A 706 -10.25 -21.33 -11.89
CA GLY A 706 -9.31 -22.20 -11.19
C GLY A 706 -8.04 -22.54 -11.94
N TRP A 707 -7.49 -21.59 -12.68
CA TRP A 707 -6.25 -21.79 -13.42
C TRP A 707 -5.19 -20.80 -12.98
N ALA A 708 -3.94 -21.13 -13.28
CA ALA A 708 -2.79 -20.35 -12.86
C ALA A 708 -2.02 -19.87 -14.08
N LEU A 709 -1.38 -18.71 -13.94
CA LEU A 709 -0.60 -18.09 -15.00
C LEU A 709 0.88 -18.11 -14.61
N LEU A 710 1.73 -18.43 -15.58
CA LEU A 710 3.17 -18.51 -15.37
C LEU A 710 3.87 -17.69 -16.42
N HIS A 711 4.61 -16.66 -15.98
CA HIS A 711 5.32 -15.80 -16.92
C HIS A 711 6.48 -15.13 -16.21
N PRO A 712 7.63 -14.97 -16.86
CA PRO A 712 8.73 -14.24 -16.23
C PRO A 712 8.35 -12.79 -16.00
N GLY A 713 8.88 -12.21 -14.92
CA GLY A 713 8.46 -10.90 -14.53
C GLY A 713 9.55 -9.93 -14.11
N ARG A 714 10.78 -10.12 -14.60
CA ARG A 714 11.88 -9.21 -14.27
C ARG A 714 12.24 -8.31 -15.44
N LEU A 715 12.57 -8.88 -16.59
CA LEU A 715 13.12 -8.09 -17.69
C LEU A 715 12.21 -8.04 -18.91
N THR A 716 11.84 -9.19 -19.48
CA THR A 716 11.28 -9.18 -20.83
C THR A 716 9.81 -8.79 -20.87
N HIS A 717 9.01 -9.21 -19.88
CA HIS A 717 7.56 -9.12 -19.96
C HIS A 717 7.08 -7.88 -19.20
N TYR A 718 6.86 -6.80 -19.95
CA TYR A 718 6.20 -5.60 -19.43
C TYR A 718 4.70 -5.83 -19.52
N HIS A 719 4.03 -5.89 -18.38
CA HIS A 719 2.61 -6.21 -18.33
C HIS A 719 1.83 -5.10 -17.63
N GLU A 720 0.57 -4.92 -18.06
CA GLU A 720 -0.38 -4.05 -17.39
C GLU A 720 -1.71 -4.77 -17.27
N GLY A 721 -2.51 -4.35 -16.29
CA GLY A 721 -3.81 -4.96 -16.05
C GLY A 721 -4.91 -4.21 -16.75
N LEU A 722 -5.86 -4.98 -17.32
CA LEU A 722 -7.03 -4.38 -17.94
C LEU A 722 -8.02 -3.94 -16.87
N PRO A 723 -8.78 -2.87 -17.11
CA PRO A 723 -9.66 -2.33 -16.07
C PRO A 723 -11.02 -3.00 -16.03
N THR A 724 -11.51 -3.22 -14.81
CA THR A 724 -12.81 -3.83 -14.61
C THR A 724 -13.93 -2.84 -14.93
N THR A 725 -15.10 -3.38 -15.31
CA THR A 725 -16.25 -2.58 -15.65
C THR A 725 -17.38 -2.71 -14.63
N TRP A 726 -17.83 -3.94 -14.36
CA TRP A 726 -18.96 -4.18 -13.46
C TRP A 726 -18.68 -5.41 -12.62
N GLY A 727 -19.17 -5.40 -11.38
CA GLY A 727 -19.04 -6.53 -10.49
C GLY A 727 -17.86 -6.41 -9.54
N THR A 728 -17.35 -7.57 -9.14
CA THR A 728 -16.22 -7.66 -8.24
C THR A 728 -15.43 -8.91 -8.55
N ARG A 729 -14.11 -8.76 -8.73
CA ARG A 729 -13.24 -9.88 -9.02
C ARG A 729 -12.19 -10.00 -7.92
N TYR A 730 -11.73 -11.24 -7.71
CA TYR A 730 -10.69 -11.54 -6.73
C TYR A 730 -9.57 -12.30 -7.42
N ILE A 731 -8.33 -11.94 -7.11
CA ILE A 731 -7.15 -12.53 -7.73
C ILE A 731 -6.12 -12.83 -6.65
N MET A 732 -5.56 -14.03 -6.69
CA MET A 732 -4.48 -14.43 -5.78
C MET A 732 -3.16 -14.35 -6.53
N VAL A 733 -2.21 -13.62 -5.95
CA VAL A 733 -0.92 -13.35 -6.58
C VAL A 733 0.20 -13.74 -5.62
N SER A 734 1.23 -14.38 -6.15
CA SER A 734 2.39 -14.75 -5.37
C SER A 734 3.66 -14.48 -6.18
N PHE A 735 4.72 -14.10 -5.47
CA PHE A 735 6.03 -13.88 -6.06
C PHE A 735 6.96 -14.99 -5.56
N VAL A 736 7.59 -15.70 -6.49
CA VAL A 736 8.44 -16.84 -6.17
C VAL A 736 9.83 -16.62 -6.74
N ASP A 737 10.85 -16.93 -5.95
CA ASP A 737 12.26 -16.71 -6.26
C ASP A 737 12.52 -15.25 -6.62
N PRO A 738 12.46 -14.32 -5.65
CA PRO A 738 12.78 -12.92 -5.90
C PRO A 738 14.29 -12.67 -5.86
N PRO B 33 25.88 76.59 -28.63
CA PRO B 33 25.65 75.94 -29.93
C PRO B 33 26.86 76.07 -30.86
N VAL B 34 28.05 75.77 -30.34
CA VAL B 34 29.26 75.86 -31.13
C VAL B 34 29.22 74.83 -32.25
N ASN B 35 29.67 75.24 -33.43
CA ASN B 35 29.66 74.36 -34.60
C ASN B 35 30.61 73.20 -34.38
N PRO B 36 30.23 71.96 -34.74
CA PRO B 36 31.16 70.84 -34.64
C PRO B 36 32.30 70.89 -35.64
N GLU B 37 32.38 71.93 -36.47
CA GLU B 37 33.41 72.05 -37.50
C GLU B 37 34.63 72.81 -37.03
N LYS B 38 34.63 73.31 -35.79
CA LYS B 38 35.72 74.12 -35.26
C LYS B 38 36.64 73.33 -34.35
N LEU B 39 36.58 72.01 -34.38
CA LEU B 39 37.39 71.16 -33.52
C LEU B 39 38.31 70.30 -34.36
N LEU B 40 39.60 70.30 -34.01
CA LEU B 40 40.62 69.63 -34.81
C LEU B 40 41.51 68.85 -33.85
N VAL B 41 41.33 67.52 -33.83
CA VAL B 41 42.12 66.66 -32.96
C VAL B 41 43.43 66.33 -33.67
N ILE B 42 44.53 66.82 -33.11
CA ILE B 42 45.86 66.54 -33.65
C ILE B 42 46.54 65.57 -32.70
N THR B 43 47.22 64.58 -33.27
CA THR B 43 47.97 63.60 -32.51
C THR B 43 49.43 63.70 -32.90
N VAL B 44 50.25 62.82 -32.33
CA VAL B 44 51.63 62.67 -32.76
C VAL B 44 51.97 61.19 -32.75
N ALA B 45 52.40 60.67 -33.90
CA ALA B 45 52.62 59.23 -34.06
C ALA B 45 53.67 59.03 -35.13
N THR B 46 54.77 58.37 -34.78
CA THR B 46 55.85 58.18 -35.73
C THR B 46 55.51 57.09 -36.74
N ALA B 47 55.32 55.86 -36.27
CA ALA B 47 54.98 54.72 -37.11
C ALA B 47 53.47 54.54 -37.17
N GLU B 48 53.05 53.40 -37.71
CA GLU B 48 51.65 52.96 -37.63
C GLU B 48 51.66 51.57 -37.03
N THR B 49 51.67 51.52 -35.70
CA THR B 49 51.46 50.28 -34.98
C THR B 49 49.96 50.01 -34.88
N GLU B 50 49.58 48.99 -34.10
CA GLU B 50 48.17 48.63 -34.02
C GLU B 50 47.38 49.60 -33.15
N GLY B 51 48.03 50.22 -32.16
CA GLY B 51 47.34 51.17 -31.31
C GLY B 51 46.90 52.42 -32.06
N TYR B 52 47.75 52.92 -32.96
CA TYR B 52 47.37 54.07 -33.76
C TYR B 52 46.16 53.76 -34.62
N LEU B 53 46.12 52.57 -35.22
CA LEU B 53 44.96 52.20 -36.02
C LEU B 53 43.71 52.05 -35.16
N ARG B 54 43.87 51.54 -33.94
CA ARG B 54 42.74 51.47 -33.02
C ARG B 54 42.19 52.86 -32.73
N PHE B 55 43.07 53.81 -32.42
CA PHE B 55 42.62 55.17 -32.15
C PHE B 55 41.96 55.78 -33.37
N LEU B 56 42.52 55.54 -34.56
CA LEU B 56 41.95 56.09 -35.79
C LEU B 56 40.55 55.54 -36.05
N ARG B 57 40.35 54.24 -35.85
CA ARG B 57 39.02 53.67 -36.05
C ARG B 57 38.03 54.23 -35.04
N SER B 58 38.45 54.35 -33.78
CA SER B 58 37.55 54.85 -32.75
C SER B 58 37.23 56.32 -32.96
N ALA B 59 38.16 57.07 -33.57
CA ALA B 59 37.88 58.47 -33.87
C ALA B 59 37.00 58.62 -35.10
N GLU B 60 37.21 57.76 -36.10
CA GLU B 60 36.43 57.85 -37.33
C GLU B 60 35.00 57.35 -37.14
N PHE B 61 34.76 56.54 -36.12
CA PHE B 61 33.37 56.15 -35.84
C PHE B 61 32.51 57.35 -35.48
N PHE B 62 33.12 58.42 -34.95
CA PHE B 62 32.39 59.59 -34.48
C PHE B 62 32.52 60.81 -35.39
N ASN B 63 33.24 60.70 -36.51
CA ASN B 63 33.40 61.78 -37.47
C ASN B 63 34.15 62.98 -36.87
N TYR B 64 35.29 62.68 -36.28
CA TYR B 64 36.28 63.71 -35.97
C TYR B 64 37.17 63.94 -37.18
N THR B 65 37.96 65.02 -37.13
CA THR B 65 38.93 65.35 -38.16
C THR B 65 40.30 65.22 -37.52
N VAL B 66 40.98 64.12 -37.81
CA VAL B 66 42.27 63.82 -37.21
C VAL B 66 43.39 64.25 -38.17
N ARG B 67 44.29 65.09 -37.67
CA ARG B 67 45.46 65.53 -38.43
C ARG B 67 46.70 65.14 -37.64
N THR B 68 47.43 64.15 -38.16
CA THR B 68 48.59 63.62 -37.46
C THR B 68 49.80 64.54 -37.68
N LEU B 69 50.86 64.31 -36.90
CA LEU B 69 52.07 65.08 -37.00
C LEU B 69 53.28 64.15 -37.00
N GLY B 70 54.21 64.41 -37.91
CA GLY B 70 55.44 63.63 -37.97
C GLY B 70 55.23 62.18 -38.35
N LEU B 71 54.39 61.91 -39.33
CA LEU B 71 54.11 60.54 -39.78
C LEU B 71 55.27 60.07 -40.65
N GLY B 72 56.25 59.42 -40.02
CA GLY B 72 57.35 58.85 -40.77
C GLY B 72 58.72 59.18 -40.22
N GLU B 73 58.84 60.31 -39.52
CA GLU B 73 60.12 60.72 -38.98
C GLU B 73 60.57 59.75 -37.89
N GLU B 74 61.80 59.93 -37.43
CA GLU B 74 62.40 59.06 -36.43
C GLU B 74 62.18 59.67 -35.04
N TRP B 75 61.92 58.80 -34.07
CA TRP B 75 61.64 59.27 -32.71
C TRP B 75 62.93 59.77 -32.07
N ARG B 76 63.17 61.08 -32.18
CA ARG B 76 64.39 61.70 -31.70
C ARG B 76 64.33 62.07 -30.21
N GLY B 77 63.44 61.44 -29.46
CA GLY B 77 63.38 61.66 -28.03
C GLY B 77 64.24 60.64 -27.29
N GLY B 78 63.59 59.79 -26.51
CA GLY B 78 64.30 58.74 -25.79
C GLY B 78 63.41 57.58 -25.41
N ASP B 79 63.60 57.05 -24.21
CA ASP B 79 62.70 56.02 -23.70
C ASP B 79 61.29 56.56 -23.60
N VAL B 80 60.30 55.68 -23.84
CA VAL B 80 58.92 56.12 -23.96
C VAL B 80 58.46 56.80 -22.67
N ALA B 81 58.41 56.05 -21.57
CA ALA B 81 58.10 56.62 -20.27
C ALA B 81 58.92 56.01 -19.14
N ARG B 82 60.09 55.44 -19.47
CA ARG B 82 60.90 54.78 -18.44
C ARG B 82 61.26 55.75 -17.32
N THR B 83 62.07 56.76 -17.64
CA THR B 83 62.36 57.84 -16.70
C THR B 83 61.85 59.18 -17.18
N VAL B 84 62.29 59.63 -18.35
CA VAL B 84 61.92 60.94 -18.90
C VAL B 84 61.79 60.82 -20.41
N GLY B 85 61.44 61.92 -21.07
CA GLY B 85 61.42 61.96 -22.51
C GLY B 85 60.30 62.87 -23.01
N GLY B 86 59.92 62.64 -24.27
CA GLY B 86 58.81 63.35 -24.86
C GLY B 86 59.06 64.80 -25.19
N GLY B 87 60.32 65.21 -25.36
CA GLY B 87 60.60 66.58 -25.69
C GLY B 87 60.32 66.98 -27.12
N GLN B 88 60.19 66.01 -28.02
CA GLN B 88 59.97 66.29 -29.43
C GLN B 88 58.58 66.82 -29.71
N LYS B 89 57.55 66.23 -29.09
CA LYS B 89 56.18 66.54 -29.48
C LYS B 89 55.84 68.01 -29.26
N VAL B 90 56.37 68.63 -28.21
CA VAL B 90 56.12 70.05 -28.01
C VAL B 90 56.77 70.86 -29.14
N ARG B 91 57.93 70.42 -29.63
CA ARG B 91 58.57 71.11 -30.74
C ARG B 91 57.78 70.98 -32.04
N TRP B 92 57.28 69.78 -32.32
CA TRP B 92 56.44 69.60 -33.51
C TRP B 92 55.15 70.41 -33.40
N LEU B 93 54.56 70.45 -32.21
CA LEU B 93 53.38 71.30 -31.99
C LEU B 93 53.73 72.77 -32.23
N LYS B 94 54.89 73.21 -31.75
CA LYS B 94 55.32 74.59 -32.00
C LYS B 94 55.43 74.86 -33.49
N LYS B 95 56.07 73.97 -34.23
CA LYS B 95 56.25 74.19 -35.66
C LYS B 95 54.91 74.18 -36.39
N GLU B 96 53.96 73.40 -35.91
CA GLU B 96 52.66 73.33 -36.57
C GLU B 96 51.80 74.56 -36.25
N MET B 97 51.93 75.10 -35.03
CA MET B 97 50.97 76.08 -34.55
C MET B 97 51.11 77.46 -35.18
N GLU B 98 52.18 77.71 -35.94
CA GLU B 98 52.28 79.01 -36.59
C GLU B 98 51.17 79.24 -37.61
N LYS B 99 50.68 78.18 -38.25
CA LYS B 99 49.58 78.30 -39.19
C LYS B 99 48.27 78.73 -38.54
N TYR B 100 48.15 78.57 -37.22
CA TYR B 100 46.90 78.80 -36.51
C TYR B 100 47.04 79.90 -35.47
N ALA B 101 48.14 80.64 -35.47
CA ALA B 101 48.46 81.59 -34.40
C ALA B 101 47.52 82.79 -34.36
N ASP B 102 46.73 83.02 -35.40
CA ASP B 102 45.84 84.18 -35.44
C ASP B 102 44.38 83.80 -35.25
N ARG B 103 43.97 82.59 -35.63
CA ARG B 103 42.57 82.22 -35.64
C ARG B 103 42.03 82.13 -34.22
N GLU B 104 40.78 82.57 -34.04
CA GLU B 104 40.12 82.55 -32.74
C GLU B 104 38.88 81.67 -32.72
N ASP B 105 38.25 81.45 -33.87
CA ASP B 105 36.98 80.75 -33.96
C ASP B 105 37.13 79.24 -34.05
N MET B 106 38.26 78.66 -33.65
CA MET B 106 38.46 77.22 -33.76
C MET B 106 39.13 76.70 -32.50
N ILE B 107 38.76 75.49 -32.11
CA ILE B 107 39.23 74.84 -30.89
C ILE B 107 40.05 73.62 -31.29
N ILE B 108 41.25 73.50 -30.72
CA ILE B 108 42.16 72.41 -31.04
C ILE B 108 42.33 71.54 -29.81
N MET B 109 42.31 70.23 -30.01
CA MET B 109 42.44 69.25 -28.95
C MET B 109 43.67 68.39 -29.23
N PHE B 110 44.46 68.13 -28.20
CA PHE B 110 45.72 67.43 -28.32
C PHE B 110 45.70 66.19 -27.44
N VAL B 111 46.00 65.04 -28.04
CA VAL B 111 46.03 63.77 -27.33
C VAL B 111 47.14 62.91 -27.92
N ASP B 112 47.90 62.25 -27.06
CA ASP B 112 48.83 61.23 -27.53
C ASP B 112 48.02 60.06 -28.09
N SER B 113 48.61 59.34 -29.04
CA SER B 113 47.83 58.49 -29.92
C SER B 113 48.24 57.02 -29.93
N TYR B 114 49.02 56.56 -28.96
CA TYR B 114 49.38 55.14 -28.96
C TYR B 114 48.57 54.33 -27.96
N ASP B 115 48.00 54.98 -26.95
CA ASP B 115 47.23 54.32 -25.91
C ASP B 115 45.98 55.12 -25.57
N VAL B 116 45.23 55.56 -26.59
CA VAL B 116 44.04 56.38 -26.37
C VAL B 116 42.90 55.87 -27.24
N ILE B 117 41.70 55.81 -26.66
CA ILE B 117 40.48 55.54 -27.39
C ILE B 117 39.45 56.59 -27.01
N LEU B 118 38.73 57.10 -28.01
CA LEU B 118 37.69 58.10 -27.76
C LEU B 118 36.35 57.42 -27.50
N ALA B 119 35.76 57.72 -26.35
CA ALA B 119 34.52 57.09 -25.94
C ALA B 119 33.28 57.94 -26.19
N GLY B 120 33.42 59.11 -26.80
CA GLY B 120 32.27 60.00 -26.95
C GLY B 120 32.13 60.66 -28.31
N SER B 121 31.49 61.81 -28.35
CA SER B 121 31.09 62.48 -29.58
C SER B 121 31.49 63.93 -29.57
N PRO B 122 31.62 64.56 -30.76
CA PRO B 122 32.14 65.94 -30.78
C PRO B 122 31.21 66.96 -30.14
N THR B 123 29.89 66.87 -30.38
CA THR B 123 28.98 67.87 -29.84
C THR B 123 28.97 67.84 -28.32
N GLU B 124 28.95 66.64 -27.73
CA GLU B 124 28.97 66.55 -26.27
C GLU B 124 30.26 67.12 -25.70
N LEU B 125 31.40 66.83 -26.34
CA LEU B 125 32.66 67.36 -25.87
C LEU B 125 32.70 68.88 -25.95
N LEU B 126 32.18 69.45 -27.05
CA LEU B 126 32.13 70.90 -27.17
C LEU B 126 31.24 71.51 -26.11
N LYS B 127 30.09 70.89 -25.85
CA LYS B 127 29.17 71.41 -24.82
C LYS B 127 29.83 71.37 -23.45
N LYS B 128 30.49 70.26 -23.11
CA LYS B 128 31.15 70.16 -21.82
C LYS B 128 32.28 71.18 -21.68
N PHE B 129 33.07 71.37 -22.73
CA PHE B 129 34.14 72.35 -22.69
C PHE B 129 33.59 73.76 -22.51
N VAL B 130 32.52 74.09 -23.22
CA VAL B 130 31.89 75.40 -23.06
C VAL B 130 31.37 75.56 -21.62
N GLN B 131 30.77 74.51 -21.07
CA GLN B 131 30.31 74.56 -19.69
C GLN B 131 31.46 74.82 -18.72
N SER B 132 32.63 74.26 -19.01
CA SER B 132 33.78 74.50 -18.14
C SER B 132 34.15 75.98 -18.11
N GLY B 133 34.17 76.63 -19.26
CA GLY B 133 34.39 78.07 -19.31
C GLY B 133 35.82 78.51 -19.52
N SER B 134 36.77 77.84 -18.88
CA SER B 134 38.16 78.26 -18.94
C SER B 134 38.71 78.05 -20.36
N ARG B 135 39.83 78.70 -20.63
CA ARG B 135 40.42 78.70 -21.96
C ARG B 135 41.41 77.58 -22.21
N LEU B 136 41.79 76.82 -21.18
CA LEU B 136 42.71 75.70 -21.37
C LEU B 136 42.46 74.66 -20.30
N LEU B 137 41.98 73.48 -20.70
CA LEU B 137 41.73 72.37 -19.80
C LEU B 137 42.84 71.34 -19.97
N PHE B 138 43.57 71.07 -18.90
CA PHE B 138 44.57 70.02 -18.90
C PHE B 138 43.94 68.74 -18.34
N SER B 139 44.72 67.68 -18.27
CA SER B 139 44.27 66.41 -17.74
C SER B 139 44.86 66.20 -16.36
N ALA B 140 44.00 65.88 -15.39
CA ALA B 140 44.40 65.77 -14.00
C ALA B 140 44.67 64.31 -13.64
N GLU B 141 45.80 64.06 -13.00
CA GLU B 141 46.16 62.75 -12.48
C GLU B 141 46.39 62.87 -10.98
N SER B 142 46.85 61.78 -10.37
CA SER B 142 46.94 61.72 -8.92
C SER B 142 48.36 61.61 -8.40
N PHE B 143 49.35 61.41 -9.27
CA PHE B 143 50.74 61.31 -8.84
C PHE B 143 51.58 62.40 -9.51
N CYS B 144 52.48 62.99 -8.72
CA CYS B 144 53.45 63.96 -9.23
C CYS B 144 54.64 63.17 -9.76
N TRP B 145 54.57 62.82 -11.04
CA TRP B 145 55.48 61.84 -11.62
C TRP B 145 56.92 62.35 -11.73
N PRO B 146 57.22 63.38 -12.55
CA PRO B 146 58.62 63.66 -12.88
C PRO B 146 59.44 64.14 -11.69
N GLU B 147 58.80 64.88 -10.79
CA GLU B 147 59.48 65.53 -9.68
C GLU B 147 58.50 65.68 -8.51
N TRP B 148 59.04 65.78 -7.30
CA TRP B 148 58.25 65.68 -6.08
C TRP B 148 58.07 66.99 -5.33
N GLY B 149 59.07 67.88 -5.36
CA GLY B 149 59.11 69.01 -4.46
C GLY B 149 57.96 69.98 -4.56
N LEU B 150 57.50 70.29 -5.77
CA LEU B 150 56.46 71.29 -5.98
C LEU B 150 55.07 70.81 -5.57
N ALA B 151 54.96 69.69 -4.85
CA ALA B 151 53.65 69.17 -4.47
C ALA B 151 52.89 70.16 -3.61
N GLU B 152 53.58 70.99 -2.84
CA GLU B 152 52.92 71.95 -1.97
C GLU B 152 52.63 73.28 -2.66
N GLN B 153 53.19 73.53 -3.84
CA GLN B 153 52.90 74.77 -4.55
C GLN B 153 51.57 74.73 -5.29
N TYR B 154 50.99 73.55 -5.48
CA TYR B 154 49.73 73.44 -6.20
C TYR B 154 48.58 74.01 -5.39
N PRO B 155 47.50 74.41 -6.05
CA PRO B 155 46.29 74.81 -5.32
C PRO B 155 45.70 73.62 -4.58
N GLU B 156 44.96 73.91 -3.51
CA GLU B 156 44.28 72.87 -2.75
C GLU B 156 42.92 72.59 -3.36
N VAL B 157 42.61 71.31 -3.52
CA VAL B 157 41.35 70.87 -4.11
C VAL B 157 40.72 69.86 -3.14
N GLY B 158 39.43 70.06 -2.85
CA GLY B 158 38.73 69.23 -1.88
C GLY B 158 38.74 67.74 -2.15
N THR B 159 38.16 67.32 -3.27
CA THR B 159 37.91 65.91 -3.54
C THR B 159 38.59 65.39 -4.80
N GLY B 160 38.58 66.16 -5.88
CA GLY B 160 39.04 65.67 -7.16
C GLY B 160 40.55 65.46 -7.18
N LYS B 161 41.01 64.95 -8.33
CA LYS B 161 42.44 64.79 -8.55
C LYS B 161 43.12 66.14 -8.57
N ARG B 162 44.34 66.17 -8.05
CA ARG B 162 45.00 67.44 -7.70
C ARG B 162 46.01 67.91 -8.73
N PHE B 163 46.94 67.06 -9.16
CA PHE B 163 48.08 67.49 -9.95
C PHE B 163 47.68 67.65 -11.42
N LEU B 164 48.68 67.87 -12.28
CA LEU B 164 48.50 68.06 -13.71
C LEU B 164 49.27 67.00 -14.46
N ASN B 165 48.65 66.44 -15.50
CA ASN B 165 49.29 65.48 -16.38
C ASN B 165 49.15 65.98 -17.81
N SER B 166 50.27 66.01 -18.54
CA SER B 166 50.32 66.64 -19.85
C SER B 166 50.13 65.64 -20.99
N GLY B 167 49.32 64.62 -20.78
CA GLY B 167 49.00 63.70 -21.86
C GLY B 167 47.88 64.19 -22.75
N GLY B 168 47.31 65.35 -22.46
CA GLY B 168 46.24 65.88 -23.28
C GLY B 168 45.75 67.23 -22.78
N PHE B 169 45.22 68.05 -23.67
CA PHE B 169 44.65 69.33 -23.30
C PHE B 169 43.83 69.88 -24.45
N ILE B 170 42.91 70.80 -24.14
CA ILE B 170 42.00 71.39 -25.11
C ILE B 170 41.83 72.87 -24.77
N GLY B 171 41.75 73.71 -25.80
CA GLY B 171 41.57 75.13 -25.56
C GLY B 171 41.55 75.89 -26.86
N PHE B 172 41.58 77.21 -26.73
CA PHE B 172 41.52 78.09 -27.90
C PHE B 172 42.89 78.25 -28.54
N ALA B 173 42.88 78.60 -29.82
CA ALA B 173 44.11 78.61 -30.61
C ALA B 173 45.11 79.64 -30.13
N THR B 174 44.65 80.86 -29.82
CA THR B 174 45.58 81.91 -29.42
C THR B 174 46.29 81.55 -28.12
N THR B 175 45.54 81.04 -27.14
CA THR B 175 46.15 80.66 -25.87
C THR B 175 47.12 79.50 -26.06
N ILE B 176 46.78 78.53 -26.92
CA ILE B 176 47.67 77.41 -27.13
C ILE B 176 48.96 77.88 -27.80
N HIS B 177 48.86 78.82 -28.76
CA HIS B 177 50.06 79.35 -29.40
C HIS B 177 50.93 80.10 -28.40
N GLN B 178 50.29 80.91 -27.55
CA GLN B 178 51.03 81.65 -26.54
C GLN B 178 51.74 80.71 -25.58
N ILE B 179 51.07 79.63 -25.18
CA ILE B 179 51.64 78.73 -24.18
C ILE B 179 52.70 77.83 -24.80
N VAL B 180 52.67 77.61 -26.12
CA VAL B 180 53.68 76.76 -26.73
C VAL B 180 54.90 77.54 -27.21
N ARG B 181 54.75 78.83 -27.53
CA ARG B 181 55.85 79.60 -28.07
C ARG B 181 57.10 79.60 -27.20
N GLN B 182 56.96 79.53 -25.88
CA GLN B 182 58.07 79.71 -24.96
C GLN B 182 58.95 78.46 -24.80
N TRP B 183 58.90 77.52 -25.74
CA TRP B 183 59.72 76.32 -25.65
C TRP B 183 61.04 76.54 -26.38
N LYS B 184 62.15 76.59 -25.64
CA LYS B 184 63.50 76.53 -26.23
C LYS B 184 64.35 75.67 -25.31
N TYR B 185 64.44 74.39 -25.63
CA TYR B 185 65.23 73.44 -24.85
C TYR B 185 65.80 72.39 -25.80
N LYS B 186 66.56 71.45 -25.24
CA LYS B 186 67.05 70.35 -26.04
C LYS B 186 65.90 69.39 -26.36
N ASP B 187 66.11 68.59 -27.41
CA ASP B 187 65.08 67.67 -27.87
C ASP B 187 64.78 66.57 -26.86
N ASP B 188 65.78 66.11 -26.11
CA ASP B 188 65.62 64.97 -25.22
C ASP B 188 65.26 65.37 -23.79
N ASP B 189 65.02 66.66 -23.54
CA ASP B 189 64.56 67.06 -22.22
C ASP B 189 63.12 66.61 -22.00
N ASP B 190 62.74 66.52 -20.72
CA ASP B 190 61.39 66.08 -20.39
C ASP B 190 60.37 67.12 -20.81
N ASP B 191 59.10 66.70 -20.80
CA ASP B 191 58.01 67.52 -21.35
C ASP B 191 57.02 67.96 -20.28
N GLN B 192 56.60 67.05 -19.40
CA GLN B 192 55.54 67.38 -18.46
C GLN B 192 55.99 68.42 -17.43
N LEU B 193 57.24 68.39 -17.02
CA LEU B 193 57.69 69.32 -15.98
C LEU B 193 57.78 70.76 -16.49
N PHE B 194 58.01 70.95 -17.79
CA PHE B 194 57.95 72.30 -18.35
C PHE B 194 56.53 72.85 -18.26
N TYR B 195 55.54 72.03 -18.62
CA TYR B 195 54.15 72.44 -18.44
C TYR B 195 53.85 72.74 -16.99
N THR B 196 54.39 71.92 -16.08
CA THR B 196 54.23 72.16 -14.65
C THR B 196 54.77 73.53 -14.25
N ARG B 197 56.00 73.84 -14.64
CA ARG B 197 56.62 75.10 -14.25
C ARG B 197 55.87 76.28 -14.83
N LEU B 198 55.35 76.15 -16.06
CA LEU B 198 54.62 77.26 -16.65
C LEU B 198 53.26 77.44 -15.97
N TYR B 199 52.58 76.34 -15.64
CA TYR B 199 51.28 76.46 -15.00
C TYR B 199 51.39 76.95 -13.55
N LEU B 200 52.52 76.70 -12.90
CA LEU B 200 52.61 77.01 -11.47
C LEU B 200 52.65 78.49 -11.18
N ASP B 201 52.92 79.33 -12.18
CA ASP B 201 52.99 80.77 -11.94
C ASP B 201 51.58 81.31 -11.69
N PRO B 202 51.36 82.08 -10.63
CA PRO B 202 50.02 82.60 -10.34
C PRO B 202 49.54 83.60 -11.39
N GLY B 203 50.40 84.56 -11.72
CA GLY B 203 50.02 85.58 -12.68
C GLY B 203 49.72 85.02 -14.06
N LEU B 204 50.57 84.10 -14.53
CA LEU B 204 50.35 83.47 -15.83
C LEU B 204 49.08 82.64 -15.82
N ARG B 205 48.85 81.90 -14.74
CA ARG B 205 47.63 81.10 -14.61
C ARG B 205 46.39 81.98 -14.69
N GLU B 206 46.37 83.09 -13.95
CA GLU B 206 45.22 83.98 -13.98
C GLU B 206 45.06 84.62 -15.36
N LYS B 207 46.18 85.01 -15.99
CA LYS B 207 46.11 85.78 -17.23
C LYS B 207 45.63 84.93 -18.39
N LEU B 208 46.12 83.69 -18.50
CA LEU B 208 45.70 82.83 -19.61
C LEU B 208 44.57 81.87 -19.23
N SER B 209 44.06 81.93 -18.01
CA SER B 209 42.91 81.14 -17.59
C SER B 209 43.15 79.64 -17.78
N LEU B 210 44.28 79.17 -17.25
CA LEU B 210 44.52 77.74 -17.22
C LEU B 210 43.65 77.09 -16.15
N ASN B 211 43.35 75.80 -16.34
CA ASN B 211 42.43 75.11 -15.45
C ASN B 211 42.67 73.62 -15.57
N LEU B 212 42.36 72.91 -14.50
CA LEU B 212 42.51 71.46 -14.45
C LEU B 212 41.13 70.81 -14.36
N ASP B 213 40.94 69.74 -15.13
CA ASP B 213 39.71 68.96 -15.07
C ASP B 213 39.80 68.07 -13.83
N HIS B 214 39.47 68.67 -12.68
CA HIS B 214 39.71 68.02 -11.40
C HIS B 214 38.88 66.75 -11.25
N LYS B 215 37.63 66.79 -11.68
CA LYS B 215 36.67 65.74 -11.38
C LYS B 215 36.49 64.75 -12.53
N SER B 216 37.42 64.73 -13.49
CA SER B 216 37.39 63.80 -14.62
C SER B 216 36.07 63.89 -15.37
N ARG B 217 35.81 65.09 -15.91
CA ARG B 217 34.62 65.31 -16.71
C ARG B 217 34.86 65.14 -18.20
N ILE B 218 36.09 65.29 -18.66
CA ILE B 218 36.42 65.06 -20.07
C ILE B 218 37.53 64.02 -20.18
N PHE B 219 38.69 64.32 -19.60
CA PHE B 219 39.85 63.45 -19.69
C PHE B 219 39.85 62.47 -18.51
N GLN B 220 40.12 61.20 -18.80
CA GLN B 220 40.23 60.17 -17.77
C GLN B 220 41.62 59.54 -17.85
N ASN B 221 42.17 59.19 -16.70
CA ASN B 221 43.47 58.51 -16.62
C ASN B 221 43.33 57.22 -15.82
N LEU B 222 43.84 56.14 -16.37
CA LEU B 222 43.68 54.80 -15.78
C LEU B 222 44.85 54.42 -14.90
N ASN B 223 45.52 55.40 -14.29
CA ASN B 223 46.61 55.15 -13.36
C ASN B 223 46.26 55.81 -12.03
N GLY B 224 45.96 55.00 -11.02
CA GLY B 224 45.52 55.49 -9.74
C GLY B 224 44.03 55.64 -9.59
N ALA B 225 43.27 55.46 -10.67
CA ALA B 225 41.82 55.50 -10.65
C ALA B 225 41.25 54.23 -11.24
N LEU B 226 41.85 53.09 -10.91
CA LEU B 226 41.48 51.82 -11.49
C LEU B 226 40.42 51.08 -10.68
N ASP B 227 39.84 51.72 -9.68
CA ASP B 227 38.73 51.17 -8.92
C ASP B 227 37.43 51.93 -9.20
N GLU B 228 37.48 52.97 -10.00
CA GLU B 228 36.34 53.86 -10.22
C GLU B 228 35.85 53.84 -11.66
N VAL B 229 36.09 52.77 -12.40
CA VAL B 229 35.65 52.66 -13.78
C VAL B 229 34.79 51.42 -13.92
N VAL B 230 33.60 51.59 -14.50
CA VAL B 230 32.70 50.48 -14.80
C VAL B 230 32.20 50.65 -16.22
N LEU B 231 32.20 49.55 -16.98
CA LEU B 231 31.62 49.59 -18.31
C LEU B 231 30.11 49.70 -18.21
N LYS B 232 29.53 50.61 -18.99
CA LYS B 232 28.09 50.83 -19.00
C LYS B 232 27.58 50.48 -20.39
N PHE B 233 27.03 49.28 -20.53
CA PHE B 233 26.59 48.82 -21.83
C PHE B 233 25.36 49.61 -22.29
N ASP B 234 25.10 49.56 -23.59
CA ASP B 234 24.03 50.32 -24.19
C ASP B 234 23.52 49.53 -25.41
N ARG B 235 22.52 50.09 -26.09
CA ARG B 235 21.82 49.32 -27.11
C ARG B 235 22.74 48.95 -28.27
N ASN B 236 23.41 49.95 -28.86
CA ASN B 236 24.33 49.68 -29.96
C ASN B 236 25.63 50.46 -29.81
N ARG B 237 26.13 50.61 -28.60
CA ARG B 237 27.43 51.19 -28.33
C ARG B 237 27.76 50.94 -26.87
N VAL B 238 28.99 51.22 -26.50
CA VAL B 238 29.46 51.01 -25.13
C VAL B 238 30.11 52.30 -24.65
N ARG B 239 30.19 52.47 -23.33
CA ARG B 239 30.71 53.67 -22.73
C ARG B 239 31.16 53.35 -21.31
N ILE B 240 32.18 54.06 -20.84
CA ILE B 240 32.65 53.86 -19.48
C ILE B 240 32.01 54.92 -18.58
N ARG B 241 31.95 54.61 -17.29
CA ARG B 241 31.29 55.45 -16.31
C ARG B 241 32.16 55.55 -15.08
N ASN B 242 32.36 56.77 -14.58
CA ASN B 242 33.15 57.01 -13.38
C ASN B 242 32.19 57.07 -12.20
N VAL B 243 32.25 56.06 -11.32
CA VAL B 243 31.28 55.95 -10.24
C VAL B 243 31.47 57.05 -9.20
N ALA B 244 32.71 57.32 -8.80
CA ALA B 244 32.94 58.17 -7.63
C ALA B 244 32.51 59.62 -7.84
N TYR B 245 32.29 60.05 -9.09
CA TYR B 245 31.76 61.38 -9.36
C TYR B 245 30.54 61.36 -10.26
N ASP B 246 30.14 60.20 -10.77
CA ASP B 246 29.01 60.05 -11.69
C ASP B 246 29.18 60.95 -12.92
N THR B 247 30.34 60.89 -13.54
CA THR B 247 30.63 61.61 -14.77
C THR B 247 31.08 60.63 -15.84
N LEU B 248 30.75 60.93 -17.08
CA LEU B 248 31.07 60.05 -18.19
C LEU B 248 32.19 60.65 -19.02
N PRO B 249 33.40 60.14 -18.95
CA PRO B 249 34.52 60.77 -19.65
C PRO B 249 34.42 60.60 -21.15
N ILE B 250 35.21 61.41 -21.86
CA ILE B 250 35.22 61.42 -23.32
C ILE B 250 36.47 60.77 -23.87
N VAL B 251 37.62 61.04 -23.29
CA VAL B 251 38.90 60.51 -23.76
C VAL B 251 39.47 59.65 -22.65
N VAL B 252 39.55 58.36 -22.89
CA VAL B 252 40.19 57.43 -21.96
C VAL B 252 41.64 57.31 -22.36
N HIS B 253 42.55 57.61 -21.43
CA HIS B 253 43.97 57.67 -21.74
C HIS B 253 44.71 56.81 -20.72
N GLY B 254 44.87 55.52 -21.03
CA GLY B 254 45.48 54.58 -20.12
C GLY B 254 46.98 54.75 -20.03
N ASN B 255 47.42 55.83 -19.41
CA ASN B 255 48.85 56.14 -19.35
C ASN B 255 49.56 55.24 -18.34
N GLY B 256 50.85 55.51 -18.16
CA GLY B 256 51.64 54.83 -17.16
C GLY B 256 51.86 53.37 -17.47
N PRO B 257 52.20 52.59 -16.44
CA PRO B 257 52.37 51.13 -16.60
C PRO B 257 51.05 50.37 -16.47
N THR B 258 50.01 50.84 -17.14
CA THR B 258 48.68 50.26 -17.07
C THR B 258 48.09 50.11 -18.46
N LYS B 259 48.88 49.60 -19.40
CA LYS B 259 48.40 49.41 -20.76
C LYS B 259 47.52 48.18 -20.93
N LEU B 260 47.72 47.14 -20.12
CA LEU B 260 46.93 45.92 -20.28
C LEU B 260 45.45 46.19 -20.04
N GLN B 261 45.12 47.01 -19.04
CA GLN B 261 43.72 47.32 -18.78
C GLN B 261 43.10 48.09 -19.94
N LEU B 262 43.89 48.93 -20.60
CA LEU B 262 43.37 49.59 -21.79
C LEU B 262 43.20 48.61 -22.94
N ASN B 263 44.08 47.62 -23.05
CA ASN B 263 43.88 46.58 -24.05
C ASN B 263 42.58 45.84 -23.79
N TYR B 264 42.25 45.57 -22.53
CA TYR B 264 40.93 45.04 -22.19
C TYR B 264 39.83 45.97 -22.66
N LEU B 265 39.89 47.25 -22.28
CA LEU B 265 38.84 48.18 -22.67
C LEU B 265 38.70 48.32 -24.18
N GLY B 266 39.74 48.02 -24.95
CA GLY B 266 39.68 48.21 -26.39
C GLY B 266 38.68 47.31 -27.09
N ASN B 267 38.35 46.15 -26.51
CA ASN B 267 37.38 45.27 -27.12
C ASN B 267 36.00 45.91 -27.20
N TYR B 268 35.56 46.59 -26.15
CA TYR B 268 34.19 47.09 -26.08
C TYR B 268 34.07 48.55 -26.51
N VAL B 269 34.76 49.46 -25.84
CA VAL B 269 34.62 50.89 -26.14
C VAL B 269 35.28 51.18 -27.49
N PRO B 270 34.59 51.82 -28.43
CA PRO B 270 33.20 52.31 -28.34
C PRO B 270 32.21 51.55 -29.21
N ASN B 271 32.64 50.67 -30.12
CA ASN B 271 31.68 49.95 -30.94
C ASN B 271 32.10 48.49 -31.14
N GLY B 272 33.11 48.03 -30.41
CA GLY B 272 33.68 46.72 -30.63
C GLY B 272 32.73 45.56 -30.42
N TRP B 273 31.90 45.65 -29.39
CA TRP B 273 30.94 44.59 -29.08
C TRP B 273 29.69 45.22 -28.47
N THR B 274 28.54 44.94 -29.08
CA THR B 274 27.29 45.49 -28.62
C THR B 274 26.31 44.36 -28.39
N PRO B 275 25.47 44.46 -27.36
CA PRO B 275 24.67 43.30 -26.94
C PRO B 275 23.74 42.76 -28.01
N GLU B 276 23.28 43.58 -28.96
CA GLU B 276 22.41 43.11 -30.02
C GLU B 276 23.15 43.02 -31.36
N GLY B 277 24.46 43.21 -31.37
CA GLY B 277 25.14 43.41 -32.63
C GLY B 277 26.34 42.53 -32.89
N GLY B 278 26.30 41.28 -32.47
CA GLY B 278 27.35 40.34 -32.83
C GLY B 278 28.71 40.84 -32.36
N CYS B 279 29.52 41.30 -33.32
CA CYS B 279 30.71 42.06 -33.03
C CYS B 279 30.66 43.33 -33.87
N GLY B 280 31.70 44.16 -33.74
CA GLY B 280 31.72 45.41 -34.47
C GLY B 280 32.74 45.36 -35.58
N PHE B 281 33.90 45.95 -35.35
CA PHE B 281 35.04 45.76 -36.27
C PHE B 281 35.61 44.38 -35.99
N CYS B 282 34.92 43.36 -36.51
CA CYS B 282 35.37 42.00 -36.33
C CYS B 282 35.29 41.12 -37.57
N ASN B 283 34.48 41.48 -38.57
CA ASN B 283 34.42 40.70 -39.80
C ASN B 283 34.88 41.43 -41.05
N GLN B 284 35.63 42.53 -40.92
CA GLN B 284 36.21 43.21 -42.08
C GLN B 284 37.68 42.83 -42.26
N ASP B 285 38.28 43.34 -43.34
CA ASP B 285 39.66 43.05 -43.69
C ASP B 285 39.91 41.54 -43.81
N ARG B 286 39.26 40.94 -44.80
CA ARG B 286 39.44 39.53 -45.11
C ARG B 286 40.07 39.40 -46.49
N ARG B 287 41.18 38.66 -46.57
CA ARG B 287 41.83 38.49 -47.87
C ARG B 287 40.94 37.72 -48.83
N THR B 288 40.24 36.70 -48.33
CA THR B 288 39.42 35.76 -49.11
C THR B 288 40.29 34.95 -50.05
N LEU B 289 41.61 35.08 -49.93
CA LEU B 289 42.58 34.30 -50.69
C LEU B 289 42.31 34.29 -52.19
N PRO B 290 42.28 35.47 -52.83
CA PRO B 290 41.95 35.51 -54.26
C PRO B 290 43.16 35.39 -55.17
N GLY B 291 42.94 35.48 -56.48
CA GLY B 291 44.00 35.54 -57.46
C GLY B 291 44.17 34.27 -58.27
N GLY B 292 44.08 33.12 -57.63
CA GLY B 292 44.27 31.85 -58.32
C GLY B 292 45.67 31.32 -58.22
N GLN B 293 46.62 32.19 -57.88
CA GLN B 293 47.98 31.73 -57.63
C GLN B 293 47.98 30.84 -56.39
N PRO B 294 48.94 29.94 -56.23
CA PRO B 294 48.95 29.06 -55.06
C PRO B 294 48.97 29.87 -53.78
N PRO B 295 48.17 29.50 -52.79
CA PRO B 295 47.99 30.34 -51.60
C PRO B 295 49.30 30.57 -50.88
N PRO B 296 49.39 31.61 -50.04
CA PRO B 296 50.69 32.00 -49.46
C PRO B 296 51.32 30.86 -48.68
N ARG B 297 52.64 30.78 -48.77
CA ARG B 297 53.39 29.66 -48.21
C ARG B 297 53.26 29.62 -46.69
N VAL B 298 53.62 28.48 -46.13
CA VAL B 298 53.51 28.23 -44.70
C VAL B 298 54.75 27.45 -44.28
N PHE B 299 55.15 27.59 -43.02
CA PHE B 299 56.24 26.81 -42.46
C PHE B 299 55.68 26.25 -41.16
N LEU B 300 55.06 25.09 -41.24
CA LEU B 300 54.43 24.49 -40.08
C LEU B 300 55.49 23.92 -39.15
N ALA B 301 55.09 23.66 -37.91
CA ALA B 301 55.99 23.04 -36.95
C ALA B 301 55.14 22.31 -35.92
N VAL B 302 55.64 21.19 -35.41
CA VAL B 302 54.94 20.38 -34.42
C VAL B 302 55.94 19.97 -33.36
N PHE B 303 55.64 20.24 -32.10
CA PHE B 303 56.55 19.97 -31.00
C PHE B 303 55.92 18.94 -30.07
N VAL B 304 56.71 17.94 -29.70
CA VAL B 304 56.27 16.86 -28.83
C VAL B 304 57.21 16.82 -27.63
N GLU B 305 56.82 17.48 -26.55
CA GLU B 305 57.68 17.59 -25.37
C GLU B 305 57.12 16.85 -24.16
N GLN B 306 56.09 16.04 -24.34
CA GLN B 306 55.51 15.24 -23.28
C GLN B 306 55.15 13.88 -23.86
N PRO B 307 55.00 12.86 -23.03
CA PRO B 307 54.31 11.65 -23.49
C PRO B 307 52.83 11.96 -23.64
N THR B 308 52.37 12.13 -24.87
CA THR B 308 51.00 12.56 -25.10
C THR B 308 50.14 11.39 -25.57
N PRO B 309 48.86 11.37 -25.21
CA PRO B 309 47.98 10.30 -25.67
C PRO B 309 47.57 10.49 -27.13
N PHE B 310 47.22 9.37 -27.75
CA PHE B 310 46.58 9.36 -29.06
C PHE B 310 47.46 10.00 -30.14
N LEU B 311 48.78 9.90 -29.96
CA LEU B 311 49.71 10.53 -30.91
C LEU B 311 49.58 10.01 -32.33
N PRO B 312 49.47 8.70 -32.59
CA PRO B 312 49.34 8.26 -33.99
C PRO B 312 48.15 8.89 -34.70
N ARG B 313 47.02 9.07 -34.02
CA ARG B 313 45.90 9.75 -34.64
C ARG B 313 46.25 11.18 -35.02
N PHE B 314 47.06 11.85 -34.19
CA PHE B 314 47.52 13.19 -34.52
C PHE B 314 48.38 13.19 -35.78
N LEU B 315 49.31 12.23 -35.88
CA LEU B 315 50.15 12.16 -37.08
C LEU B 315 49.32 11.85 -38.32
N GLN B 316 48.29 11.01 -38.18
CA GLN B 316 47.40 10.76 -39.31
C GLN B 316 46.64 12.03 -39.69
N ARG B 317 46.13 12.76 -38.68
CA ARG B 317 45.33 13.95 -38.96
C ARG B 317 46.15 15.05 -39.61
N LEU B 318 47.48 15.05 -39.39
CA LEU B 318 48.32 16.04 -40.06
C LEU B 318 48.12 16.04 -41.57
N LEU B 319 47.98 14.87 -42.18
CA LEU B 319 47.79 14.76 -43.63
C LEU B 319 46.48 15.37 -44.12
N LEU B 320 45.50 15.55 -43.26
CA LEU B 320 44.16 15.94 -43.69
C LEU B 320 43.93 17.45 -43.70
N LEU B 321 44.87 18.24 -43.20
CA LEU B 321 44.67 19.69 -43.16
C LEU B 321 44.51 20.24 -44.56
N ASP B 322 43.46 21.05 -44.74
CA ASP B 322 43.06 21.51 -46.08
C ASP B 322 44.02 22.61 -46.51
N TYR B 323 45.07 22.20 -47.21
CA TYR B 323 46.02 23.13 -47.78
C TYR B 323 46.87 22.37 -48.80
N PRO B 324 47.13 22.94 -49.97
CA PRO B 324 47.90 22.22 -51.00
C PRO B 324 49.27 21.81 -50.49
N PRO B 325 49.57 20.52 -50.48
CA PRO B 325 50.78 20.02 -49.83
C PRO B 325 52.07 20.28 -50.60
N ASP B 326 52.03 21.04 -51.68
CA ASP B 326 53.24 21.49 -52.35
C ASP B 326 53.78 22.77 -51.76
N ARG B 327 53.06 23.38 -50.83
CA ARG B 327 53.43 24.66 -50.24
C ARG B 327 53.95 24.56 -48.82
N VAL B 328 53.31 23.77 -47.96
CA VAL B 328 53.65 23.80 -46.54
C VAL B 328 54.93 22.99 -46.32
N THR B 329 55.89 23.60 -45.64
CA THR B 329 57.08 22.92 -45.19
C THR B 329 56.76 22.17 -43.90
N LEU B 330 57.79 21.66 -43.22
CA LEU B 330 57.55 21.04 -41.93
C LEU B 330 58.84 21.04 -41.10
N PHE B 331 58.65 21.00 -39.78
CA PHE B 331 59.73 20.86 -38.82
C PHE B 331 59.10 20.14 -37.63
N LEU B 332 59.34 18.84 -37.53
CA LEU B 332 58.77 18.03 -36.46
C LEU B 332 59.90 17.69 -35.50
N HIS B 333 59.64 17.85 -34.20
CA HIS B 333 60.64 17.64 -33.18
C HIS B 333 60.06 16.73 -32.11
N ASN B 334 60.90 15.84 -31.59
CA ASN B 334 60.52 14.96 -30.49
C ASN B 334 61.56 15.11 -29.39
N ASN B 335 61.12 15.01 -28.14
CA ASN B 335 62.02 15.03 -27.01
C ASN B 335 61.65 13.96 -25.98
N GLU B 336 60.93 12.92 -26.40
CA GLU B 336 60.63 11.77 -25.57
C GLU B 336 60.96 10.50 -26.35
N VAL B 337 61.82 9.67 -25.78
CA VAL B 337 62.25 8.45 -26.46
C VAL B 337 61.07 7.50 -26.64
N PHE B 338 60.12 7.50 -25.70
CA PHE B 338 58.98 6.60 -25.77
C PHE B 338 58.16 6.82 -27.04
N HIS B 339 58.21 8.01 -27.62
CA HIS B 339 57.40 8.34 -28.79
C HIS B 339 58.11 8.06 -30.11
N GLU B 340 59.33 7.55 -30.08
CA GLU B 340 60.07 7.32 -31.32
C GLU B 340 59.41 6.33 -32.28
N PRO B 341 58.91 5.16 -31.84
CA PRO B 341 58.37 4.21 -32.83
C PRO B 341 57.22 4.74 -33.66
N HIS B 342 56.33 5.54 -33.05
CA HIS B 342 55.19 6.06 -33.80
C HIS B 342 55.64 6.99 -34.92
N ILE B 343 56.57 7.89 -34.61
CA ILE B 343 57.09 8.79 -35.64
C ILE B 343 57.84 8.01 -36.71
N ALA B 344 58.63 7.01 -36.28
CA ALA B 344 59.38 6.20 -37.25
C ALA B 344 58.44 5.50 -38.22
N ASP B 345 57.35 4.94 -37.72
CA ASP B 345 56.38 4.29 -38.59
C ASP B 345 55.70 5.31 -39.51
N SER B 346 55.25 6.44 -38.95
CA SER B 346 54.44 7.38 -39.70
C SER B 346 55.25 8.28 -40.62
N TRP B 347 56.57 8.22 -40.58
CA TRP B 347 57.38 9.17 -41.34
C TRP B 347 57.19 9.10 -42.86
N PRO B 348 57.27 7.94 -43.52
CA PRO B 348 57.33 7.95 -45.00
C PRO B 348 56.14 8.63 -45.69
N GLN B 349 54.93 8.46 -45.16
CA GLN B 349 53.77 9.11 -45.78
C GLN B 349 53.90 10.62 -45.73
N LEU B 350 54.31 11.16 -44.58
CA LEU B 350 54.56 12.60 -44.50
C LEU B 350 55.68 13.01 -45.45
N GLN B 351 56.74 12.20 -45.53
CA GLN B 351 57.86 12.51 -46.42
C GLN B 351 57.39 12.61 -47.87
N ASP B 352 56.46 11.76 -48.28
CA ASP B 352 55.90 11.87 -49.63
C ASP B 352 54.94 13.04 -49.75
N HIS B 353 54.26 13.41 -48.66
CA HIS B 353 53.11 14.31 -48.76
C HIS B 353 53.53 15.77 -48.78
N PHE B 354 54.39 16.18 -47.84
CA PHE B 354 54.69 17.60 -47.69
C PHE B 354 55.91 17.99 -48.52
N SER B 355 55.92 19.27 -48.94
CA SER B 355 56.86 19.72 -49.96
C SER B 355 58.31 19.52 -49.54
N ALA B 356 58.64 19.74 -48.26
CA ALA B 356 59.99 19.56 -47.78
C ALA B 356 59.94 19.36 -46.28
N VAL B 357 60.48 18.24 -45.82
CA VAL B 357 60.27 17.80 -44.45
C VAL B 357 61.62 17.71 -43.76
N LYS B 358 61.60 17.87 -42.43
CA LYS B 358 62.80 17.75 -41.62
C LYS B 358 62.40 17.38 -40.20
N LEU B 359 63.01 16.32 -39.69
CA LEU B 359 62.78 15.87 -38.33
C LEU B 359 63.97 16.27 -37.47
N VAL B 360 63.80 16.19 -36.15
CA VAL B 360 64.87 16.36 -35.20
C VAL B 360 64.67 15.34 -34.09
N GLY B 361 65.65 14.48 -33.88
CA GLY B 361 65.54 13.44 -32.89
C GLY B 361 65.75 13.97 -31.49
N PRO B 362 65.49 13.12 -30.51
CA PRO B 362 65.66 13.53 -29.11
C PRO B 362 67.08 13.39 -28.60
N GLU B 363 68.00 12.79 -29.38
CA GLU B 363 69.36 12.61 -28.92
C GLU B 363 70.14 13.92 -28.90
N GLU B 364 69.67 14.95 -29.58
CA GLU B 364 70.39 16.21 -29.64
C GLU B 364 70.43 16.95 -28.32
N ALA B 365 69.64 16.52 -27.33
CA ALA B 365 69.64 17.12 -25.99
C ALA B 365 69.30 18.61 -26.05
N LEU B 366 68.26 18.93 -26.80
CA LEU B 366 67.83 20.31 -27.02
C LEU B 366 66.77 20.68 -25.99
N SER B 367 66.95 21.84 -25.35
CA SER B 367 65.92 22.36 -24.48
C SER B 367 64.73 22.86 -25.31
N PRO B 368 63.52 22.85 -24.74
CA PRO B 368 62.36 23.33 -25.51
C PRO B 368 62.52 24.75 -26.00
N GLY B 369 63.08 25.63 -25.17
CA GLY B 369 63.36 26.98 -25.62
C GLY B 369 64.29 26.99 -26.82
N GLU B 370 65.34 26.18 -26.78
CA GLU B 370 66.28 26.11 -27.89
C GLU B 370 65.60 25.61 -29.16
N ALA B 371 64.73 24.61 -29.04
CA ALA B 371 64.06 24.07 -30.22
C ALA B 371 63.11 25.09 -30.83
N ARG B 372 62.28 25.75 -30.01
CA ARG B 372 61.38 26.76 -30.54
C ARG B 372 62.16 27.92 -31.16
N ASP B 373 63.25 28.32 -30.51
CA ASP B 373 64.11 29.37 -31.03
C ASP B 373 64.69 28.97 -32.38
N MET B 374 65.12 27.72 -32.52
CA MET B 374 65.63 27.26 -33.81
C MET B 374 64.54 27.28 -34.88
N ALA B 375 63.31 26.92 -34.50
CA ALA B 375 62.23 26.92 -35.49
C ALA B 375 62.01 28.33 -36.05
N MET B 376 61.89 29.32 -35.16
CA MET B 376 61.71 30.68 -35.65
C MET B 376 62.99 31.23 -36.28
N ASP B 377 64.15 30.70 -35.91
CA ASP B 377 65.37 31.05 -36.64
C ASP B 377 65.30 30.56 -38.07
N LEU B 378 64.79 29.34 -38.28
CA LEU B 378 64.64 28.81 -39.63
C LEU B 378 63.67 29.65 -40.45
N CYS B 379 62.52 30.02 -39.88
CA CYS B 379 61.58 30.77 -40.71
C CYS B 379 61.91 32.26 -40.77
N ARG B 380 62.78 32.75 -39.89
CA ARG B 380 63.15 34.17 -39.95
C ARG B 380 64.06 34.45 -41.13
N GLN B 381 65.07 33.60 -41.34
CA GLN B 381 66.12 33.91 -42.31
C GLN B 381 65.75 33.48 -43.73
N ASP B 382 64.57 32.92 -43.93
CA ASP B 382 64.11 32.55 -45.26
C ASP B 382 63.20 33.62 -45.85
N PRO B 383 63.56 34.21 -46.99
CA PRO B 383 62.70 35.21 -47.61
C PRO B 383 61.37 34.69 -48.12
N GLU B 384 61.03 33.43 -47.80
CA GLU B 384 59.87 32.78 -48.41
C GLU B 384 58.72 32.48 -47.47
N CYS B 385 58.96 31.87 -46.31
CA CYS B 385 57.83 31.51 -45.45
C CYS B 385 57.10 32.76 -45.01
N GLU B 386 55.92 32.99 -45.60
CA GLU B 386 55.10 34.16 -45.33
C GLU B 386 54.35 34.05 -44.01
N PHE B 387 54.26 32.85 -43.45
CA PHE B 387 53.58 32.65 -42.19
C PHE B 387 54.43 31.70 -41.34
N TYR B 388 53.92 31.34 -40.18
CA TYR B 388 54.59 30.39 -39.29
C TYR B 388 53.51 29.87 -38.36
N PHE B 389 53.15 28.60 -38.49
CA PHE B 389 51.99 28.06 -37.81
C PHE B 389 52.46 26.99 -36.84
N SER B 390 52.86 27.41 -35.65
CA SER B 390 53.25 26.44 -34.64
C SER B 390 52.03 25.66 -34.19
N LEU B 391 52.27 24.43 -33.73
CA LEU B 391 51.18 23.59 -33.25
C LEU B 391 51.78 22.54 -32.31
N ASP B 392 51.52 22.69 -31.03
CA ASP B 392 51.94 21.68 -30.07
C ASP B 392 51.13 20.40 -30.31
N ALA B 393 51.70 19.27 -29.91
CA ALA B 393 51.03 18.00 -30.15
C ALA B 393 50.04 17.64 -29.06
N ASP B 394 49.53 18.63 -28.33
CA ASP B 394 48.56 18.42 -27.27
C ASP B 394 47.25 19.11 -27.64
N ALA B 395 47.05 19.27 -28.95
CA ALA B 395 45.94 20.08 -29.45
C ALA B 395 45.23 19.29 -30.56
N VAL B 396 44.05 18.77 -30.25
CA VAL B 396 43.24 18.05 -31.22
C VAL B 396 42.43 19.05 -32.01
N LEU B 397 42.49 18.97 -33.35
CA LEU B 397 41.82 19.91 -34.23
C LEU B 397 40.61 19.21 -34.85
N THR B 398 39.43 19.45 -34.27
CA THR B 398 38.20 18.92 -34.84
C THR B 398 37.94 19.53 -36.21
N ASN B 399 37.94 20.86 -36.29
CA ASN B 399 37.73 21.53 -37.56
C ASN B 399 38.97 21.40 -38.43
N LEU B 400 38.76 21.15 -39.72
CA LEU B 400 39.86 20.99 -40.67
C LEU B 400 40.05 22.21 -41.56
N GLN B 401 39.36 23.31 -41.27
CA GLN B 401 39.52 24.55 -42.02
C GLN B 401 40.17 25.65 -41.19
N THR B 402 40.76 25.31 -40.05
CA THR B 402 41.29 26.33 -39.15
C THR B 402 42.31 27.22 -39.86
N LEU B 403 43.26 26.60 -40.57
CA LEU B 403 44.37 27.37 -41.14
C LEU B 403 43.87 28.41 -42.13
N ARG B 404 42.91 28.04 -42.98
CA ARG B 404 42.40 28.98 -43.97
C ARG B 404 41.70 30.17 -43.31
N ILE B 405 40.89 29.91 -42.29
CA ILE B 405 40.19 31.01 -41.62
C ILE B 405 41.18 31.95 -40.94
N LEU B 406 42.16 31.38 -40.24
CA LEU B 406 43.15 32.23 -39.57
C LEU B 406 43.96 33.03 -40.58
N ILE B 407 44.31 32.43 -41.72
CA ILE B 407 45.01 33.17 -42.77
C ILE B 407 44.14 34.32 -43.28
N GLU B 408 42.84 34.08 -43.41
CA GLU B 408 41.95 35.10 -43.94
C GLU B 408 41.59 36.17 -42.92
N GLU B 409 41.87 35.95 -41.63
CA GLU B 409 41.59 36.99 -40.64
C GLU B 409 42.52 38.19 -40.77
N ASN B 410 43.75 37.98 -41.23
CA ASN B 410 44.69 39.07 -41.52
C ASN B 410 44.99 39.89 -40.27
N ARG B 411 45.59 39.24 -39.28
CA ARG B 411 46.14 39.93 -38.12
C ARG B 411 47.58 39.45 -37.87
N LYS B 412 48.32 40.23 -37.08
CA LYS B 412 49.74 39.97 -36.95
C LYS B 412 50.01 38.70 -36.15
N VAL B 413 49.29 38.51 -35.05
CA VAL B 413 49.34 37.26 -34.30
C VAL B 413 47.92 36.88 -33.94
N ILE B 414 47.56 35.61 -34.14
CA ILE B 414 46.19 35.17 -33.91
C ILE B 414 46.22 33.68 -33.58
N ALA B 415 45.33 33.26 -32.70
CA ALA B 415 45.37 31.92 -32.13
C ALA B 415 43.95 31.45 -31.85
N PRO B 416 43.56 30.30 -32.37
CA PRO B 416 42.23 29.77 -32.11
C PRO B 416 42.06 29.43 -30.63
N MET B 417 40.80 29.29 -30.23
CA MET B 417 40.45 29.07 -28.82
C MET B 417 40.05 27.62 -28.64
N LEU B 418 41.03 26.77 -28.40
CA LEU B 418 40.79 25.39 -28.00
C LEU B 418 40.44 25.37 -26.52
N SER B 419 39.54 24.47 -26.12
CA SER B 419 39.09 24.38 -24.75
C SER B 419 39.05 22.92 -24.32
N ARG B 420 39.30 22.67 -23.04
CA ARG B 420 39.19 21.31 -22.53
C ARG B 420 37.73 20.86 -22.54
N HIS B 421 37.53 19.60 -22.19
CA HIS B 421 36.19 19.01 -22.25
C HIS B 421 35.51 19.13 -20.89
N GLY B 422 34.42 19.89 -20.86
CA GLY B 422 33.62 20.04 -19.66
C GLY B 422 34.33 20.71 -18.50
N LYS B 423 35.08 21.78 -18.77
CA LYS B 423 35.76 22.52 -17.71
C LYS B 423 36.02 23.93 -18.21
N LEU B 424 36.84 24.67 -17.46
CA LEU B 424 37.10 26.08 -17.74
C LEU B 424 38.54 26.33 -18.17
N TRP B 425 39.36 25.29 -18.29
CA TRP B 425 40.69 25.47 -18.84
C TRP B 425 40.60 25.90 -20.30
N SER B 426 41.62 26.62 -20.75
CA SER B 426 41.72 27.06 -22.13
C SER B 426 43.17 27.44 -22.39
N ASN B 427 43.42 28.11 -23.51
CA ASN B 427 44.77 28.53 -23.85
C ASN B 427 44.88 30.05 -23.97
N PHE B 428 44.25 30.78 -23.03
CA PHE B 428 44.48 32.21 -22.93
C PHE B 428 44.23 32.64 -21.49
N TRP B 429 44.68 33.85 -21.17
CA TRP B 429 44.51 34.43 -19.85
C TRP B 429 43.71 35.71 -19.94
N GLY B 430 42.71 35.84 -19.07
CA GLY B 430 41.90 37.05 -19.06
C GLY B 430 42.69 38.28 -18.65
N ALA B 431 43.49 38.17 -17.60
CA ALA B 431 44.19 39.32 -17.05
C ALA B 431 45.41 38.85 -16.29
N LEU B 432 46.36 39.77 -16.08
CA LEU B 432 47.63 39.46 -15.47
C LEU B 432 47.69 40.04 -14.06
N SER B 433 48.07 39.21 -13.11
CA SER B 433 48.33 39.63 -11.74
C SER B 433 49.68 40.33 -11.66
N PRO B 434 49.97 41.01 -10.55
CA PRO B 434 51.30 41.63 -10.40
C PRO B 434 52.43 40.62 -10.48
N ASP B 435 52.17 39.37 -10.15
CA ASP B 435 53.19 38.32 -10.20
C ASP B 435 53.48 37.87 -11.64
N GLU B 436 52.78 38.42 -12.63
CA GLU B 436 52.82 37.94 -14.01
C GLU B 436 52.33 36.50 -14.09
N TYR B 437 51.40 36.13 -13.21
CA TYR B 437 50.74 34.84 -13.23
C TYR B 437 49.25 35.05 -13.36
N TYR B 438 48.52 33.95 -13.54
CA TYR B 438 47.12 34.01 -13.90
C TYR B 438 46.32 34.75 -12.84
N ALA B 439 45.44 35.64 -13.30
CA ALA B 439 44.49 36.36 -12.46
C ALA B 439 43.19 36.48 -13.23
N ARG B 440 42.17 35.75 -12.78
CA ARG B 440 40.94 35.63 -13.54
C ARG B 440 40.29 36.98 -13.79
N SER B 441 39.88 37.20 -15.03
CA SER B 441 39.22 38.43 -15.42
C SER B 441 37.72 38.31 -15.17
N GLU B 442 36.97 39.30 -15.68
CA GLU B 442 35.55 39.36 -15.37
C GLU B 442 34.71 38.61 -16.39
N ASP B 443 35.14 38.61 -17.66
CA ASP B 443 34.38 37.99 -18.73
C ASP B 443 35.03 36.71 -19.24
N TYR B 444 35.92 36.11 -18.45
CA TYR B 444 36.59 34.88 -18.87
C TYR B 444 35.59 33.75 -19.03
N VAL B 445 34.66 33.60 -18.08
CA VAL B 445 33.68 32.53 -18.16
C VAL B 445 32.72 32.79 -19.32
N GLU B 446 32.46 34.07 -19.62
CA GLU B 446 31.63 34.38 -20.77
C GLU B 446 32.32 33.96 -22.06
N LEU B 447 33.63 34.16 -22.15
CA LEU B 447 34.37 33.86 -23.38
C LEU B 447 34.56 32.36 -23.57
N VAL B 448 34.82 31.63 -22.49
CA VAL B 448 35.14 30.21 -22.61
C VAL B 448 33.94 29.43 -23.16
N GLN B 449 32.74 29.72 -22.69
CA GLN B 449 31.54 28.98 -23.08
C GLN B 449 30.81 29.59 -24.26
N ARG B 450 31.45 30.50 -25.01
CA ARG B 450 30.95 30.97 -26.29
C ARG B 450 29.58 31.64 -26.18
N LYS B 451 29.43 32.54 -25.20
CA LYS B 451 28.29 33.44 -25.22
C LYS B 451 28.61 34.77 -25.87
N ARG B 452 29.87 34.99 -26.24
CA ARG B 452 30.33 36.13 -26.99
C ARG B 452 31.27 35.64 -28.08
N VAL B 453 31.08 36.12 -29.30
CA VAL B 453 31.84 35.65 -30.45
C VAL B 453 32.48 36.83 -31.15
N GLY B 454 33.76 36.70 -31.48
CA GLY B 454 34.45 37.78 -32.17
C GLY B 454 35.95 37.52 -32.21
N VAL B 455 36.70 38.59 -32.42
CA VAL B 455 38.15 38.54 -32.46
C VAL B 455 38.65 39.42 -31.32
N TRP B 456 39.00 38.80 -30.20
CA TRP B 456 39.29 39.49 -28.96
C TRP B 456 40.73 40.00 -28.94
N ASN B 457 41.16 40.44 -27.76
CA ASN B 457 42.51 40.90 -27.51
C ASN B 457 42.92 40.41 -26.13
N VAL B 458 44.02 39.68 -26.06
CA VAL B 458 44.31 38.86 -24.89
C VAL B 458 45.82 38.83 -24.64
N PRO B 459 46.28 38.89 -23.38
CA PRO B 459 47.71 39.02 -23.12
C PRO B 459 48.49 37.73 -23.02
N TYR B 460 47.94 36.57 -23.39
CA TYR B 460 48.70 35.33 -23.34
C TYR B 460 48.01 34.29 -24.19
N ILE B 461 48.69 33.81 -25.25
CA ILE B 461 48.17 32.75 -26.10
C ILE B 461 49.24 31.66 -26.23
N SER B 462 48.78 30.42 -26.23
CA SER B 462 49.70 29.30 -26.28
C SER B 462 49.04 28.10 -26.95
N GLN B 463 49.87 27.19 -27.42
CA GLN B 463 49.58 25.87 -27.96
C GLN B 463 49.01 25.89 -29.38
N ALA B 464 48.83 27.07 -29.99
CA ALA B 464 48.57 27.20 -31.42
C ALA B 464 48.55 28.67 -31.79
N TYR B 465 49.12 29.05 -32.93
CA TYR B 465 49.01 30.41 -33.43
C TYR B 465 49.58 30.51 -34.83
N VAL B 466 49.32 31.65 -35.48
CA VAL B 466 49.76 31.92 -36.84
C VAL B 466 50.47 33.27 -36.83
N ILE B 467 51.78 33.25 -36.69
CA ILE B 467 52.59 34.46 -36.68
C ILE B 467 52.88 34.89 -38.12
N ARG B 468 52.58 36.14 -38.45
CA ARG B 468 52.91 36.64 -39.77
C ARG B 468 54.42 36.79 -39.92
N GLY B 469 54.90 36.65 -41.15
CA GLY B 469 56.31 36.66 -41.43
C GLY B 469 57.02 37.99 -41.27
N ASP B 470 56.41 39.07 -41.78
CA ASP B 470 57.04 40.37 -41.71
C ASP B 470 57.22 40.83 -40.26
N THR B 471 56.30 40.47 -39.37
CA THR B 471 56.51 40.72 -37.96
C THR B 471 57.74 39.96 -37.45
N LEU B 472 57.94 38.73 -37.94
CA LEU B 472 59.11 37.94 -37.55
C LEU B 472 60.40 38.53 -38.11
N ARG B 473 60.32 39.27 -39.22
CA ARG B 473 61.51 39.74 -39.89
C ARG B 473 61.91 41.16 -39.47
N MET B 474 61.00 42.12 -39.57
CA MET B 474 61.36 43.54 -39.47
C MET B 474 60.81 44.23 -38.22
N GLU B 475 60.25 43.49 -37.26
CA GLU B 475 59.73 44.13 -36.07
C GLU B 475 60.26 43.45 -34.81
N LEU B 476 60.67 42.19 -34.94
CA LEU B 476 61.25 41.43 -33.83
C LEU B 476 62.52 40.76 -34.33
N PRO B 477 63.57 41.55 -34.59
CA PRO B 477 64.76 41.00 -35.25
C PRO B 477 65.69 40.22 -34.35
N GLN B 478 65.49 40.27 -33.03
CA GLN B 478 66.34 39.52 -32.12
C GLN B 478 66.19 38.02 -32.34
N ARG B 479 67.20 37.27 -31.90
CA ARG B 479 67.15 35.81 -32.02
C ARG B 479 66.54 35.15 -30.79
N ASP B 480 67.14 35.35 -29.62
CA ASP B 480 66.71 34.67 -28.40
C ASP B 480 65.43 35.31 -27.89
N VAL B 481 64.30 34.61 -28.00
CA VAL B 481 63.04 35.07 -27.48
C VAL B 481 62.50 34.14 -26.38
N PHE B 482 62.63 32.83 -26.56
CA PHE B 482 62.13 31.89 -25.57
C PHE B 482 63.11 31.64 -24.44
N SER B 483 64.39 31.41 -24.76
CA SER B 483 65.40 31.25 -23.73
C SER B 483 65.87 32.63 -23.28
N GLY B 484 66.83 32.66 -22.36
CA GLY B 484 67.28 33.92 -21.81
C GLY B 484 66.59 34.34 -20.53
N SER B 485 65.73 33.49 -19.96
CA SER B 485 65.10 33.78 -18.69
C SER B 485 64.78 32.46 -17.99
N ASP B 486 64.68 32.54 -16.66
CA ASP B 486 64.43 31.34 -15.87
C ASP B 486 63.01 30.82 -16.03
N THR B 487 62.10 31.65 -16.51
CA THR B 487 60.70 31.26 -16.63
C THR B 487 60.51 30.23 -17.73
N ASP B 488 59.30 29.69 -17.80
CA ASP B 488 58.95 28.76 -18.86
C ASP B 488 58.96 29.50 -20.20
N PRO B 489 59.17 28.79 -21.31
CA PRO B 489 59.28 29.48 -22.60
C PRO B 489 58.04 30.26 -22.98
N ASP B 490 56.85 29.81 -22.58
CA ASP B 490 55.61 30.47 -22.99
C ASP B 490 55.53 31.88 -22.42
N MET B 491 55.75 32.02 -21.12
CA MET B 491 55.72 33.36 -20.52
C MET B 491 56.80 34.26 -21.09
N ALA B 492 57.98 33.71 -21.35
CA ALA B 492 59.04 34.51 -21.95
C ALA B 492 58.62 35.03 -23.32
N PHE B 493 58.05 34.16 -24.15
CA PHE B 493 57.61 34.58 -25.48
C PHE B 493 56.54 35.65 -25.38
N CYS B 494 55.54 35.43 -24.52
CA CYS B 494 54.43 36.37 -24.47
C CYS B 494 54.87 37.72 -23.92
N LYS B 495 55.74 37.74 -22.89
CA LYS B 495 56.24 39.02 -22.42
C LYS B 495 57.09 39.71 -23.47
N SER B 496 57.96 38.96 -24.14
CA SER B 496 58.81 39.55 -25.17
C SER B 496 57.99 40.07 -26.34
N PHE B 497 56.75 39.60 -26.48
CA PHE B 497 55.94 40.11 -27.57
C PHE B 497 54.98 41.20 -27.11
N ARG B 498 54.63 41.23 -25.82
CA ARG B 498 53.74 42.27 -25.32
C ARG B 498 54.51 43.57 -25.10
N ASP B 499 55.75 43.49 -24.62
CA ASP B 499 56.47 44.72 -24.29
C ASP B 499 56.74 45.59 -25.51
N LYS B 500 56.84 44.99 -26.70
CA LYS B 500 57.21 45.71 -27.91
C LYS B 500 56.06 46.53 -28.50
N GLY B 501 54.83 46.25 -28.12
CA GLY B 501 53.69 46.94 -28.68
C GLY B 501 53.00 46.21 -29.82
N ILE B 502 52.72 44.91 -29.66
CA ILE B 502 52.02 44.13 -30.66
C ILE B 502 50.97 43.29 -29.94
N PHE B 503 49.75 43.31 -30.45
CA PHE B 503 48.65 42.62 -29.80
C PHE B 503 48.72 41.12 -30.07
N LEU B 504 48.07 40.35 -29.21
CA LEU B 504 47.96 38.89 -29.35
C LEU B 504 46.48 38.53 -29.39
N HIS B 505 45.88 38.55 -30.58
CA HIS B 505 44.46 38.29 -30.72
C HIS B 505 44.15 36.83 -30.38
N LEU B 506 42.86 36.51 -30.37
CA LEU B 506 42.40 35.14 -30.16
C LEU B 506 40.97 35.03 -30.65
N SER B 507 40.76 34.27 -31.72
CA SER B 507 39.46 34.16 -32.39
C SER B 507 38.73 32.92 -31.94
N ASN B 508 37.43 33.06 -31.68
CA ASN B 508 36.62 31.91 -31.31
C ASN B 508 35.25 31.92 -31.98
N GLN B 509 35.18 32.36 -33.23
CA GLN B 509 33.89 32.39 -33.94
C GLN B 509 33.33 30.98 -34.10
N HIS B 510 34.02 30.12 -34.83
CA HIS B 510 33.60 28.76 -35.06
C HIS B 510 34.03 27.85 -33.90
N GLU B 511 33.90 26.55 -34.10
CA GLU B 511 34.40 25.55 -33.16
C GLU B 511 35.67 24.96 -33.74
N PHE B 512 36.76 25.04 -32.98
CA PHE B 512 38.09 24.76 -33.50
C PHE B 512 38.71 23.49 -32.97
N GLY B 513 38.18 22.91 -31.90
CA GLY B 513 38.77 21.69 -31.38
C GLY B 513 38.72 21.58 -29.87
N ARG B 514 39.72 20.92 -29.29
CA ARG B 514 39.76 20.70 -27.86
C ARG B 514 41.17 20.30 -27.45
N LEU B 515 41.48 20.53 -26.19
CA LEU B 515 42.76 20.13 -25.63
C LEU B 515 42.69 18.71 -25.09
N LEU B 516 43.87 18.16 -24.81
CA LEU B 516 44.00 16.83 -24.24
C LEU B 516 44.55 16.96 -22.83
N ALA B 517 43.96 16.22 -21.90
CA ALA B 517 44.38 16.24 -20.50
C ALA B 517 45.55 15.28 -20.33
N THR B 518 46.77 15.81 -20.36
CA THR B 518 47.99 15.01 -20.26
C THR B 518 48.70 15.19 -18.92
N SER B 519 47.93 15.44 -17.86
CA SER B 519 48.53 15.68 -16.55
C SER B 519 49.18 14.42 -16.00
N ARG B 520 48.40 13.37 -15.80
CA ARG B 520 48.91 12.08 -15.34
C ARG B 520 48.74 11.06 -16.46
N TYR B 521 49.75 10.20 -16.61
CA TYR B 521 49.79 9.30 -17.76
C TYR B 521 50.70 8.12 -17.41
N ASP B 522 50.13 6.92 -17.36
CA ASP B 522 50.88 5.71 -17.02
C ASP B 522 51.37 5.04 -18.30
N THR B 523 52.68 5.12 -18.54
CA THR B 523 53.29 4.60 -19.76
C THR B 523 53.94 3.24 -19.57
N GLU B 524 53.70 2.58 -18.44
CA GLU B 524 54.31 1.27 -18.17
C GLU B 524 53.38 0.13 -18.58
N HIS B 525 52.98 0.11 -19.84
CA HIS B 525 52.09 -0.92 -20.37
C HIS B 525 52.41 -1.14 -21.84
N LEU B 526 51.77 -2.17 -22.41
CA LEU B 526 51.89 -2.39 -23.85
C LEU B 526 51.21 -1.28 -24.62
N HIS B 527 49.95 -1.00 -24.29
CA HIS B 527 49.14 0.01 -24.98
C HIS B 527 48.49 0.87 -23.91
N PRO B 528 49.17 1.93 -23.45
CA PRO B 528 48.61 2.74 -22.36
C PRO B 528 47.34 3.47 -22.72
N ASP B 529 47.02 3.58 -24.01
CA ASP B 529 45.82 4.30 -24.43
C ASP B 529 44.55 3.61 -23.92
N LEU B 530 44.61 2.33 -23.60
CA LEU B 530 43.43 1.62 -23.13
C LEU B 530 43.02 2.07 -21.74
N TRP B 531 43.95 2.63 -20.97
CA TRP B 531 43.67 3.15 -19.64
C TRP B 531 43.14 4.58 -19.68
N GLN B 532 43.04 5.16 -20.88
CA GLN B 532 42.52 6.52 -21.08
C GLN B 532 41.01 6.55 -21.25
N ILE B 533 40.26 6.08 -20.25
CA ILE B 533 38.81 6.25 -20.27
C ILE B 533 38.36 7.29 -19.26
N PHE B 534 39.18 7.58 -18.26
CA PHE B 534 38.80 8.50 -17.18
C PHE B 534 39.31 9.91 -17.39
N ASP B 535 40.26 10.11 -18.31
CA ASP B 535 40.84 11.43 -18.53
C ASP B 535 40.27 12.13 -19.76
N ASN B 536 40.25 11.46 -20.91
CA ASN B 536 39.81 12.05 -22.17
C ASN B 536 38.72 11.16 -22.76
N PRO B 537 37.49 11.25 -22.23
CA PRO B 537 36.44 10.34 -22.70
C PRO B 537 36.12 10.43 -24.18
N VAL B 538 36.08 11.65 -24.74
CA VAL B 538 35.55 11.81 -26.10
C VAL B 538 36.49 11.21 -27.13
N ASP B 539 37.80 11.44 -26.96
CA ASP B 539 38.76 10.92 -27.92
C ASP B 539 38.88 9.40 -27.82
N TRP B 540 38.84 8.87 -26.60
CA TRP B 540 38.78 7.43 -26.41
C TRP B 540 37.58 6.83 -27.13
N LYS B 541 36.39 7.41 -26.91
CA LYS B 541 35.20 6.92 -27.57
C LYS B 541 35.34 6.99 -29.08
N GLU B 542 35.94 8.06 -29.59
CA GLU B 542 36.14 8.19 -31.03
C GLU B 542 37.03 7.10 -31.58
N GLN B 543 38.10 6.75 -30.86
CA GLN B 543 39.03 5.77 -31.41
C GLN B 543 38.57 4.34 -31.26
N TYR B 544 38.01 3.95 -30.11
CA TYR B 544 37.83 2.53 -29.84
C TYR B 544 36.40 2.03 -30.12
N ILE B 545 35.38 2.73 -29.64
CA ILE B 545 34.01 2.27 -29.88
C ILE B 545 33.71 2.28 -31.37
N HIS B 546 33.00 1.24 -31.84
CA HIS B 546 32.64 1.11 -33.24
C HIS B 546 31.95 2.37 -33.75
N GLU B 547 32.12 2.65 -35.05
CA GLU B 547 31.65 3.92 -35.58
C GLU B 547 30.14 3.94 -35.77
N ASN B 548 29.52 2.78 -35.94
CA ASN B 548 28.08 2.70 -36.14
C ASN B 548 27.28 2.67 -34.84
N TYR B 549 27.95 2.72 -33.68
CA TYR B 549 27.24 2.53 -32.41
C TYR B 549 26.21 3.62 -32.18
N SER B 550 26.52 4.88 -32.49
CA SER B 550 25.57 5.96 -32.26
C SER B 550 24.31 5.76 -33.09
N ARG B 551 24.46 5.39 -34.35
CA ARG B 551 23.30 5.12 -35.20
C ARG B 551 22.46 3.97 -34.64
N ALA B 552 23.13 2.89 -34.21
CA ALA B 552 22.40 1.77 -33.64
C ALA B 552 21.69 2.15 -32.35
N LEU B 553 22.23 3.09 -31.60
CA LEU B 553 21.54 3.57 -30.40
C LEU B 553 20.32 4.38 -30.76
N GLU B 554 20.43 5.22 -31.81
CA GLU B 554 19.28 6.05 -32.16
C GLU B 554 18.20 5.29 -32.92
N GLY B 555 18.44 4.03 -33.28
CA GLY B 555 17.36 3.17 -33.72
C GLY B 555 16.92 3.30 -35.16
N GLU B 556 17.82 3.05 -36.11
CA GLU B 556 17.44 3.03 -37.52
C GLU B 556 17.83 1.70 -38.16
N GLY B 557 17.53 0.60 -37.49
CA GLY B 557 17.93 -0.70 -37.97
C GLY B 557 19.20 -1.18 -37.29
N ILE B 558 20.08 -1.84 -38.05
CA ILE B 558 21.36 -2.32 -37.54
C ILE B 558 21.16 -3.32 -36.40
N VAL B 559 20.56 -2.87 -35.29
CA VAL B 559 20.32 -3.79 -34.18
C VAL B 559 19.31 -4.83 -34.62
N GLU B 560 19.76 -6.07 -34.77
CA GLU B 560 18.99 -7.12 -35.42
C GLU B 560 18.28 -7.98 -34.39
N GLN B 561 17.31 -8.77 -34.88
CA GLN B 561 16.58 -9.75 -34.08
C GLN B 561 16.70 -11.11 -34.75
N PRO B 562 17.75 -11.86 -34.43
CA PRO B 562 17.88 -13.20 -35.03
C PRO B 562 16.93 -14.22 -34.44
N CYS B 563 16.68 -14.17 -33.14
CA CYS B 563 15.80 -15.08 -32.44
C CYS B 563 15.07 -14.30 -31.37
N PRO B 564 13.93 -14.83 -30.87
CA PRO B 564 13.14 -14.07 -29.89
C PRO B 564 13.91 -13.62 -28.66
N ASP B 565 13.88 -12.30 -28.42
CA ASP B 565 14.45 -11.69 -27.22
C ASP B 565 15.97 -11.88 -27.11
N VAL B 566 16.65 -11.96 -28.25
CA VAL B 566 18.11 -11.88 -28.28
C VAL B 566 18.47 -10.78 -29.27
N TYR B 567 19.51 -10.02 -28.93
CA TYR B 567 19.81 -8.78 -29.63
C TYR B 567 21.25 -8.79 -30.13
N TRP B 568 21.46 -8.06 -31.22
CA TRP B 568 22.71 -8.13 -31.99
C TRP B 568 23.05 -6.72 -32.46
N PHE B 569 24.03 -6.09 -31.81
CA PHE B 569 24.41 -4.73 -32.09
C PHE B 569 25.93 -4.62 -32.17
N PRO B 570 26.45 -3.60 -32.87
CA PRO B 570 27.90 -3.35 -32.84
C PRO B 570 28.31 -2.42 -31.71
N LEU B 571 29.29 -2.87 -30.92
CA LEU B 571 29.81 -2.09 -29.82
C LEU B 571 31.25 -1.66 -30.03
N LEU B 572 32.15 -2.60 -30.27
CA LEU B 572 33.58 -2.34 -30.36
C LEU B 572 34.03 -2.26 -31.80
N SER B 573 35.05 -1.46 -32.05
CA SER B 573 35.66 -1.41 -33.38
C SER B 573 36.80 -2.42 -33.45
N GLU B 574 37.51 -2.43 -34.58
CA GLU B 574 38.57 -3.42 -34.78
C GLU B 574 39.75 -3.18 -33.86
N GLN B 575 40.12 -1.91 -33.67
CA GLN B 575 41.32 -1.57 -32.93
C GLN B 575 41.24 -2.07 -31.49
N MET B 576 40.10 -1.82 -30.84
CA MET B 576 39.94 -2.23 -29.45
C MET B 576 40.02 -3.74 -29.32
N CYS B 577 39.36 -4.47 -30.22
CA CYS B 577 39.41 -5.92 -30.19
C CYS B 577 40.84 -6.43 -30.29
N ASP B 578 41.58 -5.95 -31.31
CA ASP B 578 42.94 -6.43 -31.51
C ASP B 578 43.81 -6.10 -30.30
N GLU B 579 43.73 -4.86 -29.80
CA GLU B 579 44.61 -4.45 -28.72
C GLU B 579 44.30 -5.20 -27.43
N LEU B 580 43.01 -5.38 -27.13
CA LEU B 580 42.64 -6.13 -25.93
C LEU B 580 43.10 -7.58 -26.02
N VAL B 581 42.94 -8.21 -27.19
CA VAL B 581 43.36 -9.60 -27.33
C VAL B 581 44.86 -9.73 -27.13
N ALA B 582 45.64 -8.85 -27.77
CA ALA B 582 47.09 -8.92 -27.62
C ALA B 582 47.51 -8.67 -26.17
N GLU B 583 46.90 -7.68 -25.52
CA GLU B 583 47.25 -7.38 -24.14
C GLU B 583 46.93 -8.55 -23.22
N MET B 584 45.77 -9.17 -23.40
CA MET B 584 45.41 -10.32 -22.59
C MET B 584 46.37 -11.47 -22.82
N GLU B 585 46.78 -11.69 -24.07
CA GLU B 585 47.75 -12.74 -24.35
C GLU B 585 49.08 -12.48 -23.65
N HIS B 586 49.50 -11.22 -23.58
CA HIS B 586 50.79 -10.89 -22.97
C HIS B 586 50.88 -11.36 -21.52
N TYR B 587 49.76 -11.42 -20.81
CA TYR B 587 49.80 -11.83 -19.41
C TYR B 587 50.32 -13.26 -19.26
N GLY B 588 49.89 -14.15 -20.14
CA GLY B 588 50.41 -15.52 -20.16
C GLY B 588 49.67 -16.57 -19.37
N GLN B 589 49.44 -16.31 -18.07
CA GLN B 589 48.86 -17.31 -17.17
C GLN B 589 47.38 -17.49 -17.50
N TRP B 590 47.12 -18.37 -18.45
CA TRP B 590 45.76 -18.71 -18.84
C TRP B 590 45.14 -19.71 -17.86
N SER B 591 44.80 -19.24 -16.66
CA SER B 591 44.26 -20.11 -15.63
C SER B 591 42.84 -20.53 -15.96
N GLY B 592 42.26 -21.34 -15.08
CA GLY B 592 40.90 -21.82 -15.23
C GLY B 592 40.87 -23.26 -15.75
N GLY B 593 39.85 -23.99 -15.31
CA GLY B 593 39.70 -25.37 -15.74
C GLY B 593 39.25 -26.31 -14.63
N ARG B 594 39.53 -25.94 -13.39
CA ARG B 594 39.16 -26.75 -12.23
C ARG B 594 37.74 -26.42 -11.78
N HIS B 595 37.01 -27.45 -11.36
CA HIS B 595 35.65 -27.23 -10.87
C HIS B 595 35.63 -26.37 -9.62
N GLU B 596 36.62 -26.52 -8.76
CA GLU B 596 36.75 -25.66 -7.59
C GLU B 596 37.52 -24.40 -7.95
N ASP B 597 37.30 -23.34 -7.16
CA ASP B 597 37.81 -22.03 -7.49
C ASP B 597 38.48 -21.39 -6.29
N SER B 598 39.43 -20.50 -6.57
CA SER B 598 40.00 -19.59 -5.59
C SER B 598 39.58 -18.15 -5.81
N ARG B 599 39.02 -17.83 -6.98
CA ARG B 599 38.58 -16.47 -7.29
C ARG B 599 37.14 -16.20 -6.87
N LEU B 600 36.42 -17.20 -6.39
CA LEU B 600 35.03 -17.06 -5.99
C LEU B 600 34.89 -17.29 -4.48
N ALA B 601 34.04 -16.47 -3.84
CA ALA B 601 33.82 -16.62 -2.41
C ALA B 601 33.22 -17.97 -2.06
N GLY B 602 32.26 -18.45 -2.87
CA GLY B 602 31.70 -19.77 -2.64
C GLY B 602 32.72 -20.87 -2.80
N GLY B 603 33.68 -20.69 -3.71
CA GLY B 603 34.76 -21.62 -3.91
C GLY B 603 34.42 -22.84 -4.74
N TYR B 604 33.34 -22.81 -5.53
CA TYR B 604 33.00 -23.93 -6.39
C TYR B 604 32.28 -23.40 -7.61
N GLU B 605 32.85 -23.62 -8.79
CA GLU B 605 32.22 -23.23 -10.03
C GLU B 605 31.31 -24.33 -10.54
N ASN B 606 30.11 -23.96 -10.97
CA ASN B 606 29.21 -24.91 -11.61
C ASN B 606 29.81 -25.43 -12.91
N VAL B 607 30.48 -24.56 -13.65
CA VAL B 607 31.13 -24.93 -14.91
C VAL B 607 32.40 -24.12 -15.09
N PRO B 608 33.56 -24.77 -15.17
CA PRO B 608 34.82 -24.03 -15.33
C PRO B 608 35.25 -23.91 -16.78
N THR B 609 35.98 -22.83 -17.06
CA THR B 609 36.57 -22.57 -18.36
C THR B 609 37.92 -21.91 -18.16
N VAL B 610 38.76 -21.98 -19.19
CA VAL B 610 40.04 -21.27 -19.17
C VAL B 610 39.73 -19.78 -19.27
N ASP B 611 39.92 -19.06 -18.17
CA ASP B 611 39.49 -17.67 -18.08
C ASP B 611 40.55 -16.84 -17.41
N ILE B 612 40.53 -15.54 -17.73
CA ILE B 612 41.33 -14.53 -17.03
C ILE B 612 40.37 -13.46 -16.57
N HIS B 613 40.09 -13.43 -15.26
CA HIS B 613 39.26 -12.37 -14.71
C HIS B 613 39.98 -11.03 -14.85
N MET B 614 39.22 -9.98 -15.15
CA MET B 614 39.82 -8.66 -15.34
C MET B 614 40.55 -8.18 -14.10
N LYS B 615 40.13 -8.61 -12.91
CA LYS B 615 40.77 -8.13 -11.69
C LYS B 615 42.24 -8.51 -11.63
N GLN B 616 42.65 -9.54 -12.39
CA GLN B 616 44.05 -9.94 -12.38
C GLN B 616 44.94 -8.90 -13.08
N VAL B 617 44.41 -8.27 -14.13
CA VAL B 617 45.23 -7.37 -14.94
C VAL B 617 45.01 -5.90 -14.62
N GLY B 618 44.08 -5.59 -13.72
CA GLY B 618 43.81 -4.22 -13.35
C GLY B 618 42.75 -3.52 -14.18
N TYR B 619 42.30 -4.13 -15.26
CA TYR B 619 41.33 -3.60 -16.20
C TYR B 619 39.88 -3.61 -15.65
N GLU B 620 39.64 -3.90 -14.38
CA GLU B 620 38.28 -4.04 -13.89
C GLU B 620 37.53 -2.72 -13.93
N ASP B 621 38.13 -1.66 -13.38
CA ASP B 621 37.40 -0.39 -13.24
C ASP B 621 37.05 0.22 -14.59
N GLN B 622 37.98 0.16 -15.55
CA GLN B 622 37.70 0.68 -16.87
C GLN B 622 36.57 -0.08 -17.53
N TRP B 623 36.52 -1.40 -17.35
CA TRP B 623 35.41 -2.16 -17.91
C TRP B 623 34.09 -1.80 -17.26
N LEU B 624 34.08 -1.62 -15.93
CA LEU B 624 32.84 -1.18 -15.27
C LEU B 624 32.39 0.17 -15.81
N GLN B 625 33.35 1.07 -16.06
CA GLN B 625 33.00 2.38 -16.60
C GLN B 625 32.43 2.28 -18.01
N LEU B 626 33.03 1.43 -18.85
CA LEU B 626 32.49 1.22 -20.19
C LEU B 626 31.06 0.68 -20.13
N LEU B 627 30.83 -0.31 -19.27
CA LEU B 627 29.49 -0.87 -19.13
C LEU B 627 28.51 0.20 -18.65
N ARG B 628 28.93 1.04 -17.70
CA ARG B 628 28.04 2.07 -17.18
C ARG B 628 27.72 3.12 -18.22
N THR B 629 28.67 3.46 -19.09
CA THR B 629 28.43 4.59 -19.98
C THR B 629 27.76 4.17 -21.29
N TYR B 630 28.23 3.09 -21.92
CA TYR B 630 27.80 2.80 -23.28
C TYR B 630 26.69 1.75 -23.36
N VAL B 631 26.85 0.60 -22.70
CA VAL B 631 25.87 -0.47 -22.83
C VAL B 631 24.56 -0.09 -22.16
N GLY B 632 24.62 0.46 -20.95
CA GLY B 632 23.45 0.79 -20.16
C GLY B 632 22.33 1.52 -20.88
N PRO B 633 22.63 2.69 -21.46
CA PRO B 633 21.56 3.45 -22.14
C PRO B 633 20.87 2.67 -23.25
N MET B 634 21.60 1.88 -24.03
CA MET B 634 20.97 1.18 -25.13
C MET B 634 20.03 0.10 -24.63
N THR B 635 20.49 -0.73 -23.69
CA THR B 635 19.60 -1.75 -23.13
C THR B 635 18.45 -1.11 -22.37
N GLU B 636 18.62 0.13 -21.92
CA GLU B 636 17.47 0.91 -21.48
C GLU B 636 16.51 1.16 -22.63
N SER B 637 17.03 1.48 -23.82
CA SER B 637 16.17 1.74 -24.96
C SER B 637 15.46 0.49 -25.44
N LEU B 638 16.09 -0.68 -25.32
CA LEU B 638 15.58 -1.87 -25.98
C LEU B 638 14.46 -2.54 -25.18
N PHE B 639 14.56 -2.50 -23.85
CA PHE B 639 13.54 -3.05 -22.96
C PHE B 639 12.86 -1.91 -22.20
N PRO B 640 11.86 -1.25 -22.78
CA PRO B 640 11.22 -0.12 -22.09
C PRO B 640 10.60 -0.55 -20.77
N GLY B 641 10.60 0.37 -19.81
CA GLY B 641 10.11 0.08 -18.48
C GLY B 641 11.13 -0.54 -17.55
N TYR B 642 12.35 -0.78 -18.03
CA TYR B 642 13.43 -1.30 -17.21
C TYR B 642 14.37 -0.15 -16.83
N HIS B 643 14.99 -0.26 -15.66
CA HIS B 643 15.97 0.72 -15.20
C HIS B 643 17.19 -0.01 -14.67
N THR B 644 18.36 0.40 -15.13
CA THR B 644 19.61 -0.27 -14.80
C THR B 644 20.66 0.71 -14.32
N LYS B 645 21.53 0.22 -13.45
CA LYS B 645 22.75 0.91 -13.08
C LYS B 645 23.99 0.18 -13.62
N ALA B 646 23.80 -1.00 -14.21
CA ALA B 646 24.88 -1.74 -14.87
C ALA B 646 26.03 -2.04 -13.92
N ARG B 647 25.75 -2.79 -12.86
CA ARG B 647 26.78 -3.24 -11.94
C ARG B 647 27.19 -4.66 -12.31
N ALA B 648 28.49 -4.88 -12.46
CA ALA B 648 29.01 -6.20 -12.83
C ALA B 648 30.02 -6.66 -11.78
N VAL B 649 29.90 -7.93 -11.40
CA VAL B 649 30.81 -8.55 -10.45
C VAL B 649 31.60 -9.69 -11.08
N MET B 650 31.08 -10.28 -12.14
CA MET B 650 31.78 -11.33 -12.89
C MET B 650 31.97 -10.88 -14.32
N ASN B 651 33.21 -10.97 -14.79
CA ASN B 651 33.54 -10.58 -16.17
C ASN B 651 34.93 -11.11 -16.49
N PHE B 652 35.07 -11.69 -17.68
CA PHE B 652 36.30 -12.38 -18.05
C PHE B 652 36.29 -12.65 -19.54
N VAL B 653 37.43 -13.13 -20.05
CA VAL B 653 37.59 -13.48 -21.45
C VAL B 653 37.98 -14.95 -21.54
N VAL B 654 37.30 -15.68 -22.42
CA VAL B 654 37.50 -17.12 -22.58
C VAL B 654 38.31 -17.34 -23.85
N ARG B 655 39.04 -18.45 -23.91
CA ARG B 655 39.75 -18.87 -25.10
C ARG B 655 39.32 -20.28 -25.45
N TYR B 656 38.43 -20.41 -26.43
CA TYR B 656 38.02 -21.71 -26.94
C TYR B 656 39.09 -22.21 -27.91
N ARG B 657 39.59 -23.43 -27.64
CA ARG B 657 40.63 -24.03 -28.45
C ARG B 657 40.27 -25.49 -28.66
N PRO B 658 40.38 -25.99 -29.89
CA PRO B 658 40.01 -27.39 -30.15
C PRO B 658 40.85 -28.41 -29.38
N ASP B 659 42.03 -28.03 -28.90
CA ASP B 659 42.93 -28.97 -28.25
C ASP B 659 42.75 -29.00 -26.73
N GLU B 660 42.55 -27.84 -26.11
CA GLU B 660 42.47 -27.79 -24.66
C GLU B 660 41.04 -28.05 -24.18
N GLN B 661 40.09 -27.22 -24.60
CA GLN B 661 38.72 -27.40 -24.13
C GLN B 661 37.71 -27.20 -25.26
N PRO B 662 36.83 -28.16 -25.48
CA PRO B 662 35.72 -27.95 -26.41
C PRO B 662 34.67 -27.03 -25.80
N SER B 663 33.51 -26.89 -26.46
CA SER B 663 32.49 -26.02 -25.95
C SER B 663 31.88 -26.57 -24.67
N LEU B 664 30.87 -25.88 -24.15
CA LEU B 664 30.34 -26.13 -22.83
C LEU B 664 29.00 -26.87 -22.91
N ARG B 665 28.73 -27.66 -21.87
CA ARG B 665 27.48 -28.36 -21.70
C ARG B 665 26.35 -27.37 -21.46
N PRO B 666 25.10 -27.77 -21.73
CA PRO B 666 23.97 -26.87 -21.49
C PRO B 666 23.90 -26.45 -20.03
N HIS B 667 23.53 -25.20 -19.80
CA HIS B 667 23.47 -24.63 -18.46
C HIS B 667 22.72 -23.30 -18.51
N HIS B 668 22.71 -22.61 -17.37
CA HIS B 668 22.09 -21.29 -17.24
C HIS B 668 23.13 -20.31 -16.67
N ASP B 669 22.71 -19.06 -16.49
CA ASP B 669 23.60 -18.00 -16.04
C ASP B 669 23.09 -17.38 -14.75
N SER B 670 24.02 -16.83 -13.97
CA SER B 670 23.69 -16.15 -12.72
C SER B 670 23.69 -14.63 -12.91
N SER B 671 22.73 -14.13 -13.68
CA SER B 671 22.61 -12.70 -13.90
C SER B 671 21.29 -12.40 -14.59
N THR B 672 20.86 -11.15 -14.50
CA THR B 672 19.61 -10.73 -15.14
C THR B 672 19.72 -10.85 -16.65
N PHE B 673 20.84 -10.39 -17.22
CA PHE B 673 21.11 -10.61 -18.63
C PHE B 673 22.62 -10.58 -18.82
N THR B 674 23.06 -11.07 -19.98
CA THR B 674 24.47 -11.30 -20.24
C THR B 674 24.90 -10.62 -21.53
N LEU B 675 26.21 -10.38 -21.64
CA LEU B 675 26.81 -9.74 -22.79
C LEU B 675 27.88 -10.65 -23.37
N ASN B 676 27.88 -10.81 -24.68
CA ASN B 676 28.81 -11.70 -25.38
C ASN B 676 29.42 -10.97 -26.54
N VAL B 677 30.68 -10.56 -26.41
CA VAL B 677 31.38 -9.77 -27.41
C VAL B 677 32.48 -10.61 -28.03
N ALA B 678 32.39 -10.87 -29.33
CA ALA B 678 33.43 -11.59 -30.03
C ALA B 678 34.69 -10.76 -30.11
N LEU B 679 35.81 -11.43 -30.39
CA LEU B 679 37.12 -10.78 -30.37
C LEU B 679 38.05 -11.17 -31.51
N ASN B 680 37.56 -11.84 -32.56
CA ASN B 680 38.35 -12.10 -33.75
C ASN B 680 37.43 -12.65 -34.83
N HIS B 681 37.86 -12.50 -36.08
CA HIS B 681 37.07 -12.82 -37.26
C HIS B 681 36.73 -14.30 -37.33
N LYS B 682 35.53 -14.59 -37.81
CA LYS B 682 35.13 -15.96 -38.11
C LYS B 682 35.64 -16.38 -39.48
N GLY B 683 36.22 -17.56 -39.54
CA GLY B 683 36.76 -18.10 -40.79
C GLY B 683 38.19 -17.72 -41.07
N LEU B 684 38.51 -16.42 -40.93
CA LEU B 684 39.86 -15.95 -41.23
C LEU B 684 40.88 -16.54 -40.25
N ASP B 685 40.54 -16.60 -38.96
CA ASP B 685 41.47 -17.10 -37.95
C ASP B 685 40.93 -18.26 -37.13
N TYR B 686 39.66 -18.63 -37.26
CA TYR B 686 39.15 -19.83 -36.60
C TYR B 686 37.92 -20.31 -37.33
N GLU B 687 37.62 -21.60 -37.17
CA GLU B 687 36.42 -22.21 -37.73
C GLU B 687 35.71 -22.97 -36.63
N GLY B 688 34.46 -22.57 -36.34
CA GLY B 688 33.70 -23.19 -35.28
C GLY B 688 32.24 -22.76 -35.28
N GLY B 689 31.69 -22.53 -34.09
CA GLY B 689 30.29 -22.16 -33.98
C GLY B 689 30.07 -21.27 -32.78
N GLY B 690 28.89 -20.66 -32.74
CA GLY B 690 28.53 -19.74 -31.68
C GLY B 690 27.69 -20.38 -30.58
N CYS B 691 26.39 -20.07 -30.58
CA CYS B 691 25.49 -20.54 -29.55
C CYS B 691 24.28 -21.24 -30.16
N ARG B 692 23.71 -22.16 -29.39
CA ARG B 692 22.48 -22.85 -29.77
C ARG B 692 21.49 -22.72 -28.62
N PHE B 693 20.25 -22.36 -28.93
CA PHE B 693 19.21 -22.19 -27.94
C PHE B 693 18.26 -23.39 -28.01
N LEU B 694 18.07 -24.06 -26.87
CA LEU B 694 17.30 -25.30 -26.87
C LEU B 694 15.79 -25.04 -26.96
N ARG B 695 15.27 -24.15 -26.10
CA ARG B 695 13.83 -23.96 -26.00
C ARG B 695 13.21 -23.37 -27.24
N TYR B 696 14.01 -22.84 -28.17
CA TYR B 696 13.49 -22.29 -29.41
C TYR B 696 14.11 -22.92 -30.64
N ASP B 697 15.07 -23.84 -30.48
CA ASP B 697 15.83 -24.43 -31.58
C ASP B 697 16.45 -23.33 -32.45
N CYS B 698 17.00 -22.33 -31.77
CA CYS B 698 17.69 -21.21 -32.40
C CYS B 698 19.19 -21.50 -32.39
N VAL B 699 19.84 -21.24 -33.52
CA VAL B 699 21.28 -21.45 -33.66
C VAL B 699 21.92 -20.16 -34.12
N ILE B 700 23.13 -19.90 -33.63
CA ILE B 700 23.91 -18.73 -34.02
C ILE B 700 25.15 -19.25 -34.75
N SER B 701 25.25 -18.93 -36.03
CA SER B 701 26.30 -19.51 -36.87
C SER B 701 27.53 -18.61 -36.97
N SER B 702 27.37 -17.38 -37.45
CA SER B 702 28.50 -16.51 -37.75
C SER B 702 28.48 -15.26 -36.87
N PRO B 703 29.25 -15.23 -35.79
CA PRO B 703 29.44 -13.96 -35.08
C PRO B 703 30.48 -13.10 -35.77
N ARG B 704 30.16 -11.82 -35.92
CA ARG B 704 31.10 -10.88 -36.51
C ARG B 704 32.17 -10.52 -35.48
N LYS B 705 33.01 -9.54 -35.80
CA LYS B 705 34.19 -9.27 -34.98
C LYS B 705 33.83 -8.52 -33.71
N GLY B 706 33.31 -7.30 -33.85
CA GLY B 706 33.16 -6.43 -32.70
C GLY B 706 31.77 -6.35 -32.10
N TRP B 707 30.85 -7.17 -32.60
CA TRP B 707 29.47 -7.09 -32.18
C TRP B 707 29.29 -7.72 -30.79
N ALA B 708 28.04 -7.69 -30.31
CA ALA B 708 27.71 -8.24 -29.00
C ALA B 708 26.29 -8.82 -29.03
N LEU B 709 26.04 -9.75 -28.10
CA LEU B 709 24.76 -10.43 -28.02
C LEU B 709 24.14 -10.12 -26.66
N LEU B 710 22.83 -9.83 -26.66
CA LEU B 710 22.09 -9.53 -25.44
C LEU B 710 20.97 -10.53 -25.29
N HIS B 711 21.00 -11.32 -24.22
CA HIS B 711 19.94 -12.30 -23.99
C HIS B 711 19.83 -12.62 -22.51
N PRO B 712 18.62 -12.67 -21.95
CA PRO B 712 18.48 -12.99 -20.53
C PRO B 712 19.01 -14.38 -20.22
N GLY B 713 19.52 -14.55 -19.01
CA GLY B 713 20.20 -15.79 -18.69
C GLY B 713 19.80 -16.46 -17.39
N ARG B 714 18.57 -16.25 -16.92
CA ARG B 714 18.12 -16.91 -15.70
C ARG B 714 17.12 -18.02 -15.95
N LEU B 715 16.04 -17.76 -16.68
CA LEU B 715 14.94 -18.72 -16.77
C LEU B 715 14.72 -19.22 -18.19
N THR B 716 14.46 -18.33 -19.14
CA THR B 716 13.84 -18.72 -20.41
C THR B 716 14.84 -19.09 -21.48
N HIS B 717 16.13 -18.88 -21.28
CA HIS B 717 17.14 -19.10 -22.32
C HIS B 717 18.14 -20.14 -21.81
N TYR B 718 17.82 -21.40 -22.06
CA TYR B 718 18.66 -22.53 -21.67
C TYR B 718 19.63 -22.78 -22.82
N HIS B 719 20.75 -22.06 -22.80
CA HIS B 719 21.65 -22.02 -23.96
C HIS B 719 22.81 -22.98 -23.80
N GLU B 720 23.29 -23.46 -24.94
CA GLU B 720 24.50 -24.29 -25.01
C GLU B 720 25.33 -23.81 -26.19
N GLY B 721 26.65 -23.95 -26.08
CA GLY B 721 27.56 -23.45 -27.09
C GLY B 721 28.00 -24.55 -28.05
N LEU B 722 28.23 -24.16 -29.30
CA LEU B 722 28.76 -25.07 -30.30
C LEU B 722 30.28 -25.19 -30.15
N PRO B 723 30.86 -26.34 -30.50
CA PRO B 723 32.30 -26.52 -30.36
C PRO B 723 33.08 -26.06 -31.60
N THR B 724 34.32 -25.66 -31.35
CA THR B 724 35.20 -25.14 -32.38
C THR B 724 36.25 -26.19 -32.74
N THR B 725 36.62 -26.23 -34.01
CA THR B 725 37.48 -27.29 -34.53
C THR B 725 38.78 -26.79 -35.14
N TRP B 726 38.83 -25.57 -35.65
CA TRP B 726 40.01 -25.06 -36.33
C TRP B 726 40.40 -23.71 -35.76
N GLY B 727 41.71 -23.50 -35.60
CA GLY B 727 42.22 -22.21 -35.16
C GLY B 727 42.01 -21.95 -33.68
N THR B 728 41.84 -20.67 -33.36
CA THR B 728 41.62 -20.22 -32.00
C THR B 728 40.58 -19.12 -32.00
N ARG B 729 39.67 -19.16 -31.03
CA ARG B 729 38.66 -18.14 -30.87
C ARG B 729 38.66 -17.64 -29.43
N TYR B 730 38.34 -16.36 -29.26
CA TYR B 730 38.21 -15.75 -27.94
C TYR B 730 36.81 -15.16 -27.83
N ILE B 731 36.32 -15.03 -26.60
CA ILE B 731 35.01 -14.45 -26.34
C ILE B 731 35.09 -13.59 -25.09
N MET B 732 34.43 -12.43 -25.15
CA MET B 732 34.32 -11.52 -24.02
C MET B 732 32.93 -11.64 -23.44
N VAL B 733 32.85 -11.79 -22.11
CA VAL B 733 31.58 -11.97 -21.43
C VAL B 733 31.51 -11.07 -20.21
N SER B 734 30.30 -10.87 -19.70
CA SER B 734 30.09 -10.07 -18.51
C SER B 734 28.70 -10.37 -17.96
N PHE B 735 28.60 -10.63 -16.66
CA PHE B 735 27.32 -10.91 -16.02
C PHE B 735 26.87 -9.64 -15.28
N VAL B 736 26.33 -8.72 -16.07
CA VAL B 736 25.76 -7.48 -15.53
C VAL B 736 24.47 -7.79 -14.79
N ASP B 737 24.20 -7.02 -13.73
CA ASP B 737 22.98 -7.12 -12.93
C ASP B 737 22.85 -8.50 -12.28
N PRO B 738 23.73 -8.85 -11.34
CA PRO B 738 23.65 -10.16 -10.68
C PRO B 738 22.58 -10.22 -9.61
N PRO C 33 -76.93 -12.12 100.42
CA PRO C 33 -75.62 -11.55 100.75
C PRO C 33 -74.59 -12.62 101.09
N VAL C 34 -74.28 -13.48 100.13
CA VAL C 34 -73.29 -14.52 100.34
C VAL C 34 -71.91 -13.90 100.50
N ASN C 35 -71.16 -14.37 101.49
CA ASN C 35 -69.84 -13.82 101.76
C ASN C 35 -68.90 -14.15 100.61
N PRO C 36 -68.24 -13.16 100.01
CA PRO C 36 -67.29 -13.46 98.92
C PRO C 36 -66.09 -14.28 99.36
N GLU C 37 -65.75 -14.28 100.65
CA GLU C 37 -64.62 -15.05 101.14
C GLU C 37 -64.90 -16.54 101.19
N LYS C 38 -66.14 -16.96 101.01
CA LYS C 38 -66.51 -18.38 101.02
C LYS C 38 -66.37 -19.03 99.65
N LEU C 39 -65.95 -18.28 98.64
CA LEU C 39 -65.80 -18.80 97.29
C LEU C 39 -64.33 -19.10 97.01
N LEU C 40 -64.06 -20.28 96.46
CA LEU C 40 -62.72 -20.71 96.13
C LEU C 40 -62.68 -21.23 94.70
N VAL C 41 -61.53 -21.09 94.06
CA VAL C 41 -61.33 -21.50 92.68
C VAL C 41 -60.26 -22.59 92.65
N ILE C 42 -60.56 -23.68 91.95
CA ILE C 42 -59.64 -24.80 91.80
C ILE C 42 -59.24 -24.90 90.35
N THR C 43 -57.94 -24.87 90.08
CA THR C 43 -57.41 -24.97 88.73
C THR C 43 -56.20 -25.89 88.73
N VAL C 44 -55.95 -26.53 87.59
CA VAL C 44 -54.85 -27.47 87.43
C VAL C 44 -53.99 -26.99 86.27
N ALA C 45 -52.68 -26.87 86.52
CA ALA C 45 -51.73 -26.46 85.50
C ALA C 45 -50.39 -27.12 85.78
N THR C 46 -49.93 -27.95 84.84
CA THR C 46 -48.67 -28.67 85.04
C THR C 46 -47.49 -27.71 85.15
N ALA C 47 -47.44 -26.70 84.29
CA ALA C 47 -46.34 -25.75 84.29
C ALA C 47 -46.85 -24.32 84.31
N GLU C 48 -45.94 -23.35 84.32
CA GLU C 48 -46.26 -21.93 84.33
C GLU C 48 -46.07 -21.40 82.91
N THR C 49 -47.13 -21.47 82.11
CA THR C 49 -47.10 -21.01 80.74
C THR C 49 -47.67 -19.60 80.64
N GLU C 50 -47.74 -19.09 79.40
CA GLU C 50 -48.30 -17.76 79.18
C GLU C 50 -49.78 -17.71 79.54
N GLY C 51 -50.54 -18.75 79.16
CA GLY C 51 -51.94 -18.79 79.51
C GLY C 51 -52.19 -18.86 81.00
N TYR C 52 -51.39 -19.65 81.70
CA TYR C 52 -51.52 -19.74 83.15
C TYR C 52 -51.23 -18.39 83.81
N LEU C 53 -50.18 -17.71 83.35
CA LEU C 53 -49.85 -16.40 83.91
C LEU C 53 -50.96 -15.39 83.62
N ARG C 54 -51.52 -15.42 82.40
CA ARG C 54 -52.62 -14.52 82.07
C ARG C 54 -53.84 -14.79 82.95
N PHE C 55 -54.17 -16.07 83.17
CA PHE C 55 -55.29 -16.41 84.03
C PHE C 55 -55.04 -15.97 85.46
N LEU C 56 -53.81 -16.15 85.97
CA LEU C 56 -53.49 -15.71 87.31
C LEU C 56 -53.61 -14.20 87.45
N ARG C 57 -53.14 -13.45 86.45
CA ARG C 57 -53.26 -11.99 86.48
C ARG C 57 -54.72 -11.57 86.44
N SER C 58 -55.52 -12.21 85.59
CA SER C 58 -56.94 -11.87 85.50
C SER C 58 -57.65 -12.16 86.82
N ALA C 59 -57.33 -13.28 87.46
CA ALA C 59 -57.94 -13.59 88.75
C ALA C 59 -57.50 -12.61 89.82
N GLU C 60 -56.22 -12.24 89.84
CA GLU C 60 -55.72 -11.29 90.83
C GLU C 60 -56.29 -9.89 90.63
N PHE C 61 -56.63 -9.52 89.39
CA PHE C 61 -57.24 -8.22 89.15
C PHE C 61 -58.58 -8.10 89.87
N PHE C 62 -59.36 -9.17 89.87
CA PHE C 62 -60.65 -9.21 90.56
C PHE C 62 -60.53 -9.67 92.00
N ASN C 63 -59.31 -9.82 92.52
CA ASN C 63 -59.07 -10.27 93.89
C ASN C 63 -59.72 -11.63 94.14
N TYR C 64 -59.55 -12.54 93.18
CA TYR C 64 -60.11 -13.87 93.25
C TYR C 64 -59.11 -14.82 93.90
N THR C 65 -59.57 -15.62 94.85
CA THR C 65 -58.73 -16.60 95.53
C THR C 65 -58.80 -17.92 94.77
N VAL C 66 -57.66 -18.37 94.24
CA VAL C 66 -57.58 -19.58 93.44
C VAL C 66 -56.51 -20.48 94.04
N ARG C 67 -56.84 -21.77 94.17
CA ARG C 67 -55.91 -22.78 94.68
C ARG C 67 -55.42 -23.63 93.51
N THR C 68 -54.10 -23.83 93.45
CA THR C 68 -53.48 -24.57 92.36
C THR C 68 -53.13 -25.97 92.82
N LEU C 69 -53.51 -26.97 92.02
CA LEU C 69 -53.22 -28.37 92.31
C LEU C 69 -52.52 -28.98 91.10
N GLY C 70 -51.57 -29.88 91.37
CA GLY C 70 -50.84 -30.54 90.32
C GLY C 70 -49.75 -29.71 89.67
N LEU C 71 -49.36 -28.61 90.29
CA LEU C 71 -48.32 -27.74 89.72
C LEU C 71 -46.96 -28.38 89.98
N GLY C 72 -46.32 -28.83 88.89
CA GLY C 72 -45.02 -29.48 88.95
C GLY C 72 -45.05 -30.95 88.57
N GLU C 73 -46.16 -31.62 88.84
CA GLU C 73 -46.29 -33.03 88.49
C GLU C 73 -46.38 -33.21 86.98
N GLU C 74 -45.85 -34.33 86.51
CA GLU C 74 -45.86 -34.64 85.09
C GLU C 74 -47.27 -34.97 84.63
N TRP C 75 -47.51 -34.77 83.34
CA TRP C 75 -48.80 -35.07 82.73
C TRP C 75 -48.88 -36.57 82.48
N ARG C 76 -49.73 -37.26 83.25
CA ARG C 76 -49.89 -38.70 83.16
C ARG C 76 -50.97 -39.12 82.18
N GLY C 77 -51.53 -38.18 81.42
CA GLY C 77 -52.58 -38.49 80.48
C GLY C 77 -52.10 -38.60 79.06
N GLY C 78 -52.31 -37.55 78.27
CA GLY C 78 -51.91 -37.56 76.87
C GLY C 78 -52.17 -36.24 76.17
N ASP C 79 -52.73 -36.31 74.98
CA ASP C 79 -53.05 -35.10 74.23
C ASP C 79 -54.09 -34.27 74.98
N VAL C 80 -53.98 -32.94 74.85
CA VAL C 80 -54.87 -32.05 75.58
C VAL C 80 -56.28 -32.11 75.01
N ALA C 81 -56.43 -31.79 73.71
CA ALA C 81 -57.74 -31.74 73.10
C ALA C 81 -57.76 -32.36 71.70
N ARG C 82 -56.78 -33.18 71.36
CA ARG C 82 -56.76 -33.81 70.03
C ARG C 82 -57.96 -34.74 69.87
N THR C 83 -57.97 -35.84 70.61
CA THR C 83 -59.09 -36.79 70.57
C THR C 83 -59.78 -36.89 71.92
N VAL C 84 -59.04 -37.14 73.01
CA VAL C 84 -59.60 -37.27 74.35
C VAL C 84 -58.51 -36.92 75.35
N GLY C 85 -58.89 -36.81 76.61
CA GLY C 85 -57.95 -36.50 77.67
C GLY C 85 -58.68 -35.95 78.88
N GLY C 86 -57.87 -35.41 79.80
CA GLY C 86 -58.41 -34.81 81.00
C GLY C 86 -58.64 -35.75 82.17
N GLY C 87 -58.03 -36.93 82.15
CA GLY C 87 -58.23 -37.90 83.22
C GLY C 87 -57.42 -37.66 84.48
N GLN C 88 -56.49 -36.71 84.45
CA GLN C 88 -55.70 -36.38 85.63
C GLN C 88 -56.35 -35.31 86.50
N LYS C 89 -57.06 -34.36 85.88
CA LYS C 89 -57.74 -33.32 86.65
C LYS C 89 -58.81 -33.91 87.55
N VAL C 90 -59.53 -34.93 87.05
CA VAL C 90 -60.56 -35.58 87.87
C VAL C 90 -59.93 -36.25 89.08
N ARG C 91 -58.80 -36.95 88.88
CA ARG C 91 -58.11 -37.59 89.99
C ARG C 91 -57.62 -36.55 91.00
N TRP C 92 -57.06 -35.44 90.52
CA TRP C 92 -56.59 -34.39 91.42
C TRP C 92 -57.75 -33.80 92.22
N LEU C 93 -58.88 -33.55 91.57
CA LEU C 93 -60.05 -33.03 92.27
C LEU C 93 -60.56 -34.01 93.31
N LYS C 94 -60.60 -35.30 92.96
CA LYS C 94 -61.03 -36.31 93.92
C LYS C 94 -60.09 -36.37 95.12
N LYS C 95 -58.78 -36.27 94.89
CA LYS C 95 -57.84 -36.26 95.99
C LYS C 95 -58.01 -35.04 96.87
N GLU C 96 -58.23 -33.87 96.25
CA GLU C 96 -58.35 -32.63 97.01
C GLU C 96 -59.70 -32.48 97.71
N MET C 97 -60.72 -33.19 97.27
CA MET C 97 -62.04 -33.06 97.87
C MET C 97 -62.12 -33.63 99.28
N GLU C 98 -61.12 -34.40 99.72
CA GLU C 98 -61.16 -34.98 101.06
C GLU C 98 -61.14 -33.89 102.13
N LYS C 99 -60.34 -32.85 101.92
CA LYS C 99 -60.25 -31.76 102.90
C LYS C 99 -61.58 -31.02 103.03
N TYR C 100 -62.26 -30.79 101.91
CA TYR C 100 -63.53 -30.07 101.89
C TYR C 100 -64.72 -30.99 101.73
N ALA C 101 -64.67 -32.18 102.34
CA ALA C 101 -65.77 -33.13 102.25
C ALA C 101 -66.94 -32.79 103.15
N ASP C 102 -66.75 -31.86 104.10
CA ASP C 102 -67.83 -31.46 105.00
C ASP C 102 -68.00 -29.94 105.07
N ARG C 103 -67.39 -29.20 104.14
CA ARG C 103 -67.50 -27.74 104.13
C ARG C 103 -68.73 -27.35 103.32
N GLU C 104 -69.89 -27.43 103.97
CA GLU C 104 -71.14 -27.07 103.32
C GLU C 104 -71.30 -25.57 103.13
N ASP C 105 -70.55 -24.76 103.87
CA ASP C 105 -70.64 -23.31 103.79
C ASP C 105 -69.66 -22.71 102.80
N MET C 106 -68.88 -23.53 102.10
CA MET C 106 -67.92 -23.04 101.12
C MET C 106 -68.31 -23.51 99.72
N ILE C 107 -68.17 -22.59 98.76
CA ILE C 107 -68.50 -22.86 97.37
C ILE C 107 -67.19 -22.90 96.58
N ILE C 108 -66.99 -23.99 95.84
CA ILE C 108 -65.77 -24.20 95.07
C ILE C 108 -66.15 -24.38 93.61
N MET C 109 -65.47 -23.65 92.73
CA MET C 109 -65.67 -23.74 91.29
C MET C 109 -64.38 -24.22 90.64
N PHE C 110 -64.48 -25.26 89.82
CA PHE C 110 -63.35 -25.84 89.12
C PHE C 110 -63.38 -25.35 87.67
N VAL C 111 -62.33 -24.66 87.24
CA VAL C 111 -62.24 -24.10 85.91
C VAL C 111 -60.85 -24.37 85.34
N ASP C 112 -60.74 -24.24 84.02
CA ASP C 112 -59.46 -24.44 83.36
C ASP C 112 -58.49 -23.30 83.69
N SER C 113 -57.21 -23.57 83.47
CA SER C 113 -56.16 -22.59 83.71
C SER C 113 -55.35 -22.23 82.48
N TYR C 114 -55.59 -22.90 81.35
CA TYR C 114 -54.83 -22.64 80.14
C TYR C 114 -55.56 -21.71 79.17
N ASP C 115 -56.87 -21.82 79.05
CA ASP C 115 -57.65 -21.02 78.12
C ASP C 115 -58.90 -20.47 78.80
N VAL C 116 -58.76 -20.00 80.03
CA VAL C 116 -59.86 -19.42 80.78
C VAL C 116 -59.42 -18.06 81.30
N ILE C 117 -60.26 -17.05 81.11
CA ILE C 117 -59.97 -15.68 81.55
C ILE C 117 -61.12 -15.20 82.43
N LEU C 118 -60.78 -14.61 83.57
CA LEU C 118 -61.77 -14.08 84.49
C LEU C 118 -62.14 -12.66 84.09
N ALA C 119 -63.43 -12.43 83.83
CA ALA C 119 -63.90 -11.12 83.40
C ALA C 119 -65.06 -10.63 84.27
N GLY C 120 -65.23 -11.18 85.45
CA GLY C 120 -66.30 -10.76 86.35
C GLY C 120 -65.85 -10.79 87.78
N SER C 121 -66.41 -9.89 88.57
CA SER C 121 -66.08 -9.83 89.98
C SER C 121 -66.68 -11.03 90.73
N PRO C 122 -66.08 -11.42 91.85
CA PRO C 122 -66.66 -12.54 92.62
C PRO C 122 -68.07 -12.28 93.10
N THR C 123 -68.42 -11.02 93.40
CA THR C 123 -69.77 -10.71 93.83
C THR C 123 -70.78 -10.98 92.71
N GLU C 124 -70.42 -10.65 91.47
CA GLU C 124 -71.30 -10.93 90.34
C GLU C 124 -71.52 -12.42 90.16
N LEU C 125 -70.45 -13.22 90.27
CA LEU C 125 -70.59 -14.67 90.17
C LEU C 125 -71.45 -15.22 91.28
N LEU C 126 -71.26 -14.72 92.51
CA LEU C 126 -72.08 -15.17 93.63
C LEU C 126 -73.55 -14.82 93.41
N LYS C 127 -73.82 -13.62 92.91
CA LYS C 127 -75.20 -13.22 92.63
C LYS C 127 -75.82 -14.10 91.55
N LYS C 128 -75.05 -14.41 90.50
CA LYS C 128 -75.56 -15.27 89.44
C LYS C 128 -75.86 -16.67 89.97
N PHE C 129 -74.96 -17.20 90.82
CA PHE C 129 -75.19 -18.53 91.39
C PHE C 129 -76.42 -18.54 92.30
N VAL C 130 -76.60 -17.47 93.09
CA VAL C 130 -77.75 -17.39 93.97
C VAL C 130 -79.04 -17.30 93.16
N GLN C 131 -79.03 -16.52 92.07
CA GLN C 131 -80.21 -16.40 91.23
C GLN C 131 -80.51 -17.71 90.51
N SER C 132 -79.49 -18.46 90.13
CA SER C 132 -79.71 -19.72 89.42
C SER C 132 -80.46 -20.71 90.30
N GLY C 133 -80.10 -20.82 91.58
CA GLY C 133 -80.77 -21.72 92.49
C GLY C 133 -80.39 -23.18 92.35
N SER C 134 -79.37 -23.50 91.58
CA SER C 134 -78.93 -24.87 91.38
C SER C 134 -77.70 -25.16 92.23
N ARG C 135 -77.60 -26.42 92.66
CA ARG C 135 -76.46 -26.86 93.48
C ARG C 135 -75.29 -27.36 92.65
N LEU C 136 -75.46 -27.53 91.34
CA LEU C 136 -74.36 -28.00 90.48
C LEU C 136 -74.65 -27.50 89.07
N LEU C 137 -73.95 -26.45 88.65
CA LEU C 137 -74.11 -25.86 87.33
C LEU C 137 -72.85 -26.15 86.51
N PHE C 138 -73.05 -26.71 85.32
CA PHE C 138 -71.95 -27.06 84.42
C PHE C 138 -72.03 -26.24 83.14
N SER C 139 -70.89 -26.12 82.48
CA SER C 139 -70.81 -25.36 81.25
C SER C 139 -71.63 -26.03 80.14
N ALA C 140 -72.15 -25.23 79.23
CA ALA C 140 -72.96 -25.69 78.13
C ALA C 140 -72.21 -25.48 76.81
N GLU C 141 -72.22 -26.50 75.96
CA GLU C 141 -71.57 -26.45 74.65
C GLU C 141 -72.59 -26.76 73.57
N SER C 142 -72.29 -26.28 72.36
CA SER C 142 -73.21 -26.45 71.23
C SER C 142 -73.01 -27.76 70.49
N PHE C 143 -72.00 -28.55 70.84
CA PHE C 143 -71.74 -29.81 70.17
C PHE C 143 -71.39 -30.89 71.20
N CYS C 144 -71.68 -32.13 70.84
CA CYS C 144 -71.39 -33.29 71.68
C CYS C 144 -70.07 -33.89 71.22
N TRP C 145 -68.98 -33.57 71.94
CA TRP C 145 -67.66 -34.03 71.51
C TRP C 145 -67.45 -35.51 71.81
N PRO C 146 -67.57 -35.98 73.05
CA PRO C 146 -67.24 -37.38 73.34
C PRO C 146 -68.18 -38.38 72.66
N GLU C 147 -69.48 -38.21 72.86
CA GLU C 147 -70.47 -39.10 72.28
C GLU C 147 -71.66 -38.30 71.79
N TRP C 148 -72.00 -38.47 70.51
CA TRP C 148 -73.14 -37.80 69.91
C TRP C 148 -74.41 -38.65 69.89
N GLY C 149 -74.30 -39.94 70.22
CA GLY C 149 -75.48 -40.79 70.25
C GLY C 149 -76.46 -40.41 71.34
N LEU C 150 -75.94 -40.01 72.50
CA LEU C 150 -76.77 -39.61 73.63
C LEU C 150 -77.30 -38.19 73.52
N ALA C 151 -77.19 -37.56 72.35
CA ALA C 151 -77.71 -36.21 72.18
C ALA C 151 -79.22 -36.18 72.34
N GLU C 152 -79.91 -37.18 71.78
CA GLU C 152 -81.36 -37.24 71.92
C GLU C 152 -81.78 -37.50 73.36
N GLN C 153 -80.93 -38.15 74.15
CA GLN C 153 -81.25 -38.42 75.55
C GLN C 153 -81.23 -37.15 76.40
N TYR C 154 -80.60 -36.09 75.92
CA TYR C 154 -80.57 -34.84 76.67
C TYR C 154 -81.96 -34.20 76.69
N PRO C 155 -82.28 -33.44 77.73
CA PRO C 155 -83.58 -32.78 77.79
C PRO C 155 -83.74 -31.74 76.68
N GLU C 156 -84.97 -31.57 76.24
CA GLU C 156 -85.26 -30.60 75.18
C GLU C 156 -84.97 -29.18 75.66
N VAL C 157 -84.31 -28.42 74.80
CA VAL C 157 -83.92 -27.04 75.09
C VAL C 157 -84.58 -26.12 74.06
N GLY C 158 -85.22 -25.06 74.54
CA GLY C 158 -85.91 -24.13 73.67
C GLY C 158 -84.99 -23.38 72.73
N THR C 159 -84.11 -22.54 73.28
CA THR C 159 -83.19 -21.76 72.49
C THR C 159 -81.73 -21.86 72.91
N GLY C 160 -81.44 -22.18 74.18
CA GLY C 160 -80.07 -22.29 74.64
C GLY C 160 -79.44 -23.61 74.25
N LYS C 161 -78.17 -23.73 74.60
CA LYS C 161 -77.41 -24.95 74.32
C LYS C 161 -77.97 -26.12 75.13
N ARG C 162 -77.97 -27.30 74.50
CA ARG C 162 -78.51 -28.50 75.13
C ARG C 162 -77.44 -29.44 75.65
N PHE C 163 -76.27 -29.46 75.05
CA PHE C 163 -75.20 -30.35 75.50
C PHE C 163 -74.55 -29.82 76.78
N LEU C 164 -73.86 -30.70 77.47
CA LEU C 164 -73.19 -30.39 78.72
C LEU C 164 -71.68 -30.46 78.53
N ASN C 165 -70.96 -29.53 79.15
CA ASN C 165 -69.52 -29.46 79.06
C ASN C 165 -68.90 -29.63 80.44
N SER C 166 -67.74 -30.30 80.47
CA SER C 166 -67.03 -30.56 81.71
C SER C 166 -65.85 -29.63 81.92
N GLY C 167 -65.75 -28.55 81.13
CA GLY C 167 -64.65 -27.61 81.28
C GLY C 167 -64.77 -26.68 82.47
N GLY C 168 -65.93 -26.65 83.12
CA GLY C 168 -66.14 -25.79 84.27
C GLY C 168 -67.42 -26.10 85.03
N PHE C 169 -67.32 -26.16 86.35
CA PHE C 169 -68.49 -26.45 87.18
C PHE C 169 -68.37 -25.68 88.49
N ILE C 170 -69.50 -25.18 88.98
CA ILE C 170 -69.57 -24.44 90.24
C ILE C 170 -70.71 -25.01 91.07
N GLY C 171 -70.43 -25.28 92.34
CA GLY C 171 -71.44 -25.85 93.22
C GLY C 171 -70.91 -26.00 94.61
N PHE C 172 -71.75 -26.57 95.48
CA PHE C 172 -71.38 -26.79 96.86
C PHE C 172 -70.27 -27.82 96.97
N ALA C 173 -69.43 -27.66 97.99
CA ALA C 173 -68.31 -28.59 98.18
C ALA C 173 -68.79 -30.00 98.47
N THR C 174 -69.85 -30.14 99.27
CA THR C 174 -70.37 -31.47 99.58
C THR C 174 -70.92 -32.15 98.32
N THR C 175 -71.68 -31.40 97.51
CA THR C 175 -72.22 -31.97 96.29
C THR C 175 -71.11 -32.33 95.32
N ILE C 176 -70.08 -31.49 95.21
CA ILE C 176 -68.96 -31.78 94.33
C ILE C 176 -68.23 -33.03 94.78
N HIS C 177 -68.01 -33.17 96.09
CA HIS C 177 -67.35 -34.36 96.61
C HIS C 177 -68.20 -35.61 96.36
N GLN C 178 -69.51 -35.51 96.54
CA GLN C 178 -70.38 -36.65 96.30
C GLN C 178 -70.37 -37.06 94.83
N ILE C 179 -70.36 -36.08 93.93
CA ILE C 179 -70.32 -36.37 92.50
C ILE C 179 -68.97 -36.89 92.04
N VAL C 180 -67.87 -36.48 92.71
CA VAL C 180 -66.54 -36.88 92.28
C VAL C 180 -66.05 -38.16 92.97
N ARG C 181 -66.69 -38.59 94.04
CA ARG C 181 -66.27 -39.82 94.71
C ARG C 181 -66.55 -41.06 93.87
N GLN C 182 -67.40 -40.94 92.85
CA GLN C 182 -67.73 -42.05 91.97
C GLN C 182 -66.79 -42.18 90.79
N TRP C 183 -65.81 -41.29 90.66
CA TRP C 183 -64.86 -41.34 89.55
C TRP C 183 -63.77 -42.35 89.89
N LYS C 184 -63.74 -43.46 89.16
CA LYS C 184 -62.74 -44.51 89.37
C LYS C 184 -62.42 -45.13 88.01
N TYR C 185 -61.36 -44.64 87.39
CA TYR C 185 -60.93 -45.13 86.08
C TYR C 185 -59.45 -44.83 85.91
N LYS C 186 -58.94 -45.11 84.71
CA LYS C 186 -57.54 -44.85 84.41
C LYS C 186 -57.28 -43.36 84.30
N ASP C 187 -56.00 -42.98 84.45
CA ASP C 187 -55.61 -41.59 84.32
C ASP C 187 -55.75 -41.07 82.90
N ASP C 188 -55.87 -41.95 81.92
CA ASP C 188 -56.07 -41.57 80.52
C ASP C 188 -57.52 -41.65 80.10
N ASP C 189 -58.42 -41.98 81.02
CA ASP C 189 -59.83 -42.09 80.70
C ASP C 189 -60.44 -40.70 80.45
N ASP C 190 -61.52 -40.68 79.67
CA ASP C 190 -62.18 -39.43 79.36
C ASP C 190 -62.83 -38.84 80.60
N ASP C 191 -62.82 -37.50 80.69
CA ASP C 191 -63.40 -36.78 81.81
C ASP C 191 -64.80 -36.26 81.52
N GLN C 192 -65.04 -35.73 80.32
CA GLN C 192 -66.37 -35.25 79.96
C GLN C 192 -67.36 -36.39 79.81
N LEU C 193 -66.90 -37.55 79.32
CA LEU C 193 -67.79 -38.68 79.13
C LEU C 193 -68.35 -39.18 80.46
N PHE C 194 -67.51 -39.24 81.50
CA PHE C 194 -67.97 -39.67 82.81
C PHE C 194 -69.01 -38.71 83.38
N TYR C 195 -68.77 -37.41 83.24
CA TYR C 195 -69.74 -36.42 83.72
C TYR C 195 -71.06 -36.52 82.95
N THR C 196 -70.98 -36.72 81.63
CA THR C 196 -72.18 -36.86 80.83
C THR C 196 -72.97 -38.11 81.24
N ARG C 197 -72.26 -39.22 81.48
CA ARG C 197 -72.94 -40.44 81.90
C ARG C 197 -73.58 -40.27 83.28
N LEU C 198 -72.89 -39.59 84.19
CA LEU C 198 -73.45 -39.36 85.52
C LEU C 198 -74.68 -38.46 85.45
N TYR C 199 -74.63 -37.42 84.61
CA TYR C 199 -75.77 -36.52 84.49
C TYR C 199 -76.92 -37.14 83.71
N LEU C 200 -76.65 -38.15 82.89
CA LEU C 200 -77.70 -38.80 82.12
C LEU C 200 -78.69 -39.54 83.01
N ASP C 201 -78.29 -39.90 84.21
CA ASP C 201 -79.21 -40.57 85.13
C ASP C 201 -80.25 -39.57 85.63
N PRO C 202 -81.55 -39.85 85.47
CA PRO C 202 -82.55 -38.88 85.94
C PRO C 202 -82.64 -38.80 87.44
N GLY C 203 -82.59 -39.94 88.14
CA GLY C 203 -82.70 -39.92 89.58
C GLY C 203 -81.51 -39.22 90.24
N LEU C 204 -80.31 -39.50 89.76
CA LEU C 204 -79.13 -38.84 90.33
C LEU C 204 -79.15 -37.34 90.09
N ARG C 205 -79.55 -36.93 88.88
CA ARG C 205 -79.65 -35.49 88.59
C ARG C 205 -80.70 -34.82 89.45
N GLU C 206 -81.85 -35.48 89.64
CA GLU C 206 -82.90 -34.91 90.48
C GLU C 206 -82.44 -34.80 91.93
N LYS C 207 -81.74 -35.82 92.44
CA LYS C 207 -81.27 -35.77 93.81
C LYS C 207 -80.20 -34.69 94.00
N LEU C 208 -79.29 -34.56 93.04
CA LEU C 208 -78.19 -33.60 93.13
C LEU C 208 -78.56 -32.22 92.59
N SER C 209 -79.78 -32.05 92.08
CA SER C 209 -80.22 -30.77 91.51
C SER C 209 -79.28 -30.30 90.41
N LEU C 210 -78.89 -31.22 89.54
CA LEU C 210 -77.97 -30.89 88.45
C LEU C 210 -78.62 -29.92 87.47
N ASN C 211 -77.81 -29.00 86.94
CA ASN C 211 -78.29 -28.02 85.98
C ASN C 211 -77.13 -27.58 85.10
N LEU C 212 -77.46 -26.95 83.98
CA LEU C 212 -76.48 -26.45 83.04
C LEU C 212 -76.79 -25.01 82.68
N ASP C 213 -75.73 -24.24 82.44
CA ASP C 213 -75.87 -22.82 82.09
C ASP C 213 -76.10 -22.71 80.59
N HIS C 214 -77.33 -23.04 80.18
CA HIS C 214 -77.69 -23.00 78.77
C HIS C 214 -77.73 -21.57 78.24
N LYS C 215 -78.00 -20.60 79.11
CA LYS C 215 -78.07 -19.19 78.72
C LYS C 215 -76.71 -18.52 78.68
N SER C 216 -75.64 -19.20 79.10
CA SER C 216 -74.29 -18.64 79.13
C SER C 216 -74.24 -17.35 79.93
N ARG C 217 -74.92 -17.33 81.07
CA ARG C 217 -74.93 -16.13 81.91
C ARG C 217 -73.55 -15.82 82.47
N ILE C 218 -72.79 -16.86 82.84
CA ILE C 218 -71.47 -16.70 83.43
C ILE C 218 -70.38 -17.30 82.55
N PHE C 219 -70.54 -18.57 82.17
CA PHE C 219 -69.55 -19.28 81.37
C PHE C 219 -69.92 -19.22 79.89
N GLN C 220 -68.98 -18.76 79.08
CA GLN C 220 -69.17 -18.66 77.64
C GLN C 220 -68.08 -19.46 76.94
N ASN C 221 -68.48 -20.31 76.00
CA ASN C 221 -67.56 -21.13 75.22
C ASN C 221 -67.44 -20.55 73.83
N LEU C 222 -66.20 -20.30 73.40
CA LEU C 222 -65.95 -19.73 72.08
C LEU C 222 -66.19 -20.72 70.95
N ASN C 223 -66.28 -22.02 71.25
CA ASN C 223 -66.49 -23.03 70.23
C ASN C 223 -67.95 -22.99 69.78
N GLY C 224 -68.19 -22.54 68.55
CA GLY C 224 -69.53 -22.46 68.01
C GLY C 224 -70.31 -21.23 68.38
N ALA C 225 -69.68 -20.23 69.01
CA ALA C 225 -70.34 -19.00 69.40
C ALA C 225 -69.47 -17.79 69.06
N LEU C 226 -68.76 -17.86 67.93
CA LEU C 226 -67.90 -16.76 67.53
C LEU C 226 -68.70 -15.52 67.13
N ASP C 227 -69.84 -15.71 66.47
CA ASP C 227 -70.68 -14.61 66.04
C ASP C 227 -71.59 -14.07 67.15
N GLU C 228 -71.63 -14.75 68.29
CA GLU C 228 -72.47 -14.34 69.42
C GLU C 228 -71.66 -13.66 70.52
N VAL C 229 -70.43 -13.26 70.23
CA VAL C 229 -69.55 -12.62 71.20
C VAL C 229 -69.16 -11.25 70.67
N VAL C 230 -69.35 -10.22 71.49
CA VAL C 230 -69.01 -8.85 71.14
C VAL C 230 -68.25 -8.23 72.31
N LEU C 231 -67.47 -7.19 72.00
CA LEU C 231 -66.66 -6.50 72.98
C LEU C 231 -67.34 -5.21 73.41
N LYS C 232 -67.50 -5.04 74.72
CA LYS C 232 -68.11 -3.85 75.30
C LYS C 232 -67.06 -3.14 76.15
N PHE C 233 -66.57 -2.01 75.68
CA PHE C 233 -65.54 -1.25 76.39
C PHE C 233 -66.17 -0.37 77.46
N ASP C 234 -65.42 -0.16 78.54
CA ASP C 234 -65.86 0.71 79.62
C ASP C 234 -64.81 1.78 79.89
N ARG C 235 -65.03 2.59 80.94
CA ARG C 235 -64.08 3.66 81.24
C ARG C 235 -62.71 3.10 81.61
N ASN C 236 -62.67 2.04 82.41
CA ASN C 236 -61.40 1.47 82.85
C ASN C 236 -61.37 -0.05 82.74
N ARG C 237 -62.23 -0.65 81.93
CA ARG C 237 -62.26 -2.10 81.79
C ARG C 237 -62.89 -2.45 80.45
N VAL C 238 -62.70 -3.72 80.05
CA VAL C 238 -63.28 -4.25 78.83
C VAL C 238 -64.15 -5.44 79.19
N ARG C 239 -65.39 -5.42 78.71
CA ARG C 239 -66.36 -6.47 78.98
C ARG C 239 -66.84 -7.10 77.68
N ILE C 240 -67.30 -8.34 77.78
CA ILE C 240 -67.81 -9.09 76.63
C ILE C 240 -69.29 -9.36 76.87
N ARG C 241 -70.13 -8.97 75.91
CA ARG C 241 -71.57 -9.15 75.98
C ARG C 241 -72.02 -10.06 74.85
N ASN C 242 -72.82 -11.07 75.18
CA ASN C 242 -73.35 -12.00 74.20
C ASN C 242 -74.56 -11.37 73.53
N VAL C 243 -74.46 -11.10 72.23
CA VAL C 243 -75.54 -10.44 71.51
C VAL C 243 -76.77 -11.33 71.44
N ALA C 244 -76.57 -12.64 71.24
CA ALA C 244 -77.70 -13.55 71.07
C ALA C 244 -78.56 -13.61 72.33
N TYR C 245 -77.94 -13.68 73.50
CA TYR C 245 -78.66 -13.81 74.76
C TYR C 245 -78.75 -12.50 75.54
N ASP C 246 -78.12 -11.43 75.06
CA ASP C 246 -78.13 -10.13 75.74
C ASP C 246 -77.63 -10.25 77.18
N THR C 247 -76.59 -11.07 77.37
CA THR C 247 -76.01 -11.30 78.68
C THR C 247 -74.50 -11.19 78.61
N LEU C 248 -73.90 -10.79 79.72
CA LEU C 248 -72.45 -10.64 79.81
C LEU C 248 -71.86 -11.79 80.61
N PRO C 249 -71.12 -12.71 79.99
CA PRO C 249 -70.54 -13.82 80.74
C PRO C 249 -69.49 -13.36 81.73
N ILE C 250 -69.35 -14.13 82.81
CA ILE C 250 -68.36 -13.83 83.84
C ILE C 250 -67.01 -14.47 83.53
N VAL C 251 -67.02 -15.70 83.03
CA VAL C 251 -65.80 -16.44 82.71
C VAL C 251 -65.88 -16.88 81.25
N VAL C 252 -64.80 -16.65 80.51
CA VAL C 252 -64.72 -17.02 79.10
C VAL C 252 -63.70 -18.14 78.95
N HIS C 253 -64.11 -19.24 78.33
CA HIS C 253 -63.26 -20.40 78.12
C HIS C 253 -63.06 -20.60 76.62
N GLY C 254 -61.80 -20.68 76.21
CA GLY C 254 -61.46 -20.87 74.81
C GLY C 254 -61.31 -22.33 74.44
N ASN C 255 -62.36 -23.12 74.68
CA ASN C 255 -62.31 -24.55 74.36
C ASN C 255 -62.35 -24.76 72.86
N GLY C 256 -61.71 -25.85 72.42
CA GLY C 256 -61.66 -26.20 71.02
C GLY C 256 -60.67 -25.35 70.24
N PRO C 257 -60.82 -25.32 68.92
CA PRO C 257 -59.89 -24.55 68.08
C PRO C 257 -60.23 -23.06 68.05
N THR C 258 -60.11 -22.41 69.22
CA THR C 258 -60.36 -20.99 69.36
C THR C 258 -59.23 -20.30 70.12
N LYS C 259 -58.01 -20.85 70.02
CA LYS C 259 -56.87 -20.27 70.72
C LYS C 259 -56.56 -18.87 70.20
N LEU C 260 -56.62 -18.68 68.87
CA LEU C 260 -56.34 -17.36 68.32
C LEU C 260 -57.36 -16.34 68.76
N GLN C 261 -58.65 -16.72 68.79
CA GLN C 261 -59.69 -15.79 69.22
C GLN C 261 -59.50 -15.39 70.69
N LEU C 262 -59.20 -16.37 71.55
CA LEU C 262 -58.98 -16.07 72.96
C LEU C 262 -57.75 -15.19 73.14
N ASN C 263 -56.68 -15.47 72.38
CA ASN C 263 -55.48 -14.65 72.48
C ASN C 263 -55.75 -13.22 72.04
N TYR C 264 -56.51 -13.04 70.96
CA TYR C 264 -56.86 -11.69 70.52
C TYR C 264 -57.73 -10.98 71.54
N LEU C 265 -58.69 -11.69 72.13
CA LEU C 265 -59.56 -11.08 73.13
C LEU C 265 -58.79 -10.78 74.42
N GLY C 266 -57.68 -11.46 74.66
CA GLY C 266 -56.91 -11.23 75.87
C GLY C 266 -56.09 -9.96 75.85
N ASN C 267 -56.01 -9.27 74.71
CA ASN C 267 -55.27 -8.02 74.65
C ASN C 267 -55.93 -6.93 75.48
N TYR C 268 -57.26 -6.91 75.53
CA TYR C 268 -58.00 -5.90 76.27
C TYR C 268 -58.78 -6.47 77.45
N VAL C 269 -59.43 -7.61 77.26
CA VAL C 269 -60.21 -8.22 78.34
C VAL C 269 -59.27 -8.73 79.43
N PRO C 270 -59.49 -8.39 80.70
CA PRO C 270 -60.57 -7.54 81.21
C PRO C 270 -60.12 -6.10 81.42
N ASN C 271 -58.82 -5.87 81.61
CA ASN C 271 -58.30 -4.53 81.80
C ASN C 271 -57.01 -4.30 81.01
N GLY C 272 -56.81 -5.07 79.94
CA GLY C 272 -55.63 -4.92 79.12
C GLY C 272 -55.56 -3.59 78.42
N TRP C 273 -56.67 -3.15 77.84
CA TRP C 273 -56.77 -1.85 77.17
C TRP C 273 -58.07 -1.18 77.58
N THR C 274 -57.98 0.08 77.97
CA THR C 274 -59.13 0.85 78.40
C THR C 274 -59.10 2.23 77.77
N PRO C 275 -60.27 2.87 77.62
CA PRO C 275 -60.28 4.24 77.09
C PRO C 275 -59.52 5.23 77.96
N GLU C 276 -59.54 5.05 79.28
CA GLU C 276 -58.80 5.92 80.19
C GLU C 276 -57.42 5.37 80.50
N GLY C 277 -56.65 5.10 79.45
CA GLY C 277 -55.32 4.57 79.62
C GLY C 277 -54.77 4.06 78.31
N GLY C 278 -53.50 3.63 78.36
CA GLY C 278 -52.84 3.12 77.18
C GLY C 278 -52.76 1.61 77.15
N CYS C 279 -52.44 0.99 78.27
CA CYS C 279 -52.31 -0.45 78.38
C CYS C 279 -52.36 -0.83 79.85
N GLY C 280 -52.26 -2.13 80.12
CA GLY C 280 -52.25 -2.62 81.48
C GLY C 280 -50.88 -3.06 81.94
N PHE C 281 -50.63 -4.37 81.94
CA PHE C 281 -49.33 -4.91 82.33
C PHE C 281 -48.40 -5.00 81.13
N CYS C 282 -48.13 -3.83 80.54
CA CYS C 282 -47.26 -3.73 79.38
C CYS C 282 -45.97 -2.97 79.65
N ASN C 283 -45.99 -1.98 80.55
CA ASN C 283 -44.80 -1.21 80.89
C ASN C 283 -43.98 -1.85 81.99
N GLN C 284 -44.49 -2.92 82.62
CA GLN C 284 -43.76 -3.62 83.66
C GLN C 284 -42.89 -4.72 83.05
N ASP C 285 -42.29 -5.52 83.92
CA ASP C 285 -41.41 -6.63 83.51
C ASP C 285 -40.26 -6.12 82.64
N ARG C 286 -39.46 -5.24 83.24
CA ARG C 286 -38.31 -4.64 82.56
C ARG C 286 -37.06 -4.88 83.39
N ARG C 287 -36.01 -5.39 82.74
CA ARG C 287 -34.74 -5.60 83.43
C ARG C 287 -33.99 -4.30 83.66
N THR C 288 -34.25 -3.27 82.86
CA THR C 288 -33.64 -1.94 82.95
C THR C 288 -32.13 -1.97 82.83
N LEU C 289 -31.55 -3.07 82.34
CA LEU C 289 -30.11 -3.22 82.18
C LEU C 289 -29.35 -2.93 83.47
N PRO C 290 -29.80 -3.48 84.60
CA PRO C 290 -29.10 -3.21 85.87
C PRO C 290 -27.99 -4.21 86.15
N GLY C 291 -27.27 -4.01 87.26
CA GLY C 291 -26.19 -4.87 87.67
C GLY C 291 -24.81 -4.33 87.39
N GLY C 292 -24.69 -3.36 86.47
CA GLY C 292 -23.43 -2.72 86.18
C GLY C 292 -22.48 -3.52 85.30
N GLN C 293 -22.74 -4.80 85.08
CA GLN C 293 -21.88 -5.65 84.27
C GLN C 293 -22.19 -5.40 82.80
N PRO C 294 -21.46 -6.08 81.89
CA PRO C 294 -21.77 -5.95 80.47
C PRO C 294 -23.15 -6.48 80.17
N PRO C 295 -23.83 -5.92 79.16
CA PRO C 295 -25.17 -6.40 78.84
C PRO C 295 -25.12 -7.82 78.31
N PRO C 296 -26.19 -8.59 78.45
CA PRO C 296 -26.19 -9.96 77.93
C PRO C 296 -25.97 -9.98 76.43
N ARG C 297 -25.24 -11.00 75.97
CA ARG C 297 -24.87 -11.07 74.56
C ARG C 297 -26.10 -11.26 73.68
N VAL C 298 -26.08 -10.64 72.50
CA VAL C 298 -27.16 -10.74 71.52
C VAL C 298 -26.57 -11.32 70.25
N PHE C 299 -27.19 -12.40 69.75
CA PHE C 299 -26.72 -13.07 68.54
C PHE C 299 -27.24 -12.30 67.33
N LEU C 300 -26.41 -11.40 66.82
CA LEU C 300 -26.80 -10.62 65.65
C LEU C 300 -26.79 -11.49 64.41
N ALA C 301 -27.87 -11.41 63.62
CA ALA C 301 -28.01 -12.20 62.41
C ALA C 301 -28.50 -11.30 61.29
N VAL C 302 -27.84 -11.37 60.14
CA VAL C 302 -28.19 -10.59 58.96
C VAL C 302 -28.46 -11.56 57.82
N PHE C 303 -29.65 -11.48 57.24
CA PHE C 303 -30.04 -12.32 56.12
C PHE C 303 -30.47 -11.43 54.95
N VAL C 304 -29.87 -11.66 53.79
CA VAL C 304 -30.18 -10.91 52.57
C VAL C 304 -30.49 -11.95 51.49
N GLU C 305 -31.76 -12.31 51.34
CA GLU C 305 -32.19 -13.30 50.38
C GLU C 305 -32.67 -12.69 49.07
N GLN C 306 -32.88 -11.38 49.03
CA GLN C 306 -33.34 -10.70 47.82
C GLN C 306 -32.59 -9.39 47.70
N PRO C 307 -32.39 -8.89 46.48
CA PRO C 307 -31.71 -7.59 46.31
C PRO C 307 -32.59 -6.46 46.83
N THR C 308 -32.00 -5.61 47.67
CA THR C 308 -32.71 -4.50 48.27
C THR C 308 -31.95 -3.20 48.06
N PRO C 309 -32.65 -2.08 47.95
CA PRO C 309 -31.97 -0.79 47.80
C PRO C 309 -31.27 -0.39 49.09
N PHE C 310 -30.23 0.44 48.93
CA PHE C 310 -29.47 0.99 50.06
C PHE C 310 -28.89 -0.11 50.94
N LEU C 311 -28.40 -1.18 50.31
CA LEU C 311 -27.69 -2.21 51.05
C LEU C 311 -26.44 -1.67 51.72
N PRO C 312 -25.58 -0.90 51.04
CA PRO C 312 -24.45 -0.27 51.73
C PRO C 312 -24.88 0.68 52.83
N ARG C 313 -26.01 1.38 52.65
CA ARG C 313 -26.51 2.25 53.71
C ARG C 313 -26.89 1.45 54.95
N PHE C 314 -27.55 0.30 54.76
CA PHE C 314 -27.87 -0.56 55.89
C PHE C 314 -26.61 -1.11 56.54
N LEU C 315 -25.61 -1.47 55.73
CA LEU C 315 -24.36 -1.97 56.28
C LEU C 315 -23.66 -0.91 57.12
N GLN C 316 -23.70 0.35 56.67
CA GLN C 316 -23.10 1.43 57.45
C GLN C 316 -23.91 1.70 58.71
N ARG C 317 -25.24 1.66 58.63
CA ARG C 317 -26.07 1.93 59.79
C ARG C 317 -26.03 0.80 60.81
N LEU C 318 -25.62 -0.40 60.41
CA LEU C 318 -25.52 -1.50 61.35
C LEU C 318 -24.49 -1.22 62.44
N LEU C 319 -23.42 -0.50 62.11
CA LEU C 319 -22.37 -0.19 63.07
C LEU C 319 -22.71 0.99 63.96
N LEU C 320 -23.80 1.70 63.69
CA LEU C 320 -24.22 2.85 64.49
C LEU C 320 -25.24 2.50 65.56
N LEU C 321 -25.57 1.21 65.72
CA LEU C 321 -26.55 0.81 66.70
C LEU C 321 -26.04 1.07 68.11
N ASP C 322 -26.96 1.43 69.01
CA ASP C 322 -26.61 1.73 70.40
C ASP C 322 -26.55 0.43 71.18
N TYR C 323 -25.39 -0.24 71.10
CA TYR C 323 -25.14 -1.49 71.79
C TYR C 323 -23.65 -1.69 71.91
N PRO C 324 -23.21 -2.51 72.85
CA PRO C 324 -21.77 -2.80 72.98
C PRO C 324 -21.34 -3.81 71.92
N PRO C 325 -20.45 -3.39 71.00
CA PRO C 325 -20.03 -4.32 69.93
C PRO C 325 -19.33 -5.56 70.43
N ASP C 326 -18.60 -5.49 71.55
CA ASP C 326 -17.86 -6.65 72.04
C ASP C 326 -18.77 -7.78 72.51
N ARG C 327 -20.04 -7.50 72.78
CA ARG C 327 -20.99 -8.51 73.22
C ARG C 327 -21.93 -8.94 72.10
N VAL C 328 -21.67 -8.52 70.87
CA VAL C 328 -22.53 -8.83 69.72
C VAL C 328 -21.70 -9.58 68.69
N THR C 329 -22.22 -10.73 68.26
CA THR C 329 -21.59 -11.54 67.22
C THR C 329 -22.42 -11.46 65.95
N LEU C 330 -21.77 -11.11 64.84
CA LEU C 330 -22.46 -10.91 63.57
C LEU C 330 -22.39 -12.17 62.72
N PHE C 331 -23.55 -12.54 62.16
CA PHE C 331 -23.67 -13.70 61.27
C PHE C 331 -24.33 -13.22 59.98
N LEU C 332 -23.52 -12.83 59.01
CA LEU C 332 -24.01 -12.28 57.75
C LEU C 332 -24.33 -13.42 56.79
N HIS C 333 -25.57 -13.46 56.30
CA HIS C 333 -26.02 -14.43 55.32
C HIS C 333 -26.45 -13.70 54.06
N ASN C 334 -25.87 -14.08 52.92
CA ASN C 334 -26.17 -13.47 51.64
C ASN C 334 -26.43 -14.57 50.62
N ASN C 335 -27.48 -14.40 49.81
CA ASN C 335 -27.83 -15.37 48.78
C ASN C 335 -27.82 -14.78 47.38
N GLU C 336 -27.63 -13.48 47.23
CA GLU C 336 -27.63 -12.81 45.93
C GLU C 336 -26.21 -12.38 45.59
N VAL C 337 -25.80 -12.66 44.35
CA VAL C 337 -24.46 -12.30 43.91
C VAL C 337 -24.35 -10.80 43.66
N PHE C 338 -25.50 -10.11 43.55
CA PHE C 338 -25.47 -8.67 43.32
C PHE C 338 -24.95 -7.90 44.53
N HIS C 339 -25.14 -8.41 45.74
CA HIS C 339 -24.73 -7.73 46.95
C HIS C 339 -23.33 -8.11 47.42
N GLU C 340 -22.64 -8.97 46.68
CA GLU C 340 -21.30 -9.39 47.10
C GLU C 340 -20.31 -8.25 47.18
N PRO C 341 -20.25 -7.31 46.22
CA PRO C 341 -19.24 -6.25 46.27
C PRO C 341 -19.38 -5.34 47.49
N HIS C 342 -20.61 -4.93 47.80
CA HIS C 342 -20.83 -4.06 48.96
C HIS C 342 -20.47 -4.78 50.25
N ILE C 343 -20.83 -6.06 50.36
CA ILE C 343 -20.50 -6.83 51.55
C ILE C 343 -18.98 -6.97 51.69
N ALA C 344 -18.29 -7.22 50.57
CA ALA C 344 -16.84 -7.32 50.62
C ALA C 344 -16.21 -5.99 51.04
N ASP C 345 -16.74 -4.88 50.54
CA ASP C 345 -16.21 -3.57 50.90
C ASP C 345 -16.42 -3.27 52.38
N SER C 346 -17.60 -3.62 52.91
CA SER C 346 -17.93 -3.31 54.29
C SER C 346 -17.48 -4.37 55.29
N TRP C 347 -16.93 -5.48 54.81
CA TRP C 347 -16.50 -6.54 55.73
C TRP C 347 -15.43 -6.09 56.71
N PRO C 348 -14.39 -5.35 56.32
CA PRO C 348 -13.38 -4.93 57.30
C PRO C 348 -13.95 -4.11 58.45
N GLN C 349 -14.90 -3.21 58.16
CA GLN C 349 -15.50 -2.40 59.22
C GLN C 349 -16.28 -3.25 60.21
N LEU C 350 -17.08 -4.19 59.70
CA LEU C 350 -17.84 -5.07 60.58
C LEU C 350 -16.93 -5.96 61.40
N GLN C 351 -15.87 -6.48 60.77
CA GLN C 351 -14.94 -7.36 61.48
C GLN C 351 -14.21 -6.60 62.58
N ASP C 352 -13.78 -5.37 62.31
CA ASP C 352 -13.06 -4.59 63.31
C ASP C 352 -13.97 -4.04 64.40
N HIS C 353 -15.23 -3.76 64.08
CA HIS C 353 -16.15 -3.21 65.08
C HIS C 353 -16.71 -4.29 65.98
N PHE C 354 -17.41 -5.26 65.39
CA PHE C 354 -17.99 -6.35 66.17
C PHE C 354 -16.92 -7.28 66.69
N SER C 355 -17.23 -7.96 67.79
CA SER C 355 -16.28 -8.91 68.37
C SER C 355 -16.00 -10.07 67.42
N ALA C 356 -17.04 -10.59 66.77
CA ALA C 356 -16.89 -11.68 65.82
C ALA C 356 -17.91 -11.50 64.70
N VAL C 357 -17.47 -11.70 63.47
CA VAL C 357 -18.33 -11.57 62.29
C VAL C 357 -18.08 -12.76 61.38
N LYS C 358 -19.15 -13.37 60.90
CA LYS C 358 -19.07 -14.49 59.97
C LYS C 358 -19.99 -14.24 58.78
N LEU C 359 -19.47 -14.50 57.59
CA LEU C 359 -20.21 -14.26 56.35
C LEU C 359 -20.51 -15.57 55.65
N VAL C 360 -21.77 -15.77 55.28
CA VAL C 360 -22.21 -16.94 54.53
C VAL C 360 -22.61 -16.49 53.14
N GLY C 361 -21.76 -16.77 52.16
CA GLY C 361 -21.98 -16.30 50.81
C GLY C 361 -23.01 -17.13 50.08
N PRO C 362 -23.33 -16.69 48.87
CA PRO C 362 -24.32 -17.42 48.05
C PRO C 362 -23.78 -18.67 47.37
N GLU C 363 -22.46 -18.86 47.35
CA GLU C 363 -21.88 -20.01 46.68
C GLU C 363 -22.19 -21.32 47.40
N GLU C 364 -22.63 -21.25 48.66
CA GLU C 364 -22.95 -22.46 49.41
C GLU C 364 -24.20 -23.16 48.91
N ALA C 365 -25.01 -22.50 48.08
CA ALA C 365 -26.27 -23.05 47.57
C ALA C 365 -27.18 -23.49 48.72
N LEU C 366 -27.21 -22.67 49.77
CA LEU C 366 -28.00 -22.95 50.97
C LEU C 366 -29.29 -22.16 50.91
N SER C 367 -30.41 -22.85 51.15
CA SER C 367 -31.71 -22.20 51.14
C SER C 367 -31.83 -21.25 52.32
N PRO C 368 -32.61 -20.17 52.18
CA PRO C 368 -32.78 -19.24 53.30
C PRO C 368 -33.33 -19.88 54.55
N GLY C 369 -34.25 -20.83 54.41
CA GLY C 369 -34.77 -21.54 55.58
C GLY C 369 -33.70 -22.36 56.26
N GLU C 370 -32.87 -23.04 55.48
CA GLU C 370 -31.76 -23.80 56.06
C GLU C 370 -30.78 -22.90 56.76
N ALA C 371 -30.49 -21.72 56.17
CA ALA C 371 -29.60 -20.77 56.82
C ALA C 371 -30.17 -20.25 58.13
N ARG C 372 -31.48 -19.95 58.15
CA ARG C 372 -32.12 -19.51 59.38
C ARG C 372 -32.08 -20.60 60.45
N ASP C 373 -32.34 -21.86 60.04
CA ASP C 373 -32.28 -22.97 60.99
C ASP C 373 -30.87 -23.15 61.54
N MET C 374 -29.85 -23.01 60.68
CA MET C 374 -28.48 -23.12 61.13
C MET C 374 -28.11 -22.01 62.10
N ALA C 375 -28.57 -20.78 61.82
CA ALA C 375 -28.32 -19.67 62.74
C ALA C 375 -28.99 -19.90 64.08
N MET C 376 -30.24 -20.39 64.06
CA MET C 376 -30.93 -20.69 65.31
C MET C 376 -30.23 -21.79 66.09
N ASP C 377 -29.76 -22.83 65.40
CA ASP C 377 -29.02 -23.89 66.08
C ASP C 377 -27.73 -23.37 66.68
N LEU C 378 -26.99 -22.53 65.94
CA LEU C 378 -25.76 -21.97 66.47
C LEU C 378 -26.02 -21.10 67.69
N CYS C 379 -27.10 -20.32 67.67
CA CYS C 379 -27.47 -19.54 68.83
C CYS C 379 -27.83 -20.44 70.01
N ARG C 380 -28.54 -21.53 69.74
CA ARG C 380 -28.91 -22.45 70.81
C ARG C 380 -27.71 -23.29 71.27
N GLN C 381 -26.89 -23.75 70.33
CA GLN C 381 -25.73 -24.57 70.69
C GLN C 381 -24.74 -23.78 71.53
N ASP C 382 -24.48 -22.53 71.17
CA ASP C 382 -23.57 -21.69 71.94
C ASP C 382 -24.27 -21.21 73.21
N PRO C 383 -23.73 -21.51 74.40
CA PRO C 383 -24.40 -21.06 75.63
C PRO C 383 -24.22 -19.58 75.93
N GLU C 384 -23.38 -18.88 75.18
CA GLU C 384 -23.15 -17.45 75.39
C GLU C 384 -24.19 -16.58 74.70
N CYS C 385 -25.07 -17.17 73.89
CA CYS C 385 -26.07 -16.39 73.15
C CYS C 385 -27.38 -16.43 73.94
N GLU C 386 -27.50 -15.52 74.90
CA GLU C 386 -28.73 -15.40 75.68
C GLU C 386 -29.81 -14.60 74.96
N PHE C 387 -29.47 -13.91 73.88
CA PHE C 387 -30.43 -13.15 73.10
C PHE C 387 -30.20 -13.44 71.62
N TYR C 388 -31.30 -13.66 70.89
CA TYR C 388 -31.25 -13.92 69.45
C TYR C 388 -32.13 -12.89 68.75
N PHE C 389 -31.51 -12.05 67.93
CA PHE C 389 -32.20 -11.00 67.19
C PHE C 389 -32.12 -11.29 65.70
N SER C 390 -33.27 -11.35 65.04
CA SER C 390 -33.32 -11.59 63.61
C SER C 390 -33.59 -10.27 62.89
N LEU C 391 -32.65 -9.86 62.03
CA LEU C 391 -32.75 -8.62 61.28
C LEU C 391 -32.82 -8.94 59.80
N ASP C 392 -33.83 -8.39 59.13
CA ASP C 392 -34.03 -8.59 57.70
C ASP C 392 -33.43 -7.42 56.93
N ALA C 393 -32.92 -7.73 55.74
CA ALA C 393 -32.31 -6.70 54.90
C ALA C 393 -33.32 -5.65 54.47
N ASP C 394 -34.54 -6.07 54.13
CA ASP C 394 -35.58 -5.15 53.67
C ASP C 394 -36.28 -4.48 54.86
N ALA C 395 -35.48 -3.72 55.61
CA ALA C 395 -35.98 -2.98 56.76
C ALA C 395 -35.01 -1.85 57.08
N VAL C 396 -35.56 -0.74 57.57
CA VAL C 396 -34.77 0.43 57.93
C VAL C 396 -34.89 0.64 59.44
N LEU C 397 -33.76 0.69 60.13
CA LEU C 397 -33.73 0.89 61.57
C LEU C 397 -33.74 2.38 61.86
N THR C 398 -34.94 2.96 61.92
CA THR C 398 -35.06 4.38 62.21
C THR C 398 -34.60 4.70 63.63
N ASN C 399 -34.99 3.88 64.59
CA ASN C 399 -34.59 4.09 65.98
C ASN C 399 -33.35 3.27 66.30
N LEU C 400 -32.30 3.94 66.78
CA LEU C 400 -31.06 3.28 67.16
C LEU C 400 -31.10 2.68 68.55
N GLN C 401 -32.17 2.92 69.31
CA GLN C 401 -32.33 2.36 70.65
C GLN C 401 -33.27 1.16 70.65
N THR C 402 -33.53 0.57 69.48
CA THR C 402 -34.43 -0.57 69.40
C THR C 402 -33.87 -1.78 70.15
N LEU C 403 -32.55 -1.95 70.13
CA LEU C 403 -31.94 -3.08 70.83
C LEU C 403 -32.16 -2.98 72.33
N ARG C 404 -31.98 -1.78 72.91
CA ARG C 404 -32.17 -1.60 74.34
C ARG C 404 -33.63 -1.83 74.73
N ILE C 405 -34.57 -1.32 73.92
CA ILE C 405 -35.99 -1.52 74.21
C ILE C 405 -36.36 -2.99 74.11
N LEU C 406 -35.81 -3.69 73.11
CA LEU C 406 -36.09 -5.11 72.97
C LEU C 406 -35.53 -5.90 74.15
N ILE C 407 -34.34 -5.53 74.63
CA ILE C 407 -33.76 -6.18 75.80
C ILE C 407 -34.62 -5.94 77.03
N GLU C 408 -35.05 -4.69 77.23
CA GLU C 408 -35.87 -4.34 78.37
C GLU C 408 -37.30 -4.87 78.28
N GLU C 409 -37.72 -5.33 77.09
CA GLU C 409 -39.07 -5.85 76.94
C GLU C 409 -39.29 -7.10 77.80
N ASN C 410 -38.28 -7.96 77.91
CA ASN C 410 -38.36 -9.20 78.67
C ASN C 410 -39.53 -10.07 78.20
N ARG C 411 -39.67 -10.18 76.88
CA ARG C 411 -40.70 -10.99 76.25
C ARG C 411 -40.06 -12.16 75.52
N LYS C 412 -40.72 -13.32 75.59
CA LYS C 412 -40.19 -14.51 74.94
C LYS C 412 -40.11 -14.32 73.42
N VAL C 413 -41.14 -13.72 72.83
CA VAL C 413 -41.16 -13.39 71.40
C VAL C 413 -41.56 -11.94 71.27
N ILE C 414 -40.67 -11.13 70.69
CA ILE C 414 -40.91 -9.70 70.51
C ILE C 414 -40.49 -9.30 69.12
N ALA C 415 -41.31 -8.49 68.45
CA ALA C 415 -41.03 -8.02 67.11
C ALA C 415 -41.27 -6.52 67.03
N PRO C 416 -40.61 -5.83 66.10
CA PRO C 416 -40.79 -4.39 65.95
C PRO C 416 -41.93 -4.05 65.00
N MET C 417 -42.33 -2.78 65.03
CA MET C 417 -43.42 -2.28 64.20
C MET C 417 -42.80 -1.61 62.97
N LEU C 418 -42.75 -2.34 61.87
CA LEU C 418 -42.24 -1.85 60.59
C LEU C 418 -43.37 -1.82 59.58
N SER C 419 -43.60 -0.64 58.99
CA SER C 419 -44.70 -0.46 58.05
C SER C 419 -44.19 0.29 56.83
N ARG C 420 -44.87 0.07 55.71
CA ARG C 420 -44.52 0.76 54.46
C ARG C 420 -44.93 2.22 54.53
N HIS C 421 -44.30 3.03 53.68
CA HIS C 421 -44.56 4.47 53.64
C HIS C 421 -45.88 4.72 52.92
N GLY C 422 -46.81 5.37 53.60
CA GLY C 422 -48.10 5.71 53.02
C GLY C 422 -48.95 4.51 52.64
N LYS C 423 -48.95 3.48 53.48
CA LYS C 423 -49.76 2.28 53.21
C LYS C 423 -50.03 1.56 54.52
N LEU C 424 -51.01 0.68 54.48
CA LEU C 424 -51.36 -0.15 55.62
C LEU C 424 -50.56 -1.45 55.69
N TRP C 425 -49.64 -1.67 54.74
CA TRP C 425 -48.82 -2.86 54.76
C TRP C 425 -47.86 -2.83 55.95
N SER C 426 -47.67 -3.99 56.57
CA SER C 426 -46.82 -4.09 57.74
C SER C 426 -46.20 -5.49 57.76
N ASN C 427 -45.55 -5.83 58.87
CA ASN C 427 -44.87 -7.12 59.04
C ASN C 427 -45.59 -8.01 60.04
N PHE C 428 -46.92 -7.93 60.10
CA PHE C 428 -47.70 -8.76 61.00
C PHE C 428 -49.08 -8.96 60.42
N TRP C 429 -49.75 -10.02 60.87
CA TRP C 429 -51.10 -10.35 60.45
C TRP C 429 -52.01 -10.33 61.67
N GLY C 430 -53.07 -9.53 61.62
CA GLY C 430 -53.97 -9.39 62.74
C GLY C 430 -54.91 -10.57 62.94
N ALA C 431 -55.16 -11.34 61.89
CA ALA C 431 -56.07 -12.47 61.97
C ALA C 431 -55.67 -13.51 60.95
N LEU C 432 -56.16 -14.73 61.17
CA LEU C 432 -55.89 -15.86 60.28
C LEU C 432 -57.21 -16.45 59.78
N SER C 433 -57.26 -16.74 58.50
CA SER C 433 -58.45 -17.31 57.87
C SER C 433 -58.42 -18.83 58.04
N PRO C 434 -59.47 -19.52 57.56
CA PRO C 434 -59.49 -20.98 57.70
C PRO C 434 -58.33 -21.69 57.03
N ASP C 435 -57.82 -21.16 55.92
CA ASP C 435 -56.70 -21.75 55.20
C ASP C 435 -55.35 -21.26 55.72
N GLU C 436 -55.29 -20.79 56.96
CA GLU C 436 -54.07 -20.27 57.56
C GLU C 436 -53.49 -19.11 56.73
N TYR C 437 -54.37 -18.31 56.15
CA TYR C 437 -54.00 -17.16 55.34
C TYR C 437 -54.23 -15.87 56.14
N TYR C 438 -53.72 -14.77 55.58
CA TYR C 438 -53.91 -13.48 56.21
C TYR C 438 -55.38 -13.07 56.18
N ALA C 439 -55.86 -12.54 57.29
CA ALA C 439 -57.26 -12.14 57.42
C ALA C 439 -57.32 -10.76 58.05
N ARG C 440 -58.41 -10.05 57.75
CA ARG C 440 -58.61 -8.71 58.29
C ARG C 440 -59.05 -8.79 59.75
N SER C 441 -58.38 -8.03 60.60
CA SER C 441 -58.69 -8.00 62.02
C SER C 441 -59.60 -6.82 62.33
N GLU C 442 -60.18 -6.86 63.54
CA GLU C 442 -61.08 -5.79 63.96
C GLU C 442 -60.32 -4.49 64.27
N ASP C 443 -59.04 -4.60 64.62
CA ASP C 443 -58.25 -3.44 64.98
C ASP C 443 -56.93 -3.41 64.21
N TYR C 444 -56.90 -3.99 63.01
CA TYR C 444 -55.68 -3.97 62.21
C TYR C 444 -55.30 -2.56 61.80
N VAL C 445 -56.27 -1.77 61.38
CA VAL C 445 -55.99 -0.39 60.95
C VAL C 445 -55.57 0.46 62.15
N GLU C 446 -56.20 0.23 63.31
CA GLU C 446 -55.83 1.00 64.50
C GLU C 446 -54.39 0.75 64.91
N LEU C 447 -53.96 -0.52 64.88
CA LEU C 447 -52.57 -0.83 65.17
C LEU C 447 -51.64 -0.28 64.09
N VAL C 448 -52.06 -0.36 62.82
CA VAL C 448 -51.24 0.15 61.73
C VAL C 448 -51.13 1.67 61.81
N GLN C 449 -52.22 2.34 62.20
CA GLN C 449 -52.22 3.79 62.36
C GLN C 449 -51.75 4.23 63.73
N ARG C 450 -51.33 3.28 64.59
CA ARG C 450 -50.83 3.57 65.93
C ARG C 450 -51.87 4.30 66.78
N LYS C 451 -53.15 4.02 66.54
CA LYS C 451 -54.20 4.58 67.39
C LYS C 451 -54.07 4.07 68.82
N ARG C 452 -53.78 2.79 68.97
CA ARG C 452 -53.52 2.18 70.27
C ARG C 452 -52.06 1.78 70.35
N VAL C 453 -51.36 2.24 71.39
CA VAL C 453 -49.95 1.96 71.60
C VAL C 453 -49.80 1.08 72.82
N GLY C 454 -49.17 -0.07 72.66
CA GLY C 454 -49.01 -1.00 73.75
C GLY C 454 -48.52 -2.35 73.24
N VAL C 455 -48.54 -3.32 74.15
CA VAL C 455 -48.10 -4.67 73.86
C VAL C 455 -49.33 -5.56 73.73
N TRP C 456 -49.48 -6.20 72.57
CA TRP C 456 -50.60 -7.09 72.29
C TRP C 456 -50.09 -8.38 71.66
N ASN C 457 -50.83 -9.46 71.89
CA ASN C 457 -50.46 -10.75 71.35
C ASN C 457 -50.87 -10.84 69.88
N VAL C 458 -49.93 -11.26 69.03
CA VAL C 458 -50.18 -11.37 67.59
C VAL C 458 -49.82 -12.77 67.13
N PRO C 459 -50.43 -13.27 66.07
CA PRO C 459 -50.12 -14.64 65.63
C PRO C 459 -49.07 -14.69 64.52
N TYR C 460 -48.66 -13.53 64.02
CA TYR C 460 -47.72 -13.48 62.91
C TYR C 460 -46.74 -12.32 63.11
N ILE C 461 -45.46 -12.61 62.96
CA ILE C 461 -44.40 -11.61 63.00
C ILE C 461 -43.39 -11.95 61.92
N SER C 462 -42.95 -10.94 61.17
CA SER C 462 -42.03 -11.16 60.06
C SER C 462 -41.00 -10.04 60.01
N GLN C 463 -39.85 -10.35 59.40
CA GLN C 463 -38.75 -9.43 59.12
C GLN C 463 -38.06 -8.92 60.38
N ALA C 464 -38.51 -9.31 61.57
CA ALA C 464 -37.89 -8.85 62.81
C ALA C 464 -38.40 -9.73 63.94
N TYR C 465 -37.47 -10.20 64.78
CA TYR C 465 -37.84 -11.04 65.91
C TYR C 465 -36.78 -10.93 66.99
N VAL C 466 -37.23 -10.97 68.24
CA VAL C 466 -36.34 -10.93 69.41
C VAL C 466 -36.75 -12.09 70.31
N ILE C 467 -35.92 -13.13 70.35
CA ILE C 467 -36.19 -14.32 71.14
C ILE C 467 -34.96 -14.62 71.98
N ARG C 468 -35.18 -14.89 73.28
CA ARG C 468 -34.09 -15.24 74.16
C ARG C 468 -33.65 -16.68 73.92
N GLY C 469 -32.41 -16.98 74.32
CA GLY C 469 -31.88 -18.32 74.15
C GLY C 469 -32.55 -19.37 75.02
N ASP C 470 -33.15 -18.96 76.14
CA ASP C 470 -33.86 -19.90 76.99
C ASP C 470 -35.03 -20.54 76.27
N THR C 471 -35.77 -19.74 75.48
CA THR C 471 -36.88 -20.29 74.70
C THR C 471 -36.38 -21.27 73.66
N LEU C 472 -35.28 -20.95 72.98
CA LEU C 472 -34.72 -21.85 71.97
C LEU C 472 -34.08 -23.08 72.58
N ARG C 473 -33.75 -23.05 73.87
CA ARG C 473 -33.08 -24.17 74.53
C ARG C 473 -34.06 -25.12 75.23
N MET C 474 -34.96 -24.59 76.05
CA MET C 474 -35.84 -25.42 76.87
C MET C 474 -37.30 -25.33 76.46
N GLU C 475 -37.62 -24.64 75.37
CA GLU C 475 -39.00 -24.53 74.90
C GLU C 475 -39.19 -24.86 73.44
N LEU C 476 -38.13 -24.90 72.64
CA LEU C 476 -38.23 -25.26 71.22
C LEU C 476 -36.95 -25.96 70.79
N PRO C 477 -36.61 -27.10 71.40
CA PRO C 477 -35.37 -27.79 71.02
C PRO C 477 -35.40 -28.44 69.65
N GLN C 478 -36.58 -28.54 69.03
CA GLN C 478 -36.68 -29.12 67.70
C GLN C 478 -35.91 -28.29 66.69
N ARG C 479 -35.12 -28.97 65.85
CA ARG C 479 -34.32 -28.27 64.85
C ARG C 479 -35.15 -27.78 63.67
N ASP C 480 -36.16 -28.56 63.27
CA ASP C 480 -36.97 -28.24 62.09
C ASP C 480 -38.02 -27.21 62.49
N VAL C 481 -37.62 -25.94 62.47
CA VAL C 481 -38.51 -24.82 62.73
C VAL C 481 -38.91 -24.11 61.44
N PHE C 482 -37.94 -23.86 60.56
CA PHE C 482 -38.19 -23.21 59.27
C PHE C 482 -38.24 -24.19 58.12
N SER C 483 -37.77 -25.42 58.29
CA SER C 483 -37.74 -26.42 57.25
C SER C 483 -38.72 -27.55 57.57
N GLY C 484 -38.79 -28.52 56.67
CA GLY C 484 -39.68 -29.66 56.83
C GLY C 484 -41.10 -29.45 56.34
N SER C 485 -41.41 -28.28 55.79
CA SER C 485 -42.76 -27.98 55.31
C SER C 485 -42.68 -27.36 53.93
N ASP C 486 -43.78 -27.48 53.18
CA ASP C 486 -43.87 -26.88 51.85
C ASP C 486 -44.24 -25.42 51.88
N THR C 487 -44.70 -24.89 53.01
CA THR C 487 -45.10 -23.50 53.11
C THR C 487 -43.88 -22.59 53.27
N ASP C 488 -44.13 -21.31 53.52
CA ASP C 488 -43.05 -20.37 53.71
C ASP C 488 -42.31 -20.66 55.01
N PRO C 489 -40.99 -20.48 55.04
CA PRO C 489 -40.25 -20.71 56.30
C PRO C 489 -40.71 -19.81 57.44
N ASP C 490 -41.05 -18.55 57.13
CA ASP C 490 -41.54 -17.65 58.17
C ASP C 490 -42.90 -18.11 58.70
N MET C 491 -43.79 -18.52 57.80
CA MET C 491 -45.09 -19.04 58.23
C MET C 491 -44.94 -20.34 59.01
N ALA C 492 -43.99 -21.18 58.60
CA ALA C 492 -43.73 -22.42 59.33
C ALA C 492 -43.23 -22.13 60.74
N PHE C 493 -42.32 -21.17 60.88
CA PHE C 493 -41.83 -20.80 62.21
C PHE C 493 -42.95 -20.20 63.05
N CYS C 494 -43.80 -19.38 62.45
CA CYS C 494 -44.93 -18.81 63.17
C CYS C 494 -45.89 -19.90 63.65
N LYS C 495 -46.16 -20.89 62.80
CA LYS C 495 -47.03 -21.99 63.20
C LYS C 495 -46.40 -22.82 64.31
N SER C 496 -45.09 -23.05 64.23
CA SER C 496 -44.40 -23.77 65.30
C SER C 496 -44.49 -23.02 66.61
N PHE C 497 -44.28 -21.69 66.58
CA PHE C 497 -44.39 -20.89 67.79
C PHE C 497 -45.80 -20.92 68.35
N ARG C 498 -46.81 -20.82 67.48
CA ARG C 498 -48.20 -20.86 67.93
C ARG C 498 -48.53 -22.21 68.57
N ASP C 499 -48.07 -23.30 67.96
CA ASP C 499 -48.30 -24.62 68.54
C ASP C 499 -47.49 -24.85 69.81
N LYS C 500 -46.40 -24.10 70.00
CA LYS C 500 -45.59 -24.22 71.20
C LYS C 500 -46.17 -23.48 72.39
N GLY C 501 -47.26 -22.73 72.21
CA GLY C 501 -47.88 -22.03 73.31
C GLY C 501 -47.19 -20.75 73.72
N ILE C 502 -46.29 -20.24 72.90
CA ILE C 502 -45.56 -19.00 73.19
C ILE C 502 -46.15 -17.90 72.30
N PHE C 503 -46.58 -16.81 72.93
CA PHE C 503 -47.20 -15.71 72.19
C PHE C 503 -46.15 -14.86 71.49
N LEU C 504 -46.45 -14.48 70.25
CA LEU C 504 -45.57 -13.62 69.46
C LEU C 504 -46.03 -12.18 69.63
N HIS C 505 -45.63 -11.58 70.75
CA HIS C 505 -46.04 -10.23 71.08
C HIS C 505 -45.38 -9.22 70.13
N LEU C 506 -46.11 -8.13 69.87
CA LEU C 506 -45.62 -7.04 69.05
C LEU C 506 -45.91 -5.72 69.76
N SER C 507 -44.93 -4.82 69.74
CA SER C 507 -45.04 -3.53 70.41
C SER C 507 -44.86 -2.40 69.42
N ASN C 508 -45.73 -1.39 69.51
CA ASN C 508 -45.66 -0.21 68.64
C ASN C 508 -45.78 1.08 69.44
N GLN C 509 -45.48 1.04 70.74
CA GLN C 509 -45.56 2.25 71.55
C GLN C 509 -44.56 3.29 71.07
N HIS C 510 -43.34 2.87 70.75
CA HIS C 510 -42.33 3.76 70.20
C HIS C 510 -42.13 3.45 68.71
N GLU C 511 -41.34 4.30 68.05
CA GLU C 511 -41.06 4.15 66.64
C GLU C 511 -39.95 3.11 66.44
N PHE C 512 -40.17 2.18 65.51
CA PHE C 512 -39.19 1.13 65.23
C PHE C 512 -38.49 1.34 63.89
N GLY C 513 -39.26 1.50 62.81
CA GLY C 513 -38.67 1.67 61.49
C GLY C 513 -39.72 1.50 60.41
N ARG C 514 -39.24 1.22 59.20
CA ARG C 514 -40.09 1.06 58.04
C ARG C 514 -39.61 -0.15 57.24
N LEU C 515 -40.41 -0.54 56.24
CA LEU C 515 -40.11 -1.69 55.40
C LEU C 515 -39.64 -1.21 54.04
N LEU C 516 -38.49 -1.73 53.59
CA LEU C 516 -37.95 -1.35 52.29
C LEU C 516 -38.79 -1.94 51.17
N ALA C 517 -38.92 -1.17 50.10
CA ALA C 517 -39.68 -1.59 48.93
C ALA C 517 -38.74 -2.25 47.92
N THR C 518 -38.88 -3.56 47.74
CA THR C 518 -38.04 -4.31 46.82
C THR C 518 -38.84 -5.15 45.84
N SER C 519 -40.13 -4.84 45.63
CA SER C 519 -40.92 -5.58 44.66
C SER C 519 -40.36 -5.42 43.25
N ARG C 520 -39.98 -4.20 42.89
CA ARG C 520 -39.39 -3.91 41.59
C ARG C 520 -38.09 -3.14 41.80
N TYR C 521 -37.04 -3.55 41.08
CA TYR C 521 -35.75 -2.88 41.17
C TYR C 521 -34.99 -3.16 39.89
N ASP C 522 -34.73 -2.12 39.09
CA ASP C 522 -34.06 -2.27 37.81
C ASP C 522 -32.60 -2.60 38.05
N THR C 523 -32.25 -3.88 37.89
CA THR C 523 -30.88 -4.32 38.09
C THR C 523 -29.99 -4.08 36.88
N GLU C 524 -30.56 -3.74 35.73
CA GLU C 524 -29.78 -3.49 34.51
C GLU C 524 -29.39 -2.02 34.41
N HIS C 525 -28.76 -1.53 35.48
CA HIS C 525 -28.32 -0.15 35.55
C HIS C 525 -27.15 -0.05 36.51
N LEU C 526 -26.27 0.92 36.28
CA LEU C 526 -25.11 1.11 37.14
C LEU C 526 -25.53 1.51 38.55
N HIS C 527 -26.52 2.40 38.65
CA HIS C 527 -27.00 2.93 39.93
C HIS C 527 -28.50 2.75 40.02
N PRO C 528 -28.97 1.57 40.41
CA PRO C 528 -30.41 1.37 40.58
C PRO C 528 -31.04 2.27 41.62
N ASP C 529 -30.27 2.71 42.62
CA ASP C 529 -30.81 3.60 43.65
C ASP C 529 -31.14 4.98 43.10
N LEU C 530 -30.58 5.35 41.95
CA LEU C 530 -30.90 6.65 41.35
C LEU C 530 -32.37 6.72 40.94
N TRP C 531 -32.89 5.63 40.37
CA TRP C 531 -34.29 5.56 39.97
C TRP C 531 -35.21 5.08 41.08
N GLN C 532 -34.67 4.83 42.28
CA GLN C 532 -35.45 4.36 43.41
C GLN C 532 -36.29 5.46 44.05
N ILE C 533 -36.39 6.63 43.43
CA ILE C 533 -37.21 7.71 43.98
C ILE C 533 -38.67 7.33 43.96
N PHE C 534 -39.10 6.59 42.93
CA PHE C 534 -40.50 6.18 42.86
C PHE C 534 -40.82 5.10 43.89
N ASP C 535 -39.95 4.09 44.01
CA ASP C 535 -40.22 2.99 44.92
C ASP C 535 -40.03 3.41 46.37
N ASN C 536 -38.94 4.11 46.67
CA ASN C 536 -38.60 4.53 48.03
C ASN C 536 -38.30 6.02 48.03
N PRO C 537 -39.34 6.86 47.96
CA PRO C 537 -39.09 8.31 47.92
C PRO C 537 -38.35 8.84 49.13
N VAL C 538 -38.64 8.32 50.33
CA VAL C 538 -37.99 8.84 51.54
C VAL C 538 -36.50 8.52 51.52
N ASP C 539 -36.15 7.27 51.24
CA ASP C 539 -34.74 6.88 51.25
C ASP C 539 -33.97 7.56 50.14
N TRP C 540 -34.55 7.63 48.94
CA TRP C 540 -33.87 8.29 47.83
C TRP C 540 -33.68 9.78 48.10
N LYS C 541 -34.69 10.43 48.66
CA LYS C 541 -34.57 11.84 49.01
C LYS C 541 -33.50 12.06 50.08
N GLU C 542 -33.47 11.19 51.10
CA GLU C 542 -32.47 11.32 52.15
C GLU C 542 -31.06 11.08 51.63
N GLN C 543 -30.88 10.17 50.67
CA GLN C 543 -29.56 9.83 50.18
C GLN C 543 -29.07 10.74 49.06
N TYR C 544 -29.95 11.36 48.30
CA TYR C 544 -29.56 12.13 47.13
C TYR C 544 -29.63 13.64 47.34
N ILE C 545 -30.56 14.13 48.17
CA ILE C 545 -30.73 15.57 48.33
C ILE C 545 -29.64 16.12 49.24
N HIS C 546 -29.47 17.44 49.18
CA HIS C 546 -28.47 18.11 50.02
C HIS C 546 -28.92 18.14 51.47
N GLU C 547 -27.93 18.07 52.37
CA GLU C 547 -28.21 18.10 53.80
C GLU C 547 -28.82 19.43 54.24
N ASN C 548 -28.51 20.53 53.55
CA ASN C 548 -29.04 21.84 53.88
C ASN C 548 -30.31 22.18 53.11
N TYR C 549 -30.81 21.26 52.28
CA TYR C 549 -32.01 21.54 51.50
C TYR C 549 -33.21 21.79 52.39
N SER C 550 -33.40 20.96 53.42
CA SER C 550 -34.49 21.18 54.37
C SER C 550 -34.28 22.47 55.16
N ARG C 551 -33.04 22.72 55.59
CA ARG C 551 -32.76 23.96 56.33
C ARG C 551 -32.98 25.18 55.45
N ALA C 552 -32.54 25.12 54.19
CA ALA C 552 -32.75 26.25 53.28
C ALA C 552 -34.23 26.46 53.01
N LEU C 553 -34.99 25.38 52.81
CA LEU C 553 -36.42 25.51 52.57
C LEU C 553 -37.16 26.05 53.78
N GLU C 554 -36.69 25.73 54.99
CA GLU C 554 -37.35 26.20 56.19
C GLU C 554 -37.27 27.71 56.37
N GLY C 555 -36.31 28.36 55.72
CA GLY C 555 -36.18 29.80 55.83
C GLY C 555 -35.21 30.24 56.90
N GLU C 556 -33.99 29.68 56.86
CA GLU C 556 -32.94 30.00 57.82
C GLU C 556 -31.70 30.53 57.10
N GLY C 557 -31.91 31.43 56.15
CA GLY C 557 -30.79 31.94 55.37
C GLY C 557 -30.43 31.01 54.24
N ILE C 558 -29.17 30.59 54.20
CA ILE C 558 -28.67 29.60 53.24
C ILE C 558 -28.75 30.12 51.82
N VAL C 559 -29.95 30.54 51.40
CA VAL C 559 -30.13 31.03 50.03
C VAL C 559 -29.39 32.34 49.85
N GLU C 560 -28.60 32.43 48.78
CA GLU C 560 -27.81 33.61 48.47
C GLU C 560 -28.32 34.25 47.19
N GLN C 561 -28.28 35.58 47.14
CA GLN C 561 -28.74 36.35 46.00
C GLN C 561 -27.64 37.32 45.57
N PRO C 562 -26.55 36.80 44.99
CA PRO C 562 -25.45 37.68 44.58
C PRO C 562 -25.83 38.68 43.51
N CYS C 563 -26.88 38.41 42.73
CA CYS C 563 -27.34 39.31 41.68
C CYS C 563 -28.81 39.62 41.88
N PRO C 564 -29.27 40.76 41.36
CA PRO C 564 -30.69 41.10 41.51
C PRO C 564 -31.58 40.07 40.82
N ASP C 565 -32.70 39.75 41.48
CA ASP C 565 -33.67 38.77 40.99
C ASP C 565 -33.00 37.42 40.71
N VAL C 566 -32.09 37.03 41.60
CA VAL C 566 -31.36 35.77 41.47
C VAL C 566 -31.36 35.07 42.82
N TYR C 567 -31.08 33.77 42.79
CA TYR C 567 -31.03 32.95 44.00
C TYR C 567 -29.90 31.94 43.88
N TRP C 568 -29.48 31.41 45.02
CA TRP C 568 -28.44 30.38 45.09
C TRP C 568 -28.65 29.58 46.37
N PHE C 569 -29.19 28.38 46.24
CA PHE C 569 -29.49 27.53 47.38
C PHE C 569 -28.94 26.14 47.16
N PRO C 570 -28.60 25.42 48.24
CA PRO C 570 -28.08 24.06 48.10
C PRO C 570 -29.20 23.07 47.82
N LEU C 571 -29.09 22.37 46.69
CA LEU C 571 -30.11 21.42 46.26
C LEU C 571 -29.61 19.98 46.18
N LEU C 572 -28.50 19.75 45.50
CA LEU C 572 -28.00 18.41 45.26
C LEU C 572 -26.85 18.08 46.21
N SER C 573 -26.61 16.79 46.38
CA SER C 573 -25.55 16.28 47.25
C SER C 573 -24.42 15.68 46.42
N GLU C 574 -23.34 15.32 47.12
CA GLU C 574 -22.16 14.76 46.44
C GLU C 574 -22.46 13.40 45.83
N GLN C 575 -23.19 12.54 46.54
CA GLN C 575 -23.44 11.19 46.04
C GLN C 575 -24.29 11.22 44.78
N MET C 576 -25.36 12.02 44.78
CA MET C 576 -26.22 12.12 43.60
C MET C 576 -25.46 12.70 42.41
N CYS C 577 -24.64 13.73 42.65
CA CYS C 577 -23.85 14.31 41.57
C CYS C 577 -22.86 13.30 41.00
N ASP C 578 -22.20 12.53 41.88
CA ASP C 578 -21.26 11.52 41.41
C ASP C 578 -21.97 10.44 40.60
N GLU C 579 -23.15 10.00 41.06
CA GLU C 579 -23.89 8.98 40.33
C GLU C 579 -24.33 9.52 38.95
N LEU C 580 -24.81 10.76 38.91
CA LEU C 580 -25.22 11.35 37.63
C LEU C 580 -24.03 11.48 36.68
N VAL C 581 -22.87 11.91 37.20
CA VAL C 581 -21.69 12.04 36.37
C VAL C 581 -21.26 10.67 35.84
N ALA C 582 -21.31 9.65 36.69
CA ALA C 582 -20.95 8.31 36.25
C ALA C 582 -21.90 7.80 35.17
N GLU C 583 -23.19 8.05 35.34
CA GLU C 583 -24.16 7.62 34.32
C GLU C 583 -23.93 8.35 33.00
N MET C 584 -23.67 9.66 33.07
CA MET C 584 -23.41 10.44 31.86
C MET C 584 -22.15 9.95 31.15
N GLU C 585 -21.10 9.66 31.92
CA GLU C 585 -19.86 9.14 31.33
C GLU C 585 -20.08 7.77 30.70
N HIS C 586 -20.88 6.92 31.35
CA HIS C 586 -21.21 5.62 30.79
C HIS C 586 -22.05 5.73 29.53
N TYR C 587 -22.88 6.78 29.42
CA TYR C 587 -23.67 6.96 28.20
C TYR C 587 -22.76 7.15 26.99
N GLY C 588 -21.71 7.95 27.13
CA GLY C 588 -20.71 8.08 26.06
C GLY C 588 -21.01 9.01 24.91
N GLN C 589 -22.18 8.84 24.27
CA GLN C 589 -22.53 9.60 23.07
C GLN C 589 -22.87 11.03 23.47
N TRP C 590 -21.82 11.85 23.61
CA TRP C 590 -21.97 13.26 23.96
C TRP C 590 -22.22 14.06 22.69
N SER C 591 -23.47 14.03 22.24
CA SER C 591 -23.87 14.75 21.04
C SER C 591 -24.04 16.24 21.34
N GLY C 592 -24.41 16.99 20.33
CA GLY C 592 -24.58 18.42 20.47
C GLY C 592 -23.35 19.18 20.04
N GLY C 593 -23.56 20.41 19.59
CA GLY C 593 -22.47 21.24 19.10
C GLY C 593 -22.66 21.66 17.66
N ARG C 594 -23.81 21.29 17.09
CA ARG C 594 -24.15 21.64 15.71
C ARG C 594 -25.28 22.66 15.70
N HIS C 595 -25.29 23.51 14.67
CA HIS C 595 -26.32 24.53 14.56
C HIS C 595 -27.72 23.92 14.47
N GLU C 596 -27.86 22.85 13.69
CA GLU C 596 -29.11 22.14 13.62
C GLU C 596 -29.32 21.30 14.88
N ASP C 597 -30.57 20.86 15.08
CA ASP C 597 -30.92 20.03 16.22
C ASP C 597 -31.83 18.90 15.76
N SER C 598 -31.48 17.67 16.16
CA SER C 598 -32.28 16.51 15.79
C SER C 598 -33.45 16.28 16.73
N ARG C 599 -33.33 16.69 17.99
CA ARG C 599 -34.40 16.54 18.97
C ARG C 599 -35.34 17.73 19.03
N LEU C 600 -35.11 18.76 18.22
CA LEU C 600 -35.96 19.94 18.19
C LEU C 600 -36.94 19.86 17.03
N ALA C 601 -38.19 20.25 17.29
CA ALA C 601 -39.21 20.22 16.25
C ALA C 601 -38.88 21.19 15.12
N GLY C 602 -38.37 22.38 15.46
CA GLY C 602 -38.04 23.36 14.43
C GLY C 602 -36.92 22.90 13.52
N GLY C 603 -35.98 22.14 14.06
CA GLY C 603 -34.83 21.68 13.30
C GLY C 603 -33.66 22.64 13.25
N TYR C 604 -33.74 23.77 13.96
CA TYR C 604 -32.67 24.76 13.99
C TYR C 604 -32.54 25.27 15.42
N GLU C 605 -31.41 24.99 16.05
CA GLU C 605 -31.14 25.47 17.41
C GLU C 605 -30.37 26.79 17.34
N ASN C 606 -30.89 27.80 18.03
CA ASN C 606 -30.23 29.11 18.04
C ASN C 606 -28.86 29.02 18.68
N VAL C 607 -28.73 28.23 19.74
CA VAL C 607 -27.45 28.07 20.44
C VAL C 607 -27.10 26.59 20.51
N PRO C 608 -25.95 26.18 19.99
CA PRO C 608 -25.53 24.78 20.10
C PRO C 608 -24.67 24.54 21.34
N THR C 609 -24.80 23.33 21.87
CA THR C 609 -24.04 22.94 23.06
C THR C 609 -23.91 21.43 23.09
N VAL C 610 -22.74 20.96 23.52
CA VAL C 610 -22.48 19.53 23.62
C VAL C 610 -23.07 19.04 24.94
N ASP C 611 -24.10 18.20 24.87
CA ASP C 611 -24.80 17.74 26.05
C ASP C 611 -25.51 16.43 25.75
N ILE C 612 -25.92 15.75 26.81
CA ILE C 612 -26.71 14.52 26.72
C ILE C 612 -28.08 14.82 27.29
N HIS C 613 -29.12 14.64 26.48
CA HIS C 613 -30.48 14.93 26.92
C HIS C 613 -30.95 13.90 27.94
N MET C 614 -31.79 14.36 28.87
CA MET C 614 -32.33 13.47 29.89
C MET C 614 -33.23 12.39 29.28
N LYS C 615 -33.79 12.65 28.10
CA LYS C 615 -34.62 11.65 27.44
C LYS C 615 -33.82 10.42 27.07
N GLN C 616 -32.58 10.60 26.60
CA GLN C 616 -31.75 9.47 26.24
C GLN C 616 -31.44 8.59 27.44
N VAL C 617 -31.13 9.21 28.59
CA VAL C 617 -30.82 8.43 29.80
C VAL C 617 -32.07 7.89 30.48
N GLY C 618 -33.25 8.34 30.10
CA GLY C 618 -34.47 7.90 30.74
C GLY C 618 -34.78 8.56 32.06
N TYR C 619 -33.98 9.53 32.49
CA TYR C 619 -34.16 10.21 33.76
C TYR C 619 -35.08 11.42 33.65
N GLU C 620 -35.69 11.65 32.50
CA GLU C 620 -36.59 12.79 32.35
C GLU C 620 -37.78 12.70 33.29
N ASP C 621 -38.38 11.51 33.41
CA ASP C 621 -39.50 11.33 34.32
C ASP C 621 -39.07 11.52 35.78
N GLN C 622 -37.94 10.91 36.15
CA GLN C 622 -37.45 11.05 37.52
C GLN C 622 -37.08 12.50 37.84
N TRP C 623 -36.41 13.17 36.89
CA TRP C 623 -36.06 14.57 37.10
C TRP C 623 -37.30 15.45 37.22
N LEU C 624 -38.32 15.17 36.39
CA LEU C 624 -39.56 15.94 36.46
C LEU C 624 -40.26 15.71 37.80
N GLN C 625 -40.28 14.46 38.29
CA GLN C 625 -40.88 14.19 39.58
C GLN C 625 -40.13 14.90 40.69
N LEU C 626 -38.80 14.88 40.65
CA LEU C 626 -38.00 15.56 41.67
C LEU C 626 -38.25 17.06 41.63
N LEU C 627 -38.36 17.64 40.43
CA LEU C 627 -38.64 19.06 40.30
C LEU C 627 -40.02 19.41 40.85
N ARG C 628 -41.03 18.57 40.55
CA ARG C 628 -42.36 18.82 41.07
C ARG C 628 -42.41 18.67 42.58
N THR C 629 -41.56 17.81 43.14
CA THR C 629 -41.57 17.60 44.59
C THR C 629 -40.83 18.71 45.33
N TYR C 630 -39.54 18.88 45.02
CA TYR C 630 -38.67 19.78 45.78
C TYR C 630 -38.48 21.14 45.13
N VAL C 631 -38.26 21.19 43.82
CA VAL C 631 -37.95 22.46 43.16
C VAL C 631 -39.14 23.41 43.25
N GLY C 632 -40.36 22.90 43.05
CA GLY C 632 -41.55 23.72 43.09
C GLY C 632 -41.81 24.42 44.40
N PRO C 633 -41.68 23.73 45.54
CA PRO C 633 -41.85 24.44 46.83
C PRO C 633 -40.86 25.56 47.03
N MET C 634 -39.61 25.40 46.57
CA MET C 634 -38.62 26.46 46.70
C MET C 634 -39.01 27.68 45.88
N THR C 635 -39.49 27.47 44.65
CA THR C 635 -39.95 28.58 43.84
C THR C 635 -41.18 29.25 44.45
N GLU C 636 -42.08 28.45 45.03
CA GLU C 636 -43.25 29.01 45.69
C GLU C 636 -42.87 29.87 46.89
N SER C 637 -41.90 29.42 47.69
CA SER C 637 -41.49 30.18 48.87
C SER C 637 -40.71 31.43 48.47
N LEU C 638 -39.77 31.29 47.53
CA LEU C 638 -38.93 32.42 47.14
C LEU C 638 -39.75 33.53 46.49
N PHE C 639 -40.70 33.17 45.63
CA PHE C 639 -41.52 34.16 44.94
C PHE C 639 -42.95 34.07 45.44
N PRO C 640 -43.38 34.98 46.33
CA PRO C 640 -44.77 34.94 46.79
C PRO C 640 -45.74 35.30 45.67
N GLY C 641 -46.93 34.70 45.75
CA GLY C 641 -47.95 34.94 44.77
C GLY C 641 -47.74 34.26 43.43
N TYR C 642 -46.74 33.39 43.33
CA TYR C 642 -46.43 32.69 42.09
C TYR C 642 -46.70 31.20 42.29
N HIS C 643 -47.57 30.64 41.46
CA HIS C 643 -47.90 29.22 41.51
C HIS C 643 -47.06 28.46 40.49
N THR C 644 -46.66 27.25 40.85
CA THR C 644 -45.77 26.45 40.02
C THR C 644 -46.45 25.13 39.65
N LYS C 645 -46.25 24.72 38.40
CA LYS C 645 -46.76 23.45 37.91
C LYS C 645 -45.63 22.51 37.48
N ALA C 646 -44.39 22.98 37.43
CA ALA C 646 -43.22 22.18 37.07
C ALA C 646 -43.38 21.55 35.68
N ARG C 647 -43.50 22.42 34.68
CA ARG C 647 -43.58 22.00 33.28
C ARG C 647 -42.26 22.34 32.61
N ALA C 648 -41.46 21.31 32.31
CA ALA C 648 -40.15 21.48 31.70
C ALA C 648 -40.10 20.68 30.40
N VAL C 649 -39.72 21.34 29.31
CA VAL C 649 -39.62 20.69 28.02
C VAL C 649 -38.18 20.35 27.65
N MET C 650 -37.19 21.07 28.17
CA MET C 650 -35.79 20.81 27.89
C MET C 650 -35.05 20.55 29.19
N ASN C 651 -34.38 19.40 29.27
CA ASN C 651 -33.61 19.04 30.45
C ASN C 651 -32.42 18.22 29.99
N PHE C 652 -31.21 18.73 30.21
CA PHE C 652 -30.00 18.05 29.77
C PHE C 652 -28.82 18.55 30.60
N VAL C 653 -27.75 17.76 30.59
CA VAL C 653 -26.52 18.10 31.31
C VAL C 653 -25.43 18.32 30.26
N VAL C 654 -24.78 19.48 30.34
CA VAL C 654 -23.77 19.88 29.36
C VAL C 654 -22.40 19.84 30.01
N ARG C 655 -21.44 19.28 29.27
CA ARG C 655 -20.04 19.23 29.71
C ARG C 655 -19.21 20.08 28.76
N TYR C 656 -18.53 21.07 29.31
CA TYR C 656 -17.71 21.99 28.54
C TYR C 656 -16.24 21.64 28.72
N ARG C 657 -15.50 21.62 27.63
CA ARG C 657 -14.09 21.27 27.63
C ARG C 657 -13.28 22.40 27.00
N PRO C 658 -12.00 22.51 27.34
CA PRO C 658 -11.18 23.60 26.77
C PRO C 658 -10.99 23.50 25.26
N ASP C 659 -11.22 22.33 24.67
CA ASP C 659 -11.03 22.14 23.24
C ASP C 659 -12.25 21.57 22.52
N GLU C 660 -13.31 21.22 23.24
CA GLU C 660 -14.50 20.63 22.62
C GLU C 660 -15.66 21.62 22.55
N GLN C 661 -16.05 22.19 23.69
CA GLN C 661 -17.18 23.13 23.74
C GLN C 661 -16.75 24.39 24.47
N PRO C 662 -16.73 25.53 23.82
CA PRO C 662 -16.33 26.79 24.47
C PRO C 662 -17.53 27.43 25.17
N SER C 663 -17.26 28.57 25.80
CA SER C 663 -18.31 29.30 26.50
C SER C 663 -19.35 29.81 25.51
N LEU C 664 -20.62 29.71 25.89
CA LEU C 664 -21.70 30.10 25.01
C LEU C 664 -21.77 31.61 24.86
N ARG C 665 -22.33 32.04 23.73
CA ARG C 665 -22.51 33.45 23.47
C ARG C 665 -23.59 34.02 24.39
N PRO C 666 -23.59 35.34 24.59
CA PRO C 666 -24.58 35.94 25.51
C PRO C 666 -25.97 35.88 24.91
N HIS C 667 -26.80 35.00 25.46
CA HIS C 667 -28.17 34.81 24.98
C HIS C 667 -29.06 34.55 26.18
N HIS C 668 -30.35 34.83 25.99
CA HIS C 668 -31.35 34.67 27.04
C HIS C 668 -31.93 33.27 27.03
N ASP C 669 -32.90 33.05 27.91
CA ASP C 669 -33.57 31.77 28.05
C ASP C 669 -35.03 31.90 27.60
N SER C 670 -35.50 30.91 26.85
CA SER C 670 -36.88 30.89 26.36
C SER C 670 -37.79 30.17 27.36
N SER C 671 -37.74 30.64 28.61
CA SER C 671 -38.54 30.07 29.68
C SER C 671 -38.75 31.12 30.75
N THR C 672 -39.76 30.91 31.58
CA THR C 672 -40.04 31.83 32.67
C THR C 672 -38.94 31.82 33.71
N PHE C 673 -38.47 30.63 34.09
CA PHE C 673 -37.41 30.50 35.08
C PHE C 673 -36.39 29.48 34.58
N THR C 674 -35.12 29.73 34.91
CA THR C 674 -34.02 28.87 34.51
C THR C 674 -33.26 28.41 35.75
N LEU C 675 -32.95 27.12 35.80
CA LEU C 675 -32.21 26.53 36.91
C LEU C 675 -30.88 25.99 36.38
N ASN C 676 -29.78 26.38 37.03
CA ASN C 676 -28.44 25.92 36.66
C ASN C 676 -27.82 25.25 37.87
N VAL C 677 -27.47 23.97 37.73
CA VAL C 677 -26.89 23.18 38.79
C VAL C 677 -25.52 22.68 38.33
N ALA C 678 -24.49 22.99 39.11
CA ALA C 678 -23.14 22.52 38.82
C ALA C 678 -23.01 21.05 39.18
N LEU C 679 -22.05 20.39 38.54
CA LEU C 679 -21.78 18.98 38.78
C LEU C 679 -20.32 18.69 39.09
N ASN C 680 -19.51 19.71 39.38
CA ASN C 680 -18.10 19.52 39.67
C ASN C 680 -17.63 20.64 40.58
N HIS C 681 -16.51 20.40 41.26
CA HIS C 681 -15.92 21.37 42.16
C HIS C 681 -15.08 22.37 41.38
N LYS C 682 -15.27 23.65 41.69
CA LYS C 682 -14.51 24.71 41.01
C LYS C 682 -13.03 24.59 41.33
N GLY C 683 -12.20 24.72 40.30
CA GLY C 683 -10.76 24.57 40.47
C GLY C 683 -10.26 23.15 40.58
N LEU C 684 -10.83 22.37 41.49
CA LEU C 684 -10.42 20.98 41.65
C LEU C 684 -10.71 20.15 40.41
N ASP C 685 -11.89 20.34 39.82
CA ASP C 685 -12.30 19.60 38.62
C ASP C 685 -12.09 20.39 37.34
N TYR C 686 -12.45 21.67 37.33
CA TYR C 686 -12.25 22.52 36.17
C TYR C 686 -11.81 23.90 36.62
N GLU C 687 -10.93 24.51 35.83
CA GLU C 687 -10.37 25.83 36.14
C GLU C 687 -10.98 26.86 35.19
N GLY C 688 -11.53 27.94 35.76
CA GLY C 688 -12.13 28.98 34.96
C GLY C 688 -13.14 29.82 35.73
N GLY C 689 -14.22 30.19 35.07
CA GLY C 689 -15.26 30.99 35.69
C GLY C 689 -16.65 30.46 35.47
N GLY C 690 -17.66 31.20 35.90
CA GLY C 690 -19.03 30.76 35.77
C GLY C 690 -19.84 31.55 34.76
N CYS C 691 -20.71 32.43 35.26
CA CYS C 691 -21.61 33.21 34.43
C CYS C 691 -21.18 34.68 34.41
N ARG C 692 -21.86 35.47 33.59
CA ARG C 692 -21.61 36.91 33.52
C ARG C 692 -22.91 37.59 33.14
N PHE C 693 -23.62 38.11 34.13
CA PHE C 693 -24.90 38.80 33.89
C PHE C 693 -24.60 40.21 33.42
N LEU C 694 -24.80 40.47 32.12
CA LEU C 694 -24.48 41.77 31.56
C LEU C 694 -25.36 42.87 32.14
N ARG C 695 -26.65 42.59 32.33
CA ARG C 695 -27.57 43.60 32.83
C ARG C 695 -27.19 44.05 34.24
N TYR C 696 -26.84 43.11 35.11
CA TYR C 696 -26.48 43.41 36.48
C TYR C 696 -24.97 43.59 36.68
N ASP C 697 -24.18 43.39 35.63
CA ASP C 697 -22.72 43.47 35.71
C ASP C 697 -22.18 42.56 36.82
N CYS C 698 -22.73 41.35 36.88
CA CYS C 698 -22.40 40.40 37.92
C CYS C 698 -21.86 39.12 37.29
N VAL C 699 -20.81 38.58 37.90
CA VAL C 699 -20.20 37.32 37.45
C VAL C 699 -20.08 36.39 38.65
N ILE C 700 -20.64 35.20 38.51
CA ILE C 700 -20.57 34.18 39.57
C ILE C 700 -19.34 33.33 39.26
N SER C 701 -18.19 33.76 39.78
CA SER C 701 -16.93 33.07 39.54
C SER C 701 -16.62 32.02 40.58
N SER C 702 -17.53 31.74 41.51
CA SER C 702 -17.34 30.75 42.57
C SER C 702 -18.53 29.80 42.55
N PRO C 703 -18.62 28.94 41.55
CA PRO C 703 -19.73 27.97 41.51
C PRO C 703 -19.62 26.96 42.64
N ARG C 704 -20.79 26.47 43.06
CA ARG C 704 -20.89 25.47 44.11
C ARG C 704 -21.42 24.17 43.52
N LYS C 705 -20.73 23.06 43.84
CA LYS C 705 -21.13 21.76 43.32
C LYS C 705 -22.51 21.35 43.84
N GLY C 706 -22.76 21.60 45.14
CA GLY C 706 -24.01 21.18 45.73
C GLY C 706 -25.14 22.19 45.62
N TRP C 707 -24.82 23.45 45.36
CA TRP C 707 -25.84 24.49 45.26
C TRP C 707 -26.29 24.67 43.81
N ALA C 708 -27.42 25.35 43.65
CA ALA C 708 -27.98 25.63 42.33
C ALA C 708 -28.64 27.00 42.36
N LEU C 709 -28.73 27.60 41.18
CA LEU C 709 -29.32 28.92 41.01
C LEU C 709 -30.62 28.82 40.21
N LEU C 710 -31.60 29.61 40.60
CA LEU C 710 -32.90 29.62 39.93
C LEU C 710 -33.35 31.07 39.80
N HIS C 711 -33.10 31.66 38.64
CA HIS C 711 -33.45 33.04 38.36
C HIS C 711 -34.15 33.11 37.02
N PRO C 712 -35.00 34.12 36.82
CA PRO C 712 -35.65 34.29 35.52
C PRO C 712 -34.64 34.58 34.43
N GLY C 713 -34.98 34.18 33.20
CA GLY C 713 -34.10 34.40 32.07
C GLY C 713 -34.82 34.73 30.79
N ARG C 714 -36.08 35.17 30.90
CA ARG C 714 -36.87 35.44 29.71
C ARG C 714 -36.57 36.82 29.12
N LEU C 715 -36.80 37.88 29.91
CA LEU C 715 -36.68 39.25 29.42
C LEU C 715 -35.61 40.05 30.16
N THR C 716 -35.63 40.02 31.49
CA THR C 716 -34.73 40.83 32.30
C THR C 716 -33.43 40.13 32.64
N HIS C 717 -32.99 39.17 31.82
CA HIS C 717 -31.75 38.44 32.07
C HIS C 717 -31.15 38.02 30.74
N TYR C 718 -30.09 38.70 30.32
CA TYR C 718 -29.30 38.32 29.16
C TYR C 718 -28.03 37.64 29.69
N HIS C 719 -28.12 36.33 29.89
CA HIS C 719 -27.06 35.57 30.54
C HIS C 719 -25.88 35.36 29.58
N GLU C 720 -24.68 35.36 30.16
CA GLU C 720 -23.46 35.08 29.42
C GLU C 720 -22.55 34.21 30.29
N GLY C 721 -21.95 33.19 29.68
CA GLY C 721 -21.09 32.27 30.41
C GLY C 721 -19.63 32.59 30.21
N LEU C 722 -18.85 32.47 31.28
CA LEU C 722 -17.43 32.71 31.22
C LEU C 722 -16.68 31.48 30.70
N PRO C 723 -15.45 31.65 30.24
CA PRO C 723 -14.69 30.52 29.72
C PRO C 723 -13.90 29.82 30.81
N THR C 724 -13.59 28.55 30.57
CA THR C 724 -12.83 27.71 31.48
C THR C 724 -11.51 27.35 30.82
N THR C 725 -10.40 27.55 31.54
CA THR C 725 -9.08 27.33 30.96
C THR C 725 -8.68 25.86 31.02
N TRP C 726 -8.58 25.30 32.22
CA TRP C 726 -8.10 23.94 32.43
C TRP C 726 -9.19 23.07 33.00
N GLY C 727 -9.29 21.84 32.49
CA GLY C 727 -10.28 20.89 32.97
C GLY C 727 -11.62 21.05 32.28
N THR C 728 -12.55 20.20 32.69
CA THR C 728 -13.91 20.18 32.15
C THR C 728 -14.92 20.29 33.29
N ARG C 729 -15.90 21.17 33.11
CA ARG C 729 -16.95 21.38 34.09
C ARG C 729 -18.29 20.93 33.52
N TYR C 730 -19.03 20.16 34.31
CA TYR C 730 -20.33 19.64 33.91
C TYR C 730 -21.43 20.49 34.54
N ILE C 731 -22.38 20.93 33.73
CA ILE C 731 -23.49 21.77 34.18
C ILE C 731 -24.79 21.09 33.80
N MET C 732 -25.69 20.95 34.77
CA MET C 732 -27.02 20.38 34.54
C MET C 732 -28.04 21.50 34.65
N VAL C 733 -28.60 21.91 33.51
CA VAL C 733 -29.54 23.01 33.44
C VAL C 733 -30.79 22.53 32.71
N SER C 734 -31.95 22.90 33.24
CA SER C 734 -33.24 22.53 32.65
C SER C 734 -34.09 23.78 32.49
N PHE C 735 -34.87 23.82 31.41
CA PHE C 735 -35.76 24.95 31.12
C PHE C 735 -37.15 24.59 31.62
N VAL C 736 -37.57 25.24 32.70
CA VAL C 736 -38.87 25.00 33.31
C VAL C 736 -39.81 26.14 32.98
N ASP C 737 -41.10 25.84 32.89
CA ASP C 737 -42.16 26.80 32.59
C ASP C 737 -41.89 27.50 31.26
N PRO C 738 -41.96 26.77 30.14
CA PRO C 738 -41.73 27.34 28.80
C PRO C 738 -43.02 27.45 27.99
N PRO D 33 -13.29 77.71 -43.47
CA PRO D 33 -12.82 79.02 -42.99
C PRO D 33 -13.82 80.14 -43.25
N VAL D 34 -15.12 79.81 -43.21
CA VAL D 34 -16.14 80.82 -43.39
C VAL D 34 -16.17 81.74 -42.18
N ASN D 35 -16.38 83.03 -42.43
CA ASN D 35 -16.38 84.01 -41.36
C ASN D 35 -17.61 83.82 -40.47
N PRO D 36 -17.44 83.57 -39.17
CA PRO D 36 -18.62 83.44 -38.30
C PRO D 36 -19.48 84.69 -38.25
N GLU D 37 -18.88 85.88 -38.35
CA GLU D 37 -19.63 87.12 -38.31
C GLU D 37 -20.46 87.34 -39.58
N LYS D 38 -20.27 86.53 -40.61
CA LYS D 38 -21.01 86.67 -41.86
C LYS D 38 -22.41 86.06 -41.79
N LEU D 39 -22.91 85.77 -40.59
CA LEU D 39 -24.21 85.15 -40.41
C LEU D 39 -25.17 86.14 -39.76
N LEU D 40 -26.38 86.21 -40.30
CA LEU D 40 -27.44 87.04 -39.76
C LEU D 40 -28.70 86.20 -39.59
N VAL D 41 -29.39 86.39 -38.47
CA VAL D 41 -30.58 85.62 -38.14
C VAL D 41 -31.78 86.56 -38.11
N ILE D 42 -32.83 86.20 -38.85
CA ILE D 42 -34.05 87.00 -38.95
C ILE D 42 -35.20 86.16 -38.42
N THR D 43 -35.97 86.72 -37.49
CA THR D 43 -37.10 86.04 -36.89
C THR D 43 -38.32 86.97 -36.91
N VAL D 44 -39.50 86.35 -36.95
CA VAL D 44 -40.76 87.07 -37.00
C VAL D 44 -41.53 86.75 -35.72
N ALA D 45 -41.85 87.80 -34.95
CA ALA D 45 -42.57 87.62 -33.69
C ALA D 45 -43.34 88.91 -33.41
N THR D 46 -44.67 88.80 -33.36
CA THR D 46 -45.49 89.98 -33.06
C THR D 46 -45.26 90.46 -31.64
N ALA D 47 -45.32 89.55 -30.66
CA ALA D 47 -45.10 89.91 -29.27
C ALA D 47 -43.93 89.13 -28.68
N GLU D 48 -43.65 89.34 -27.41
CA GLU D 48 -42.56 88.66 -26.70
C GLU D 48 -43.19 87.70 -25.69
N THR D 49 -43.48 86.49 -26.14
CA THR D 49 -44.06 85.47 -25.29
C THR D 49 -42.94 84.68 -24.60
N GLU D 50 -43.31 83.60 -23.92
CA GLU D 50 -42.32 82.73 -23.31
C GLU D 50 -41.43 82.08 -24.36
N GLY D 51 -42.02 81.71 -25.50
CA GLY D 51 -41.23 81.14 -26.58
C GLY D 51 -40.19 82.10 -27.11
N TYR D 52 -40.56 83.38 -27.25
CA TYR D 52 -39.60 84.38 -27.70
C TYR D 52 -38.46 84.53 -26.71
N LEU D 53 -38.77 84.53 -25.40
CA LEU D 53 -37.72 84.59 -24.40
C LEU D 53 -36.81 83.37 -24.46
N ARG D 54 -37.38 82.19 -24.65
CA ARG D 54 -36.58 80.98 -24.78
C ARG D 54 -35.66 81.05 -25.99
N PHE D 55 -36.19 81.52 -27.12
CA PHE D 55 -35.37 81.65 -28.33
C PHE D 55 -34.24 82.66 -28.12
N LEU D 56 -34.54 83.78 -27.48
CA LEU D 56 -33.51 84.79 -27.22
C LEU D 56 -32.43 84.24 -26.30
N ARG D 57 -32.84 83.52 -25.24
CA ARG D 57 -31.86 82.93 -24.32
C ARG D 57 -31.00 81.89 -25.02
N SER D 58 -31.61 81.06 -25.86
CA SER D 58 -30.85 80.06 -26.60
C SER D 58 -29.86 80.71 -27.56
N ALA D 59 -30.28 81.78 -28.23
CA ALA D 59 -29.37 82.50 -29.12
C ALA D 59 -28.21 83.11 -28.34
N GLU D 60 -28.51 83.69 -27.16
CA GLU D 60 -27.46 84.29 -26.35
C GLU D 60 -26.51 83.24 -25.80
N PHE D 61 -26.99 82.02 -25.54
CA PHE D 61 -26.13 80.97 -25.01
C PHE D 61 -25.00 80.64 -25.98
N PHE D 62 -25.30 80.57 -27.27
CA PHE D 62 -24.30 80.34 -28.30
C PHE D 62 -23.75 81.65 -28.88
N ASN D 63 -24.23 82.80 -28.40
CA ASN D 63 -23.75 84.11 -28.82
C ASN D 63 -23.90 84.30 -30.34
N TYR D 64 -25.15 84.28 -30.79
CA TYR D 64 -25.48 84.49 -32.19
C TYR D 64 -26.17 85.84 -32.36
N THR D 65 -26.00 86.44 -33.54
CA THR D 65 -26.57 87.74 -33.86
C THR D 65 -27.93 87.52 -34.51
N VAL D 66 -29.00 87.79 -33.77
CA VAL D 66 -30.36 87.59 -34.23
C VAL D 66 -31.11 88.91 -34.12
N ARG D 67 -31.77 89.31 -35.20
CA ARG D 67 -32.57 90.52 -35.25
C ARG D 67 -34.02 90.15 -35.47
N THR D 68 -34.92 90.74 -34.68
CA THR D 68 -36.34 90.46 -34.75
C THR D 68 -37.04 91.52 -35.59
N LEU D 69 -37.71 91.09 -36.64
CA LEU D 69 -38.46 91.97 -37.53
C LEU D 69 -39.95 91.83 -37.24
N GLY D 70 -40.67 92.94 -37.36
CA GLY D 70 -42.09 92.94 -37.05
C GLY D 70 -42.42 92.94 -35.57
N LEU D 71 -41.42 93.16 -34.71
CA LEU D 71 -41.65 93.17 -33.27
C LEU D 71 -42.39 94.44 -32.88
N GLY D 72 -43.60 94.28 -32.35
CA GLY D 72 -44.43 95.41 -31.93
C GLY D 72 -45.63 95.65 -32.82
N GLU D 73 -45.59 95.22 -34.07
CA GLU D 73 -46.72 95.39 -34.97
C GLU D 73 -47.82 94.41 -34.63
N GLU D 74 -48.96 94.55 -35.31
CA GLU D 74 -50.10 93.67 -35.11
C GLU D 74 -50.05 92.52 -36.11
N TRP D 75 -50.66 91.40 -35.74
CA TRP D 75 -50.69 90.21 -36.57
C TRP D 75 -51.62 90.46 -37.75
N ARG D 76 -51.04 90.85 -38.89
CA ARG D 76 -51.83 91.16 -40.08
C ARG D 76 -52.30 89.92 -40.82
N GLY D 77 -51.89 88.73 -40.39
CA GLY D 77 -52.34 87.50 -41.01
C GLY D 77 -53.62 86.98 -40.38
N GLY D 78 -53.57 85.77 -39.85
CA GLY D 78 -54.72 85.18 -39.21
C GLY D 78 -54.28 84.11 -38.23
N ASP D 79 -55.07 83.03 -38.17
CA ASP D 79 -54.70 81.90 -37.33
C ASP D 79 -53.37 81.32 -37.79
N VAL D 80 -52.50 81.01 -36.82
CA VAL D 80 -51.13 80.65 -37.14
C VAL D 80 -51.08 79.36 -37.94
N ALA D 81 -51.83 78.33 -37.50
CA ALA D 81 -51.74 77.03 -38.15
C ALA D 81 -53.09 76.34 -38.30
N ARG D 82 -54.21 77.06 -38.21
CA ARG D 82 -55.51 76.43 -38.34
C ARG D 82 -55.68 75.82 -39.73
N THR D 83 -55.81 76.66 -40.75
CA THR D 83 -55.84 76.19 -42.13
C THR D 83 -54.69 76.75 -42.95
N VAL D 84 -54.52 78.08 -42.98
CA VAL D 84 -53.45 78.71 -43.75
C VAL D 84 -53.08 80.04 -43.11
N GLY D 85 -52.07 80.71 -43.66
CA GLY D 85 -51.67 82.00 -43.17
C GLY D 85 -50.19 82.23 -43.42
N GLY D 86 -49.72 83.37 -42.94
CA GLY D 86 -48.31 83.73 -43.03
C GLY D 86 -47.92 84.64 -44.16
N GLY D 87 -48.88 85.28 -44.83
CA GLY D 87 -48.54 86.18 -45.92
C GLY D 87 -47.83 87.44 -45.49
N GLN D 88 -48.15 87.96 -44.30
CA GLN D 88 -47.48 89.14 -43.80
C GLN D 88 -46.00 88.88 -43.55
N LYS D 89 -45.64 87.64 -43.21
CA LYS D 89 -44.24 87.30 -43.04
C LYS D 89 -43.47 87.48 -44.35
N VAL D 90 -44.09 87.09 -45.48
CA VAL D 90 -43.44 87.24 -46.77
C VAL D 90 -43.21 88.72 -47.07
N ARG D 91 -44.21 89.56 -46.81
CA ARG D 91 -44.07 90.99 -47.06
C ARG D 91 -42.97 91.60 -46.17
N TRP D 92 -42.94 91.22 -44.89
CA TRP D 92 -41.91 91.73 -44.00
C TRP D 92 -40.53 91.28 -44.45
N LEU D 93 -40.40 90.02 -44.89
CA LEU D 93 -39.12 89.52 -45.38
C LEU D 93 -38.69 90.27 -46.63
N LYS D 94 -39.62 90.54 -47.55
CA LYS D 94 -39.29 91.30 -48.74
C LYS D 94 -38.84 92.71 -48.39
N LYS D 95 -39.52 93.34 -47.43
CA LYS D 95 -39.11 94.67 -46.99
C LYS D 95 -37.72 94.66 -46.36
N GLU D 96 -37.43 93.63 -45.54
CA GLU D 96 -36.14 93.58 -44.87
C GLU D 96 -35.01 93.20 -45.82
N MET D 97 -35.32 92.47 -46.90
CA MET D 97 -34.30 92.05 -47.84
C MET D 97 -33.72 93.22 -48.64
N GLU D 98 -34.34 94.39 -48.60
CA GLU D 98 -33.81 95.54 -49.34
C GLU D 98 -32.45 95.97 -48.83
N LYS D 99 -32.25 95.92 -47.51
CA LYS D 99 -30.99 96.38 -46.93
C LYS D 99 -29.81 95.52 -47.41
N TYR D 100 -29.98 94.21 -47.45
CA TYR D 100 -28.93 93.28 -47.85
C TYR D 100 -29.25 92.64 -49.20
N ALA D 101 -29.84 93.42 -50.11
CA ALA D 101 -30.19 92.91 -51.43
C ALA D 101 -28.95 92.68 -52.31
N ASP D 102 -27.80 93.23 -51.94
CA ASP D 102 -26.59 93.08 -52.73
C ASP D 102 -25.39 92.60 -51.91
N ARG D 103 -25.56 92.34 -50.62
CA ARG D 103 -24.47 91.87 -49.78
C ARG D 103 -24.19 90.41 -50.09
N GLU D 104 -23.12 90.14 -50.83
CA GLU D 104 -22.73 88.80 -51.22
C GLU D 104 -21.88 88.09 -50.18
N ASP D 105 -21.50 88.79 -49.10
CA ASP D 105 -20.65 88.23 -48.06
C ASP D 105 -21.40 87.96 -46.76
N MET D 106 -22.72 87.78 -46.84
CA MET D 106 -23.55 87.54 -45.66
C MET D 106 -24.37 86.28 -45.87
N ILE D 107 -24.48 85.47 -44.82
CA ILE D 107 -25.29 84.26 -44.81
C ILE D 107 -26.47 84.53 -43.90
N ILE D 108 -27.65 84.73 -44.50
CA ILE D 108 -28.85 85.08 -43.76
C ILE D 108 -29.72 83.84 -43.62
N MET D 109 -30.10 83.52 -42.38
CA MET D 109 -30.96 82.39 -42.07
C MET D 109 -32.24 82.90 -41.41
N PHE D 110 -33.38 82.52 -41.97
CA PHE D 110 -34.69 82.93 -41.46
C PHE D 110 -35.39 81.73 -40.86
N VAL D 111 -35.93 81.92 -39.64
CA VAL D 111 -36.63 80.86 -38.93
C VAL D 111 -37.60 81.50 -37.96
N ASP D 112 -38.61 80.73 -37.54
CA ASP D 112 -39.58 81.24 -36.60
C ASP D 112 -38.93 81.42 -35.22
N SER D 113 -39.59 82.23 -34.38
CA SER D 113 -39.08 82.57 -33.06
C SER D 113 -39.94 82.07 -31.92
N TYR D 114 -41.08 81.42 -32.19
CA TYR D 114 -41.95 80.95 -31.14
C TYR D 114 -41.82 79.46 -30.87
N ASP D 115 -41.36 78.69 -31.85
CA ASP D 115 -41.25 77.23 -31.74
C ASP D 115 -39.91 76.75 -32.26
N VAL D 116 -38.83 77.42 -31.85
CA VAL D 116 -37.49 77.03 -32.26
C VAL D 116 -36.55 77.22 -31.08
N ILE D 117 -35.69 76.22 -30.85
CA ILE D 117 -34.65 76.28 -29.83
C ILE D 117 -33.33 75.89 -30.47
N LEU D 118 -32.34 76.78 -30.39
CA LEU D 118 -31.04 76.55 -31.00
C LEU D 118 -30.36 75.38 -30.28
N ALA D 119 -29.77 74.48 -31.04
CA ALA D 119 -29.14 73.27 -30.52
C ALA D 119 -27.76 73.06 -31.12
N GLY D 120 -26.97 74.13 -31.15
CA GLY D 120 -25.63 74.01 -31.68
C GLY D 120 -24.88 75.32 -31.60
N SER D 121 -23.78 75.39 -32.35
CA SER D 121 -22.95 76.58 -32.44
C SER D 121 -22.94 77.10 -33.88
N PRO D 122 -22.80 78.42 -34.06
CA PRO D 122 -22.82 78.97 -35.43
C PRO D 122 -21.73 78.43 -36.33
N THR D 123 -20.55 78.12 -35.77
CA THR D 123 -19.46 77.59 -36.59
C THR D 123 -19.82 76.25 -37.21
N GLU D 124 -20.44 75.37 -36.43
CA GLU D 124 -20.85 74.07 -36.96
C GLU D 124 -21.91 74.23 -38.05
N LEU D 125 -22.85 75.15 -37.84
CA LEU D 125 -23.87 75.41 -38.86
C LEU D 125 -23.24 75.94 -40.14
N LEU D 126 -22.27 76.84 -40.02
CA LEU D 126 -21.59 77.36 -41.20
C LEU D 126 -20.82 76.25 -41.92
N LYS D 127 -20.16 75.38 -41.17
CA LYS D 127 -19.44 74.27 -41.79
C LYS D 127 -20.40 73.34 -42.52
N LYS D 128 -21.55 73.04 -41.91
CA LYS D 128 -22.54 72.19 -42.55
C LYS D 128 -23.10 72.85 -43.81
N PHE D 129 -23.34 74.17 -43.76
CA PHE D 129 -23.83 74.88 -44.94
C PHE D 129 -22.80 74.84 -46.06
N VAL D 130 -21.52 75.01 -45.72
CA VAL D 130 -20.46 74.93 -46.72
C VAL D 130 -20.40 73.53 -47.32
N GLN D 131 -20.51 72.50 -46.47
CA GLN D 131 -20.49 71.13 -46.97
C GLN D 131 -21.71 70.82 -47.83
N SER D 132 -22.82 71.53 -47.62
CA SER D 132 -24.03 71.28 -48.39
C SER D 132 -23.81 71.55 -49.87
N GLY D 133 -23.14 72.66 -50.19
CA GLY D 133 -22.83 72.99 -51.57
C GLY D 133 -23.97 73.62 -52.36
N SER D 134 -25.13 73.83 -51.75
CA SER D 134 -26.25 74.44 -52.44
C SER D 134 -26.37 75.92 -52.06
N ARG D 135 -27.14 76.65 -52.84
CA ARG D 135 -27.36 78.07 -52.59
C ARG D 135 -28.26 78.32 -51.39
N LEU D 136 -29.33 77.54 -51.24
CA LEU D 136 -30.25 77.70 -50.13
C LEU D 136 -30.88 76.36 -49.82
N LEU D 137 -30.91 76.00 -48.54
CA LEU D 137 -31.51 74.75 -48.09
C LEU D 137 -32.80 75.05 -47.34
N PHE D 138 -33.85 74.28 -47.63
CA PHE D 138 -35.15 74.46 -47.01
C PHE D 138 -35.44 73.33 -46.03
N SER D 139 -36.27 73.64 -45.04
CA SER D 139 -36.66 72.64 -44.05
C SER D 139 -37.43 71.52 -44.72
N ALA D 140 -37.09 70.28 -44.36
CA ALA D 140 -37.69 69.10 -44.96
C ALA D 140 -38.70 68.48 -44.00
N GLU D 141 -39.86 68.12 -44.52
CA GLU D 141 -40.92 67.50 -43.75
C GLU D 141 -41.34 66.20 -44.41
N SER D 142 -42.01 65.35 -43.62
CA SER D 142 -42.44 64.04 -44.08
C SER D 142 -43.90 64.02 -44.52
N PHE D 143 -44.50 65.18 -44.77
CA PHE D 143 -45.88 65.24 -45.21
C PHE D 143 -46.07 66.46 -46.12
N CYS D 144 -47.10 66.40 -46.94
CA CYS D 144 -47.48 67.48 -47.84
C CYS D 144 -48.73 68.14 -47.26
N TRP D 145 -48.52 69.23 -46.49
CA TRP D 145 -49.65 69.85 -45.80
C TRP D 145 -50.59 70.57 -46.76
N PRO D 146 -50.15 71.62 -47.46
CA PRO D 146 -51.10 72.41 -48.27
C PRO D 146 -51.65 71.67 -49.48
N GLU D 147 -50.76 71.10 -50.29
CA GLU D 147 -51.14 70.52 -51.57
C GLU D 147 -50.97 69.00 -51.52
N TRP D 148 -52.02 68.28 -51.89
CA TRP D 148 -51.97 66.82 -51.96
C TRP D 148 -51.62 66.32 -53.35
N GLY D 149 -52.18 66.94 -54.40
CA GLY D 149 -51.87 66.52 -55.75
C GLY D 149 -50.43 66.77 -56.14
N LEU D 150 -49.84 67.86 -55.63
CA LEU D 150 -48.48 68.26 -55.97
C LEU D 150 -47.42 67.29 -55.45
N ALA D 151 -47.82 66.22 -54.76
CA ALA D 151 -46.84 65.25 -54.27
C ALA D 151 -46.09 64.58 -55.42
N GLU D 152 -46.80 64.24 -56.49
CA GLU D 152 -46.15 63.63 -57.64
C GLU D 152 -45.21 64.60 -58.35
N GLN D 153 -45.49 65.91 -58.25
CA GLN D 153 -44.63 66.89 -58.89
C GLN D 153 -43.25 66.96 -58.23
N TYR D 154 -43.19 66.68 -56.93
CA TYR D 154 -41.92 66.74 -56.23
C TYR D 154 -41.02 65.58 -56.68
N PRO D 155 -39.71 65.81 -56.73
CA PRO D 155 -38.79 64.73 -57.11
C PRO D 155 -38.78 63.61 -56.08
N GLU D 156 -38.49 62.40 -56.56
CA GLU D 156 -38.42 61.25 -55.68
C GLU D 156 -37.25 61.37 -54.71
N VAL D 157 -37.49 61.03 -53.45
CA VAL D 157 -36.49 61.10 -52.40
C VAL D 157 -36.12 59.68 -52.00
N GLY D 158 -34.81 59.42 -51.89
CA GLY D 158 -34.32 58.09 -51.58
C GLY D 158 -34.76 57.55 -50.23
N THR D 159 -34.28 58.16 -49.16
CA THR D 159 -34.60 57.70 -47.81
C THR D 159 -35.02 58.84 -46.90
N GLY D 160 -34.64 60.07 -47.27
CA GLY D 160 -34.97 61.23 -46.48
C GLY D 160 -36.39 61.71 -46.73
N LYS D 161 -36.68 62.88 -46.15
CA LYS D 161 -37.99 63.48 -46.33
C LYS D 161 -38.17 63.93 -47.78
N ARG D 162 -39.38 63.75 -48.30
CA ARG D 162 -39.67 64.06 -49.70
C ARG D 162 -40.21 65.47 -49.86
N PHE D 163 -41.33 65.78 -49.21
CA PHE D 163 -41.93 67.09 -49.33
C PHE D 163 -41.08 68.14 -48.62
N LEU D 164 -41.24 69.39 -49.05
CA LEU D 164 -40.51 70.52 -48.48
C LEU D 164 -41.49 71.50 -47.86
N ASN D 165 -41.09 72.06 -46.72
CA ASN D 165 -41.92 72.99 -45.97
C ASN D 165 -41.28 74.37 -45.98
N SER D 166 -41.94 75.31 -45.29
CA SER D 166 -41.45 76.68 -45.16
C SER D 166 -40.96 76.98 -43.76
N GLY D 167 -40.54 75.96 -43.01
CA GLY D 167 -40.12 76.18 -41.64
C GLY D 167 -38.88 77.04 -41.51
N GLY D 168 -37.88 76.79 -42.35
CA GLY D 168 -36.64 77.54 -42.27
C GLY D 168 -35.87 77.48 -43.56
N PHE D 169 -34.96 78.45 -43.71
CA PHE D 169 -34.13 78.53 -44.91
C PHE D 169 -32.85 79.28 -44.56
N ILE D 170 -31.72 78.75 -45.02
CA ILE D 170 -30.42 79.37 -44.83
C ILE D 170 -29.70 79.44 -46.17
N GLY D 171 -29.16 80.59 -46.50
CA GLY D 171 -28.47 80.75 -47.77
C GLY D 171 -27.96 82.17 -47.94
N PHE D 172 -27.38 82.41 -49.12
CA PHE D 172 -26.84 83.71 -49.44
C PHE D 172 -27.95 84.74 -49.59
N ALA D 173 -27.60 86.01 -49.39
CA ALA D 173 -28.61 87.07 -49.41
C ALA D 173 -29.10 87.35 -50.82
N THR D 174 -28.23 87.22 -51.83
CA THR D 174 -28.61 87.57 -53.19
C THR D 174 -29.74 86.68 -53.71
N THR D 175 -29.57 85.37 -53.60
CA THR D 175 -30.60 84.45 -54.07
C THR D 175 -31.87 84.56 -53.24
N ILE D 176 -31.72 84.82 -51.94
CA ILE D 176 -32.89 85.00 -51.08
C ILE D 176 -33.70 86.21 -51.52
N HIS D 177 -33.03 87.33 -51.82
CA HIS D 177 -33.72 88.51 -52.30
C HIS D 177 -34.36 88.26 -53.65
N GLN D 178 -33.66 87.55 -54.54
CA GLN D 178 -34.21 87.24 -55.86
C GLN D 178 -35.47 86.41 -55.75
N ILE D 179 -35.47 85.42 -54.85
CA ILE D 179 -36.66 84.61 -54.64
C ILE D 179 -37.79 85.38 -53.97
N VAL D 180 -37.47 86.23 -52.99
CA VAL D 180 -38.51 86.95 -52.26
C VAL D 180 -39.11 88.10 -53.05
N ARG D 181 -38.39 88.62 -54.06
CA ARG D 181 -38.93 89.70 -54.88
C ARG D 181 -40.13 89.28 -55.71
N GLN D 182 -40.31 87.98 -55.94
CA GLN D 182 -41.44 87.48 -56.71
C GLN D 182 -42.69 87.28 -55.85
N TRP D 183 -42.60 87.45 -54.54
CA TRP D 183 -43.74 87.27 -53.66
C TRP D 183 -44.65 88.49 -53.74
N LYS D 184 -45.87 88.29 -54.25
CA LYS D 184 -46.84 89.37 -54.38
C LYS D 184 -48.24 88.76 -54.29
N TYR D 185 -48.86 88.89 -53.13
CA TYR D 185 -50.19 88.33 -52.88
C TYR D 185 -50.79 89.06 -51.68
N LYS D 186 -51.93 88.55 -51.22
CA LYS D 186 -52.59 89.14 -50.05
C LYS D 186 -51.78 88.86 -48.79
N ASP D 187 -51.94 89.74 -47.80
CA ASP D 187 -51.20 89.62 -46.55
C ASP D 187 -51.63 88.41 -45.73
N ASP D 188 -52.79 87.83 -46.02
CA ASP D 188 -53.26 86.64 -45.32
C ASP D 188 -53.05 85.36 -46.12
N ASP D 189 -52.36 85.43 -47.26
CA ASP D 189 -52.15 84.26 -48.09
C ASP D 189 -51.19 83.28 -47.42
N ASP D 190 -51.31 82.01 -47.79
CA ASP D 190 -50.40 80.98 -47.27
C ASP D 190 -49.09 81.03 -48.03
N ASP D 191 -48.00 81.32 -47.30
CA ASP D 191 -46.68 81.45 -47.91
C ASP D 191 -46.07 80.11 -48.30
N GLN D 192 -46.52 79.01 -47.70
CA GLN D 192 -45.96 77.70 -48.01
C GLN D 192 -46.23 77.32 -49.46
N LEU D 193 -47.43 77.61 -49.96
CA LEU D 193 -47.78 77.25 -51.34
C LEU D 193 -46.89 77.98 -52.34
N PHE D 194 -46.61 79.26 -52.09
CA PHE D 194 -45.76 80.02 -53.01
C PHE D 194 -44.35 79.44 -53.05
N TYR D 195 -43.79 79.11 -51.88
CA TYR D 195 -42.45 78.52 -51.84
C TYR D 195 -42.43 77.16 -52.53
N THR D 196 -43.46 76.35 -52.31
CA THR D 196 -43.54 75.05 -52.96
C THR D 196 -43.62 75.20 -54.48
N ARG D 197 -44.42 76.16 -54.96
CA ARG D 197 -44.51 76.40 -56.40
C ARG D 197 -43.18 76.87 -56.96
N LEU D 198 -42.49 77.76 -56.23
CA LEU D 198 -41.19 78.23 -56.70
C LEU D 198 -40.18 77.10 -56.78
N TYR D 199 -40.19 76.20 -55.78
CA TYR D 199 -39.26 75.07 -55.79
C TYR D 199 -39.63 74.04 -56.84
N LEU D 200 -40.91 73.94 -57.18
CA LEU D 200 -41.37 72.91 -58.13
C LEU D 200 -40.86 73.17 -59.54
N ASP D 201 -40.51 74.41 -59.87
CA ASP D 201 -40.02 74.71 -61.22
C ASP D 201 -38.67 74.04 -61.43
N PRO D 202 -38.51 73.21 -62.47
CA PRO D 202 -37.24 72.52 -62.66
C PRO D 202 -36.12 73.46 -63.08
N GLY D 203 -36.41 74.34 -64.05
CA GLY D 203 -35.39 75.26 -64.53
C GLY D 203 -34.97 76.26 -63.48
N LEU D 204 -35.93 76.82 -62.74
CA LEU D 204 -35.60 77.77 -61.68
C LEU D 204 -34.79 77.09 -60.59
N ARG D 205 -35.17 75.88 -60.19
CA ARG D 205 -34.41 75.16 -59.17
C ARG D 205 -33.00 74.85 -59.64
N GLU D 206 -32.85 74.46 -60.91
CA GLU D 206 -31.53 74.18 -61.45
C GLU D 206 -30.66 75.44 -61.48
N LYS D 207 -31.23 76.55 -61.94
CA LYS D 207 -30.47 77.79 -62.02
C LYS D 207 -30.07 78.29 -60.63
N LEU D 208 -31.00 78.22 -59.68
CA LEU D 208 -30.74 78.67 -58.32
C LEU D 208 -30.10 77.60 -57.45
N SER D 209 -29.92 76.39 -57.98
CA SER D 209 -29.35 75.27 -57.21
C SER D 209 -30.16 75.01 -55.94
N LEU D 210 -31.48 75.11 -56.04
CA LEU D 210 -32.35 74.93 -54.90
C LEU D 210 -32.38 73.45 -54.51
N ASN D 211 -32.09 73.16 -53.24
CA ASN D 211 -32.05 71.79 -52.74
C ASN D 211 -32.74 71.73 -51.38
N LEU D 212 -33.36 70.59 -51.10
CA LEU D 212 -33.99 70.34 -49.81
C LEU D 212 -33.20 69.28 -49.06
N ASP D 213 -32.78 69.60 -47.85
CA ASP D 213 -31.93 68.72 -47.05
C ASP D 213 -32.77 67.55 -46.54
N HIS D 214 -32.76 66.45 -47.28
CA HIS D 214 -33.55 65.28 -46.91
C HIS D 214 -32.99 64.54 -45.72
N LYS D 215 -31.71 64.70 -45.41
CA LYS D 215 -31.05 63.95 -44.35
C LYS D 215 -31.16 64.60 -42.99
N SER D 216 -31.84 65.75 -42.89
CA SER D 216 -32.00 66.48 -41.64
C SER D 216 -30.65 66.81 -41.00
N ARG D 217 -29.72 67.27 -41.85
CA ARG D 217 -28.39 67.62 -41.37
C ARG D 217 -28.34 68.99 -40.70
N ILE D 218 -29.28 69.88 -41.00
CA ILE D 218 -29.32 71.23 -40.44
C ILE D 218 -30.63 71.48 -39.70
N PHE D 219 -31.74 71.14 -40.31
CA PHE D 219 -33.06 71.37 -39.73
C PHE D 219 -33.75 70.03 -39.46
N GLN D 220 -34.56 70.01 -38.40
CA GLN D 220 -35.27 68.79 -37.97
C GLN D 220 -36.65 69.19 -37.47
N ASN D 221 -37.66 68.95 -38.31
CA ASN D 221 -39.04 69.16 -37.90
C ASN D 221 -39.57 67.89 -37.24
N LEU D 222 -39.98 68.00 -35.98
CA LEU D 222 -40.38 66.85 -35.18
C LEU D 222 -41.85 66.46 -35.38
N ASN D 223 -42.46 66.89 -36.49
CA ASN D 223 -43.86 66.58 -36.76
C ASN D 223 -43.91 65.27 -37.55
N GLY D 224 -44.56 64.26 -36.97
CA GLY D 224 -44.68 62.97 -37.61
C GLY D 224 -43.44 62.10 -37.55
N ALA D 225 -42.43 62.49 -36.79
CA ALA D 225 -41.20 61.72 -36.65
C ALA D 225 -40.72 61.71 -35.20
N LEU D 226 -41.66 61.69 -34.25
CA LEU D 226 -41.32 61.77 -32.84
C LEU D 226 -40.59 60.54 -32.32
N ASP D 227 -40.53 59.45 -33.09
CA ASP D 227 -39.87 58.24 -32.67
C ASP D 227 -38.39 58.21 -33.05
N GLU D 228 -37.84 59.33 -33.50
CA GLU D 228 -36.45 59.41 -33.94
C GLU D 228 -35.71 60.52 -33.21
N VAL D 229 -35.89 60.59 -31.88
CA VAL D 229 -35.21 61.58 -31.05
C VAL D 229 -34.65 60.88 -29.82
N VAL D 230 -33.38 61.16 -29.51
CA VAL D 230 -32.74 60.64 -28.31
C VAL D 230 -31.89 61.76 -27.74
N LEU D 231 -32.33 62.35 -26.63
CA LEU D 231 -31.58 63.44 -26.02
C LEU D 231 -30.23 62.95 -25.53
N LYS D 232 -29.17 63.61 -25.97
CA LYS D 232 -27.80 63.15 -25.75
C LYS D 232 -27.16 64.02 -24.67
N PHE D 233 -27.30 63.59 -23.41
CA PHE D 233 -26.63 64.27 -22.32
C PHE D 233 -25.11 64.18 -22.47
N ASP D 234 -24.42 65.18 -21.97
CA ASP D 234 -22.97 65.27 -22.11
C ASP D 234 -22.42 65.99 -20.87
N ARG D 235 -21.18 66.48 -20.98
CA ARG D 235 -20.53 67.11 -19.84
C ARG D 235 -21.27 68.34 -19.38
N ASN D 236 -21.55 69.28 -20.31
CA ASN D 236 -22.24 70.50 -19.93
C ASN D 236 -23.30 70.93 -20.94
N ARG D 237 -23.63 70.09 -21.91
CA ARG D 237 -24.62 70.45 -22.92
C ARG D 237 -25.44 69.22 -23.28
N VAL D 238 -26.69 69.45 -23.65
CA VAL D 238 -27.62 68.38 -24.01
C VAL D 238 -27.99 68.61 -25.48
N ARG D 239 -27.25 67.96 -26.38
CA ARG D 239 -27.55 68.03 -27.81
C ARG D 239 -28.65 67.02 -28.14
N ILE D 240 -29.09 67.00 -29.40
CA ILE D 240 -30.09 66.06 -29.87
C ILE D 240 -29.55 65.30 -31.06
N ARG D 241 -29.70 63.98 -31.02
CA ARG D 241 -29.23 63.11 -32.09
C ARG D 241 -30.41 62.36 -32.68
N ASN D 242 -30.40 62.26 -34.01
CA ASN D 242 -31.43 61.53 -34.76
C ASN D 242 -30.92 60.11 -35.00
N VAL D 243 -31.53 59.15 -34.29
CA VAL D 243 -31.03 57.78 -34.33
C VAL D 243 -31.18 57.17 -35.72
N ALA D 244 -32.27 57.49 -36.42
CA ALA D 244 -32.58 56.81 -37.67
C ALA D 244 -31.50 57.03 -38.71
N TYR D 245 -31.15 58.30 -38.97
CA TYR D 245 -30.15 58.63 -39.96
C TYR D 245 -28.76 58.84 -39.37
N ASP D 246 -28.60 58.65 -38.06
CA ASP D 246 -27.32 58.84 -37.38
C ASP D 246 -26.76 60.24 -37.64
N THR D 247 -27.65 61.22 -37.66
CA THR D 247 -27.27 62.62 -37.90
C THR D 247 -27.65 63.45 -36.69
N LEU D 248 -26.87 64.51 -36.47
CA LEU D 248 -27.08 65.38 -35.32
C LEU D 248 -27.81 66.65 -35.77
N PRO D 249 -29.06 66.85 -35.37
CA PRO D 249 -29.74 68.10 -35.71
C PRO D 249 -29.08 69.29 -35.04
N ILE D 250 -29.16 70.45 -35.71
CA ILE D 250 -28.56 71.68 -35.23
C ILE D 250 -29.64 72.67 -34.79
N VAL D 251 -30.74 72.74 -35.51
CA VAL D 251 -31.86 73.62 -35.18
C VAL D 251 -33.10 72.75 -35.04
N VAL D 252 -33.83 72.93 -33.93
CA VAL D 252 -35.04 72.16 -33.66
C VAL D 252 -36.23 73.10 -33.76
N HIS D 253 -37.15 72.79 -34.66
CA HIS D 253 -38.36 73.58 -34.88
C HIS D 253 -39.56 72.64 -34.74
N GLY D 254 -40.25 72.71 -33.61
CA GLY D 254 -41.35 71.80 -33.34
C GLY D 254 -42.61 72.15 -34.11
N ASN D 255 -42.58 71.96 -35.43
CA ASN D 255 -43.72 72.25 -36.26
C ASN D 255 -44.83 71.23 -36.03
N GLY D 256 -46.01 71.54 -36.57
CA GLY D 256 -47.16 70.67 -36.45
C GLY D 256 -47.76 70.70 -35.06
N PRO D 257 -48.58 69.69 -34.74
CA PRO D 257 -49.20 69.60 -33.41
C PRO D 257 -48.26 68.97 -32.37
N THR D 258 -47.03 69.47 -32.31
CA THR D 258 -46.02 68.97 -31.40
C THR D 258 -45.56 70.06 -30.43
N LYS D 259 -46.51 70.86 -29.93
CA LYS D 259 -46.17 71.89 -28.97
C LYS D 259 -45.75 71.30 -27.64
N LEU D 260 -46.54 70.34 -27.12
CA LEU D 260 -46.23 69.74 -25.83
C LEU D 260 -44.93 68.95 -25.88
N GLN D 261 -44.71 68.18 -26.95
CA GLN D 261 -43.48 67.42 -27.08
C GLN D 261 -42.27 68.33 -27.18
N LEU D 262 -42.36 69.41 -27.97
CA LEU D 262 -41.26 70.35 -28.08
C LEU D 262 -40.99 71.04 -26.74
N ASN D 263 -42.05 71.38 -26.01
CA ASN D 263 -41.86 71.98 -24.69
C ASN D 263 -41.18 71.01 -23.73
N TYR D 264 -41.58 69.74 -23.76
CA TYR D 264 -40.96 68.75 -22.89
C TYR D 264 -39.49 68.54 -23.25
N LEU D 265 -39.17 68.57 -24.54
CA LEU D 265 -37.78 68.44 -24.96
C LEU D 265 -37.00 69.74 -24.81
N GLY D 266 -37.68 70.85 -24.52
CA GLY D 266 -37.01 72.13 -24.37
C GLY D 266 -36.55 72.46 -22.96
N ASN D 267 -36.98 71.70 -21.96
CA ASN D 267 -36.57 71.96 -20.59
C ASN D 267 -35.11 71.60 -20.34
N TYR D 268 -34.48 70.85 -21.24
CA TYR D 268 -33.10 70.42 -21.07
C TYR D 268 -32.17 71.04 -22.10
N VAL D 269 -32.47 70.90 -23.39
CA VAL D 269 -31.60 71.47 -24.42
C VAL D 269 -31.75 72.98 -24.45
N PRO D 270 -30.68 73.75 -24.71
CA PRO D 270 -29.33 73.27 -24.99
C PRO D 270 -28.39 73.47 -23.80
N ASN D 271 -28.83 74.18 -22.76
CA ASN D 271 -28.02 74.34 -21.56
C ASN D 271 -28.87 74.29 -20.30
N GLY D 272 -29.98 73.56 -20.32
CA GLY D 272 -30.92 73.59 -19.21
C GLY D 272 -30.45 72.94 -17.92
N TRP D 273 -30.32 71.62 -17.92
CA TRP D 273 -29.89 70.87 -16.74
C TRP D 273 -28.80 69.88 -17.14
N THR D 274 -27.55 70.32 -17.12
CA THR D 274 -26.43 69.47 -17.49
C THR D 274 -26.15 68.45 -16.39
N PRO D 275 -25.37 67.41 -16.70
CA PRO D 275 -25.02 66.44 -15.65
C PRO D 275 -24.14 67.04 -14.57
N GLU D 276 -23.13 67.81 -14.94
CA GLU D 276 -22.25 68.47 -13.96
C GLU D 276 -22.77 69.86 -13.59
N GLY D 277 -24.03 69.91 -13.16
CA GLY D 277 -24.63 71.17 -12.76
C GLY D 277 -25.92 70.94 -12.03
N GLY D 278 -26.60 72.04 -11.72
CA GLY D 278 -27.87 71.94 -11.03
C GLY D 278 -29.05 72.42 -11.85
N CYS D 279 -28.84 73.42 -12.68
CA CYS D 279 -29.89 73.99 -13.53
C CYS D 279 -29.25 75.03 -14.45
N GLY D 280 -30.08 75.61 -15.32
CA GLY D 280 -29.65 76.70 -16.17
C GLY D 280 -30.33 78.00 -15.80
N PHE D 281 -31.37 78.37 -16.55
CA PHE D 281 -32.15 79.56 -16.24
C PHE D 281 -33.27 79.21 -15.26
N CYS D 282 -32.85 78.84 -14.05
CA CYS D 282 -33.79 78.47 -12.99
C CYS D 282 -33.54 79.29 -11.74
N ASN D 283 -32.28 79.66 -11.50
CA ASN D 283 -31.91 80.48 -10.35
C ASN D 283 -32.04 81.96 -10.62
N GLN D 284 -32.32 82.35 -11.86
CA GLN D 284 -32.48 83.75 -12.23
C GLN D 284 -33.94 84.19 -12.04
N ASP D 285 -34.20 85.43 -12.42
CA ASP D 285 -35.53 86.04 -12.30
C ASP D 285 -36.04 85.97 -10.86
N ARG D 286 -35.26 86.57 -9.96
CA ARG D 286 -35.60 86.66 -8.55
C ARG D 286 -35.74 88.12 -8.15
N ARG D 287 -36.92 88.50 -7.66
CA ARG D 287 -37.17 89.86 -7.23
C ARG D 287 -36.69 90.15 -5.82
N THR D 288 -36.38 89.11 -5.03
CA THR D 288 -35.86 89.21 -3.68
C THR D 288 -36.79 89.95 -2.73
N LEU D 289 -38.04 90.16 -3.11
CA LEU D 289 -39.03 90.87 -2.30
C LEU D 289 -38.51 92.24 -1.83
N PRO D 290 -38.04 93.08 -2.74
CA PRO D 290 -37.53 94.40 -2.33
C PRO D 290 -38.64 95.44 -2.20
N GLY D 291 -38.26 96.68 -1.91
CA GLY D 291 -39.23 97.75 -1.80
C GLY D 291 -39.29 98.41 -0.45
N GLY D 292 -39.18 97.62 0.62
CA GLY D 292 -39.28 98.14 1.97
C GLY D 292 -40.71 98.30 2.44
N GLN D 293 -41.59 98.68 1.53
CA GLN D 293 -43.02 98.79 1.81
C GLN D 293 -43.63 97.40 1.85
N PRO D 294 -44.94 97.31 2.05
CA PRO D 294 -45.60 96.00 2.07
C PRO D 294 -45.40 95.27 0.75
N PRO D 295 -45.26 93.95 0.79
CA PRO D 295 -44.96 93.19 -0.43
C PRO D 295 -46.16 93.19 -1.37
N PRO D 296 -46.06 92.52 -2.51
CA PRO D 296 -47.18 92.49 -3.45
C PRO D 296 -48.42 91.88 -2.81
N ARG D 297 -49.58 92.43 -3.15
CA ARG D 297 -50.83 91.98 -2.57
C ARG D 297 -51.10 90.53 -2.96
N VAL D 298 -51.48 89.72 -1.97
CA VAL D 298 -51.77 88.31 -2.18
C VAL D 298 -53.25 88.09 -1.89
N PHE D 299 -53.95 87.48 -2.84
CA PHE D 299 -55.36 87.15 -2.72
C PHE D 299 -55.44 85.67 -2.39
N LEU D 300 -55.31 85.34 -1.10
CA LEU D 300 -55.38 83.95 -0.67
C LEU D 300 -56.77 83.40 -0.88
N ALA D 301 -56.83 82.11 -1.22
CA ALA D 301 -58.10 81.46 -1.50
C ALA D 301 -57.98 79.98 -1.16
N VAL D 302 -58.98 79.46 -0.45
CA VAL D 302 -59.03 78.05 -0.07
C VAL D 302 -60.37 77.49 -0.50
N PHE D 303 -60.34 76.44 -1.32
CA PHE D 303 -61.55 75.79 -1.79
C PHE D 303 -61.55 74.34 -1.30
N VAL D 304 -62.57 73.99 -0.52
CA VAL D 304 -62.72 72.64 0.03
C VAL D 304 -63.98 72.04 -0.58
N GLU D 305 -63.83 70.91 -1.25
CA GLU D 305 -64.94 70.25 -1.93
C GLU D 305 -65.39 68.95 -1.30
N GLN D 306 -64.55 68.31 -0.50
CA GLN D 306 -64.85 67.04 0.12
C GLN D 306 -64.43 67.06 1.58
N PRO D 307 -65.01 66.18 2.40
CA PRO D 307 -64.61 66.12 3.81
C PRO D 307 -63.17 65.65 3.97
N THR D 308 -62.30 66.55 4.44
CA THR D 308 -60.88 66.27 4.55
C THR D 308 -60.51 66.02 6.02
N PRO D 309 -59.91 64.89 6.34
CA PRO D 309 -59.47 64.66 7.72
C PRO D 309 -58.37 65.64 8.12
N PHE D 310 -58.30 65.91 9.43
CA PHE D 310 -57.35 66.86 9.99
C PHE D 310 -57.54 68.28 9.44
N LEU D 311 -58.79 68.61 9.09
CA LEU D 311 -59.09 69.95 8.62
C LEU D 311 -58.78 71.02 9.66
N PRO D 312 -59.08 70.84 10.94
CA PRO D 312 -58.73 71.87 11.93
C PRO D 312 -57.25 72.17 11.99
N ARG D 313 -56.39 71.17 11.75
CA ARG D 313 -54.96 71.42 11.72
C ARG D 313 -54.61 72.36 10.57
N PHE D 314 -55.20 72.15 9.40
CA PHE D 314 -54.97 73.06 8.27
C PHE D 314 -55.50 74.46 8.58
N LEU D 315 -56.68 74.53 9.22
CA LEU D 315 -57.23 75.84 9.58
C LEU D 315 -56.32 76.58 10.53
N GLN D 316 -55.76 75.89 11.52
CA GLN D 316 -54.82 76.51 12.44
C GLN D 316 -53.54 76.93 11.74
N ARG D 317 -53.02 76.07 10.86
CA ARG D 317 -51.78 76.37 10.16
C ARG D 317 -51.94 77.50 9.15
N LEU D 318 -53.16 77.77 8.68
CA LEU D 318 -53.37 78.85 7.72
C LEU D 318 -52.95 80.18 8.31
N LEU D 319 -53.29 80.44 9.58
CA LEU D 319 -52.89 81.68 10.24
C LEU D 319 -51.40 81.75 10.52
N LEU D 320 -50.68 80.64 10.37
CA LEU D 320 -49.25 80.60 10.64
C LEU D 320 -48.40 80.94 9.42
N LEU D 321 -49.03 81.35 8.32
CA LEU D 321 -48.28 81.72 7.13
C LEU D 321 -47.36 82.90 7.41
N ASP D 322 -46.16 82.85 6.84
CA ASP D 322 -45.14 83.88 7.06
C ASP D 322 -45.37 85.04 6.09
N TYR D 323 -46.41 85.82 6.39
CA TYR D 323 -46.75 86.99 5.60
C TYR D 323 -47.51 87.97 6.49
N PRO D 324 -47.49 89.26 6.17
CA PRO D 324 -48.27 90.22 6.95
C PRO D 324 -49.76 90.04 6.67
N PRO D 325 -50.53 89.62 7.67
CA PRO D 325 -51.97 89.38 7.43
C PRO D 325 -52.73 90.61 6.97
N ASP D 326 -52.24 91.81 7.30
CA ASP D 326 -52.91 93.02 6.81
C ASP D 326 -52.79 93.15 5.29
N ARG D 327 -51.79 92.51 4.70
CA ARG D 327 -51.60 92.50 3.26
C ARG D 327 -52.15 91.23 2.60
N VAL D 328 -52.89 90.42 3.34
CA VAL D 328 -53.42 89.15 2.85
C VAL D 328 -54.93 89.20 2.89
N THR D 329 -55.56 88.85 1.76
CA THR D 329 -57.01 88.79 1.66
C THR D 329 -57.41 87.32 1.50
N LEU D 330 -58.27 86.86 2.41
CA LEU D 330 -58.68 85.46 2.43
C LEU D 330 -60.07 85.29 1.83
N PHE D 331 -60.26 84.18 1.12
CA PHE D 331 -61.56 83.86 0.53
C PHE D 331 -61.69 82.34 0.56
N LEU D 332 -62.32 81.82 1.60
CA LEU D 332 -62.48 80.40 1.82
C LEU D 332 -63.92 79.99 1.53
N HIS D 333 -64.11 79.08 0.58
CA HIS D 333 -65.42 78.57 0.21
C HIS D 333 -65.45 77.07 0.44
N ASN D 334 -66.46 76.60 1.17
CA ASN D 334 -66.62 75.19 1.48
C ASN D 334 -67.90 74.66 0.85
N ASN D 335 -67.80 73.51 0.20
CA ASN D 335 -68.95 72.86 -0.42
C ASN D 335 -69.39 71.60 0.35
N GLU D 336 -68.91 71.43 1.58
CA GLU D 336 -69.27 70.28 2.40
C GLU D 336 -69.71 70.77 3.77
N VAL D 337 -70.88 70.28 4.22
CA VAL D 337 -71.44 70.70 5.50
C VAL D 337 -70.98 69.83 6.66
N PHE D 338 -70.27 68.72 6.39
CA PHE D 338 -69.81 67.87 7.47
C PHE D 338 -68.79 68.57 8.35
N HIS D 339 -67.96 69.44 7.78
CA HIS D 339 -66.97 70.20 8.52
C HIS D 339 -67.45 71.62 8.84
N GLU D 340 -68.73 71.89 8.66
CA GLU D 340 -69.25 73.24 8.93
C GLU D 340 -68.99 73.70 10.35
N PRO D 341 -69.15 72.88 11.39
CA PRO D 341 -68.80 73.35 12.75
C PRO D 341 -67.34 73.78 12.87
N HIS D 342 -66.43 73.07 12.21
CA HIS D 342 -65.02 73.46 12.25
C HIS D 342 -64.82 74.83 11.60
N ILE D 343 -65.48 75.08 10.47
CA ILE D 343 -65.39 76.37 9.80
C ILE D 343 -65.95 77.47 10.69
N ALA D 344 -67.09 77.20 11.34
CA ALA D 344 -67.68 78.18 12.24
C ALA D 344 -66.75 78.49 13.40
N ASP D 345 -66.12 77.47 13.98
CA ASP D 345 -65.19 77.69 15.07
C ASP D 345 -63.97 78.49 14.63
N SER D 346 -63.43 78.18 13.44
CA SER D 346 -62.21 78.82 12.95
C SER D 346 -62.46 80.20 12.36
N TRP D 347 -63.71 80.55 12.05
CA TRP D 347 -63.99 81.85 11.45
C TRP D 347 -63.53 83.02 12.30
N PRO D 348 -63.72 83.03 13.63
CA PRO D 348 -63.34 84.22 14.40
C PRO D 348 -61.85 84.53 14.35
N GLN D 349 -61.00 83.53 14.58
CA GLN D 349 -59.55 83.77 14.57
C GLN D 349 -59.07 84.21 13.19
N LEU D 350 -59.56 83.56 12.13
CA LEU D 350 -59.15 83.92 10.78
C LEU D 350 -59.61 85.34 10.44
N GLN D 351 -60.84 85.69 10.81
CA GLN D 351 -61.34 87.04 10.54
C GLN D 351 -60.54 88.08 11.31
N ASP D 352 -60.20 87.79 12.57
CA ASP D 352 -59.39 88.72 13.35
C ASP D 352 -57.97 88.84 12.84
N HIS D 353 -57.43 87.79 12.23
CA HIS D 353 -56.06 87.81 11.73
C HIS D 353 -55.98 88.38 10.32
N PHE D 354 -56.66 87.76 9.36
CA PHE D 354 -56.62 88.22 7.98
C PHE D 354 -57.29 89.59 7.86
N SER D 355 -56.73 90.42 6.97
CA SER D 355 -57.26 91.76 6.77
C SER D 355 -58.68 91.72 6.23
N ALA D 356 -58.95 90.85 5.26
CA ALA D 356 -60.28 90.68 4.69
C ALA D 356 -60.62 89.20 4.64
N VAL D 357 -61.84 88.87 5.04
CA VAL D 357 -62.30 87.49 5.07
C VAL D 357 -63.66 87.40 4.40
N LYS D 358 -63.96 86.23 3.85
CA LYS D 358 -65.25 85.98 3.21
C LYS D 358 -65.47 84.49 3.16
N LEU D 359 -66.50 84.01 3.85
CA LEU D 359 -66.83 82.59 3.91
C LEU D 359 -68.19 82.38 3.24
N VAL D 360 -68.22 81.49 2.25
CA VAL D 360 -69.45 81.16 1.53
C VAL D 360 -69.86 79.77 1.93
N GLY D 361 -71.08 79.64 2.45
CA GLY D 361 -71.57 78.36 2.92
C GLY D 361 -72.00 77.46 1.78
N PRO D 362 -72.22 76.19 2.10
CA PRO D 362 -72.68 75.24 1.08
C PRO D 362 -74.09 75.53 0.58
N GLU D 363 -74.87 76.36 1.29
CA GLU D 363 -76.24 76.63 0.90
C GLU D 363 -76.35 77.35 -0.44
N GLU D 364 -75.26 77.96 -0.90
CA GLU D 364 -75.30 78.67 -2.18
C GLU D 364 -75.51 77.73 -3.36
N ALA D 365 -75.25 76.42 -3.18
CA ALA D 365 -75.45 75.41 -4.23
C ALA D 365 -74.70 75.76 -5.50
N LEU D 366 -73.48 76.27 -5.35
CA LEU D 366 -72.63 76.61 -6.48
C LEU D 366 -71.61 75.50 -6.71
N SER D 367 -71.44 75.09 -7.97
CA SER D 367 -70.48 74.07 -8.29
C SER D 367 -69.06 74.58 -8.08
N PRO D 368 -68.10 73.66 -7.89
CA PRO D 368 -66.70 74.12 -7.69
C PRO D 368 -66.18 74.97 -8.84
N GLY D 369 -66.58 74.65 -10.07
CA GLY D 369 -66.21 75.50 -11.19
C GLY D 369 -66.81 76.89 -11.09
N GLU D 370 -68.07 76.97 -10.67
CA GLU D 370 -68.71 78.27 -10.50
C GLU D 370 -68.03 79.09 -9.42
N ALA D 371 -67.70 78.46 -8.28
CA ALA D 371 -67.02 79.17 -7.21
C ALA D 371 -65.63 79.63 -7.66
N ARG D 372 -64.90 78.77 -8.37
CA ARG D 372 -63.59 79.17 -8.87
C ARG D 372 -63.70 80.33 -9.85
N ASP D 373 -64.69 80.29 -10.74
CA ASP D 373 -64.88 81.38 -11.68
C ASP D 373 -65.23 82.67 -10.97
N MET D 374 -66.09 82.60 -9.96
CA MET D 374 -66.45 83.80 -9.19
C MET D 374 -65.23 84.38 -8.48
N ALA D 375 -64.42 83.52 -7.86
CA ALA D 375 -63.22 83.99 -7.18
C ALA D 375 -62.23 84.61 -8.16
N MET D 376 -62.06 83.98 -9.33
CA MET D 376 -61.17 84.52 -10.34
C MET D 376 -61.65 85.87 -10.86
N ASP D 377 -62.96 86.01 -11.06
CA ASP D 377 -63.52 87.29 -11.49
C ASP D 377 -63.34 88.36 -10.43
N LEU D 378 -63.53 88.01 -9.16
CA LEU D 378 -63.33 88.98 -8.08
C LEU D 378 -61.88 89.41 -8.00
N CYS D 379 -60.94 88.47 -8.11
CA CYS D 379 -59.53 88.80 -7.99
C CYS D 379 -59.03 89.60 -9.19
N ARG D 380 -59.45 89.21 -10.41
CA ARG D 380 -58.97 89.88 -11.60
C ARG D 380 -59.55 91.29 -11.72
N GLN D 381 -60.84 91.45 -11.41
CA GLN D 381 -61.47 92.77 -11.51
C GLN D 381 -60.93 93.74 -10.47
N ASP D 382 -60.54 93.22 -9.30
CA ASP D 382 -60.03 94.10 -8.24
C ASP D 382 -58.74 94.76 -8.70
N PRO D 383 -58.58 96.07 -8.53
CA PRO D 383 -57.36 96.75 -8.97
C PRO D 383 -56.20 96.65 -8.00
N GLU D 384 -56.37 95.95 -6.87
CA GLU D 384 -55.32 95.84 -5.87
C GLU D 384 -54.63 94.48 -5.88
N CYS D 385 -55.26 93.44 -6.42
CA CYS D 385 -54.69 92.11 -6.40
C CYS D 385 -53.45 92.07 -7.29
N GLU D 386 -52.35 91.53 -6.76
CA GLU D 386 -51.09 91.45 -7.48
C GLU D 386 -50.74 90.03 -7.91
N PHE D 387 -51.06 89.03 -7.10
CA PHE D 387 -50.78 87.64 -7.43
C PHE D 387 -51.77 86.76 -6.70
N TYR D 388 -52.57 86.01 -7.43
CA TYR D 388 -53.56 85.11 -6.85
C TYR D 388 -52.94 83.73 -6.65
N PHE D 389 -52.88 83.28 -5.40
CA PHE D 389 -52.31 82.00 -5.04
C PHE D 389 -53.42 81.14 -4.45
N SER D 390 -54.13 80.43 -5.30
CA SER D 390 -55.20 79.53 -4.86
C SER D 390 -54.61 78.22 -4.39
N LEU D 391 -54.94 77.83 -3.16
CA LEU D 391 -54.43 76.60 -2.55
C LEU D 391 -55.60 75.69 -2.21
N ASP D 392 -55.53 74.45 -2.68
CA ASP D 392 -56.56 73.47 -2.36
C ASP D 392 -56.51 73.09 -0.89
N ALA D 393 -57.61 72.54 -0.39
CA ALA D 393 -57.69 72.21 1.02
C ALA D 393 -56.86 70.98 1.36
N ASP D 394 -56.88 69.96 0.49
CA ASP D 394 -56.18 68.70 0.76
C ASP D 394 -54.70 68.84 0.36
N ALA D 395 -54.01 69.71 1.10
CA ALA D 395 -52.59 69.94 0.87
C ALA D 395 -51.99 70.52 2.14
N VAL D 396 -50.91 69.91 2.61
CA VAL D 396 -50.21 70.34 3.82
C VAL D 396 -48.89 70.98 3.40
N LEU D 397 -48.84 72.31 3.42
CA LEU D 397 -47.62 73.04 3.10
C LEU D 397 -46.78 73.10 4.37
N THR D 398 -45.99 72.05 4.59
CA THR D 398 -45.22 71.94 5.82
C THR D 398 -44.23 73.10 5.96
N ASN D 399 -43.56 73.46 4.88
CA ASN D 399 -42.67 74.61 4.90
C ASN D 399 -43.48 75.88 5.11
N LEU D 400 -42.98 76.76 5.98
CA LEU D 400 -43.68 77.99 6.33
C LEU D 400 -43.28 79.17 5.46
N GLN D 401 -42.38 78.99 4.49
CA GLN D 401 -41.89 80.05 3.64
C GLN D 401 -42.15 79.73 2.16
N THR D 402 -43.23 78.98 1.89
CA THR D 402 -43.55 78.64 0.51
C THR D 402 -44.01 79.86 -0.27
N LEU D 403 -44.83 80.71 0.35
CA LEU D 403 -45.37 81.87 -0.36
C LEU D 403 -44.27 82.85 -0.76
N ARG D 404 -43.31 83.09 0.15
CA ARG D 404 -42.22 84.01 -0.16
C ARG D 404 -41.37 83.50 -1.31
N ILE D 405 -41.05 82.20 -1.30
CA ILE D 405 -40.25 81.61 -2.37
C ILE D 405 -41.02 81.67 -3.69
N LEU D 406 -42.32 81.38 -3.66
CA LEU D 406 -43.12 81.44 -4.87
C LEU D 406 -43.18 82.86 -5.43
N ILE D 407 -43.31 83.86 -4.56
CA ILE D 407 -43.33 85.25 -5.00
C ILE D 407 -41.98 85.63 -5.60
N GLU D 408 -40.87 85.23 -4.96
CA GLU D 408 -39.56 85.53 -5.48
C GLU D 408 -39.23 84.74 -6.75
N GLU D 409 -40.01 83.69 -7.05
CA GLU D 409 -39.75 82.91 -8.25
C GLU D 409 -39.94 83.72 -9.51
N ASN D 410 -40.95 84.60 -9.53
CA ASN D 410 -41.22 85.48 -10.68
C ASN D 410 -41.46 84.68 -11.95
N ARG D 411 -42.53 83.89 -11.93
CA ARG D 411 -42.92 83.06 -13.06
C ARG D 411 -44.38 83.34 -13.42
N LYS D 412 -44.73 83.04 -14.67
CA LYS D 412 -46.11 83.23 -15.10
C LYS D 412 -47.08 82.36 -14.30
N VAL D 413 -46.70 81.11 -14.06
CA VAL D 413 -47.48 80.22 -13.20
C VAL D 413 -46.52 79.25 -12.53
N ILE D 414 -46.51 79.23 -11.19
CA ILE D 414 -45.63 78.37 -10.43
C ILE D 414 -46.47 77.58 -9.43
N ALA D 415 -45.95 76.42 -9.03
CA ALA D 415 -46.68 75.56 -8.12
C ALA D 415 -45.70 74.65 -7.37
N PRO D 416 -45.80 74.59 -6.04
CA PRO D 416 -44.95 73.66 -5.29
C PRO D 416 -45.26 72.22 -5.64
N MET D 417 -44.20 71.40 -5.65
CA MET D 417 -44.33 69.98 -6.00
C MET D 417 -44.66 69.17 -4.75
N LEU D 418 -45.93 68.83 -4.59
CA LEU D 418 -46.38 68.02 -3.46
C LEU D 418 -46.41 66.55 -3.88
N SER D 419 -46.00 65.67 -2.97
CA SER D 419 -45.93 64.24 -3.24
C SER D 419 -46.67 63.48 -2.15
N ARG D 420 -47.40 62.44 -2.54
CA ARG D 420 -48.09 61.60 -1.58
C ARG D 420 -47.08 60.77 -0.79
N HIS D 421 -47.52 60.24 0.35
CA HIS D 421 -46.64 59.47 1.21
C HIS D 421 -46.51 58.04 0.70
N GLY D 422 -45.30 57.67 0.29
CA GLY D 422 -45.03 56.30 -0.13
C GLY D 422 -45.78 55.87 -1.38
N LYS D 423 -45.77 56.72 -2.41
CA LYS D 423 -46.47 56.40 -3.65
C LYS D 423 -45.86 57.22 -4.78
N LEU D 424 -46.31 56.94 -5.99
CA LEU D 424 -45.87 57.68 -7.17
C LEU D 424 -46.83 58.79 -7.58
N TRP D 425 -48.06 58.78 -7.06
CA TRP D 425 -49.00 59.85 -7.37
C TRP D 425 -48.49 61.18 -6.83
N SER D 426 -48.63 62.23 -7.63
CA SER D 426 -48.13 63.55 -7.27
C SER D 426 -49.00 64.59 -7.96
N ASN D 427 -48.58 65.85 -7.87
CA ASN D 427 -49.32 66.97 -8.45
C ASN D 427 -48.75 67.40 -9.79
N PHE D 428 -48.23 66.46 -10.57
CA PHE D 428 -47.68 66.75 -11.88
C PHE D 428 -48.13 65.68 -12.86
N TRP D 429 -48.06 66.02 -14.15
CA TRP D 429 -48.36 65.08 -15.23
C TRP D 429 -47.32 65.30 -16.31
N GLY D 430 -46.28 64.45 -16.33
CA GLY D 430 -45.15 64.71 -17.20
C GLY D 430 -45.49 64.68 -18.68
N ALA D 431 -46.36 63.76 -19.07
CA ALA D 431 -46.74 63.62 -20.48
C ALA D 431 -48.25 63.66 -20.62
N LEU D 432 -48.71 64.25 -21.72
CA LEU D 432 -50.13 64.33 -22.04
C LEU D 432 -50.50 63.16 -22.95
N SER D 433 -51.47 62.37 -22.50
CA SER D 433 -51.89 61.20 -23.25
C SER D 433 -52.68 61.61 -24.50
N PRO D 434 -52.83 60.69 -25.46
CA PRO D 434 -53.60 61.03 -26.66
C PRO D 434 -55.03 61.45 -26.37
N ASP D 435 -55.66 60.86 -25.36
CA ASP D 435 -57.01 61.22 -24.96
C ASP D 435 -57.04 62.31 -23.89
N GLU D 436 -56.00 63.13 -23.81
CA GLU D 436 -55.88 64.19 -22.80
C GLU D 436 -55.97 63.60 -21.38
N TYR D 437 -55.15 62.58 -21.13
CA TYR D 437 -55.14 61.92 -19.83
C TYR D 437 -53.72 61.81 -19.30
N TYR D 438 -53.55 61.12 -18.17
CA TYR D 438 -52.24 60.92 -17.58
C TYR D 438 -51.41 59.97 -18.44
N ALA D 439 -50.10 60.16 -18.39
CA ALA D 439 -49.16 59.31 -19.13
C ALA D 439 -47.88 59.17 -18.33
N ARG D 440 -47.16 58.08 -18.60
CA ARG D 440 -45.91 57.79 -17.89
C ARG D 440 -44.75 58.36 -18.69
N SER D 441 -44.46 59.63 -18.45
CA SER D 441 -43.32 60.27 -19.10
C SER D 441 -42.02 59.62 -18.62
N GLU D 442 -40.96 59.84 -19.39
CA GLU D 442 -39.69 59.18 -19.15
C GLU D 442 -38.87 59.83 -18.04
N ASP D 443 -39.47 60.72 -17.25
CA ASP D 443 -38.75 61.39 -16.17
C ASP D 443 -39.56 61.48 -14.89
N TYR D 444 -40.73 60.85 -14.83
CA TYR D 444 -41.55 60.91 -13.62
C TYR D 444 -40.85 60.23 -12.45
N VAL D 445 -40.21 59.09 -12.70
CA VAL D 445 -39.53 58.37 -11.64
C VAL D 445 -38.35 59.17 -11.10
N GLU D 446 -37.63 59.87 -11.98
CA GLU D 446 -36.47 60.64 -11.58
C GLU D 446 -36.82 62.06 -11.15
N LEU D 447 -38.10 62.42 -11.13
CA LEU D 447 -38.50 63.75 -10.69
C LEU D 447 -39.30 63.68 -9.39
N VAL D 448 -40.13 62.64 -9.26
CA VAL D 448 -40.90 62.47 -8.03
C VAL D 448 -39.98 62.13 -6.86
N GLN D 449 -38.93 61.36 -7.12
CA GLN D 449 -37.96 60.99 -6.09
C GLN D 449 -36.96 62.09 -5.80
N ARG D 450 -37.13 63.28 -6.40
CA ARG D 450 -36.26 64.43 -6.16
C ARG D 450 -34.80 64.10 -6.43
N LYS D 451 -34.54 63.34 -7.49
CA LYS D 451 -33.17 63.00 -7.86
C LYS D 451 -32.58 63.98 -8.86
N ARG D 452 -33.43 64.72 -9.58
CA ARG D 452 -32.98 65.77 -10.48
C ARG D 452 -33.81 67.01 -10.18
N VAL D 453 -33.25 67.93 -9.39
CA VAL D 453 -33.99 69.06 -8.84
C VAL D 453 -33.81 70.25 -9.78
N GLY D 454 -34.92 70.86 -10.17
CA GLY D 454 -34.91 72.01 -11.04
C GLY D 454 -36.27 72.31 -11.62
N VAL D 455 -36.63 73.59 -11.69
CA VAL D 455 -37.92 74.00 -12.23
C VAL D 455 -37.99 73.59 -13.69
N TRP D 456 -38.93 72.71 -14.02
CA TRP D 456 -39.06 72.16 -15.37
C TRP D 456 -40.48 72.40 -15.86
N ASN D 457 -40.61 72.94 -17.07
CA ASN D 457 -41.92 73.15 -17.66
C ASN D 457 -42.65 71.83 -17.82
N VAL D 458 -43.88 71.77 -17.31
CA VAL D 458 -44.66 70.54 -17.31
C VAL D 458 -45.95 70.74 -18.09
N PRO D 459 -46.72 69.68 -18.34
CA PRO D 459 -47.98 69.82 -19.09
C PRO D 459 -49.23 69.99 -18.24
N TYR D 460 -49.15 69.84 -16.93
CA TYR D 460 -50.34 69.94 -16.08
C TYR D 460 -49.92 70.30 -14.67
N ILE D 461 -50.91 70.74 -13.88
CA ILE D 461 -50.68 71.11 -12.49
C ILE D 461 -52.04 71.13 -11.79
N SER D 462 -52.04 70.84 -10.49
CA SER D 462 -53.27 70.82 -9.73
C SER D 462 -52.95 70.98 -8.25
N GLN D 463 -53.98 71.38 -7.48
CA GLN D 463 -53.93 71.47 -6.03
C GLN D 463 -53.01 72.59 -5.54
N ALA D 464 -52.40 73.33 -6.45
CA ALA D 464 -51.52 74.44 -6.09
C ALA D 464 -51.23 75.32 -7.30
N TYR D 465 -51.29 76.64 -7.13
CA TYR D 465 -51.00 77.57 -8.21
C TYR D 465 -50.77 78.95 -7.62
N VAL D 466 -49.86 79.71 -8.24
CA VAL D 466 -49.59 81.09 -7.88
C VAL D 466 -49.54 81.87 -9.19
N ILE D 467 -50.64 82.53 -9.54
CA ILE D 467 -50.80 83.20 -10.83
C ILE D 467 -50.63 84.70 -10.62
N ARG D 468 -49.74 85.31 -11.40
CA ARG D 468 -49.60 86.76 -11.40
C ARG D 468 -50.82 87.40 -12.06
N GLY D 469 -51.30 88.50 -11.48
CA GLY D 469 -52.52 89.13 -11.95
C GLY D 469 -52.41 89.73 -13.34
N ASP D 470 -51.19 90.04 -13.80
CA ASP D 470 -51.03 90.63 -15.12
C ASP D 470 -51.53 89.70 -16.21
N THR D 471 -51.17 88.42 -16.14
CA THR D 471 -51.69 87.46 -17.11
C THR D 471 -53.16 87.17 -16.88
N LEU D 472 -53.61 87.19 -15.63
CA LEU D 472 -55.01 86.95 -15.32
C LEU D 472 -55.93 88.04 -15.86
N ARG D 473 -55.42 89.26 -16.02
CA ARG D 473 -56.23 90.38 -16.52
C ARG D 473 -55.99 90.63 -18.00
N MET D 474 -54.74 90.90 -18.39
CA MET D 474 -54.41 91.26 -19.77
C MET D 474 -54.41 90.06 -20.71
N GLU D 475 -54.16 88.85 -20.20
CA GLU D 475 -54.09 87.66 -21.05
C GLU D 475 -55.11 86.60 -20.69
N LEU D 476 -55.79 86.71 -19.55
CA LEU D 476 -56.85 85.76 -19.20
C LEU D 476 -58.11 86.53 -18.84
N PRO D 477 -58.50 87.53 -19.64
CA PRO D 477 -59.75 88.26 -19.35
C PRO D 477 -60.99 87.38 -19.45
N GLN D 478 -60.95 86.29 -20.20
CA GLN D 478 -62.10 85.42 -20.34
C GLN D 478 -62.47 84.82 -18.98
N ARG D 479 -63.75 84.90 -18.63
CA ARG D 479 -64.24 84.37 -17.36
C ARG D 479 -64.57 82.89 -17.42
N ASP D 480 -64.56 82.29 -18.61
CA ASP D 480 -64.88 80.86 -18.76
C ASP D 480 -63.62 80.01 -18.61
N VAL D 481 -62.96 80.16 -17.47
CA VAL D 481 -61.75 79.40 -17.19
C VAL D 481 -62.06 77.97 -16.75
N PHE D 482 -62.97 77.79 -15.80
CA PHE D 482 -63.33 76.48 -15.30
C PHE D 482 -64.63 75.96 -15.89
N SER D 483 -65.59 76.85 -16.16
CA SER D 483 -66.87 76.46 -16.72
C SER D 483 -66.75 76.33 -18.24
N GLY D 484 -67.85 75.97 -18.89
CA GLY D 484 -67.89 75.83 -20.33
C GLY D 484 -67.48 74.46 -20.86
N SER D 485 -67.05 73.55 -19.99
CA SER D 485 -66.65 72.21 -20.40
C SER D 485 -67.15 71.20 -19.38
N ASP D 486 -67.42 69.98 -19.86
CA ASP D 486 -67.88 68.91 -18.99
C ASP D 486 -66.74 68.20 -18.27
N THR D 487 -65.49 68.50 -18.61
CA THR D 487 -64.36 67.84 -17.98
C THR D 487 -64.13 68.42 -16.59
N ASP D 488 -63.11 67.90 -15.91
CA ASP D 488 -62.76 68.40 -14.59
C ASP D 488 -62.25 69.83 -14.69
N PRO D 489 -62.54 70.67 -13.67
CA PRO D 489 -62.12 72.08 -13.76
C PRO D 489 -60.62 72.27 -13.91
N ASP D 490 -59.82 71.44 -13.24
CA ASP D 490 -58.36 71.58 -13.35
C ASP D 490 -57.88 71.27 -14.76
N MET D 491 -58.43 70.22 -15.37
CA MET D 491 -58.05 69.88 -16.73
C MET D 491 -58.45 70.99 -17.70
N ALA D 492 -59.64 71.56 -17.52
CA ALA D 492 -60.07 72.65 -18.38
C ALA D 492 -59.18 73.88 -18.21
N PHE D 493 -58.80 74.19 -16.97
CA PHE D 493 -57.90 75.32 -16.73
C PHE D 493 -56.55 75.08 -17.38
N CYS D 494 -56.02 73.86 -17.28
CA CYS D 494 -54.75 73.54 -17.92
C CYS D 494 -54.84 73.66 -19.43
N LYS D 495 -55.95 73.18 -20.01
CA LYS D 495 -56.14 73.30 -21.45
C LYS D 495 -56.22 74.76 -21.88
N SER D 496 -56.94 75.58 -21.12
CA SER D 496 -57.04 77.00 -21.45
C SER D 496 -55.68 77.68 -21.36
N PHE D 497 -54.90 77.35 -20.33
CA PHE D 497 -53.56 77.91 -20.19
C PHE D 497 -52.64 77.47 -21.33
N ARG D 498 -52.72 76.21 -21.75
CA ARG D 498 -51.87 75.70 -22.82
C ARG D 498 -52.24 76.24 -24.19
N ASP D 499 -53.54 76.41 -24.47
CA ASP D 499 -53.97 76.90 -25.78
C ASP D 499 -53.47 78.32 -26.03
N LYS D 500 -53.55 79.19 -25.03
CA LYS D 500 -53.15 80.58 -25.18
C LYS D 500 -51.65 80.77 -25.25
N GLY D 501 -50.86 79.73 -24.97
CA GLY D 501 -49.42 79.83 -24.97
C GLY D 501 -48.79 80.07 -23.62
N ILE D 502 -49.55 79.96 -22.54
CA ILE D 502 -49.01 80.12 -21.20
C ILE D 502 -48.37 78.81 -20.76
N PHE D 503 -47.06 78.84 -20.52
CA PHE D 503 -46.32 77.66 -20.10
C PHE D 503 -46.39 77.55 -18.58
N LEU D 504 -47.12 76.55 -18.09
CA LEU D 504 -47.32 76.36 -16.65
C LEU D 504 -46.08 75.68 -16.08
N HIS D 505 -45.12 76.50 -15.68
CA HIS D 505 -43.90 75.98 -15.08
C HIS D 505 -44.17 75.42 -13.70
N LEU D 506 -43.33 74.49 -13.27
CA LEU D 506 -43.44 73.87 -11.96
C LEU D 506 -42.05 73.72 -11.37
N SER D 507 -41.91 73.95 -10.07
CA SER D 507 -40.63 73.94 -9.40
C SER D 507 -40.65 72.98 -8.22
N ASN D 508 -39.51 72.32 -7.99
CA ASN D 508 -39.34 71.40 -6.87
C ASN D 508 -37.97 71.57 -6.23
N GLN D 509 -37.43 72.80 -6.27
CA GLN D 509 -36.09 73.04 -5.75
C GLN D 509 -36.01 72.80 -4.25
N HIS D 510 -36.97 73.34 -3.50
CA HIS D 510 -37.03 73.18 -2.06
C HIS D 510 -38.23 72.32 -1.67
N GLU D 511 -38.21 71.84 -0.43
CA GLU D 511 -39.27 71.00 0.10
C GLU D 511 -40.48 71.84 0.44
N PHE D 512 -41.65 71.42 -0.02
CA PHE D 512 -42.89 72.15 0.21
C PHE D 512 -43.81 71.42 1.16
N GLY D 513 -44.03 70.13 0.95
CA GLY D 513 -44.90 69.36 1.82
C GLY D 513 -45.39 68.11 1.13
N ARG D 514 -46.46 67.55 1.68
CA ARG D 514 -47.06 66.32 1.15
C ARG D 514 -48.53 66.56 0.86
N LEU D 515 -49.06 65.77 -0.09
CA LEU D 515 -50.46 65.86 -0.49
C LEU D 515 -51.27 64.85 0.32
N LEU D 516 -52.23 65.34 1.10
CA LEU D 516 -53.06 64.47 1.91
C LEU D 516 -53.99 63.65 1.04
N ALA D 517 -54.20 62.39 1.44
CA ALA D 517 -55.04 61.46 0.71
C ALA D 517 -56.42 61.42 1.37
N THR D 518 -57.45 61.61 0.55
CA THR D 518 -58.84 61.59 1.00
C THR D 518 -59.66 60.62 0.16
N SER D 519 -59.13 59.43 -0.09
CA SER D 519 -59.84 58.45 -0.91
C SER D 519 -61.09 57.94 -0.19
N ARG D 520 -60.94 57.55 1.07
CA ARG D 520 -62.05 57.06 1.87
C ARG D 520 -61.99 57.71 3.25
N TYR D 521 -63.10 58.31 3.68
CA TYR D 521 -63.17 58.95 4.99
C TYR D 521 -64.57 58.68 5.55
N ASP D 522 -64.69 57.62 6.35
CA ASP D 522 -65.97 57.28 6.96
C ASP D 522 -66.30 58.28 8.06
N THR D 523 -67.38 59.03 7.87
CA THR D 523 -67.80 60.04 8.83
C THR D 523 -68.69 59.49 9.93
N GLU D 524 -68.87 58.17 9.98
CA GLU D 524 -69.74 57.53 10.99
C GLU D 524 -68.98 57.34 12.30
N HIS D 525 -68.56 58.46 12.89
CA HIS D 525 -67.88 58.45 14.17
C HIS D 525 -67.88 59.86 14.73
N LEU D 526 -67.86 59.95 16.07
CA LEU D 526 -67.75 61.26 16.72
C LEU D 526 -66.42 61.92 16.38
N HIS D 527 -65.33 61.15 16.37
CA HIS D 527 -64.01 61.62 15.96
C HIS D 527 -63.49 60.66 14.91
N PRO D 528 -63.90 60.82 13.65
CA PRO D 528 -63.49 59.87 12.61
C PRO D 528 -62.00 59.80 12.39
N ASP D 529 -61.25 60.84 12.74
CA ASP D 529 -59.80 60.84 12.55
C ASP D 529 -59.09 59.81 13.41
N LEU D 530 -59.75 59.26 14.43
CA LEU D 530 -59.14 58.24 15.26
C LEU D 530 -58.85 56.95 14.48
N TRP D 531 -59.63 56.68 13.43
CA TRP D 531 -59.42 55.49 12.60
C TRP D 531 -58.54 55.78 11.40
N GLN D 532 -57.99 56.99 11.29
CA GLN D 532 -57.15 57.37 10.18
C GLN D 532 -55.67 57.11 10.46
N ILE D 533 -55.37 56.15 11.35
CA ILE D 533 -53.99 55.81 11.65
C ILE D 533 -53.29 55.22 10.43
N PHE D 534 -54.03 54.50 9.59
CA PHE D 534 -53.47 53.86 8.41
C PHE D 534 -53.55 54.71 7.15
N ASP D 535 -54.55 55.58 7.03
CA ASP D 535 -54.72 56.36 5.80
C ASP D 535 -53.56 57.34 5.62
N ASN D 536 -53.27 58.13 6.66
CA ASN D 536 -52.18 59.10 6.64
C ASN D 536 -51.35 58.92 7.89
N PRO D 537 -50.37 58.00 7.88
CA PRO D 537 -49.59 57.76 9.10
C PRO D 537 -48.90 58.99 9.65
N VAL D 538 -48.41 59.87 8.76
CA VAL D 538 -47.72 61.08 9.21
C VAL D 538 -48.69 61.98 9.97
N ASP D 539 -49.90 62.17 9.45
CA ASP D 539 -50.88 63.02 10.12
C ASP D 539 -51.28 62.44 11.48
N TRP D 540 -51.53 61.13 11.54
CA TRP D 540 -51.90 60.51 12.79
C TRP D 540 -50.78 60.61 13.82
N LYS D 541 -49.54 60.38 13.39
CA LYS D 541 -48.41 60.50 14.31
C LYS D 541 -48.24 61.93 14.81
N GLU D 542 -48.40 62.91 13.92
CA GLU D 542 -48.18 64.30 14.31
C GLU D 542 -49.34 64.88 15.11
N GLN D 543 -50.53 64.29 15.02
CA GLN D 543 -51.68 64.84 15.72
C GLN D 543 -52.19 63.96 16.87
N TYR D 544 -51.58 62.81 17.11
CA TYR D 544 -52.03 61.92 18.18
C TYR D 544 -50.94 61.54 19.18
N ILE D 545 -49.69 61.40 18.73
CA ILE D 545 -48.63 60.96 19.63
C ILE D 545 -48.11 62.14 20.44
N HIS D 546 -47.42 61.82 21.54
CA HIS D 546 -46.83 62.84 22.38
C HIS D 546 -45.60 63.46 21.68
N GLU D 547 -45.44 64.77 21.87
CA GLU D 547 -44.30 65.46 21.29
C GLU D 547 -42.99 64.99 21.91
N ASN D 548 -43.02 64.58 23.18
CA ASN D 548 -41.83 64.08 23.87
C ASN D 548 -41.54 62.63 23.54
N TYR D 549 -42.42 61.94 22.82
CA TYR D 549 -42.19 60.55 22.47
C TYR D 549 -40.96 60.41 21.57
N SER D 550 -40.78 61.33 20.63
CA SER D 550 -39.61 61.29 19.76
C SER D 550 -38.32 61.45 20.55
N ARG D 551 -38.31 62.39 21.51
CA ARG D 551 -37.13 62.57 22.35
C ARG D 551 -36.85 61.33 23.19
N ALA D 552 -37.90 60.73 23.75
CA ALA D 552 -37.71 59.52 24.56
C ALA D 552 -37.17 58.38 23.72
N LEU D 553 -37.69 58.21 22.49
CA LEU D 553 -37.18 57.18 21.60
C LEU D 553 -35.75 57.48 21.16
N GLU D 554 -35.38 58.76 21.12
CA GLU D 554 -34.02 59.12 20.72
C GLU D 554 -32.99 58.75 21.76
N GLY D 555 -33.40 58.48 23.00
CA GLY D 555 -32.47 58.09 24.04
C GLY D 555 -31.77 59.26 24.68
N GLU D 556 -32.53 60.19 25.25
CA GLU D 556 -31.98 61.36 25.92
C GLU D 556 -32.70 61.59 27.25
N GLY D 557 -32.90 60.53 28.00
CA GLY D 557 -33.62 60.61 29.27
C GLY D 557 -35.10 60.36 29.10
N ILE D 558 -35.92 61.25 29.66
CA ILE D 558 -37.38 61.20 29.54
C ILE D 558 -37.93 59.92 30.17
N VAL D 559 -37.45 58.77 29.70
CA VAL D 559 -37.88 57.50 30.27
C VAL D 559 -37.44 57.43 31.72
N GLU D 560 -38.36 57.04 32.59
CA GLU D 560 -38.11 56.98 34.02
C GLU D 560 -38.10 55.54 34.51
N GLN D 561 -37.32 55.29 35.56
CA GLN D 561 -37.19 53.97 36.16
C GLN D 561 -37.45 54.10 37.66
N PRO D 562 -38.71 54.28 38.05
CA PRO D 562 -39.01 54.39 39.49
C PRO D 562 -38.64 53.14 40.28
N CYS D 563 -38.78 51.97 39.69
CA CYS D 563 -38.45 50.70 40.32
C CYS D 563 -37.67 49.84 39.34
N PRO D 564 -36.96 48.83 39.84
CA PRO D 564 -36.24 47.93 38.94
C PRO D 564 -37.19 47.22 37.99
N ASP D 565 -36.75 47.06 36.74
CA ASP D 565 -37.55 46.45 35.68
C ASP D 565 -38.89 47.16 35.52
N VAL D 566 -38.88 48.49 35.68
CA VAL D 566 -40.09 49.30 35.53
C VAL D 566 -39.72 50.55 34.74
N TYR D 567 -40.59 50.93 33.81
CA TYR D 567 -40.36 52.07 32.94
C TYR D 567 -41.58 52.98 32.93
N TRP D 568 -41.31 54.29 32.76
CA TRP D 568 -42.37 55.29 32.71
C TRP D 568 -41.92 56.40 31.75
N PHE D 569 -42.53 56.44 30.57
CA PHE D 569 -42.21 57.43 29.56
C PHE D 569 -43.49 57.90 28.87
N PRO D 570 -43.48 59.11 28.32
CA PRO D 570 -44.67 59.59 27.60
C PRO D 570 -44.94 58.76 26.36
N LEU D 571 -46.24 58.54 26.10
CA LEU D 571 -46.66 57.74 24.96
C LEU D 571 -47.50 58.52 23.96
N LEU D 572 -48.58 59.17 24.41
CA LEU D 572 -49.52 59.82 23.52
C LEU D 572 -49.76 61.26 23.97
N SER D 573 -50.50 62.00 23.16
CA SER D 573 -50.79 63.41 23.42
C SER D 573 -52.13 63.57 24.13
N GLU D 574 -52.38 64.79 24.61
CA GLU D 574 -53.61 65.07 25.34
C GLU D 574 -54.83 64.96 24.44
N GLN D 575 -54.71 65.39 23.18
CA GLN D 575 -55.84 65.32 22.26
C GLN D 575 -56.27 63.88 22.02
N MET D 576 -55.30 62.98 21.85
CA MET D 576 -55.63 61.57 21.66
C MET D 576 -56.35 60.99 22.87
N CYS D 577 -55.86 61.32 24.08
CA CYS D 577 -56.51 60.83 25.29
C CYS D 577 -57.93 61.37 25.41
N ASP D 578 -58.12 62.66 25.12
CA ASP D 578 -59.45 63.24 25.20
C ASP D 578 -60.40 62.60 24.19
N GLU D 579 -59.93 62.38 22.96
CA GLU D 579 -60.75 61.75 21.94
C GLU D 579 -61.10 60.31 22.33
N LEU D 580 -60.13 59.58 22.88
CA LEU D 580 -60.40 58.21 23.32
C LEU D 580 -61.42 58.19 24.46
N VAL D 581 -61.31 59.13 25.40
CA VAL D 581 -62.26 59.20 26.50
C VAL D 581 -63.66 59.52 25.98
N ALA D 582 -63.76 60.45 25.03
CA ALA D 582 -65.05 60.79 24.46
C ALA D 582 -65.66 59.61 23.72
N GLU D 583 -64.84 58.87 22.96
CA GLU D 583 -65.34 57.71 22.25
C GLU D 583 -65.80 56.63 23.22
N MET D 584 -65.04 56.41 24.29
CA MET D 584 -65.43 55.42 25.29
C MET D 584 -66.75 55.81 25.96
N GLU D 585 -66.91 57.11 26.27
CA GLU D 585 -68.17 57.57 26.83
C GLU D 585 -69.32 57.36 25.86
N HIS D 586 -69.09 57.63 24.57
CA HIS D 586 -70.12 57.43 23.57
C HIS D 586 -70.43 55.96 23.34
N TYR D 587 -69.50 55.06 23.69
CA TYR D 587 -69.75 53.63 23.50
C TYR D 587 -70.91 53.16 24.36
N GLY D 588 -70.97 53.59 25.61
CA GLY D 588 -72.11 53.30 26.47
C GLY D 588 -72.05 51.95 27.15
N GLN D 589 -71.65 50.90 26.41
CA GLN D 589 -71.65 49.54 26.93
C GLN D 589 -70.34 49.28 27.67
N TRP D 590 -70.28 49.76 28.91
CA TRP D 590 -69.13 49.54 29.79
C TRP D 590 -69.46 48.37 30.72
N SER D 591 -69.41 47.16 30.17
CA SER D 591 -69.75 45.96 30.91
C SER D 591 -68.56 45.50 31.76
N GLY D 592 -68.75 44.36 32.42
CA GLY D 592 -67.72 43.80 33.29
C GLY D 592 -68.06 44.03 34.75
N GLY D 593 -67.69 43.06 35.59
CA GLY D 593 -67.97 43.15 37.00
C GLY D 593 -68.37 41.81 37.62
N ARG D 594 -68.53 40.79 36.79
CA ARG D 594 -68.92 39.46 37.23
C ARG D 594 -67.73 38.52 37.13
N HIS D 595 -67.77 37.47 37.96
CA HIS D 595 -66.70 36.48 37.96
C HIS D 595 -66.58 35.78 36.61
N GLU D 596 -67.72 35.40 36.01
CA GLU D 596 -67.74 34.82 34.68
C GLU D 596 -67.78 35.93 33.63
N ASP D 597 -67.63 35.54 32.37
CA ASP D 597 -67.64 36.50 31.27
C ASP D 597 -68.09 35.79 30.01
N SER D 598 -68.57 36.58 29.05
CA SER D 598 -68.99 36.08 27.75
C SER D 598 -68.00 36.40 26.63
N ARG D 599 -67.16 37.42 26.81
CA ARG D 599 -66.15 37.72 25.81
C ARG D 599 -65.03 36.69 25.81
N LEU D 600 -64.68 36.15 26.98
CA LEU D 600 -63.61 35.18 27.09
C LEU D 600 -64.06 33.82 26.55
N ALA D 601 -63.11 33.12 25.91
CA ALA D 601 -63.41 31.78 25.40
C ALA D 601 -63.68 30.80 26.54
N GLY D 602 -62.90 30.89 27.62
CA GLY D 602 -63.12 30.00 28.75
C GLY D 602 -64.44 30.26 29.45
N GLY D 603 -64.86 31.52 29.52
CA GLY D 603 -66.11 31.88 30.17
C GLY D 603 -65.99 32.30 31.62
N TYR D 604 -64.81 32.21 32.21
CA TYR D 604 -64.60 32.61 33.60
C TYR D 604 -63.44 33.60 33.64
N GLU D 605 -63.61 34.68 34.41
CA GLU D 605 -62.60 35.71 34.57
C GLU D 605 -62.02 35.65 35.97
N ASN D 606 -60.69 35.65 36.06
CA ASN D 606 -60.03 35.59 37.36
C ASN D 606 -60.31 36.85 38.17
N VAL D 607 -60.25 38.02 37.53
CA VAL D 607 -60.48 39.28 38.22
C VAL D 607 -61.50 40.11 37.45
N PRO D 608 -62.74 40.24 37.94
CA PRO D 608 -63.71 41.07 37.24
C PRO D 608 -63.33 42.54 37.26
N THR D 609 -63.72 43.24 36.20
CA THR D 609 -63.46 44.67 36.08
C THR D 609 -64.42 45.26 35.06
N VAL D 610 -64.94 46.45 35.36
CA VAL D 610 -65.88 47.12 34.48
C VAL D 610 -65.07 47.77 33.35
N ASP D 611 -64.96 47.08 32.22
CA ASP D 611 -64.20 47.57 31.09
C ASP D 611 -64.80 47.02 29.80
N ILE D 612 -64.56 47.72 28.70
CA ILE D 612 -65.04 47.33 27.39
C ILE D 612 -63.85 47.08 26.50
N HIS D 613 -63.80 45.90 25.89
CA HIS D 613 -62.74 45.58 24.94
C HIS D 613 -62.88 46.39 23.67
N MET D 614 -61.75 46.69 23.05
CA MET D 614 -61.76 47.48 21.82
C MET D 614 -62.42 46.74 20.65
N LYS D 615 -62.61 45.42 20.77
CA LYS D 615 -63.30 44.68 19.72
C LYS D 615 -64.72 45.18 19.54
N GLN D 616 -65.42 45.45 20.65
CA GLN D 616 -66.73 46.08 20.55
C GLN D 616 -66.64 47.47 19.95
N VAL D 617 -65.63 48.24 20.38
CA VAL D 617 -65.41 49.57 19.81
C VAL D 617 -64.96 49.51 18.36
N GLY D 618 -64.16 48.50 18.00
CA GLY D 618 -63.68 48.36 16.64
C GLY D 618 -62.31 48.95 16.38
N TYR D 619 -61.74 49.70 17.33
CA TYR D 619 -60.41 50.28 17.18
C TYR D 619 -59.31 49.34 17.67
N GLU D 620 -59.64 48.05 17.86
CA GLU D 620 -58.63 47.09 18.30
C GLU D 620 -57.53 46.94 17.26
N ASP D 621 -57.90 46.90 15.98
CA ASP D 621 -56.89 46.86 14.93
C ASP D 621 -56.02 48.11 14.94
N GLN D 622 -56.64 49.27 15.16
CA GLN D 622 -55.88 50.51 15.24
C GLN D 622 -54.92 50.49 16.42
N TRP D 623 -55.38 50.00 17.58
CA TRP D 623 -54.50 49.93 18.74
C TRP D 623 -53.35 48.97 18.50
N LEU D 624 -53.62 47.83 17.86
CA LEU D 624 -52.55 46.89 17.54
C LEU D 624 -51.54 47.50 16.58
N GLN D 625 -52.04 48.24 15.58
CA GLN D 625 -51.15 48.92 14.65
C GLN D 625 -50.29 49.96 15.36
N LEU D 626 -50.89 50.72 16.29
CA LEU D 626 -50.11 51.69 17.05
C LEU D 626 -49.04 51.00 17.89
N LEU D 627 -49.39 49.88 18.53
CA LEU D 627 -48.41 49.14 19.31
C LEU D 627 -47.27 48.62 18.44
N ARG D 628 -47.60 48.09 17.26
CA ARG D 628 -46.57 47.59 16.35
C ARG D 628 -45.74 48.70 15.75
N THR D 629 -46.28 49.92 15.68
CA THR D 629 -45.58 51.05 15.08
C THR D 629 -44.68 51.79 16.05
N TYR D 630 -45.10 51.97 17.30
CA TYR D 630 -44.33 52.77 18.25
C TYR D 630 -43.88 51.98 19.48
N VAL D 631 -44.75 51.13 20.03
CA VAL D 631 -44.44 50.48 21.29
C VAL D 631 -43.28 49.51 21.15
N GLY D 632 -43.26 48.71 20.08
CA GLY D 632 -42.30 47.65 19.93
C GLY D 632 -40.86 48.11 19.90
N PRO D 633 -40.57 49.13 19.09
CA PRO D 633 -39.20 49.66 19.06
C PRO D 633 -38.72 50.18 20.39
N MET D 634 -39.62 50.81 21.17
CA MET D 634 -39.24 51.28 22.50
C MET D 634 -38.91 50.12 23.42
N THR D 635 -39.70 49.05 23.37
CA THR D 635 -39.41 47.87 24.17
C THR D 635 -38.08 47.24 23.77
N GLU D 636 -37.80 47.20 22.46
CA GLU D 636 -36.51 46.68 22.02
C GLU D 636 -35.36 47.55 22.52
N SER D 637 -35.53 48.87 22.50
CA SER D 637 -34.51 49.76 23.02
C SER D 637 -34.37 49.65 24.52
N LEU D 638 -35.49 49.52 25.25
CA LEU D 638 -35.44 49.44 26.70
C LEU D 638 -34.83 48.12 27.17
N PHE D 639 -35.22 47.01 26.55
CA PHE D 639 -34.73 45.68 26.91
C PHE D 639 -33.89 45.13 25.76
N PRO D 640 -32.56 45.22 25.84
CA PRO D 640 -31.73 44.73 24.74
C PRO D 640 -31.80 43.22 24.59
N GLY D 641 -31.67 42.76 23.35
CA GLY D 641 -31.59 41.35 23.04
C GLY D 641 -32.92 40.64 22.92
N TYR D 642 -34.04 41.33 23.12
CA TYR D 642 -35.35 40.72 23.05
C TYR D 642 -36.06 41.17 21.79
N HIS D 643 -36.49 40.20 20.97
CA HIS D 643 -37.21 40.46 19.75
C HIS D 643 -38.70 40.43 20.01
N THR D 644 -39.41 41.46 19.56
CA THR D 644 -40.83 41.62 19.82
C THR D 644 -41.60 41.66 18.51
N LYS D 645 -42.82 41.10 18.54
CA LYS D 645 -43.72 41.13 17.39
C LYS D 645 -44.98 41.93 17.67
N ALA D 646 -45.15 42.47 18.88
CA ALA D 646 -46.32 43.27 19.24
C ALA D 646 -47.61 42.50 19.03
N ARG D 647 -47.73 41.36 19.72
CA ARG D 647 -48.93 40.54 19.67
C ARG D 647 -49.73 40.76 20.95
N ALA D 648 -51.00 41.14 20.79
CA ALA D 648 -51.87 41.41 21.93
C ALA D 648 -53.21 40.72 21.73
N VAL D 649 -53.81 40.30 22.85
CA VAL D 649 -55.11 39.65 22.85
C VAL D 649 -56.10 40.38 23.76
N MET D 650 -55.74 40.56 25.03
CA MET D 650 -56.59 41.22 26.00
C MET D 650 -56.18 42.70 26.08
N ASN D 651 -57.13 43.59 25.77
CA ASN D 651 -56.86 45.02 25.82
C ASN D 651 -58.19 45.74 25.97
N PHE D 652 -58.36 46.45 27.09
CA PHE D 652 -59.59 47.17 27.34
C PHE D 652 -59.29 48.38 28.22
N VAL D 653 -60.19 49.36 28.15
CA VAL D 653 -60.10 50.57 28.96
C VAL D 653 -61.04 50.41 30.14
N VAL D 654 -60.50 50.47 31.36
CA VAL D 654 -61.25 50.28 32.58
C VAL D 654 -61.35 51.61 33.31
N ARG D 655 -62.58 52.02 33.61
CA ARG D 655 -62.84 53.24 34.37
C ARG D 655 -63.04 52.87 35.83
N TYR D 656 -62.18 53.38 36.70
CA TYR D 656 -62.20 53.06 38.13
C TYR D 656 -62.93 54.18 38.87
N ARG D 657 -63.99 53.81 39.59
CA ARG D 657 -64.76 54.76 40.38
C ARG D 657 -64.97 54.18 41.77
N PRO D 658 -64.83 54.99 42.83
CA PRO D 658 -65.01 54.45 44.18
C PRO D 658 -66.40 53.89 44.43
N ASP D 659 -67.43 54.48 43.84
CA ASP D 659 -68.79 54.02 44.07
C ASP D 659 -69.22 52.89 43.14
N GLU D 660 -68.42 52.58 42.13
CA GLU D 660 -68.78 51.54 41.16
C GLU D 660 -67.82 50.34 41.23
N GLN D 661 -66.52 50.58 41.08
CA GLN D 661 -65.54 49.50 41.06
C GLN D 661 -64.34 49.89 41.91
N PRO D 662 -64.14 49.26 43.07
CA PRO D 662 -62.97 49.59 43.89
C PRO D 662 -61.69 48.98 43.36
N SER D 663 -60.60 49.14 44.10
CA SER D 663 -59.30 48.63 43.65
C SER D 663 -59.31 47.10 43.60
N LEU D 664 -58.51 46.56 42.69
CA LEU D 664 -58.38 45.13 42.52
C LEU D 664 -57.34 44.56 43.50
N ARG D 665 -57.58 43.32 43.92
CA ARG D 665 -56.64 42.65 44.80
C ARG D 665 -55.36 42.31 44.06
N PRO D 666 -54.27 42.08 44.78
CA PRO D 666 -52.99 41.77 44.12
C PRO D 666 -53.10 40.49 43.29
N HIS D 667 -52.45 40.50 42.13
CA HIS D 667 -52.45 39.37 41.21
C HIS D 667 -51.28 39.56 40.25
N HIS D 668 -51.14 38.63 39.31
CA HIS D 668 -50.13 38.69 38.27
C HIS D 668 -50.80 38.89 36.92
N ASP D 669 -49.99 39.13 35.90
CA ASP D 669 -50.46 39.37 34.54
C ASP D 669 -50.16 38.14 33.69
N SER D 670 -51.17 37.68 32.94
CA SER D 670 -51.01 36.51 32.06
C SER D 670 -50.45 36.94 30.71
N SER D 671 -49.33 37.67 30.77
CA SER D 671 -48.65 38.13 29.57
C SER D 671 -47.18 38.35 29.89
N THR D 672 -46.35 38.34 28.84
CA THR D 672 -44.92 38.57 29.03
C THR D 672 -44.67 39.99 29.54
N PHE D 673 -45.38 40.96 29.00
CA PHE D 673 -45.26 42.35 29.44
C PHE D 673 -46.65 42.97 29.55
N THR D 674 -46.78 43.95 30.44
CA THR D 674 -48.02 44.65 30.66
C THR D 674 -47.79 46.14 30.48
N LEU D 675 -48.69 46.78 29.73
CA LEU D 675 -48.62 48.21 29.45
C LEU D 675 -49.81 48.91 30.08
N ASN D 676 -49.53 49.93 30.89
CA ASN D 676 -50.56 50.73 31.53
C ASN D 676 -50.39 52.18 31.10
N VAL D 677 -51.46 52.79 30.60
CA VAL D 677 -51.44 54.16 30.13
C VAL D 677 -52.59 54.92 30.79
N ALA D 678 -52.28 56.07 31.36
CA ALA D 678 -53.30 56.90 31.98
C ALA D 678 -54.15 57.58 30.90
N LEU D 679 -55.41 57.85 31.25
CA LEU D 679 -56.35 58.50 30.33
C LEU D 679 -57.00 59.74 30.92
N ASN D 680 -56.51 60.23 32.05
CA ASN D 680 -57.08 61.41 32.69
C ASN D 680 -56.01 62.10 33.52
N HIS D 681 -56.28 63.34 33.87
CA HIS D 681 -55.38 64.13 34.70
C HIS D 681 -55.65 63.84 36.16
N LYS D 682 -54.69 63.24 36.85
CA LYS D 682 -54.87 62.85 38.23
C LYS D 682 -55.06 64.07 39.12
N GLY D 683 -55.86 63.90 40.17
CA GLY D 683 -56.16 64.99 41.08
C GLY D 683 -57.33 65.83 40.61
N LEU D 684 -57.17 66.49 39.46
CA LEU D 684 -58.23 67.35 38.94
C LEU D 684 -59.44 66.54 38.47
N ASP D 685 -59.19 65.33 37.97
CA ASP D 685 -60.27 64.49 37.44
C ASP D 685 -60.66 63.36 38.37
N TYR D 686 -59.74 62.88 39.21
CA TYR D 686 -60.06 61.80 40.13
C TYR D 686 -59.13 61.88 41.33
N GLU D 687 -59.58 61.31 42.44
CA GLU D 687 -58.81 61.25 43.68
C GLU D 687 -58.68 59.80 44.11
N GLY D 688 -57.45 59.40 44.43
CA GLY D 688 -57.19 58.03 44.83
C GLY D 688 -55.72 57.70 44.89
N GLY D 689 -55.33 56.60 44.25
CA GLY D 689 -53.94 56.19 44.23
C GLY D 689 -53.64 55.39 42.97
N GLY D 690 -52.41 54.91 42.88
CA GLY D 690 -51.99 54.15 41.72
C GLY D 690 -51.80 52.67 42.01
N CYS D 691 -50.56 52.19 41.94
CA CYS D 691 -50.25 50.79 42.15
C CYS D 691 -49.18 50.66 43.23
N ARG D 692 -49.17 49.50 43.88
CA ARG D 692 -48.21 49.20 44.95
C ARG D 692 -47.52 47.89 44.61
N PHE D 693 -46.19 47.91 44.55
CA PHE D 693 -45.40 46.71 44.29
C PHE D 693 -45.19 45.97 45.60
N LEU D 694 -45.84 44.81 45.75
CA LEU D 694 -45.74 44.05 46.99
C LEU D 694 -44.31 43.56 47.23
N ARG D 695 -43.66 43.04 46.19
CA ARG D 695 -42.32 42.48 46.31
C ARG D 695 -41.22 43.53 46.27
N TYR D 696 -41.51 44.75 45.80
CA TYR D 696 -40.50 45.78 45.66
C TYR D 696 -40.79 47.04 46.47
N ASP D 697 -41.94 47.12 47.13
CA ASP D 697 -42.33 48.29 47.93
C ASP D 697 -42.30 49.57 47.09
N CYS D 698 -42.72 49.45 45.83
CA CYS D 698 -42.81 50.58 44.92
C CYS D 698 -44.26 51.01 44.78
N VAL D 699 -44.53 52.28 45.04
CA VAL D 699 -45.88 52.84 45.01
C VAL D 699 -45.93 53.95 43.98
N ILE D 700 -46.91 53.87 43.09
CA ILE D 700 -47.15 54.90 42.07
C ILE D 700 -48.12 55.90 42.69
N SER D 701 -47.60 57.06 43.10
CA SER D 701 -48.40 58.07 43.77
C SER D 701 -48.86 59.19 42.86
N SER D 702 -48.08 59.57 41.86
CA SER D 702 -48.40 60.68 40.97
C SER D 702 -48.27 60.22 39.52
N PRO D 703 -49.22 59.41 39.05
CA PRO D 703 -49.20 59.01 37.64
C PRO D 703 -49.42 60.20 36.71
N ARG D 704 -48.79 60.13 35.55
CA ARG D 704 -48.91 61.18 34.54
C ARG D 704 -49.85 60.74 33.43
N LYS D 705 -50.69 61.69 32.99
CA LYS D 705 -51.70 61.37 31.97
C LYS D 705 -51.05 60.92 30.67
N GLY D 706 -49.98 61.60 30.25
CA GLY D 706 -49.32 61.25 29.01
C GLY D 706 -48.35 60.10 29.14
N TRP D 707 -47.74 59.97 30.31
CA TRP D 707 -46.77 58.90 30.52
C TRP D 707 -47.48 57.55 30.62
N ALA D 708 -46.73 56.49 30.32
CA ALA D 708 -47.24 55.13 30.34
C ALA D 708 -46.35 54.27 31.23
N LEU D 709 -46.96 53.21 31.77
CA LEU D 709 -46.27 52.29 32.67
C LEU D 709 -45.89 51.03 31.90
N LEU D 710 -44.63 50.63 32.00
CA LEU D 710 -44.12 49.47 31.30
C LEU D 710 -43.27 48.64 32.26
N HIS D 711 -43.77 47.46 32.63
CA HIS D 711 -43.05 46.55 33.51
C HIS D 711 -43.63 45.16 33.33
N PRO D 712 -42.85 44.13 33.64
CA PRO D 712 -43.38 42.76 33.60
C PRO D 712 -44.36 42.52 34.73
N GLY D 713 -45.24 41.54 34.52
CA GLY D 713 -46.23 41.20 35.52
C GLY D 713 -46.51 39.72 35.63
N ARG D 714 -45.57 38.88 35.17
CA ARG D 714 -45.79 37.43 35.13
C ARG D 714 -45.29 36.75 36.40
N LEU D 715 -44.00 36.90 36.70
CA LEU D 715 -43.39 36.13 37.79
C LEU D 715 -42.75 37.01 38.86
N THR D 716 -41.83 37.89 38.49
CA THR D 716 -41.05 38.64 39.46
C THR D 716 -41.76 39.85 40.01
N HIS D 717 -42.93 40.21 39.47
CA HIS D 717 -43.65 41.41 39.90
C HIS D 717 -45.10 41.05 40.18
N TYR D 718 -45.55 41.27 41.39
CA TYR D 718 -46.96 41.18 41.78
C TYR D 718 -47.41 42.56 42.22
N HIS D 719 -48.48 43.06 41.60
CA HIS D 719 -48.91 44.43 41.81
C HIS D 719 -50.36 44.46 42.28
N GLU D 720 -50.63 45.40 43.19
CA GLU D 720 -51.97 45.66 43.68
C GLU D 720 -52.28 47.13 43.52
N GLY D 721 -53.40 47.43 42.86
CA GLY D 721 -53.78 48.81 42.63
C GLY D 721 -54.35 49.46 43.87
N LEU D 722 -54.11 50.76 44.00
CA LEU D 722 -54.64 51.53 45.12
C LEU D 722 -56.10 51.90 44.88
N PRO D 723 -56.85 52.18 45.95
CA PRO D 723 -58.28 52.47 45.78
C PRO D 723 -58.57 53.93 45.51
N THR D 724 -59.38 54.20 44.49
CA THR D 724 -59.82 55.55 44.20
C THR D 724 -60.83 56.03 45.23
N THR D 725 -60.80 57.32 45.53
CA THR D 725 -61.67 57.91 46.53
C THR D 725 -62.73 58.83 45.92
N TRP D 726 -62.31 59.82 45.13
CA TRP D 726 -63.23 60.77 44.52
C TRP D 726 -62.99 60.83 43.02
N GLY D 727 -64.04 61.21 42.29
CA GLY D 727 -63.95 61.28 40.85
C GLY D 727 -63.94 59.89 40.22
N THR D 728 -63.61 59.87 38.93
CA THR D 728 -63.53 58.63 38.16
C THR D 728 -62.14 58.54 37.52
N ARG D 729 -61.49 57.40 37.70
CA ARG D 729 -60.16 57.16 37.15
C ARG D 729 -60.28 56.27 35.92
N TYR D 730 -59.74 56.75 34.80
CA TYR D 730 -59.74 56.01 33.55
C TYR D 730 -58.33 55.58 33.21
N ILE D 731 -58.14 54.29 32.95
CA ILE D 731 -56.83 53.73 32.67
C ILE D 731 -56.91 52.88 31.41
N MET D 732 -55.78 52.70 30.75
CA MET D 732 -55.67 51.88 29.55
C MET D 732 -54.91 50.61 29.88
N VAL D 733 -55.51 49.46 29.61
CA VAL D 733 -54.93 48.16 29.90
C VAL D 733 -54.82 47.39 28.59
N SER D 734 -53.69 46.70 28.41
CA SER D 734 -53.46 45.91 27.21
C SER D 734 -52.47 44.80 27.54
N PHE D 735 -52.86 43.55 27.28
CA PHE D 735 -51.99 42.40 27.51
C PHE D 735 -51.20 42.16 26.23
N VAL D 736 -49.89 42.44 26.29
CA VAL D 736 -49.00 42.29 25.14
C VAL D 736 -48.16 41.03 25.34
N ASP D 737 -48.04 40.24 24.26
CA ASP D 737 -47.26 39.01 24.24
C ASP D 737 -47.76 38.04 25.31
N PRO D 738 -48.97 37.49 25.15
CA PRO D 738 -49.52 36.52 26.10
C PRO D 738 -49.18 35.08 25.73
N ALA E 64 40.85 40.50 -11.25
CA ALA E 64 39.41 40.60 -11.37
C ALA E 64 38.96 42.05 -11.33
N TYR E 65 38.85 42.67 -12.51
CA TYR E 65 38.59 44.09 -12.60
C TYR E 65 37.58 44.40 -13.69
N PHE E 66 37.15 45.67 -13.71
CA PHE E 66 36.21 46.25 -14.65
C PHE E 66 34.84 45.56 -14.61
N PRO E 67 34.07 45.75 -13.54
CA PRO E 67 32.74 45.14 -13.48
C PRO E 67 31.80 45.78 -14.48
N GLU E 68 31.05 44.94 -15.18
CA GLU E 68 30.09 45.41 -16.17
C GLU E 68 28.83 45.91 -15.49
N GLU E 69 28.01 46.63 -16.26
CA GLU E 69 26.74 47.19 -15.83
C GLU E 69 25.67 46.88 -16.87
N ARG E 70 25.57 45.59 -17.19
CA ARG E 70 24.92 45.08 -18.39
C ARG E 70 23.60 45.75 -18.70
N TRP E 71 23.33 45.92 -19.99
CA TRP E 71 22.08 46.48 -20.48
C TRP E 71 21.01 45.41 -20.44
N SER E 72 20.09 45.53 -19.49
CA SER E 72 18.94 44.62 -19.37
C SER E 72 17.66 45.43 -19.45
N PRO E 73 16.84 45.24 -20.48
CA PRO E 73 15.66 46.07 -20.65
C PRO E 73 14.50 45.58 -19.79
N GLU E 74 13.40 46.34 -19.83
CA GLU E 74 12.21 45.95 -19.10
C GLU E 74 11.32 45.08 -19.97
N SER E 75 11.00 43.90 -19.47
CA SER E 75 10.23 42.92 -20.21
C SER E 75 8.81 43.40 -20.44
N PRO E 76 8.11 42.84 -21.43
CA PRO E 76 6.74 43.27 -21.69
C PRO E 76 5.73 42.52 -20.84
N LEU E 77 4.63 43.20 -20.54
CA LEU E 77 3.65 42.68 -19.59
C LEU E 77 2.93 41.47 -20.16
N GLN E 78 2.42 40.63 -19.26
CA GLN E 78 1.64 39.48 -19.65
C GLN E 78 0.18 39.86 -19.87
N ALA E 79 -0.50 39.05 -20.67
CA ALA E 79 -1.88 39.34 -21.03
C ALA E 79 -2.81 39.12 -19.84
N PRO E 80 -3.89 39.90 -19.73
CA PRO E 80 -4.73 39.84 -18.53
C PRO E 80 -5.40 38.49 -18.36
N ARG E 81 -5.59 38.12 -17.10
CA ARG E 81 -6.28 36.89 -16.75
C ARG E 81 -7.75 36.98 -17.13
N VAL E 82 -8.39 35.82 -17.33
CA VAL E 82 -9.77 35.75 -17.76
C VAL E 82 -10.38 34.46 -17.24
N LEU E 83 -11.61 34.53 -16.76
CA LEU E 83 -12.36 33.37 -16.31
C LEU E 83 -13.56 33.14 -17.23
N ILE E 84 -13.72 31.91 -17.69
CA ILE E 84 -14.80 31.53 -18.60
C ILE E 84 -15.84 30.73 -17.82
N ALA E 85 -17.09 31.16 -17.91
CA ALA E 85 -18.19 30.47 -17.24
C ALA E 85 -19.02 29.73 -18.29
N LEU E 86 -19.26 28.45 -18.05
CA LEU E 86 -20.07 27.62 -18.93
C LEU E 86 -21.30 27.10 -18.18
N LEU E 87 -22.48 27.43 -18.67
CA LEU E 87 -23.71 27.05 -17.93
C LEU E 87 -24.52 26.15 -18.87
N ALA E 88 -24.41 24.81 -18.73
CA ALA E 88 -25.03 23.89 -19.71
C ALA E 88 -26.00 22.87 -19.16
N ARG E 89 -27.08 22.56 -19.88
CA ARG E 89 -27.98 21.43 -19.54
C ARG E 89 -28.81 21.13 -20.79
N ASN E 90 -29.01 19.85 -21.12
CA ASN E 90 -29.76 19.46 -22.34
C ASN E 90 -28.97 19.98 -23.53
N ALA E 91 -27.70 19.59 -23.67
CA ALA E 91 -26.91 20.19 -24.77
C ALA E 91 -25.91 19.19 -25.36
N ALA E 92 -25.97 17.93 -24.95
CA ALA E 92 -25.09 16.86 -25.43
C ALA E 92 -25.00 16.86 -26.95
N HIS E 93 -25.98 17.47 -27.61
CA HIS E 93 -26.00 17.54 -29.07
C HIS E 93 -25.04 18.61 -29.58
N ALA E 94 -24.92 19.72 -28.87
CA ALA E 94 -24.20 20.89 -29.36
C ALA E 94 -22.82 21.06 -28.74
N LEU E 95 -22.53 20.35 -27.64
CA LEU E 95 -21.29 20.59 -26.93
C LEU E 95 -20.02 20.35 -27.75
N PRO E 96 -19.91 19.31 -28.59
CA PRO E 96 -18.63 19.08 -29.27
C PRO E 96 -18.13 20.27 -30.09
N THR E 97 -18.95 20.78 -31.01
CA THR E 97 -18.48 21.85 -31.88
C THR E 97 -18.14 23.12 -31.10
N THR E 98 -18.99 23.50 -30.14
CA THR E 98 -18.74 24.73 -29.40
C THR E 98 -17.52 24.60 -28.49
N LEU E 99 -17.33 23.46 -27.83
CA LEU E 99 -16.13 23.29 -27.01
C LEU E 99 -14.88 23.22 -27.88
N GLY E 100 -14.99 22.67 -29.08
CA GLY E 100 -13.87 22.72 -30.01
C GLY E 100 -13.51 24.14 -30.39
N ALA E 101 -14.51 24.97 -30.69
CA ALA E 101 -14.24 26.35 -31.03
C ALA E 101 -13.80 27.17 -29.82
N LEU E 102 -14.11 26.70 -28.61
CA LEU E 102 -13.71 27.40 -27.40
C LEU E 102 -12.37 26.96 -26.86
N GLU E 103 -11.84 25.82 -27.32
CA GLU E 103 -10.50 25.40 -26.92
C GLU E 103 -9.41 26.16 -27.65
N ARG E 104 -9.72 26.77 -28.80
CA ARG E 104 -8.70 27.39 -29.65
C ARG E 104 -8.77 28.91 -29.66
N LEU E 105 -9.26 29.52 -28.58
CA LEU E 105 -9.23 30.98 -28.50
C LEU E 105 -7.80 31.47 -28.36
N ARG E 106 -7.46 32.52 -29.10
CA ARG E 106 -6.10 33.06 -29.08
C ARG E 106 -5.92 33.84 -27.79
N HIS E 107 -5.45 33.13 -26.77
CA HIS E 107 -5.15 33.63 -25.44
C HIS E 107 -4.29 32.59 -24.74
N PRO E 108 -3.18 32.99 -24.14
CA PRO E 108 -2.28 31.99 -23.53
C PRO E 108 -3.02 31.15 -22.51
N ARG E 109 -2.70 29.85 -22.50
CA ARG E 109 -3.48 28.89 -21.73
C ARG E 109 -3.09 28.83 -20.27
N GLU E 110 -2.08 29.58 -19.83
CA GLU E 110 -1.73 29.66 -18.42
C GLU E 110 -2.36 30.87 -17.73
N ARG E 111 -3.19 31.62 -18.42
CA ARG E 111 -3.89 32.78 -17.88
C ARG E 111 -5.39 32.66 -18.12
N THR E 112 -5.94 31.49 -17.82
CA THR E 112 -7.36 31.25 -18.01
C THR E 112 -7.81 30.14 -17.06
N ALA E 113 -9.00 30.30 -16.49
CA ALA E 113 -9.56 29.32 -15.57
C ALA E 113 -11.02 29.10 -15.91
N LEU E 114 -11.46 27.85 -15.74
CA LEU E 114 -12.76 27.40 -16.21
C LEU E 114 -13.72 27.17 -15.06
N TRP E 115 -15.00 27.40 -15.32
CA TRP E 115 -16.06 27.30 -14.32
C TRP E 115 -17.26 26.53 -14.85
N VAL E 116 -17.03 25.34 -15.42
CA VAL E 116 -18.15 24.52 -15.86
C VAL E 116 -19.02 24.14 -14.67
N ALA E 117 -20.33 24.30 -14.83
CA ALA E 117 -21.28 23.97 -13.76
C ALA E 117 -22.61 23.61 -14.41
N THR E 118 -22.95 22.31 -14.36
CA THR E 118 -24.15 21.74 -15.03
C THR E 118 -25.14 21.23 -14.00
N ASP E 119 -26.40 21.05 -14.38
CA ASP E 119 -27.43 20.71 -13.37
C ASP E 119 -28.68 20.18 -14.05
N HIS E 120 -29.71 19.82 -13.28
CA HIS E 120 -31.02 19.37 -13.81
C HIS E 120 -30.98 18.94 -15.27
N ASN E 121 -30.20 17.92 -15.62
CA ASN E 121 -30.05 17.51 -17.04
C ASN E 121 -30.81 16.22 -17.32
N MET E 122 -31.34 16.05 -18.54
CA MET E 122 -32.00 14.78 -18.85
C MET E 122 -31.08 13.86 -19.63
N ASP E 123 -30.22 14.42 -20.48
CA ASP E 123 -29.34 13.65 -21.33
C ASP E 123 -28.04 13.33 -20.59
N ASN E 124 -27.03 12.89 -21.32
CA ASN E 124 -25.73 12.50 -20.77
C ASN E 124 -24.69 13.61 -20.89
N THR E 125 -25.11 14.87 -20.73
CA THR E 125 -24.19 16.00 -20.86
C THR E 125 -23.07 15.94 -19.83
N SER E 126 -23.39 15.50 -18.61
CA SER E 126 -22.37 15.44 -17.56
C SER E 126 -21.21 14.52 -17.97
N THR E 127 -21.53 13.41 -18.65
CA THR E 127 -20.48 12.47 -19.02
C THR E 127 -19.49 13.08 -20.01
N VAL E 128 -20.00 13.72 -21.07
CA VAL E 128 -19.12 14.32 -22.05
C VAL E 128 -18.36 15.50 -21.44
N LEU E 129 -19.00 16.27 -20.56
CA LEU E 129 -18.31 17.36 -19.89
C LEU E 129 -17.15 16.83 -19.04
N ARG E 130 -17.39 15.74 -18.30
CA ARG E 130 -16.32 15.16 -17.50
C ARG E 130 -15.19 14.64 -18.38
N GLU E 131 -15.53 13.98 -19.49
CA GLU E 131 -14.51 13.51 -20.42
C GLU E 131 -13.66 14.65 -20.93
N TRP E 132 -14.30 15.77 -21.30
CA TRP E 132 -13.54 16.93 -21.78
C TRP E 132 -12.65 17.50 -20.68
N LEU E 133 -13.18 17.64 -19.47
CA LEU E 133 -12.41 18.26 -18.40
C LEU E 133 -11.19 17.42 -18.03
N VAL E 134 -11.39 16.13 -17.75
CA VAL E 134 -10.34 15.33 -17.13
C VAL E 134 -9.10 15.26 -18.00
N ALA E 135 -9.26 15.44 -19.31
CA ALA E 135 -8.12 15.38 -20.23
C ALA E 135 -7.56 16.74 -20.59
N VAL E 136 -8.25 17.84 -20.26
CA VAL E 136 -7.75 19.19 -20.51
C VAL E 136 -7.25 19.87 -19.25
N LYS E 137 -7.71 19.43 -18.08
CA LYS E 137 -7.47 20.11 -16.81
C LYS E 137 -5.98 20.38 -16.56
N SER E 138 -5.08 19.72 -17.29
CA SER E 138 -3.65 19.97 -17.10
C SER E 138 -3.24 21.34 -17.65
N LEU E 139 -3.73 21.71 -18.83
CA LEU E 139 -3.27 22.93 -19.48
C LEU E 139 -3.68 24.18 -18.72
N TYR E 140 -4.97 24.29 -18.38
CA TYR E 140 -5.51 25.53 -17.84
C TYR E 140 -5.06 25.73 -16.39
N HIS E 141 -5.25 26.96 -15.91
CA HIS E 141 -4.82 27.30 -14.55
C HIS E 141 -5.57 26.48 -13.51
N SER E 142 -6.88 26.65 -13.43
CA SER E 142 -7.68 25.97 -12.41
C SER E 142 -9.09 25.80 -12.92
N VAL E 143 -9.67 24.63 -12.66
CA VAL E 143 -11.00 24.29 -13.15
C VAL E 143 -11.91 23.99 -11.96
N GLU E 144 -13.05 24.67 -11.92
CA GLU E 144 -14.09 24.42 -10.95
C GLU E 144 -15.18 23.58 -11.60
N TRP E 145 -15.76 22.65 -10.86
CA TRP E 145 -16.59 21.60 -11.43
C TRP E 145 -17.69 21.23 -10.45
N ARG E 146 -18.93 21.56 -10.80
CA ARG E 146 -20.09 21.37 -9.92
C ARG E 146 -21.21 20.64 -10.65
N PRO E 147 -21.17 19.31 -10.71
CA PRO E 147 -22.31 18.56 -11.25
C PRO E 147 -23.41 18.36 -10.23
N ALA E 148 -24.65 18.48 -10.67
CA ALA E 148 -25.83 18.43 -9.82
C ALA E 148 -26.90 17.53 -10.43
N GLU E 149 -26.50 16.31 -10.81
CA GLU E 149 -27.31 15.37 -11.58
C GLU E 149 -28.77 15.29 -11.18
N GLU E 150 -29.05 15.19 -9.87
CA GLU E 150 -30.45 14.97 -9.51
C GLU E 150 -30.98 16.10 -8.63
N PRO E 151 -32.27 16.45 -8.76
CA PRO E 151 -33.31 15.82 -9.60
C PRO E 151 -33.10 16.01 -11.10
N ARG E 152 -33.78 15.20 -11.91
CA ARG E 152 -33.60 15.20 -13.36
C ARG E 152 -34.49 16.21 -14.06
N SER E 153 -35.35 16.92 -13.32
CA SER E 153 -36.20 17.95 -13.89
C SER E 153 -36.87 18.70 -12.76
N TYR E 154 -37.30 19.92 -13.05
CA TYR E 154 -38.01 20.71 -12.06
C TYR E 154 -39.42 20.15 -11.87
N PRO E 155 -39.96 20.18 -10.65
CA PRO E 155 -41.30 19.61 -10.43
C PRO E 155 -42.40 20.35 -11.18
N ASP E 156 -42.53 21.66 -10.97
CA ASP E 156 -43.64 22.42 -11.52
C ASP E 156 -43.31 22.98 -12.90
N GLU E 157 -43.01 22.08 -13.83
CA GLU E 157 -42.68 22.46 -15.19
C GLU E 157 -43.56 21.69 -16.17
N GLU E 158 -44.02 22.40 -17.19
CA GLU E 158 -44.78 21.76 -18.26
C GLU E 158 -43.87 20.92 -19.15
N GLY E 159 -42.72 21.47 -19.52
CA GLY E 159 -41.74 20.78 -20.31
C GLY E 159 -40.35 21.33 -20.06
N PRO E 160 -39.32 20.61 -20.52
CA PRO E 160 -37.95 21.08 -20.29
C PRO E 160 -37.61 22.41 -20.96
N LYS E 161 -38.51 22.94 -21.80
CA LYS E 161 -38.31 24.23 -22.44
C LYS E 161 -39.29 25.29 -21.96
N HIS E 162 -39.83 25.13 -20.75
CA HIS E 162 -40.71 26.11 -20.15
C HIS E 162 -40.02 26.76 -18.96
N TRP E 163 -40.00 28.09 -18.94
CA TRP E 163 -39.28 28.85 -17.92
C TRP E 163 -40.21 29.06 -16.72
N SER E 164 -40.07 28.17 -15.74
CA SER E 164 -40.81 28.32 -14.50
C SER E 164 -40.09 29.28 -13.57
N ASP E 165 -40.88 29.97 -12.73
CA ASP E 165 -40.31 31.00 -11.87
C ASP E 165 -39.37 30.43 -10.82
N SER E 166 -39.34 29.11 -10.63
CA SER E 166 -38.33 28.47 -9.81
C SER E 166 -37.14 27.98 -10.62
N ARG E 167 -37.10 28.30 -11.92
CA ARG E 167 -35.90 28.13 -12.73
C ARG E 167 -35.11 29.42 -12.89
N TYR E 168 -35.80 30.56 -12.97
CA TYR E 168 -35.12 31.85 -12.97
C TYR E 168 -34.32 32.03 -11.69
N GLU E 169 -34.89 31.66 -10.55
CA GLU E 169 -34.17 31.72 -9.29
C GLU E 169 -33.16 30.62 -9.14
N HIS E 170 -32.87 29.87 -10.20
CA HIS E 170 -31.74 28.95 -10.22
C HIS E 170 -30.71 29.28 -11.29
N VAL E 171 -31.12 30.01 -12.35
CA VAL E 171 -30.15 30.54 -13.29
C VAL E 171 -29.39 31.71 -12.68
N MET E 172 -30.12 32.67 -12.10
CA MET E 172 -29.47 33.78 -11.40
C MET E 172 -28.56 33.29 -10.30
N LYS E 173 -29.07 32.41 -9.42
CA LYS E 173 -28.26 31.90 -8.31
C LYS E 173 -26.94 31.33 -8.78
N LEU E 174 -26.92 30.74 -9.98
CA LEU E 174 -25.70 30.11 -10.47
C LEU E 174 -24.71 31.14 -11.00
N ARG E 175 -25.20 32.16 -11.72
CA ARG E 175 -24.32 33.20 -12.21
C ARG E 175 -23.76 34.03 -11.05
N GLN E 176 -24.64 34.53 -10.17
CA GLN E 176 -24.18 35.33 -9.04
C GLN E 176 -23.23 34.55 -8.13
N ALA E 177 -23.23 33.22 -8.22
CA ALA E 177 -22.27 32.42 -7.48
C ALA E 177 -21.02 32.12 -8.30
N ALA E 178 -20.92 32.68 -9.50
CA ALA E 178 -19.70 32.68 -10.30
C ALA E 178 -19.01 34.03 -10.27
N LEU E 179 -19.76 35.11 -10.42
CA LEU E 179 -19.21 36.44 -10.24
C LEU E 179 -18.63 36.61 -8.84
N LYS E 180 -19.02 35.76 -7.90
CA LYS E 180 -18.44 35.78 -6.57
C LYS E 180 -17.19 34.91 -6.50
N SER E 181 -16.97 34.06 -7.50
CA SER E 181 -15.76 33.26 -7.55
C SER E 181 -14.75 33.78 -8.57
N ALA E 182 -15.10 34.83 -9.32
CA ALA E 182 -14.14 35.52 -10.16
C ALA E 182 -13.69 36.84 -9.57
N ARG E 183 -14.27 37.24 -8.44
CA ARG E 183 -13.78 38.34 -7.62
C ARG E 183 -12.83 37.87 -6.55
N ASP E 184 -13.11 36.71 -5.97
CA ASP E 184 -12.32 36.07 -4.92
C ASP E 184 -11.01 35.48 -5.46
N MET E 185 -11.00 35.02 -6.71
CA MET E 185 -9.83 34.43 -7.32
C MET E 185 -8.88 35.48 -7.89
N TRP E 186 -9.23 36.76 -7.81
CA TRP E 186 -8.42 37.86 -8.32
C TRP E 186 -8.17 37.72 -9.82
N ALA E 187 -9.25 37.82 -10.59
CA ALA E 187 -9.19 37.70 -12.04
C ALA E 187 -9.81 38.93 -12.67
N ASP E 188 -9.07 39.58 -13.57
CA ASP E 188 -9.66 40.58 -14.43
C ASP E 188 -10.62 39.89 -15.40
N TYR E 189 -11.71 40.60 -15.73
CA TYR E 189 -12.66 40.11 -16.73
C TYR E 189 -13.35 38.82 -16.33
N ILE E 190 -14.49 38.54 -16.96
CA ILE E 190 -15.14 37.24 -16.86
C ILE E 190 -16.01 37.08 -18.09
N LEU E 191 -15.89 35.95 -18.77
CA LEU E 191 -16.53 35.74 -20.06
C LEU E 191 -17.68 34.78 -19.89
N PHE E 192 -18.90 35.26 -20.09
CA PHE E 192 -20.11 34.48 -19.93
C PHE E 192 -20.49 33.95 -21.32
N VAL E 193 -20.26 32.66 -21.53
CA VAL E 193 -20.65 32.00 -22.78
C VAL E 193 -21.34 30.69 -22.43
N ASP E 194 -22.56 30.52 -22.94
CA ASP E 194 -23.35 29.33 -22.70
C ASP E 194 -23.05 28.29 -23.77
N ALA E 195 -23.31 27.01 -23.44
CA ALA E 195 -23.02 25.91 -24.37
C ALA E 195 -24.12 25.82 -25.43
N ASP E 196 -24.40 26.98 -26.03
CA ASP E 196 -25.32 27.10 -27.15
C ASP E 196 -24.79 28.01 -28.24
N ASN E 197 -23.80 28.84 -27.95
CA ASN E 197 -23.31 29.88 -28.85
C ASN E 197 -22.03 29.40 -29.52
N LEU E 198 -21.95 29.55 -30.83
CA LEU E 198 -20.75 29.21 -31.57
C LEU E 198 -19.83 30.42 -31.66
N ILE E 199 -18.74 30.40 -30.90
CA ILE E 199 -17.72 31.44 -30.96
C ILE E 199 -16.78 31.03 -32.09
N LEU E 200 -17.04 31.56 -33.29
CA LEU E 200 -16.37 31.14 -34.51
C LEU E 200 -14.98 31.75 -34.64
N ASN E 201 -14.90 33.08 -34.71
CA ASN E 201 -13.63 33.77 -34.87
C ASN E 201 -12.74 33.54 -33.64
N PRO E 202 -11.55 32.96 -33.80
CA PRO E 202 -10.71 32.71 -32.62
C PRO E 202 -10.11 33.95 -32.01
N ASP E 203 -10.20 35.09 -32.69
CA ASP E 203 -9.66 36.35 -32.18
C ASP E 203 -10.72 37.25 -31.57
N THR E 204 -11.76 36.68 -30.96
CA THR E 204 -12.81 37.52 -30.39
C THR E 204 -12.44 38.02 -29.01
N LEU E 205 -11.76 37.21 -28.21
CA LEU E 205 -11.53 37.56 -26.82
C LEU E 205 -10.52 38.70 -26.70
N SER E 206 -9.43 38.62 -27.48
CA SER E 206 -8.42 39.66 -27.44
C SER E 206 -8.95 40.98 -27.99
N LEU E 207 -9.70 40.91 -29.09
CA LEU E 207 -10.28 42.12 -29.67
C LEU E 207 -11.26 42.77 -28.70
N LEU E 208 -12.07 41.96 -28.00
CA LEU E 208 -12.99 42.51 -27.01
C LEU E 208 -12.24 43.11 -25.83
N ILE E 209 -11.17 42.46 -25.37
CA ILE E 209 -10.37 43.02 -24.29
C ILE E 209 -9.80 44.37 -24.69
N ALA E 210 -9.36 44.50 -25.94
CA ALA E 210 -8.68 45.72 -26.38
C ALA E 210 -9.60 46.90 -26.60
N GLU E 211 -10.86 46.82 -26.16
CA GLU E 211 -11.80 47.92 -26.34
C GLU E 211 -11.94 48.82 -25.11
N ASN E 212 -11.60 48.31 -23.92
CA ASN E 212 -11.59 49.11 -22.68
C ASN E 212 -12.97 49.68 -22.36
N LYS E 213 -13.94 48.78 -22.19
CA LYS E 213 -15.27 49.14 -21.73
C LYS E 213 -15.70 48.16 -20.64
N THR E 214 -16.69 48.57 -19.84
CA THR E 214 -17.00 47.84 -18.62
C THR E 214 -17.82 46.59 -18.90
N VAL E 215 -18.90 46.72 -19.66
CA VAL E 215 -19.76 45.60 -20.01
C VAL E 215 -19.99 45.65 -21.51
N VAL E 216 -19.26 44.83 -22.25
CA VAL E 216 -19.30 44.84 -23.71
C VAL E 216 -19.60 43.44 -24.21
N ALA E 217 -20.46 43.32 -25.21
CA ALA E 217 -20.88 42.04 -25.75
C ALA E 217 -20.89 42.13 -27.27
N PRO E 218 -20.29 41.17 -27.97
CA PRO E 218 -20.39 41.17 -29.43
C PRO E 218 -21.83 40.92 -29.86
N MET E 219 -22.15 41.29 -31.09
CA MET E 219 -23.42 40.86 -31.66
C MET E 219 -23.12 39.61 -32.48
N LEU E 220 -23.52 38.47 -31.96
CA LEU E 220 -23.45 37.21 -32.68
C LEU E 220 -24.52 37.23 -33.76
N ASP E 221 -24.46 36.27 -34.68
CA ASP E 221 -25.38 36.31 -35.79
C ASP E 221 -26.31 35.10 -35.76
N SER E 222 -27.42 35.22 -36.51
CA SER E 222 -28.42 34.16 -36.54
C SER E 222 -29.14 34.21 -37.88
N ARG E 223 -29.94 33.18 -38.13
CA ARG E 223 -30.66 33.09 -39.40
C ARG E 223 -31.69 34.21 -39.55
N ALA E 224 -32.32 34.65 -38.46
CA ALA E 224 -33.35 35.67 -38.55
C ALA E 224 -32.89 36.94 -37.85
N ALA E 225 -33.81 37.91 -37.71
CA ALA E 225 -33.46 39.19 -37.11
C ALA E 225 -32.98 39.07 -35.67
N TYR E 226 -33.45 38.05 -34.93
CA TYR E 226 -33.14 37.95 -33.51
C TYR E 226 -31.64 37.84 -33.29
N SER E 227 -31.07 38.80 -32.58
CA SER E 227 -29.69 38.75 -32.14
C SER E 227 -29.66 39.08 -30.66
N ASN E 228 -28.48 39.03 -30.05
CA ASN E 228 -28.34 39.14 -28.61
C ASN E 228 -28.13 40.58 -28.14
N PHE E 229 -29.03 41.48 -28.55
CA PHE E 229 -29.05 42.83 -28.01
C PHE E 229 -30.35 43.50 -28.40
N TRP E 230 -30.99 44.17 -27.44
CA TRP E 230 -32.12 45.03 -27.76
C TRP E 230 -31.63 46.41 -28.14
N CYS E 231 -32.56 47.32 -28.37
CA CYS E 231 -32.19 48.72 -28.56
C CYS E 231 -33.17 49.68 -27.90
N GLY E 232 -34.15 49.20 -27.15
CA GLY E 232 -35.03 50.06 -26.38
C GLY E 232 -35.97 49.31 -25.46
N MET E 233 -36.00 49.71 -24.19
CA MET E 233 -36.91 49.13 -23.19
C MET E 233 -38.08 50.10 -23.00
N THR E 234 -39.30 49.55 -22.95
CA THR E 234 -40.46 50.45 -23.01
C THR E 234 -40.84 51.08 -21.68
N SER E 235 -41.48 50.31 -20.79
CA SER E 235 -41.75 50.76 -19.44
C SER E 235 -41.48 49.65 -18.44
N GLN E 236 -41.84 48.42 -18.81
CA GLN E 236 -41.68 47.24 -17.98
C GLN E 236 -40.62 46.30 -18.55
N GLY E 237 -39.70 46.84 -19.35
CA GLY E 237 -38.64 46.03 -19.92
C GLY E 237 -39.12 45.03 -20.96
N TYR E 238 -39.78 45.52 -21.99
CA TYR E 238 -40.23 44.69 -23.09
C TYR E 238 -39.81 45.34 -24.41
N TYR E 239 -39.52 44.50 -25.40
CA TYR E 239 -38.82 44.96 -26.59
C TYR E 239 -39.63 46.02 -27.32
N LYS E 240 -38.97 47.13 -27.64
CA LYS E 240 -39.49 48.13 -28.56
C LYS E 240 -38.51 48.28 -29.71
N ARG E 241 -38.99 48.03 -30.93
CA ARG E 241 -38.14 48.10 -32.12
C ARG E 241 -37.96 49.57 -32.48
N THR E 242 -36.80 50.12 -32.14
CA THR E 242 -36.46 51.46 -32.58
C THR E 242 -35.83 51.39 -33.97
N PRO E 243 -35.98 52.45 -34.78
CA PRO E 243 -35.51 52.38 -36.17
C PRO E 243 -34.01 52.17 -36.32
N ALA E 244 -33.22 52.39 -35.28
CA ALA E 244 -31.79 52.17 -35.37
C ALA E 244 -31.41 50.69 -35.42
N TYR E 245 -32.33 49.80 -35.08
CA TYR E 245 -32.01 48.37 -34.99
C TYR E 245 -31.61 47.80 -36.35
N ILE E 246 -32.34 48.16 -37.40
CA ILE E 246 -32.07 47.60 -38.71
C ILE E 246 -30.69 47.96 -39.24
N PRO E 247 -30.24 49.23 -39.19
CA PRO E 247 -28.91 49.54 -39.75
C PRO E 247 -27.74 49.07 -38.89
N ILE E 248 -27.95 48.69 -37.62
CA ILE E 248 -26.89 48.10 -36.83
C ILE E 248 -26.84 46.59 -36.98
N ARG E 249 -28.02 45.97 -37.13
CA ARG E 249 -28.06 44.53 -37.29
C ARG E 249 -27.42 44.09 -38.60
N LYS E 250 -27.79 44.74 -39.71
CA LYS E 250 -27.28 44.38 -41.03
C LYS E 250 -25.91 44.95 -41.32
N ARG E 251 -25.20 45.46 -40.30
CA ARG E 251 -23.83 45.94 -40.44
C ARG E 251 -23.73 47.12 -41.40
N ASP E 252 -24.82 47.87 -41.52
CA ASP E 252 -24.76 49.11 -42.29
C ASP E 252 -23.98 50.20 -41.57
N ARG E 253 -23.81 50.07 -40.25
CA ARG E 253 -22.91 50.94 -39.52
C ARG E 253 -21.83 50.10 -38.87
N ARG E 254 -20.92 50.75 -38.15
CA ARG E 254 -19.91 50.07 -37.37
C ARG E 254 -19.36 51.06 -36.33
N GLY E 255 -18.37 50.60 -35.58
CA GLY E 255 -18.10 51.19 -34.29
C GLY E 255 -19.17 50.74 -33.32
N CYS E 256 -18.81 50.70 -32.05
CA CYS E 256 -19.69 49.98 -31.15
C CYS E 256 -20.47 50.89 -30.22
N PHE E 257 -21.77 50.63 -30.18
CA PHE E 257 -22.81 51.59 -29.88
C PHE E 257 -23.26 51.47 -28.44
N ALA E 258 -24.11 52.39 -28.01
CA ALA E 258 -24.71 52.37 -26.69
C ALA E 258 -26.09 51.76 -26.80
N VAL E 259 -26.30 50.64 -26.12
CA VAL E 259 -27.59 49.96 -26.12
C VAL E 259 -27.99 49.67 -24.68
N PRO E 260 -29.29 49.58 -24.38
CA PRO E 260 -29.73 49.32 -23.00
C PRO E 260 -29.84 47.84 -22.62
N MET E 261 -29.33 46.92 -23.43
CA MET E 261 -29.46 45.51 -23.10
C MET E 261 -28.58 44.61 -23.95
N VAL E 262 -27.95 43.62 -23.31
CA VAL E 262 -27.21 42.55 -23.97
C VAL E 262 -27.40 41.30 -23.12
N HIS E 263 -27.33 40.13 -23.76
CA HIS E 263 -27.47 38.88 -23.02
C HIS E 263 -26.72 37.78 -23.79
N SER E 264 -26.91 36.55 -23.33
CA SER E 264 -26.28 35.35 -23.88
C SER E 264 -24.77 35.35 -23.65
N THR E 265 -24.04 36.23 -24.35
CA THR E 265 -22.58 36.28 -24.23
C THR E 265 -22.12 37.72 -24.09
N PHE E 266 -21.45 38.02 -22.98
CA PHE E 266 -20.81 39.32 -22.80
C PHE E 266 -19.48 39.11 -22.08
N LEU E 267 -18.91 40.21 -21.60
CA LEU E 267 -17.60 40.19 -20.94
C LEU E 267 -17.54 41.37 -19.98
N ILE E 268 -17.42 41.09 -18.68
CA ILE E 268 -17.52 42.11 -17.64
C ILE E 268 -16.13 42.44 -17.14
N ASP E 269 -15.82 43.73 -17.07
CA ASP E 269 -14.53 44.17 -16.55
C ASP E 269 -14.53 44.16 -15.03
N LEU E 270 -13.64 43.35 -14.45
CA LEU E 270 -13.58 43.23 -12.99
C LEU E 270 -12.41 44.00 -12.40
N ARG E 271 -11.93 45.03 -13.11
CA ARG E 271 -10.93 45.95 -12.56
C ARG E 271 -11.51 47.30 -12.19
N LYS E 272 -12.34 47.88 -13.04
CA LYS E 272 -12.83 49.23 -12.85
C LYS E 272 -13.69 49.33 -11.59
N ALA E 273 -13.65 50.50 -10.97
CA ALA E 273 -14.18 50.65 -9.62
C ALA E 273 -15.70 50.60 -9.57
N ALA E 274 -16.36 50.74 -10.72
CA ALA E 274 -17.83 50.70 -10.74
C ALA E 274 -18.38 49.30 -10.93
N SER E 275 -17.53 48.29 -11.07
CA SER E 275 -17.99 46.92 -11.21
C SER E 275 -18.01 46.19 -9.88
N ARG E 276 -18.20 46.92 -8.78
CA ARG E 276 -18.46 46.33 -7.48
C ARG E 276 -19.93 46.43 -7.08
N ASN E 277 -20.74 47.12 -7.88
CA ASN E 277 -22.18 47.16 -7.68
C ASN E 277 -22.94 46.46 -8.80
N LEU E 278 -22.34 45.48 -9.44
CA LEU E 278 -23.06 44.58 -10.35
C LEU E 278 -23.33 43.26 -9.65
N ALA E 279 -24.59 42.86 -9.61
CA ALA E 279 -24.96 41.64 -8.90
C ALA E 279 -26.18 41.04 -9.57
N PHE E 280 -26.20 39.71 -9.68
CA PHE E 280 -27.26 39.06 -10.45
C PHE E 280 -28.52 38.83 -9.62
N TYR E 281 -28.45 37.97 -8.58
CA TYR E 281 -29.71 37.48 -8.00
C TYR E 281 -30.41 38.54 -7.17
N PRO E 282 -29.82 39.11 -6.13
CA PRO E 282 -30.58 39.99 -5.24
C PRO E 282 -30.95 41.27 -5.96
N PRO E 283 -32.23 41.43 -6.31
CA PRO E 283 -32.61 42.57 -7.15
C PRO E 283 -32.40 43.88 -6.41
N HIS E 284 -32.27 44.95 -7.17
CA HIS E 284 -32.08 46.26 -6.56
C HIS E 284 -33.30 46.60 -5.71
N PRO E 285 -33.12 47.37 -4.64
CA PRO E 285 -34.26 47.65 -3.74
C PRO E 285 -35.44 48.30 -4.45
N ASP E 286 -35.19 49.08 -5.50
CA ASP E 286 -36.25 49.78 -6.22
C ASP E 286 -36.76 49.00 -7.43
N TYR E 287 -36.66 47.68 -7.41
CA TYR E 287 -36.99 46.87 -8.58
C TYR E 287 -38.49 46.62 -8.61
N THR E 288 -39.14 47.08 -9.69
CA THR E 288 -40.58 46.96 -9.83
C THR E 288 -41.03 46.19 -11.07
N TRP E 289 -40.10 45.78 -11.91
CA TRP E 289 -40.44 45.18 -13.20
C TRP E 289 -40.76 43.70 -13.02
N SER E 290 -40.80 42.96 -14.12
CA SER E 290 -41.11 41.54 -14.09
C SER E 290 -39.88 40.76 -13.65
N PHE E 291 -39.92 39.43 -13.77
CA PHE E 291 -38.88 38.62 -13.16
C PHE E 291 -38.09 37.82 -14.20
N ASP E 292 -37.75 38.42 -15.33
CA ASP E 292 -36.85 37.76 -16.26
C ASP E 292 -35.42 37.88 -15.77
N ASP E 293 -34.56 36.96 -16.21
CA ASP E 293 -33.20 36.89 -15.71
C ASP E 293 -32.23 37.80 -16.47
N ILE E 294 -32.72 38.56 -17.44
CA ILE E 294 -31.91 39.55 -18.11
C ILE E 294 -32.36 40.97 -17.78
N ILE E 295 -33.65 41.18 -17.50
CA ILE E 295 -34.11 42.50 -17.07
C ILE E 295 -33.48 42.88 -15.74
N VAL E 296 -33.27 41.91 -14.85
CA VAL E 296 -32.67 42.20 -13.55
C VAL E 296 -31.26 42.73 -13.73
N PHE E 297 -30.47 42.10 -14.60
CA PHE E 297 -29.13 42.61 -14.88
C PHE E 297 -29.19 43.95 -15.58
N ALA E 298 -30.11 44.13 -16.53
CA ALA E 298 -30.22 45.40 -17.23
C ALA E 298 -30.64 46.52 -16.29
N PHE E 299 -31.26 46.17 -15.17
CA PHE E 299 -31.61 47.17 -14.16
C PHE E 299 -30.45 47.43 -13.21
N SER E 300 -29.85 46.37 -12.66
CA SER E 300 -28.69 46.53 -11.79
C SER E 300 -27.54 47.26 -12.48
N CYS E 301 -27.39 47.07 -13.79
CA CYS E 301 -26.36 47.78 -14.55
C CYS E 301 -26.80 49.18 -14.96
N LYS E 302 -27.88 49.70 -14.40
CA LYS E 302 -28.27 51.09 -14.63
C LYS E 302 -28.23 51.93 -13.37
N GLN E 303 -28.43 51.33 -12.20
CA GLN E 303 -28.26 52.02 -10.92
C GLN E 303 -26.80 52.04 -10.48
N ALA E 304 -25.87 51.75 -11.39
CA ALA E 304 -24.45 51.79 -11.06
C ALA E 304 -23.64 52.61 -12.05
N GLU E 305 -24.27 53.35 -12.95
CA GLU E 305 -23.60 54.25 -13.88
C GLU E 305 -22.59 53.51 -14.75
N VAL E 306 -22.98 52.31 -15.15
CA VAL E 306 -22.29 51.58 -16.22
C VAL E 306 -23.24 51.48 -17.40
N GLN E 307 -22.68 51.45 -18.60
CA GLN E 307 -23.48 51.32 -19.80
C GLN E 307 -23.03 50.13 -20.61
N MET E 308 -24.00 49.40 -21.16
CA MET E 308 -23.70 48.18 -21.89
C MET E 308 -23.46 48.50 -23.36
N TYR E 309 -22.48 47.82 -23.95
CA TYR E 309 -22.07 48.09 -25.32
C TYR E 309 -22.24 46.85 -26.20
N VAL E 310 -22.13 47.03 -27.50
CA VAL E 310 -22.17 45.93 -28.45
C VAL E 310 -21.23 46.26 -29.60
N CYS E 311 -20.19 45.47 -29.80
CA CYS E 311 -19.15 45.82 -30.76
C CYS E 311 -19.22 44.88 -31.95
N ASN E 312 -19.41 45.45 -33.14
CA ASN E 312 -19.76 44.69 -34.33
C ASN E 312 -18.86 45.03 -35.52
N LYS E 313 -17.56 45.04 -35.27
CA LYS E 313 -16.64 45.44 -36.30
C LYS E 313 -16.39 44.34 -37.32
N GLU E 314 -16.84 43.11 -37.05
CA GLU E 314 -16.72 42.01 -38.00
C GLU E 314 -17.67 40.90 -37.56
N GLU E 315 -17.59 39.76 -38.24
CA GLU E 315 -18.42 38.61 -37.90
C GLU E 315 -17.76 37.82 -36.78
N TYR E 316 -18.52 37.54 -35.73
CA TYR E 316 -17.95 37.00 -34.50
C TYR E 316 -18.42 35.58 -34.20
N GLY E 317 -19.62 35.20 -34.62
CA GLY E 317 -20.10 33.88 -34.30
C GLY E 317 -21.52 33.67 -34.75
N PHE E 318 -22.12 32.58 -34.26
CA PHE E 318 -23.48 32.20 -34.61
C PHE E 318 -24.19 31.64 -33.39
N LEU E 319 -25.48 31.92 -33.30
CA LEU E 319 -26.34 31.39 -32.24
C LEU E 319 -27.68 30.97 -32.83
N PRO E 320 -28.30 29.94 -32.27
CA PRO E 320 -29.62 29.52 -32.73
C PRO E 320 -30.76 30.28 -32.08
N VAL E 321 -31.70 30.69 -32.91
CA VAL E 321 -32.91 31.38 -32.43
C VAL E 321 -33.66 30.46 -31.48
N PRO E 322 -34.16 30.95 -30.33
CA PRO E 322 -34.82 30.05 -29.39
C PRO E 322 -36.22 29.69 -29.82
N LEU E 323 -36.74 28.62 -29.20
CA LEU E 323 -37.99 28.00 -29.61
C LEU E 323 -39.14 28.47 -28.73
N ARG E 324 -40.33 27.94 -29.00
CA ARG E 324 -41.47 28.15 -28.12
C ARG E 324 -41.27 27.41 -26.80
N ALA E 325 -42.24 27.53 -25.92
CA ALA E 325 -42.12 26.97 -24.58
C ALA E 325 -42.45 25.48 -24.50
N HIS E 326 -43.09 24.92 -25.54
CA HIS E 326 -43.61 23.56 -25.46
C HIS E 326 -42.90 22.55 -26.35
N SER E 327 -41.82 22.94 -27.03
CA SER E 327 -41.11 21.99 -27.88
C SER E 327 -40.28 21.02 -27.03
N THR E 328 -39.78 19.99 -27.68
CA THR E 328 -38.97 18.96 -27.05
C THR E 328 -37.52 19.07 -27.53
N LEU E 329 -36.68 18.16 -27.04
CA LEU E 329 -35.23 18.28 -27.23
C LEU E 329 -34.85 18.10 -28.70
N GLN E 330 -35.52 17.19 -29.41
CA GLN E 330 -35.15 16.94 -30.81
C GLN E 330 -35.31 18.19 -31.66
N ASP E 331 -36.28 19.06 -31.32
CA ASP E 331 -36.38 20.35 -32.00
C ASP E 331 -35.12 21.17 -31.80
N GLU E 332 -34.61 21.22 -30.57
CA GLU E 332 -33.40 21.97 -30.29
C GLU E 332 -32.22 21.40 -31.05
N ALA E 333 -32.11 20.07 -31.11
CA ALA E 333 -31.02 19.45 -31.85
C ALA E 333 -31.10 19.79 -33.33
N GLU E 334 -32.32 19.75 -33.90
CA GLU E 334 -32.48 20.09 -35.31
C GLU E 334 -32.11 21.55 -35.57
N SER E 335 -32.50 22.45 -34.67
CA SER E 335 -32.17 23.86 -34.86
C SER E 335 -30.66 24.09 -34.79
N PHE E 336 -29.97 23.41 -33.87
CA PHE E 336 -28.52 23.56 -33.82
C PHE E 336 -27.87 22.99 -35.07
N MET E 337 -28.39 21.87 -35.59
CA MET E 337 -27.91 21.37 -36.87
C MET E 337 -28.13 22.39 -37.98
N HIS E 338 -29.23 23.12 -37.94
CA HIS E 338 -29.45 24.17 -38.94
C HIS E 338 -28.42 25.27 -38.80
N VAL E 339 -28.04 25.62 -37.58
CA VAL E 339 -26.98 26.63 -37.40
C VAL E 339 -25.66 26.12 -37.98
N GLN E 340 -25.34 24.85 -37.72
CA GLN E 340 -24.13 24.26 -38.30
C GLN E 340 -24.19 24.30 -39.82
N LEU E 341 -25.37 24.07 -40.39
CA LEU E 341 -25.54 24.19 -41.84
C LEU E 341 -25.30 25.62 -42.31
N GLU E 342 -25.85 26.60 -41.57
CA GLU E 342 -25.71 27.99 -41.97
C GLU E 342 -24.25 28.42 -41.97
N VAL E 343 -23.43 27.83 -41.09
CA VAL E 343 -22.00 28.11 -41.12
C VAL E 343 -21.40 27.72 -42.47
N MET E 344 -21.85 26.60 -43.03
CA MET E 344 -21.25 26.04 -44.24
C MET E 344 -21.35 26.94 -45.47
N VAL E 345 -22.39 27.78 -45.55
CA VAL E 345 -22.69 28.48 -46.80
C VAL E 345 -21.54 29.33 -47.29
N LYS E 346 -20.82 30.03 -46.40
CA LYS E 346 -19.79 30.96 -46.85
C LYS E 346 -18.51 30.88 -46.03
N HIS E 347 -18.19 29.73 -45.46
CA HIS E 347 -17.08 29.63 -44.53
C HIS E 347 -16.57 28.20 -44.51
N PRO E 348 -15.36 27.96 -44.01
CA PRO E 348 -14.89 26.60 -43.80
C PRO E 348 -15.74 25.90 -42.75
N PRO E 349 -15.77 24.56 -42.76
CA PRO E 349 -16.65 23.86 -41.82
C PRO E 349 -16.20 24.02 -40.39
N ALA E 350 -17.18 23.96 -39.48
CA ALA E 350 -16.93 24.10 -38.06
C ALA E 350 -16.34 22.79 -37.56
N GLU E 351 -15.02 22.69 -37.62
CA GLU E 351 -14.35 21.48 -37.18
C GLU E 351 -14.56 21.27 -35.68
N PRO E 352 -14.96 20.08 -35.26
CA PRO E 352 -15.25 19.83 -33.85
C PRO E 352 -13.96 19.76 -33.02
N SER E 353 -14.14 19.48 -31.74
CA SER E 353 -13.01 19.32 -30.86
C SER E 353 -12.25 18.04 -31.19
N ARG E 354 -11.14 17.83 -30.49
CA ARG E 354 -10.38 16.61 -30.67
C ARG E 354 -10.41 15.69 -29.45
N PHE E 355 -10.70 16.22 -28.26
CA PHE E 355 -10.75 15.37 -27.09
C PHE E 355 -11.97 14.46 -27.10
N ILE E 356 -13.15 15.01 -27.38
CA ILE E 356 -14.39 14.24 -27.38
C ILE E 356 -14.72 13.85 -28.80
N SER E 357 -15.40 12.72 -28.96
CA SER E 357 -15.68 12.14 -30.27
C SER E 357 -17.06 12.55 -30.75
N ALA E 358 -17.16 12.81 -32.06
CA ALA E 358 -18.44 13.20 -32.64
C ALA E 358 -19.40 12.02 -32.63
N PRO E 359 -20.65 12.23 -32.19
CA PRO E 359 -21.62 11.12 -32.20
C PRO E 359 -22.14 10.82 -33.60
N THR E 360 -21.39 9.98 -34.33
CA THR E 360 -21.75 9.68 -35.72
C THR E 360 -23.18 9.18 -35.82
N LYS E 361 -23.90 9.67 -36.82
CA LYS E 361 -25.30 9.36 -37.03
C LYS E 361 -25.48 8.55 -38.31
N THR E 362 -26.38 7.57 -38.24
CA THR E 362 -26.64 6.71 -39.38
C THR E 362 -27.59 7.41 -40.35
N PRO E 363 -27.24 7.49 -41.64
CA PRO E 363 -28.14 8.15 -42.59
C PRO E 363 -29.34 7.27 -42.95
N ASP E 364 -30.35 7.85 -43.60
CA ASP E 364 -31.59 7.14 -43.90
C ASP E 364 -32.22 7.73 -45.15
N LYS E 365 -33.14 6.98 -45.76
CA LYS E 365 -33.74 7.33 -47.03
C LYS E 365 -34.97 8.22 -46.91
N MET E 366 -35.14 8.90 -45.77
CA MET E 366 -36.19 9.87 -45.43
C MET E 366 -37.59 9.30 -45.61
N GLY E 367 -37.75 8.02 -45.92
CA GLY E 367 -39.02 7.49 -46.35
C GLY E 367 -39.34 7.69 -47.82
N PHE E 368 -38.36 8.12 -48.62
CA PHE E 368 -38.58 8.30 -50.05
C PHE E 368 -38.03 7.11 -50.83
N ASP E 369 -38.18 7.17 -52.16
CA ASP E 369 -37.73 6.08 -53.02
C ASP E 369 -36.32 6.31 -53.55
N GLU E 370 -36.08 7.44 -54.22
CA GLU E 370 -34.76 7.73 -54.76
C GLU E 370 -34.39 9.18 -54.47
N VAL E 371 -33.08 9.42 -54.39
CA VAL E 371 -32.53 10.75 -54.17
C VAL E 371 -31.40 10.95 -55.18
N PHE E 372 -31.47 12.04 -55.94
CA PHE E 372 -30.52 12.28 -57.02
C PHE E 372 -29.63 13.47 -56.70
N MET E 373 -28.60 13.65 -57.53
CA MET E 373 -27.66 14.76 -57.37
C MET E 373 -27.02 15.06 -58.71
N ILE E 374 -27.43 16.14 -59.36
CA ILE E 374 -26.87 16.55 -60.63
C ILE E 374 -25.71 17.50 -60.36
N ASN E 375 -24.53 17.14 -60.85
CA ASN E 375 -23.32 17.93 -60.64
C ASN E 375 -22.40 17.76 -61.85
N LEU E 376 -21.45 18.69 -61.97
CA LEU E 376 -20.50 18.69 -63.06
C LEU E 376 -19.14 18.29 -62.53
N ARG E 377 -18.44 17.40 -63.24
CA ARG E 377 -17.23 16.79 -62.70
C ARG E 377 -16.13 17.81 -62.49
N ARG E 378 -15.99 18.79 -63.39
CA ARG E 378 -14.98 19.82 -63.17
C ARG E 378 -15.28 20.67 -61.94
N ARG E 379 -16.52 20.66 -61.47
CA ARG E 379 -16.91 21.36 -60.25
C ARG E 379 -16.74 20.40 -59.09
N GLN E 380 -15.64 20.55 -58.36
CA GLN E 380 -15.32 19.67 -57.24
C GLN E 380 -15.69 20.27 -55.89
N ASP E 381 -15.62 21.59 -55.75
CA ASP E 381 -15.96 22.21 -54.48
C ASP E 381 -17.45 22.09 -54.17
N ARG E 382 -18.30 22.35 -55.16
CA ARG E 382 -19.74 22.43 -54.93
C ARG E 382 -20.36 21.11 -54.49
N ARG E 383 -19.66 19.98 -54.69
CA ARG E 383 -20.20 18.70 -54.26
C ARG E 383 -19.74 18.29 -52.88
N GLU E 384 -18.61 18.80 -52.40
CA GLU E 384 -18.13 18.42 -51.08
C GLU E 384 -19.03 19.01 -49.98
N ARG E 385 -19.38 20.29 -50.11
CA ARG E 385 -20.26 20.90 -49.11
C ARG E 385 -21.63 20.25 -49.12
N MET E 386 -22.10 19.86 -50.31
CA MET E 386 -23.38 19.17 -50.39
C MET E 386 -23.29 17.76 -49.80
N LEU E 387 -22.17 17.08 -49.97
CA LEU E 387 -21.99 15.80 -49.30
C LEU E 387 -22.05 15.97 -47.79
N ARG E 388 -21.36 16.98 -47.26
CA ARG E 388 -21.41 17.22 -45.82
C ARG E 388 -22.83 17.55 -45.37
N ALA E 389 -23.55 18.36 -46.16
CA ALA E 389 -24.91 18.74 -45.78
C ALA E 389 -25.84 17.53 -45.78
N LEU E 390 -25.81 16.72 -46.83
CA LEU E 390 -26.70 15.56 -46.90
C LEU E 390 -26.29 14.49 -45.90
N GLN E 391 -25.04 14.51 -45.43
CA GLN E 391 -24.68 13.65 -44.31
C GLN E 391 -25.19 14.20 -42.99
N ALA E 392 -25.22 15.53 -42.85
CA ALA E 392 -25.62 16.13 -41.59
C ALA E 392 -27.14 16.04 -41.38
N GLN E 393 -27.91 16.16 -42.47
CA GLN E 393 -29.35 16.07 -42.36
C GLN E 393 -29.88 14.64 -42.44
N GLU E 394 -29.00 13.64 -42.37
CA GLU E 394 -29.37 12.22 -42.34
C GLU E 394 -30.15 11.84 -43.59
N ILE E 395 -29.55 12.14 -44.75
CA ILE E 395 -30.20 11.98 -46.04
C ILE E 395 -29.29 11.14 -46.94
N GLU E 396 -29.88 10.18 -47.65
CA GLU E 396 -29.11 9.45 -48.65
C GLU E 396 -28.82 10.34 -49.86
N CYS E 397 -27.88 9.86 -50.67
CA CYS E 397 -27.34 10.66 -51.77
C CYS E 397 -26.72 9.72 -52.79
N ARG E 398 -27.46 9.42 -53.86
CA ARG E 398 -26.92 8.63 -54.96
C ARG E 398 -26.51 9.62 -56.04
N LEU E 399 -25.21 9.94 -56.06
CA LEU E 399 -24.69 10.98 -56.94
C LEU E 399 -24.77 10.52 -58.39
N VAL E 400 -25.20 11.42 -59.28
CA VAL E 400 -25.23 11.16 -60.70
C VAL E 400 -24.51 12.29 -61.43
N GLU E 401 -23.72 11.93 -62.43
CA GLU E 401 -22.95 12.90 -63.19
C GLU E 401 -23.83 13.60 -64.21
N ALA E 402 -23.40 14.78 -64.62
CA ALA E 402 -24.08 15.57 -65.63
C ALA E 402 -23.18 15.74 -66.84
N VAL E 403 -23.73 15.50 -68.02
CA VAL E 403 -22.97 15.64 -69.24
C VAL E 403 -22.57 17.10 -69.43
N ASP E 404 -21.36 17.31 -69.94
CA ASP E 404 -20.86 18.66 -70.21
C ASP E 404 -21.48 19.14 -71.52
N GLY E 405 -22.03 20.36 -71.51
CA GLY E 405 -22.60 20.90 -72.72
C GLY E 405 -21.61 21.71 -73.53
N LYS E 406 -20.57 22.23 -72.88
CA LYS E 406 -19.67 23.18 -73.55
C LYS E 406 -18.66 22.46 -74.43
N ALA E 407 -17.77 21.66 -73.83
CA ALA E 407 -16.73 20.99 -74.61
C ALA E 407 -17.33 20.01 -75.61
N MET E 408 -18.44 19.38 -75.24
CA MET E 408 -19.24 18.60 -76.16
C MET E 408 -19.63 19.43 -77.37
N ASN E 409 -19.39 18.87 -78.57
CA ASN E 409 -19.48 19.57 -79.84
C ASN E 409 -20.64 19.03 -80.68
N THR E 410 -20.84 19.67 -81.84
CA THR E 410 -22.00 19.36 -82.68
C THR E 410 -21.99 17.95 -83.23
N SER E 411 -20.82 17.31 -83.32
CA SER E 411 -20.74 15.97 -83.90
C SER E 411 -21.62 14.99 -83.15
N GLN E 412 -21.72 15.14 -81.83
CA GLN E 412 -22.61 14.31 -81.04
C GLN E 412 -23.99 14.93 -80.83
N VAL E 413 -24.12 16.24 -80.97
CA VAL E 413 -25.44 16.87 -80.96
C VAL E 413 -26.30 16.32 -82.08
N GLU E 414 -25.77 16.33 -83.30
CA GLU E 414 -26.52 15.80 -84.44
C GLU E 414 -26.64 14.29 -84.39
N ALA E 415 -25.70 13.60 -83.74
CA ALA E 415 -25.86 12.18 -83.50
C ALA E 415 -26.99 11.87 -82.53
N LEU E 416 -27.25 12.77 -81.58
CA LEU E 416 -28.34 12.62 -80.63
C LEU E 416 -29.66 13.23 -81.10
N GLY E 417 -29.70 13.78 -82.32
CA GLY E 417 -30.94 14.36 -82.82
C GLY E 417 -31.39 15.60 -82.09
N ILE E 418 -30.46 16.46 -81.69
CA ILE E 418 -30.77 17.67 -80.94
C ILE E 418 -30.91 18.84 -81.91
N GLN E 419 -32.13 19.42 -81.97
CA GLN E 419 -32.46 20.54 -82.84
C GLN E 419 -33.35 21.54 -82.13
N MET E 420 -32.93 22.80 -82.15
CA MET E 420 -33.54 23.87 -81.38
C MET E 420 -35.01 24.10 -81.75
N LEU E 421 -35.81 24.39 -80.73
CA LEU E 421 -37.24 24.60 -80.91
C LEU E 421 -37.50 25.79 -81.82
N PRO E 422 -38.26 25.63 -82.91
CA PRO E 422 -38.41 26.72 -83.88
C PRO E 422 -38.96 27.98 -83.25
N GLY E 423 -38.37 29.11 -83.61
CA GLY E 423 -38.77 30.40 -83.07
C GLY E 423 -38.50 30.54 -81.59
N TYR E 424 -37.23 30.50 -81.19
CA TYR E 424 -36.85 30.63 -79.79
C TYR E 424 -35.69 31.61 -79.66
N ARG E 425 -35.61 32.23 -78.49
CA ARG E 425 -34.54 33.16 -78.17
C ARG E 425 -34.50 33.32 -76.65
N ASP E 426 -33.53 34.09 -76.17
CA ASP E 426 -33.50 34.40 -74.75
C ASP E 426 -34.70 35.26 -74.39
N PRO E 427 -35.40 34.94 -73.30
CA PRO E 427 -36.59 35.72 -72.92
C PRO E 427 -36.29 37.18 -72.63
N TYR E 428 -35.05 37.52 -72.28
CA TYR E 428 -34.67 38.91 -72.07
C TYR E 428 -33.80 39.47 -73.19
N HIS E 429 -32.66 38.84 -73.46
CA HIS E 429 -31.63 39.40 -74.32
C HIS E 429 -31.84 39.10 -75.79
N GLY E 430 -32.30 37.90 -76.13
CA GLY E 430 -32.55 37.58 -77.52
C GLY E 430 -31.62 36.51 -78.06
N ARG E 431 -30.63 36.13 -77.26
CA ARG E 431 -29.73 35.07 -77.70
C ARG E 431 -30.51 33.78 -77.88
N PRO E 432 -30.18 32.96 -78.89
CA PRO E 432 -30.99 31.76 -79.14
C PRO E 432 -30.97 30.77 -77.99
N LEU E 433 -29.80 30.30 -77.59
CA LEU E 433 -29.73 29.20 -76.64
C LEU E 433 -28.27 28.99 -76.28
N THR E 434 -28.03 28.29 -75.17
CA THR E 434 -26.67 28.06 -74.68
C THR E 434 -26.35 26.56 -74.65
N LYS E 435 -25.14 26.25 -74.19
CA LYS E 435 -24.67 24.87 -74.08
C LYS E 435 -24.76 24.29 -72.68
N GLY E 436 -24.54 25.11 -71.64
CA GLY E 436 -24.74 24.62 -70.29
C GLY E 436 -26.18 24.22 -70.04
N GLU E 437 -27.12 24.99 -70.58
CA GLU E 437 -28.51 24.61 -70.49
C GLU E 437 -28.76 23.30 -71.23
N LEU E 438 -28.06 23.08 -72.35
CA LEU E 438 -28.22 21.82 -73.07
C LEU E 438 -27.70 20.67 -72.22
N GLY E 439 -26.58 20.88 -71.55
CA GLY E 439 -26.06 19.86 -70.64
C GLY E 439 -27.05 19.51 -69.54
N CYS E 440 -27.63 20.52 -68.90
CA CYS E 440 -28.58 20.20 -67.82
C CYS E 440 -29.87 19.62 -68.38
N PHE E 441 -30.29 20.05 -69.57
CA PHE E 441 -31.48 19.47 -70.19
C PHE E 441 -31.27 17.99 -70.47
N LEU E 442 -30.11 17.62 -71.01
CA LEU E 442 -29.82 16.21 -71.24
C LEU E 442 -29.65 15.46 -69.92
N SER E 443 -29.14 16.13 -68.88
CA SER E 443 -29.08 15.51 -67.57
C SER E 443 -30.48 15.15 -67.07
N HIS E 444 -31.41 16.10 -67.11
CA HIS E 444 -32.79 15.82 -66.70
C HIS E 444 -33.43 14.77 -67.60
N TYR E 445 -33.09 14.78 -68.89
CA TYR E 445 -33.60 13.75 -69.79
C TYR E 445 -33.13 12.37 -69.35
N ASN E 446 -31.85 12.25 -68.98
CA ASN E 446 -31.32 10.99 -68.48
C ASN E 446 -31.99 10.58 -67.18
N ILE E 447 -32.24 11.55 -66.30
CA ILE E 447 -32.92 11.25 -65.03
C ILE E 447 -34.32 10.72 -65.30
N TRP E 448 -35.04 11.36 -66.22
CA TRP E 448 -36.38 10.92 -66.58
C TRP E 448 -36.35 9.52 -67.18
N LYS E 449 -35.36 9.26 -68.05
CA LYS E 449 -35.22 7.93 -68.62
C LYS E 449 -34.99 6.88 -67.54
N GLU E 450 -34.09 7.18 -66.60
CA GLU E 450 -33.79 6.21 -65.54
C GLU E 450 -35.01 5.94 -64.68
N VAL E 451 -35.73 6.99 -64.29
CA VAL E 451 -36.88 6.78 -63.41
C VAL E 451 -38.00 6.05 -64.15
N VAL E 452 -38.17 6.31 -65.45
CA VAL E 452 -39.27 5.68 -66.18
C VAL E 452 -38.93 4.23 -66.51
N ASP E 453 -37.65 3.92 -66.73
CA ASP E 453 -37.28 2.52 -66.97
C ASP E 453 -37.29 1.70 -65.69
N ARG E 454 -36.85 2.28 -64.57
CA ARG E 454 -36.92 1.55 -63.31
C ARG E 454 -38.32 1.61 -62.69
N GLY E 455 -39.17 2.53 -63.13
CA GLY E 455 -40.53 2.58 -62.65
C GLY E 455 -40.70 2.91 -61.17
N LEU E 456 -39.94 3.87 -60.67
CA LEU E 456 -40.08 4.26 -59.27
C LEU E 456 -41.29 5.17 -59.08
N GLN E 457 -41.77 5.24 -57.84
CA GLN E 457 -42.99 6.00 -57.56
C GLN E 457 -42.70 7.48 -57.39
N LYS E 458 -41.88 7.85 -56.40
CA LYS E 458 -41.58 9.24 -56.11
C LYS E 458 -40.08 9.45 -56.02
N SER E 459 -39.60 10.57 -56.55
CA SER E 459 -38.17 10.80 -56.75
C SER E 459 -37.78 12.17 -56.22
N LEU E 460 -36.48 12.34 -55.99
CA LEU E 460 -35.88 13.60 -55.59
C LEU E 460 -34.80 14.00 -56.58
N VAL E 461 -34.77 15.27 -56.96
CA VAL E 461 -33.75 15.81 -57.84
C VAL E 461 -33.23 17.12 -57.24
N PHE E 462 -31.90 17.24 -57.15
CA PHE E 462 -31.27 18.41 -56.58
C PHE E 462 -30.29 19.02 -57.58
N GLU E 463 -29.56 20.06 -57.16
CA GLU E 463 -28.40 20.56 -57.92
C GLU E 463 -27.32 20.96 -56.93
N ASP E 464 -26.28 21.63 -57.44
CA ASP E 464 -25.03 21.83 -56.74
C ASP E 464 -25.01 23.07 -55.85
N ASP E 465 -26.02 23.94 -55.95
CA ASP E 465 -26.08 25.11 -55.08
C ASP E 465 -27.48 25.15 -54.48
N LEU E 466 -27.56 25.19 -53.15
CA LEU E 466 -28.81 25.17 -52.42
C LEU E 466 -28.53 25.59 -50.98
N ARG E 467 -29.57 26.03 -50.28
CA ARG E 467 -29.50 26.26 -48.84
C ARG E 467 -30.79 25.77 -48.21
N PHE E 468 -30.67 24.92 -47.19
CA PHE E 468 -31.82 24.28 -46.57
C PHE E 468 -32.52 25.23 -45.61
N GLU E 469 -33.70 24.83 -45.16
CA GLU E 469 -34.48 25.56 -44.17
C GLU E 469 -34.60 24.74 -42.90
N ILE E 470 -35.13 25.39 -41.86
CA ILE E 470 -35.32 24.73 -40.57
C ILE E 470 -36.33 23.59 -40.73
N PHE E 471 -36.12 22.52 -39.95
CA PHE E 471 -37.04 21.39 -39.88
C PHE E 471 -37.32 20.80 -41.27
N PHE E 472 -36.30 20.76 -42.13
CA PHE E 472 -36.53 20.45 -43.53
C PHE E 472 -37.01 19.01 -43.72
N LYS E 473 -36.29 18.05 -43.14
CA LYS E 473 -36.64 16.65 -43.32
C LYS E 473 -38.05 16.36 -42.80
N ARG E 474 -38.32 16.77 -41.57
CA ARG E 474 -39.61 16.46 -40.97
C ARG E 474 -40.74 17.16 -41.71
N ARG E 475 -40.54 18.41 -42.12
CA ARG E 475 -41.59 19.14 -42.82
C ARG E 475 -41.91 18.51 -44.17
N LEU E 476 -40.86 18.20 -44.94
CA LEU E 476 -41.10 17.58 -46.26
C LEU E 476 -41.75 16.21 -46.12
N MET E 477 -41.28 15.40 -45.17
CA MET E 477 -41.86 14.09 -44.97
C MET E 477 -43.32 14.21 -44.53
N ASN E 478 -43.62 15.17 -43.65
CA ASN E 478 -44.99 15.38 -43.22
C ASN E 478 -45.89 15.77 -44.39
N LEU E 479 -45.46 16.72 -45.21
CA LEU E 479 -46.29 17.14 -46.33
C LEU E 479 -46.52 15.99 -47.31
N MET E 480 -45.46 15.24 -47.62
CA MET E 480 -45.60 14.12 -48.54
C MET E 480 -46.56 13.06 -47.98
N ARG E 481 -46.36 12.67 -46.72
CA ARG E 481 -47.21 11.66 -46.11
C ARG E 481 -48.66 12.14 -46.00
N ASP E 482 -48.85 13.46 -45.88
CA ASP E 482 -50.22 13.97 -45.79
C ASP E 482 -50.91 13.96 -47.14
N VAL E 483 -50.25 14.49 -48.17
CA VAL E 483 -50.90 14.55 -49.48
C VAL E 483 -51.07 13.15 -50.06
N GLU E 484 -50.12 12.25 -49.81
CA GLU E 484 -50.24 10.88 -50.30
C GLU E 484 -51.44 10.18 -49.70
N ARG E 485 -51.66 10.36 -48.39
CA ARG E 485 -52.83 9.75 -47.75
C ARG E 485 -54.11 10.26 -48.38
N GLU E 486 -54.23 11.57 -48.58
CA GLU E 486 -55.39 12.11 -49.28
C GLU E 486 -55.46 11.58 -50.70
N GLY E 487 -54.37 11.65 -51.44
CA GLY E 487 -54.35 11.11 -52.78
C GLY E 487 -54.84 12.11 -53.80
N LEU E 488 -54.00 12.42 -54.79
CA LEU E 488 -54.38 13.37 -55.81
C LEU E 488 -53.46 13.11 -57.00
N ASP E 489 -53.83 13.61 -58.18
CA ASP E 489 -53.01 13.37 -59.37
C ASP E 489 -51.81 14.31 -59.39
N TRP E 490 -51.08 14.27 -58.28
CA TRP E 490 -49.89 15.10 -58.13
C TRP E 490 -48.79 14.61 -59.04
N ASP E 491 -48.12 15.53 -59.72
CA ASP E 491 -47.05 15.20 -60.65
C ASP E 491 -45.78 15.99 -60.40
N LEU E 492 -45.89 17.24 -59.99
CA LEU E 492 -44.82 18.22 -60.13
C LEU E 492 -44.64 19.05 -58.86
N ILE E 493 -44.56 18.38 -57.71
CA ILE E 493 -44.42 19.09 -56.44
C ILE E 493 -43.14 19.93 -56.46
N TYR E 494 -43.30 21.24 -56.33
CA TYR E 494 -42.19 22.15 -56.22
C TYR E 494 -41.76 22.29 -54.77
N VAL E 495 -40.48 22.63 -54.56
CA VAL E 495 -39.99 22.97 -53.23
C VAL E 495 -39.13 24.22 -53.32
N GLY E 496 -38.91 24.70 -54.55
CA GLY E 496 -38.15 25.92 -54.77
C GLY E 496 -38.43 26.54 -56.12
N ARG E 497 -38.76 27.82 -56.14
CA ARG E 497 -39.19 28.49 -57.36
C ARG E 497 -39.22 29.99 -57.10
N LYS E 498 -39.44 30.75 -58.16
CA LYS E 498 -39.70 32.18 -58.08
C LYS E 498 -41.12 32.44 -58.57
N ARG E 499 -41.87 33.26 -57.84
CA ARG E 499 -43.23 33.63 -58.23
C ARG E 499 -43.19 34.96 -58.99
N MET E 500 -42.84 34.89 -60.28
CA MET E 500 -42.81 36.10 -61.10
C MET E 500 -44.21 36.62 -61.38
N GLN E 501 -45.23 35.77 -61.28
CA GLN E 501 -46.59 36.28 -61.45
C GLN E 501 -46.96 37.06 -60.21
N VAL E 502 -46.37 38.25 -60.06
CA VAL E 502 -46.59 39.08 -58.89
C VAL E 502 -47.92 39.80 -59.03
N GLU E 503 -48.95 39.22 -58.42
CA GLU E 503 -50.32 39.70 -58.54
C GLU E 503 -51.11 39.16 -57.35
N HIS E 504 -52.43 39.19 -57.43
CA HIS E 504 -53.26 38.56 -56.43
C HIS E 504 -52.85 37.09 -56.25
N PRO E 505 -52.91 36.56 -55.03
CA PRO E 505 -52.33 35.25 -54.75
C PRO E 505 -53.01 34.15 -55.53
N GLU E 506 -52.31 33.01 -55.62
CA GLU E 506 -52.77 31.87 -56.38
C GLU E 506 -53.81 31.08 -55.61
N LYS E 507 -54.39 30.08 -56.28
CA LYS E 507 -55.40 29.24 -55.65
C LYS E 507 -54.77 28.34 -54.60
N ALA E 508 -55.59 27.91 -53.65
CA ALA E 508 -55.17 26.98 -52.60
C ALA E 508 -55.99 25.69 -52.74
N VAL E 509 -55.30 24.57 -52.85
CA VAL E 509 -55.96 23.27 -52.96
C VAL E 509 -56.68 22.94 -51.66
N PRO E 510 -57.89 22.40 -51.72
CA PRO E 510 -58.61 22.08 -50.49
C PRO E 510 -58.08 20.83 -49.82
N ARG E 511 -58.34 20.73 -48.52
CA ARG E 511 -58.16 19.55 -47.69
C ARG E 511 -56.71 19.11 -47.53
N VAL E 512 -55.75 19.99 -47.73
CA VAL E 512 -54.34 19.69 -47.44
C VAL E 512 -53.63 21.01 -47.14
N ARG E 513 -52.54 20.91 -46.38
CA ARG E 513 -51.91 22.07 -45.75
C ARG E 513 -50.59 22.43 -46.43
N ASN E 514 -50.27 23.72 -46.44
CA ASN E 514 -49.02 24.24 -46.96
C ASN E 514 -48.79 23.81 -48.42
N LEU E 515 -49.79 24.08 -49.26
CA LEU E 515 -49.70 23.65 -50.65
C LEU E 515 -50.68 24.45 -51.48
N VAL E 516 -50.18 25.00 -52.59
CA VAL E 516 -50.98 25.78 -53.53
C VAL E 516 -50.76 25.23 -54.92
N GLU E 517 -51.66 25.60 -55.84
CA GLU E 517 -51.49 25.26 -57.24
C GLU E 517 -50.29 26.01 -57.80
N ALA E 518 -49.62 25.39 -58.78
CA ALA E 518 -48.43 25.99 -59.34
C ALA E 518 -48.75 27.20 -60.21
N ASP E 519 -47.72 27.91 -60.62
CA ASP E 519 -47.85 29.10 -61.46
C ASP E 519 -46.59 29.23 -62.31
N TYR E 520 -46.39 30.39 -62.91
CA TYR E 520 -45.20 30.64 -63.69
C TYR E 520 -43.99 30.70 -62.77
N SER E 521 -42.99 29.86 -63.02
CA SER E 521 -41.76 29.86 -62.24
C SER E 521 -40.57 29.70 -63.17
N TYR E 522 -39.46 30.35 -62.84
CA TYR E 522 -38.26 30.21 -63.67
C TYR E 522 -37.32 29.12 -63.17
N TRP E 523 -36.76 29.28 -61.97
CA TRP E 523 -35.76 28.31 -61.58
C TRP E 523 -36.41 27.13 -60.84
N THR E 524 -36.13 25.93 -61.35
CA THR E 524 -36.58 24.68 -60.74
C THR E 524 -35.36 24.06 -60.09
N LEU E 525 -35.22 24.27 -58.77
CA LEU E 525 -34.05 23.78 -58.06
C LEU E 525 -34.24 22.36 -57.55
N ALA E 526 -35.46 22.01 -57.14
CA ALA E 526 -35.75 20.66 -56.71
C ALA E 526 -37.24 20.40 -56.89
N TYR E 527 -37.59 19.13 -57.04
CA TYR E 527 -38.97 18.73 -57.24
C TYR E 527 -39.13 17.25 -56.93
N VAL E 528 -40.37 16.82 -56.85
CA VAL E 528 -40.73 15.42 -56.65
C VAL E 528 -41.55 14.97 -57.84
N ILE E 529 -41.12 13.88 -58.48
CA ILE E 529 -41.70 13.42 -59.73
C ILE E 529 -42.33 12.05 -59.52
N SER E 530 -43.60 11.91 -59.89
CA SER E 530 -44.29 10.63 -59.85
C SER E 530 -44.03 9.84 -61.13
N LEU E 531 -44.30 8.54 -61.05
CA LEU E 531 -44.14 7.68 -62.23
C LEU E 531 -45.07 8.12 -63.36
N GLN E 532 -46.34 8.38 -63.02
CA GLN E 532 -47.32 8.76 -64.03
C GLN E 532 -46.94 10.09 -64.68
N GLY E 533 -46.50 11.07 -63.87
CA GLY E 533 -46.06 12.33 -64.43
C GLY E 533 -44.84 12.18 -65.32
N ALA E 534 -43.90 11.31 -64.92
CA ALA E 534 -42.73 11.06 -65.76
C ALA E 534 -43.14 10.44 -67.10
N ARG E 535 -44.07 9.49 -67.07
CA ARG E 535 -44.56 8.91 -68.31
C ARG E 535 -45.24 9.96 -69.18
N LYS E 536 -46.05 10.83 -68.57
CA LYS E 536 -46.73 11.86 -69.34
C LYS E 536 -45.73 12.83 -69.99
N LEU E 537 -44.72 13.26 -69.24
CA LEU E 537 -43.75 14.19 -69.82
C LEU E 537 -42.91 13.52 -70.89
N LEU E 538 -42.59 12.23 -70.73
CA LEU E 538 -41.86 11.53 -71.78
C LEU E 538 -42.73 11.31 -73.02
N ALA E 539 -44.05 11.22 -72.84
CA ALA E 539 -44.93 11.08 -74.00
C ALA E 539 -44.86 12.29 -74.92
N ALA E 540 -44.61 13.47 -74.37
CA ALA E 540 -44.47 14.66 -75.19
C ALA E 540 -43.27 14.56 -76.12
N GLU E 541 -42.18 13.96 -75.64
CA GLU E 541 -40.97 13.73 -76.44
C GLU E 541 -40.47 15.00 -77.10
N PRO E 542 -39.86 15.94 -76.35
CA PRO E 542 -39.25 17.12 -76.95
C PRO E 542 -37.86 16.83 -77.51
N LEU E 543 -37.73 15.69 -78.19
CA LEU E 543 -36.48 15.37 -78.88
C LEU E 543 -36.34 16.21 -80.14
N SER E 544 -37.43 16.81 -80.61
CA SER E 544 -37.39 17.71 -81.75
C SER E 544 -37.39 19.17 -81.34
N LYS E 545 -37.52 19.46 -80.04
CA LYS E 545 -37.65 20.81 -79.53
C LYS E 545 -36.80 21.00 -78.28
N MET E 546 -35.74 21.80 -78.40
CA MET E 546 -34.93 22.24 -77.27
C MET E 546 -35.34 23.63 -76.80
N LEU E 547 -35.56 23.74 -75.49
CA LEU E 547 -35.68 24.97 -74.73
C LEU E 547 -35.36 24.63 -73.29
N PRO E 548 -34.77 25.55 -72.53
CA PRO E 548 -34.37 25.23 -71.15
C PRO E 548 -35.56 24.79 -70.31
N VAL E 549 -35.29 23.83 -69.42
CA VAL E 549 -36.34 23.25 -68.59
C VAL E 549 -37.03 24.33 -67.76
N ASP E 550 -36.32 25.42 -67.46
CA ASP E 550 -36.88 26.50 -66.66
C ASP E 550 -38.10 27.11 -67.33
N GLU E 551 -38.02 27.34 -68.65
CA GLU E 551 -39.16 27.81 -69.42
C GLU E 551 -39.98 26.67 -70.00
N PHE E 552 -39.37 25.49 -70.16
CA PHE E 552 -40.08 24.33 -70.69
C PHE E 552 -41.23 23.94 -69.77
N LEU E 553 -40.95 23.80 -68.47
CA LEU E 553 -41.93 23.22 -67.57
C LEU E 553 -43.21 24.03 -67.41
N PRO E 554 -43.19 25.35 -67.24
CA PRO E 554 -44.47 26.06 -67.00
C PRO E 554 -45.50 25.90 -68.10
N VAL E 555 -45.07 25.68 -69.35
CA VAL E 555 -46.04 25.53 -70.44
C VAL E 555 -46.85 24.26 -70.26
N MET E 556 -46.24 23.21 -69.72
CA MET E 556 -46.87 21.88 -69.69
C MET E 556 -48.05 21.78 -68.74
N PHE E 557 -48.31 22.79 -67.90
CA PHE E 557 -49.58 22.84 -67.17
C PHE E 557 -50.39 24.08 -67.53
N ASP E 558 -50.22 24.60 -68.74
CA ASP E 558 -51.04 25.68 -69.29
C ASP E 558 -50.99 26.93 -68.41
N LYS E 559 -49.79 27.52 -68.33
CA LYS E 559 -49.61 28.73 -67.57
C LYS E 559 -48.74 29.77 -68.29
N HIS E 560 -47.93 29.36 -69.26
CA HIS E 560 -46.97 30.25 -69.88
C HIS E 560 -47.67 31.42 -70.57
N PRO E 561 -47.09 32.63 -70.52
CA PRO E 561 -47.75 33.77 -71.18
C PRO E 561 -47.75 33.67 -72.70
N VAL E 562 -46.64 33.26 -73.31
CA VAL E 562 -46.56 33.16 -74.76
C VAL E 562 -47.30 31.92 -75.22
N SER E 563 -48.35 32.12 -76.00
CA SER E 563 -49.18 31.02 -76.49
C SER E 563 -48.63 30.39 -77.77
N GLU E 564 -47.68 31.03 -78.43
CA GLU E 564 -47.08 30.43 -79.64
C GLU E 564 -46.35 29.14 -79.29
N TYR E 565 -45.60 29.14 -78.18
CA TYR E 565 -45.00 27.90 -77.71
C TYR E 565 -46.06 26.89 -77.31
N LYS E 566 -47.18 27.37 -76.74
CA LYS E 566 -48.30 26.48 -76.47
C LYS E 566 -48.87 25.91 -77.76
N ALA E 567 -48.97 26.73 -78.80
CA ALA E 567 -49.45 26.26 -80.09
C ALA E 567 -48.53 25.20 -80.67
N HIS E 568 -47.21 25.37 -80.51
CA HIS E 568 -46.27 24.38 -81.03
C HIS E 568 -46.40 23.04 -80.32
N PHE E 569 -46.96 23.03 -79.11
CA PHE E 569 -47.14 21.80 -78.35
C PHE E 569 -48.58 21.32 -78.42
N SER E 570 -48.81 20.12 -77.89
CA SER E 570 -50.11 19.47 -77.99
C SER E 570 -50.78 19.27 -76.64
N LEU E 571 -50.11 18.62 -75.68
CA LEU E 571 -50.74 18.17 -74.45
C LEU E 571 -50.22 18.96 -73.26
N ARG E 572 -51.11 19.30 -72.34
CA ARG E 572 -50.80 20.01 -71.11
C ARG E 572 -51.49 19.34 -69.93
N ASN E 573 -51.42 18.01 -69.89
CA ASN E 573 -52.09 17.23 -68.85
C ASN E 573 -51.38 17.30 -67.50
N LEU E 574 -50.17 17.87 -67.45
CA LEU E 574 -49.40 17.88 -66.21
C LEU E 574 -50.11 18.69 -65.13
N HIS E 575 -50.09 18.15 -63.91
CA HIS E 575 -50.65 18.81 -62.73
C HIS E 575 -49.49 19.18 -61.82
N ALA E 576 -49.26 20.49 -61.68
CA ALA E 576 -48.12 21.01 -60.95
C ALA E 576 -48.56 21.72 -59.67
N PHE E 577 -47.72 21.64 -58.66
CA PHE E 577 -48.05 22.15 -57.33
C PHE E 577 -46.78 22.59 -56.62
N SER E 578 -46.96 23.43 -55.59
CA SER E 578 -45.84 24.00 -54.87
C SER E 578 -46.23 24.24 -53.42
N VAL E 579 -45.22 24.37 -52.57
CA VAL E 579 -45.40 24.63 -51.14
C VAL E 579 -45.29 26.14 -50.92
N GLU E 580 -46.28 26.70 -50.24
CA GLU E 580 -46.28 28.15 -50.01
C GLU E 580 -45.08 28.61 -49.20
N PRO E 581 -44.75 28.03 -48.03
CA PRO E 581 -43.49 28.40 -47.37
C PRO E 581 -42.32 27.64 -47.99
N LEU E 582 -41.73 28.18 -49.06
CA LEU E 582 -40.70 27.48 -49.81
C LEU E 582 -39.64 26.90 -48.89
N LEU E 583 -39.23 25.66 -49.18
CA LEU E 583 -38.31 24.92 -48.34
C LEU E 583 -36.87 24.93 -48.83
N ILE E 584 -36.59 25.67 -49.91
CA ILE E 584 -35.32 25.57 -50.60
C ILE E 584 -35.03 26.89 -51.30
N TYR E 585 -33.80 27.36 -51.21
CA TYR E 585 -33.37 28.62 -51.80
C TYR E 585 -31.99 28.49 -52.40
N PRO E 586 -31.66 29.32 -53.39
CA PRO E 586 -30.30 29.30 -53.96
C PRO E 586 -29.25 29.73 -52.95
N THR E 587 -28.08 29.10 -53.03
CA THR E 587 -26.96 29.48 -52.16
C THR E 587 -26.44 30.87 -52.50
N HIS E 588 -26.21 31.14 -53.78
CA HIS E 588 -25.59 32.38 -54.23
C HIS E 588 -26.53 33.12 -55.17
N TYR E 589 -26.55 34.44 -55.06
CA TYR E 589 -27.44 35.28 -55.83
C TYR E 589 -26.67 35.95 -56.98
N THR E 590 -27.42 36.40 -57.98
CA THR E 590 -26.84 37.08 -59.12
C THR E 590 -26.33 38.46 -58.73
N GLY E 591 -25.32 38.93 -59.45
CA GLY E 591 -24.72 40.22 -59.16
C GLY E 591 -24.03 40.29 -57.82
N ASP E 592 -23.70 39.14 -57.24
CA ASP E 592 -23.05 39.05 -55.93
C ASP E 592 -21.70 38.34 -56.08
N ASP E 593 -21.06 38.09 -54.94
CA ASP E 593 -19.75 37.46 -54.93
C ASP E 593 -19.88 35.96 -55.22
N GLY E 594 -18.98 35.45 -56.06
CA GLY E 594 -18.94 34.02 -56.34
C GLY E 594 -20.14 33.48 -57.07
N TYR E 595 -20.78 34.28 -57.91
CA TYR E 595 -21.87 33.79 -58.76
C TYR E 595 -21.24 33.16 -59.99
N VAL E 596 -21.28 31.83 -60.06
CA VAL E 596 -20.51 31.09 -61.06
C VAL E 596 -21.45 30.23 -61.92
N SER E 597 -22.69 30.71 -62.09
CA SER E 597 -23.63 30.02 -62.96
C SER E 597 -23.12 30.01 -64.39
N ASP E 598 -22.75 28.82 -64.88
CA ASP E 598 -22.16 28.69 -66.21
C ASP E 598 -23.18 28.52 -67.32
N THR E 599 -24.47 28.54 -67.00
CA THR E 599 -25.49 28.40 -68.03
C THR E 599 -25.45 29.56 -69.01
N GLU E 600 -25.31 30.78 -68.50
CA GLU E 600 -25.33 31.98 -69.33
C GLU E 600 -23.94 32.51 -69.66
N THR E 601 -22.89 31.83 -69.21
CA THR E 601 -21.51 32.23 -69.52
C THR E 601 -20.86 31.23 -70.48
N SER E 602 -21.66 30.70 -71.41
CA SER E 602 -21.15 29.70 -72.34
C SER E 602 -21.43 30.11 -73.77
N VAL E 603 -21.24 29.18 -74.71
CA VAL E 603 -21.40 29.45 -76.13
C VAL E 603 -22.77 28.96 -76.57
N VAL E 604 -23.17 29.35 -77.78
CA VAL E 604 -24.47 29.00 -78.35
C VAL E 604 -24.48 27.53 -78.73
N TRP E 605 -25.66 26.97 -78.99
CA TRP E 605 -25.79 25.55 -79.30
C TRP E 605 -24.94 25.15 -80.50
N ASN E 606 -24.88 25.99 -81.52
CA ASN E 606 -23.94 25.81 -82.62
C ASN E 606 -22.91 26.93 -82.58
N ASN E 607 -22.00 26.92 -83.57
CA ASN E 607 -20.87 27.83 -83.63
C ASN E 607 -19.97 27.70 -82.40
N GLU E 608 -18.84 28.42 -82.40
CA GLU E 608 -17.93 28.37 -81.26
C GLU E 608 -17.33 29.72 -80.93
N HIS E 609 -17.80 30.81 -81.53
CA HIS E 609 -17.22 32.13 -81.32
C HIS E 609 -18.30 33.15 -80.95
N VAL E 610 -19.28 32.72 -80.15
CA VAL E 610 -20.29 33.62 -79.59
C VAL E 610 -20.28 33.37 -78.09
N LYS E 611 -19.47 34.12 -77.37
CA LYS E 611 -19.26 33.91 -75.93
C LYS E 611 -20.02 34.98 -75.17
N THR E 612 -21.19 34.63 -74.64
CA THR E 612 -21.98 35.54 -73.84
C THR E 612 -21.40 35.57 -72.43
N ASP E 613 -20.82 36.69 -72.04
CA ASP E 613 -20.14 36.80 -70.76
C ASP E 613 -21.15 36.91 -69.62
N TRP E 614 -20.63 37.08 -68.40
CA TRP E 614 -21.47 37.24 -67.22
C TRP E 614 -22.16 38.60 -67.27
N ASP E 615 -23.47 38.58 -67.55
CA ASP E 615 -24.23 39.82 -67.64
C ASP E 615 -24.30 40.48 -66.27
N ARG E 616 -23.74 41.68 -66.16
CA ARG E 616 -23.72 42.38 -64.87
C ARG E 616 -25.03 43.09 -64.61
N ALA E 617 -25.39 44.06 -65.46
CA ALA E 617 -26.62 44.82 -65.26
C ALA E 617 -27.85 44.03 -65.71
N LYS E 618 -27.76 43.37 -66.86
CA LYS E 618 -28.91 42.69 -67.45
C LYS E 618 -28.97 41.21 -67.04
N SER E 619 -28.94 40.96 -65.73
CA SER E 619 -29.05 39.59 -65.22
C SER E 619 -30.52 39.21 -65.04
N GLN E 620 -31.28 40.02 -64.30
CA GLN E 620 -32.72 39.92 -64.11
C GLN E 620 -33.16 38.64 -63.40
N LYS E 621 -32.23 37.76 -63.02
CA LYS E 621 -32.54 36.66 -62.11
C LYS E 621 -32.23 37.07 -60.68
N MET E 622 -32.74 38.22 -60.26
CA MET E 622 -32.14 38.91 -59.10
C MET E 622 -32.61 38.30 -57.79
N ARG E 623 -33.91 38.44 -57.47
CA ARG E 623 -34.50 37.84 -56.29
C ARG E 623 -36.00 38.03 -56.27
N GLU E 624 -36.75 37.02 -55.83
CA GLU E 624 -38.19 37.18 -55.60
C GLU E 624 -38.51 37.51 -54.15
N GLN E 625 -37.78 38.46 -53.57
CA GLN E 625 -38.09 38.97 -52.24
C GLN E 625 -38.41 40.46 -52.24
N GLN E 626 -37.51 41.29 -52.78
CA GLN E 626 -37.84 42.69 -52.95
C GLN E 626 -38.84 42.91 -54.08
N ALA E 627 -39.02 41.92 -54.95
CA ALA E 627 -40.05 41.99 -55.97
C ALA E 627 -41.39 41.43 -55.49
N LEU E 628 -41.40 40.67 -54.40
CA LEU E 628 -42.62 40.13 -53.83
C LEU E 628 -43.00 40.78 -52.51
N SER E 629 -42.22 41.75 -52.03
CA SER E 629 -42.54 42.44 -50.79
C SER E 629 -43.74 43.37 -50.99
N ARG E 630 -44.92 42.81 -51.16
CA ARG E 630 -46.15 43.56 -51.35
C ARG E 630 -47.29 42.72 -50.80
N GLU E 631 -48.53 43.03 -51.23
CA GLU E 631 -49.69 42.26 -50.80
C GLU E 631 -49.78 40.95 -51.58
N ALA E 632 -48.71 40.15 -51.45
CA ALA E 632 -48.70 38.82 -52.03
C ALA E 632 -49.66 37.88 -51.30
N LYS E 633 -50.00 38.20 -50.05
CA LYS E 633 -50.97 37.44 -49.26
C LYS E 633 -50.54 35.98 -49.13
N ASN E 634 -51.26 35.09 -49.83
CA ASN E 634 -51.02 33.64 -49.75
C ASN E 634 -51.22 33.12 -48.33
N SER E 635 -51.87 33.91 -47.48
CA SER E 635 -52.08 33.56 -46.09
C SER E 635 -53.34 32.75 -45.84
N ASP E 636 -54.19 32.59 -46.86
CA ASP E 636 -55.39 31.77 -46.71
C ASP E 636 -55.08 30.29 -46.54
N VAL E 637 -53.89 29.84 -46.96
CA VAL E 637 -53.55 28.44 -46.85
C VAL E 637 -53.38 28.05 -45.38
N LEU E 638 -53.70 26.81 -45.07
CA LEU E 638 -53.57 26.31 -43.71
C LEU E 638 -52.11 26.11 -43.35
N GLN E 639 -51.83 26.06 -42.05
CA GLN E 639 -50.48 25.95 -41.54
C GLN E 639 -50.30 24.66 -40.76
N SER E 640 -49.15 24.01 -40.96
CA SER E 640 -48.79 22.85 -40.17
C SER E 640 -48.45 23.28 -38.75
N PRO E 641 -48.48 22.36 -37.79
CA PRO E 641 -48.12 22.72 -36.41
C PRO E 641 -46.69 23.22 -36.27
N LEU E 642 -45.81 22.91 -37.20
CA LEU E 642 -44.42 23.34 -37.13
C LEU E 642 -44.31 24.80 -37.57
N ASP E 643 -43.07 25.24 -37.82
CA ASP E 643 -42.76 26.64 -38.14
C ASP E 643 -43.18 27.56 -37.00
N SER E 644 -42.74 27.19 -35.79
CA SER E 644 -43.13 27.93 -34.59
C SER E 644 -41.90 28.06 -33.69
N ALA E 645 -41.33 29.25 -33.65
CA ALA E 645 -40.12 29.53 -32.88
C ALA E 645 -40.07 31.02 -32.60
N ALA E 646 -38.89 31.52 -32.24
CA ALA E 646 -38.57 32.94 -32.08
C ALA E 646 -39.06 33.49 -30.74
N ARG E 647 -38.42 34.55 -30.29
CA ARG E 647 -38.61 35.10 -28.95
C ARG E 647 -38.60 36.63 -29.06
N ASP E 648 -38.35 37.32 -27.96
CA ASP E 648 -38.58 38.75 -27.88
C ASP E 648 -37.59 39.54 -28.72
N GLU E 649 -37.53 39.25 -30.02
CA GLU E 649 -36.83 40.13 -30.95
C GLU E 649 -37.59 40.31 -32.26
N LEU E 650 -38.59 39.46 -32.49
CA LEU E 650 -39.37 39.54 -33.73
C LEU E 650 -40.68 38.76 -33.58
N ALA F 64 -44.69 56.11 -23.22
CA ALA F 64 -43.43 56.79 -22.96
C ALA F 64 -42.74 57.15 -24.28
N TYR F 65 -41.85 58.14 -24.23
CA TYR F 65 -41.12 58.59 -25.39
C TYR F 65 -39.87 59.35 -24.94
N PHE F 66 -39.03 59.69 -25.91
CA PHE F 66 -37.79 60.44 -25.71
C PHE F 66 -36.87 59.74 -24.73
N PRO F 67 -36.28 58.61 -25.10
CA PRO F 67 -35.34 57.93 -24.20
C PRO F 67 -33.99 58.65 -24.18
N GLU F 68 -33.28 58.48 -23.07
CA GLU F 68 -31.97 59.10 -22.91
C GLU F 68 -30.86 58.06 -23.07
N GLU F 69 -29.63 58.56 -23.21
CA GLU F 69 -28.42 57.73 -23.21
C GLU F 69 -27.40 58.39 -22.27
N ARG F 70 -27.88 58.66 -21.05
CA ARG F 70 -27.25 59.46 -20.01
C ARG F 70 -25.72 59.34 -19.97
N TRP F 71 -25.04 60.48 -19.85
CA TRP F 71 -23.59 60.53 -19.79
C TRP F 71 -23.06 59.71 -18.62
N SER F 72 -22.39 58.60 -18.92
CA SER F 72 -21.82 57.72 -17.90
C SER F 72 -20.34 57.52 -18.23
N PRO F 73 -19.45 58.15 -17.49
CA PRO F 73 -18.03 58.13 -17.86
C PRO F 73 -17.34 56.85 -17.38
N GLU F 74 -16.11 56.68 -17.83
CA GLU F 74 -15.28 55.56 -17.40
C GLU F 74 -14.86 55.77 -15.95
N SER F 75 -14.89 54.68 -15.18
CA SER F 75 -14.52 54.73 -13.78
C SER F 75 -13.03 54.57 -13.60
N PRO F 76 -12.46 55.15 -12.55
CA PRO F 76 -11.03 54.98 -12.30
C PRO F 76 -10.70 53.55 -11.92
N LEU F 77 -9.49 53.13 -12.27
CA LEU F 77 -9.06 51.76 -12.02
C LEU F 77 -8.87 51.54 -10.52
N GLN F 78 -8.49 50.32 -10.17
CA GLN F 78 -8.30 49.91 -8.80
C GLN F 78 -6.84 49.61 -8.54
N ALA F 79 -6.37 49.94 -7.33
CA ALA F 79 -4.95 49.84 -7.01
C ALA F 79 -4.49 48.39 -7.09
N PRO F 80 -3.28 48.14 -7.57
CA PRO F 80 -2.82 46.77 -7.81
C PRO F 80 -2.61 45.99 -6.53
N ARG F 81 -2.65 44.68 -6.66
CA ARG F 81 -2.64 43.77 -5.53
C ARG F 81 -1.24 43.66 -4.92
N VAL F 82 -1.13 42.88 -3.85
CA VAL F 82 0.08 42.72 -3.05
C VAL F 82 -0.07 41.46 -2.21
N LEU F 83 1.04 40.79 -1.93
CA LEU F 83 1.07 39.67 -0.98
C LEU F 83 2.22 39.88 -0.01
N ILE F 84 1.91 40.28 1.21
CA ILE F 84 2.89 40.55 2.24
C ILE F 84 3.24 39.23 2.93
N ALA F 85 4.52 38.88 2.95
CA ALA F 85 4.97 37.54 3.31
C ALA F 85 6.04 37.61 4.40
N LEU F 86 5.62 37.59 5.66
CA LEU F 86 6.53 37.63 6.79
C LEU F 86 7.34 36.35 6.90
N LEU F 87 8.17 36.23 7.93
CA LEU F 87 8.92 34.98 8.21
C LEU F 87 9.51 35.23 9.59
N ALA F 88 9.10 34.52 10.63
CA ALA F 88 9.56 34.92 11.97
C ALA F 88 10.10 33.82 12.89
N ARG F 89 10.90 34.17 13.92
CA ARG F 89 11.38 33.24 14.97
C ARG F 89 12.17 34.05 15.99
N ASN F 90 11.97 33.74 17.28
CA ASN F 90 12.65 34.46 18.37
C ASN F 90 12.32 35.93 18.19
N ALA F 91 11.07 36.25 17.88
CA ALA F 91 10.74 37.64 17.53
C ALA F 91 9.66 38.22 18.45
N ALA F 92 9.54 37.72 19.67
CA ALA F 92 8.60 38.24 20.64
C ALA F 92 8.94 39.66 21.06
N HIS F 93 10.21 40.04 20.96
CA HIS F 93 10.63 41.36 21.40
C HIS F 93 10.16 42.45 20.44
N ALA F 94 10.01 42.11 19.15
CA ALA F 94 9.83 43.12 18.11
C ALA F 94 8.44 43.15 17.50
N LEU F 95 7.73 42.02 17.47
CA LEU F 95 6.50 41.94 16.68
C LEU F 95 5.49 43.03 16.97
N PRO F 96 5.23 43.44 18.22
CA PRO F 96 4.30 44.56 18.44
C PRO F 96 4.56 45.79 17.58
N THR F 97 5.77 46.35 17.64
CA THR F 97 6.02 47.63 16.97
C THR F 97 6.09 47.46 15.46
N THR F 98 6.76 46.40 14.99
CA THR F 98 6.85 46.21 13.54
C THR F 98 5.48 45.94 12.94
N LEU F 99 4.63 45.19 13.62
CA LEU F 99 3.29 44.96 13.09
C LEU F 99 2.43 46.22 13.19
N GLY F 100 2.60 47.01 14.25
CA GLY F 100 1.87 48.26 14.34
C GLY F 100 2.29 49.25 13.28
N ALA F 101 3.51 49.12 12.76
CA ALA F 101 3.94 49.98 11.67
C ALA F 101 3.65 49.37 10.31
N LEU F 102 3.40 48.06 10.25
CA LEU F 102 2.97 47.40 9.03
C LEU F 102 1.46 47.44 8.83
N GLU F 103 0.70 47.83 9.86
CA GLU F 103 -0.75 47.89 9.73
C GLU F 103 -1.23 49.16 9.03
N ARG F 104 -0.47 50.25 9.12
CA ARG F 104 -0.94 51.55 8.65
C ARG F 104 -0.49 51.86 7.23
N LEU F 105 0.00 50.86 6.49
CA LEU F 105 0.37 51.10 5.10
C LEU F 105 -0.83 51.62 4.31
N ARG F 106 -0.63 52.73 3.60
CA ARG F 106 -1.69 53.36 2.82
C ARG F 106 -1.95 52.53 1.57
N HIS F 107 -2.75 51.48 1.73
CA HIS F 107 -3.10 50.57 0.67
C HIS F 107 -4.48 50.03 1.02
N PRO F 108 -5.43 50.03 0.07
CA PRO F 108 -6.78 49.54 0.38
C PRO F 108 -6.74 48.12 0.91
N ARG F 109 -7.33 47.92 2.09
CA ARG F 109 -7.17 46.66 2.81
C ARG F 109 -7.94 45.50 2.17
N GLU F 110 -8.69 45.74 1.10
CA GLU F 110 -9.38 44.67 0.40
C GLU F 110 -8.59 44.14 -0.78
N ARG F 111 -7.36 44.62 -0.99
CA ARG F 111 -6.48 44.19 -2.07
C ARG F 111 -5.11 43.77 -1.52
N THR F 112 -5.10 42.98 -0.45
CA THR F 112 -3.86 42.63 0.22
C THR F 112 -4.01 41.24 0.84
N ALA F 113 -2.90 40.57 1.05
CA ALA F 113 -2.89 39.26 1.67
C ALA F 113 -1.69 39.13 2.61
N LEU F 114 -1.76 38.16 3.52
CA LEU F 114 -0.67 37.87 4.42
C LEU F 114 -0.22 36.42 4.23
N TRP F 115 1.00 36.14 4.67
CA TRP F 115 1.57 34.81 4.53
C TRP F 115 2.40 34.46 5.76
N VAL F 116 2.02 34.99 6.93
CA VAL F 116 2.81 34.76 8.13
C VAL F 116 3.07 33.28 8.31
N ALA F 117 4.33 32.94 8.61
CA ALA F 117 4.75 31.54 8.67
C ALA F 117 5.92 31.44 9.64
N THR F 118 5.67 30.92 10.84
CA THR F 118 6.68 30.85 11.88
C THR F 118 6.97 29.40 12.24
N ASP F 119 8.10 29.20 12.92
CA ASP F 119 8.49 27.90 13.45
C ASP F 119 9.75 28.09 14.30
N HIS F 120 10.11 27.04 15.03
CA HIS F 120 11.42 26.94 15.67
C HIS F 120 11.64 27.99 16.75
N ASN F 121 10.56 28.57 17.28
CA ASN F 121 10.68 29.70 18.19
C ASN F 121 10.90 29.23 19.62
N MET F 122 11.53 30.09 20.41
CA MET F 122 11.76 29.87 21.84
C MET F 122 10.71 30.58 22.68
N ASP F 123 10.48 31.87 22.41
CA ASP F 123 9.55 32.67 23.18
C ASP F 123 8.11 32.42 22.73
N ASN F 124 7.19 33.30 23.14
CA ASN F 124 5.78 33.16 22.85
C ASN F 124 5.39 33.77 21.51
N THR F 125 6.31 33.78 20.54
CA THR F 125 6.04 34.37 19.23
C THR F 125 4.77 33.81 18.61
N SER F 126 4.56 32.50 18.73
CA SER F 126 3.36 31.89 18.19
C SER F 126 2.11 32.49 18.81
N THR F 127 2.14 32.76 20.12
CA THR F 127 0.97 33.30 20.80
C THR F 127 0.58 34.68 20.25
N VAL F 128 1.55 35.59 20.19
CA VAL F 128 1.27 36.95 19.72
C VAL F 128 0.89 36.94 18.24
N LEU F 129 1.57 36.12 17.44
CA LEU F 129 1.23 36.04 16.03
C LEU F 129 -0.18 35.53 15.83
N ARG F 130 -0.57 34.49 16.59
CA ARG F 130 -1.93 33.96 16.48
C ARG F 130 -2.95 34.99 16.92
N GLU F 131 -2.68 35.73 18.00
CA GLU F 131 -3.61 36.75 18.45
C GLU F 131 -3.82 37.80 17.37
N TRP F 132 -2.73 38.33 16.82
CA TRP F 132 -2.85 39.36 15.78
C TRP F 132 -3.57 38.80 14.56
N LEU F 133 -3.25 37.57 14.18
CA LEU F 133 -3.89 36.95 13.02
C LEU F 133 -5.40 36.86 13.21
N VAL F 134 -5.84 36.31 14.34
CA VAL F 134 -7.26 36.16 14.58
C VAL F 134 -7.93 37.53 14.66
N ALA F 135 -7.23 38.53 15.21
CA ALA F 135 -7.81 39.86 15.32
C ALA F 135 -8.03 40.49 13.95
N VAL F 136 -7.08 40.30 13.02
CA VAL F 136 -7.06 41.07 11.78
C VAL F 136 -7.62 40.29 10.59
N LYS F 137 -7.97 39.02 10.78
CA LYS F 137 -8.28 38.15 9.64
C LYS F 137 -9.48 38.63 8.83
N SER F 138 -10.37 39.41 9.42
CA SER F 138 -11.59 39.79 8.71
C SER F 138 -11.33 40.84 7.62
N LEU F 139 -10.44 41.79 7.88
CA LEU F 139 -10.28 42.92 6.96
C LEU F 139 -9.53 42.52 5.69
N TYR F 140 -8.55 41.65 5.81
CA TYR F 140 -7.68 41.35 4.69
C TYR F 140 -8.31 40.30 3.78
N HIS F 141 -7.86 40.30 2.51
CA HIS F 141 -8.52 39.50 1.49
C HIS F 141 -8.41 38.01 1.78
N SER F 142 -7.24 37.58 2.28
CA SER F 142 -7.06 36.19 2.67
C SER F 142 -5.80 36.10 3.53
N VAL F 143 -5.86 35.29 4.57
CA VAL F 143 -4.74 35.15 5.50
C VAL F 143 -4.30 33.69 5.54
N GLU F 144 -3.02 33.46 5.31
CA GLU F 144 -2.42 32.15 5.39
C GLU F 144 -1.67 32.04 6.71
N TRP F 145 -1.37 30.81 7.12
CA TRP F 145 -0.76 30.61 8.43
C TRP F 145 -0.22 29.19 8.49
N ARG F 146 1.04 29.02 8.90
CA ARG F 146 1.72 27.72 8.85
C ARG F 146 2.65 27.56 10.05
N PRO F 147 2.11 27.19 11.21
CA PRO F 147 2.97 26.94 12.37
C PRO F 147 3.57 25.54 12.36
N ALA F 148 4.79 25.45 12.89
CA ALA F 148 5.53 24.19 12.97
C ALA F 148 6.24 24.08 14.31
N GLU F 149 5.48 24.32 15.40
CA GLU F 149 6.04 24.49 16.74
C GLU F 149 7.18 23.54 17.10
N GLU F 150 7.05 22.25 16.76
CA GLU F 150 8.07 21.33 17.22
C GLU F 150 8.83 20.74 16.02
N PRO F 151 10.14 20.52 16.12
CA PRO F 151 11.08 20.73 17.24
C PRO F 151 11.31 22.20 17.57
N ARG F 152 12.19 22.50 18.52
CA ARG F 152 12.33 23.86 19.02
C ARG F 152 13.66 24.51 18.62
N SER F 153 14.60 23.73 18.09
CA SER F 153 15.86 24.28 17.63
C SER F 153 16.53 23.28 16.69
N TYR F 154 17.38 23.79 15.81
CA TYR F 154 18.06 22.94 14.85
C TYR F 154 19.06 22.03 15.57
N PRO F 155 19.22 20.78 15.11
CA PRO F 155 20.15 19.86 15.78
C PRO F 155 21.60 20.33 15.81
N ASP F 156 22.17 20.55 14.62
CA ASP F 156 23.60 20.89 14.52
C ASP F 156 23.79 22.42 14.49
N GLU F 157 23.23 23.08 15.50
CA GLU F 157 23.37 24.51 15.66
C GLU F 157 24.07 24.83 16.96
N GLU F 158 24.94 25.85 16.93
CA GLU F 158 25.59 26.29 18.16
C GLU F 158 24.59 26.98 19.08
N GLY F 159 23.73 27.82 18.51
CA GLY F 159 22.75 28.55 19.27
C GLY F 159 21.72 29.21 18.38
N PRO F 160 20.94 30.13 18.95
CA PRO F 160 19.91 30.79 18.13
C PRO F 160 20.48 31.64 17.01
N LYS F 161 21.74 32.07 17.11
CA LYS F 161 22.33 32.96 16.12
C LYS F 161 23.36 32.29 15.22
N HIS F 162 23.49 30.97 15.31
CA HIS F 162 24.44 30.27 14.44
C HIS F 162 23.71 29.88 13.16
N TRP F 163 24.26 30.30 12.02
CA TRP F 163 23.67 29.99 10.71
C TRP F 163 24.24 28.66 10.22
N SER F 164 23.68 27.58 10.75
CA SER F 164 24.02 26.26 10.25
C SER F 164 23.36 26.02 8.89
N ASP F 165 23.94 25.11 8.13
CA ASP F 165 23.50 24.87 6.75
C ASP F 165 22.02 24.47 6.69
N SER F 166 21.54 23.73 7.70
CA SER F 166 20.14 23.33 7.70
C SER F 166 19.22 24.55 7.80
N ARG F 167 19.65 25.58 8.55
CA ARG F 167 18.87 26.81 8.62
C ARG F 167 18.77 27.48 7.26
N TYR F 168 19.88 27.54 6.52
CA TYR F 168 19.85 28.04 5.16
C TYR F 168 18.88 27.26 4.30
N GLU F 169 18.93 25.92 4.41
CA GLU F 169 18.00 25.09 3.64
C GLU F 169 16.55 25.42 3.95
N HIS F 170 16.22 25.52 5.24
CA HIS F 170 14.84 25.75 5.64
C HIS F 170 14.36 27.13 5.19
N VAL F 171 15.19 28.16 5.36
CA VAL F 171 14.79 29.51 4.94
C VAL F 171 14.61 29.57 3.43
N MET F 172 15.53 28.95 2.68
CA MET F 172 15.40 28.91 1.24
C MET F 172 14.09 28.27 0.82
N LYS F 173 13.78 27.11 1.41
CA LYS F 173 12.55 26.40 1.03
C LYS F 173 11.31 27.21 1.38
N LEU F 174 11.30 27.83 2.55
CA LEU F 174 10.14 28.62 2.95
C LEU F 174 9.91 29.79 2.00
N ARG F 175 10.98 30.52 1.64
CA ARG F 175 10.82 31.63 0.71
C ARG F 175 10.34 31.14 -0.66
N GLN F 176 10.89 30.02 -1.14
CA GLN F 176 10.44 29.49 -2.42
C GLN F 176 8.97 29.12 -2.38
N ALA F 177 8.52 28.51 -1.28
CA ALA F 177 7.11 28.18 -1.14
C ALA F 177 6.24 29.43 -1.14
N ALA F 178 6.69 30.48 -0.46
CA ALA F 178 5.94 31.74 -0.47
C ALA F 178 5.82 32.31 -1.89
N LEU F 179 6.93 32.31 -2.62
CA LEU F 179 6.88 32.82 -3.99
C LEU F 179 5.93 32.00 -4.85
N LYS F 180 6.00 30.67 -4.73
CA LYS F 180 5.09 29.82 -5.51
C LYS F 180 3.63 30.06 -5.14
N SER F 181 3.33 30.20 -3.85
CA SER F 181 1.96 30.44 -3.44
C SER F 181 1.50 31.86 -3.74
N ALA F 182 2.41 32.74 -4.13
CA ALA F 182 2.04 34.07 -4.60
C ALA F 182 1.89 34.14 -6.12
N ARG F 183 2.17 33.04 -6.83
CA ARG F 183 1.94 32.95 -8.26
C ARG F 183 0.62 32.27 -8.60
N ASP F 184 0.24 31.21 -7.88
CA ASP F 184 -0.99 30.47 -8.14
C ASP F 184 -2.21 31.14 -7.53
N MET F 185 -2.11 32.40 -7.14
CA MET F 185 -3.23 33.18 -6.67
C MET F 185 -3.48 34.39 -7.57
N TRP F 186 -2.65 34.57 -8.60
CA TRP F 186 -2.78 35.66 -9.57
C TRP F 186 -2.69 37.03 -8.88
N ALA F 187 -1.54 37.27 -8.27
CA ALA F 187 -1.25 38.52 -7.60
C ALA F 187 -0.23 39.31 -8.40
N ASP F 188 -0.17 40.61 -8.16
CA ASP F 188 0.96 41.41 -8.61
C ASP F 188 1.77 41.85 -7.40
N TYR F 189 3.08 41.85 -7.56
CA TYR F 189 4.02 42.24 -6.52
C TYR F 189 4.01 41.28 -5.35
N ILE F 190 5.15 41.11 -4.68
CA ILE F 190 5.25 40.34 -3.45
C ILE F 190 6.30 40.97 -2.56
N LEU F 191 5.90 41.49 -1.41
CA LEU F 191 6.76 42.34 -0.58
C LEU F 191 7.28 41.51 0.59
N PHE F 192 8.53 41.06 0.49
CA PHE F 192 9.14 40.20 1.51
C PHE F 192 9.60 41.03 2.70
N VAL F 193 8.68 41.42 3.57
CA VAL F 193 9.03 42.03 4.84
C VAL F 193 9.62 40.97 5.75
N ASP F 194 10.44 41.39 6.70
CA ASP F 194 11.00 40.47 7.69
C ASP F 194 10.65 40.91 9.10
N ALA F 195 11.24 40.25 10.10
CA ALA F 195 10.77 40.42 11.47
C ALA F 195 11.06 41.81 12.01
N ASP F 196 12.33 42.23 12.00
CA ASP F 196 12.76 43.42 12.72
C ASP F 196 12.82 44.67 11.85
N ASN F 197 12.42 44.60 10.59
CA ASN F 197 12.51 45.76 9.70
C ASN F 197 11.35 46.71 9.96
N LEU F 198 11.64 47.81 10.65
CA LEU F 198 10.63 48.80 11.04
C LEU F 198 10.32 49.68 9.83
N ILE F 199 9.38 49.24 8.99
CA ILE F 199 8.99 50.02 7.81
C ILE F 199 8.12 51.17 8.33
N LEU F 200 8.73 52.34 8.46
CA LEU F 200 8.08 53.44 9.16
C LEU F 200 7.22 54.27 8.20
N ASN F 201 7.80 54.74 7.11
CA ASN F 201 7.09 55.65 6.22
C ASN F 201 5.85 54.98 5.66
N PRO F 202 4.65 55.53 5.85
CA PRO F 202 3.43 54.85 5.39
C PRO F 202 3.37 54.63 3.89
N ASP F 203 3.97 55.51 3.09
CA ASP F 203 3.86 55.43 1.64
C ASP F 203 5.01 54.64 1.02
N THR F 204 5.61 53.70 1.76
CA THR F 204 6.64 52.86 1.18
C THR F 204 6.10 52.03 0.02
N LEU F 205 4.98 51.36 0.24
CA LEU F 205 4.44 50.44 -0.76
C LEU F 205 4.05 51.18 -2.03
N SER F 206 3.39 52.33 -1.90
CA SER F 206 2.96 53.06 -3.08
C SER F 206 4.15 53.62 -3.86
N LEU F 207 5.15 54.15 -3.14
CA LEU F 207 6.29 54.76 -3.83
C LEU F 207 7.24 53.71 -4.39
N LEU F 208 7.07 52.44 -3.98
CA LEU F 208 7.81 51.37 -4.65
C LEU F 208 7.04 50.80 -5.82
N ILE F 209 5.71 50.78 -5.73
CA ILE F 209 4.90 50.32 -6.85
C ILE F 209 4.98 51.30 -8.01
N ALA F 210 5.10 52.59 -7.71
CA ALA F 210 5.03 53.63 -8.73
C ALA F 210 6.36 53.88 -9.44
N GLU F 211 7.28 52.91 -9.48
CA GLU F 211 8.55 53.12 -10.16
C GLU F 211 8.82 52.11 -11.28
N ASN F 212 8.09 51.00 -11.33
CA ASN F 212 8.03 50.15 -12.52
C ASN F 212 9.37 49.51 -12.85
N LYS F 213 9.97 48.84 -11.86
CA LYS F 213 11.10 47.97 -12.08
C LYS F 213 10.80 46.62 -11.47
N THR F 214 11.55 45.60 -11.88
CA THR F 214 11.18 44.24 -11.53
C THR F 214 11.48 43.93 -10.06
N VAL F 215 12.69 44.25 -9.60
CA VAL F 215 13.07 44.06 -8.20
C VAL F 215 13.60 45.38 -7.68
N VAL F 216 12.86 46.01 -6.79
CA VAL F 216 13.27 47.29 -6.21
C VAL F 216 13.12 47.18 -4.70
N ALA F 217 14.10 47.70 -3.97
CA ALA F 217 14.16 47.53 -2.53
C ALA F 217 14.59 48.84 -1.89
N PRO F 218 13.82 49.38 -0.95
CA PRO F 218 14.20 50.63 -0.32
C PRO F 218 15.48 50.48 0.47
N MET F 219 16.21 51.58 0.60
CA MET F 219 17.47 51.56 1.34
C MET F 219 17.17 52.00 2.77
N LEU F 220 16.97 51.02 3.64
CA LEU F 220 16.69 51.27 5.04
C LEU F 220 17.93 51.79 5.75
N ASP F 221 17.73 52.67 6.73
CA ASP F 221 18.84 53.26 7.44
C ASP F 221 19.38 52.29 8.48
N SER F 222 20.29 52.77 9.32
CA SER F 222 20.86 51.96 10.39
C SER F 222 21.62 52.89 11.33
N ARG F 223 22.28 52.28 12.31
CA ARG F 223 23.07 53.05 13.26
C ARG F 223 24.52 53.20 12.83
N ALA F 224 24.98 52.35 11.91
CA ALA F 224 26.35 52.41 11.40
C ALA F 224 26.34 52.35 9.88
N ALA F 225 27.50 52.11 9.27
CA ALA F 225 27.59 52.08 7.82
C ALA F 225 26.81 50.94 7.19
N TYR F 226 26.13 50.11 7.99
CA TYR F 226 25.33 49.03 7.45
C TYR F 226 24.15 49.57 6.64
N SER F 227 23.62 48.71 5.77
CA SER F 227 22.38 48.94 5.05
C SER F 227 21.97 47.62 4.41
N ASN F 228 20.97 47.65 3.55
CA ASN F 228 20.41 46.43 2.98
C ASN F 228 20.66 46.35 1.48
N PHE F 229 21.87 46.73 1.05
CA PHE F 229 22.26 46.64 -0.34
C PHE F 229 23.78 46.67 -0.44
N TRP F 230 24.34 45.74 -1.22
CA TRP F 230 25.78 45.75 -1.46
C TRP F 230 26.11 46.70 -2.61
N CYS F 231 27.39 46.76 -2.96
CA CYS F 231 27.78 47.49 -4.17
C CYS F 231 28.87 46.76 -4.94
N GLY F 232 29.24 45.55 -4.53
CA GLY F 232 30.27 44.80 -5.24
C GLY F 232 30.50 43.41 -4.72
N MET F 233 30.56 42.43 -5.63
CA MET F 233 30.82 41.04 -5.31
C MET F 233 32.17 40.66 -5.91
N THR F 234 33.05 40.06 -5.10
CA THR F 234 34.45 39.98 -5.51
C THR F 234 34.67 38.94 -6.62
N SER F 235 34.61 37.65 -6.27
CA SER F 235 34.59 36.61 -7.28
C SER F 235 33.56 35.54 -6.93
N GLN F 236 33.47 35.22 -5.64
CA GLN F 236 32.59 34.16 -5.15
C GLN F 236 31.39 34.74 -4.41
N GLY F 237 31.20 36.05 -4.49
CA GLY F 237 30.07 36.70 -3.88
C GLY F 237 30.23 37.05 -2.42
N TYR F 238 31.31 37.75 -2.09
CA TYR F 238 31.49 38.34 -0.77
C TYR F 238 31.56 39.85 -0.93
N TYR F 239 31.44 40.55 0.20
CA TYR F 239 31.32 42.00 0.16
C TYR F 239 32.59 42.65 -0.37
N LYS F 240 32.43 43.77 -1.06
CA LYS F 240 33.54 44.58 -1.54
C LYS F 240 33.06 46.01 -1.68
N ARG F 241 33.74 46.94 -1.01
CA ARG F 241 33.31 48.34 -0.96
C ARG F 241 33.68 49.04 -2.26
N THR F 242 32.67 49.34 -3.07
CA THR F 242 32.86 50.21 -4.22
C THR F 242 32.93 51.66 -3.74
N PRO F 243 33.62 52.54 -4.47
CA PRO F 243 33.64 53.95 -4.07
C PRO F 243 32.28 54.64 -4.12
N ALA F 244 31.26 54.01 -4.71
CA ALA F 244 29.93 54.61 -4.80
C ALA F 244 28.99 54.11 -3.71
N TYR F 245 29.53 53.77 -2.53
CA TYR F 245 28.69 53.38 -1.40
C TYR F 245 28.38 54.57 -0.49
N ILE F 246 29.42 55.22 0.05
CA ILE F 246 29.19 56.32 0.98
C ILE F 246 28.46 57.49 0.32
N PRO F 247 28.65 57.80 -0.95
CA PRO F 247 27.83 58.86 -1.56
C PRO F 247 26.41 58.42 -1.89
N ILE F 248 26.04 57.17 -1.59
CA ILE F 248 24.65 56.75 -1.64
C ILE F 248 24.05 56.63 -0.24
N ARG F 249 24.75 55.94 0.65
CA ARG F 249 24.23 55.68 1.99
C ARG F 249 24.02 56.97 2.77
N LYS F 250 24.78 58.02 2.47
CA LYS F 250 24.62 59.30 3.14
C LYS F 250 23.63 60.21 2.43
N ARG F 251 22.94 59.71 1.40
CA ARG F 251 21.97 60.48 0.64
C ARG F 251 22.60 61.75 0.04
N ASP F 252 23.65 61.55 -0.75
CA ASP F 252 24.18 62.60 -1.61
C ASP F 252 23.79 62.40 -3.07
N ARG F 253 23.14 61.29 -3.39
CA ARG F 253 22.55 61.05 -4.69
C ARG F 253 21.17 60.46 -4.49
N ARG F 254 20.38 60.40 -5.55
CA ARG F 254 19.02 59.89 -5.44
C ARG F 254 18.55 59.38 -6.79
N GLY F 255 17.37 58.77 -6.79
CA GLY F 255 16.90 57.98 -7.90
C GLY F 255 17.37 56.55 -7.79
N CYS F 256 16.79 55.69 -8.63
CA CYS F 256 17.07 54.26 -8.51
C CYS F 256 18.40 53.92 -9.16
N PHE F 257 19.25 53.20 -8.41
CA PHE F 257 20.66 53.04 -8.70
C PHE F 257 20.94 51.55 -8.85
N ALA F 258 21.31 51.11 -10.05
CA ALA F 258 21.52 49.69 -10.28
C ALA F 258 22.64 49.15 -9.39
N VAL F 259 22.35 48.08 -8.67
CA VAL F 259 23.32 47.42 -7.80
C VAL F 259 23.17 45.91 -7.92
N PRO F 260 24.20 45.16 -7.55
CA PRO F 260 24.13 43.70 -7.61
C PRO F 260 23.58 43.00 -6.37
N MET F 261 22.93 43.71 -5.45
CA MET F 261 22.45 43.09 -4.21
C MET F 261 21.33 43.88 -3.59
N VAL F 262 20.30 43.18 -3.11
CA VAL F 262 19.33 43.68 -2.15
C VAL F 262 18.84 42.50 -1.33
N HIS F 263 18.84 42.64 0.00
CA HIS F 263 18.26 41.60 0.84
C HIS F 263 17.28 42.21 1.84
N SER F 264 16.86 41.40 2.82
CA SER F 264 15.88 41.83 3.82
C SER F 264 14.55 42.18 3.16
N THR F 265 14.33 43.46 2.86
CA THR F 265 13.08 43.94 2.31
C THR F 265 13.25 44.27 0.84
N PHE F 266 12.46 43.63 -0.03
CA PHE F 266 12.44 43.94 -1.45
C PHE F 266 11.06 43.60 -1.99
N LEU F 267 10.79 44.00 -3.22
CA LEU F 267 9.45 43.90 -3.80
C LEU F 267 9.58 43.45 -5.25
N ILE F 268 9.40 42.16 -5.49
CA ILE F 268 9.42 41.61 -6.84
C ILE F 268 8.17 42.07 -7.57
N ASP F 269 8.19 41.99 -8.90
CA ASP F 269 6.97 42.07 -9.68
C ASP F 269 6.58 40.66 -10.13
N LEU F 270 5.30 40.48 -10.44
CA LEU F 270 4.82 39.17 -10.85
C LEU F 270 3.92 39.25 -12.08
N ARG F 271 3.95 40.35 -12.81
CA ARG F 271 3.27 40.43 -14.10
C ARG F 271 4.22 40.52 -15.27
N LYS F 272 5.42 41.08 -15.09
CA LYS F 272 6.37 41.16 -16.18
C LYS F 272 6.86 39.77 -16.56
N ALA F 273 7.13 39.58 -17.85
CA ALA F 273 7.37 38.24 -18.37
C ALA F 273 8.63 37.61 -17.79
N ALA F 274 9.67 38.40 -17.54
CA ALA F 274 10.93 37.85 -17.08
C ALA F 274 10.87 37.30 -15.66
N SER F 275 9.80 37.56 -14.92
CA SER F 275 9.73 37.14 -13.53
C SER F 275 9.15 35.73 -13.38
N ARG F 276 9.25 34.91 -14.42
CA ARG F 276 8.88 33.51 -14.35
C ARG F 276 10.09 32.60 -14.14
N ASN F 277 11.30 33.11 -14.33
CA ASN F 277 12.52 32.35 -14.13
C ASN F 277 13.18 32.59 -12.78
N LEU F 278 12.75 33.61 -12.05
CA LEU F 278 13.30 33.83 -10.71
C LEU F 278 12.93 32.68 -9.80
N ALA F 279 13.92 32.20 -9.04
CA ALA F 279 13.71 31.04 -8.18
C ALA F 279 14.68 31.11 -7.02
N PHE F 280 14.16 30.89 -5.81
CA PHE F 280 15.00 30.94 -4.61
C PHE F 280 15.75 29.63 -4.39
N TYR F 281 15.03 28.53 -4.20
CA TYR F 281 15.69 27.38 -3.59
C TYR F 281 16.54 26.57 -4.58
N PRO F 282 15.99 26.02 -5.66
CA PRO F 282 16.81 25.16 -6.51
C PRO F 282 17.84 25.98 -7.26
N PRO F 283 19.11 25.87 -6.89
CA PRO F 283 20.12 26.78 -7.45
C PRO F 283 20.27 26.57 -8.94
N HIS F 284 20.56 27.66 -9.64
CA HIS F 284 20.81 27.59 -11.07
C HIS F 284 21.96 26.61 -11.31
N PRO F 285 21.89 25.77 -12.34
CA PRO F 285 22.88 24.68 -12.44
C PRO F 285 24.31 25.17 -12.64
N ASP F 286 24.49 26.41 -13.07
CA ASP F 286 25.82 27.01 -13.18
C ASP F 286 26.38 27.47 -11.85
N TYR F 287 25.63 27.30 -10.76
CA TYR F 287 26.04 27.83 -9.46
C TYR F 287 27.32 27.16 -8.99
N THR F 288 28.27 27.96 -8.52
CA THR F 288 29.54 27.45 -8.04
C THR F 288 29.98 28.03 -6.70
N TRP F 289 29.35 29.08 -6.22
CA TRP F 289 29.83 29.84 -5.06
C TRP F 289 29.42 29.13 -3.77
N SER F 290 29.51 29.85 -2.65
CA SER F 290 29.17 29.29 -1.35
C SER F 290 27.66 29.09 -1.27
N PHE F 291 27.18 28.68 -0.09
CA PHE F 291 25.79 28.27 0.07
C PHE F 291 25.03 29.19 1.02
N ASP F 292 25.20 30.50 0.85
CA ASP F 292 24.39 31.46 1.58
C ASP F 292 23.02 31.60 0.93
N ASP F 293 22.10 32.27 1.62
CA ASP F 293 20.73 32.36 1.14
C ASP F 293 20.42 33.64 0.38
N ILE F 294 21.33 34.62 0.38
CA ILE F 294 21.16 35.82 -0.42
C ILE F 294 22.06 35.83 -1.64
N ILE F 295 22.85 34.78 -1.85
CA ILE F 295 23.75 34.73 -2.99
C ILE F 295 23.16 33.81 -4.05
N VAL F 296 22.30 32.88 -3.63
CA VAL F 296 21.61 32.04 -4.61
C VAL F 296 20.58 32.86 -5.38
N PHE F 297 19.88 33.78 -4.71
CA PHE F 297 18.93 34.64 -5.39
C PHE F 297 19.62 35.57 -6.36
N ALA F 298 20.80 36.08 -6.02
CA ALA F 298 21.50 37.00 -6.90
C ALA F 298 21.86 36.34 -8.23
N PHE F 299 22.37 35.12 -8.18
CA PHE F 299 22.73 34.43 -9.42
C PHE F 299 21.49 34.13 -10.24
N SER F 300 20.41 33.70 -9.58
CA SER F 300 19.17 33.43 -10.30
C SER F 300 18.58 34.68 -10.93
N CYS F 301 18.82 35.84 -10.31
CA CYS F 301 18.33 37.10 -10.89
C CYS F 301 19.26 37.65 -11.94
N LYS F 302 20.53 37.22 -11.94
CA LYS F 302 21.43 37.63 -13.02
C LYS F 302 21.25 36.75 -14.25
N GLN F 303 20.88 35.48 -14.05
CA GLN F 303 20.68 34.58 -15.18
C GLN F 303 19.34 34.78 -15.87
N ALA F 304 18.43 35.55 -15.28
CA ALA F 304 17.14 35.85 -15.89
C ALA F 304 17.10 37.25 -16.49
N GLU F 305 18.20 38.00 -16.44
CA GLU F 305 18.27 39.37 -16.94
C GLU F 305 17.17 40.25 -16.34
N VAL F 306 17.16 40.29 -15.01
CA VAL F 306 16.47 41.31 -14.24
C VAL F 306 17.49 41.94 -13.31
N GLN F 307 17.41 43.25 -13.12
CA GLN F 307 18.43 43.98 -12.40
C GLN F 307 17.85 44.55 -11.11
N MET F 308 18.57 44.35 -10.02
CA MET F 308 18.11 44.72 -8.68
C MET F 308 18.42 46.19 -8.43
N TYR F 309 17.39 47.00 -8.27
CA TYR F 309 17.57 48.41 -7.97
C TYR F 309 17.49 48.66 -6.47
N VAL F 310 18.05 49.79 -6.04
CA VAL F 310 17.82 50.30 -4.69
C VAL F 310 17.81 51.82 -4.72
N CYS F 311 16.66 52.41 -4.41
CA CYS F 311 16.53 53.86 -4.45
C CYS F 311 15.94 54.42 -3.18
N ASN F 312 16.41 55.63 -2.86
CA ASN F 312 16.44 56.19 -1.53
C ASN F 312 16.04 57.66 -1.56
N LYS F 313 14.94 57.98 -2.22
CA LYS F 313 14.55 59.37 -2.38
C LYS F 313 14.23 60.03 -1.04
N GLU F 314 13.60 59.29 -0.13
CA GLU F 314 13.25 59.80 1.18
C GLU F 314 13.62 58.77 2.25
N GLU F 315 13.20 59.04 3.48
CA GLU F 315 13.53 58.17 4.61
C GLU F 315 12.44 57.12 4.79
N TYR F 316 12.83 55.85 4.81
CA TYR F 316 11.88 54.75 4.73
C TYR F 316 11.77 53.96 6.03
N GLY F 317 12.87 53.59 6.65
CA GLY F 317 12.79 52.77 7.84
C GLY F 317 14.08 52.61 8.57
N PHE F 318 14.17 51.51 9.32
CA PHE F 318 15.32 51.20 10.16
C PHE F 318 15.44 49.70 10.28
N LEU F 319 16.62 49.22 10.68
CA LEU F 319 16.76 47.81 11.04
C LEU F 319 17.95 47.68 11.98
N PRO F 320 18.08 46.55 12.68
CA PRO F 320 19.24 46.37 13.56
C PRO F 320 20.41 45.70 12.86
N VAL F 321 21.61 46.12 13.23
CA VAL F 321 22.83 45.51 12.71
C VAL F 321 22.91 44.06 13.17
N PRO F 322 23.21 43.11 12.29
CA PRO F 322 23.25 41.70 12.71
C PRO F 322 24.34 41.46 13.74
N LEU F 323 24.07 40.53 14.66
CA LEU F 323 24.98 40.16 15.72
C LEU F 323 25.91 39.04 15.25
N ARG F 324 26.96 38.80 16.03
CA ARG F 324 27.85 37.68 15.75
C ARG F 324 27.11 36.36 15.96
N ALA F 325 27.78 35.27 15.60
CA ALA F 325 27.13 33.97 15.49
C ALA F 325 27.12 33.19 16.81
N HIS F 326 27.22 33.87 17.95
CA HIS F 326 27.25 33.15 19.21
C HIS F 326 26.38 33.77 20.31
N SER F 327 25.74 34.91 20.06
CA SER F 327 25.10 35.65 21.14
C SER F 327 23.75 35.03 21.50
N THR F 328 23.17 35.55 22.58
CA THR F 328 21.91 35.07 23.13
C THR F 328 20.77 35.99 22.71
N LEU F 329 19.54 35.55 22.98
CA LEU F 329 18.36 36.31 22.57
C LEU F 329 18.26 37.64 23.30
N GLN F 330 18.75 37.71 24.54
CA GLN F 330 18.67 38.96 25.29
C GLN F 330 19.47 40.07 24.61
N ASP F 331 20.60 39.70 24.00
CA ASP F 331 21.40 40.68 23.25
C ASP F 331 20.62 41.22 22.07
N GLU F 332 19.92 40.35 21.35
CA GLU F 332 19.08 40.82 20.24
C GLU F 332 17.96 41.71 20.74
N ALA F 333 17.39 41.39 21.89
CA ALA F 333 16.36 42.25 22.47
C ALA F 333 16.92 43.64 22.75
N GLU F 334 18.12 43.71 23.33
CA GLU F 334 18.74 45.00 23.57
C GLU F 334 19.05 45.73 22.26
N SER F 335 19.40 44.99 21.21
CA SER F 335 19.70 45.62 19.92
C SER F 335 18.47 46.26 19.29
N PHE F 336 17.37 45.50 19.21
CA PHE F 336 16.11 46.09 18.72
C PHE F 336 15.67 47.23 19.62
N MET F 337 15.95 47.12 20.92
CA MET F 337 15.74 48.22 21.85
C MET F 337 16.51 49.47 21.42
N HIS F 338 17.75 49.30 21.00
CA HIS F 338 18.53 50.45 20.54
C HIS F 338 17.94 51.03 19.25
N VAL F 339 17.41 50.17 18.38
CA VAL F 339 16.72 50.68 17.18
C VAL F 339 15.55 51.56 17.58
N GLN F 340 14.74 51.09 18.52
CA GLN F 340 13.62 51.90 19.01
C GLN F 340 14.13 53.21 19.59
N LEU F 341 15.24 53.18 20.31
CA LEU F 341 15.82 54.41 20.83
C LEU F 341 16.23 55.35 19.70
N GLU F 342 16.83 54.82 18.64
CA GLU F 342 17.26 55.64 17.53
C GLU F 342 16.08 56.30 16.82
N VAL F 343 14.89 55.69 16.91
CA VAL F 343 13.75 56.26 16.18
C VAL F 343 13.39 57.65 16.70
N MET F 344 13.25 57.82 18.03
CA MET F 344 12.58 59.03 18.53
C MET F 344 13.43 60.28 18.38
N VAL F 345 14.75 60.13 18.25
CA VAL F 345 15.64 61.27 18.35
C VAL F 345 15.36 62.37 17.33
N LYS F 346 14.56 62.07 16.30
CA LYS F 346 14.14 63.11 15.36
C LYS F 346 12.67 63.01 14.94
N HIS F 347 11.91 62.08 15.48
CA HIS F 347 10.53 61.85 15.08
C HIS F 347 9.70 61.49 16.30
N PRO F 348 8.38 61.63 16.21
CA PRO F 348 7.51 61.07 17.24
C PRO F 348 7.69 59.57 17.31
N PRO F 349 7.55 58.98 18.50
CA PRO F 349 7.88 57.56 18.66
C PRO F 349 6.98 56.67 17.81
N ALA F 350 7.51 55.49 17.48
CA ALA F 350 6.74 54.49 16.75
C ALA F 350 5.78 53.83 17.72
N GLU F 351 4.51 54.24 17.67
CA GLU F 351 3.51 53.67 18.56
C GLU F 351 3.25 52.22 18.19
N PRO F 352 3.28 51.31 19.17
CA PRO F 352 3.00 49.91 18.90
C PRO F 352 1.55 49.72 18.45
N SER F 353 1.22 48.47 18.11
CA SER F 353 -0.06 48.18 17.48
C SER F 353 -1.19 48.34 18.50
N ARG F 354 -2.42 48.10 18.05
CA ARG F 354 -3.61 48.26 18.86
C ARG F 354 -4.14 46.95 19.41
N PHE F 355 -4.06 45.87 18.63
CA PHE F 355 -4.71 44.63 19.02
C PHE F 355 -3.94 43.93 20.13
N ILE F 356 -2.66 43.62 19.89
CA ILE F 356 -1.81 43.04 20.91
C ILE F 356 -1.35 44.15 21.83
N SER F 357 -0.80 43.75 22.98
CA SER F 357 -0.39 44.70 24.01
C SER F 357 1.06 44.47 24.39
N ALA F 358 1.72 45.56 24.80
CA ALA F 358 3.13 45.59 25.16
C ALA F 358 3.35 45.01 26.54
N PRO F 359 4.27 44.05 26.70
CA PRO F 359 4.58 43.52 28.03
C PRO F 359 5.41 44.49 28.85
N THR F 360 4.74 45.42 29.55
CA THR F 360 5.43 46.48 30.28
C THR F 360 6.39 45.90 31.31
N LYS F 361 7.58 46.49 31.39
CA LYS F 361 8.68 46.02 32.24
C LYS F 361 8.78 46.96 33.44
N THR F 362 9.63 46.58 34.39
CA THR F 362 9.83 47.36 35.61
C THR F 362 11.23 47.96 35.65
N PRO F 363 11.39 49.18 36.16
CA PRO F 363 12.72 49.79 36.18
C PRO F 363 13.66 49.14 37.17
N ASP F 364 14.95 49.25 36.88
CA ASP F 364 16.02 48.83 37.78
C ASP F 364 17.02 49.97 37.94
N LYS F 365 17.63 50.04 39.11
CA LYS F 365 18.46 51.17 39.50
C LYS F 365 19.93 50.98 39.17
N MET F 366 20.25 49.99 38.33
CA MET F 366 21.62 49.62 37.97
C MET F 366 22.44 49.12 39.14
N GLY F 367 21.87 49.08 40.34
CA GLY F 367 22.69 48.92 41.52
C GLY F 367 23.40 50.17 41.94
N PHE F 368 23.01 51.32 41.41
CA PHE F 368 23.55 52.61 41.83
C PHE F 368 22.87 53.04 43.12
N ASP F 369 23.13 54.29 43.53
CA ASP F 369 22.43 54.89 44.66
C ASP F 369 21.29 55.79 44.19
N GLU F 370 21.59 56.78 43.36
CA GLU F 370 20.58 57.70 42.85
C GLU F 370 20.88 58.03 41.39
N VAL F 371 19.95 58.73 40.77
CA VAL F 371 20.11 59.29 39.43
C VAL F 371 19.56 60.70 39.47
N PHE F 372 20.25 61.63 38.82
CA PHE F 372 19.83 63.03 38.84
C PHE F 372 19.77 63.58 37.41
N MET F 373 18.57 63.99 37.01
CA MET F 373 18.33 64.52 35.67
C MET F 373 18.07 66.02 35.79
N ILE F 374 19.10 66.82 35.49
CA ILE F 374 18.91 68.27 35.46
C ILE F 374 18.00 68.63 34.29
N ASN F 375 16.99 69.45 34.56
CA ASN F 375 15.98 69.75 33.57
C ASN F 375 15.31 71.07 33.92
N LEU F 376 14.93 71.81 32.89
CA LEU F 376 14.29 73.10 33.04
C LEU F 376 12.78 72.95 33.04
N ARG F 377 12.12 73.65 33.96
CA ARG F 377 10.66 73.61 34.04
C ARG F 377 10.03 74.20 32.78
N ARG F 378 10.59 75.29 32.27
CA ARG F 378 10.03 75.95 31.09
C ARG F 378 10.07 75.02 29.87
N ARG F 379 11.19 74.31 29.68
CA ARG F 379 11.33 73.40 28.55
C ARG F 379 10.55 72.13 28.84
N GLN F 380 9.71 71.71 27.88
CA GLN F 380 8.86 70.55 28.06
C GLN F 380 9.06 69.47 27.00
N ASP F 381 9.40 69.85 25.76
CA ASP F 381 9.57 68.87 24.71
C ASP F 381 10.73 67.92 25.02
N ARG F 382 11.76 68.43 25.69
CA ARG F 382 12.95 67.63 25.95
C ARG F 382 12.66 66.53 26.97
N ARG F 383 11.99 66.87 28.07
CA ARG F 383 11.90 65.95 29.20
C ARG F 383 11.12 64.70 28.85
N GLU F 384 10.09 64.83 28.00
CA GLU F 384 9.26 63.66 27.69
C GLU F 384 10.04 62.60 26.93
N ARG F 385 10.92 63.00 26.01
CA ARG F 385 11.70 62.01 25.28
C ARG F 385 12.67 61.29 26.21
N MET F 386 13.25 62.00 27.18
CA MET F 386 14.14 61.35 28.13
C MET F 386 13.38 60.43 29.08
N LEU F 387 12.19 60.83 29.50
CA LEU F 387 11.33 59.92 30.26
C LEU F 387 11.02 58.67 29.45
N ARG F 388 10.72 58.83 28.16
CA ARG F 388 10.45 57.68 27.32
C ARG F 388 11.66 56.76 27.20
N ALA F 389 12.85 57.35 26.98
CA ALA F 389 14.05 56.54 26.86
C ALA F 389 14.38 55.82 28.17
N LEU F 390 14.26 56.53 29.30
CA LEU F 390 14.57 55.92 30.59
C LEU F 390 13.58 54.83 30.95
N GLN F 391 12.29 55.05 30.64
CA GLN F 391 11.29 54.01 30.82
C GLN F 391 11.58 52.81 29.95
N ALA F 392 11.98 53.04 28.70
CA ALA F 392 12.35 51.94 27.83
C ALA F 392 13.49 51.14 28.42
N GLN F 393 14.63 51.77 28.68
CA GLN F 393 15.76 51.08 29.32
C GLN F 393 15.48 50.76 30.78
N GLU F 394 14.23 50.96 31.24
CA GLU F 394 13.80 50.55 32.57
C GLU F 394 14.67 51.20 33.64
N ILE F 395 14.64 52.52 33.65
CA ILE F 395 15.49 53.33 34.53
C ILE F 395 14.60 54.24 35.36
N GLU F 396 14.81 54.23 36.67
CA GLU F 396 14.10 55.16 37.54
C GLU F 396 14.60 56.57 37.28
N CYS F 397 13.82 57.56 37.72
CA CYS F 397 14.19 58.95 37.50
C CYS F 397 13.76 59.74 38.74
N ARG F 398 14.73 60.02 39.62
CA ARG F 398 14.50 60.91 40.75
C ARG F 398 14.82 62.31 40.25
N LEU F 399 13.86 62.88 39.52
CA LEU F 399 14.10 64.09 38.76
C LEU F 399 14.44 65.27 39.66
N VAL F 400 15.26 66.17 39.14
CA VAL F 400 15.64 67.40 39.83
C VAL F 400 15.45 68.57 38.87
N GLU F 401 14.82 69.62 39.38
CA GLU F 401 14.58 70.83 38.61
C GLU F 401 15.86 71.64 38.49
N ALA F 402 15.87 72.59 37.58
CA ALA F 402 16.99 73.50 37.38
C ALA F 402 16.51 74.93 37.51
N VAL F 403 17.21 75.72 38.32
CA VAL F 403 16.83 77.11 38.53
C VAL F 403 17.16 77.92 37.28
N ASP F 404 16.18 78.69 36.81
CA ASP F 404 16.39 79.52 35.63
C ASP F 404 17.34 80.67 35.96
N GLY F 405 18.60 80.55 35.52
CA GLY F 405 19.57 81.61 35.78
C GLY F 405 19.25 82.89 35.05
N LYS F 406 18.57 82.79 33.90
CA LYS F 406 18.26 83.99 33.12
C LYS F 406 17.29 84.90 33.88
N ALA F 407 16.29 84.32 34.54
CA ALA F 407 15.25 85.11 35.19
C ALA F 407 15.67 85.71 36.52
N MET F 408 16.67 85.14 37.20
CA MET F 408 17.09 85.65 38.49
C MET F 408 17.79 87.00 38.33
N ASN F 409 17.70 87.82 39.37
CA ASN F 409 18.34 89.13 39.39
C ASN F 409 19.38 89.20 40.52
N THR F 410 20.09 90.32 40.56
CA THR F 410 21.23 90.46 41.46
C THR F 410 20.83 90.34 42.92
N SER F 411 19.58 90.68 43.26
CA SER F 411 19.14 90.60 44.65
C SER F 411 19.25 89.19 45.20
N GLN F 412 18.88 88.19 44.39
CA GLN F 412 19.07 86.80 44.77
C GLN F 412 20.37 86.20 44.23
N VAL F 413 21.04 86.86 43.29
CA VAL F 413 22.35 86.41 42.84
C VAL F 413 23.37 86.58 43.96
N GLU F 414 23.40 87.76 44.58
CA GLU F 414 24.36 88.05 45.64
C GLU F 414 23.86 87.62 47.01
N ALA F 415 22.64 87.11 47.12
CA ALA F 415 22.15 86.64 48.41
C ALA F 415 22.98 85.46 48.92
N LEU F 416 23.55 84.67 48.01
CA LEU F 416 24.39 83.55 48.37
C LEU F 416 25.88 83.86 48.22
N GLY F 417 26.23 85.12 47.99
CA GLY F 417 27.63 85.48 47.80
C GLY F 417 28.24 84.99 46.51
N ILE F 418 27.42 84.65 45.52
CA ILE F 418 27.91 84.08 44.27
C ILE F 418 28.67 85.17 43.53
N GLN F 419 29.98 85.00 43.39
CA GLN F 419 30.85 85.99 42.75
C GLN F 419 31.64 85.35 41.62
N MET F 420 31.74 86.08 40.51
CA MET F 420 32.51 85.66 39.36
C MET F 420 34.01 85.63 39.68
N LEU F 421 34.67 84.58 39.20
CA LEU F 421 36.09 84.37 39.48
C LEU F 421 36.91 85.53 38.90
N PRO F 422 37.69 86.23 39.72
CA PRO F 422 38.41 87.42 39.21
C PRO F 422 39.35 87.04 38.07
N GLY F 423 39.40 87.92 37.07
CA GLY F 423 40.21 87.68 35.90
C GLY F 423 39.72 86.50 35.08
N TYR F 424 38.48 86.58 34.60
CA TYR F 424 37.90 85.52 33.77
C TYR F 424 37.16 86.14 32.60
N ARG F 425 37.04 85.33 31.54
CA ARG F 425 36.38 85.73 30.30
C ARG F 425 36.03 84.46 29.54
N ASP F 426 35.37 84.62 28.40
CA ASP F 426 35.06 83.49 27.54
C ASP F 426 36.33 83.00 26.87
N PRO F 427 36.70 81.73 27.01
CA PRO F 427 37.95 81.24 26.40
C PRO F 427 37.99 81.37 24.89
N TYR F 428 36.83 81.46 24.22
CA TYR F 428 36.78 81.54 22.78
C TYR F 428 36.39 82.90 22.24
N HIS F 429 35.56 83.66 22.95
CA HIS F 429 35.03 84.92 22.45
C HIS F 429 35.49 86.13 23.25
N GLY F 430 35.45 86.06 24.58
CA GLY F 430 35.84 87.17 25.43
C GLY F 430 34.75 87.68 26.34
N ARG F 431 33.54 87.16 26.26
CA ARG F 431 32.47 87.62 27.15
C ARG F 431 32.77 87.18 28.58
N PRO F 432 32.38 87.99 29.57
CA PRO F 432 32.67 87.64 30.97
C PRO F 432 31.98 86.37 31.44
N LEU F 433 30.66 86.31 31.28
CA LEU F 433 29.88 85.20 31.79
C LEU F 433 28.51 85.21 31.14
N THR F 434 27.80 84.10 31.27
CA THR F 434 26.41 83.95 30.84
C THR F 434 25.54 83.74 32.07
N LYS F 435 24.24 83.56 31.84
CA LYS F 435 23.29 83.26 32.91
C LYS F 435 22.83 81.81 32.90
N GLY F 436 22.72 81.18 31.73
CA GLY F 436 22.44 79.75 31.70
C GLY F 436 23.54 78.94 32.36
N GLU F 437 24.80 79.34 32.13
CA GLU F 437 25.91 78.71 32.84
C GLU F 437 25.76 78.89 34.34
N LEU F 438 25.38 80.10 34.77
CA LEU F 438 25.12 80.32 36.20
C LEU F 438 24.08 79.34 36.72
N GLY F 439 22.95 79.23 36.01
CA GLY F 439 21.88 78.36 36.48
C GLY F 439 22.29 76.89 36.57
N CYS F 440 22.98 76.39 35.53
CA CYS F 440 23.38 74.98 35.57
C CYS F 440 24.41 74.76 36.66
N PHE F 441 25.30 75.73 36.88
CA PHE F 441 26.27 75.58 37.97
C PHE F 441 25.58 75.53 39.32
N LEU F 442 24.57 76.38 39.53
CA LEU F 442 23.85 76.31 40.80
C LEU F 442 23.13 74.98 40.96
N SER F 443 22.52 74.47 39.88
CA SER F 443 21.87 73.16 39.99
C SER F 443 22.87 72.06 40.31
N HIS F 444 24.04 72.09 39.66
CA HIS F 444 25.08 71.11 39.96
C HIS F 444 25.55 71.24 41.40
N TYR F 445 25.68 72.48 41.88
CA TYR F 445 26.09 72.73 43.27
C TYR F 445 25.07 72.15 44.24
N ASN F 446 23.77 72.34 43.96
CA ASN F 446 22.74 71.79 44.83
C ASN F 446 22.73 70.27 44.80
N ILE F 447 22.96 69.67 43.63
CA ILE F 447 23.05 68.22 43.55
C ILE F 447 24.23 67.71 44.38
N TRP F 448 25.38 68.39 44.27
CA TRP F 448 26.55 68.01 45.05
C TRP F 448 26.26 68.11 46.54
N LYS F 449 25.62 69.21 46.96
CA LYS F 449 25.27 69.37 48.36
C LYS F 449 24.30 68.29 48.83
N GLU F 450 23.34 67.93 47.98
CA GLU F 450 22.38 66.88 48.36
C GLU F 450 23.08 65.54 48.54
N VAL F 451 23.95 65.17 47.60
CA VAL F 451 24.63 63.88 47.72
C VAL F 451 25.59 63.91 48.91
N VAL F 452 26.12 65.08 49.27
CA VAL F 452 26.95 65.17 50.47
C VAL F 452 26.10 65.00 51.72
N ASP F 453 24.93 65.64 51.78
CA ASP F 453 24.10 65.59 52.97
C ASP F 453 23.56 64.18 53.21
N ARG F 454 22.97 63.58 52.19
CA ARG F 454 22.44 62.23 52.36
C ARG F 454 23.52 61.15 52.26
N GLY F 455 24.73 61.53 51.86
CA GLY F 455 25.86 60.60 51.89
C GLY F 455 25.76 59.41 50.99
N LEU F 456 25.34 59.60 49.74
CA LEU F 456 25.21 58.49 48.81
C LEU F 456 26.59 58.09 48.30
N GLN F 457 26.83 56.79 48.20
CA GLN F 457 28.17 56.30 47.89
C GLN F 457 28.57 56.66 46.46
N LYS F 458 27.70 56.39 45.49
CA LYS F 458 27.97 56.71 44.09
C LYS F 458 26.68 57.15 43.42
N SER F 459 26.78 58.18 42.59
CA SER F 459 25.59 58.74 41.97
C SER F 459 25.89 59.16 40.54
N LEU F 460 24.86 59.09 39.69
CA LEU F 460 24.95 59.40 38.28
C LEU F 460 24.11 60.64 37.99
N VAL F 461 24.58 61.47 37.05
CA VAL F 461 23.94 62.73 36.72
C VAL F 461 23.75 62.79 35.21
N PHE F 462 22.76 63.55 34.76
CA PHE F 462 22.40 63.65 33.35
C PHE F 462 22.19 65.11 32.94
N GLU F 463 21.64 65.31 31.75
CA GLU F 463 21.24 66.63 31.27
C GLU F 463 20.02 66.45 30.37
N ASP F 464 19.69 67.48 29.60
CA ASP F 464 18.45 67.51 28.84
C ASP F 464 18.64 67.25 27.34
N ASP F 465 19.78 66.67 26.94
CA ASP F 465 20.01 66.36 25.53
C ASP F 465 20.97 65.17 25.48
N LEU F 466 20.42 63.98 25.24
CA LEU F 466 21.20 62.75 25.36
C LEU F 466 20.95 61.89 24.13
N ARG F 467 21.89 60.98 23.85
CA ARG F 467 21.72 59.97 22.79
C ARG F 467 22.48 58.72 23.24
N PHE F 468 21.73 57.76 23.77
CA PHE F 468 22.34 56.60 24.41
C PHE F 468 22.95 55.66 23.37
N GLU F 469 24.07 55.05 23.74
CA GLU F 469 24.79 54.11 22.89
C GLU F 469 24.30 52.69 23.16
N ILE F 470 24.62 51.77 22.23
CA ILE F 470 24.17 50.39 22.33
C ILE F 470 24.67 49.76 23.63
N PHE F 471 23.78 49.01 24.29
CA PHE F 471 24.08 48.33 25.55
C PHE F 471 24.62 49.31 26.59
N PHE F 472 23.93 50.43 26.79
CA PHE F 472 24.36 51.40 27.79
C PHE F 472 24.33 50.81 29.18
N LYS F 473 23.19 50.25 29.58
CA LYS F 473 23.04 49.73 30.94
C LYS F 473 24.02 48.61 31.24
N ARG F 474 24.06 47.61 30.37
CA ARG F 474 24.88 46.43 30.64
C ARG F 474 26.36 46.80 30.71
N ARG F 475 26.84 47.59 29.75
CA ARG F 475 28.26 47.93 29.73
C ARG F 475 28.64 48.83 30.89
N LEU F 476 27.82 49.85 31.18
CA LEU F 476 28.12 50.73 32.31
C LEU F 476 28.11 49.96 33.62
N MET F 477 27.11 49.10 33.82
CA MET F 477 27.05 48.31 35.05
C MET F 477 28.23 47.37 35.16
N ASN F 478 28.63 46.74 34.07
CA ASN F 478 29.77 45.83 34.11
C ASN F 478 31.05 46.58 34.48
N LEU F 479 31.29 47.73 33.85
CA LEU F 479 32.49 48.48 34.16
C LEU F 479 32.48 48.97 35.61
N MET F 480 31.34 49.46 36.09
CA MET F 480 31.27 49.94 37.47
C MET F 480 31.49 48.79 38.45
N ARG F 481 30.91 47.62 38.16
CA ARG F 481 31.14 46.46 39.00
C ARG F 481 32.62 46.09 39.04
N ASP F 482 33.28 46.07 37.89
CA ASP F 482 34.70 45.74 37.88
C ASP F 482 35.51 46.75 38.69
N VAL F 483 35.24 48.04 38.50
CA VAL F 483 36.01 49.07 39.19
C VAL F 483 35.80 48.97 40.69
N GLU F 484 34.55 48.80 41.13
CA GLU F 484 34.28 48.71 42.57
C GLU F 484 34.87 47.44 43.16
N ARG F 485 34.79 46.32 42.45
CA ARG F 485 35.36 45.08 42.96
C ARG F 485 36.87 45.18 43.11
N GLU F 486 37.55 45.78 42.14
CA GLU F 486 39.00 45.98 42.30
C GLU F 486 39.27 47.02 43.38
N GLY F 487 38.60 48.16 43.33
CA GLY F 487 38.77 49.19 44.33
C GLY F 487 39.88 50.16 43.98
N LEU F 488 39.53 51.42 43.78
CA LEU F 488 40.50 52.46 43.43
C LEU F 488 40.02 53.76 44.05
N ASP F 489 40.88 54.77 43.98
CA ASP F 489 40.52 56.10 44.46
C ASP F 489 39.75 56.85 43.37
N TRP F 490 38.69 56.24 42.87
CA TRP F 490 37.90 56.85 41.80
C TRP F 490 36.97 57.91 42.39
N ASP F 491 36.94 59.08 41.75
CA ASP F 491 36.07 60.16 42.18
C ASP F 491 35.09 60.60 41.10
N LEU F 492 35.57 60.84 39.88
CA LEU F 492 34.82 61.58 38.87
C LEU F 492 34.86 60.84 37.53
N ILE F 493 34.50 59.56 37.56
CA ILE F 493 34.47 58.73 36.35
C ILE F 493 33.64 59.40 35.27
N TYR F 494 34.26 59.70 34.13
CA TYR F 494 33.60 60.32 33.00
C TYR F 494 32.97 59.26 32.11
N VAL F 495 31.83 59.61 31.51
CA VAL F 495 31.21 58.74 30.51
C VAL F 495 30.90 59.47 29.21
N GLY F 496 30.80 60.80 29.20
CA GLY F 496 30.60 61.53 27.96
C GLY F 496 31.33 62.86 27.99
N ARG F 497 32.19 63.12 27.00
CA ARG F 497 33.02 64.30 27.03
C ARG F 497 33.54 64.57 25.62
N LYS F 498 34.27 65.68 25.47
CA LYS F 498 34.84 66.11 24.21
C LYS F 498 36.34 66.29 24.41
N ARG F 499 37.15 65.63 23.58
CA ARG F 499 38.60 65.60 23.77
C ARG F 499 39.28 66.54 22.77
N MET F 500 39.44 67.82 23.13
CA MET F 500 40.06 68.77 22.20
C MET F 500 41.57 68.57 22.16
N GLN F 501 42.12 67.91 23.19
CA GLN F 501 43.57 67.68 23.27
C GLN F 501 43.96 66.47 22.41
N VAL F 502 43.70 66.60 21.11
CA VAL F 502 44.01 65.54 20.17
C VAL F 502 45.53 65.43 20.01
N GLU F 503 46.07 64.32 20.49
CA GLU F 503 47.52 64.08 20.49
C GLU F 503 47.72 62.58 20.71
N HIS F 504 48.95 62.19 21.06
CA HIS F 504 49.25 60.82 21.43
C HIS F 504 48.29 60.36 22.51
N PRO F 505 47.98 59.06 22.58
CA PRO F 505 46.97 58.59 23.55
C PRO F 505 47.39 58.80 25.00
N GLU F 506 46.47 58.54 25.93
CA GLU F 506 46.68 58.70 27.35
C GLU F 506 46.97 57.36 28.00
N LYS F 507 47.60 57.41 29.17
CA LYS F 507 47.89 56.18 29.91
C LYS F 507 46.61 55.47 30.30
N ALA F 508 46.70 54.15 30.46
CA ALA F 508 45.56 53.31 30.81
C ALA F 508 45.78 52.72 32.19
N VAL F 509 44.71 52.66 32.98
CA VAL F 509 44.81 52.08 34.33
C VAL F 509 45.10 50.59 34.22
N PRO F 510 46.11 50.08 34.92
CA PRO F 510 46.38 48.64 34.88
C PRO F 510 45.27 47.85 35.53
N ARG F 511 45.09 46.61 35.07
CA ARG F 511 44.16 45.62 35.63
C ARG F 511 42.71 46.10 35.61
N VAL F 512 42.44 47.23 34.94
CA VAL F 512 41.08 47.73 34.73
C VAL F 512 40.88 47.94 33.25
N ARG F 513 39.71 47.54 32.76
CA ARG F 513 39.41 47.56 31.34
C ARG F 513 38.55 48.76 30.97
N ASN F 514 38.73 49.24 29.75
CA ASN F 514 37.97 50.36 29.17
C ASN F 514 38.08 51.63 29.99
N LEU F 515 39.03 51.72 30.91
CA LEU F 515 39.20 52.88 31.78
C LEU F 515 40.48 53.61 31.40
N VAL F 516 40.36 54.91 31.16
CA VAL F 516 41.49 55.75 30.76
C VAL F 516 41.52 56.99 31.64
N GLU F 517 42.73 57.46 31.93
CA GLU F 517 42.94 58.65 32.73
C GLU F 517 42.40 59.88 32.00
N ALA F 518 42.13 60.93 32.77
CA ALA F 518 41.46 62.10 32.24
C ALA F 518 42.44 63.06 31.57
N ASP F 519 41.88 64.10 30.98
CA ASP F 519 42.62 65.19 30.34
C ASP F 519 41.67 66.38 30.26
N TYR F 520 42.06 67.39 29.49
CA TYR F 520 41.15 68.51 29.23
C TYR F 520 39.94 68.02 28.44
N SER F 521 38.75 68.42 28.89
CA SER F 521 37.51 67.98 28.25
C SER F 521 36.37 68.90 28.65
N TYR F 522 35.63 69.39 27.66
CA TYR F 522 34.40 70.11 27.91
C TYR F 522 33.25 69.09 27.99
N TRP F 523 32.01 69.59 27.94
CA TRP F 523 30.82 68.74 27.80
C TRP F 523 30.68 67.75 28.95
N THR F 524 30.45 68.28 30.15
CA THR F 524 30.13 67.43 31.28
C THR F 524 28.70 66.89 31.15
N LEU F 525 28.46 66.05 30.14
CA LEU F 525 27.12 65.55 29.89
C LEU F 525 26.68 64.61 31.01
N ALA F 526 27.53 63.66 31.36
CA ALA F 526 27.23 62.71 32.43
C ALA F 526 28.53 62.29 33.08
N TYR F 527 28.49 62.12 34.40
CA TYR F 527 29.67 61.71 35.16
C TYR F 527 29.22 61.08 36.46
N VAL F 528 29.90 60.02 36.89
CA VAL F 528 29.56 59.36 38.13
C VAL F 528 30.35 59.99 39.27
N ILE F 529 29.73 60.92 39.98
CA ILE F 529 30.38 61.59 41.11
C ILE F 529 30.37 60.67 42.32
N SER F 530 31.42 60.74 43.12
CA SER F 530 31.56 59.93 44.32
C SER F 530 31.24 60.75 45.57
N LEU F 531 31.09 60.05 46.69
CA LEU F 531 30.95 60.74 47.97
C LEU F 531 32.23 61.49 48.32
N GLN F 532 33.39 60.85 48.12
CA GLN F 532 34.66 61.46 48.48
C GLN F 532 34.97 62.65 47.56
N GLY F 533 34.75 62.49 46.26
CA GLY F 533 34.99 63.60 45.34
C GLY F 533 34.07 64.78 45.60
N ALA F 534 32.79 64.50 45.85
CA ALA F 534 31.86 65.57 46.19
C ALA F 534 32.25 66.25 47.48
N ARG F 535 32.67 65.48 48.49
CA ARG F 535 33.11 66.07 49.74
C ARG F 535 34.31 66.98 49.52
N LYS F 536 35.29 66.53 48.73
CA LYS F 536 36.46 67.35 48.48
C LYS F 536 36.10 68.62 47.72
N LEU F 537 35.26 68.52 46.70
CA LEU F 537 34.91 69.70 45.91
C LEU F 537 34.09 70.68 46.73
N LEU F 538 33.26 70.18 47.65
CA LEU F 538 32.55 71.08 48.56
C LEU F 538 33.52 71.74 49.52
N ALA F 539 34.52 71.00 50.00
CA ALA F 539 35.56 71.60 50.83
C ALA F 539 36.33 72.67 50.08
N ALA F 540 36.46 72.52 48.76
CA ALA F 540 37.09 73.56 47.95
C ALA F 540 36.28 74.85 47.99
N GLU F 541 34.96 74.75 48.08
CA GLU F 541 34.05 75.89 48.23
C GLU F 541 34.27 76.91 47.13
N PRO F 542 33.88 76.63 45.88
CA PRO F 542 34.02 77.58 44.78
C PRO F 542 32.88 78.59 44.68
N LEU F 543 32.53 79.18 45.83
CA LEU F 543 31.40 80.12 45.87
C LEU F 543 31.77 81.48 45.32
N SER F 544 32.96 81.99 45.62
CA SER F 544 33.41 83.28 45.14
C SER F 544 34.14 83.18 43.81
N LYS F 545 34.32 81.98 43.29
CA LYS F 545 35.00 81.74 42.02
C LYS F 545 34.01 81.08 41.07
N MET F 546 33.71 81.75 39.97
CA MET F 546 32.66 81.31 39.05
C MET F 546 33.24 81.08 37.66
N LEU F 547 32.91 79.93 37.08
CA LEU F 547 33.37 79.56 35.75
C LEU F 547 32.58 78.34 35.30
N PRO F 548 32.46 78.11 33.98
CA PRO F 548 31.66 76.97 33.52
C PRO F 548 32.20 75.64 34.01
N VAL F 549 31.28 74.70 34.25
CA VAL F 549 31.64 73.42 34.87
C VAL F 549 32.60 72.66 33.98
N ASP F 550 32.41 72.73 32.66
CA ASP F 550 33.32 72.07 31.74
C ASP F 550 34.72 72.67 31.83
N GLU F 551 34.84 73.90 32.32
CA GLU F 551 36.12 74.50 32.64
C GLU F 551 36.50 74.30 34.11
N PHE F 552 35.51 74.27 34.99
CA PHE F 552 35.75 74.09 36.42
C PHE F 552 36.45 72.76 36.67
N LEU F 553 35.88 71.68 36.12
CA LEU F 553 36.34 70.34 36.48
C LEU F 553 37.81 70.08 36.17
N PRO F 554 38.35 70.41 34.99
CA PRO F 554 39.77 70.10 34.73
C PRO F 554 40.75 70.77 35.69
N VAL F 555 40.40 71.94 36.24
CA VAL F 555 41.30 72.63 37.15
C VAL F 555 41.61 71.76 38.37
N MET F 556 40.60 71.08 38.89
CA MET F 556 40.73 70.35 40.15
C MET F 556 41.40 69.00 40.01
N PHE F 557 41.78 68.58 38.80
CA PHE F 557 42.67 67.43 38.64
C PHE F 557 43.85 67.78 37.74
N ASP F 558 44.27 69.05 37.77
CA ASP F 558 45.56 69.49 37.25
C ASP F 558 45.71 69.20 35.76
N LYS F 559 44.81 69.76 34.94
CA LYS F 559 45.00 69.68 33.51
C LYS F 559 44.56 70.94 32.75
N HIS F 560 44.14 71.98 33.45
CA HIS F 560 43.79 73.22 32.77
C HIS F 560 45.06 73.87 32.23
N PRO F 561 45.15 74.08 30.91
CA PRO F 561 46.41 74.58 30.32
C PRO F 561 46.90 75.91 30.89
N VAL F 562 46.01 76.87 31.10
CA VAL F 562 46.43 78.16 31.64
C VAL F 562 46.71 78.00 33.12
N SER F 563 47.93 78.36 33.54
CA SER F 563 48.36 78.12 34.91
C SER F 563 47.93 79.21 35.87
N GLU F 564 47.42 80.34 35.38
CA GLU F 564 46.97 81.39 36.29
C GLU F 564 45.69 80.98 37.02
N TYR F 565 44.76 80.34 36.31
CA TYR F 565 43.57 79.81 36.97
C TYR F 565 43.93 78.73 37.98
N LYS F 566 44.90 77.87 37.63
CA LYS F 566 45.38 76.89 38.60
C LYS F 566 45.98 77.57 39.82
N ALA F 567 46.71 78.65 39.61
CA ALA F 567 47.27 79.41 40.73
C ALA F 567 46.17 79.97 41.61
N HIS F 568 45.07 80.42 41.00
CA HIS F 568 43.95 80.92 41.80
C HIS F 568 43.35 79.85 42.71
N PHE F 569 43.52 78.58 42.40
CA PHE F 569 43.04 77.49 43.24
C PHE F 569 44.19 76.86 44.00
N SER F 570 43.84 76.00 44.97
CA SER F 570 44.81 75.47 45.91
C SER F 570 44.96 73.95 45.83
N LEU F 571 43.86 73.20 45.94
CA LEU F 571 43.92 71.75 46.07
C LEU F 571 43.43 71.07 44.80
N ARG F 572 44.19 70.08 44.34
CA ARG F 572 43.90 69.31 43.13
C ARG F 572 44.07 67.82 43.40
N ASN F 573 43.50 67.34 44.50
CA ASN F 573 43.65 65.95 44.93
C ASN F 573 42.82 64.97 44.10
N LEU F 574 42.01 65.47 43.16
CA LEU F 574 41.08 64.63 42.42
C LEU F 574 41.82 63.69 41.47
N HIS F 575 41.25 62.51 41.26
CA HIS F 575 41.76 61.51 40.32
C HIS F 575 40.66 61.24 39.31
N ALA F 576 40.60 62.05 38.25
CA ALA F 576 39.57 61.85 37.24
C ALA F 576 40.00 60.80 36.22
N PHE F 577 39.01 60.26 35.52
CA PHE F 577 39.22 59.21 34.53
C PHE F 577 38.20 59.39 33.41
N SER F 578 38.08 58.37 32.57
CA SER F 578 37.06 58.34 31.52
C SER F 578 37.00 56.93 30.95
N VAL F 579 35.89 56.64 30.27
CA VAL F 579 35.67 55.38 29.56
C VAL F 579 35.92 55.63 28.08
N GLU F 580 36.97 55.00 27.54
CA GLU F 580 37.40 55.33 26.17
C GLU F 580 36.34 54.94 25.14
N PRO F 581 35.65 53.78 25.24
CA PRO F 581 34.50 53.55 24.36
C PRO F 581 33.34 54.44 24.76
N LEU F 582 33.35 55.70 24.32
CA LEU F 582 32.39 56.67 24.82
C LEU F 582 30.96 56.14 24.73
N LEU F 583 30.16 56.44 25.76
CA LEU F 583 28.84 55.82 25.91
C LEU F 583 27.69 56.79 25.71
N ILE F 584 27.95 58.10 25.81
CA ILE F 584 26.92 59.12 25.66
C ILE F 584 27.41 60.17 24.69
N TYR F 585 26.55 60.57 23.76
CA TYR F 585 26.86 61.61 22.78
C TYR F 585 25.79 62.68 22.83
N PRO F 586 26.14 63.93 22.52
CA PRO F 586 25.11 64.97 22.42
C PRO F 586 24.16 64.68 21.27
N THR F 587 22.89 65.03 21.49
CA THR F 587 21.88 64.79 20.47
C THR F 587 22.06 65.72 19.26
N HIS F 588 22.23 67.01 19.52
CA HIS F 588 22.37 68.01 18.46
C HIS F 588 23.70 68.74 18.64
N TYR F 589 24.31 69.11 17.52
CA TYR F 589 25.59 69.80 17.51
C TYR F 589 25.40 71.27 17.15
N THR F 590 26.49 72.03 17.32
CA THR F 590 26.46 73.45 16.97
C THR F 590 26.39 73.62 15.46
N GLY F 591 25.63 74.64 15.03
CA GLY F 591 25.38 74.85 13.63
C GLY F 591 24.61 73.72 12.97
N ASP F 592 23.67 73.11 13.69
CA ASP F 592 22.85 72.02 13.18
C ASP F 592 21.37 72.34 13.41
N ASP F 593 20.50 71.51 12.85
CA ASP F 593 19.06 71.74 12.92
C ASP F 593 18.54 71.39 14.31
N GLY F 594 17.58 72.20 14.78
CA GLY F 594 16.97 71.95 16.06
C GLY F 594 17.82 72.33 17.26
N TYR F 595 18.84 73.16 17.07
CA TYR F 595 19.70 73.58 18.16
C TYR F 595 19.16 74.88 18.76
N VAL F 596 18.76 74.82 20.03
CA VAL F 596 18.51 76.01 20.84
C VAL F 596 19.26 75.80 22.15
N SER F 597 20.14 76.73 22.49
CA SER F 597 20.96 76.58 23.69
C SER F 597 20.40 77.44 24.82
N ASP F 598 20.00 76.78 25.91
CA ASP F 598 19.50 77.53 27.06
C ASP F 598 20.57 78.44 27.64
N THR F 599 21.79 77.93 27.79
CA THR F 599 22.94 78.74 28.14
C THR F 599 23.56 79.30 26.87
N GLU F 600 24.78 79.85 26.98
CA GLU F 600 25.50 80.40 25.84
C GLU F 600 24.77 81.62 25.27
N THR F 601 23.60 81.38 24.68
CA THR F 601 22.76 82.47 24.18
C THR F 601 21.98 83.04 25.36
N SER F 602 22.62 83.94 26.10
CA SER F 602 22.02 84.53 27.29
C SER F 602 22.73 85.85 27.58
N VAL F 603 22.20 86.60 28.55
CA VAL F 603 22.76 87.88 28.94
C VAL F 603 23.92 87.62 29.89
N VAL F 604 24.75 88.66 30.08
CA VAL F 604 25.90 88.55 30.97
C VAL F 604 25.41 88.38 32.41
N TRP F 605 26.30 87.84 33.27
CA TRP F 605 25.97 87.66 34.68
C TRP F 605 25.60 88.98 35.35
N ASN F 606 26.07 90.10 34.83
CA ASN F 606 25.64 91.43 35.25
C ASN F 606 24.95 92.13 34.09
N ASN F 607 24.36 93.30 34.39
CA ASN F 607 23.61 94.14 33.47
C ASN F 607 22.48 93.37 32.78
N GLU F 608 21.75 94.04 31.87
CA GLU F 608 20.58 93.43 31.27
C GLU F 608 20.42 93.76 29.79
N HIS F 609 21.45 94.31 29.13
CA HIS F 609 21.28 94.78 27.77
C HIS F 609 22.38 94.27 26.84
N VAL F 610 23.00 93.14 27.18
CA VAL F 610 24.03 92.51 26.34
C VAL F 610 23.61 91.06 26.15
N LYS F 611 22.85 90.79 25.09
CA LYS F 611 22.36 89.45 24.79
C LYS F 611 23.28 88.85 23.72
N THR F 612 24.19 87.98 24.15
CA THR F 612 25.07 87.29 23.21
C THR F 612 24.26 86.29 22.39
N ASP F 613 24.10 86.56 21.10
CA ASP F 613 23.28 85.72 20.25
C ASP F 613 23.96 84.38 19.99
N TRP F 614 23.20 83.44 19.43
CA TRP F 614 23.73 82.13 19.10
C TRP F 614 24.85 82.24 18.08
N ASP F 615 26.01 81.69 18.42
CA ASP F 615 27.19 81.79 17.57
C ASP F 615 27.01 80.93 16.33
N ARG F 616 26.92 81.57 15.17
CA ARG F 616 26.85 80.84 13.91
C ARG F 616 28.24 80.50 13.40
N ALA F 617 29.08 81.52 13.22
CA ALA F 617 30.45 81.30 12.75
C ALA F 617 31.40 81.02 13.90
N LYS F 618 31.34 81.81 14.96
CA LYS F 618 32.26 81.67 16.10
C LYS F 618 31.66 80.73 17.16
N SER F 619 31.25 79.55 16.71
CA SER F 619 30.66 78.57 17.62
C SER F 619 31.76 77.73 18.29
N GLN F 620 32.67 77.18 17.49
CA GLN F 620 33.87 76.49 17.92
C GLN F 620 33.58 75.19 18.67
N LYS F 621 32.37 74.65 18.57
CA LYS F 621 32.02 73.40 19.25
C LYS F 621 31.26 72.48 18.28
N MET F 622 31.81 72.29 17.09
CA MET F 622 31.16 71.44 16.09
C MET F 622 31.01 70.01 16.57
N ARG F 623 32.12 69.28 16.65
CA ARG F 623 32.12 67.87 17.05
C ARG F 623 33.53 67.37 17.26
N GLU F 624 33.76 66.63 18.34
CA GLU F 624 35.04 65.97 18.57
C GLU F 624 35.01 64.53 18.09
N GLN F 625 34.59 64.32 16.85
CA GLN F 625 34.69 63.02 16.20
C GLN F 625 35.39 63.07 14.86
N GLN F 626 35.11 64.09 14.04
CA GLN F 626 35.90 64.31 12.83
C GLN F 626 37.23 64.95 13.14
N ALA F 627 37.28 65.82 14.16
CA ALA F 627 38.54 66.42 14.59
C ALA F 627 39.49 65.40 15.20
N LEU F 628 38.99 64.23 15.59
CA LEU F 628 39.83 63.17 16.12
C LEU F 628 40.27 62.16 15.06
N SER F 629 39.84 62.34 13.81
CA SER F 629 40.14 61.37 12.77
C SER F 629 41.60 61.44 12.36
N ARG F 630 42.48 61.12 13.30
CA ARG F 630 43.91 61.10 13.08
C ARG F 630 44.50 60.06 14.03
N GLU F 631 45.82 60.11 14.23
CA GLU F 631 46.51 59.13 15.07
C GLU F 631 46.23 59.37 16.55
N ALA F 632 44.95 59.24 16.91
CA ALA F 632 44.55 59.24 18.31
C ALA F 632 44.86 57.92 18.99
N LYS F 633 44.84 56.83 18.21
CA LYS F 633 45.20 55.50 18.69
C LYS F 633 44.30 55.03 19.82
N ASN F 634 44.82 55.08 21.06
CA ASN F 634 44.09 54.61 22.24
C ASN F 634 43.72 53.14 22.11
N SER F 635 44.57 52.36 21.45
CA SER F 635 44.31 50.94 21.24
C SER F 635 44.95 50.06 22.30
N ASP F 636 45.73 50.63 23.22
CA ASP F 636 46.34 49.85 24.28
C ASP F 636 45.35 49.40 25.34
N VAL F 637 44.15 49.98 25.36
CA VAL F 637 43.16 49.62 26.38
C VAL F 637 42.68 48.19 26.15
N LEU F 638 42.40 47.51 27.26
CA LEU F 638 41.82 46.18 27.23
C LEU F 638 40.31 46.32 27.15
N GLN F 639 39.71 45.79 26.09
CA GLN F 639 38.28 46.00 25.84
C GLN F 639 37.46 44.87 26.44
N SER F 640 36.24 45.22 26.86
CA SER F 640 35.28 44.23 27.29
C SER F 640 34.82 43.41 26.09
N PRO F 641 34.39 42.16 26.32
CA PRO F 641 33.97 41.32 25.19
C PRO F 641 32.82 41.92 24.38
N LEU F 642 32.02 42.78 24.99
CA LEU F 642 30.91 43.42 24.30
C LEU F 642 31.44 44.59 23.46
N ASP F 643 30.53 45.44 22.96
CA ASP F 643 30.86 46.51 22.03
C ASP F 643 31.50 45.93 20.76
N SER F 644 30.90 44.86 20.26
CA SER F 644 31.37 44.20 19.05
C SER F 644 30.19 43.61 18.29
N ALA F 645 30.12 43.90 17.00
CA ALA F 645 28.98 43.54 16.19
C ALA F 645 29.43 43.51 14.73
N ALA F 646 28.46 43.56 13.81
CA ALA F 646 28.65 43.78 12.38
C ALA F 646 28.96 42.50 11.62
N ARG F 647 28.67 42.52 10.33
CA ARG F 647 28.69 41.35 9.46
C ARG F 647 29.06 41.86 8.07
N ASP F 648 28.69 41.11 7.03
CA ASP F 648 29.09 41.46 5.68
C ASP F 648 28.44 42.77 5.26
N GLU F 649 29.20 43.87 5.39
CA GLU F 649 28.81 45.24 5.07
C GLU F 649 29.77 46.23 5.71
N LEU F 650 30.30 45.89 6.89
CA LEU F 650 31.30 46.71 7.55
C LEU F 650 32.32 45.83 8.26
N ALA G 64 6.99 -59.94 20.32
CA ALA G 64 8.35 -60.39 20.06
C ALA G 64 8.57 -61.81 20.59
N TYR G 65 7.73 -62.74 20.15
CA TYR G 65 7.80 -64.13 20.59
C TYR G 65 7.88 -65.05 19.38
N PHE G 66 8.69 -66.10 19.50
CA PHE G 66 8.96 -67.05 18.44
C PHE G 66 9.55 -66.36 17.21
N PRO G 67 10.80 -65.88 17.29
CA PRO G 67 11.42 -65.25 16.12
C PRO G 67 11.67 -66.25 15.01
N GLU G 68 11.66 -65.75 13.78
CA GLU G 68 11.74 -66.60 12.61
C GLU G 68 13.19 -66.80 12.16
N GLU G 69 13.37 -67.75 11.25
CA GLU G 69 14.65 -68.10 10.65
C GLU G 69 14.54 -68.10 9.14
N ARG G 70 14.01 -67.01 8.59
CA ARG G 70 13.64 -66.91 7.17
C ARG G 70 14.73 -67.46 6.27
N TRP G 71 14.40 -68.53 5.55
CA TRP G 71 15.37 -69.33 4.84
C TRP G 71 15.32 -69.02 3.35
N SER G 72 16.49 -68.74 2.77
CA SER G 72 16.64 -68.52 1.35
C SER G 72 17.69 -69.47 0.81
N PRO G 73 17.46 -70.07 -0.36
CA PRO G 73 18.47 -70.98 -0.93
C PRO G 73 19.65 -70.21 -1.50
N GLU G 74 20.69 -70.95 -1.84
CA GLU G 74 21.90 -70.36 -2.40
C GLU G 74 21.63 -69.88 -3.83
N SER G 75 22.14 -68.70 -4.15
CA SER G 75 21.96 -68.15 -5.48
C SER G 75 22.81 -68.89 -6.49
N PRO G 76 22.45 -68.83 -7.77
CA PRO G 76 23.29 -69.44 -8.81
C PRO G 76 24.60 -68.70 -8.96
N LEU G 77 25.61 -69.44 -9.41
CA LEU G 77 26.94 -68.87 -9.59
C LEU G 77 26.94 -67.84 -10.71
N GLN G 78 27.74 -66.79 -10.54
CA GLN G 78 27.80 -65.71 -11.51
C GLN G 78 28.56 -66.15 -12.76
N ALA G 79 28.34 -65.41 -13.85
CA ALA G 79 28.94 -65.73 -15.13
C ALA G 79 30.44 -65.43 -15.12
N PRO G 80 31.22 -66.19 -15.89
CA PRO G 80 32.67 -65.97 -15.90
C PRO G 80 33.04 -64.69 -16.63
N ARG G 81 34.28 -64.24 -16.38
CA ARG G 81 34.80 -63.03 -17.00
C ARG G 81 35.24 -63.32 -18.43
N VAL G 82 35.53 -62.24 -19.17
CA VAL G 82 36.00 -62.35 -20.54
C VAL G 82 36.71 -61.05 -20.90
N LEU G 83 37.85 -61.17 -21.58
CA LEU G 83 38.62 -60.03 -22.06
C LEU G 83 38.77 -60.12 -23.57
N ILE G 84 38.50 -59.03 -24.26
CA ILE G 84 38.54 -58.98 -25.72
C ILE G 84 39.61 -57.99 -26.15
N ALA G 85 40.53 -58.45 -27.00
CA ALA G 85 41.56 -57.63 -27.58
C ALA G 85 41.41 -57.62 -29.10
N LEU G 86 41.37 -56.41 -29.67
CA LEU G 86 41.14 -56.24 -31.10
C LEU G 86 42.41 -55.71 -31.77
N LEU G 87 42.68 -56.22 -32.97
CA LEU G 87 43.84 -55.82 -33.76
C LEU G 87 43.34 -55.32 -35.11
N ALA G 88 43.55 -54.02 -35.37
CA ALA G 88 43.12 -53.40 -36.61
C ALA G 88 44.32 -52.87 -37.36
N ARG G 89 44.48 -53.30 -38.62
CA ARG G 89 45.56 -52.83 -39.50
C ARG G 89 44.95 -52.61 -40.88
N ASN G 90 44.47 -51.39 -41.12
CA ASN G 90 43.81 -51.03 -42.37
C ASN G 90 42.62 -51.95 -42.64
N ALA G 91 41.65 -51.92 -41.73
CA ALA G 91 40.48 -52.78 -41.81
C ALA G 91 39.20 -51.97 -41.71
N ALA G 92 39.20 -50.75 -42.24
CA ALA G 92 37.98 -49.95 -42.27
C ALA G 92 36.94 -50.51 -43.24
N HIS G 93 37.35 -51.43 -44.12
CA HIS G 93 36.42 -52.01 -45.07
C HIS G 93 35.41 -52.97 -44.44
N ALA G 94 35.69 -53.46 -43.23
CA ALA G 94 34.77 -54.38 -42.57
C ALA G 94 34.61 -54.10 -41.08
N LEU G 95 35.06 -52.94 -40.61
CA LEU G 95 34.98 -52.64 -39.18
C LEU G 95 33.55 -52.60 -38.66
N PRO G 96 32.62 -51.85 -39.27
CA PRO G 96 31.25 -51.85 -38.75
C PRO G 96 30.56 -53.20 -38.84
N THR G 97 30.81 -53.94 -39.92
CA THR G 97 30.16 -55.25 -40.09
C THR G 97 30.59 -56.22 -39.00
N THR G 98 31.87 -56.23 -38.66
CA THR G 98 32.35 -57.11 -37.60
C THR G 98 31.90 -56.60 -36.23
N LEU G 99 31.92 -55.27 -36.03
CA LEU G 99 31.56 -54.71 -34.74
C LEU G 99 30.09 -54.96 -34.40
N GLY G 100 29.21 -54.88 -35.41
CA GLY G 100 27.80 -55.16 -35.16
C GLY G 100 27.56 -56.56 -34.66
N ALA G 101 28.21 -57.55 -35.28
CA ALA G 101 28.10 -58.93 -34.81
C ALA G 101 28.75 -59.12 -33.45
N LEU G 102 29.89 -58.47 -33.22
CA LEU G 102 30.59 -58.60 -31.94
C LEU G 102 29.80 -58.03 -30.78
N GLU G 103 29.09 -56.92 -31.00
CA GLU G 103 28.34 -56.26 -29.93
C GLU G 103 27.11 -57.04 -29.50
N ARG G 104 26.75 -58.10 -30.21
CA ARG G 104 25.57 -58.91 -29.88
C ARG G 104 25.93 -60.21 -29.18
N LEU G 105 27.15 -60.33 -28.66
CA LEU G 105 27.56 -61.57 -28.00
C LEU G 105 26.71 -61.81 -26.75
N ARG G 106 26.39 -63.08 -26.51
CA ARG G 106 25.50 -63.46 -25.42
C ARG G 106 26.31 -63.71 -24.14
N HIS G 107 26.89 -62.63 -23.63
CA HIS G 107 27.60 -62.62 -22.37
C HIS G 107 27.23 -61.35 -21.62
N PRO G 108 27.35 -61.36 -20.29
CA PRO G 108 27.00 -60.16 -19.52
C PRO G 108 27.86 -58.97 -19.92
N ARG G 109 27.22 -57.80 -20.00
CA ARG G 109 27.93 -56.59 -20.39
C ARG G 109 28.89 -56.12 -19.31
N GLU G 110 28.67 -56.50 -18.06
CA GLU G 110 29.56 -56.16 -16.96
C GLU G 110 30.61 -57.23 -16.70
N ARG G 111 30.63 -58.30 -17.51
CA ARG G 111 31.62 -59.36 -17.40
C ARG G 111 32.40 -59.47 -18.71
N THR G 112 32.72 -58.33 -19.30
CA THR G 112 33.47 -58.30 -20.54
C THR G 112 34.47 -57.15 -20.49
N ALA G 113 35.62 -57.36 -21.13
CA ALA G 113 36.68 -56.37 -21.15
C ALA G 113 37.12 -56.10 -22.58
N LEU G 114 37.55 -54.87 -22.84
CA LEU G 114 37.97 -54.44 -24.16
C LEU G 114 39.45 -54.05 -24.13
N TRP G 115 40.21 -54.56 -25.10
CA TRP G 115 41.63 -54.26 -25.23
C TRP G 115 41.96 -53.93 -26.68
N VAL G 116 41.15 -53.06 -27.29
CA VAL G 116 41.30 -52.77 -28.71
C VAL G 116 42.53 -51.90 -28.96
N ALA G 117 43.31 -52.30 -29.96
CA ALA G 117 44.49 -51.55 -30.38
C ALA G 117 44.57 -51.58 -31.90
N THR G 118 44.95 -50.45 -32.49
CA THR G 118 45.05 -50.33 -33.94
C THR G 118 46.38 -49.70 -34.32
N ASP G 119 47.00 -50.23 -35.36
CA ASP G 119 48.28 -49.72 -35.85
C ASP G 119 48.43 -50.12 -37.31
N HIS G 120 49.32 -49.41 -38.01
CA HIS G 120 49.60 -49.67 -39.42
C HIS G 120 48.33 -49.63 -40.26
N ASN G 121 47.47 -48.65 -39.98
CA ASN G 121 46.20 -48.48 -40.70
C ASN G 121 46.35 -47.34 -41.69
N MET G 122 46.21 -47.64 -42.97
CA MET G 122 46.29 -46.61 -43.99
C MET G 122 45.02 -45.76 -44.04
N ASP G 123 43.87 -46.40 -43.86
CA ASP G 123 42.59 -45.71 -43.92
C ASP G 123 42.32 -45.02 -42.57
N ASN G 124 41.08 -44.59 -42.37
CA ASN G 124 40.66 -43.90 -41.15
C ASN G 124 40.00 -44.85 -40.17
N THR G 125 40.42 -46.11 -40.15
CA THR G 125 39.83 -47.09 -39.24
C THR G 125 40.07 -46.72 -37.78
N SER G 126 41.13 -45.96 -37.50
CA SER G 126 41.38 -45.53 -36.13
C SER G 126 40.26 -44.63 -35.61
N THR G 127 39.79 -43.70 -36.45
CA THR G 127 38.71 -42.81 -36.03
C THR G 127 37.42 -43.58 -35.77
N VAL G 128 37.10 -44.53 -36.64
CA VAL G 128 35.89 -45.33 -36.47
C VAL G 128 35.98 -46.18 -35.20
N LEU G 129 37.15 -46.79 -34.97
CA LEU G 129 37.33 -47.59 -33.77
C LEU G 129 37.21 -46.73 -32.51
N ARG G 130 37.80 -45.53 -32.53
CA ARG G 130 37.71 -44.65 -31.38
C ARG G 130 36.26 -44.21 -31.13
N GLU G 131 35.53 -43.90 -32.21
CA GLU G 131 34.13 -43.51 -32.06
C GLU G 131 33.30 -44.65 -31.47
N TRP G 132 33.50 -45.87 -31.97
CA TRP G 132 32.75 -47.00 -31.45
C TRP G 132 33.10 -47.27 -29.99
N LEU G 133 34.39 -47.19 -29.64
CA LEU G 133 34.81 -47.41 -28.26
C LEU G 133 34.23 -46.35 -27.33
N VAL G 134 34.22 -45.09 -27.76
CA VAL G 134 33.62 -44.03 -26.95
C VAL G 134 32.13 -44.28 -26.77
N ALA G 135 31.45 -44.68 -27.85
CA ALA G 135 30.03 -44.96 -27.77
C ALA G 135 29.71 -46.18 -26.91
N VAL G 136 30.65 -47.09 -26.73
CA VAL G 136 30.40 -48.31 -25.98
C VAL G 136 31.39 -48.43 -24.82
N LYS G 137 31.88 -47.29 -24.32
CA LYS G 137 32.83 -47.33 -23.22
C LYS G 137 32.14 -47.72 -21.91
N SER G 138 30.99 -47.12 -21.62
CA SER G 138 30.30 -47.38 -20.37
C SER G 138 29.73 -48.79 -20.32
N LEU G 139 29.43 -49.38 -21.47
CA LEU G 139 28.82 -50.70 -21.49
C LEU G 139 29.78 -51.78 -20.97
N TYR G 140 31.05 -51.68 -21.34
CA TYR G 140 32.01 -52.71 -20.97
C TYR G 140 32.62 -52.41 -19.60
N HIS G 141 33.20 -53.45 -18.98
CA HIS G 141 33.81 -53.29 -17.67
C HIS G 141 35.13 -52.53 -17.76
N SER G 142 35.92 -52.79 -18.79
CA SER G 142 37.21 -52.14 -18.95
C SER G 142 37.58 -52.10 -20.43
N VAL G 143 37.93 -50.90 -20.90
CA VAL G 143 38.31 -50.69 -22.29
C VAL G 143 39.74 -50.18 -22.32
N GLU G 144 40.59 -50.87 -23.08
CA GLU G 144 41.99 -50.49 -23.25
C GLU G 144 42.22 -50.05 -24.68
N TRP G 145 42.76 -48.84 -24.86
CA TRP G 145 43.01 -48.26 -26.17
C TRP G 145 44.48 -47.94 -26.33
N ARG G 146 45.07 -48.41 -27.42
CA ARG G 146 46.47 -48.17 -27.73
C ARG G 146 46.60 -47.56 -29.11
N PRO G 147 46.69 -46.23 -29.22
CA PRO G 147 46.82 -45.61 -30.55
C PRO G 147 48.26 -45.60 -31.06
N ALA G 148 48.49 -46.24 -32.20
CA ALA G 148 49.82 -46.35 -32.80
C ALA G 148 49.74 -46.05 -34.30
N GLU G 149 49.07 -44.95 -34.65
CA GLU G 149 48.88 -44.62 -36.05
C GLU G 149 50.21 -44.41 -36.77
N GLU G 150 51.15 -43.71 -36.14
CA GLU G 150 52.46 -43.50 -36.74
C GLU G 150 53.42 -44.59 -36.27
N PRO G 151 54.17 -45.24 -37.18
CA PRO G 151 54.21 -45.03 -38.64
C PRO G 151 53.01 -45.65 -39.36
N ARG G 152 52.65 -45.12 -40.53
CA ARG G 152 51.49 -45.59 -41.27
C ARG G 152 51.77 -46.83 -42.10
N SER G 153 53.04 -47.26 -42.20
CA SER G 153 53.37 -48.45 -42.96
C SER G 153 54.72 -48.98 -42.48
N TYR G 154 54.98 -50.24 -42.80
CA TYR G 154 56.25 -50.85 -42.46
C TYR G 154 57.35 -50.33 -43.38
N PRO G 155 58.58 -50.20 -42.86
CA PRO G 155 59.67 -49.70 -43.70
C PRO G 155 60.05 -50.65 -44.82
N ASP G 156 60.32 -51.90 -44.48
CA ASP G 156 60.68 -52.92 -45.46
C ASP G 156 59.47 -53.76 -45.82
N GLU G 157 58.48 -53.11 -46.44
CA GLU G 157 57.23 -53.76 -46.81
C GLU G 157 57.11 -53.76 -48.33
N GLU G 158 56.80 -54.92 -48.90
CA GLU G 158 56.54 -55.02 -50.33
C GLU G 158 55.15 -54.55 -50.70
N GLY G 159 54.25 -54.42 -49.73
CA GLY G 159 52.90 -53.97 -49.98
C GLY G 159 52.04 -54.04 -48.72
N PRO G 160 50.77 -53.69 -48.85
CA PRO G 160 49.87 -53.80 -47.70
C PRO G 160 49.74 -55.21 -47.15
N LYS G 161 49.84 -56.22 -48.01
CA LYS G 161 49.75 -57.61 -47.60
C LYS G 161 51.10 -58.29 -47.47
N HIS G 162 52.19 -57.52 -47.51
CA HIS G 162 53.52 -58.11 -47.40
C HIS G 162 53.75 -58.67 -46.00
N TRP G 163 54.25 -59.90 -45.93
CA TRP G 163 54.49 -60.58 -44.66
C TRP G 163 55.95 -60.38 -44.27
N SER G 164 56.27 -59.16 -43.88
CA SER G 164 57.62 -58.84 -43.45
C SER G 164 57.90 -59.45 -42.07
N ASP G 165 59.18 -59.68 -41.81
CA ASP G 165 59.57 -60.22 -40.50
C ASP G 165 59.26 -59.24 -39.38
N SER G 166 59.44 -57.95 -39.64
CA SER G 166 59.09 -56.93 -38.64
C SER G 166 57.61 -56.95 -38.33
N ARG G 167 56.77 -57.14 -39.35
CA ARG G 167 55.33 -57.24 -39.13
C ARG G 167 54.99 -58.45 -38.27
N TYR G 168 55.63 -59.58 -38.53
CA TYR G 168 55.41 -60.77 -37.71
C TYR G 168 55.83 -60.54 -36.27
N GLU G 169 56.98 -59.88 -36.08
CA GLU G 169 57.44 -59.58 -34.72
C GLU G 169 56.46 -58.65 -34.00
N HIS G 170 55.96 -57.64 -34.70
CA HIS G 170 55.00 -56.71 -34.09
C HIS G 170 53.71 -57.42 -33.72
N VAL G 171 53.21 -58.29 -34.61
CA VAL G 171 51.98 -59.02 -34.33
C VAL G 171 52.17 -59.96 -33.14
N MET G 172 53.30 -60.66 -33.08
CA MET G 172 53.58 -61.54 -31.95
C MET G 172 53.70 -60.74 -30.67
N LYS G 173 54.33 -59.56 -30.72
CA LYS G 173 54.43 -58.73 -29.53
C LYS G 173 53.06 -58.26 -29.05
N LEU G 174 52.19 -57.87 -29.99
CA LEU G 174 50.85 -57.45 -29.61
C LEU G 174 50.06 -58.60 -28.99
N ARG G 175 50.17 -59.80 -29.56
CA ARG G 175 49.49 -60.97 -28.99
C ARG G 175 50.02 -61.28 -27.60
N GLN G 176 51.34 -61.21 -27.41
CA GLN G 176 51.92 -61.44 -26.10
C GLN G 176 51.47 -60.39 -25.09
N ALA G 177 51.38 -59.12 -25.51
CA ALA G 177 50.89 -58.08 -24.62
C ALA G 177 49.44 -58.34 -24.20
N ALA G 178 48.60 -58.75 -25.15
CA ALA G 178 47.22 -59.07 -24.82
C ALA G 178 47.15 -60.24 -23.85
N LEU G 179 47.95 -61.29 -24.09
CA LEU G 179 47.95 -62.44 -23.20
C LEU G 179 48.45 -62.06 -21.80
N LYS G 180 49.48 -61.22 -21.72
CA LYS G 180 49.98 -60.79 -20.42
C LYS G 180 48.96 -59.94 -19.68
N SER G 181 48.25 -59.06 -20.39
CA SER G 181 47.20 -58.27 -19.78
C SER G 181 46.02 -59.12 -19.34
N ALA G 182 45.76 -60.23 -20.02
CA ALA G 182 44.66 -61.11 -19.66
C ALA G 182 44.90 -61.84 -18.35
N ARG G 183 46.14 -61.95 -17.89
CA ARG G 183 46.46 -62.60 -16.63
C ARG G 183 46.72 -61.63 -15.49
N ASP G 184 46.78 -60.34 -15.77
CA ASP G 184 46.91 -59.32 -14.72
C ASP G 184 45.56 -58.86 -14.20
N MET G 185 44.46 -59.26 -14.84
CA MET G 185 43.12 -58.95 -14.38
C MET G 185 42.46 -60.11 -13.66
N TRP G 186 43.20 -61.20 -13.41
CA TRP G 186 42.69 -62.38 -12.72
C TRP G 186 41.43 -62.92 -13.41
N ALA G 187 41.40 -62.82 -14.74
CA ALA G 187 40.25 -63.22 -15.52
C ALA G 187 40.38 -64.66 -15.98
N ASP G 188 39.27 -65.21 -16.46
CA ASP G 188 39.21 -66.55 -17.01
C ASP G 188 38.73 -66.48 -18.45
N TYR G 189 39.42 -67.19 -19.34
CA TYR G 189 39.13 -67.24 -20.77
C TYR G 189 39.48 -65.93 -21.46
N ILE G 190 40.08 -66.02 -22.65
CA ILE G 190 40.47 -64.85 -23.43
C ILE G 190 40.10 -65.10 -24.89
N LEU G 191 39.43 -64.13 -25.50
CA LEU G 191 38.99 -64.23 -26.89
C LEU G 191 39.75 -63.20 -27.71
N PHE G 192 40.58 -63.67 -28.64
CA PHE G 192 41.30 -62.81 -29.56
C PHE G 192 40.70 -62.99 -30.95
N VAL G 193 40.03 -61.95 -31.44
CA VAL G 193 39.27 -62.01 -32.68
C VAL G 193 39.91 -61.06 -33.70
N ASP G 194 40.15 -61.56 -34.90
CA ASP G 194 40.70 -60.74 -35.97
C ASP G 194 39.63 -59.81 -36.53
N ALA G 195 40.09 -58.73 -37.16
CA ALA G 195 39.16 -57.73 -37.68
C ALA G 195 38.33 -58.26 -38.84
N ASP G 196 38.88 -59.18 -39.63
CA ASP G 196 38.16 -59.70 -40.79
C ASP G 196 37.15 -60.78 -40.44
N ASN G 197 37.10 -61.21 -39.18
CA ASN G 197 36.20 -62.27 -38.76
C ASN G 197 34.87 -61.68 -38.28
N LEU G 198 33.77 -62.33 -38.68
CA LEU G 198 32.43 -61.95 -38.24
C LEU G 198 31.76 -63.17 -37.61
N ILE G 199 31.28 -63.00 -36.38
CA ILE G 199 30.64 -64.08 -35.64
C ILE G 199 29.16 -64.03 -35.98
N LEU G 200 28.73 -64.92 -36.88
CA LEU G 200 27.32 -64.96 -37.27
C LEU G 200 26.43 -65.36 -36.10
N ASN G 201 26.85 -66.36 -35.33
CA ASN G 201 26.05 -66.83 -34.21
C ASN G 201 26.39 -66.02 -32.97
N PRO G 202 25.45 -65.27 -32.40
CA PRO G 202 25.76 -64.51 -31.17
C PRO G 202 26.11 -65.37 -29.98
N ASP G 203 25.67 -66.63 -29.97
CA ASP G 203 25.93 -67.55 -28.86
C ASP G 203 27.22 -68.33 -29.03
N THR G 204 28.15 -67.84 -29.86
CA THR G 204 29.40 -68.57 -30.07
C THR G 204 30.25 -68.60 -28.80
N LEU G 205 30.31 -67.50 -28.06
CA LEU G 205 31.15 -67.44 -26.87
C LEU G 205 30.67 -68.41 -25.80
N SER G 206 29.34 -68.47 -25.58
CA SER G 206 28.81 -69.39 -24.58
C SER G 206 29.07 -70.84 -24.96
N LEU G 207 28.86 -71.19 -26.23
CA LEU G 207 29.12 -72.56 -26.67
C LEU G 207 30.60 -72.92 -26.54
N LEU G 208 31.48 -71.98 -26.89
CA LEU G 208 32.90 -72.22 -26.73
C LEU G 208 33.29 -72.40 -25.26
N ILE G 209 32.72 -71.59 -24.37
CA ILE G 209 33.00 -71.72 -22.94
C ILE G 209 32.48 -73.05 -22.42
N ALA G 210 31.36 -73.51 -22.95
CA ALA G 210 30.77 -74.78 -22.53
C ALA G 210 31.57 -76.00 -22.99
N GLU G 211 32.57 -75.80 -23.84
CA GLU G 211 33.39 -76.91 -24.33
C GLU G 211 34.31 -77.48 -23.26
N ASN G 212 34.65 -76.69 -22.24
CA ASN G 212 35.49 -77.14 -21.12
C ASN G 212 36.83 -77.68 -21.62
N LYS G 213 37.52 -76.87 -22.43
CA LYS G 213 38.81 -77.21 -22.98
C LYS G 213 39.78 -76.04 -22.79
N THR G 214 41.07 -76.36 -22.83
CA THR G 214 42.09 -75.33 -22.61
C THR G 214 42.07 -74.28 -23.71
N VAL G 215 42.20 -74.71 -24.97
CA VAL G 215 42.19 -73.82 -26.11
C VAL G 215 41.17 -74.34 -27.11
N VAL G 216 40.29 -73.46 -27.57
CA VAL G 216 39.23 -73.82 -28.51
C VAL G 216 39.15 -72.77 -29.61
N ALA G 217 38.61 -73.18 -30.76
CA ALA G 217 38.39 -72.30 -31.89
C ALA G 217 37.30 -72.87 -32.78
N PRO G 218 36.23 -72.14 -33.02
CA PRO G 218 35.13 -72.67 -33.85
C PRO G 218 35.50 -72.68 -35.33
N MET G 219 34.65 -73.34 -36.11
CA MET G 219 34.85 -73.45 -37.55
C MET G 219 34.25 -72.22 -38.22
N LEU G 220 35.12 -71.38 -38.78
CA LEU G 220 34.67 -70.20 -39.51
C LEU G 220 34.45 -70.55 -40.98
N ASP G 221 33.26 -70.24 -41.48
CA ASP G 221 32.90 -70.60 -42.84
C ASP G 221 33.71 -69.79 -43.85
N SER G 222 33.84 -70.34 -45.06
CA SER G 222 34.54 -69.66 -46.14
C SER G 222 34.01 -70.17 -47.47
N ARG G 223 34.18 -69.36 -48.51
CA ARG G 223 33.76 -69.75 -49.85
C ARG G 223 34.64 -70.84 -50.44
N ALA G 224 35.82 -71.08 -49.86
CA ALA G 224 36.73 -72.10 -50.38
C ALA G 224 37.05 -73.12 -49.30
N ALA G 225 37.85 -74.14 -49.66
CA ALA G 225 38.21 -75.17 -48.70
C ALA G 225 39.13 -74.64 -47.60
N TYR G 226 39.70 -73.45 -47.77
CA TYR G 226 40.52 -72.86 -46.72
C TYR G 226 39.66 -72.52 -45.51
N SER G 227 40.19 -72.81 -44.33
CA SER G 227 39.48 -72.57 -43.09
C SER G 227 40.49 -72.25 -42.00
N ASN G 228 39.99 -71.98 -40.79
CA ASN G 228 40.83 -71.65 -39.66
C ASN G 228 41.39 -72.88 -38.96
N PHE G 229 41.03 -74.07 -39.42
CA PHE G 229 41.49 -75.33 -38.82
C PHE G 229 42.42 -76.02 -39.80
N TRP G 230 43.63 -76.32 -39.36
CA TRP G 230 44.61 -77.06 -40.14
C TRP G 230 44.69 -78.50 -39.65
N CYS G 231 44.64 -79.44 -40.57
CA CYS G 231 44.68 -80.85 -40.22
C CYS G 231 46.07 -81.34 -39.86
N GLY G 232 47.10 -80.53 -40.08
CA GLY G 232 48.45 -80.92 -39.71
C GLY G 232 49.53 -80.26 -40.54
N MET G 233 50.74 -80.19 -39.99
CA MET G 233 51.91 -79.67 -40.67
C MET G 233 52.84 -80.82 -41.04
N THR G 234 53.53 -80.69 -42.16
CA THR G 234 54.33 -81.80 -42.66
C THR G 234 55.69 -81.88 -41.96
N SER G 235 56.53 -80.87 -42.14
CA SER G 235 57.85 -80.91 -41.51
C SER G 235 58.20 -79.64 -40.76
N GLN G 236 57.84 -78.47 -41.29
CA GLN G 236 58.26 -77.20 -40.70
C GLN G 236 57.16 -76.15 -40.79
N GLY G 237 55.91 -76.56 -40.71
CA GLY G 237 54.79 -75.64 -40.80
C GLY G 237 54.11 -75.58 -42.15
N TYR G 238 54.50 -76.44 -43.10
CA TYR G 238 53.83 -76.51 -44.38
C TYR G 238 52.54 -77.32 -44.25
N TYR G 239 51.50 -76.87 -44.96
CA TYR G 239 50.20 -77.51 -44.87
C TYR G 239 50.26 -78.94 -45.38
N LYS G 240 49.68 -79.86 -44.62
CA LYS G 240 49.59 -81.27 -45.00
C LYS G 240 48.12 -81.60 -45.20
N ARG G 241 47.73 -81.86 -46.45
CA ARG G 241 46.34 -82.09 -46.81
C ARG G 241 45.93 -83.48 -46.36
N THR G 242 45.62 -83.59 -45.07
CA THR G 242 45.17 -84.86 -44.52
C THR G 242 43.78 -85.20 -45.04
N PRO G 243 43.49 -86.50 -45.22
CA PRO G 243 42.16 -86.88 -45.71
C PRO G 243 41.02 -86.50 -44.79
N ALA G 244 41.27 -86.36 -43.49
CA ALA G 244 40.22 -86.00 -42.53
C ALA G 244 39.81 -84.53 -42.62
N TYR G 245 40.66 -83.68 -43.20
CA TYR G 245 40.31 -82.26 -43.32
C TYR G 245 39.09 -82.08 -44.22
N ILE G 246 39.02 -82.82 -45.32
CA ILE G 246 37.85 -82.72 -46.20
C ILE G 246 36.57 -83.14 -45.49
N PRO G 247 36.51 -84.30 -44.81
CA PRO G 247 35.31 -84.62 -44.04
C PRO G 247 35.01 -83.62 -42.93
N ILE G 248 36.03 -83.05 -42.31
CA ILE G 248 35.82 -82.03 -41.29
C ILE G 248 35.26 -80.75 -41.90
N ARG G 249 35.83 -80.32 -43.02
CA ARG G 249 35.37 -79.10 -43.67
C ARG G 249 34.00 -79.28 -44.34
N LYS G 250 33.60 -80.52 -44.61
CA LYS G 250 32.30 -80.80 -45.21
C LYS G 250 31.23 -81.09 -44.16
N ARG G 251 31.55 -80.96 -42.88
CA ARG G 251 30.61 -81.23 -41.78
C ARG G 251 30.08 -82.66 -41.83
N ASP G 252 30.91 -83.59 -42.32
CA ASP G 252 30.49 -84.99 -42.38
C ASP G 252 30.42 -85.61 -40.98
N ARG G 253 31.31 -85.21 -40.08
CA ARG G 253 31.34 -85.70 -38.72
C ARG G 253 31.26 -84.53 -37.76
N ARG G 254 30.60 -84.76 -36.63
CA ARG G 254 30.38 -83.74 -35.61
C ARG G 254 31.26 -84.02 -34.40
N GLY G 255 31.34 -83.04 -33.51
CA GLY G 255 32.15 -83.16 -32.31
C GLY G 255 33.47 -82.42 -32.43
N CYS G 256 33.96 -81.97 -31.28
CA CYS G 256 35.22 -81.25 -31.21
C CYS G 256 36.39 -82.22 -31.32
N PHE G 257 37.25 -82.02 -32.31
CA PHE G 257 38.38 -82.89 -32.56
C PHE G 257 39.68 -82.09 -32.50
N ALA G 258 40.70 -82.66 -31.87
CA ALA G 258 41.99 -81.99 -31.78
C ALA G 258 42.67 -81.94 -33.14
N VAL G 259 43.23 -80.78 -33.47
CA VAL G 259 43.93 -80.59 -34.74
C VAL G 259 45.27 -79.93 -34.47
N PRO G 260 46.28 -80.14 -35.32
CA PRO G 260 47.61 -79.58 -35.05
C PRO G 260 47.65 -78.06 -35.00
N MET G 261 46.85 -77.36 -35.79
CA MET G 261 46.94 -75.91 -35.87
C MET G 261 45.56 -75.30 -36.02
N VAL G 262 45.35 -74.16 -35.37
CA VAL G 262 44.11 -73.40 -35.47
C VAL G 262 44.49 -71.94 -35.66
N HIS G 263 43.97 -71.33 -36.72
CA HIS G 263 44.27 -69.95 -37.06
C HIS G 263 43.10 -69.04 -36.66
N SER G 264 43.19 -67.77 -37.05
CA SER G 264 42.12 -66.79 -36.85
C SER G 264 41.87 -66.52 -35.37
N THR G 265 40.65 -66.77 -34.92
CA THR G 265 40.21 -66.43 -33.57
C THR G 265 40.14 -67.70 -32.72
N PHE G 266 40.83 -67.66 -31.57
CA PHE G 266 40.79 -68.78 -30.62
C PHE G 266 40.42 -68.28 -29.23
N LEU G 267 39.97 -69.20 -28.37
CA LEU G 267 39.54 -68.84 -27.02
C LEU G 267 40.53 -69.50 -26.04
N ILE G 268 41.40 -68.68 -25.47
CA ILE G 268 42.43 -69.14 -24.55
C ILE G 268 41.86 -69.09 -23.14
N ASP G 269 41.56 -70.25 -22.56
CA ASP G 269 41.05 -70.31 -21.20
C ASP G 269 42.16 -70.04 -20.19
N LEU G 270 41.92 -69.07 -19.31
CA LEU G 270 42.90 -68.68 -18.30
C LEU G 270 42.65 -69.36 -16.96
N ARG G 271 41.68 -70.24 -16.87
CA ARG G 271 41.37 -70.94 -15.62
C ARG G 271 42.18 -72.20 -15.42
N LYS G 272 42.67 -72.81 -16.50
CA LYS G 272 43.48 -74.02 -16.37
C LYS G 272 44.85 -73.69 -15.79
N ALA G 273 45.37 -74.59 -14.97
CA ALA G 273 46.68 -74.38 -14.37
C ALA G 273 47.78 -74.41 -15.42
N ALA G 274 47.68 -75.33 -16.37
CA ALA G 274 48.70 -75.48 -17.41
C ALA G 274 48.74 -74.31 -18.38
N SER G 275 47.70 -73.46 -18.40
CA SER G 275 47.65 -72.35 -19.33
C SER G 275 48.69 -71.27 -19.03
N ARG G 276 49.34 -71.30 -17.88
CA ARG G 276 50.29 -70.27 -17.49
C ARG G 276 51.59 -70.33 -18.29
N ASN G 277 51.84 -71.40 -19.04
CA ASN G 277 53.10 -71.60 -19.74
C ASN G 277 53.07 -71.16 -21.19
N LEU G 278 52.01 -70.48 -21.62
CA LEU G 278 51.88 -70.06 -23.00
C LEU G 278 52.48 -68.69 -23.22
N ALA G 279 52.97 -68.46 -24.44
CA ALA G 279 53.54 -67.18 -24.83
C ALA G 279 53.34 -66.99 -26.34
N PHE G 280 53.38 -65.74 -26.77
CA PHE G 280 53.17 -65.39 -28.18
C PHE G 280 54.40 -64.80 -28.83
N TYR G 281 54.97 -63.72 -28.27
CA TYR G 281 56.14 -63.09 -28.89
C TYR G 281 57.40 -63.90 -28.64
N PRO G 282 57.73 -64.29 -27.41
CA PRO G 282 58.96 -65.04 -27.17
C PRO G 282 58.86 -66.45 -27.67
N PRO G 283 59.70 -66.85 -28.62
CA PRO G 283 59.65 -68.22 -29.13
C PRO G 283 60.14 -69.22 -28.07
N HIS G 284 59.80 -70.48 -28.29
CA HIS G 284 60.18 -71.53 -27.36
C HIS G 284 61.69 -71.73 -27.38
N PRO G 285 62.26 -72.24 -26.28
CA PRO G 285 63.71 -72.47 -26.25
C PRO G 285 64.19 -73.45 -27.30
N ASP G 286 63.35 -74.38 -27.72
CA ASP G 286 63.70 -75.37 -28.74
C ASP G 286 63.02 -75.09 -30.07
N TYR G 287 62.81 -73.82 -30.41
CA TYR G 287 62.18 -73.46 -31.67
C TYR G 287 63.11 -73.77 -32.82
N THR G 288 62.57 -74.41 -33.86
CA THR G 288 63.36 -74.80 -35.03
C THR G 288 62.63 -74.53 -36.35
N TRP G 289 61.41 -74.03 -36.30
CA TRP G 289 60.63 -73.77 -37.51
C TRP G 289 60.97 -72.37 -38.02
N SER G 290 60.20 -71.88 -39.00
CA SER G 290 60.41 -70.55 -39.55
C SER G 290 59.96 -69.48 -38.54
N PHE G 291 59.99 -68.23 -38.98
CA PHE G 291 59.67 -67.09 -38.12
C PHE G 291 58.23 -66.63 -38.29
N ASP G 292 57.32 -67.54 -38.60
CA ASP G 292 55.91 -67.19 -38.74
C ASP G 292 55.24 -67.12 -37.37
N ASP G 293 54.45 -66.06 -37.18
CA ASP G 293 53.78 -65.85 -35.91
C ASP G 293 52.60 -66.79 -35.69
N ILE G 294 52.10 -67.46 -36.73
CA ILE G 294 50.98 -68.39 -36.58
C ILE G 294 51.44 -69.79 -36.23
N ILE G 295 52.74 -70.07 -36.28
CA ILE G 295 53.25 -71.38 -35.91
C ILE G 295 54.04 -71.37 -34.61
N VAL G 296 54.50 -70.21 -34.13
CA VAL G 296 55.17 -70.14 -32.83
C VAL G 296 54.20 -70.54 -31.72
N PHE G 297 52.96 -70.08 -31.81
CA PHE G 297 51.96 -70.47 -30.82
C PHE G 297 51.69 -71.96 -30.85
N ALA G 298 51.73 -72.57 -32.04
CA ALA G 298 51.60 -74.03 -32.13
C ALA G 298 52.75 -74.73 -31.41
N PHE G 299 53.97 -74.22 -31.57
CA PHE G 299 55.10 -74.79 -30.86
C PHE G 299 54.95 -74.62 -29.35
N SER G 300 54.44 -73.46 -28.91
CA SER G 300 54.21 -73.24 -27.50
C SER G 300 53.17 -74.20 -26.95
N CYS G 301 52.10 -74.44 -27.70
CA CYS G 301 51.09 -75.40 -27.26
C CYS G 301 51.65 -76.82 -27.21
N LYS G 302 52.47 -77.18 -28.20
CA LYS G 302 53.09 -78.50 -28.20
C LYS G 302 54.04 -78.68 -27.02
N GLN G 303 54.82 -77.66 -26.69
CA GLN G 303 55.76 -77.73 -25.58
C GLN G 303 55.09 -77.61 -24.22
N ALA G 304 53.82 -77.22 -24.17
CA ALA G 304 53.10 -77.09 -22.91
C ALA G 304 52.13 -78.25 -22.68
N GLU G 305 52.23 -79.31 -23.47
CA GLU G 305 51.35 -80.48 -23.37
C GLU G 305 49.88 -80.06 -23.47
N VAL G 306 49.63 -79.13 -24.38
CA VAL G 306 48.30 -78.56 -24.58
C VAL G 306 47.81 -78.97 -25.96
N GLN G 307 46.63 -79.56 -26.02
CA GLN G 307 46.01 -79.99 -27.27
C GLN G 307 44.80 -79.12 -27.55
N MET G 308 44.88 -78.29 -28.59
CA MET G 308 43.76 -77.45 -28.97
C MET G 308 42.66 -78.28 -29.63
N TYR G 309 41.44 -77.75 -29.60
CA TYR G 309 40.29 -78.43 -30.17
C TYR G 309 39.47 -77.44 -30.99
N VAL G 310 38.82 -77.96 -32.02
CA VAL G 310 37.96 -77.16 -32.90
C VAL G 310 36.60 -77.85 -32.97
N CYS G 311 35.54 -77.07 -32.79
CA CYS G 311 34.18 -77.58 -32.76
C CYS G 311 33.42 -77.07 -33.98
N ASN G 312 32.67 -77.97 -34.63
CA ASN G 312 31.87 -77.62 -35.81
C ASN G 312 30.47 -78.19 -35.67
N LYS G 313 29.92 -78.17 -34.45
CA LYS G 313 28.57 -78.69 -34.23
C LYS G 313 27.53 -77.87 -34.98
N GLU G 314 27.68 -76.55 -35.00
CA GLU G 314 26.75 -75.67 -35.69
C GLU G 314 27.52 -74.50 -36.29
N GLU G 315 26.80 -73.64 -36.99
CA GLU G 315 27.42 -72.48 -37.63
C GLU G 315 27.87 -71.47 -36.58
N TYR G 316 29.07 -70.94 -36.76
CA TYR G 316 29.62 -69.92 -35.88
C TYR G 316 29.85 -68.60 -36.60
N GLY G 317 30.57 -68.62 -37.70
CA GLY G 317 30.84 -67.39 -38.43
C GLY G 317 31.54 -67.66 -39.74
N PHE G 318 32.09 -66.59 -40.31
CA PHE G 318 32.78 -66.67 -41.59
C PHE G 318 34.09 -65.89 -41.51
N LEU G 319 35.05 -66.30 -42.34
CA LEU G 319 36.35 -65.66 -42.42
C LEU G 319 36.70 -65.41 -43.87
N PRO G 320 37.52 -64.40 -44.15
CA PRO G 320 37.87 -64.09 -45.54
C PRO G 320 39.15 -64.81 -45.98
N VAL G 321 39.12 -65.26 -47.23
CA VAL G 321 40.25 -65.96 -47.83
C VAL G 321 41.37 -64.96 -48.07
N PRO G 322 42.58 -65.21 -47.56
CA PRO G 322 43.67 -64.27 -47.77
C PRO G 322 44.08 -64.19 -49.23
N LEU G 323 44.58 -63.02 -49.63
CA LEU G 323 45.00 -62.76 -50.99
C LEU G 323 46.53 -62.75 -51.07
N ARG G 324 47.04 -62.41 -52.25
CA ARG G 324 48.48 -62.37 -52.47
C ARG G 324 49.12 -61.25 -51.66
N ALA G 325 50.41 -61.41 -51.38
CA ALA G 325 51.14 -60.42 -50.59
C ALA G 325 51.25 -59.08 -51.30
N HIS G 326 51.10 -59.05 -52.62
CA HIS G 326 51.18 -57.81 -53.40
C HIS G 326 49.82 -57.19 -53.68
N SER G 327 48.74 -57.77 -53.15
CA SER G 327 47.41 -57.23 -53.41
C SER G 327 47.20 -55.92 -52.67
N THR G 328 46.18 -55.19 -53.10
CA THR G 328 45.84 -53.88 -52.53
C THR G 328 44.62 -54.01 -51.62
N LEU G 329 44.34 -52.91 -50.91
CA LEU G 329 43.19 -52.89 -50.00
C LEU G 329 41.86 -52.94 -50.76
N GLN G 330 41.84 -52.55 -52.04
CA GLN G 330 40.64 -52.69 -52.83
C GLN G 330 40.26 -54.16 -53.00
N ASP G 331 41.25 -55.03 -53.19
CA ASP G 331 40.99 -56.46 -53.25
C ASP G 331 40.43 -56.98 -51.94
N GLU G 332 40.95 -56.50 -50.81
CA GLU G 332 40.43 -56.90 -49.51
C GLU G 332 38.98 -56.45 -49.33
N ALA G 333 38.68 -55.21 -49.75
CA ALA G 333 37.31 -54.72 -49.66
C ALA G 333 36.37 -55.54 -50.54
N GLU G 334 36.82 -55.88 -51.75
CA GLU G 334 36.01 -56.72 -52.63
C GLU G 334 35.79 -58.10 -52.03
N SER G 335 36.82 -58.67 -51.40
CA SER G 335 36.65 -59.96 -50.74
C SER G 335 35.67 -59.86 -49.58
N PHE G 336 35.72 -58.77 -48.81
CA PHE G 336 34.75 -58.57 -47.74
C PHE G 336 33.34 -58.45 -48.28
N MET G 337 33.17 -57.74 -49.40
CA MET G 337 31.85 -57.63 -50.01
C MET G 337 31.35 -58.98 -50.50
N HIS G 338 32.25 -59.79 -51.08
CA HIS G 338 31.86 -61.13 -51.51
C HIS G 338 31.49 -62.01 -50.32
N VAL G 339 32.22 -61.88 -49.21
CA VAL G 339 31.88 -62.63 -48.01
C VAL G 339 30.50 -62.22 -47.49
N GLN G 340 30.21 -60.91 -47.51
CA GLN G 340 28.90 -60.45 -47.09
C GLN G 340 27.80 -60.99 -48.00
N LEU G 341 28.04 -60.99 -49.32
CA LEU G 341 27.06 -61.51 -50.26
C LEU G 341 26.82 -63.00 -50.03
N GLU G 342 27.88 -63.76 -49.77
CA GLU G 342 27.72 -65.18 -49.47
C GLU G 342 27.01 -65.40 -48.14
N VAL G 343 27.22 -64.49 -47.18
CA VAL G 343 26.54 -64.61 -45.88
C VAL G 343 25.05 -64.35 -46.05
N MET G 344 24.69 -63.42 -46.92
CA MET G 344 23.29 -63.11 -47.19
C MET G 344 22.61 -64.11 -48.12
N VAL G 345 23.35 -65.12 -48.60
CA VAL G 345 22.79 -66.06 -49.57
C VAL G 345 21.67 -66.88 -48.94
N LYS G 346 21.93 -67.45 -47.75
CA LYS G 346 20.97 -68.33 -47.10
C LYS G 346 20.52 -67.84 -45.74
N HIS G 347 20.87 -66.61 -45.36
CA HIS G 347 20.53 -66.05 -44.07
C HIS G 347 20.07 -64.62 -44.25
N PRO G 348 19.39 -64.06 -43.26
CA PRO G 348 18.99 -62.64 -43.33
C PRO G 348 20.21 -61.75 -43.35
N PRO G 349 20.10 -60.56 -43.95
CA PRO G 349 21.26 -59.67 -44.03
C PRO G 349 21.78 -59.29 -42.65
N ALA G 350 23.11 -59.18 -42.55
CA ALA G 350 23.76 -58.83 -41.29
C ALA G 350 23.74 -57.31 -41.14
N GLU G 351 22.90 -56.83 -40.22
CA GLU G 351 22.80 -55.40 -39.99
C GLU G 351 24.10 -54.86 -39.41
N PRO G 352 24.47 -53.62 -39.75
CA PRO G 352 25.70 -53.03 -39.22
C PRO G 352 25.51 -52.59 -37.78
N SER G 353 26.62 -52.18 -37.16
CA SER G 353 26.57 -51.71 -35.78
C SER G 353 25.74 -50.44 -35.66
N ARG G 354 24.91 -50.39 -34.62
CA ARG G 354 24.06 -49.23 -34.38
C ARG G 354 24.84 -48.01 -33.95
N PHE G 355 25.92 -48.19 -33.18
CA PHE G 355 26.72 -47.06 -32.75
C PHE G 355 27.58 -46.51 -33.87
N ILE G 356 27.85 -47.30 -34.90
CA ILE G 356 28.70 -46.90 -36.00
C ILE G 356 27.83 -46.54 -37.20
N SER G 357 28.40 -45.77 -38.12
CA SER G 357 27.72 -45.35 -39.33
C SER G 357 28.01 -46.33 -40.47
N ALA G 358 27.39 -46.08 -41.62
CA ALA G 358 27.52 -46.95 -42.78
C ALA G 358 28.05 -46.15 -43.97
N PRO G 359 29.20 -46.52 -44.54
CA PRO G 359 29.72 -45.84 -45.74
C PRO G 359 29.08 -46.36 -47.03
N THR G 360 27.92 -45.78 -47.35
CA THR G 360 27.18 -46.21 -48.53
C THR G 360 27.98 -45.96 -49.80
N LYS G 361 27.82 -46.87 -50.76
CA LYS G 361 28.52 -46.81 -52.04
C LYS G 361 27.59 -46.34 -53.15
N THR G 362 28.12 -45.48 -54.01
CA THR G 362 27.33 -44.94 -55.12
C THR G 362 27.08 -46.02 -56.16
N PRO G 363 25.84 -46.19 -56.61
CA PRO G 363 25.58 -47.18 -57.67
C PRO G 363 26.23 -46.79 -58.98
N ASP G 364 26.61 -47.80 -59.76
CA ASP G 364 27.28 -47.61 -61.03
C ASP G 364 26.62 -48.45 -62.11
N LYS G 365 26.73 -47.99 -63.36
CA LYS G 365 26.22 -48.72 -64.50
C LYS G 365 27.22 -49.70 -65.10
N MET G 366 28.44 -49.75 -64.54
CA MET G 366 29.49 -50.66 -64.98
C MET G 366 29.90 -50.45 -66.43
N GLY G 367 29.61 -49.27 -66.99
CA GLY G 367 29.99 -48.96 -68.35
C GLY G 367 29.09 -49.52 -69.42
N PHE G 368 28.04 -50.25 -69.05
CA PHE G 368 27.10 -50.80 -70.02
C PHE G 368 25.95 -49.83 -70.25
N ASP G 369 25.07 -50.17 -71.18
CA ASP G 369 23.93 -49.33 -71.53
C ASP G 369 22.66 -49.72 -70.80
N GLU G 370 22.32 -51.00 -70.77
CA GLU G 370 21.11 -51.47 -70.12
C GLU G 370 21.42 -52.68 -69.25
N VAL G 371 20.81 -52.71 -68.06
CA VAL G 371 20.94 -53.83 -67.14
C VAL G 371 19.52 -54.25 -66.77
N PHE G 372 19.00 -55.23 -67.50
CA PHE G 372 17.63 -55.69 -67.28
C PHE G 372 17.61 -56.88 -66.34
N MET G 373 16.43 -57.14 -65.77
CA MET G 373 16.23 -58.26 -64.86
C MET G 373 14.79 -58.75 -65.01
N ILE G 374 14.64 -60.07 -64.99
CA ILE G 374 13.32 -60.71 -65.14
C ILE G 374 12.88 -61.20 -63.78
N ASN G 375 11.72 -60.74 -63.33
CA ASN G 375 11.18 -61.14 -62.04
C ASN G 375 9.65 -61.20 -62.12
N LEU G 376 9.07 -61.97 -61.22
CA LEU G 376 7.62 -62.12 -61.13
C LEU G 376 7.10 -61.35 -59.91
N ARG G 377 5.92 -60.76 -60.06
CA ARG G 377 5.33 -60.01 -58.95
C ARG G 377 4.99 -60.92 -57.79
N ARG G 378 4.73 -62.19 -58.04
CA ARG G 378 4.41 -63.13 -56.97
C ARG G 378 5.60 -63.32 -56.03
N ARG G 379 6.81 -63.43 -56.58
CA ARG G 379 8.00 -63.63 -55.78
C ARG G 379 8.68 -62.29 -55.53
N GLN G 380 8.70 -61.85 -54.27
CA GLN G 380 9.28 -60.57 -53.90
C GLN G 380 10.54 -60.69 -53.04
N ASP G 381 10.67 -61.76 -52.26
CA ASP G 381 11.87 -61.94 -51.45
C ASP G 381 13.11 -62.09 -52.31
N ARG G 382 13.00 -62.83 -53.41
CA ARG G 382 14.13 -62.97 -54.33
C ARG G 382 14.50 -61.63 -54.95
N ARG G 383 13.49 -60.81 -55.26
CA ARG G 383 13.75 -59.47 -55.78
C ARG G 383 14.49 -58.62 -54.76
N GLU G 384 14.09 -58.70 -53.48
CA GLU G 384 14.78 -57.95 -52.44
C GLU G 384 16.22 -58.43 -52.28
N ARG G 385 16.44 -59.75 -52.33
CA ARG G 385 17.79 -60.28 -52.23
C ARG G 385 18.65 -59.82 -53.40
N MET G 386 18.10 -59.82 -54.62
CA MET G 386 18.84 -59.35 -55.77
C MET G 386 19.15 -57.86 -55.66
N LEU G 387 18.21 -57.07 -55.16
CA LEU G 387 18.45 -55.65 -54.97
C LEU G 387 19.55 -55.42 -53.94
N ARG G 388 19.54 -56.20 -52.86
CA ARG G 388 20.61 -56.09 -51.86
C ARG G 388 21.96 -56.47 -52.44
N ALA G 389 21.98 -57.52 -53.27
CA ALA G 389 23.23 -57.91 -53.92
C ALA G 389 23.74 -56.82 -54.86
N LEU G 390 22.83 -56.19 -55.61
CA LEU G 390 23.21 -55.10 -56.48
C LEU G 390 23.75 -53.91 -55.69
N GLN G 391 23.10 -53.60 -54.57
CA GLN G 391 23.59 -52.53 -53.70
C GLN G 391 24.96 -52.86 -53.13
N ALA G 392 25.22 -54.15 -52.88
CA ALA G 392 26.54 -54.56 -52.42
C ALA G 392 27.59 -54.33 -53.51
N GLN G 393 27.22 -54.55 -54.77
CA GLN G 393 28.13 -54.37 -55.89
C GLN G 393 28.19 -52.92 -56.36
N GLU G 394 27.47 -52.01 -55.71
CA GLU G 394 27.41 -50.60 -56.12
C GLU G 394 26.98 -50.47 -57.57
N ILE G 395 25.95 -51.23 -57.94
CA ILE G 395 25.48 -51.33 -59.31
C ILE G 395 24.01 -50.98 -59.36
N GLU G 396 23.64 -50.12 -60.31
CA GLU G 396 22.23 -49.82 -60.55
C GLU G 396 21.60 -50.96 -61.35
N CYS G 397 20.27 -50.93 -61.43
CA CYS G 397 19.53 -51.98 -62.12
C CYS G 397 18.23 -51.42 -62.67
N ARG G 398 17.91 -51.76 -63.92
CA ARG G 398 16.65 -51.39 -64.54
C ARG G 398 15.66 -52.52 -64.26
N LEU G 399 14.89 -52.37 -63.18
CA LEU G 399 13.97 -53.41 -62.78
C LEU G 399 12.88 -53.60 -63.83
N VAL G 400 12.65 -54.86 -64.22
CA VAL G 400 11.64 -55.21 -65.20
C VAL G 400 10.85 -56.40 -64.66
N GLU G 401 9.62 -56.53 -65.16
CA GLU G 401 8.71 -57.59 -64.74
C GLU G 401 8.34 -58.46 -65.92
N ALA G 402 8.29 -59.76 -65.69
CA ALA G 402 7.94 -60.74 -66.71
C ALA G 402 6.43 -60.95 -66.76
N VAL G 403 5.95 -61.28 -67.95
CA VAL G 403 4.53 -61.56 -68.15
C VAL G 403 4.18 -62.87 -67.46
N ASP G 404 3.03 -62.88 -66.77
CA ASP G 404 2.60 -64.05 -66.02
C ASP G 404 2.08 -65.09 -67.00
N GLY G 405 2.97 -65.99 -67.41
CA GLY G 405 2.56 -67.06 -68.31
C GLY G 405 1.58 -68.02 -67.66
N LYS G 406 1.81 -68.34 -66.38
CA LYS G 406 0.90 -69.23 -65.66
C LYS G 406 -0.50 -68.63 -65.56
N ALA G 407 -0.58 -67.33 -65.26
CA ALA G 407 -1.87 -66.66 -65.15
C ALA G 407 -2.49 -66.32 -66.50
N MET G 408 -1.74 -66.45 -67.59
CA MET G 408 -2.28 -66.16 -68.91
C MET G 408 -3.25 -67.26 -69.33
N ASN G 409 -4.32 -66.85 -70.01
CA ASN G 409 -5.35 -67.76 -70.49
C ASN G 409 -5.35 -67.79 -72.01
N THR G 410 -6.18 -68.66 -72.57
CA THR G 410 -6.28 -68.81 -74.01
C THR G 410 -6.92 -67.58 -74.67
N SER G 411 -7.61 -66.74 -73.91
CA SER G 411 -8.22 -65.54 -74.48
C SER G 411 -7.16 -64.58 -75.00
N GLN G 412 -6.06 -64.41 -74.27
CA GLN G 412 -5.00 -63.52 -74.67
C GLN G 412 -3.75 -64.25 -75.18
N VAL G 413 -3.74 -65.59 -75.12
CA VAL G 413 -2.58 -66.33 -75.61
C VAL G 413 -2.43 -66.16 -77.12
N GLU G 414 -3.54 -66.29 -77.86
CA GLU G 414 -3.52 -66.13 -79.30
C GLU G 414 -3.77 -64.70 -79.74
N ALA G 415 -4.00 -63.77 -78.81
CA ALA G 415 -4.22 -62.37 -79.17
C ALA G 415 -2.99 -61.78 -79.84
N LEU G 416 -1.80 -62.11 -79.33
CA LEU G 416 -0.54 -61.65 -79.89
C LEU G 416 0.06 -62.62 -80.89
N GLY G 417 -0.67 -63.69 -81.23
CA GLY G 417 -0.16 -64.66 -82.17
C GLY G 417 0.83 -65.66 -81.61
N ILE G 418 0.84 -65.85 -80.29
CA ILE G 418 1.77 -66.79 -79.67
C ILE G 418 1.28 -68.21 -79.98
N GLN G 419 2.09 -68.98 -80.71
CA GLN G 419 1.74 -70.32 -81.10
C GLN G 419 2.89 -71.27 -80.77
N MET G 420 2.55 -72.48 -80.34
CA MET G 420 3.56 -73.48 -80.02
C MET G 420 4.30 -73.92 -81.28
N LEU G 421 5.56 -74.28 -81.10
CA LEU G 421 6.36 -74.72 -82.23
C LEU G 421 5.82 -76.04 -82.78
N PRO G 422 5.85 -76.24 -84.09
CA PRO G 422 5.33 -77.50 -84.66
C PRO G 422 6.24 -78.66 -84.28
N GLY G 423 5.64 -79.69 -83.67
CA GLY G 423 6.38 -80.86 -83.25
C GLY G 423 7.37 -80.56 -82.14
N TYR G 424 6.92 -79.89 -81.08
CA TYR G 424 7.76 -79.53 -79.96
C TYR G 424 7.24 -80.20 -78.69
N ARG G 425 8.17 -80.59 -77.83
CA ARG G 425 7.85 -81.28 -76.59
C ARG G 425 9.01 -81.11 -75.63
N ASP G 426 8.79 -81.55 -74.39
CA ASP G 426 9.83 -81.47 -73.37
C ASP G 426 10.95 -82.46 -73.70
N PRO G 427 12.20 -82.02 -73.80
CA PRO G 427 13.28 -82.95 -74.16
C PRO G 427 13.53 -84.04 -73.12
N TYR G 428 13.12 -83.84 -71.88
CA TYR G 428 13.40 -84.79 -70.82
C TYR G 428 12.19 -85.62 -70.37
N HIS G 429 10.99 -85.05 -70.44
CA HIS G 429 9.78 -85.73 -69.99
C HIS G 429 8.85 -86.06 -71.15
N GLY G 430 8.47 -85.07 -71.94
CA GLY G 430 7.56 -85.30 -73.05
C GLY G 430 6.39 -84.35 -73.05
N ARG G 431 6.32 -83.48 -72.04
CA ARG G 431 5.26 -82.49 -71.97
C ARG G 431 5.38 -81.50 -73.13
N PRO G 432 4.25 -80.99 -73.63
CA PRO G 432 4.31 -80.07 -74.79
C PRO G 432 5.08 -78.80 -74.47
N LEU G 433 4.68 -78.10 -73.43
CA LEU G 433 5.33 -76.85 -73.03
C LEU G 433 4.87 -76.52 -71.61
N THR G 434 5.33 -75.39 -71.11
CA THR G 434 4.95 -74.91 -69.78
C THR G 434 4.55 -73.44 -69.87
N LYS G 435 3.57 -73.07 -69.05
CA LYS G 435 3.11 -71.68 -69.03
C LYS G 435 4.20 -70.75 -68.52
N GLY G 436 4.97 -71.19 -67.52
CA GLY G 436 6.09 -70.37 -67.06
C GLY G 436 7.15 -70.18 -68.13
N GLU G 437 7.44 -71.23 -68.90
CA GLU G 437 8.37 -71.10 -70.01
C GLU G 437 7.84 -70.14 -71.07
N LEU G 438 6.53 -70.20 -71.34
CA LEU G 438 5.93 -69.27 -72.29
C LEU G 438 6.04 -67.83 -71.81
N GLY G 439 5.80 -67.60 -70.51
CA GLY G 439 5.95 -66.26 -69.97
C GLY G 439 7.38 -65.77 -70.02
N CYS G 440 8.33 -66.66 -69.74
CA CYS G 440 9.74 -66.29 -69.83
C CYS G 440 10.12 -65.93 -71.26
N PHE G 441 9.65 -66.72 -72.23
CA PHE G 441 9.93 -66.41 -73.63
C PHE G 441 9.30 -65.08 -74.04
N LEU G 442 8.09 -64.81 -73.59
CA LEU G 442 7.44 -63.54 -73.90
C LEU G 442 8.21 -62.37 -73.29
N SER G 443 8.67 -62.52 -72.05
CA SER G 443 9.45 -61.46 -71.41
C SER G 443 10.76 -61.23 -72.14
N HIS G 444 11.44 -62.31 -72.54
CA HIS G 444 12.69 -62.17 -73.27
C HIS G 444 12.48 -61.49 -74.62
N TYR G 445 11.40 -61.86 -75.32
CA TYR G 445 11.10 -61.23 -76.60
C TYR G 445 10.78 -59.76 -76.43
N ASN G 446 10.02 -59.41 -75.39
CA ASN G 446 9.72 -58.01 -75.13
C ASN G 446 10.99 -57.22 -74.81
N ILE G 447 11.89 -57.81 -74.02
CA ILE G 447 13.15 -57.14 -73.68
C ILE G 447 13.98 -56.93 -74.94
N TRP G 448 14.05 -57.95 -75.81
CA TRP G 448 14.81 -57.82 -77.04
C TRP G 448 14.22 -56.75 -77.96
N LYS G 449 12.90 -56.71 -78.07
CA LYS G 449 12.25 -55.70 -78.90
C LYS G 449 12.50 -54.30 -78.35
N GLU G 450 12.41 -54.13 -77.02
CA GLU G 450 12.67 -52.83 -76.42
C GLU G 450 14.12 -52.41 -76.62
N VAL G 451 15.06 -53.35 -76.51
CA VAL G 451 16.46 -53.03 -76.72
C VAL G 451 16.70 -52.62 -78.16
N VAL G 452 16.08 -53.33 -79.11
CA VAL G 452 16.22 -52.97 -80.52
C VAL G 452 15.64 -51.58 -80.78
N ASP G 453 14.48 -51.29 -80.20
CA ASP G 453 13.87 -49.98 -80.38
C ASP G 453 14.75 -48.87 -79.80
N ARG G 454 15.32 -49.10 -78.62
CA ARG G 454 16.18 -48.11 -77.99
C ARG G 454 17.52 -47.95 -78.69
N GLY G 455 17.89 -48.89 -79.57
CA GLY G 455 19.16 -48.81 -80.26
C GLY G 455 20.36 -48.92 -79.34
N LEU G 456 20.24 -49.71 -78.28
CA LEU G 456 21.33 -49.90 -77.34
C LEU G 456 22.41 -50.78 -77.95
N GLN G 457 23.68 -50.34 -77.81
CA GLN G 457 24.78 -51.13 -78.35
C GLN G 457 24.91 -52.47 -77.64
N LYS G 458 24.71 -52.48 -76.32
CA LYS G 458 24.81 -53.71 -75.55
C LYS G 458 23.86 -53.62 -74.35
N SER G 459 23.53 -54.79 -73.80
CA SER G 459 22.65 -54.85 -72.64
C SER G 459 22.93 -56.14 -71.89
N LEU G 460 22.55 -56.15 -70.61
CA LEU G 460 22.73 -57.30 -69.74
C LEU G 460 21.40 -57.65 -69.09
N VAL G 461 21.04 -58.93 -69.13
CA VAL G 461 19.80 -59.41 -68.53
C VAL G 461 20.14 -60.34 -67.38
N PHE G 462 19.19 -60.49 -66.47
CA PHE G 462 19.38 -61.32 -65.28
C PHE G 462 18.05 -62.00 -64.95
N GLU G 463 18.06 -62.81 -63.88
CA GLU G 463 16.88 -63.54 -63.45
C GLU G 463 16.62 -63.30 -61.97
N ASP G 464 15.68 -64.05 -61.39
CA ASP G 464 15.28 -63.87 -60.00
C ASP G 464 16.14 -64.65 -59.01
N ASP G 465 17.14 -65.39 -59.48
CA ASP G 465 17.98 -66.19 -58.60
C ASP G 465 19.39 -66.26 -59.19
N LEU G 466 20.33 -65.54 -58.58
CA LEU G 466 21.71 -65.51 -59.04
C LEU G 466 22.66 -65.60 -57.86
N ARG G 467 23.84 -66.16 -58.11
CA ARG G 467 24.92 -66.24 -57.13
C ARG G 467 26.22 -65.89 -57.85
N PHE G 468 26.69 -64.66 -57.65
CA PHE G 468 27.86 -64.17 -58.37
C PHE G 468 29.14 -64.79 -57.79
N GLU G 469 30.26 -64.38 -58.36
CA GLU G 469 31.58 -64.84 -57.93
C GLU G 469 32.42 -63.64 -57.47
N ILE G 470 33.66 -63.92 -57.08
CA ILE G 470 34.53 -62.88 -56.55
C ILE G 470 34.93 -61.92 -57.66
N PHE G 471 34.86 -60.62 -57.36
CA PHE G 471 35.25 -59.57 -58.30
C PHE G 471 34.50 -59.70 -59.63
N PHE G 472 33.20 -59.95 -59.55
CA PHE G 472 32.40 -60.15 -60.76
C PHE G 472 32.35 -58.87 -61.59
N LYS G 473 32.15 -57.72 -60.94
CA LYS G 473 32.01 -56.47 -61.68
C LYS G 473 33.31 -56.09 -62.39
N ARG G 474 34.43 -56.18 -61.69
CA ARG G 474 35.71 -55.81 -62.27
C ARG G 474 36.08 -56.75 -63.42
N ARG G 475 35.89 -58.05 -63.22
CA ARG G 475 36.20 -59.02 -64.27
C ARG G 475 35.31 -58.81 -65.49
N LEU G 476 34.01 -58.58 -65.27
CA LEU G 476 33.10 -58.35 -66.39
C LEU G 476 33.48 -57.07 -67.14
N MET G 477 33.80 -56.00 -66.42
CA MET G 477 34.20 -54.76 -67.08
C MET G 477 35.48 -54.94 -67.88
N ASN G 478 36.47 -55.65 -67.30
CA ASN G 478 37.71 -55.88 -68.02
C ASN G 478 37.48 -56.71 -69.28
N LEU G 479 36.68 -57.77 -69.18
CA LEU G 479 36.41 -58.60 -70.36
C LEU G 479 35.67 -57.82 -71.42
N MET G 480 34.66 -57.03 -71.03
CA MET G 480 33.91 -56.25 -72.01
C MET G 480 34.80 -55.20 -72.68
N ARG G 481 35.63 -54.51 -71.91
CA ARG G 481 36.52 -53.51 -72.49
C ARG G 481 37.53 -54.15 -73.44
N ASP G 482 38.10 -55.29 -73.04
CA ASP G 482 39.06 -55.96 -73.91
C ASP G 482 38.40 -56.43 -75.20
N VAL G 483 37.19 -56.98 -75.10
CA VAL G 483 36.49 -57.43 -76.31
C VAL G 483 36.16 -56.27 -77.22
N GLU G 484 35.69 -55.15 -76.64
CA GLU G 484 35.33 -54.00 -77.44
C GLU G 484 36.56 -53.39 -78.13
N ARG G 485 37.68 -53.29 -77.41
CA ARG G 485 38.87 -52.71 -78.00
C ARG G 485 39.47 -53.63 -79.06
N GLU G 486 39.60 -54.92 -78.76
CA GLU G 486 40.15 -55.86 -79.73
C GLU G 486 39.22 -56.02 -80.92
N GLY G 487 37.92 -56.08 -80.67
CA GLY G 487 36.94 -56.22 -81.73
C GLY G 487 36.57 -57.65 -82.01
N LEU G 488 35.28 -57.98 -81.85
CA LEU G 488 34.79 -59.32 -82.12
C LEU G 488 33.30 -59.25 -82.40
N ASP G 489 32.77 -60.32 -82.99
CA ASP G 489 31.34 -60.42 -83.27
C ASP G 489 30.58 -60.84 -82.01
N TRP G 490 30.72 -60.06 -80.95
CA TRP G 490 30.11 -60.36 -79.66
C TRP G 490 28.67 -59.85 -79.67
N ASP G 491 27.73 -60.76 -79.95
CA ASP G 491 26.31 -60.42 -79.96
C ASP G 491 25.47 -61.28 -79.03
N LEU G 492 25.97 -62.44 -78.60
CA LEU G 492 25.27 -63.33 -77.68
C LEU G 492 26.21 -63.78 -76.57
N ILE G 493 26.93 -62.83 -75.99
CA ILE G 493 27.87 -63.14 -74.92
C ILE G 493 27.09 -63.62 -73.70
N TYR G 494 27.43 -64.82 -73.22
CA TYR G 494 26.76 -65.43 -72.09
C TYR G 494 27.69 -65.46 -70.89
N VAL G 495 27.17 -65.01 -69.74
CA VAL G 495 27.94 -65.03 -68.50
C VAL G 495 27.65 -66.26 -67.64
N GLY G 496 26.61 -67.01 -67.95
CA GLY G 496 26.28 -68.19 -67.19
C GLY G 496 25.43 -69.19 -67.97
N ARG G 497 25.85 -70.45 -67.96
CA ARG G 497 25.14 -71.52 -68.68
C ARG G 497 25.60 -72.84 -68.11
N LYS G 498 24.94 -73.92 -68.54
CA LYS G 498 25.26 -75.28 -68.12
C LYS G 498 25.81 -76.03 -69.31
N ARG G 499 27.02 -76.59 -69.17
CA ARG G 499 27.69 -77.28 -70.25
C ARG G 499 27.03 -78.65 -70.44
N MET G 500 25.93 -78.66 -71.20
CA MET G 500 25.24 -79.91 -71.50
C MET G 500 26.09 -80.85 -72.34
N GLN G 501 26.99 -80.31 -73.17
CA GLN G 501 27.86 -81.13 -74.01
C GLN G 501 29.14 -81.43 -73.22
N VAL G 502 29.09 -82.55 -72.47
CA VAL G 502 30.23 -82.99 -71.69
C VAL G 502 31.23 -83.63 -72.65
N GLU G 503 32.30 -82.89 -72.96
CA GLU G 503 33.31 -83.37 -73.90
C GLU G 503 34.62 -82.64 -73.59
N HIS G 504 35.57 -82.71 -74.52
CA HIS G 504 36.83 -82.00 -74.37
C HIS G 504 36.61 -80.50 -74.49
N PRO G 505 37.63 -79.69 -74.24
CA PRO G 505 37.47 -78.24 -74.33
C PRO G 505 37.12 -77.81 -75.75
N GLU G 506 36.31 -76.76 -75.85
CA GLU G 506 35.90 -76.22 -77.13
C GLU G 506 36.95 -75.28 -77.68
N LYS G 507 36.63 -74.62 -78.79
CA LYS G 507 37.57 -73.71 -79.43
C LYS G 507 37.72 -72.44 -78.60
N ALA G 508 38.87 -71.77 -78.78
CA ALA G 508 39.18 -70.54 -78.09
C ALA G 508 39.26 -69.39 -79.09
N VAL G 509 38.65 -68.26 -78.73
CA VAL G 509 38.65 -67.07 -79.59
C VAL G 509 40.02 -66.44 -79.59
N PRO G 510 40.65 -66.24 -80.75
CA PRO G 510 41.96 -65.61 -80.78
C PRO G 510 41.89 -64.15 -80.36
N ARG G 511 43.01 -63.67 -79.81
CA ARG G 511 43.16 -62.29 -79.34
C ARG G 511 42.13 -61.93 -78.26
N VAL G 512 41.66 -62.92 -77.51
CA VAL G 512 40.68 -62.71 -76.45
C VAL G 512 41.09 -63.57 -75.26
N ARG G 513 41.03 -62.98 -74.06
CA ARG G 513 41.38 -63.68 -72.83
C ARG G 513 40.12 -64.22 -72.16
N ASN G 514 40.18 -65.49 -71.77
CA ASN G 514 39.06 -66.17 -71.10
C ASN G 514 37.80 -66.19 -71.94
N LEU G 515 37.96 -66.21 -73.27
CA LEU G 515 36.85 -66.28 -74.20
C LEU G 515 36.99 -67.55 -75.04
N VAL G 516 35.91 -68.32 -75.13
CA VAL G 516 35.91 -69.58 -75.86
C VAL G 516 34.68 -69.63 -76.75
N GLU G 517 34.74 -70.53 -77.74
CA GLU G 517 33.61 -70.71 -78.64
C GLU G 517 32.46 -71.40 -77.91
N ALA G 518 31.27 -70.83 -78.01
CA ALA G 518 30.11 -71.37 -77.32
C ALA G 518 29.55 -72.57 -78.05
N ASP G 519 28.78 -73.37 -77.32
CA ASP G 519 28.10 -74.55 -77.86
C ASP G 519 26.72 -74.62 -77.25
N TYR G 520 26.06 -75.76 -77.42
CA TYR G 520 24.74 -75.97 -76.83
C TYR G 520 24.83 -75.91 -75.31
N SER G 521 23.93 -75.16 -74.69
CA SER G 521 23.93 -75.01 -73.24
C SER G 521 22.54 -74.61 -72.78
N TYR G 522 22.24 -74.96 -71.54
CA TYR G 522 20.97 -74.64 -70.90
C TYR G 522 21.21 -73.72 -69.70
N TRP G 523 20.13 -73.36 -69.01
CA TRP G 523 20.17 -72.48 -67.85
C TRP G 523 20.81 -71.14 -68.21
N THR G 524 20.20 -70.48 -69.21
CA THR G 524 20.68 -69.18 -69.68
C THR G 524 20.10 -68.08 -68.79
N LEU G 525 20.58 -68.05 -67.55
CA LEU G 525 20.11 -67.06 -66.58
C LEU G 525 20.49 -65.64 -67.01
N ALA G 526 21.72 -65.46 -67.50
CA ALA G 526 22.19 -64.14 -67.88
C ALA G 526 22.89 -64.22 -69.23
N TYR G 527 22.88 -63.09 -69.95
CA TYR G 527 23.54 -63.01 -71.25
C TYR G 527 23.73 -61.54 -71.60
N VAL G 528 24.94 -61.19 -72.02
CA VAL G 528 25.26 -59.81 -72.42
C VAL G 528 25.09 -59.75 -73.93
N ILE G 529 23.90 -59.35 -74.37
CA ILE G 529 23.57 -59.29 -75.79
C ILE G 529 23.92 -57.92 -76.33
N SER G 530 24.09 -57.84 -77.65
CA SER G 530 24.42 -56.61 -78.35
C SER G 530 23.27 -56.23 -79.28
N LEU G 531 23.45 -55.09 -79.97
CA LEU G 531 22.44 -54.63 -80.90
C LEU G 531 22.28 -55.60 -82.07
N GLN G 532 23.40 -56.12 -82.60
CA GLN G 532 23.34 -57.04 -83.72
C GLN G 532 22.61 -58.32 -83.35
N GLY G 533 22.89 -58.86 -82.16
CA GLY G 533 22.21 -60.07 -81.73
C GLY G 533 20.71 -59.86 -81.56
N ALA G 534 20.33 -58.73 -80.97
CA ALA G 534 18.91 -58.42 -80.82
C ALA G 534 18.23 -58.26 -82.17
N ARG G 535 18.90 -57.59 -83.11
CA ARG G 535 18.34 -57.44 -84.45
C ARG G 535 18.17 -58.78 -85.13
N LYS G 536 19.16 -59.67 -85.02
CA LYS G 536 19.06 -60.99 -85.62
C LYS G 536 17.93 -61.79 -84.97
N LEU G 537 17.80 -61.72 -83.65
CA LEU G 537 16.73 -62.44 -82.97
C LEU G 537 15.36 -61.92 -83.41
N LEU G 538 15.21 -60.61 -83.54
CA LEU G 538 13.95 -60.04 -84.01
C LEU G 538 13.67 -60.46 -85.45
N ALA G 539 14.71 -60.48 -86.30
CA ALA G 539 14.53 -60.90 -87.69
C ALA G 539 14.15 -62.37 -87.77
N ALA G 540 14.59 -63.19 -86.80
CA ALA G 540 14.18 -64.58 -86.78
C ALA G 540 12.67 -64.72 -86.63
N GLU G 541 12.07 -63.90 -85.76
CA GLU G 541 10.63 -63.80 -85.58
C GLU G 541 9.99 -65.15 -85.31
N PRO G 542 10.34 -65.82 -84.20
CA PRO G 542 9.72 -67.09 -83.85
C PRO G 542 8.40 -66.93 -83.11
N LEU G 543 7.50 -66.11 -83.66
CA LEU G 543 6.20 -65.89 -83.05
C LEU G 543 5.37 -67.16 -83.01
N SER G 544 5.38 -67.94 -84.09
CA SER G 544 4.63 -69.19 -84.16
C SER G 544 5.46 -70.39 -83.73
N LYS G 545 6.71 -70.19 -83.33
CA LYS G 545 7.58 -71.26 -82.88
C LYS G 545 7.94 -70.99 -81.42
N MET G 546 7.23 -71.64 -80.50
CA MET G 546 7.39 -71.41 -79.07
C MET G 546 8.28 -72.49 -78.47
N LEU G 547 9.34 -72.06 -77.78
CA LEU G 547 10.24 -72.96 -77.09
C LEU G 547 10.97 -72.17 -76.02
N PRO G 548 11.56 -72.84 -75.04
CA PRO G 548 12.32 -72.12 -74.01
C PRO G 548 13.50 -71.37 -74.61
N VAL G 549 13.82 -70.23 -74.01
CA VAL G 549 14.92 -69.40 -74.50
C VAL G 549 16.23 -70.18 -74.43
N ASP G 550 16.44 -70.92 -73.34
CA ASP G 550 17.66 -71.72 -73.22
C ASP G 550 17.74 -72.78 -74.31
N GLU G 551 16.62 -73.43 -74.64
CA GLU G 551 16.60 -74.42 -75.70
C GLU G 551 16.64 -73.80 -77.09
N PHE G 552 16.01 -72.63 -77.27
CA PHE G 552 15.99 -72.00 -78.58
C PHE G 552 17.33 -71.36 -78.93
N LEU G 553 18.10 -70.94 -77.93
CA LEU G 553 19.41 -70.33 -78.20
C LEU G 553 20.35 -71.29 -78.90
N PRO G 554 20.47 -72.55 -78.50
CA PRO G 554 21.39 -73.46 -79.23
C PRO G 554 21.03 -73.67 -80.68
N VAL G 555 19.73 -73.66 -81.01
CA VAL G 555 19.32 -73.86 -82.40
C VAL G 555 19.73 -72.68 -83.26
N MET G 556 19.50 -71.46 -82.77
CA MET G 556 19.90 -70.26 -83.51
C MET G 556 21.40 -70.05 -83.51
N PHE G 557 22.14 -70.74 -82.64
CA PHE G 557 23.59 -70.65 -82.59
C PHE G 557 24.27 -71.76 -83.39
N ASP G 558 23.49 -72.56 -84.12
CA ASP G 558 24.02 -73.69 -84.89
C ASP G 558 24.80 -74.66 -84.02
N LYS G 559 24.28 -74.92 -82.83
CA LYS G 559 24.88 -75.86 -81.89
C LYS G 559 23.93 -76.94 -81.43
N HIS G 560 22.69 -76.95 -81.91
CA HIS G 560 21.72 -77.95 -81.48
C HIS G 560 22.12 -79.33 -82.05
N PRO G 561 22.16 -80.36 -81.20
CA PRO G 561 22.52 -81.70 -81.71
C PRO G 561 21.47 -82.25 -82.67
N VAL G 562 20.19 -82.15 -82.29
CA VAL G 562 19.12 -82.63 -83.14
C VAL G 562 18.94 -81.67 -84.31
N SER G 563 18.94 -82.23 -85.53
CA SER G 563 18.83 -81.42 -86.73
C SER G 563 17.41 -81.02 -87.07
N GLU G 564 16.40 -81.60 -86.40
CA GLU G 564 15.02 -81.21 -86.66
C GLU G 564 14.76 -79.76 -86.26
N TYR G 565 15.27 -79.34 -85.10
CA TYR G 565 15.12 -77.96 -84.68
C TYR G 565 15.85 -77.01 -85.62
N LYS G 566 17.05 -77.39 -86.06
CA LYS G 566 17.79 -76.55 -87.00
C LYS G 566 17.05 -76.42 -88.32
N ALA G 567 16.47 -77.51 -88.81
CA ALA G 567 15.66 -77.45 -90.02
C ALA G 567 14.44 -76.57 -89.82
N HIS G 568 13.82 -76.64 -88.64
CA HIS G 568 12.69 -75.77 -88.34
C HIS G 568 13.10 -74.30 -88.34
N PHE G 569 14.31 -74.00 -87.85
CA PHE G 569 14.82 -72.64 -87.88
C PHE G 569 15.25 -72.27 -89.29
N SER G 570 15.40 -70.96 -89.51
CA SER G 570 15.79 -70.42 -90.81
C SER G 570 17.15 -69.75 -90.79
N LEU G 571 17.39 -68.85 -89.84
CA LEU G 571 18.64 -68.11 -89.76
C LEU G 571 19.44 -68.58 -88.55
N ARG G 572 20.68 -68.98 -88.78
CA ARG G 572 21.60 -69.40 -87.73
C ARG G 572 22.85 -68.54 -87.76
N ASN G 573 22.69 -67.25 -88.05
CA ASN G 573 23.81 -66.33 -88.17
C ASN G 573 24.33 -65.84 -86.83
N LEU G 574 23.66 -66.17 -85.73
CA LEU G 574 24.11 -65.74 -84.41
C LEU G 574 25.43 -66.42 -84.06
N HIS G 575 26.46 -65.61 -83.82
CA HIS G 575 27.78 -66.08 -83.45
C HIS G 575 27.88 -66.05 -81.93
N ALA G 576 27.58 -67.17 -81.29
CA ALA G 576 27.56 -67.25 -79.84
C ALA G 576 28.98 -67.32 -79.28
N PHE G 577 29.11 -66.91 -78.02
CA PHE G 577 30.38 -66.93 -77.32
C PHE G 577 30.12 -67.15 -75.84
N SER G 578 31.15 -67.58 -75.12
CA SER G 578 31.03 -67.86 -73.71
C SER G 578 32.38 -67.68 -73.04
N VAL G 579 32.35 -67.53 -71.71
CA VAL G 579 33.55 -67.37 -70.89
C VAL G 579 33.73 -68.64 -70.07
N GLU G 580 34.92 -69.23 -70.15
CA GLU G 580 35.20 -70.45 -69.39
C GLU G 580 35.06 -70.24 -67.89
N PRO G 581 35.63 -69.19 -67.29
CA PRO G 581 35.43 -68.95 -65.83
C PRO G 581 34.12 -68.22 -65.55
N LEU G 582 33.04 -69.00 -65.48
CA LEU G 582 31.72 -68.42 -65.20
C LEU G 582 31.69 -67.78 -63.82
N LEU G 583 31.24 -66.53 -63.77
CA LEU G 583 31.22 -65.77 -62.53
C LEU G 583 29.83 -65.73 -61.89
N ILE G 584 28.89 -66.52 -62.39
CA ILE G 584 27.54 -66.58 -61.83
C ILE G 584 27.17 -68.05 -61.63
N TYR G 585 26.55 -68.34 -60.50
CA TYR G 585 26.14 -69.69 -60.16
C TYR G 585 24.66 -69.71 -59.80
N PRO G 586 23.99 -70.84 -59.99
CA PRO G 586 22.57 -70.93 -59.59
C PRO G 586 22.40 -70.73 -58.10
N THR G 587 21.36 -70.00 -57.72
CA THR G 587 21.08 -69.76 -56.32
C THR G 587 20.60 -71.04 -55.64
N HIS G 588 19.66 -71.75 -56.27
CA HIS G 588 19.13 -73.00 -55.75
C HIS G 588 19.29 -74.08 -56.80
N TYR G 589 19.90 -75.20 -56.40
CA TYR G 589 20.06 -76.35 -57.28
C TYR G 589 18.81 -77.22 -57.22
N THR G 590 18.64 -78.03 -58.26
CA THR G 590 17.49 -78.92 -58.32
C THR G 590 17.59 -80.00 -57.24
N GLY G 591 16.46 -80.28 -56.60
CA GLY G 591 16.44 -81.24 -55.51
C GLY G 591 16.94 -80.72 -54.19
N ASP G 592 17.22 -79.43 -54.08
CA ASP G 592 17.69 -78.81 -52.84
C ASP G 592 16.62 -77.91 -52.26
N ASP G 593 16.82 -77.53 -51.00
CA ASP G 593 15.87 -76.67 -50.32
C ASP G 593 15.87 -75.27 -50.94
N GLY G 594 14.73 -74.59 -50.82
CA GLY G 594 14.58 -73.26 -51.37
C GLY G 594 14.66 -73.20 -52.88
N TYR G 595 14.19 -74.25 -53.56
CA TYR G 595 14.22 -74.33 -55.02
C TYR G 595 12.79 -74.21 -55.53
N VAL G 596 12.37 -72.97 -55.77
CA VAL G 596 11.03 -72.69 -56.29
C VAL G 596 11.12 -72.68 -57.82
N SER G 597 10.58 -73.73 -58.45
CA SER G 597 10.61 -73.86 -59.90
C SER G 597 9.41 -73.13 -60.50
N ASP G 598 9.41 -71.81 -60.32
CA ASP G 598 8.32 -70.99 -60.84
C ASP G 598 8.27 -71.04 -62.37
N THR G 599 9.45 -70.98 -63.01
CA THR G 599 9.50 -71.03 -64.47
C THR G 599 9.41 -72.45 -65.01
N GLU G 600 9.58 -73.46 -64.16
CA GLU G 600 9.55 -74.85 -64.59
C GLU G 600 8.21 -75.52 -64.29
N THR G 601 7.79 -75.51 -63.02
CA THR G 601 6.54 -76.15 -62.61
C THR G 601 5.39 -75.19 -62.86
N SER G 602 4.60 -75.46 -63.88
CA SER G 602 3.46 -74.61 -64.24
C SER G 602 2.49 -75.44 -65.08
N VAL G 603 1.43 -74.78 -65.54
CA VAL G 603 0.42 -75.44 -66.35
C VAL G 603 0.87 -75.48 -67.80
N VAL G 604 0.21 -76.33 -68.59
CA VAL G 604 0.53 -76.44 -70.01
C VAL G 604 0.02 -75.21 -70.76
N TRP G 605 0.49 -75.07 -72.00
CA TRP G 605 0.06 -73.95 -72.83
C TRP G 605 -1.45 -74.00 -73.11
N ASN G 606 -2.00 -75.20 -73.21
CA ASN G 606 -3.42 -75.39 -73.47
C ASN G 606 -4.09 -76.05 -72.26
N ASN G 607 -5.35 -75.70 -72.03
CA ASN G 607 -6.15 -76.24 -70.94
C ASN G 607 -5.54 -75.91 -69.58
N GLU G 608 -6.14 -76.44 -68.50
CA GLU G 608 -5.63 -76.18 -67.16
C GLU G 608 -5.66 -77.43 -66.28
N HIS G 609 -5.99 -78.60 -66.83
CA HIS G 609 -6.05 -79.84 -66.07
C HIS G 609 -4.72 -80.58 -66.04
N VAL G 610 -3.61 -79.87 -66.28
CA VAL G 610 -2.28 -80.47 -66.27
C VAL G 610 -1.42 -79.63 -65.34
N LYS G 611 -1.30 -80.07 -64.09
CA LYS G 611 -0.45 -79.40 -63.09
C LYS G 611 0.82 -80.23 -62.95
N THR G 612 1.79 -79.96 -63.82
CA THR G 612 3.05 -80.70 -63.81
C THR G 612 3.90 -80.23 -62.65
N ASP G 613 4.02 -81.07 -61.62
CA ASP G 613 4.84 -80.72 -60.46
C ASP G 613 6.32 -80.89 -60.78
N TRP G 614 7.16 -80.38 -59.90
CA TRP G 614 8.61 -80.48 -60.08
C TRP G 614 9.02 -81.95 -59.96
N ASP G 615 9.78 -82.44 -60.94
CA ASP G 615 10.22 -83.83 -60.94
C ASP G 615 11.40 -83.99 -59.99
N ARG G 616 11.14 -84.50 -58.79
CA ARG G 616 12.20 -84.69 -57.81
C ARG G 616 13.18 -85.76 -58.26
N ALA G 617 12.66 -86.92 -58.66
CA ALA G 617 13.54 -87.99 -59.15
C ALA G 617 14.10 -87.64 -60.52
N LYS G 618 13.25 -87.16 -61.43
CA LYS G 618 13.67 -86.82 -62.79
C LYS G 618 14.04 -85.34 -62.87
N SER G 619 14.97 -84.94 -62.00
CA SER G 619 15.42 -83.55 -61.99
C SER G 619 16.15 -83.20 -63.29
N GLN G 620 16.95 -84.14 -63.80
CA GLN G 620 17.67 -83.98 -65.06
C GLN G 620 18.68 -82.83 -64.98
N LYS G 621 18.18 -81.60 -64.95
CA LYS G 621 19.06 -80.43 -64.86
C LYS G 621 19.34 -80.08 -63.40
N MET G 622 20.10 -80.96 -62.75
CA MET G 622 20.45 -80.75 -61.34
C MET G 622 21.57 -79.72 -61.21
N ARG G 623 22.74 -80.03 -61.76
CA ARG G 623 23.89 -79.12 -61.70
C ARG G 623 24.96 -79.57 -62.68
N GLU G 624 25.48 -78.65 -63.49
CA GLU G 624 26.55 -78.96 -64.42
C GLU G 624 27.92 -78.71 -63.80
N GLN G 625 28.13 -79.27 -62.62
CA GLN G 625 29.42 -79.17 -61.92
C GLN G 625 29.96 -80.53 -61.50
N GLN G 626 29.10 -81.45 -61.07
CA GLN G 626 29.57 -82.78 -60.70
C GLN G 626 29.92 -83.61 -61.92
N ALA G 627 29.11 -83.53 -62.97
CA ALA G 627 29.37 -84.27 -64.20
C ALA G 627 30.53 -83.69 -65.00
N LEU G 628 30.90 -82.43 -64.76
CA LEU G 628 32.01 -81.80 -65.46
C LEU G 628 33.36 -82.09 -64.83
N SER G 629 33.40 -82.84 -63.72
CA SER G 629 34.65 -83.18 -63.04
C SER G 629 35.34 -84.30 -63.82
N ARG G 630 35.80 -83.95 -65.02
CA ARG G 630 36.46 -84.88 -65.91
C ARG G 630 37.48 -84.11 -66.74
N GLU G 631 37.96 -84.72 -67.82
CA GLU G 631 38.96 -84.10 -68.68
C GLU G 631 38.31 -83.07 -69.61
N ALA G 632 37.78 -82.01 -68.99
CA ALA G 632 37.21 -80.91 -69.74
C ALA G 632 38.26 -79.88 -70.16
N LYS G 633 39.49 -80.01 -69.66
CA LYS G 633 40.59 -79.11 -70.02
C LYS G 633 40.24 -77.66 -69.75
N ASN G 634 39.94 -76.90 -70.81
CA ASN G 634 39.62 -75.48 -70.73
C ASN G 634 40.74 -74.70 -70.06
N SER G 635 41.99 -75.10 -70.30
CA SER G 635 43.15 -74.41 -69.74
C SER G 635 43.91 -73.59 -70.78
N ASP G 636 43.72 -73.88 -72.07
CA ASP G 636 44.38 -73.10 -73.11
C ASP G 636 43.86 -71.68 -73.18
N VAL G 637 42.68 -71.40 -72.61
CA VAL G 637 42.14 -70.05 -72.60
C VAL G 637 42.98 -69.18 -71.66
N LEU G 638 43.35 -68.00 -72.14
CA LEU G 638 44.16 -67.09 -71.34
C LEU G 638 43.32 -66.49 -70.23
N GLN G 639 43.74 -66.67 -68.98
CA GLN G 639 43.01 -66.16 -67.83
C GLN G 639 43.48 -64.76 -67.47
N SER G 640 42.56 -64.00 -66.86
CA SER G 640 42.88 -62.64 -66.45
C SER G 640 43.80 -62.65 -65.24
N PRO G 641 44.44 -61.52 -64.95
CA PRO G 641 45.32 -61.46 -63.77
C PRO G 641 44.58 -61.68 -62.46
N LEU G 642 43.27 -61.48 -62.43
CA LEU G 642 42.48 -61.71 -61.22
C LEU G 642 42.20 -63.21 -61.07
N ASP G 643 41.31 -63.55 -60.14
CA ASP G 643 40.95 -64.94 -59.85
C ASP G 643 42.16 -65.76 -59.39
N SER G 644 43.12 -65.10 -58.74
CA SER G 644 44.30 -65.75 -58.18
C SER G 644 44.42 -65.31 -56.73
N ALA G 645 44.22 -66.25 -55.80
CA ALA G 645 44.15 -65.92 -54.39
C ALA G 645 44.53 -67.16 -53.59
N ALA G 646 44.16 -67.16 -52.30
CA ALA G 646 44.34 -68.29 -51.38
C ALA G 646 45.80 -68.47 -50.97
N ARG G 647 46.01 -69.24 -49.90
CA ARG G 647 47.34 -69.45 -49.33
C ARG G 647 47.46 -70.93 -49.01
N ASP G 648 48.51 -71.29 -48.27
CA ASP G 648 48.78 -72.70 -47.99
C ASP G 648 47.72 -73.30 -47.08
N GLU G 649 46.53 -73.54 -47.64
CA GLU G 649 45.45 -74.23 -46.94
C GLU G 649 44.86 -75.30 -47.84
N LEU G 650 45.05 -75.15 -49.15
CA LEU G 650 44.52 -76.09 -50.13
C LEU G 650 45.36 -76.06 -51.41
N ALA H 64 58.53 -88.63 -42.71
CA ALA H 64 57.77 -88.52 -41.46
C ALA H 64 56.31 -88.92 -41.67
N TYR H 65 55.95 -90.08 -41.16
CA TYR H 65 54.59 -90.59 -41.28
C TYR H 65 54.19 -91.23 -39.95
N PHE H 66 53.07 -91.95 -39.96
CA PHE H 66 52.51 -92.61 -38.78
C PHE H 66 52.26 -91.58 -37.68
N PRO H 67 51.30 -90.68 -37.85
CA PRO H 67 51.04 -89.68 -36.81
C PRO H 67 50.55 -90.33 -35.53
N GLU H 68 50.89 -89.70 -34.41
CA GLU H 68 50.56 -90.20 -33.08
C GLU H 68 49.33 -89.48 -32.52
N GLU H 69 48.80 -90.06 -31.45
CA GLU H 69 47.61 -89.55 -30.77
C GLU H 69 47.83 -89.51 -29.27
N ARG H 70 48.97 -88.96 -28.85
CA ARG H 70 49.33 -88.92 -27.44
C ARG H 70 48.28 -88.20 -26.63
N TRP H 71 47.92 -88.78 -25.49
CA TRP H 71 46.86 -88.23 -24.65
C TRP H 71 47.28 -86.92 -24.01
N SER H 72 46.33 -85.98 -23.93
CA SER H 72 46.54 -84.68 -23.29
C SER H 72 45.40 -84.47 -22.30
N PRO H 73 45.52 -85.01 -21.08
CA PRO H 73 44.46 -84.86 -20.10
C PRO H 73 44.28 -83.41 -19.66
N GLU H 74 43.06 -83.09 -19.26
CA GLU H 74 42.75 -81.73 -18.81
C GLU H 74 43.50 -81.41 -17.53
N SER H 75 44.06 -80.20 -17.47
CA SER H 75 44.82 -79.79 -16.31
C SER H 75 43.88 -79.48 -15.13
N PRO H 76 44.31 -79.76 -13.91
CA PRO H 76 43.49 -79.41 -12.75
C PRO H 76 43.38 -77.91 -12.58
N LEU H 77 42.25 -77.47 -12.03
CA LEU H 77 42.00 -76.05 -11.84
C LEU H 77 42.90 -75.49 -10.75
N GLN H 78 43.25 -74.20 -10.89
CA GLN H 78 44.05 -73.53 -9.89
C GLN H 78 43.20 -73.19 -8.67
N ALA H 79 43.87 -72.80 -7.59
CA ALA H 79 43.18 -72.51 -6.35
C ALA H 79 42.37 -71.22 -6.48
N PRO H 80 41.33 -71.06 -5.65
CA PRO H 80 40.54 -69.82 -5.71
C PRO H 80 41.33 -68.63 -5.21
N ARG H 81 40.96 -67.46 -5.70
CA ARG H 81 41.64 -66.22 -5.33
C ARG H 81 41.28 -65.82 -3.91
N VAL H 82 41.95 -64.77 -3.42
CA VAL H 82 41.63 -64.18 -2.13
C VAL H 82 42.28 -62.80 -2.08
N LEU H 83 41.58 -61.85 -1.47
CA LEU H 83 42.10 -60.50 -1.23
C LEU H 83 41.92 -60.21 0.25
N ILE H 84 42.93 -60.60 1.05
CA ILE H 84 42.84 -60.45 2.50
C ILE H 84 43.25 -59.02 2.84
N ALA H 85 42.27 -58.12 2.84
CA ALA H 85 42.51 -56.73 3.21
C ALA H 85 42.52 -56.59 4.73
N LEU H 86 42.54 -55.34 5.19
CA LEU H 86 42.55 -55.06 6.62
C LEU H 86 42.15 -53.61 6.84
N LEU H 87 41.96 -53.26 8.11
CA LEU H 87 41.67 -51.89 8.51
C LEU H 87 42.15 -51.74 9.95
N ALA H 88 43.32 -51.12 10.11
CA ALA H 88 44.00 -51.06 11.39
C ALA H 88 44.14 -49.62 11.87
N ARG H 89 44.36 -49.46 13.17
CA ARG H 89 44.62 -48.15 13.76
C ARG H 89 45.35 -48.38 15.08
N ASN H 90 46.63 -48.00 15.13
CA ASN H 90 47.45 -48.15 16.33
C ASN H 90 47.48 -49.61 16.81
N ALA H 91 47.93 -50.50 15.92
CA ALA H 91 47.92 -51.93 16.18
C ALA H 91 49.31 -52.52 16.29
N ALA H 92 50.34 -51.69 16.49
CA ALA H 92 51.70 -52.20 16.57
C ALA H 92 51.93 -53.08 17.80
N HIS H 93 51.05 -52.98 18.81
CA HIS H 93 51.24 -53.77 20.03
C HIS H 93 51.19 -55.27 19.76
N ALA H 94 50.47 -55.69 18.72
CA ALA H 94 50.41 -57.10 18.37
C ALA H 94 50.61 -57.35 16.88
N LEU H 95 51.07 -56.35 16.13
CA LEU H 95 51.26 -56.53 14.69
C LEU H 95 52.26 -57.62 14.34
N PRO H 96 53.40 -57.76 15.03
CA PRO H 96 54.40 -58.77 14.61
C PRO H 96 53.86 -60.19 14.60
N THR H 97 53.05 -60.57 15.58
CA THR H 97 52.51 -61.93 15.59
C THR H 97 51.40 -62.10 14.56
N THR H 98 50.56 -61.08 14.40
CA THR H 98 49.46 -61.16 13.44
C THR H 98 49.98 -61.27 12.01
N LEU H 99 51.04 -60.53 11.69
CA LEU H 99 51.62 -60.59 10.36
C LEU H 99 52.16 -61.99 10.06
N GLY H 100 52.85 -62.60 11.02
CA GLY H 100 53.34 -63.95 10.83
C GLY H 100 52.21 -64.97 10.69
N ALA H 101 51.17 -64.81 11.51
CA ALA H 101 50.02 -65.71 11.42
C ALA H 101 49.35 -65.59 10.05
N LEU H 102 49.21 -64.37 9.54
CA LEU H 102 48.65 -64.17 8.20
C LEU H 102 49.54 -64.78 7.14
N GLU H 103 50.86 -64.63 7.27
CA GLU H 103 51.80 -65.22 6.33
C GLU H 103 51.83 -66.74 6.40
N ARG H 104 51.36 -67.33 7.50
CA ARG H 104 51.39 -68.78 7.69
C ARG H 104 50.25 -69.49 6.96
N LEU H 105 49.37 -68.75 6.30
CA LEU H 105 48.25 -69.36 5.59
C LEU H 105 48.77 -70.22 4.44
N ARG H 106 48.19 -71.42 4.27
CA ARG H 106 48.63 -72.37 3.25
C ARG H 106 47.72 -72.25 2.03
N HIS H 107 47.99 -71.22 1.24
CA HIS H 107 47.30 -70.99 -0.03
C HIS H 107 48.31 -70.49 -1.06
N PRO H 108 47.98 -70.58 -2.34
CA PRO H 108 48.93 -70.11 -3.37
C PRO H 108 49.21 -68.62 -3.26
N ARG H 109 50.45 -68.26 -2.92
CA ARG H 109 50.81 -66.86 -2.78
C ARG H 109 50.73 -66.12 -4.11
N GLU H 110 50.79 -66.84 -5.23
CA GLU H 110 50.57 -66.24 -6.55
C GLU H 110 49.10 -65.96 -6.81
N ARG H 111 48.21 -66.38 -5.91
CA ARG H 111 46.77 -66.16 -6.03
C ARG H 111 46.24 -65.52 -4.76
N THR H 112 46.96 -64.52 -4.27
CA THR H 112 46.57 -63.78 -3.07
C THR H 112 46.79 -62.29 -3.35
N ALA H 113 46.45 -61.46 -2.38
CA ALA H 113 46.55 -60.02 -2.53
C ALA H 113 46.45 -59.37 -1.14
N LEU H 114 46.38 -58.05 -1.13
CA LEU H 114 46.24 -57.29 0.10
C LEU H 114 45.81 -55.87 -0.24
N TRP H 115 44.96 -55.31 0.60
CA TRP H 115 44.49 -53.92 0.44
C TRP H 115 44.63 -53.19 1.76
N VAL H 116 45.78 -53.34 2.41
CA VAL H 116 45.97 -52.79 3.75
C VAL H 116 45.95 -51.27 3.71
N ALA H 117 45.50 -50.67 4.82
CA ALA H 117 45.48 -49.23 4.96
C ALA H 117 45.37 -48.90 6.45
N THR H 118 45.85 -47.72 6.83
CA THR H 118 45.79 -47.27 8.21
C THR H 118 45.31 -45.83 8.25
N ASP H 119 44.66 -45.46 9.36
CA ASP H 119 44.15 -44.11 9.53
C ASP H 119 44.00 -43.82 11.01
N HIS H 120 44.24 -42.56 11.38
CA HIS H 120 44.12 -42.10 12.76
C HIS H 120 44.94 -42.95 13.71
N ASN H 121 46.17 -43.26 13.31
CA ASN H 121 47.09 -44.07 14.10
C ASN H 121 48.10 -43.16 14.79
N MET H 122 47.97 -43.05 16.12
CA MET H 122 48.90 -42.22 16.89
C MET H 122 50.23 -42.90 17.14
N ASP H 123 50.31 -44.22 16.98
CA ASP H 123 51.53 -44.96 17.24
C ASP H 123 52.34 -45.09 15.95
N ASN H 124 53.42 -45.87 16.01
CA ASN H 124 54.31 -46.09 14.87
C ASN H 124 53.92 -47.31 14.04
N THR H 125 52.63 -47.67 14.05
CA THR H 125 52.18 -48.84 13.28
C THR H 125 52.39 -48.64 11.78
N SER H 126 52.43 -47.39 11.32
CA SER H 126 52.58 -47.13 9.89
C SER H 126 53.92 -47.67 9.38
N THR H 127 55.01 -47.35 10.08
CA THR H 127 56.32 -47.81 9.65
C THR H 127 56.43 -49.33 9.71
N VAL H 128 55.90 -49.93 10.78
CA VAL H 128 55.95 -51.39 10.90
C VAL H 128 55.18 -52.05 9.78
N LEU H 129 54.00 -51.53 9.45
CA LEU H 129 53.23 -52.07 8.33
C LEU H 129 53.96 -51.89 7.01
N ARG H 130 54.55 -50.72 6.79
CA ARG H 130 55.25 -50.45 5.54
C ARG H 130 56.45 -51.37 5.36
N GLU H 131 57.18 -51.66 6.44
CA GLU H 131 58.32 -52.56 6.35
C GLU H 131 57.90 -53.93 5.85
N TRP H 132 56.88 -54.52 6.46
CA TRP H 132 56.41 -55.83 6.03
C TRP H 132 55.83 -55.79 4.63
N LEU H 133 55.12 -54.70 4.29
CA LEU H 133 54.55 -54.58 2.96
C LEU H 133 55.63 -54.55 1.89
N VAL H 134 56.72 -53.82 2.14
CA VAL H 134 57.84 -53.81 1.20
C VAL H 134 58.52 -55.16 1.16
N ALA H 135 58.69 -55.81 2.32
CA ALA H 135 59.40 -57.08 2.38
C ALA H 135 58.66 -58.18 1.63
N VAL H 136 57.33 -58.23 1.74
CA VAL H 136 56.54 -59.30 1.13
C VAL H 136 55.91 -58.86 -0.18
N LYS H 137 56.43 -57.82 -0.82
CA LYS H 137 55.81 -57.29 -2.03
C LYS H 137 55.98 -58.21 -3.24
N SER H 138 56.81 -59.24 -3.14
CA SER H 138 57.07 -60.10 -4.30
C SER H 138 56.10 -61.27 -4.37
N LEU H 139 55.74 -61.84 -3.22
CA LEU H 139 54.91 -63.05 -3.23
C LEU H 139 53.49 -62.76 -3.69
N TYR H 140 52.88 -61.70 -3.15
CA TYR H 140 51.50 -61.37 -3.49
C TYR H 140 51.40 -60.91 -4.94
N HIS H 141 50.32 -61.34 -5.61
CA HIS H 141 50.11 -60.97 -7.00
C HIS H 141 49.90 -59.47 -7.15
N SER H 142 49.40 -58.82 -6.10
CA SER H 142 49.21 -57.38 -6.12
C SER H 142 49.11 -56.89 -4.69
N VAL H 143 49.22 -55.57 -4.51
CA VAL H 143 49.11 -54.93 -3.22
C VAL H 143 48.77 -53.46 -3.42
N GLU H 144 48.17 -52.85 -2.40
CA GLU H 144 47.81 -51.45 -2.42
C GLU H 144 47.83 -50.90 -1.01
N TRP H 145 47.98 -49.58 -0.90
CA TRP H 145 48.03 -48.92 0.40
C TRP H 145 47.63 -47.47 0.24
N ARG H 146 46.91 -46.95 1.23
CA ARG H 146 46.54 -45.54 1.31
C ARG H 146 46.82 -45.03 2.72
N PRO H 147 48.09 -44.82 3.05
CA PRO H 147 48.42 -44.39 4.42
C PRO H 147 47.76 -43.07 4.78
N ALA H 148 47.18 -43.02 5.99
CA ALA H 148 46.46 -41.86 6.47
C ALA H 148 46.88 -41.54 7.91
N GLU H 149 48.19 -41.50 8.14
CA GLU H 149 48.69 -41.22 9.49
C GLU H 149 48.23 -39.87 10.00
N GLU H 150 48.03 -38.90 9.11
CA GLU H 150 47.55 -37.57 9.50
C GLU H 150 46.05 -37.49 9.32
N PRO H 151 45.30 -37.15 10.37
CA PRO H 151 45.73 -36.86 11.74
C PRO H 151 45.74 -38.13 12.60
N ARG H 152 46.20 -38.03 13.84
CA ARG H 152 46.31 -39.20 14.71
C ARG H 152 45.07 -39.44 15.57
N SER H 153 44.10 -38.53 15.56
CA SER H 153 42.91 -38.70 16.39
C SER H 153 41.78 -37.87 15.81
N TYR H 154 40.56 -38.23 16.21
CA TYR H 154 39.36 -37.54 15.76
C TYR H 154 39.15 -36.25 16.54
N PRO H 155 38.50 -35.25 15.93
CA PRO H 155 38.28 -33.99 16.66
C PRO H 155 37.36 -34.12 17.86
N ASP H 156 36.15 -34.66 17.66
CA ASP H 156 35.19 -34.83 18.75
C ASP H 156 35.25 -36.24 19.32
N GLU H 157 36.44 -36.61 19.79
CA GLU H 157 36.71 -37.93 20.34
C GLU H 157 36.91 -37.81 21.85
N GLU H 158 36.19 -38.65 22.60
CA GLU H 158 36.35 -38.65 24.04
C GLU H 158 37.73 -39.16 24.45
N GLY H 159 38.26 -40.12 23.72
CA GLY H 159 39.57 -40.66 24.00
C GLY H 159 40.02 -41.68 22.96
N PRO H 160 41.11 -42.39 23.26
CA PRO H 160 41.57 -43.42 22.31
C PRO H 160 40.57 -44.53 22.08
N LYS H 161 39.75 -44.87 23.08
CA LYS H 161 38.80 -45.97 22.97
C LYS H 161 37.39 -45.51 22.68
N HIS H 162 37.20 -44.26 22.29
CA HIS H 162 35.86 -43.73 22.00
C HIS H 162 35.53 -43.95 20.53
N TRP H 163 34.44 -44.67 20.27
CA TRP H 163 33.95 -44.90 18.91
C TRP H 163 32.72 -44.04 18.72
N SER H 164 32.91 -42.84 18.21
CA SER H 164 31.83 -41.87 18.06
C SER H 164 31.19 -42.00 16.67
N ASP H 165 30.28 -41.07 16.38
CA ASP H 165 29.58 -41.11 15.09
C ASP H 165 30.55 -40.92 13.93
N SER H 166 31.50 -39.99 14.08
CA SER H 166 32.48 -39.78 13.01
C SER H 166 33.33 -41.02 12.79
N ARG H 167 33.77 -41.66 13.87
CA ARG H 167 34.57 -42.87 13.74
C ARG H 167 33.78 -43.99 13.07
N TYR H 168 32.53 -44.16 13.45
CA TYR H 168 31.69 -45.20 12.84
C TYR H 168 31.47 -44.92 11.37
N GLU H 169 31.21 -43.65 11.01
CA GLU H 169 31.02 -43.30 9.61
C GLU H 169 32.29 -43.55 8.80
N HIS H 170 33.45 -43.19 9.37
CA HIS H 170 34.70 -43.43 8.67
C HIS H 170 34.95 -44.92 8.49
N VAL H 171 34.64 -45.73 9.51
CA VAL H 171 34.83 -47.18 9.40
C VAL H 171 33.92 -47.74 8.33
N MET H 172 32.66 -47.29 8.30
CA MET H 172 31.72 -47.77 7.28
C MET H 172 32.19 -47.39 5.88
N LYS H 173 32.65 -46.15 5.71
CA LYS H 173 33.14 -45.72 4.40
C LYS H 173 34.36 -46.52 3.97
N LEU H 174 35.28 -46.78 4.90
CA LEU H 174 36.47 -47.57 4.57
C LEU H 174 36.09 -48.99 4.19
N ARG H 175 35.17 -49.61 4.94
CA ARG H 175 34.74 -50.96 4.62
C ARG H 175 34.06 -51.03 3.26
N GLN H 176 33.22 -50.04 2.94
CA GLN H 176 32.56 -50.03 1.64
C GLN H 176 33.56 -49.79 0.51
N ALA H 177 34.56 -48.94 0.75
CA ALA H 177 35.61 -48.75 -0.24
C ALA H 177 36.39 -50.04 -0.47
N ALA H 178 36.66 -50.78 0.61
CA ALA H 178 37.32 -52.08 0.48
C ALA H 178 36.47 -53.05 -0.34
N LEU H 179 35.15 -53.05 -0.09
CA LEU H 179 34.26 -53.90 -0.87
C LEU H 179 34.26 -53.50 -2.34
N LYS H 180 34.20 -52.20 -2.62
CA LYS H 180 34.18 -51.73 -4.00
C LYS H 180 35.48 -52.08 -4.72
N SER H 181 36.63 -51.89 -4.05
CA SER H 181 37.90 -52.28 -4.65
C SER H 181 37.98 -53.78 -4.84
N ALA H 182 37.38 -54.55 -3.94
CA ALA H 182 37.34 -56.01 -4.09
C ALA H 182 36.46 -56.43 -5.26
N ARG H 183 35.51 -55.59 -5.67
CA ARG H 183 34.62 -55.93 -6.78
C ARG H 183 35.18 -55.53 -8.14
N ASP H 184 36.07 -54.53 -8.19
CA ASP H 184 36.61 -54.03 -9.43
C ASP H 184 37.73 -54.90 -10.00
N MET H 185 38.30 -55.79 -9.18
CA MET H 185 39.42 -56.62 -9.61
C MET H 185 38.99 -58.02 -10.04
N TRP H 186 37.69 -58.28 -10.15
CA TRP H 186 37.18 -59.61 -10.44
C TRP H 186 37.75 -60.63 -9.45
N ALA H 187 37.78 -60.24 -8.18
CA ALA H 187 38.38 -61.03 -7.12
C ALA H 187 37.30 -61.82 -6.40
N ASP H 188 37.44 -63.15 -6.41
CA ASP H 188 36.51 -64.01 -5.72
C ASP H 188 36.89 -64.15 -4.26
N TYR H 189 35.89 -63.96 -3.38
CA TYR H 189 36.05 -64.01 -1.93
C TYR H 189 36.89 -62.86 -1.41
N ILE H 190 36.62 -62.42 -0.18
CA ILE H 190 37.40 -61.39 0.48
C ILE H 190 37.27 -61.60 1.99
N LEU H 191 38.40 -61.57 2.70
CA LEU H 191 38.44 -61.82 4.14
C LEU H 191 38.92 -60.55 4.83
N PHE H 192 37.97 -59.69 5.19
CA PHE H 192 38.28 -58.44 5.87
C PHE H 192 38.44 -58.72 7.36
N VAL H 193 39.62 -59.18 7.72
CA VAL H 193 39.97 -59.45 9.11
C VAL H 193 40.63 -58.21 9.69
N ASP H 194 40.14 -57.76 10.85
CA ASP H 194 40.66 -56.56 11.48
C ASP H 194 42.04 -56.82 12.08
N ALA H 195 42.61 -55.78 12.67
CA ALA H 195 43.95 -55.87 13.24
C ALA H 195 43.94 -56.65 14.56
N ASP H 196 42.91 -56.44 15.38
CA ASP H 196 42.87 -57.08 16.69
C ASP H 196 42.83 -58.61 16.58
N ASN H 197 42.13 -59.13 15.58
CA ASN H 197 42.03 -60.57 15.42
C ASN H 197 43.37 -61.18 15.05
N LEU H 198 43.53 -62.47 15.35
CA LEU H 198 44.74 -63.21 15.04
C LEU H 198 44.33 -64.60 14.55
N ILE H 199 44.51 -64.87 13.27
CA ILE H 199 44.16 -66.15 12.68
C ILE H 199 45.29 -67.12 13.00
N LEU H 200 45.18 -67.81 14.13
CA LEU H 200 46.26 -68.67 14.59
C LEU H 200 46.39 -69.95 13.77
N ASN H 201 45.27 -70.62 13.48
CA ASN H 201 45.34 -71.88 12.77
C ASN H 201 45.76 -71.67 11.31
N PRO H 202 46.37 -72.67 10.69
CA PRO H 202 46.84 -72.50 9.31
C PRO H 202 45.77 -72.77 8.28
N ASP H 203 44.73 -73.52 8.67
CA ASP H 203 43.68 -73.94 7.76
C ASP H 203 42.46 -73.02 7.78
N THR H 204 42.65 -71.73 8.07
CA THR H 204 41.52 -70.80 8.11
C THR H 204 40.94 -70.60 6.72
N LEU H 205 41.75 -70.07 5.79
CA LEU H 205 41.27 -69.84 4.44
C LEU H 205 41.18 -71.12 3.62
N SER H 206 41.66 -72.24 4.16
CA SER H 206 41.53 -73.51 3.45
C SER H 206 40.24 -74.22 3.82
N LEU H 207 39.92 -74.26 5.12
CA LEU H 207 38.68 -74.91 5.57
C LEU H 207 37.46 -74.01 5.40
N LEU H 208 37.62 -72.70 5.60
CA LEU H 208 36.45 -71.82 5.58
C LEU H 208 35.77 -71.80 4.21
N ILE H 209 36.55 -71.75 3.13
CA ILE H 209 35.97 -71.64 1.80
C ILE H 209 35.44 -72.95 1.25
N ALA H 210 35.48 -74.03 2.03
CA ALA H 210 35.07 -75.35 1.56
C ALA H 210 33.60 -75.64 1.80
N GLU H 211 32.82 -74.69 2.31
CA GLU H 211 31.43 -74.92 2.63
C GLU H 211 30.45 -74.35 1.61
N ASN H 212 30.93 -73.62 0.60
CA ASN H 212 30.09 -73.01 -0.43
C ASN H 212 28.98 -72.16 0.21
N LYS H 213 29.41 -71.17 0.98
CA LYS H 213 28.52 -70.30 1.74
C LYS H 213 28.48 -68.92 1.12
N THR H 214 27.50 -68.12 1.58
CA THR H 214 27.41 -66.74 1.11
C THR H 214 28.34 -65.84 1.89
N VAL H 215 28.20 -65.80 3.22
CA VAL H 215 29.14 -65.12 4.10
C VAL H 215 29.39 -66.07 5.27
N VAL H 216 30.47 -66.84 5.20
CA VAL H 216 30.86 -67.79 6.24
C VAL H 216 31.85 -67.10 7.15
N ALA H 217 31.67 -67.26 8.46
CA ALA H 217 32.54 -66.63 9.43
C ALA H 217 33.16 -67.68 10.34
N PRO H 218 34.40 -67.44 10.80
CA PRO H 218 35.06 -68.39 11.69
C PRO H 218 34.82 -68.07 13.16
N MET H 219 34.72 -69.13 13.96
CA MET H 219 34.46 -69.00 15.40
C MET H 219 35.77 -68.62 16.08
N LEU H 220 35.91 -67.35 16.40
CA LEU H 220 37.09 -66.84 17.09
C LEU H 220 36.86 -66.92 18.59
N ASP H 221 37.54 -67.84 19.25
CA ASP H 221 37.38 -68.00 20.69
C ASP H 221 38.19 -66.94 21.44
N SER H 222 38.02 -66.93 22.76
CA SER H 222 38.74 -65.98 23.61
C SER H 222 38.78 -66.54 25.03
N ARG H 223 39.37 -65.74 25.93
CA ARG H 223 39.50 -66.13 27.33
C ARG H 223 38.17 -66.15 28.06
N ALA H 224 37.10 -65.61 27.46
CA ALA H 224 35.80 -65.57 28.12
C ALA H 224 34.68 -65.88 27.12
N ALA H 225 33.44 -65.63 27.54
CA ALA H 225 32.29 -65.94 26.70
C ALA H 225 32.29 -65.13 25.39
N TYR H 226 32.69 -63.86 25.46
CA TYR H 226 32.59 -62.98 24.29
C TYR H 226 33.37 -63.55 23.12
N SER H 227 32.76 -63.47 21.93
CA SER H 227 33.33 -64.01 20.71
C SER H 227 32.73 -63.26 19.53
N ASN H 228 32.92 -63.79 18.32
CA ASN H 228 32.50 -63.13 17.10
C ASN H 228 31.22 -63.73 16.53
N PHE H 229 30.44 -64.43 17.36
CA PHE H 229 29.22 -65.08 16.88
C PHE H 229 28.08 -64.78 17.87
N TRP H 230 27.37 -63.69 17.61
CA TRP H 230 26.14 -63.42 18.34
C TRP H 230 25.08 -64.45 17.96
N CYS H 231 24.07 -64.59 18.82
CA CYS H 231 23.05 -65.62 18.65
C CYS H 231 21.66 -65.05 18.39
N GLY H 232 21.48 -63.74 18.46
CA GLY H 232 20.20 -63.14 18.15
C GLY H 232 20.04 -61.72 18.63
N MET H 233 19.41 -60.88 17.81
CA MET H 233 19.13 -59.49 18.18
C MET H 233 17.73 -59.41 18.77
N THR H 234 17.60 -58.74 19.91
CA THR H 234 16.32 -58.75 20.63
C THR H 234 15.34 -57.73 20.06
N SER H 235 15.66 -56.45 20.16
CA SER H 235 14.73 -55.44 19.67
C SER H 235 15.38 -54.40 18.78
N GLN H 236 16.61 -53.98 19.09
CA GLN H 236 17.27 -52.90 18.37
C GLN H 236 18.74 -53.22 18.17
N GLY H 237 19.04 -54.47 17.84
CA GLY H 237 20.40 -54.91 17.64
C GLY H 237 21.16 -55.28 18.89
N TYR H 238 20.56 -55.11 20.06
CA TYR H 238 21.22 -55.50 21.30
C TYR H 238 21.37 -57.02 21.37
N TYR H 239 22.46 -57.46 21.97
CA TYR H 239 22.70 -58.89 22.13
C TYR H 239 21.65 -59.49 23.05
N LYS H 240 21.06 -60.59 22.59
CA LYS H 240 20.05 -61.32 23.37
C LYS H 240 20.61 -62.70 23.65
N ARG H 241 20.71 -63.06 24.93
CA ARG H 241 21.31 -64.34 25.30
C ARG H 241 20.38 -65.48 24.91
N THR H 242 20.58 -66.03 23.72
CA THR H 242 19.75 -67.12 23.24
C THR H 242 20.05 -68.40 24.02
N PRO H 243 19.14 -69.37 23.96
CA PRO H 243 19.35 -70.63 24.69
C PRO H 243 20.38 -71.56 24.07
N ALA H 244 21.16 -71.09 23.09
CA ALA H 244 22.16 -71.90 22.43
C ALA H 244 23.55 -71.28 22.39
N TYR H 245 23.71 -70.04 22.84
CA TYR H 245 25.03 -69.40 22.81
C TYR H 245 26.04 -70.16 23.65
N ILE H 246 25.68 -70.45 24.91
CA ILE H 246 26.54 -71.28 25.75
C ILE H 246 26.72 -72.66 25.16
N PRO H 247 25.68 -73.34 24.67
CA PRO H 247 25.90 -74.66 24.05
C PRO H 247 26.73 -74.60 22.79
N ILE H 248 26.86 -73.43 22.15
CA ILE H 248 27.65 -73.31 20.94
C ILE H 248 29.11 -73.00 21.24
N ARG H 249 29.35 -71.97 22.07
CA ARG H 249 30.72 -71.56 22.37
C ARG H 249 31.50 -72.64 23.12
N LYS H 250 30.81 -73.60 23.74
CA LYS H 250 31.47 -74.70 24.43
C LYS H 250 31.78 -75.87 23.51
N ARG H 251 31.53 -75.72 22.21
CA ARG H 251 31.82 -76.76 21.22
C ARG H 251 31.02 -78.04 21.49
N ASP H 252 29.85 -77.91 22.10
CA ASP H 252 28.99 -79.06 22.32
C ASP H 252 28.49 -79.63 20.99
N ARG H 253 28.14 -78.75 20.05
CA ARG H 253 27.66 -79.15 18.73
C ARG H 253 28.58 -78.57 17.66
N ARG H 254 28.92 -79.39 16.67
CA ARG H 254 29.75 -78.98 15.55
C ARG H 254 28.94 -79.04 14.27
N GLY H 255 29.03 -77.98 13.46
CA GLY H 255 28.25 -77.86 12.24
C GLY H 255 27.73 -76.44 12.11
N CYS H 256 27.74 -75.94 10.88
CA CYS H 256 27.35 -74.56 10.60
C CYS H 256 25.91 -74.29 10.99
N PHE H 257 25.69 -73.29 11.84
CA PHE H 257 24.36 -72.88 12.29
C PHE H 257 24.19 -71.39 12.03
N ALA H 258 23.04 -71.02 11.48
CA ALA H 258 22.80 -69.62 11.13
C ALA H 258 22.77 -68.74 12.37
N VAL H 259 23.09 -67.47 12.18
CA VAL H 259 23.17 -66.50 13.27
C VAL H 259 22.62 -65.16 12.80
N PRO H 260 22.30 -64.25 13.70
CA PRO H 260 21.75 -62.95 13.27
C PRO H 260 22.83 -61.91 13.03
N MET H 261 24.07 -62.20 13.44
CA MET H 261 25.18 -61.27 13.24
C MET H 261 26.48 -62.02 13.42
N VAL H 262 27.48 -61.64 12.62
CA VAL H 262 28.81 -62.24 12.68
C VAL H 262 29.85 -61.15 12.52
N HIS H 263 30.55 -60.81 13.60
CA HIS H 263 31.52 -59.73 13.61
C HIS H 263 32.92 -60.26 13.31
N SER H 264 33.85 -59.32 13.13
CA SER H 264 35.26 -59.61 12.94
C SER H 264 35.54 -60.38 11.65
N THR H 265 35.84 -61.67 11.78
CA THR H 265 36.34 -62.47 10.67
C THR H 265 35.18 -62.91 9.77
N PHE H 266 34.93 -62.15 8.72
CA PHE H 266 33.95 -62.51 7.70
C PHE H 266 34.65 -62.83 6.40
N LEU H 267 34.01 -63.70 5.61
CA LEU H 267 34.50 -64.05 4.27
C LEU H 267 33.33 -63.86 3.32
N ILE H 268 33.19 -62.64 2.80
CA ILE H 268 32.03 -62.26 2.00
C ILE H 268 32.34 -62.68 0.57
N ASP H 269 32.03 -63.94 0.26
CA ASP H 269 32.30 -64.52 -1.06
C ASP H 269 31.56 -63.75 -2.15
N LEU H 270 32.31 -63.11 -3.05
CA LEU H 270 31.73 -62.40 -4.18
C LEU H 270 31.44 -63.32 -5.36
N ARG H 271 31.55 -64.63 -5.18
CA ARG H 271 31.29 -65.56 -6.28
C ARG H 271 29.80 -65.64 -6.61
N LYS H 272 28.96 -65.76 -5.59
CA LYS H 272 27.54 -65.98 -5.81
C LYS H 272 26.86 -64.72 -6.35
N ALA H 273 25.82 -64.91 -7.16
CA ALA H 273 25.15 -63.79 -7.81
C ALA H 273 24.47 -62.88 -6.79
N ALA H 274 23.79 -63.45 -5.79
CA ALA H 274 23.07 -62.64 -4.82
C ALA H 274 23.99 -61.73 -4.03
N SER H 275 25.29 -62.00 -4.00
CA SER H 275 26.24 -61.19 -3.26
C SER H 275 26.54 -59.86 -3.93
N ARG H 276 25.82 -59.50 -4.98
CA ARG H 276 26.04 -58.26 -5.71
C ARG H 276 25.30 -57.07 -5.09
N ASN H 277 24.48 -57.29 -4.08
CA ASN H 277 23.67 -56.23 -3.49
C ASN H 277 24.13 -55.78 -2.11
N LEU H 278 25.11 -56.47 -1.50
CA LEU H 278 25.54 -56.11 -0.16
C LEU H 278 26.20 -54.74 -0.16
N ALA H 279 25.72 -53.86 0.73
CA ALA H 279 26.20 -52.49 0.82
C ALA H 279 26.53 -52.16 2.27
N PHE H 280 27.61 -51.40 2.48
CA PHE H 280 28.08 -51.09 3.84
C PHE H 280 27.93 -49.60 4.17
N TYR H 281 28.52 -48.71 3.36
CA TYR H 281 28.47 -47.28 3.70
C TYR H 281 27.06 -46.72 3.60
N PRO H 282 26.43 -46.68 2.42
CA PRO H 282 25.07 -46.16 2.34
C PRO H 282 24.09 -47.10 3.01
N PRO H 283 23.58 -46.75 4.18
CA PRO H 283 22.59 -47.61 4.83
C PRO H 283 21.34 -47.73 3.99
N HIS H 284 20.73 -48.91 4.05
CA HIS H 284 19.51 -49.15 3.29
C HIS H 284 18.40 -48.21 3.77
N PRO H 285 17.54 -47.75 2.86
CA PRO H 285 16.49 -46.80 3.27
C PRO H 285 15.52 -47.38 4.27
N ASP H 286 15.44 -48.70 4.40
CA ASP H 286 14.52 -49.37 5.31
C ASP H 286 15.20 -49.80 6.61
N TYR H 287 16.16 -49.04 7.09
CA TYR H 287 16.86 -49.33 8.33
C TYR H 287 16.41 -48.36 9.41
N THR H 288 15.96 -48.89 10.55
CA THR H 288 15.45 -48.10 11.65
C THR H 288 16.17 -48.38 12.96
N TRP H 289 17.20 -49.22 12.95
CA TRP H 289 17.97 -49.54 14.14
C TRP H 289 18.96 -48.42 14.42
N SER H 290 19.92 -48.68 15.32
CA SER H 290 20.91 -47.67 15.68
C SER H 290 21.87 -47.44 14.50
N PHE H 291 22.82 -46.53 14.71
CA PHE H 291 23.75 -46.11 13.66
C PHE H 291 25.14 -46.70 13.86
N ASP H 292 25.24 -47.85 14.51
CA ASP H 292 26.53 -48.51 14.68
C ASP H 292 26.98 -49.13 13.38
N ASP H 293 28.26 -49.52 13.35
CA ASP H 293 28.85 -50.12 12.16
C ASP H 293 28.75 -51.64 12.12
N ILE H 294 28.41 -52.27 13.24
CA ILE H 294 28.30 -53.73 13.29
C ILE H 294 26.88 -54.22 13.03
N ILE H 295 25.94 -53.32 12.77
CA ILE H 295 24.56 -53.71 12.50
C ILE H 295 24.11 -53.32 11.10
N VAL H 296 24.74 -52.31 10.47
CA VAL H 296 24.34 -51.91 9.13
C VAL H 296 24.59 -53.04 8.14
N PHE H 297 25.63 -53.84 8.38
CA PHE H 297 25.86 -55.01 7.53
C PHE H 297 24.82 -56.09 7.77
N ALA H 298 24.32 -56.21 9.00
CA ALA H 298 23.31 -57.23 9.29
C ALA H 298 22.00 -56.94 8.58
N PHE H 299 21.58 -55.66 8.59
CA PHE H 299 20.34 -55.30 7.91
C PHE H 299 20.45 -55.54 6.41
N SER H 300 21.59 -55.20 5.81
CA SER H 300 21.79 -55.44 4.40
C SER H 300 21.86 -56.93 4.08
N CYS H 301 22.43 -57.72 5.00
CA CYS H 301 22.48 -59.16 4.80
C CYS H 301 21.09 -59.79 4.85
N LYS H 302 20.31 -59.44 5.86
CA LYS H 302 18.96 -59.98 6.00
C LYS H 302 18.00 -59.50 4.92
N GLN H 303 18.01 -58.21 4.62
CA GLN H 303 17.11 -57.65 3.61
C GLN H 303 17.47 -58.04 2.19
N ALA H 304 18.50 -58.87 2.01
CA ALA H 304 18.87 -59.38 0.70
C ALA H 304 18.83 -60.91 0.66
N GLU H 305 18.38 -61.55 1.74
CA GLU H 305 18.19 -63.00 1.80
C GLU H 305 19.52 -63.74 1.60
N VAL H 306 20.50 -63.34 2.39
CA VAL H 306 21.80 -64.03 2.44
C VAL H 306 22.06 -64.37 3.91
N GLN H 307 21.64 -65.57 4.32
CA GLN H 307 21.74 -65.98 5.71
C GLN H 307 23.22 -66.26 6.03
N MET H 308 23.79 -65.42 6.89
CA MET H 308 25.20 -65.51 7.24
C MET H 308 25.41 -66.70 8.17
N TYR H 309 25.76 -67.85 7.61
CA TYR H 309 26.04 -69.03 8.41
C TYR H 309 27.34 -68.84 9.18
N VAL H 310 27.60 -69.76 10.10
CA VAL H 310 28.83 -69.74 10.89
C VAL H 310 29.09 -71.14 11.42
N CYS H 311 30.34 -71.59 11.34
CA CYS H 311 30.70 -72.96 11.68
C CYS H 311 31.84 -72.95 12.68
N ASN H 312 31.78 -73.88 13.64
CA ASN H 312 32.81 -74.06 14.66
C ASN H 312 33.27 -75.51 14.68
N LYS H 313 33.43 -76.11 13.50
CA LYS H 313 33.82 -77.51 13.43
C LYS H 313 35.22 -77.75 13.99
N GLU H 314 36.14 -76.83 13.72
CA GLU H 314 37.52 -76.97 14.18
C GLU H 314 38.00 -75.62 14.72
N GLU H 315 38.97 -75.69 15.62
CA GLU H 315 39.51 -74.49 16.24
C GLU H 315 40.17 -73.59 15.19
N TYR H 316 39.99 -72.29 15.34
CA TYR H 316 40.48 -71.32 14.38
C TYR H 316 41.54 -70.39 14.97
N GLY H 317 41.26 -69.75 16.10
CA GLY H 317 42.22 -68.85 16.69
C GLY H 317 41.77 -68.23 18.00
N PHE H 318 42.22 -67.00 18.27
CA PHE H 318 41.85 -66.30 19.48
C PHE H 318 41.83 -64.80 19.19
N LEU H 319 40.98 -64.08 19.91
CA LEU H 319 40.79 -62.66 19.74
C LEU H 319 40.71 -61.99 21.09
N PRO H 320 41.02 -60.69 21.15
CA PRO H 320 40.99 -59.99 22.45
C PRO H 320 39.62 -59.42 22.77
N VAL H 321 39.27 -59.47 24.05
CA VAL H 321 38.03 -58.89 24.55
C VAL H 321 38.11 -57.37 24.41
N PRO H 322 37.00 -56.70 24.09
CA PRO H 322 37.06 -55.24 23.94
C PRO H 322 37.31 -54.55 25.28
N LEU H 323 37.91 -53.37 25.20
CA LEU H 323 38.24 -52.57 26.36
C LEU H 323 37.14 -51.55 26.64
N ARG H 324 37.22 -50.90 27.78
CA ARG H 324 36.24 -49.89 28.17
C ARG H 324 36.41 -48.65 27.32
N ALA H 325 35.50 -47.69 27.48
CA ALA H 325 35.48 -46.48 26.68
C ALA H 325 36.42 -45.40 27.19
N HIS H 326 37.07 -45.61 28.33
CA HIS H 326 37.99 -44.62 28.90
C HIS H 326 39.37 -45.20 29.20
N SER H 327 39.72 -46.32 28.58
CA SER H 327 40.99 -46.99 28.85
C SER H 327 42.11 -46.33 28.03
N THR H 328 43.28 -46.98 28.01
CA THR H 328 44.43 -46.51 27.26
C THR H 328 45.03 -47.67 26.47
N LEU H 329 45.91 -47.34 25.53
CA LEU H 329 46.52 -48.35 24.67
C LEU H 329 47.36 -49.36 25.44
N GLN H 330 47.88 -48.98 26.62
CA GLN H 330 48.65 -49.91 27.42
C GLN H 330 47.79 -51.09 27.87
N ASP H 331 46.53 -50.82 28.22
CA ASP H 331 45.61 -51.90 28.57
C ASP H 331 45.38 -52.84 27.39
N GLU H 332 45.26 -52.28 26.19
CA GLU H 332 45.10 -53.11 25.00
C GLU H 332 46.35 -53.97 24.76
N ALA H 333 47.54 -53.40 24.96
CA ALA H 333 48.75 -54.18 24.82
C ALA H 333 48.81 -55.31 25.85
N GLU H 334 48.40 -55.01 27.08
CA GLU H 334 48.36 -56.04 28.12
C GLU H 334 47.37 -57.15 27.76
N SER H 335 46.21 -56.78 27.21
CA SER H 335 45.24 -57.77 26.79
C SER H 335 45.80 -58.63 25.67
N PHE H 336 46.51 -58.03 24.71
CA PHE H 336 47.12 -58.81 23.65
C PHE H 336 48.18 -59.77 24.19
N MET H 337 48.99 -59.30 25.14
CA MET H 337 49.99 -60.18 25.76
C MET H 337 49.33 -61.34 26.49
N HIS H 338 48.23 -61.05 27.20
CA HIS H 338 47.51 -62.12 27.89
C HIS H 338 46.91 -63.11 26.89
N VAL H 339 46.44 -62.61 25.75
CA VAL H 339 45.94 -63.49 24.70
C VAL H 339 47.05 -64.38 24.18
N GLN H 340 48.23 -63.82 23.97
CA GLN H 340 49.37 -64.62 23.52
C GLN H 340 49.72 -65.69 24.55
N LEU H 341 49.71 -65.33 25.84
CA LEU H 341 50.00 -66.30 26.90
C LEU H 341 48.96 -67.40 26.93
N GLU H 342 47.68 -67.05 26.78
CA GLU H 342 46.62 -68.06 26.75
C GLU H 342 46.77 -68.97 25.53
N VAL H 343 47.23 -68.41 24.41
CA VAL H 343 47.53 -69.24 23.24
C VAL H 343 48.64 -70.22 23.55
N MET H 344 49.67 -69.74 24.27
CA MET H 344 50.78 -70.59 24.67
C MET H 344 50.42 -71.57 25.78
N VAL H 345 49.23 -71.46 26.37
CA VAL H 345 48.87 -72.30 27.50
C VAL H 345 48.83 -73.77 27.09
N LYS H 346 48.22 -74.06 25.94
CA LYS H 346 48.06 -75.44 25.48
C LYS H 346 48.55 -75.66 24.06
N HIS H 347 49.15 -74.65 23.43
CA HIS H 347 49.62 -74.74 22.05
C HIS H 347 51.04 -74.24 21.96
N PRO H 348 51.76 -74.61 20.90
CA PRO H 348 53.10 -74.07 20.73
C PRO H 348 53.07 -72.58 20.58
N PRO H 349 54.11 -71.88 21.05
CA PRO H 349 54.09 -70.40 21.01
C PRO H 349 53.98 -69.88 19.58
N ALA H 350 53.25 -68.78 19.44
CA ALA H 350 53.03 -68.17 18.13
C ALA H 350 54.27 -67.41 17.70
N GLU H 351 55.03 -67.99 16.79
CA GLU H 351 56.23 -67.34 16.29
C GLU H 351 55.86 -66.09 15.50
N PRO H 352 56.54 -64.98 15.72
CA PRO H 352 56.22 -63.74 15.00
C PRO H 352 56.80 -63.78 13.59
N SER H 353 56.61 -62.67 12.88
CA SER H 353 57.04 -62.57 11.49
C SER H 353 58.56 -62.49 11.40
N ARG H 354 59.09 -62.99 10.28
CA ARG H 354 60.53 -62.89 10.02
C ARG H 354 60.88 -61.59 9.32
N PHE H 355 59.99 -61.11 8.44
CA PHE H 355 60.27 -59.87 7.71
C PHE H 355 60.35 -58.67 8.65
N ILE H 356 59.49 -58.63 9.67
CA ILE H 356 59.47 -57.52 10.61
C ILE H 356 60.25 -57.88 11.86
N SER H 357 60.59 -56.87 12.64
CA SER H 357 61.39 -57.04 13.85
C SER H 357 60.49 -57.32 15.05
N ALA H 358 61.11 -57.35 16.23
CA ALA H 358 60.40 -57.60 17.47
C ALA H 358 60.81 -56.57 18.53
N PRO H 359 59.87 -55.79 19.06
CA PRO H 359 60.23 -54.81 20.10
C PRO H 359 60.26 -55.41 21.49
N THR H 360 61.34 -56.10 21.83
CA THR H 360 61.44 -56.73 23.15
C THR H 360 61.50 -55.66 24.24
N LYS H 361 60.90 -55.97 25.39
CA LYS H 361 60.84 -55.07 26.52
C LYS H 361 61.81 -55.51 27.61
N THR H 362 62.07 -54.59 28.56
CA THR H 362 63.01 -54.83 29.65
C THR H 362 62.29 -55.43 30.84
N PRO H 363 62.88 -56.43 31.51
CA PRO H 363 62.23 -57.02 32.68
C PRO H 363 62.39 -56.15 33.91
N ASP H 364 61.63 -56.50 34.95
CA ASP H 364 61.68 -55.82 36.22
C ASP H 364 61.34 -56.82 37.32
N LYS H 365 61.08 -56.31 38.53
CA LYS H 365 60.73 -57.15 39.67
C LYS H 365 59.33 -56.86 40.20
N MET H 366 58.54 -56.05 39.49
CA MET H 366 57.16 -55.72 39.87
C MET H 366 57.07 -55.09 41.25
N GLY H 367 58.13 -54.45 41.71
CA GLY H 367 58.15 -53.85 43.04
C GLY H 367 58.42 -54.80 44.17
N PHE H 368 58.62 -56.08 43.89
CA PHE H 368 58.91 -57.07 44.92
C PHE H 368 60.42 -57.18 45.12
N ASP H 369 60.81 -57.86 46.19
CA ASP H 369 62.22 -58.05 46.51
C ASP H 369 62.80 -59.31 45.87
N GLU H 370 62.05 -60.41 45.89
CA GLU H 370 62.51 -61.66 45.31
C GLU H 370 61.35 -62.33 44.59
N VAL H 371 61.68 -63.11 43.56
CA VAL H 371 60.70 -63.86 42.79
C VAL H 371 61.13 -65.33 42.84
N PHE H 372 60.61 -66.07 43.81
CA PHE H 372 60.95 -67.48 43.95
C PHE H 372 60.23 -68.31 42.89
N MET H 373 60.83 -69.44 42.54
CA MET H 373 60.26 -70.33 41.53
C MET H 373 60.72 -71.74 41.82
N ILE H 374 59.81 -72.59 42.26
CA ILE H 374 60.11 -74.00 42.51
C ILE H 374 59.92 -74.77 41.22
N ASN H 375 60.97 -75.48 40.81
CA ASN H 375 60.96 -76.22 39.55
C ASN H 375 61.49 -77.63 39.76
N LEU H 376 61.01 -78.54 38.93
CA LEU H 376 61.45 -79.93 38.95
C LEU H 376 62.51 -80.13 37.87
N ARG H 377 63.58 -80.84 38.23
CA ARG H 377 64.68 -81.05 37.28
C ARG H 377 64.24 -81.87 36.08
N ARG H 378 63.45 -82.93 36.31
CA ARG H 378 63.06 -83.81 35.22
C ARG H 378 62.16 -83.09 34.21
N ARG H 379 61.20 -82.31 34.69
CA ARG H 379 60.26 -81.62 33.82
C ARG H 379 60.81 -80.24 33.45
N GLN H 380 61.02 -80.03 32.15
CA GLN H 380 61.59 -78.78 31.65
C GLN H 380 60.67 -78.01 30.72
N ASP H 381 59.72 -78.67 30.06
CA ASP H 381 58.78 -77.96 29.20
C ASP H 381 57.94 -76.98 30.01
N ARG H 382 57.48 -77.39 31.19
CA ARG H 382 56.77 -76.47 32.08
C ARG H 382 57.68 -75.35 32.53
N ARG H 383 58.94 -75.65 32.83
CA ARG H 383 59.88 -74.61 33.23
C ARG H 383 60.12 -73.63 32.09
N GLU H 384 60.27 -74.14 30.87
CA GLU H 384 60.46 -73.26 29.72
C GLU H 384 59.24 -72.38 29.49
N ARG H 385 58.05 -72.96 29.62
CA ARG H 385 56.82 -72.18 29.47
C ARG H 385 56.72 -71.09 30.53
N MET H 386 57.08 -71.42 31.78
CA MET H 386 57.05 -70.44 32.85
C MET H 386 58.06 -69.31 32.60
N LEU H 387 59.25 -69.67 32.12
CA LEU H 387 60.24 -68.65 31.80
C LEU H 387 59.76 -67.74 30.67
N ARG H 388 59.14 -68.33 29.64
CA ARG H 388 58.60 -67.54 28.54
C ARG H 388 57.48 -66.62 29.03
N ALA H 389 56.62 -67.11 29.91
CA ALA H 389 55.56 -66.28 30.47
C ALA H 389 56.13 -65.14 31.28
N LEU H 390 57.17 -65.41 32.08
CA LEU H 390 57.81 -64.34 32.85
C LEU H 390 58.43 -63.30 31.92
N GLN H 391 59.06 -63.75 30.83
CA GLN H 391 59.63 -62.81 29.87
C GLN H 391 58.54 -61.97 29.22
N ALA H 392 57.43 -62.59 28.84
CA ALA H 392 56.31 -61.83 28.29
C ALA H 392 55.72 -60.87 29.31
N GLN H 393 55.62 -61.30 30.57
CA GLN H 393 55.14 -60.45 31.64
C GLN H 393 56.12 -59.36 32.03
N GLU H 394 57.33 -59.36 31.46
CA GLU H 394 58.38 -58.40 31.78
C GLU H 394 58.72 -58.42 33.27
N ILE H 395 58.75 -59.62 33.83
CA ILE H 395 59.06 -59.83 35.25
C ILE H 395 60.27 -60.76 35.34
N GLU H 396 61.32 -60.30 36.02
CA GLU H 396 62.48 -61.14 36.25
C GLU H 396 62.19 -62.13 37.37
N CYS H 397 62.85 -63.29 37.30
CA CYS H 397 62.61 -64.38 38.24
C CYS H 397 63.92 -64.81 38.87
N ARG H 398 63.86 -65.07 40.18
CA ARG H 398 64.98 -65.68 40.91
C ARG H 398 64.70 -67.18 40.99
N LEU H 399 65.06 -67.87 39.92
CA LEU H 399 64.75 -69.29 39.78
C LEU H 399 65.40 -70.10 40.90
N VAL H 400 64.66 -71.07 41.42
CA VAL H 400 65.13 -71.94 42.49
C VAL H 400 64.92 -73.40 42.07
N GLU H 401 65.51 -74.30 42.85
CA GLU H 401 65.40 -75.72 42.63
C GLU H 401 64.84 -76.40 43.88
N ALA H 402 64.37 -77.63 43.70
CA ALA H 402 63.78 -78.40 44.78
C ALA H 402 64.42 -79.78 44.85
N VAL H 403 64.49 -80.31 46.07
CA VAL H 403 65.04 -81.65 46.28
C VAL H 403 64.00 -82.68 45.86
N ASP H 404 64.43 -83.63 45.04
CA ASP H 404 63.53 -84.69 44.56
C ASP H 404 63.18 -85.61 45.71
N GLY H 405 61.98 -85.46 46.25
CA GLY H 405 61.56 -86.31 47.36
C GLY H 405 61.38 -87.76 46.96
N LYS H 406 60.87 -87.99 45.74
CA LYS H 406 60.63 -89.35 45.29
C LYS H 406 61.94 -90.13 45.18
N ALA H 407 62.99 -89.50 44.65
CA ALA H 407 64.28 -90.17 44.53
C ALA H 407 65.05 -90.17 45.85
N MET H 408 64.61 -89.39 46.84
CA MET H 408 65.31 -89.34 48.11
C MET H 408 65.14 -90.65 48.87
N ASN H 409 66.17 -91.03 49.62
CA ASN H 409 66.18 -92.25 50.42
C ASN H 409 66.14 -91.89 51.90
N THR H 410 66.04 -92.92 52.74
CA THR H 410 65.96 -92.70 54.19
C THR H 410 67.27 -92.18 54.76
N SER H 411 68.40 -92.54 54.15
CA SER H 411 69.70 -92.14 54.70
C SER H 411 69.85 -90.62 54.73
N GLN H 412 69.44 -89.95 53.66
CA GLN H 412 69.47 -88.49 53.62
C GLN H 412 68.27 -87.85 54.32
N VAL H 413 67.12 -88.52 54.32
CA VAL H 413 65.92 -87.95 54.92
C VAL H 413 66.08 -87.87 56.43
N GLU H 414 66.55 -88.95 57.07
CA GLU H 414 66.72 -88.95 58.51
C GLU H 414 67.85 -88.03 58.96
N ALA H 415 68.80 -87.72 58.09
CA ALA H 415 69.90 -86.85 58.46
C ALA H 415 69.41 -85.41 58.69
N LEU H 416 68.35 -85.00 58.01
CA LEU H 416 67.81 -83.66 58.16
C LEU H 416 66.88 -83.52 59.36
N GLY H 417 66.63 -84.60 60.09
CA GLY H 417 65.74 -84.54 61.22
C GLY H 417 64.28 -84.39 60.86
N ILE H 418 63.91 -84.70 59.62
CA ILE H 418 62.52 -84.58 59.17
C ILE H 418 61.75 -85.79 59.69
N GLN H 419 60.79 -85.54 60.57
CA GLN H 419 59.95 -86.58 61.15
C GLN H 419 58.48 -86.29 60.83
N MET H 420 57.75 -87.34 60.51
CA MET H 420 56.33 -87.18 60.22
C MET H 420 55.56 -86.77 61.46
N LEU H 421 54.43 -86.10 61.24
CA LEU H 421 53.61 -85.64 62.35
C LEU H 421 53.02 -86.84 63.11
N PRO H 422 52.79 -86.69 64.41
CA PRO H 422 52.28 -87.82 65.19
C PRO H 422 50.82 -88.11 64.84
N GLY H 423 50.58 -89.34 64.38
CA GLY H 423 49.23 -89.77 64.04
C GLY H 423 48.62 -88.98 62.90
N TYR H 424 49.37 -88.77 61.82
CA TYR H 424 48.91 -88.01 60.67
C TYR H 424 48.83 -88.92 59.46
N ARG H 425 47.77 -88.73 58.67
CA ARG H 425 47.56 -89.49 57.45
C ARG H 425 46.82 -88.60 56.45
N ASP H 426 46.48 -89.16 55.30
CA ASP H 426 45.75 -88.41 54.29
C ASP H 426 44.30 -88.23 54.72
N PRO H 427 43.78 -86.99 54.75
CA PRO H 427 42.39 -86.79 55.17
C PRO H 427 41.37 -87.20 54.12
N TYR H 428 41.80 -87.59 52.92
CA TYR H 428 40.90 -88.02 51.86
C TYR H 428 41.06 -89.47 51.46
N HIS H 429 42.27 -90.03 51.56
CA HIS H 429 42.51 -91.42 51.17
C HIS H 429 42.89 -92.29 52.36
N GLY H 430 43.91 -91.90 53.12
CA GLY H 430 44.31 -92.67 54.28
C GLY H 430 45.80 -92.95 54.37
N ARG H 431 46.54 -92.59 53.33
CA ARG H 431 47.98 -92.81 53.33
C ARG H 431 48.65 -91.86 54.32
N PRO H 432 49.73 -92.31 54.98
CA PRO H 432 50.41 -91.44 55.96
C PRO H 432 51.00 -90.19 55.35
N LEU H 433 51.84 -90.36 54.34
CA LEU H 433 52.49 -89.25 53.65
C LEU H 433 53.07 -89.78 52.35
N THR H 434 53.73 -88.89 51.61
CA THR H 434 54.34 -89.25 50.34
C THR H 434 55.72 -88.60 50.24
N LYS H 435 56.57 -89.20 49.40
CA LYS H 435 57.91 -88.66 49.20
C LYS H 435 57.85 -87.30 48.51
N GLY H 436 56.93 -87.14 47.56
CA GLY H 436 56.79 -85.84 46.91
C GLY H 436 56.35 -84.75 47.87
N GLU H 437 55.46 -85.09 48.80
CA GLU H 437 55.06 -84.13 49.83
C GLU H 437 56.25 -83.74 50.70
N LEU H 438 57.08 -84.70 51.06
CA LEU H 438 58.28 -84.39 51.85
C LEU H 438 59.22 -83.49 51.08
N GLY H 439 59.41 -83.77 49.79
CA GLY H 439 60.27 -82.92 48.99
C GLY H 439 59.74 -81.50 48.86
N CYS H 440 58.44 -81.37 48.64
CA CYS H 440 57.83 -80.04 48.55
C CYS H 440 57.96 -79.29 49.88
N PHE H 441 57.73 -79.98 51.00
CA PHE H 441 57.88 -79.34 52.30
C PHE H 441 59.33 -78.92 52.54
N LEU H 442 60.29 -79.75 52.16
CA LEU H 442 61.70 -79.39 52.31
C LEU H 442 62.05 -78.19 51.45
N SER H 443 61.54 -78.14 50.21
CA SER H 443 61.79 -76.99 49.36
C SER H 443 61.19 -75.71 49.94
N HIS H 444 59.96 -75.80 50.46
CA HIS H 444 59.34 -74.64 51.07
C HIS H 444 60.11 -74.18 52.30
N TYR H 445 60.58 -75.12 53.12
CA TYR H 445 61.36 -74.77 54.31
C TYR H 445 62.68 -74.11 53.92
N ASN H 446 63.33 -74.63 52.87
CA ASN H 446 64.58 -74.02 52.41
C ASN H 446 64.33 -72.62 51.87
N ILE H 447 63.23 -72.42 51.14
CA ILE H 447 62.91 -71.10 50.62
C ILE H 447 62.65 -70.12 51.77
N TRP H 448 61.90 -70.57 52.78
CA TRP H 448 61.62 -69.71 53.93
C TRP H 448 62.90 -69.37 54.69
N LYS H 449 63.79 -70.36 54.85
CA LYS H 449 65.06 -70.11 55.53
C LYS H 449 65.91 -69.11 54.74
N GLU H 450 65.94 -69.25 53.42
CA GLU H 450 66.69 -68.29 52.59
C GLU H 450 66.10 -66.90 52.71
N VAL H 451 64.77 -66.79 52.71
CA VAL H 451 64.12 -65.48 52.84
C VAL H 451 64.45 -64.86 54.19
N VAL H 452 64.42 -65.65 55.25
CA VAL H 452 64.73 -65.14 56.59
C VAL H 452 66.19 -64.71 56.67
N ASP H 453 67.10 -65.52 56.13
CA ASP H 453 68.53 -65.20 56.19
C ASP H 453 68.85 -63.95 55.39
N ARG H 454 68.27 -63.82 54.20
CA ARG H 454 68.49 -62.64 53.37
C ARG H 454 67.81 -61.39 53.93
N GLY H 455 66.97 -61.53 54.95
CA GLY H 455 66.21 -60.39 55.45
C GLY H 455 65.23 -59.86 54.43
N LEU H 456 64.64 -60.73 53.63
CA LEU H 456 63.70 -60.32 52.60
C LEU H 456 62.39 -59.87 53.22
N GLN H 457 62.07 -58.58 53.05
CA GLN H 457 60.83 -58.04 53.60
C GLN H 457 59.61 -58.69 52.95
N LYS H 458 59.65 -58.90 51.64
CA LYS H 458 58.55 -59.52 50.92
C LYS H 458 59.11 -60.36 49.78
N SER H 459 58.40 -61.44 49.46
CA SER H 459 58.82 -62.33 48.38
C SER H 459 57.61 -63.02 47.80
N LEU H 460 57.77 -63.53 46.57
CA LEU H 460 56.71 -64.25 45.89
C LEU H 460 57.22 -65.63 45.50
N VAL H 461 56.47 -66.67 45.86
CA VAL H 461 56.82 -68.06 45.58
C VAL H 461 55.70 -68.68 44.76
N PHE H 462 56.08 -69.34 43.67
CA PHE H 462 55.09 -69.92 42.76
C PHE H 462 55.41 -71.37 42.44
N GLU H 463 54.65 -71.97 41.53
CA GLU H 463 54.81 -73.34 41.11
C GLU H 463 55.15 -73.39 39.62
N ASP H 464 55.17 -74.59 39.06
CA ASP H 464 55.57 -74.81 37.67
C ASP H 464 54.38 -74.79 36.71
N ASP H 465 53.17 -74.52 37.18
CA ASP H 465 51.99 -74.51 36.31
C ASP H 465 50.96 -73.57 36.92
N LEU H 466 50.73 -72.44 36.26
CA LEU H 466 49.75 -71.46 36.71
C LEU H 466 49.13 -70.78 35.52
N ARG H 467 47.96 -70.17 35.75
CA ARG H 467 47.22 -69.43 34.72
C ARG H 467 47.12 -67.98 35.18
N PHE H 468 48.00 -67.13 34.64
CA PHE H 468 48.01 -65.73 35.02
C PHE H 468 46.75 -65.02 34.52
N GLU H 469 46.34 -64.01 35.26
CA GLU H 469 45.18 -63.19 34.92
C GLU H 469 45.61 -61.97 34.10
N ILE H 470 44.63 -61.39 33.41
CA ILE H 470 44.89 -60.19 32.62
C ILE H 470 45.22 -59.04 33.55
N PHE H 471 46.20 -58.22 33.15
CA PHE H 471 46.67 -57.08 33.96
C PHE H 471 47.12 -57.53 35.34
N PHE H 472 47.75 -58.71 35.40
CA PHE H 472 48.17 -59.27 36.68
C PHE H 472 49.25 -58.42 37.33
N LYS H 473 50.23 -57.96 36.54
CA LYS H 473 51.36 -57.22 37.11
C LYS H 473 50.89 -55.91 37.74
N ARG H 474 50.13 -55.11 37.00
CA ARG H 474 49.68 -53.82 37.50
C ARG H 474 48.78 -53.98 38.72
N ARG H 475 47.85 -54.94 38.65
CA ARG H 475 46.93 -55.16 39.77
C ARG H 475 47.68 -55.62 41.02
N LEU H 476 48.61 -56.56 40.85
CA LEU H 476 49.39 -57.03 42.00
C LEU H 476 50.23 -55.92 42.60
N MET H 477 50.88 -55.11 41.75
CA MET H 477 51.67 -54.00 42.25
C MET H 477 50.82 -53.00 42.99
N ASN H 478 49.65 -52.67 42.46
CA ASN H 478 48.75 -51.73 43.12
C ASN H 478 48.28 -52.27 44.46
N LEU H 479 47.92 -53.56 44.51
CA LEU H 479 47.47 -54.16 45.76
C LEU H 479 48.57 -54.16 46.80
N MET H 480 49.79 -54.53 46.39
CA MET H 480 50.91 -54.54 47.34
C MET H 480 51.22 -53.13 47.84
N ARG H 481 51.19 -52.14 46.94
CA ARG H 481 51.45 -50.76 47.34
C ARG H 481 50.39 -50.27 48.31
N ASP H 482 49.11 -50.57 48.04
CA ASP H 482 48.05 -50.15 48.94
C ASP H 482 48.20 -50.82 50.31
N VAL H 483 48.52 -52.11 50.33
CA VAL H 483 48.69 -52.82 51.59
C VAL H 483 49.85 -52.23 52.39
N GLU H 484 50.97 -51.94 51.71
CA GLU H 484 52.12 -51.38 52.40
C GLU H 484 51.85 -49.96 52.90
N ARG H 485 51.13 -49.16 52.12
CA ARG H 485 50.89 -47.77 52.50
C ARG H 485 49.88 -47.69 53.65
N GLU H 486 48.81 -48.49 53.59
CA GLU H 486 47.80 -48.44 54.65
C GLU H 486 48.38 -48.87 55.98
N GLY H 487 49.14 -49.97 56.00
CA GLY H 487 49.76 -50.44 57.21
C GLY H 487 48.94 -51.51 57.91
N LEU H 488 49.41 -52.74 57.88
CA LEU H 488 48.70 -53.85 58.49
C LEU H 488 49.66 -55.01 58.70
N ASP H 489 49.26 -55.95 59.55
CA ASP H 489 50.07 -57.13 59.84
C ASP H 489 49.79 -58.23 58.80
N TRP H 490 50.14 -57.91 57.55
CA TRP H 490 49.96 -58.84 56.44
C TRP H 490 51.18 -59.74 56.36
N ASP H 491 50.97 -61.05 56.55
CA ASP H 491 52.07 -62.01 56.53
C ASP H 491 51.77 -63.19 55.63
N LEU H 492 50.49 -63.53 55.47
CA LEU H 492 50.08 -64.70 54.70
C LEU H 492 48.92 -64.36 53.78
N ILE H 493 49.06 -63.26 53.03
CA ILE H 493 48.03 -62.86 52.09
C ILE H 493 47.92 -63.92 51.00
N TYR H 494 46.69 -64.36 50.72
CA TYR H 494 46.47 -65.44 49.78
C TYR H 494 46.29 -64.91 48.36
N VAL H 495 47.13 -65.39 47.45
CA VAL H 495 47.00 -65.05 46.04
C VAL H 495 46.34 -66.17 45.23
N GLY H 496 46.52 -67.43 45.63
CA GLY H 496 45.86 -68.53 44.98
C GLY H 496 45.49 -69.63 45.96
N ARG H 497 44.20 -69.98 46.01
CA ARG H 497 43.73 -70.98 46.97
C ARG H 497 42.46 -71.61 46.43
N LYS H 498 42.17 -72.81 46.94
CA LYS H 498 40.94 -73.54 46.62
C LYS H 498 40.04 -73.46 47.84
N ARG H 499 38.93 -72.72 47.70
CA ARG H 499 38.06 -72.39 48.84
C ARG H 499 37.28 -73.64 49.24
N MET H 500 37.94 -74.50 50.01
CA MET H 500 37.27 -75.68 50.55
C MET H 500 36.27 -75.34 51.64
N GLN H 501 36.33 -74.13 52.19
CA GLN H 501 35.40 -73.69 53.22
C GLN H 501 34.15 -73.15 52.55
N VAL H 502 33.23 -74.07 52.25
CA VAL H 502 31.96 -73.72 51.62
C VAL H 502 31.07 -73.10 52.67
N GLU H 503 30.99 -71.77 52.69
CA GLU H 503 30.21 -71.05 53.69
C GLU H 503 29.92 -69.65 53.15
N HIS H 504 29.43 -68.77 54.02
CA HIS H 504 29.11 -67.40 53.63
C HIS H 504 30.40 -66.61 53.39
N PRO H 505 30.29 -65.36 52.96
CA PRO H 505 31.48 -64.55 52.72
C PRO H 505 32.29 -64.33 53.99
N GLU H 506 33.60 -64.31 53.83
CA GLU H 506 34.49 -64.06 54.96
C GLU H 506 34.52 -62.58 55.32
N LYS H 507 35.10 -62.29 56.47
CA LYS H 507 35.16 -60.91 56.96
C LYS H 507 36.12 -60.08 56.09
N ALA H 508 35.85 -58.78 56.05
CA ALA H 508 36.65 -57.83 55.28
C ALA H 508 37.39 -56.92 56.25
N VAL H 509 38.71 -56.84 56.10
CA VAL H 509 39.51 -55.95 56.94
C VAL H 509 39.19 -54.51 56.60
N PRO H 510 39.20 -53.59 57.56
CA PRO H 510 38.85 -52.20 57.25
C PRO H 510 39.89 -51.53 56.36
N ARG H 511 39.40 -50.62 55.51
CA ARG H 511 40.24 -49.82 54.61
C ARG H 511 41.12 -50.69 53.72
N VAL H 512 40.60 -51.83 53.27
CA VAL H 512 41.33 -52.76 52.42
C VAL H 512 40.51 -53.00 51.17
N ARG H 513 41.16 -52.87 50.01
CA ARG H 513 40.50 -53.06 48.72
C ARG H 513 40.80 -54.47 48.21
N ASN H 514 39.74 -55.23 47.93
CA ASN H 514 39.85 -56.61 47.45
C ASN H 514 40.70 -57.47 48.38
N LEU H 515 40.59 -57.22 49.68
CA LEU H 515 41.33 -57.97 50.69
C LEU H 515 40.36 -58.42 51.77
N VAL H 516 40.47 -59.69 52.17
CA VAL H 516 39.60 -60.28 53.19
C VAL H 516 40.42 -61.20 54.07
N GLU H 517 39.85 -61.57 55.20
CA GLU H 517 40.49 -62.51 56.09
C GLU H 517 40.48 -63.91 55.47
N ALA H 518 41.64 -64.57 55.51
CA ALA H 518 41.76 -65.89 54.91
C ALA H 518 41.01 -66.94 55.75
N ASP H 519 40.81 -68.10 55.16
CA ASP H 519 40.12 -69.19 55.82
C ASP H 519 40.75 -70.50 55.35
N TYR H 520 40.11 -71.62 55.66
CA TYR H 520 40.63 -72.92 55.25
C TYR H 520 40.55 -73.07 53.74
N SER H 521 41.68 -73.35 53.11
CA SER H 521 41.73 -73.48 51.66
C SER H 521 42.91 -74.37 51.29
N TYR H 522 42.83 -74.95 50.08
CA TYR H 522 43.86 -75.82 49.55
C TYR H 522 44.45 -75.22 48.28
N TRP H 523 45.41 -75.94 47.69
CA TRP H 523 46.09 -75.52 46.47
C TRP H 523 46.71 -74.14 46.63
N THR H 524 47.57 -74.01 47.64
CA THR H 524 48.25 -72.76 47.93
C THR H 524 49.62 -72.71 47.23
N LEU H 525 49.56 -72.81 45.90
CA LEU H 525 50.78 -72.79 45.10
C LEU H 525 51.46 -71.41 45.15
N ALA H 526 50.69 -70.35 45.38
CA ALA H 526 51.22 -69.00 45.42
C ALA H 526 50.85 -68.34 46.74
N TYR H 527 51.80 -67.61 47.31
CA TYR H 527 51.57 -66.90 48.58
C TYR H 527 52.58 -65.78 48.69
N VAL H 528 52.11 -64.59 49.01
CA VAL H 528 52.97 -63.42 49.22
C VAL H 528 53.22 -63.30 50.72
N ILE H 529 54.39 -63.73 51.16
CA ILE H 529 54.72 -63.75 52.58
C ILE H 529 55.61 -62.57 52.91
N SER H 530 55.73 -62.28 54.20
CA SER H 530 56.56 -61.20 54.71
C SER H 530 57.66 -61.76 55.60
N LEU H 531 58.57 -60.87 56.00
CA LEU H 531 59.67 -61.29 56.87
C LEU H 531 59.16 -61.75 58.23
N GLN H 532 58.16 -61.06 58.78
CA GLN H 532 57.60 -61.46 60.06
C GLN H 532 56.95 -62.83 59.98
N GLY H 533 56.22 -63.11 58.89
CA GLY H 533 55.62 -64.41 58.72
C GLY H 533 56.65 -65.52 58.60
N ALA H 534 57.73 -65.26 57.85
CA ALA H 534 58.80 -66.25 57.72
C ALA H 534 59.47 -66.49 59.06
N ARG H 535 59.70 -65.43 59.84
CA ARG H 535 60.30 -65.60 61.17
C ARG H 535 59.39 -66.41 62.08
N LYS H 536 58.09 -66.14 62.03
CA LYS H 536 57.14 -66.91 62.85
C LYS H 536 57.12 -68.38 62.43
N LEU H 537 57.16 -68.64 61.12
CA LEU H 537 57.19 -70.02 60.64
C LEU H 537 58.47 -70.73 61.09
N LEU H 538 59.61 -70.03 61.04
CA LEU H 538 60.84 -70.62 61.52
C LEU H 538 60.79 -70.88 63.02
N ALA H 539 60.18 -69.97 63.78
CA ALA H 539 60.01 -70.19 65.21
C ALA H 539 59.10 -71.36 65.50
N ALA H 540 58.13 -71.63 64.62
CA ALA H 540 57.29 -72.81 64.78
C ALA H 540 58.13 -74.09 64.69
N GLU H 541 59.06 -74.13 63.73
CA GLU H 541 60.03 -75.22 63.60
C GLU H 541 59.36 -76.60 63.57
N PRO H 542 58.50 -76.85 62.58
CA PRO H 542 57.86 -78.16 62.44
C PRO H 542 58.74 -79.20 61.74
N LEU H 543 60.01 -79.28 62.18
CA LEU H 543 60.92 -80.25 61.60
C LEU H 543 60.57 -81.66 62.04
N SER H 544 60.07 -81.83 63.26
CA SER H 544 59.68 -83.14 63.78
C SER H 544 58.25 -83.50 63.43
N LYS H 545 57.52 -82.61 62.77
CA LYS H 545 56.14 -82.87 62.36
C LYS H 545 56.03 -82.54 60.87
N MET H 546 56.12 -83.57 60.03
CA MET H 546 56.07 -83.39 58.58
C MET H 546 54.66 -83.67 58.08
N LEU H 547 54.14 -82.78 57.24
CA LEU H 547 52.81 -82.93 56.67
C LEU H 547 52.73 -82.06 55.43
N PRO H 548 51.63 -82.13 54.69
CA PRO H 548 51.47 -81.28 53.51
C PRO H 548 51.48 -79.80 53.89
N VAL H 549 52.04 -78.97 53.02
CA VAL H 549 52.11 -77.54 53.28
C VAL H 549 50.72 -76.93 53.27
N ASP H 550 49.84 -77.43 52.39
CA ASP H 550 48.48 -76.91 52.33
C ASP H 550 47.70 -77.18 53.61
N GLU H 551 48.02 -78.26 54.33
CA GLU H 551 47.39 -78.53 55.61
C GLU H 551 48.05 -77.78 56.76
N PHE H 552 49.37 -77.60 56.70
CA PHE H 552 50.06 -76.86 57.76
C PHE H 552 49.70 -75.39 57.74
N LEU H 553 49.56 -74.80 56.54
CA LEU H 553 49.24 -73.38 56.45
C LEU H 553 47.91 -73.03 57.09
N PRO H 554 46.81 -73.74 56.79
CA PRO H 554 45.55 -73.44 57.50
C PRO H 554 45.65 -73.64 59.01
N VAL H 555 46.44 -74.61 59.46
CA VAL H 555 46.64 -74.79 60.90
C VAL H 555 47.41 -73.61 61.48
N MET H 556 48.42 -73.12 60.76
CA MET H 556 49.20 -71.99 61.22
C MET H 556 48.37 -70.72 61.35
N PHE H 557 47.30 -70.59 60.57
CA PHE H 557 46.43 -69.42 60.61
C PHE H 557 45.28 -69.59 61.59
N ASP H 558 45.33 -70.61 62.45
CA ASP H 558 44.29 -70.88 63.44
C ASP H 558 42.92 -71.05 62.77
N LYS H 559 42.91 -71.81 61.66
CA LYS H 559 41.68 -72.06 60.93
C LYS H 559 41.53 -73.52 60.51
N HIS H 560 42.38 -74.41 61.00
CA HIS H 560 42.27 -75.82 60.64
C HIS H 560 40.98 -76.40 61.21
N PRO H 561 40.28 -77.25 60.46
CA PRO H 561 39.03 -77.84 60.97
C PRO H 561 39.27 -78.77 62.15
N VAL H 562 40.22 -79.69 62.01
CA VAL H 562 40.54 -80.64 63.06
C VAL H 562 41.36 -79.94 64.14
N SER H 563 40.91 -80.06 65.39
CA SER H 563 41.62 -79.44 66.51
C SER H 563 42.81 -80.27 66.97
N GLU H 564 42.94 -81.52 66.52
CA GLU H 564 44.08 -82.34 66.92
C GLU H 564 45.38 -81.77 66.40
N TYR H 565 45.40 -81.29 65.15
CA TYR H 565 46.60 -80.68 64.59
C TYR H 565 46.98 -79.41 65.35
N LYS H 566 45.98 -78.60 65.70
CA LYS H 566 46.26 -77.39 66.48
C LYS H 566 46.80 -77.73 67.86
N ALA H 567 46.24 -78.77 68.50
CA ALA H 567 46.76 -79.21 69.79
C ALA H 567 48.20 -79.69 69.66
N HIS H 568 48.52 -80.42 68.59
CA HIS H 568 49.90 -80.82 68.34
C HIS H 568 50.78 -79.60 68.10
N PHE H 569 50.26 -78.59 67.40
CA PHE H 569 50.99 -77.36 67.19
C PHE H 569 51.07 -76.55 68.48
N SER H 570 51.93 -75.54 68.48
CA SER H 570 52.19 -74.73 69.66
C SER H 570 51.83 -73.26 69.50
N LEU H 571 51.99 -72.70 68.31
CA LEU H 571 51.76 -71.28 68.09
C LEU H 571 50.79 -71.07 66.94
N ARG H 572 50.00 -70.00 67.04
CA ARG H 572 49.05 -69.60 65.99
C ARG H 572 49.12 -68.10 65.77
N ASN H 573 50.33 -67.55 65.76
CA ASN H 573 50.52 -66.11 65.61
C ASN H 573 50.44 -65.63 64.16
N LEU H 574 50.34 -66.54 63.20
CA LEU H 574 50.29 -66.15 61.80
C LEU H 574 48.97 -65.43 61.50
N HIS H 575 49.07 -64.29 60.83
CA HIS H 575 47.90 -63.48 60.46
C HIS H 575 47.72 -63.60 58.95
N ALA H 576 46.85 -64.51 58.53
CA ALA H 576 46.62 -64.76 57.12
C ALA H 576 45.60 -63.77 56.55
N PHE H 577 45.56 -63.70 55.22
CA PHE H 577 44.65 -62.81 54.51
C PHE H 577 44.39 -63.41 53.14
N SER H 578 43.34 -62.93 52.48
CA SER H 578 42.95 -63.45 51.18
C SER H 578 42.44 -62.31 50.32
N VAL H 579 42.50 -62.51 49.01
CA VAL H 579 42.02 -61.54 48.02
C VAL H 579 40.96 -62.21 47.17
N GLU H 580 39.80 -61.57 47.07
CA GLU H 580 38.71 -62.12 46.26
C GLU H 580 39.11 -62.28 44.80
N PRO H 581 39.75 -61.29 44.16
CA PRO H 581 40.19 -61.45 42.75
C PRO H 581 41.47 -62.29 42.64
N LEU H 582 41.28 -63.60 42.62
CA LEU H 582 42.41 -64.53 42.53
C LEU H 582 43.21 -64.25 41.26
N LEU H 583 44.53 -64.18 41.41
CA LEU H 583 45.43 -63.82 40.33
C LEU H 583 46.09 -65.03 39.68
N ILE H 584 45.66 -66.24 40.03
CA ILE H 584 46.26 -67.44 39.47
C ILE H 584 45.25 -68.58 39.58
N TYR H 585 45.37 -69.54 38.67
CA TYR H 585 44.60 -70.77 38.69
C TYR H 585 45.49 -71.89 38.19
N PRO H 586 45.20 -73.13 38.58
CA PRO H 586 46.00 -74.26 38.09
C PRO H 586 45.93 -74.36 36.57
N THR H 587 47.07 -74.68 35.95
CA THR H 587 47.11 -74.79 34.50
C THR H 587 46.23 -75.93 34.01
N HIS H 588 46.27 -77.07 34.67
CA HIS H 588 45.46 -78.23 34.33
C HIS H 588 44.72 -78.70 35.57
N TYR H 589 43.41 -78.87 35.44
CA TYR H 589 42.60 -79.36 36.55
C TYR H 589 42.82 -80.86 36.74
N THR H 590 42.42 -81.36 37.91
CA THR H 590 42.56 -82.78 38.20
C THR H 590 41.63 -83.59 37.31
N GLY H 591 42.13 -84.73 36.83
CA GLY H 591 41.35 -85.57 35.94
C GLY H 591 41.14 -85.01 34.56
N ASP H 592 42.01 -84.09 34.12
CA ASP H 592 41.90 -83.45 32.82
C ASP H 592 43.10 -83.84 31.97
N ASP H 593 43.17 -83.24 30.77
CA ASP H 593 44.28 -83.52 29.86
C ASP H 593 45.59 -82.97 30.43
N GLY H 594 46.63 -83.78 30.33
CA GLY H 594 47.94 -83.39 30.83
C GLY H 594 47.96 -83.13 32.33
N TYR H 595 47.24 -83.94 33.10
CA TYR H 595 47.18 -83.81 34.55
C TYR H 595 48.17 -84.80 35.16
N VAL H 596 49.45 -84.46 35.08
CA VAL H 596 50.52 -85.27 35.65
C VAL H 596 50.73 -84.78 37.08
N SER H 597 50.14 -85.50 38.04
CA SER H 597 50.20 -85.12 39.44
C SER H 597 51.50 -85.63 40.06
N ASP H 598 52.60 -84.97 39.68
CA ASP H 598 53.90 -85.33 40.23
C ASP H 598 53.97 -85.00 41.72
N THR H 599 53.34 -83.92 42.14
CA THR H 599 53.34 -83.56 43.56
C THR H 599 52.41 -84.47 44.37
N GLU H 600 51.48 -85.15 43.70
CA GLU H 600 50.54 -86.05 44.37
C GLU H 600 50.97 -87.50 44.25
N THR H 601 51.18 -87.99 43.03
CA THR H 601 51.62 -89.36 42.81
C THR H 601 53.10 -89.48 43.14
N SER H 602 53.39 -90.11 44.26
CA SER H 602 54.78 -90.28 44.70
C SER H 602 54.84 -91.45 45.67
N VAL H 603 56.06 -91.93 45.89
CA VAL H 603 56.27 -93.03 46.83
C VAL H 603 55.99 -92.55 48.25
N VAL H 604 55.69 -93.50 49.14
CA VAL H 604 55.37 -93.19 50.52
C VAL H 604 56.63 -92.74 51.25
N TRP H 605 56.44 -92.10 52.42
CA TRP H 605 57.59 -91.68 53.21
C TRP H 605 58.41 -92.87 53.67
N ASN H 606 57.75 -93.94 54.08
CA ASN H 606 58.41 -95.17 54.48
C ASN H 606 58.26 -96.23 53.39
N ASN H 607 59.25 -97.12 53.33
CA ASN H 607 59.30 -98.21 52.34
C ASN H 607 59.35 -97.66 50.92
N GLU H 608 59.35 -98.57 49.93
CA GLU H 608 59.41 -98.16 48.54
C GLU H 608 58.46 -98.95 47.65
N HIS H 609 57.59 -99.78 48.23
CA HIS H 609 56.63 -100.57 47.45
C HIS H 609 55.21 -100.04 47.58
N VAL H 610 55.05 -98.85 48.14
CA VAL H 610 53.74 -98.22 48.31
C VAL H 610 53.76 -96.94 47.50
N LYS H 611 53.28 -97.01 46.25
CA LYS H 611 53.24 -95.87 45.34
C LYS H 611 51.80 -95.73 44.84
N THR H 612 51.03 -94.85 45.46
CA THR H 612 49.66 -94.60 45.04
C THR H 612 49.65 -93.86 43.71
N ASP H 613 48.90 -94.38 42.75
CA ASP H 613 48.83 -93.76 41.43
C ASP H 613 47.94 -92.53 41.47
N TRP H 614 47.68 -91.96 40.29
CA TRP H 614 46.80 -90.81 40.19
C TRP H 614 45.40 -91.16 40.67
N ASP H 615 44.84 -90.31 41.51
CA ASP H 615 43.53 -90.56 42.12
C ASP H 615 42.44 -90.36 41.06
N ARG H 616 42.00 -91.46 40.45
CA ARG H 616 40.97 -91.38 39.42
C ARG H 616 39.60 -91.16 40.05
N ALA H 617 39.14 -92.10 40.87
CA ALA H 617 37.83 -91.97 41.49
C ALA H 617 37.81 -90.86 42.54
N LYS H 618 38.80 -90.85 43.43
CA LYS H 618 38.85 -89.88 44.53
C LYS H 618 39.73 -88.68 44.16
N SER H 619 39.32 -87.99 43.11
CA SER H 619 40.05 -86.79 42.70
C SER H 619 40.00 -85.71 43.78
N GLN H 620 38.82 -85.48 44.35
CA GLN H 620 38.62 -84.58 45.48
C GLN H 620 38.95 -83.14 45.10
N LYS H 621 40.23 -82.84 44.92
CA LYS H 621 40.68 -81.48 44.60
C LYS H 621 40.73 -81.29 43.09
N MET H 622 39.53 -81.33 42.48
CA MET H 622 39.44 -81.14 41.04
C MET H 622 39.46 -79.66 40.67
N ARG H 623 38.47 -78.91 41.15
CA ARG H 623 38.38 -77.47 40.88
C ARG H 623 37.40 -76.82 41.84
N GLU H 624 37.84 -75.78 42.55
CA GLU H 624 36.99 -75.08 43.52
C GLU H 624 36.25 -73.92 42.86
N GLN H 625 35.56 -74.20 41.76
CA GLN H 625 34.74 -73.22 41.06
C GLN H 625 33.29 -73.65 40.93
N GLN H 626 33.05 -74.91 40.54
CA GLN H 626 31.68 -75.38 40.39
C GLN H 626 30.95 -75.42 41.73
N ALA H 627 31.64 -75.90 42.77
CA ALA H 627 31.02 -75.97 44.09
C ALA H 627 30.81 -74.59 44.71
N LEU H 628 31.60 -73.60 44.31
CA LEU H 628 31.45 -72.24 44.82
C LEU H 628 30.39 -71.45 44.07
N SER H 629 29.77 -72.03 43.04
CA SER H 629 28.73 -71.35 42.28
C SER H 629 27.40 -71.41 43.06
N ARG H 630 27.40 -70.68 44.17
CA ARG H 630 26.24 -70.63 45.05
C ARG H 630 26.22 -69.24 45.70
N GLU H 631 25.43 -69.10 46.78
CA GLU H 631 25.33 -67.83 47.48
C GLU H 631 26.58 -67.61 48.34
N ALA H 632 27.71 -67.43 47.64
CA ALA H 632 28.97 -67.17 48.30
C ALA H 632 29.15 -65.70 48.67
N LYS H 633 28.23 -64.84 48.25
CA LYS H 633 28.28 -63.41 48.54
C LYS H 633 29.60 -62.79 48.08
N ASN H 634 30.46 -62.43 49.03
CA ASN H 634 31.74 -61.78 48.74
C ASN H 634 31.56 -60.52 47.90
N SER H 635 30.50 -59.76 48.17
CA SER H 635 30.19 -58.56 47.40
C SER H 635 30.65 -57.27 48.07
N ASP H 636 30.86 -57.29 49.39
CA ASP H 636 31.27 -56.08 50.10
C ASP H 636 32.75 -55.78 49.94
N VAL H 637 33.53 -56.69 49.35
CA VAL H 637 34.95 -56.43 49.14
C VAL H 637 35.12 -55.32 48.12
N LEU H 638 36.00 -54.36 48.43
CA LEU H 638 36.21 -53.21 47.56
C LEU H 638 36.99 -53.64 46.32
N GLN H 639 36.38 -53.47 45.15
CA GLN H 639 36.99 -53.87 43.89
C GLN H 639 37.96 -52.79 43.41
N SER H 640 39.06 -53.24 42.83
CA SER H 640 40.07 -52.34 42.28
C SER H 640 39.59 -51.76 40.96
N PRO H 641 40.20 -50.66 40.50
CA PRO H 641 39.80 -50.08 39.22
C PRO H 641 40.04 -51.00 38.03
N LEU H 642 40.90 -52.01 38.17
CA LEU H 642 41.13 -52.98 37.11
C LEU H 642 40.03 -54.04 37.15
N ASP H 643 40.24 -55.14 36.42
CA ASP H 643 39.29 -56.25 36.34
C ASP H 643 37.95 -55.78 35.79
N SER H 644 37.99 -55.27 34.55
CA SER H 644 36.80 -54.81 33.86
C SER H 644 37.06 -54.86 32.35
N ALA H 645 36.23 -55.60 31.64
CA ALA H 645 36.40 -55.76 30.20
C ALA H 645 35.04 -56.16 29.60
N ALA H 646 35.06 -56.64 28.36
CA ALA H 646 33.90 -57.16 27.65
C ALA H 646 32.92 -56.05 27.27
N ARG H 647 31.97 -56.37 26.40
CA ARG H 647 31.03 -55.41 25.85
C ARG H 647 29.67 -56.10 25.75
N ASP H 648 28.78 -55.54 24.95
CA ASP H 648 27.45 -56.12 24.76
C ASP H 648 27.62 -57.42 23.99
N GLU H 649 27.76 -58.52 24.73
CA GLU H 649 28.13 -59.84 24.22
C GLU H 649 28.40 -60.76 25.40
N LEU H 650 28.88 -60.18 26.50
CA LEU H 650 29.13 -60.92 27.73
C LEU H 650 28.63 -60.12 28.94
C1 NAG I . -8.94 52.43 -20.13
C2 NAG I . -7.58 53.06 -20.39
C3 NAG I . -7.07 53.77 -19.14
C4 NAG I . -8.11 54.74 -18.60
C5 NAG I . -9.43 54.01 -18.40
C6 NAG I . -10.54 54.92 -17.95
C7 NAG I . -6.21 51.97 -22.12
C8 NAG I . -5.22 50.88 -22.40
N2 NAG I . -6.61 52.07 -20.85
O3 NAG I . -5.86 54.45 -19.44
O4 NAG I . -7.69 55.29 -17.37
O5 NAG I . -9.85 53.41 -19.63
O6 NAG I . -11.30 54.35 -16.89
O7 NAG I . -6.63 52.72 -22.98
C1 NAG I . -7.14 56.61 -17.58
C2 NAG I . -7.47 57.50 -16.39
C3 NAG I . -6.82 58.88 -16.56
C4 NAG I . -5.33 58.74 -16.82
C5 NAG I . -5.09 57.81 -18.00
C6 NAG I . -3.63 57.52 -18.24
C7 NAG I . -9.49 57.84 -15.03
C8 NAG I . -10.99 57.95 -15.04
N2 NAG I . -8.91 57.63 -16.22
O3 NAG I . -7.04 59.66 -15.39
O4 NAG I . -4.77 60.01 -17.11
O5 NAG I . -5.72 56.54 -17.75
O6 NAG I . -2.81 58.13 -17.25
O7 NAG I . -8.84 57.91 -13.99
C1 NAG J . 6.18 49.98 -17.12
C2 NAG J . 5.34 51.01 -17.88
C3 NAG J . 4.77 50.40 -19.15
C4 NAG J . 5.87 49.76 -20.00
C5 NAG J . 6.65 48.77 -19.14
C6 NAG J . 7.81 48.15 -19.87
C7 NAG J . 4.20 52.82 -16.70
C8 NAG J . 3.04 53.20 -15.83
N2 NAG J . 4.29 51.53 -17.05
O3 NAG J . 4.12 51.42 -19.89
O4 NAG J . 5.31 49.07 -21.11
O5 NAG J . 7.18 49.43 -17.99
O6 NAG J . 7.39 47.06 -20.69
O7 NAG J . 5.02 53.65 -17.09
C1 NAG J . 5.28 49.94 -22.26
C2 NAG J . 5.69 49.15 -23.51
C3 NAG J . 5.56 50.04 -24.75
C4 NAG J . 4.18 50.64 -24.84
C5 NAG J . 3.83 51.37 -23.55
C6 NAG J . 2.42 51.90 -23.52
C7 NAG J . 7.44 47.45 -23.82
C8 NAG J . 8.88 47.10 -23.60
N2 NAG J . 7.05 48.66 -23.38
O3 NAG J . 5.83 49.25 -25.91
O4 NAG J . 4.12 51.57 -25.92
O5 NAG J . 3.95 50.46 -22.45
O6 NAG J . 1.55 51.10 -24.31
O7 NAG J . 6.65 46.68 -24.37
C1 NAG K . -11.04 -32.03 -16.46
C2 NAG K . -12.27 -31.13 -16.37
C3 NAG K . -13.42 -31.72 -17.20
C4 NAG K . -12.96 -31.99 -18.62
C5 NAG K . -11.70 -32.86 -18.62
C6 NAG K . -11.12 -33.07 -20.00
C7 NAG K . -12.86 -29.75 -14.43
C8 NAG K . -12.59 -28.56 -15.32
N2 NAG K . -12.69 -30.94 -14.99
O3 NAG K . -14.51 -30.81 -17.21
O4 NAG K . -13.98 -32.66 -19.34
O5 NAG K . -10.68 -32.21 -17.83
O6 NAG K . -11.92 -33.99 -20.74
O7 NAG K . -13.21 -29.61 -13.26
C1 AKG L . 0.55 -7.54 -10.10
O1 AKG L . -0.46 -7.35 -9.38
O2 AKG L . 1.78 -7.59 -9.91
C2 AKG L . 0.07 -7.77 -11.48
O5 AKG L . 0.87 -8.10 -12.32
C3 AKG L . -1.37 -7.52 -11.58
C4 AKG L . -1.55 -6.59 -12.72
C5 AKG L . -3.00 -6.32 -12.94
O3 AKG L . -3.46 -5.17 -12.71
O4 AKG L . -3.67 -7.30 -13.34
FE FE2 M . 3.18 -8.79 -11.77
N1 UDP N . -13.22 -78.46 26.74
C2 UDP N . -13.07 -77.06 26.51
N3 UDP N . -14.18 -76.24 26.60
C4 UDP N . -15.47 -76.74 26.92
C5 UDP N . -15.55 -78.13 27.12
C6 UDP N . -14.48 -78.96 27.04
O2 UDP N . -11.98 -76.48 26.23
O4 UDP N . -16.38 -75.90 26.96
C1' UDP N . -12.07 -79.42 26.66
C2' UDP N . -11.37 -79.47 25.27
O2' UDP N . -11.65 -80.69 24.72
C3' UDP N . -9.87 -79.25 25.67
C4' UDP N . -9.88 -79.66 27.14
O4' UDP N . -11.10 -79.15 27.62
O3' UDP N . -9.09 -80.14 24.98
C5' UDP N . -8.72 -79.07 27.91
O5' UDP N . -8.82 -77.73 27.74
PA UDP N . -7.35 -76.82 27.54
O1A UDP N . -7.90 -75.44 27.38
O2A UDP N . -6.84 -77.57 26.34
O3A UDP N . -6.55 -77.25 28.76
PB UDP N . -5.28 -76.71 29.72
O1B UDP N . -5.16 -75.28 29.35
O2B UDP N . -4.18 -77.66 29.28
O3B UDP N . -5.81 -77.05 31.11
MN MN O . -4.62 -77.28 27.02
C1 NAG P . 30.09 60.37 -40.73
C2 NAG P . 30.96 59.17 -41.16
C3 NAG P . 30.27 58.38 -42.27
C4 NAG P . 28.86 57.98 -41.84
C5 NAG P . 28.08 59.23 -41.45
C6 NAG P . 26.69 58.91 -40.93
C7 NAG P . 33.35 58.84 -41.65
C8 NAG P . 34.61 59.48 -42.14
N2 NAG P . 32.27 59.63 -41.61
O3 NAG P . 31.03 57.21 -42.56
O4 NAG P . 28.19 57.32 -42.91
O5 NAG P . 28.77 59.91 -40.39
O6 NAG P . 26.52 59.41 -39.61
O7 NAG P . 33.31 57.66 -41.29
C1 NAG Q . 28.31 1.05 -40.69
C2 NAG Q . 29.37 0.19 -41.37
C3 NAG Q . 29.41 0.50 -42.87
C4 NAG Q . 28.03 0.38 -43.48
C5 NAG Q . 27.01 1.21 -42.70
C6 NAG Q . 25.59 1.01 -43.17
C7 NAG Q . 31.48 -0.61 -40.40
C8 NAG Q . 30.96 -2.00 -40.65
N2 NAG Q . 30.68 0.39 -40.77
O3 NAG Q . 30.31 -0.40 -43.51
O4 NAG Q . 28.05 0.82 -44.84
O5 NAG Q . 27.05 0.83 -41.31
O6 NAG Q . 25.07 2.19 -43.76
O7 NAG Q . 32.58 -0.42 -39.90
C1 AKG R . 28.92 -19.21 -21.18
O1 AKG R . 30.01 -19.76 -21.40
O2 AKG R . 28.29 -18.84 -20.17
C2 AKG R . 28.31 -18.91 -22.48
O5 AKG R . 27.58 -17.95 -22.54
C3 AKG R . 28.75 -19.85 -23.50
C4 AKG R . 28.95 -19.07 -24.76
C5 AKG R . 29.42 -19.96 -25.86
O3 AKG R . 29.40 -19.53 -27.04
O4 AKG R . 29.78 -21.10 -25.51
FE FE2 S . 26.31 -17.65 -20.29
N1 UDP T . 55.91 57.68 -29.42
C2 UDP T . 56.99 57.13 -28.68
N3 UDP T . 57.73 56.08 -29.21
C4 UDP T . 57.45 55.54 -30.46
C5 UDP T . 56.36 56.12 -31.16
C6 UDP T . 55.63 57.14 -30.66
O2 UDP T . 57.38 57.50 -27.55
O4 UDP T . 58.18 54.61 -30.81
C1' UDP T . 55.04 58.82 -28.95
C2' UDP T . 53.56 58.50 -29.09
O2' UDP T . 52.94 59.68 -29.37
C3' UDP T . 53.27 58.05 -27.67
C4' UDP T . 54.09 59.05 -26.88
O4' UDP T . 55.26 59.18 -27.62
O3' UDP T . 51.95 58.35 -27.40
C5' UDP T . 54.41 58.53 -25.50
O5' UDP T . 54.01 57.25 -25.50
PA UDP T . 53.08 56.60 -24.15
O1A UDP T . 53.45 55.17 -24.29
O2A UDP T . 51.69 57.08 -24.54
O3A UDP T . 53.56 57.40 -22.96
PB UDP T . 52.99 57.71 -21.44
O1B UDP T . 52.75 56.35 -20.88
O2B UDP T . 51.82 58.59 -21.78
O3B UDP T . 54.14 58.51 -20.84
MN MN U . 50.11 58.46 -23.45
C1 660 V . -30.16 27.10 -18.70
C2 660 V . -28.95 27.96 -19.22
C3 660 V . -28.52 27.26 -20.56
C4 660 V . -29.71 27.14 -20.95
C5 660 V . -29.82 26.37 -22.23
O6 660 V . -30.46 26.33 -19.69
O7 660 V . -27.82 28.22 -21.40
O8 660 V . -31.09 26.67 -22.75
P9 660 V . -31.12 28.00 -23.67
O10 660 V . -31.56 27.65 -25.05
O11 660 V . -29.70 28.45 -23.78
O12 660 V . -32.12 29.21 -23.05
N13 660 V . -29.89 26.32 -17.47
N15 660 V . -28.61 24.71 -15.89
C17 660 V . -30.72 25.84 -15.13
C18 660 V . -30.86 26.51 -16.44
C19 660 V . -28.76 25.40 -17.20
O19 660 V . -27.93 25.18 -18.00
C20 660 V . -29.60 24.95 -14.88
O20 660 V . -29.53 24.42 -13.83
O21 660 V . -29.41 29.11 -19.63
P22 660 V . -32.78 30.23 -24.21
O23 660 V . -31.62 30.81 -24.96
O24 660 V . -33.72 29.49 -25.09
O36 660 V . -31.45 32.34 -23.05
C37 660 V . -30.49 33.01 -22.17
C38 660 V . -31.04 34.31 -21.59
C39 660 V . -32.49 34.43 -21.41
C40 660 V . -33.26 33.84 -22.49
C41 660 V . -32.82 32.40 -22.55
O42 660 V . -30.65 35.30 -22.55
O43 660 V . -32.86 33.68 -20.20
O44 660 V . -32.99 34.45 -23.76
C45 660 V . -33.74 31.66 -23.49
C46 660 V . -30.04 32.12 -21.05
O47 660 V . -29.61 32.97 -20.03
MN MN W . -29.52 29.89 -26.32
C1 660 X . 14.89 34.02 10.23
C2 660 X . 14.38 34.87 9.02
C3 660 X . 14.02 36.27 9.65
C4 660 X . 14.89 36.27 10.55
C5 660 X . 14.70 37.37 11.53
O6 660 X . 14.65 34.77 11.25
O7 660 X . 14.41 37.31 8.70
O8 660 X . 15.91 37.43 12.24
P9 660 X . 17.17 38.25 11.60
O10 660 X . 18.13 38.61 12.69
O11 660 X . 16.72 39.55 10.99
O12 660 X . 18.10 37.33 10.52
N13 660 X . 14.29 32.66 10.33
N15 660 X . 12.28 31.01 10.49
C17 660 X . 14.65 30.17 10.41
C18 660 X . 15.19 31.54 10.34
C19 660 X . 12.83 32.40 10.40
O19 660 X . 12.04 33.26 10.41
C20 660 X . 13.21 29.93 10.48
O20 660 X . 12.78 28.83 10.53
O21 660 X . 15.38 35.10 8.22
P22 660 X . 19.59 38.07 10.36
O23 660 X . 19.29 39.39 9.75
O24 660 X . 20.16 38.29 11.73
O36 660 X . 19.16 37.92 7.70
C37 660 X . 18.63 37.92 6.34
C38 660 X . 19.71 38.10 5.29
C39 660 X . 21.01 37.48 5.56
C40 660 X . 21.44 37.58 6.94
C41 660 X . 20.34 37.11 7.85
O42 660 X . 19.91 39.51 5.26
O43 660 X . 20.95 36.04 5.26
O44 660 X . 21.74 38.94 7.26
C45 660 X . 20.86 37.21 9.27
C46 660 X . 17.87 36.66 6.02
O47 660 X . 17.95 36.47 4.64
MN MN Y . 18.11 41.34 11.55
#